data_8OP2
#
_entry.id   8OP2
#
_cell.length_a   1.00
_cell.length_b   1.00
_cell.length_c   1.00
_cell.angle_alpha   90.00
_cell.angle_beta   90.00
_cell.angle_gamma   90.00
#
_symmetry.space_group_name_H-M   'P 1'
#
loop_
_entity.id
_entity.type
_entity.pdbx_description
1 polymer Nucleoprotein
2 polymer 'RNA (70-mer)'
#
loop_
_entity_poly.entity_id
_entity_poly.type
_entity_poly.pdbx_seq_one_letter_code
_entity_poly.pdbx_strand_id
1 'polypeptide(L)'
;MALSKVKLNDTLNKDQLLSSSKYTIQRSTGDSIDTPNYDVQKHINKLCGMLLITEDANHKFTGLIGMLYAMSRLGREDTI
KILRDAGYHVKANGVDVTTHRQDINGKEMKFEVLTLASLTTEIQINIEIESRKSYKKMLKEMGEVAPEYRHDSPDCGMII
LCIAALVITKLAAGDRSGLTAVIRRANNVLKNEMKRYKGLLPKDIANSFYEVFEKHPHFIDVFVHFGIAQSSTRGGSRVE
GIFAGLFMNAYGAGQVMLRWGVLAKSVKNIMLGHASVQAEMEQVVEVYEYAQKLGGEAGFYHILNNPKASLLSLTQFPHF
SSVVLGNAAGLGIMGEYRGTPRNQDLYDAAKAYAEQLKENGVINYSVLDL
;
A,B,D,E,G,H,J,K,M,N,P,Q,S,T,c,d,g,h,k,l
2 'polyribonucleotide' CCCCCCCCCCCCCCCCCCCCCCCCCCCCCCCCCCCCCCCCCCCCCCCCCCCCCCCCCCCCCCCCCCCCCC U,C
#
# COMPACT_ATOMS: atom_id res chain seq x y z
N ALA A 2 -6.76 -2.07 34.94
CA ALA A 2 -5.47 -2.50 34.42
C ALA A 2 -4.44 -2.63 35.55
N LEU A 3 -3.72 -3.74 35.57
CA LEU A 3 -2.76 -3.97 36.64
C LEU A 3 -1.54 -3.06 36.51
N SER A 4 -1.35 -2.45 35.35
CA SER A 4 -0.19 -1.58 35.14
C SER A 4 -0.28 -0.27 35.91
N LYS A 5 -1.47 0.13 36.35
CA LYS A 5 -1.62 1.37 37.10
C LYS A 5 -1.65 1.15 38.62
N VAL A 6 -1.33 -0.05 39.08
CA VAL A 6 -1.17 -0.29 40.52
C VAL A 6 0.28 0.06 40.83
N LYS A 7 0.54 1.36 41.00
CA LYS A 7 1.90 1.83 41.20
C LYS A 7 1.88 3.07 42.07
N LEU A 8 2.98 3.28 42.79
CA LEU A 8 3.15 4.42 43.68
C LEU A 8 4.55 4.96 43.52
N ASN A 9 4.65 6.27 43.29
CA ASN A 9 5.94 6.94 43.12
C ASN A 9 6.34 7.58 44.46
N ASP A 10 6.89 6.74 45.34
CA ASP A 10 7.14 7.19 46.71
C ASP A 10 8.31 8.16 46.79
N THR A 11 9.38 7.92 46.03
CA THR A 11 10.54 8.80 46.07
C THR A 11 10.17 10.21 45.63
N LEU A 12 9.47 10.33 44.51
CA LEU A 12 9.10 11.63 43.99
C LEU A 12 8.09 12.33 44.90
N ASN A 13 7.17 11.58 45.50
CA ASN A 13 6.20 12.17 46.40
C ASN A 13 6.87 12.67 47.68
N LYS A 14 7.82 11.92 48.21
CA LYS A 14 8.59 12.39 49.36
C LYS A 14 9.37 13.65 49.02
N ASP A 15 10.00 13.68 47.85
CA ASP A 15 10.72 14.88 47.45
C ASP A 15 9.79 16.07 47.33
N GLN A 16 8.60 15.88 46.75
CA GLN A 16 7.68 17.00 46.63
C GLN A 16 7.20 17.46 47.99
N LEU A 17 6.99 16.53 48.92
CA LEU A 17 6.59 16.92 50.27
C LEU A 17 7.68 17.74 50.95
N LEU A 18 8.95 17.33 50.79
CA LEU A 18 10.02 18.06 51.45
C LEU A 18 10.34 19.38 50.78
N SER A 19 10.13 19.49 49.47
CA SER A 19 10.45 20.71 48.75
C SER A 19 9.33 21.73 48.76
N SER A 20 8.11 21.34 49.14
CA SER A 20 6.98 22.26 49.14
C SER A 20 6.52 22.62 50.55
N SER A 21 7.43 22.57 51.52
CA SER A 21 7.09 22.98 52.88
C SER A 21 6.82 24.47 52.92
N LYS A 22 5.77 24.85 53.65
CA LYS A 22 5.39 26.25 53.78
C LYS A 22 5.72 26.82 55.16
N TYR A 23 6.49 26.10 55.97
CA TYR A 23 7.02 26.60 57.23
C TYR A 23 8.50 26.26 57.28
N THR A 24 9.27 27.10 57.99
CA THR A 24 10.71 26.95 58.07
C THR A 24 11.17 27.00 59.52
N ILE A 25 12.22 26.25 59.81
CA ILE A 25 12.86 26.30 61.11
C ILE A 25 14.06 27.23 61.03
N GLN A 26 14.54 27.65 62.19
CA GLN A 26 15.71 28.54 62.27
C GLN A 26 16.51 28.14 63.50
N ARG A 27 17.64 27.50 63.29
CA ARG A 27 18.47 26.99 64.37
C ARG A 27 19.30 28.10 64.99
N SER A 28 19.81 27.85 66.19
CA SER A 28 20.66 28.80 66.89
C SER A 28 22.03 28.19 67.06
N THR A 29 23.06 28.83 66.51
CA THR A 29 24.40 28.27 66.55
C THR A 29 24.96 28.18 67.95
N GLY A 30 24.49 29.02 68.88
CA GLY A 30 25.03 29.08 70.21
C GLY A 30 26.11 30.15 70.39
N ASP A 31 27.36 29.73 70.31
CA ASP A 31 28.51 30.63 70.28
C ASP A 31 28.44 31.55 69.06
N SER A 32 28.88 32.78 69.27
CA SER A 32 28.86 33.79 68.22
C SER A 32 29.82 33.42 67.10
N ILE A 33 29.42 33.72 65.86
CA ILE A 33 30.24 33.45 64.69
C ILE A 33 31.03 34.71 64.37
N ASP A 34 32.34 34.57 64.24
CA ASP A 34 33.21 35.63 63.74
C ASP A 34 33.02 35.68 62.23
N THR A 35 32.87 36.88 61.68
CA THR A 35 32.72 37.00 60.24
C THR A 35 33.77 37.96 59.69
N PRO A 36 34.98 37.49 59.39
CA PRO A 36 35.98 38.35 58.78
C PRO A 36 35.59 38.77 57.37
N ASN A 37 36.07 39.95 56.99
CA ASN A 37 35.80 40.52 55.67
C ASN A 37 37.07 40.44 54.83
N TYR A 38 37.01 41.04 53.63
CA TYR A 38 38.18 41.04 52.76
C TYR A 38 39.37 41.76 53.37
N ASP A 39 39.12 42.61 54.37
CA ASP A 39 40.18 43.45 54.92
C ASP A 39 41.28 42.61 55.56
N VAL A 40 40.92 41.57 56.30
CA VAL A 40 41.86 40.81 57.11
C VAL A 40 42.30 39.52 56.42
N GLN A 41 42.01 39.39 55.12
CA GLN A 41 42.44 38.21 54.38
C GLN A 41 43.96 38.09 54.37
N LYS A 42 44.66 39.20 54.19
CA LYS A 42 46.12 39.19 54.21
C LYS A 42 46.64 38.72 55.56
N HIS A 43 46.05 39.19 56.65
CA HIS A 43 46.52 38.81 57.97
C HIS A 43 46.23 37.34 58.27
N ILE A 44 45.07 36.84 57.86
CA ILE A 44 44.77 35.43 58.08
C ILE A 44 45.69 34.55 57.25
N ASN A 45 46.01 34.98 56.03
CA ASN A 45 46.98 34.23 55.23
C ASN A 45 48.36 34.27 55.87
N LYS A 46 48.72 35.41 56.48
CA LYS A 46 49.97 35.49 57.22
C LYS A 46 49.99 34.49 58.37
N LEU A 47 48.88 34.38 59.08
CA LEU A 47 48.80 33.43 60.19
C LEU A 47 48.95 32.00 59.71
N CYS A 48 48.29 31.66 58.59
CA CYS A 48 48.43 30.33 58.02
C CYS A 48 49.86 30.05 57.60
N GLY A 49 50.51 31.05 56.99
CA GLY A 49 51.90 30.87 56.60
C GLY A 49 52.83 30.68 57.79
N MET A 50 52.59 31.43 58.87
CA MET A 50 53.38 31.24 60.08
C MET A 50 53.19 29.87 60.67
N LEU A 51 51.95 29.35 60.62
CA LEU A 51 51.74 27.97 61.05
C LEU A 51 52.48 26.99 60.16
N LEU A 52 52.52 27.25 58.85
CA LEU A 52 53.13 26.31 57.92
C LEU A 52 54.65 26.29 58.03
N ILE A 53 55.30 27.44 58.22
CA ILE A 53 56.75 27.47 58.29
C ILE A 53 57.29 27.04 59.64
N THR A 54 56.42 26.77 60.61
CA THR A 54 56.84 26.41 61.97
C THR A 54 57.01 24.89 62.03
N GLU A 55 58.25 24.41 62.11
CA GLU A 55 58.44 22.98 62.29
C GLU A 55 58.01 22.54 63.70
N ASP A 56 57.75 21.23 63.83
CA ASP A 56 57.26 20.66 65.08
C ASP A 56 56.12 21.50 65.64
N ALA A 57 55.17 21.84 64.78
CA ALA A 57 54.18 22.85 65.08
C ALA A 57 53.03 22.28 65.91
N ASN A 58 52.24 23.19 66.49
CA ASN A 58 51.02 22.87 67.21
C ASN A 58 49.86 23.24 66.31
N HIS A 59 49.15 22.24 65.78
CA HIS A 59 48.02 22.49 64.89
C HIS A 59 46.68 22.35 65.57
N LYS A 60 46.59 22.69 66.87
CA LYS A 60 45.32 22.58 67.57
C LYS A 60 44.28 23.55 67.01
N PHE A 61 44.72 24.68 66.45
CA PHE A 61 43.82 25.73 66.02
C PHE A 61 43.81 25.92 64.52
N THR A 62 44.42 25.01 63.76
CA THR A 62 44.55 25.20 62.32
C THR A 62 43.19 25.10 61.62
N GLY A 63 42.30 24.24 62.12
CA GLY A 63 40.99 24.13 61.50
C GLY A 63 40.20 25.42 61.58
N LEU A 64 40.20 26.06 62.76
CA LEU A 64 39.50 27.32 62.92
C LEU A 64 40.13 28.42 62.07
N ILE A 65 41.46 28.44 61.96
CA ILE A 65 42.12 29.47 61.17
C ILE A 65 41.82 29.27 59.69
N GLY A 66 41.79 28.02 59.23
CA GLY A 66 41.40 27.76 57.85
C GLY A 66 39.96 28.14 57.57
N MET A 67 39.07 27.89 58.53
CA MET A 67 37.69 28.33 58.38
C MET A 67 37.60 29.84 58.30
N LEU A 68 38.37 30.54 59.13
CA LEU A 68 38.39 32.00 59.08
C LEU A 68 38.91 32.48 57.73
N TYR A 69 39.94 31.83 57.19
CA TYR A 69 40.46 32.22 55.89
C TYR A 69 39.42 32.02 54.80
N ALA A 70 38.73 30.89 54.81
CA ALA A 70 37.68 30.65 53.82
C ALA A 70 36.58 31.70 53.93
N MET A 71 36.16 32.01 55.16
CA MET A 71 35.11 33.00 55.36
C MET A 71 35.57 34.40 54.97
N SER A 72 36.85 34.72 55.12
CA SER A 72 37.35 36.01 54.67
C SER A 72 37.43 36.09 53.16
N ARG A 73 37.73 34.97 52.51
CA ARG A 73 37.66 34.94 51.05
C ARG A 73 36.24 35.14 50.55
N LEU A 74 35.27 34.51 51.22
CA LEU A 74 33.87 34.70 50.81
C LEU A 74 33.42 36.14 51.03
N GLY A 75 33.90 36.76 52.11
CA GLY A 75 33.45 38.06 52.52
C GLY A 75 32.36 37.97 53.59
N ARG A 76 32.21 39.04 54.35
CA ARG A 76 31.25 39.04 55.45
C ARG A 76 29.82 38.96 54.94
N GLU A 77 29.51 39.70 53.87
CA GLU A 77 28.15 39.68 53.34
C GLU A 77 27.75 38.27 52.92
N ASP A 78 28.61 37.61 52.12
CA ASP A 78 28.27 36.27 51.64
C ASP A 78 28.30 35.24 52.76
N THR A 79 29.20 35.38 53.73
CA THR A 79 29.19 34.45 54.86
C THR A 79 27.89 34.56 55.64
N ILE A 80 27.45 35.79 55.92
CA ILE A 80 26.19 35.99 56.62
C ILE A 80 25.04 35.43 55.81
N LYS A 81 25.03 35.69 54.50
CA LYS A 81 23.93 35.21 53.67
C LYS A 81 23.89 33.68 53.61
N ILE A 82 25.07 33.05 53.56
CA ILE A 82 25.14 31.59 53.60
C ILE A 82 24.56 31.07 54.91
N LEU A 83 24.93 31.70 56.04
CA LEU A 83 24.44 31.22 57.32
C LEU A 83 22.94 31.37 57.45
N ARG A 84 22.38 32.49 56.97
CA ARG A 84 20.92 32.62 56.95
C ARG A 84 20.28 31.57 56.05
N ASP A 85 20.78 31.41 54.82
CA ASP A 85 20.16 30.47 53.90
C ASP A 85 20.23 29.04 54.41
N ALA A 86 21.25 28.70 55.20
CA ALA A 86 21.31 27.39 55.82
C ALA A 86 20.32 27.26 56.97
N GLY A 87 19.69 28.34 57.38
CA GLY A 87 18.72 28.30 58.46
C GLY A 87 19.35 28.37 59.83
N TYR A 88 20.14 29.40 60.07
CA TYR A 88 20.83 29.58 61.35
C TYR A 88 20.58 30.99 61.88
N HIS A 89 20.47 31.10 63.20
CA HIS A 89 20.53 32.38 63.87
C HIS A 89 21.98 32.63 64.27
N VAL A 90 22.57 33.68 63.74
CA VAL A 90 23.99 33.94 63.88
C VAL A 90 24.21 35.30 64.51
N LYS A 91 25.12 35.34 65.50
CA LYS A 91 25.61 36.58 66.08
C LYS A 91 26.84 36.98 65.26
N ALA A 92 26.64 37.86 64.29
CA ALA A 92 27.74 38.28 63.43
C ALA A 92 28.74 39.11 64.22
N ASN A 93 29.97 38.63 64.29
CA ASN A 93 31.03 39.26 65.07
C ASN A 93 32.01 39.92 64.13
N GLY A 94 32.18 41.23 64.27
CA GLY A 94 33.11 41.95 63.42
C GLY A 94 34.55 41.61 63.77
N VAL A 95 35.36 41.38 62.74
CA VAL A 95 36.77 41.07 62.91
C VAL A 95 37.58 42.22 62.34
N ASP A 96 38.45 42.79 63.15
CA ASP A 96 39.33 43.85 62.72
C ASP A 96 40.69 43.66 63.37
N VAL A 97 41.70 44.25 62.76
CA VAL A 97 43.08 44.08 63.18
C VAL A 97 43.46 45.17 64.16
N THR A 98 44.21 44.79 65.20
CA THR A 98 44.71 45.74 66.17
C THR A 98 46.09 45.30 66.62
N THR A 99 46.81 46.22 67.26
CA THR A 99 48.14 45.94 67.79
C THR A 99 48.08 45.64 69.28
N HIS A 100 48.95 44.73 69.71
CA HIS A 100 49.10 44.36 71.12
C HIS A 100 50.59 44.44 71.44
N ARG A 101 50.92 45.04 72.58
CA ARG A 101 52.30 45.24 73.00
C ARG A 101 52.55 44.38 74.23
N GLN A 102 53.58 43.53 74.17
CA GLN A 102 53.97 42.77 75.35
C GLN A 102 55.48 42.58 75.38
N ASP A 103 55.98 42.30 76.57
CA ASP A 103 57.42 42.17 76.82
C ASP A 103 57.76 40.70 77.01
N ILE A 104 58.41 40.13 76.01
CA ILE A 104 58.96 38.77 76.09
C ILE A 104 60.47 38.88 75.99
N ASN A 105 61.17 38.03 76.75
CA ASN A 105 62.64 38.09 76.85
C ASN A 105 63.08 39.43 77.45
N GLY A 106 62.20 40.07 78.20
CA GLY A 106 62.49 41.38 78.77
C GLY A 106 62.58 42.49 77.75
N LYS A 107 61.98 42.33 76.58
CA LYS A 107 62.06 43.31 75.50
C LYS A 107 60.66 43.64 75.00
N GLU A 108 60.42 44.93 74.79
CA GLU A 108 59.14 45.41 74.25
C GLU A 108 58.97 44.87 72.83
N MET A 109 57.78 44.36 72.52
CA MET A 109 57.55 43.76 71.22
C MET A 109 56.20 44.15 70.63
N LYS A 110 56.22 44.39 69.33
CA LYS A 110 55.07 44.81 68.54
C LYS A 110 54.47 43.59 67.85
N PHE A 111 53.23 43.28 68.18
CA PHE A 111 52.45 42.27 67.49
C PHE A 111 51.17 42.87 66.94
N GLU A 112 50.76 42.40 65.76
CA GLU A 112 49.54 42.81 65.11
C GLU A 112 48.61 41.61 65.06
N VAL A 113 47.49 41.67 65.80
CA VAL A 113 46.60 40.53 65.98
C VAL A 113 45.19 40.92 65.55
N LEU A 114 44.29 39.95 65.62
CA LEU A 114 42.90 40.12 65.21
C LEU A 114 41.97 39.98 66.41
N THR A 115 40.84 40.68 66.35
CA THR A 115 39.78 40.55 67.36
C THR A 115 38.89 39.38 66.98
N LEU A 116 39.29 38.19 67.41
CA LEU A 116 38.52 36.98 67.19
C LEU A 116 38.03 36.46 68.53
N ALA A 117 36.72 36.28 68.66
CA ALA A 117 36.18 35.73 69.90
C ALA A 117 36.56 34.27 70.08
N SER A 118 36.70 33.53 68.97
CA SER A 118 37.03 32.11 69.06
C SER A 118 38.52 31.88 69.26
N LEU A 119 39.35 32.85 68.91
CA LEU A 119 40.80 32.70 68.96
C LEU A 119 41.39 33.83 69.79
N THR A 120 41.97 33.48 70.94
CA THR A 120 42.47 34.49 71.85
C THR A 120 43.78 35.09 71.35
N THR A 121 44.14 36.23 71.94
CA THR A 121 45.36 36.93 71.53
C THR A 121 46.62 36.12 71.87
N GLU A 122 46.62 35.45 73.02
CA GLU A 122 47.78 34.65 73.41
C GLU A 122 48.13 33.62 72.35
N ILE A 123 47.12 33.01 71.74
CA ILE A 123 47.35 31.94 70.76
C ILE A 123 48.05 32.51 69.53
N GLN A 124 47.57 33.64 69.03
CA GLN A 124 48.20 34.27 67.86
C GLN A 124 49.61 34.73 68.18
N ILE A 125 49.81 35.30 69.38
CA ILE A 125 51.15 35.72 69.79
C ILE A 125 52.09 34.54 69.82
N ASN A 126 51.65 33.43 70.38
CA ASN A 126 52.51 32.25 70.50
C ASN A 126 52.78 31.64 69.14
N ILE A 127 51.79 31.67 68.24
CA ILE A 127 52.03 31.23 66.87
C ILE A 127 53.13 32.06 66.24
N GLU A 128 53.07 33.38 66.40
CA GLU A 128 54.12 34.23 65.85
C GLU A 128 55.47 33.92 66.48
N ILE A 129 55.51 33.69 67.79
CA ILE A 129 56.78 33.42 68.47
C ILE A 129 57.41 32.13 67.92
N GLU A 130 56.61 31.07 67.84
CA GLU A 130 57.13 29.81 67.34
C GLU A 130 57.60 29.94 65.90
N SER A 131 56.81 30.63 65.07
CA SER A 131 57.21 30.82 63.68
C SER A 131 58.49 31.62 63.57
N ARG A 132 58.63 32.68 64.36
CA ARG A 132 59.82 33.51 64.30
C ARG A 132 61.07 32.73 64.70
N LYS A 133 61.00 31.95 65.77
CA LYS A 133 62.21 31.26 66.20
C LYS A 133 62.54 30.08 65.29
N SER A 134 61.51 29.41 64.74
CA SER A 134 61.78 28.38 63.74
C SER A 134 62.41 28.99 62.48
N TYR A 135 61.91 30.16 62.06
CA TYR A 135 62.49 30.87 60.94
C TYR A 135 63.94 31.25 61.22
N LYS A 136 64.22 31.74 62.43
CA LYS A 136 65.59 32.08 62.80
C LYS A 136 66.50 30.85 62.72
N LYS A 137 66.05 29.72 63.28
CA LYS A 137 66.86 28.52 63.28
C LYS A 137 67.12 28.01 61.86
N MET A 138 66.09 28.03 61.02
CA MET A 138 66.26 27.51 59.67
C MET A 138 67.08 28.46 58.80
N LEU A 139 66.95 29.77 59.03
CA LEU A 139 67.80 30.74 58.35
C LEU A 139 69.25 30.55 58.77
N LYS A 140 69.49 30.27 60.05
CA LYS A 140 70.83 29.96 60.51
C LYS A 140 71.36 28.70 59.84
N GLU A 141 70.52 27.68 59.71
CA GLU A 141 70.97 26.40 59.18
C GLU A 141 71.12 26.37 57.67
N MET A 142 70.56 27.33 56.93
CA MET A 142 70.79 27.36 55.49
C MET A 142 71.20 28.72 54.93
N GLY A 143 71.34 29.74 55.76
CA GLY A 143 71.95 30.99 55.32
C GLY A 143 71.01 32.07 54.82
N GLU A 144 70.30 31.81 53.71
CA GLU A 144 69.41 32.79 53.12
C GLU A 144 68.11 32.12 52.72
N VAL A 145 66.99 32.81 52.98
CA VAL A 145 65.66 32.28 52.66
C VAL A 145 65.25 32.73 51.27
N ALA A 146 64.21 32.08 50.75
CA ALA A 146 63.58 32.42 49.48
C ALA A 146 62.11 32.64 49.74
N PRO A 147 61.39 33.28 48.81
CA PRO A 147 59.93 33.40 48.97
C PRO A 147 59.24 32.06 49.11
N GLU A 148 59.91 30.96 48.75
CA GLU A 148 59.35 29.64 48.97
C GLU A 148 59.21 29.33 50.45
N TYR A 149 60.22 29.69 51.25
CA TYR A 149 60.24 29.44 52.69
C TYR A 149 59.83 30.72 53.41
N ARG A 150 58.54 31.02 53.44
CA ARG A 150 58.06 32.17 54.19
C ARG A 150 56.56 32.11 54.35
N HIS A 151 56.04 32.92 55.28
CA HIS A 151 54.62 33.06 55.53
C HIS A 151 53.93 34.03 54.57
N ASP A 152 54.70 34.81 53.82
CA ASP A 152 54.11 35.82 52.95
C ASP A 152 53.62 35.25 51.62
N SER A 153 53.81 33.96 51.38
CA SER A 153 53.30 33.36 50.15
C SER A 153 51.78 33.46 50.12
N PRO A 154 51.18 33.76 48.96
CA PRO A 154 49.72 33.96 48.91
C PRO A 154 48.91 32.67 48.89
N ASP A 155 49.54 31.50 48.99
CA ASP A 155 48.84 30.23 48.90
C ASP A 155 49.00 29.40 50.17
N CYS A 156 49.57 29.96 51.23
CA CYS A 156 49.76 29.22 52.47
C CYS A 156 48.41 28.82 53.07
N GLY A 157 47.44 29.73 53.06
CA GLY A 157 46.11 29.37 53.51
C GLY A 157 45.44 28.35 52.62
N MET A 158 45.69 28.42 51.31
CA MET A 158 45.04 27.51 50.39
C MET A 158 45.60 26.10 50.48
N ILE A 159 46.83 25.93 50.93
CA ILE A 159 47.32 24.57 51.21
C ILE A 159 46.55 23.95 52.38
N ILE A 160 46.35 24.71 53.44
CA ILE A 160 45.55 24.24 54.56
C ILE A 160 44.13 23.92 54.10
N LEU A 161 43.58 24.74 53.21
CA LEU A 161 42.26 24.46 52.69
C LEU A 161 42.26 23.23 51.77
N CYS A 162 43.39 22.91 51.14
CA CYS A 162 43.49 21.65 50.41
C CYS A 162 43.38 20.45 51.35
N ILE A 163 44.07 20.53 52.50
CA ILE A 163 43.91 19.49 53.51
C ILE A 163 42.45 19.39 53.96
N ALA A 164 41.82 20.54 54.14
CA ALA A 164 40.40 20.57 54.51
C ALA A 164 39.54 19.91 53.43
N ALA A 165 39.89 20.13 52.15
CA ALA A 165 39.14 19.52 51.05
C ALA A 165 39.25 18.00 51.09
N LEU A 166 40.45 17.49 51.37
CA LEU A 166 40.58 16.03 51.52
C LEU A 166 39.73 15.51 52.68
N VAL A 167 39.76 16.22 53.81
CA VAL A 167 38.92 15.83 54.95
C VAL A 167 37.46 15.82 54.54
N ILE A 168 37.03 16.81 53.76
CA ILE A 168 35.65 16.87 53.29
C ILE A 168 35.32 15.67 52.41
N THR A 169 36.26 15.29 51.53
CA THR A 169 36.04 14.10 50.71
C THR A 169 35.77 12.88 51.57
N LYS A 170 36.49 12.75 52.68
CA LYS A 170 36.30 11.58 53.55
C LYS A 170 35.29 11.78 54.67
N LEU A 171 34.63 12.94 54.75
CA LEU A 171 33.65 13.17 55.81
C LEU A 171 32.45 12.24 55.75
N ALA A 172 32.05 11.78 54.56
CA ALA A 172 30.82 11.01 54.44
C ALA A 172 30.89 9.66 55.13
N ALA A 173 32.08 9.21 55.55
CA ALA A 173 32.20 7.94 56.24
C ALA A 173 31.60 7.97 57.65
N GLY A 174 31.28 9.14 58.18
CA GLY A 174 30.63 9.26 59.47
C GLY A 174 31.55 9.36 60.66
N ASP A 175 32.85 9.18 60.47
CA ASP A 175 33.82 9.25 61.56
C ASP A 175 35.18 9.51 60.97
N ARG A 176 36.22 9.41 61.79
CA ARG A 176 37.59 9.65 61.34
C ARG A 176 38.25 8.37 60.87
N SER A 177 37.57 7.64 60.00
CA SER A 177 38.13 6.42 59.43
C SER A 177 38.85 6.66 58.11
N GLY A 178 38.64 7.83 57.49
CA GLY A 178 39.32 8.16 56.26
C GLY A 178 40.56 8.99 56.51
N LEU A 179 41.03 9.01 57.76
CA LEU A 179 42.23 9.78 58.09
C LEU A 179 43.45 9.23 57.36
N THR A 180 43.58 7.91 57.28
CA THR A 180 44.71 7.31 56.57
C THR A 180 44.68 7.67 55.10
N ALA A 181 43.49 7.64 54.48
CA ALA A 181 43.36 8.04 53.08
C ALA A 181 43.72 9.51 52.90
N VAL A 182 43.30 10.36 53.84
CA VAL A 182 43.64 11.77 53.76
C VAL A 182 45.14 11.97 53.81
N ILE A 183 45.82 11.27 54.73
CA ILE A 183 47.26 11.40 54.84
C ILE A 183 47.95 10.89 53.58
N ARG A 184 47.50 9.76 53.05
CA ARG A 184 48.11 9.20 51.85
C ARG A 184 47.96 10.13 50.66
N ARG A 185 46.75 10.68 50.46
CA ARG A 185 46.54 11.57 49.33
C ARG A 185 47.25 12.92 49.53
N ALA A 186 47.39 13.37 50.78
CA ALA A 186 48.12 14.61 51.03
C ALA A 186 49.62 14.40 50.94
N ASN A 187 50.09 13.15 50.95
CA ASN A 187 51.49 12.89 50.65
C ASN A 187 51.72 12.75 49.16
N ASN A 188 50.79 12.09 48.44
CA ASN A 188 50.88 12.02 46.98
C ASN A 188 50.80 13.41 46.38
N VAL A 189 49.66 14.08 46.54
CA VAL A 189 49.56 15.49 46.21
C VAL A 189 50.36 16.28 47.23
N LEU A 190 50.78 17.49 46.86
CA LEU A 190 51.40 18.44 47.80
C LEU A 190 52.74 17.95 48.35
N LYS A 191 53.44 17.07 47.63
CA LYS A 191 54.73 16.60 48.12
C LYS A 191 55.80 17.69 48.04
N ASN A 192 55.76 18.52 47.00
CA ASN A 192 56.64 19.68 46.90
C ASN A 192 56.41 20.61 48.09
N GLU A 193 55.16 20.84 48.46
CA GLU A 193 54.88 21.67 49.63
C GLU A 193 55.38 21.00 50.91
N MET A 194 55.21 19.68 51.03
CA MET A 194 55.68 19.00 52.23
C MET A 194 57.19 19.04 52.33
N LYS A 195 57.88 19.21 51.20
CA LYS A 195 59.27 19.68 51.26
C LYS A 195 59.34 21.10 51.80
N ARG A 196 58.65 22.01 51.12
CA ARG A 196 58.86 23.44 51.27
C ARG A 196 58.44 23.95 52.64
N TYR A 197 57.40 23.38 53.24
CA TYR A 197 56.89 23.87 54.52
C TYR A 197 57.19 22.91 55.64
N LYS A 198 57.82 23.43 56.70
CA LYS A 198 58.24 22.62 57.84
C LYS A 198 57.07 22.08 58.64
N GLY A 199 56.03 22.89 58.79
CA GLY A 199 54.87 22.56 59.61
C GLY A 199 53.70 21.98 58.87
N LEU A 200 53.86 21.64 57.60
CA LEU A 200 52.79 21.02 56.82
C LEU A 200 52.73 19.57 57.24
N LEU A 201 52.06 19.31 58.36
CA LEU A 201 51.86 17.96 58.85
C LEU A 201 50.44 17.54 58.51
N PRO A 202 50.22 16.67 57.51
CA PRO A 202 48.85 16.38 57.09
C PRO A 202 47.97 15.82 58.19
N LYS A 203 48.52 14.98 59.07
CA LYS A 203 47.69 14.31 60.06
C LYS A 203 47.15 15.29 61.09
N ASP A 204 47.99 16.20 61.57
CA ASP A 204 47.55 17.16 62.58
C ASP A 204 46.50 18.11 62.03
N ILE A 205 46.72 18.63 60.82
CA ILE A 205 45.76 19.53 60.21
C ILE A 205 44.46 18.80 59.92
N ALA A 206 44.55 17.55 59.45
CA ALA A 206 43.35 16.77 59.19
C ALA A 206 42.55 16.53 60.47
N ASN A 207 43.25 16.22 61.57
CA ASN A 207 42.56 16.03 62.84
C ASN A 207 41.91 17.33 63.30
N SER A 208 42.59 18.46 63.11
CA SER A 208 42.01 19.74 63.50
C SER A 208 40.74 20.02 62.69
N PHE A 209 40.76 19.73 61.39
CA PHE A 209 39.58 20.00 60.57
C PHE A 209 38.46 19.02 60.91
N TYR A 210 38.78 17.76 61.19
CA TYR A 210 37.79 16.82 61.67
C TYR A 210 37.11 17.34 62.94
N GLU A 211 37.92 17.82 63.90
CA GLU A 211 37.36 18.36 65.14
C GLU A 211 36.46 19.55 64.88
N VAL A 212 36.91 20.50 64.05
CA VAL A 212 36.10 21.70 63.85
C VAL A 212 34.83 21.38 63.10
N PHE A 213 34.87 20.40 62.18
CA PHE A 213 33.64 20.03 61.48
C PHE A 213 32.69 19.28 62.39
N GLU A 214 33.21 18.52 63.35
CA GLU A 214 32.35 17.82 64.30
C GLU A 214 31.68 18.81 65.25
N LYS A 215 32.44 19.78 65.76
CA LYS A 215 31.89 20.69 66.76
C LYS A 215 30.92 21.69 66.15
N HIS A 216 31.24 22.20 64.96
CA HIS A 216 30.44 23.24 64.30
C HIS A 216 29.93 22.71 62.97
N PRO A 217 28.74 22.11 62.94
CA PRO A 217 28.19 21.62 61.66
C PRO A 217 27.90 22.72 60.64
N HIS A 218 27.75 23.97 61.08
CA HIS A 218 27.56 25.05 60.11
C HIS A 218 28.82 25.37 59.35
N PHE A 219 29.99 25.03 59.90
CA PHE A 219 31.23 25.25 59.18
C PHE A 219 31.34 24.33 57.98
N ILE A 220 30.71 23.15 58.04
CA ILE A 220 30.67 22.28 56.86
C ILE A 220 29.92 22.96 55.73
N ASP A 221 28.77 23.56 56.05
CA ASP A 221 28.00 24.28 55.04
C ASP A 221 28.79 25.46 54.48
N VAL A 222 29.41 26.23 55.37
CA VAL A 222 30.19 27.38 54.94
C VAL A 222 31.35 26.94 54.03
N PHE A 223 32.04 25.87 54.41
CA PHE A 223 33.18 25.42 53.62
C PHE A 223 32.75 24.84 52.28
N VAL A 224 31.63 24.12 52.25
CA VAL A 224 31.16 23.57 50.98
C VAL A 224 30.79 24.69 50.02
N HIS A 225 30.10 25.72 50.52
CA HIS A 225 29.73 26.80 49.62
C HIS A 225 30.93 27.67 49.27
N PHE A 226 31.92 27.79 50.15
CA PHE A 226 33.17 28.43 49.77
C PHE A 226 33.87 27.66 48.68
N GLY A 227 33.90 26.33 48.77
CA GLY A 227 34.54 25.53 47.75
C GLY A 227 33.82 25.63 46.41
N ILE A 228 32.49 25.73 46.44
CA ILE A 228 31.76 25.91 45.19
C ILE A 228 32.04 27.28 44.60
N ALA A 229 32.09 28.33 45.45
CA ALA A 229 32.38 29.66 44.95
C ALA A 229 33.80 29.77 44.40
N GLN A 230 34.76 29.13 45.07
CA GLN A 230 36.13 29.12 44.61
C GLN A 230 36.27 28.39 43.29
N SER A 231 35.57 27.27 43.15
CA SER A 231 35.60 26.50 41.91
C SER A 231 34.85 27.17 40.77
N SER A 232 34.12 28.25 41.05
CA SER A 232 33.43 29.01 40.02
C SER A 232 34.23 30.19 39.52
N THR A 233 35.49 30.32 39.92
CA THR A 233 36.30 31.43 39.46
C THR A 233 36.79 31.18 38.04
N ARG A 234 37.25 32.25 37.40
CA ARG A 234 37.77 32.18 36.05
C ARG A 234 39.17 31.59 35.98
N GLY A 235 39.88 31.57 37.10
CA GLY A 235 41.23 31.04 37.12
C GLY A 235 41.90 31.38 38.43
N GLY A 236 43.16 30.98 38.52
CA GLY A 236 43.92 31.24 39.73
C GLY A 236 45.30 30.59 39.66
N SER A 237 45.93 30.46 40.82
CA SER A 237 47.24 29.86 40.92
C SER A 237 47.12 28.33 40.81
N ARG A 238 48.26 27.65 40.89
CA ARG A 238 48.24 26.20 40.78
C ARG A 238 47.74 25.55 42.05
N VAL A 239 47.97 26.19 43.21
CA VAL A 239 47.46 25.66 44.46
C VAL A 239 45.94 25.74 44.50
N GLU A 240 45.37 26.81 43.93
CA GLU A 240 43.92 26.90 43.84
C GLU A 240 43.37 25.85 42.89
N GLY A 241 44.10 25.53 41.83
CA GLY A 241 43.70 24.44 40.97
C GLY A 241 43.74 23.11 41.69
N ILE A 242 44.76 22.88 42.52
CA ILE A 242 44.82 21.68 43.32
C ILE A 242 43.63 21.61 44.27
N PHE A 243 43.30 22.73 44.91
CA PHE A 243 42.16 22.75 45.81
C PHE A 243 40.86 22.43 45.07
N ALA A 244 40.68 23.00 43.88
CA ALA A 244 39.48 22.73 43.11
C ALA A 244 39.39 21.26 42.72
N GLY A 245 40.51 20.68 42.30
CA GLY A 245 40.51 19.27 41.94
C GLY A 245 40.22 18.38 43.12
N LEU A 246 40.78 18.69 44.29
CA LEU A 246 40.52 17.89 45.48
C LEU A 246 39.11 18.10 46.01
N PHE A 247 38.56 19.29 45.83
CA PHE A 247 37.20 19.56 46.30
C PHE A 247 36.17 18.87 45.43
N MET A 248 36.36 18.85 44.11
CA MET A 248 35.39 18.15 43.28
C MET A 248 35.58 16.64 43.35
N ASN A 249 36.65 16.17 43.99
CA ASN A 249 36.75 14.76 44.35
C ASN A 249 35.72 14.36 45.39
N ALA A 250 35.16 15.34 46.11
CA ALA A 250 34.14 15.08 47.11
C ALA A 250 32.74 15.02 46.52
N TYR A 251 32.58 15.41 45.26
CA TYR A 251 31.26 15.36 44.64
C TYR A 251 30.80 13.92 44.51
N GLY A 252 29.60 13.64 44.99
CA GLY A 252 29.08 12.29 44.97
C GLY A 252 29.54 11.41 46.09
N ALA A 253 30.21 11.96 47.10
CA ALA A 253 30.60 11.17 48.25
C ALA A 253 29.38 10.74 49.03
N GLY A 254 29.37 9.47 49.44
CA GLY A 254 28.21 8.89 50.07
C GLY A 254 27.19 8.31 49.11
N GLN A 255 27.43 8.39 47.81
CA GLN A 255 26.52 7.89 46.79
C GLN A 255 27.26 7.02 45.79
N VAL A 256 28.19 6.18 46.27
CA VAL A 256 28.98 5.35 45.37
C VAL A 256 28.12 4.30 44.68
N MET A 257 27.03 3.88 45.31
CA MET A 257 26.24 2.79 44.75
C MET A 257 25.54 3.19 43.46
N LEU A 258 25.18 4.46 43.32
CA LEU A 258 24.60 4.92 42.06
C LEU A 258 25.60 4.78 40.91
N ARG A 259 26.85 5.21 41.16
CA ARG A 259 27.88 5.09 40.14
C ARG A 259 28.19 3.62 39.84
N TRP A 260 28.24 2.79 40.86
CA TRP A 260 28.51 1.37 40.64
C TRP A 260 27.35 0.67 39.94
N GLY A 261 26.12 1.13 40.16
CA GLY A 261 25.01 0.60 39.40
C GLY A 261 25.05 0.98 37.94
N VAL A 262 25.43 2.23 37.65
CA VAL A 262 25.64 2.62 36.26
C VAL A 262 26.75 1.78 35.65
N LEU A 263 27.79 1.50 36.42
CA LEU A 263 28.88 0.65 35.94
C LEU A 263 28.40 -0.77 35.64
N ALA A 264 27.60 -1.34 36.53
CA ALA A 264 27.09 -2.69 36.32
C ALA A 264 26.17 -2.74 35.11
N LYS A 265 25.45 -1.65 34.84
CA LYS A 265 24.69 -1.58 33.60
C LYS A 265 25.62 -1.54 32.39
N SER A 266 26.74 -0.80 32.51
CA SER A 266 27.64 -0.64 31.37
C SER A 266 28.33 -1.94 31.01
N VAL A 267 28.82 -2.70 32.00
CA VAL A 267 29.46 -3.99 31.72
C VAL A 267 28.45 -5.08 31.48
N LYS A 268 27.15 -4.78 31.58
CA LYS A 268 26.07 -5.66 31.13
C LYS A 268 26.08 -6.97 31.92
N ASN A 269 26.16 -6.87 33.23
CA ASN A 269 26.15 -8.04 34.09
C ASN A 269 24.83 -8.79 33.91
N ILE A 270 24.92 -10.11 33.83
CA ILE A 270 23.73 -10.92 33.53
C ILE A 270 22.77 -10.96 34.73
N MET A 271 23.30 -10.94 35.96
CA MET A 271 22.43 -11.04 37.12
C MET A 271 21.53 -9.83 37.29
N LEU A 272 21.59 -8.85 36.39
CA LEU A 272 20.56 -7.84 36.33
C LEU A 272 19.28 -8.37 35.70
N GLY A 273 19.33 -9.54 35.08
CA GLY A 273 18.19 -10.22 34.52
C GLY A 273 17.50 -11.19 35.46
N HIS A 274 17.96 -11.30 36.70
CA HIS A 274 17.31 -12.15 37.68
C HIS A 274 15.89 -11.65 37.96
N ALA A 275 15.09 -12.51 38.60
CA ALA A 275 13.68 -12.19 38.79
C ALA A 275 13.51 -11.05 39.79
N SER A 276 14.17 -11.13 40.94
CA SER A 276 13.99 -10.13 41.98
C SER A 276 14.56 -8.78 41.58
N VAL A 277 15.69 -8.78 40.87
CA VAL A 277 16.25 -7.54 40.38
C VAL A 277 15.26 -6.85 39.44
N GLN A 278 14.65 -7.62 38.55
CA GLN A 278 13.66 -7.05 37.64
C GLN A 278 12.41 -6.61 38.38
N ALA A 279 12.10 -7.26 39.51
CA ALA A 279 11.01 -6.78 40.35
C ALA A 279 11.30 -5.39 40.89
N GLU A 280 12.55 -5.16 41.33
CA GLU A 280 12.91 -3.87 41.92
C GLU A 280 13.26 -2.79 40.89
N MET A 281 13.42 -3.16 39.62
CA MET A 281 13.90 -2.19 38.62
C MET A 281 13.02 -0.96 38.51
N GLU A 282 11.72 -1.08 38.79
CA GLU A 282 10.84 0.08 38.68
C GLU A 282 11.26 1.18 39.65
N GLN A 283 11.42 0.82 40.92
CA GLN A 283 11.82 1.81 41.92
C GLN A 283 13.28 2.19 41.77
N VAL A 284 14.12 1.29 41.22
CA VAL A 284 15.50 1.69 40.95
C VAL A 284 15.56 2.80 39.90
N VAL A 285 14.80 2.66 38.82
CA VAL A 285 14.74 3.71 37.80
C VAL A 285 14.12 4.97 38.39
N GLU A 286 13.14 4.80 39.29
CA GLU A 286 12.60 5.93 40.05
C GLU A 286 13.70 6.71 40.76
N VAL A 287 14.57 6.01 41.48
CA VAL A 287 15.64 6.68 42.21
C VAL A 287 16.61 7.37 41.27
N TYR A 288 16.97 6.71 40.17
CA TYR A 288 17.92 7.32 39.24
C TYR A 288 17.34 8.58 38.58
N GLU A 289 16.06 8.53 38.20
CA GLU A 289 15.42 9.72 37.65
C GLU A 289 15.36 10.84 38.68
N TYR A 290 15.14 10.48 39.94
CA TYR A 290 15.17 11.48 41.01
C TYR A 290 16.54 12.13 41.13
N ALA A 291 17.61 11.33 41.08
CA ALA A 291 18.96 11.86 41.18
C ALA A 291 19.25 12.81 40.03
N GLN A 292 18.81 12.45 38.83
CA GLN A 292 19.03 13.32 37.68
C GLN A 292 18.22 14.60 37.77
N LYS A 293 16.99 14.53 38.27
CA LYS A 293 16.19 15.74 38.43
C LYS A 293 16.81 16.68 39.45
N LEU A 294 17.36 16.11 40.54
CA LEU A 294 18.11 16.92 41.48
C LEU A 294 19.30 17.59 40.82
N GLY A 295 20.11 16.81 40.09
CA GLY A 295 21.21 17.37 39.34
C GLY A 295 22.45 17.67 40.15
N GLY A 296 23.03 18.85 39.95
CA GLY A 296 24.30 19.18 40.56
C GLY A 296 24.28 19.32 42.07
N GLU A 297 23.20 19.86 42.62
CA GLU A 297 23.15 20.10 44.06
C GLU A 297 23.20 18.80 44.86
N ALA A 298 22.81 17.68 44.25
CA ALA A 298 22.73 16.42 44.98
C ALA A 298 24.09 15.81 45.26
N GLY A 299 25.17 16.33 44.69
CA GLY A 299 26.47 15.73 44.87
C GLY A 299 27.07 15.97 46.24
N PHE A 300 26.52 16.89 47.02
CA PHE A 300 27.01 17.20 48.35
C PHE A 300 25.96 16.96 49.43
N TYR A 301 24.94 16.15 49.14
CA TYR A 301 23.88 15.91 50.11
C TYR A 301 24.40 15.17 51.33
N HIS A 302 25.24 14.16 51.13
CA HIS A 302 25.70 13.36 52.26
C HIS A 302 26.78 14.07 53.07
N ILE A 303 27.60 14.89 52.40
CA ILE A 303 28.59 15.68 53.13
C ILE A 303 27.89 16.71 54.00
N LEU A 304 26.87 17.37 53.48
CA LEU A 304 26.13 18.38 54.21
C LEU A 304 25.12 17.80 55.18
N ASN A 305 24.94 16.48 55.18
CA ASN A 305 23.88 15.83 55.96
C ASN A 305 22.51 16.37 55.57
N ASN A 306 22.29 16.56 54.27
CA ASN A 306 20.99 16.98 53.80
C ASN A 306 19.96 15.91 54.13
N PRO A 307 18.80 16.29 54.66
CA PRO A 307 17.80 15.28 55.04
C PRO A 307 17.32 14.44 53.87
N LYS A 308 17.31 14.98 52.66
CA LYS A 308 16.90 14.25 51.48
C LYS A 308 17.99 13.33 50.94
N ALA A 309 19.07 13.14 51.69
CA ALA A 309 20.11 12.20 51.27
C ALA A 309 19.60 10.77 51.29
N SER A 310 18.70 10.44 52.24
CA SER A 310 18.19 9.09 52.35
C SER A 310 17.34 8.68 51.15
N LEU A 311 16.84 9.65 50.38
CA LEU A 311 16.02 9.32 49.23
C LEU A 311 16.84 8.79 48.05
N LEU A 312 18.15 9.01 48.07
CA LEU A 312 19.03 8.54 47.00
C LEU A 312 19.59 7.15 47.26
N SER A 313 19.25 6.54 48.39
CA SER A 313 19.82 5.26 48.75
C SER A 313 19.32 4.15 47.84
N LEU A 314 20.19 3.18 47.59
CA LEU A 314 19.84 1.99 46.84
C LEU A 314 19.84 0.73 47.69
N THR A 315 20.24 0.82 48.95
CA THR A 315 20.22 -0.35 49.82
C THR A 315 18.81 -0.78 50.19
N GLN A 316 17.82 0.06 49.90
CA GLN A 316 16.41 -0.27 50.05
C GLN A 316 15.91 -1.24 48.98
N PHE A 317 16.82 -1.65 48.09
CA PHE A 317 16.57 -2.69 47.09
C PHE A 317 17.65 -3.73 47.27
N PRO A 318 17.47 -4.69 48.18
CA PRO A 318 18.57 -5.60 48.52
C PRO A 318 19.12 -6.39 47.35
N HIS A 319 18.27 -6.82 46.42
CA HIS A 319 18.75 -7.67 45.33
C HIS A 319 19.58 -6.87 44.33
N PHE A 320 19.09 -5.69 43.92
CA PHE A 320 19.85 -4.85 43.00
C PHE A 320 21.15 -4.38 43.65
N SER A 321 21.10 -4.01 44.93
CA SER A 321 22.30 -3.59 45.63
C SER A 321 23.31 -4.72 45.72
N SER A 322 22.84 -5.94 45.99
CA SER A 322 23.74 -7.08 46.06
C SER A 322 24.39 -7.36 44.71
N VAL A 323 23.61 -7.27 43.64
CA VAL A 323 24.18 -7.47 42.30
C VAL A 323 25.22 -6.40 42.01
N VAL A 324 24.94 -5.15 42.38
CA VAL A 324 25.87 -4.06 42.12
C VAL A 324 27.16 -4.24 42.90
N LEU A 325 27.07 -4.60 44.18
CA LEU A 325 28.27 -4.86 44.96
C LEU A 325 29.05 -6.04 44.41
N GLY A 326 28.36 -7.09 43.98
CA GLY A 326 29.06 -8.22 43.38
C GLY A 326 29.80 -7.83 42.11
N ASN A 327 29.16 -7.04 41.25
CA ASN A 327 29.84 -6.60 40.05
C ASN A 327 31.05 -5.73 40.37
N ALA A 328 30.92 -4.86 41.38
CA ALA A 328 32.05 -4.03 41.78
C ALA A 328 33.20 -4.88 42.31
N ALA A 329 32.90 -5.89 43.12
CA ALA A 329 33.95 -6.73 43.67
C ALA A 329 34.60 -7.60 42.60
N GLY A 330 33.81 -8.04 41.62
CA GLY A 330 34.36 -8.84 40.54
C GLY A 330 35.31 -8.06 39.66
N LEU A 331 34.97 -6.80 39.38
CA LEU A 331 35.83 -5.96 38.55
C LEU A 331 37.07 -5.49 39.29
N GLY A 332 37.19 -5.77 40.59
CA GLY A 332 38.38 -5.43 41.33
C GLY A 332 38.49 -3.97 41.72
N ILE A 333 37.38 -3.28 41.87
CA ILE A 333 37.40 -1.87 42.26
C ILE A 333 36.74 -1.62 43.61
N MET A 334 36.28 -2.65 44.31
CA MET A 334 35.52 -2.41 45.54
C MET A 334 36.43 -2.01 46.70
N GLY A 335 37.70 -2.42 46.65
CA GLY A 335 38.65 -2.00 47.66
C GLY A 335 38.27 -2.50 49.05
N GLU A 336 38.30 -1.57 50.02
CA GLU A 336 37.87 -1.86 51.39
C GLU A 336 36.48 -1.30 51.68
N TYR A 337 35.60 -1.28 50.69
CA TYR A 337 34.26 -0.75 50.88
C TYR A 337 33.54 -1.59 51.91
N ARG A 338 33.14 -0.99 53.01
CA ARG A 338 32.69 -1.72 54.18
C ARG A 338 31.18 -1.93 54.19
N GLY A 339 30.51 -1.54 53.12
CA GLY A 339 29.14 -1.96 52.92
C GLY A 339 29.07 -3.42 52.50
N THR A 340 28.07 -4.12 53.03
CA THR A 340 28.00 -5.57 52.86
C THR A 340 26.72 -5.95 52.12
N PRO A 341 26.77 -6.97 51.26
CA PRO A 341 25.55 -7.37 50.55
C PRO A 341 24.54 -7.97 51.52
N ARG A 342 23.26 -7.82 51.19
CA ARG A 342 22.21 -8.45 51.97
C ARG A 342 21.50 -9.55 51.20
N ASN A 343 22.02 -9.92 50.03
CA ASN A 343 21.67 -11.15 49.32
C ASN A 343 23.01 -11.76 48.89
N GLN A 344 23.52 -12.68 49.71
CA GLN A 344 24.85 -13.23 49.45
C GLN A 344 24.89 -13.99 48.14
N ASP A 345 23.81 -14.68 47.80
CA ASP A 345 23.80 -15.50 46.58
C ASP A 345 23.94 -14.65 45.33
N LEU A 346 23.14 -13.59 45.21
CA LEU A 346 23.26 -12.70 44.06
C LEU A 346 24.60 -12.00 44.03
N TYR A 347 25.12 -11.63 45.20
CA TYR A 347 26.44 -11.04 45.29
C TYR A 347 27.50 -11.97 44.70
N ASP A 348 27.50 -13.24 45.12
CA ASP A 348 28.48 -14.19 44.63
C ASP A 348 28.32 -14.44 43.13
N ALA A 349 27.07 -14.57 42.67
CA ALA A 349 26.85 -14.82 41.24
C ALA A 349 27.35 -13.66 40.39
N ALA A 350 27.03 -12.42 40.80
CA ALA A 350 27.49 -11.26 40.06
C ALA A 350 29.01 -11.13 40.11
N LYS A 351 29.60 -11.41 41.27
CA LYS A 351 31.05 -11.36 41.39
C LYS A 351 31.72 -12.35 40.44
N ALA A 352 31.20 -13.58 40.40
CA ALA A 352 31.76 -14.59 39.50
C ALA A 352 31.62 -14.17 38.04
N TYR A 353 30.45 -13.67 37.66
CA TYR A 353 30.30 -13.28 36.25
C TYR A 353 31.21 -12.11 35.91
N ALA A 354 31.38 -11.17 36.84
CA ALA A 354 32.26 -10.03 36.56
C ALA A 354 33.71 -10.48 36.46
N GLU A 355 34.09 -11.50 37.23
CA GLU A 355 35.44 -12.04 37.09
C GLU A 355 35.64 -12.70 35.73
N GLN A 356 34.68 -13.53 35.29
CA GLN A 356 34.80 -14.11 33.96
C GLN A 356 34.59 -13.08 32.86
N LEU A 357 34.16 -11.86 33.19
CA LEU A 357 34.10 -10.83 32.17
C LEU A 357 35.47 -10.36 31.73
N LYS A 358 36.54 -10.87 32.35
CA LYS A 358 37.88 -10.42 31.97
C LYS A 358 38.68 -11.49 31.24
N GLU A 359 38.60 -12.75 31.70
CA GLU A 359 39.18 -13.84 30.92
C GLU A 359 38.32 -14.19 29.72
N ASN A 360 37.01 -14.24 29.92
CA ASN A 360 36.04 -14.53 28.87
C ASN A 360 35.39 -13.21 28.48
N GLY A 361 35.97 -12.55 27.46
CA GLY A 361 35.71 -11.13 27.24
C GLY A 361 34.27 -10.73 27.41
N VAL A 362 33.40 -11.16 26.50
CA VAL A 362 31.98 -10.84 26.57
C VAL A 362 31.20 -12.08 26.17
N ILE A 363 29.91 -12.08 26.47
CA ILE A 363 29.00 -13.16 26.09
C ILE A 363 27.97 -12.61 25.12
N ASN A 364 27.91 -13.21 23.93
CA ASN A 364 26.85 -12.87 22.99
C ASN A 364 25.54 -13.50 23.43
N TYR A 365 24.45 -13.04 22.83
CA TYR A 365 23.14 -13.60 23.11
C TYR A 365 22.55 -14.15 21.83
N SER A 366 23.37 -14.93 21.11
CA SER A 366 22.96 -15.68 19.94
C SER A 366 21.96 -16.76 20.31
N VAL A 367 21.98 -17.19 21.57
CA VAL A 367 20.89 -18.00 22.11
C VAL A 367 19.60 -17.25 21.84
N LEU A 368 18.49 -17.98 21.68
CA LEU A 368 17.22 -17.35 21.32
C LEU A 368 17.29 -16.67 19.95
N ASP A 369 17.29 -17.45 18.87
CA ASP A 369 17.11 -17.06 17.46
C ASP A 369 18.38 -16.62 16.72
N LEU A 370 19.58 -16.84 17.24
CA LEU A 370 20.77 -16.60 16.44
C LEU A 370 21.85 -17.66 16.68
N ALA C 2 32.95 -13.64 -1.72
CA ALA C 2 32.27 -13.58 -0.43
C ALA C 2 32.93 -14.47 0.59
N LEU C 3 33.17 -13.94 1.79
CA LEU C 3 33.86 -14.71 2.82
C LEU C 3 32.98 -15.83 3.37
N SER C 4 31.67 -15.76 3.13
CA SER C 4 30.76 -16.78 3.65
C SER C 4 30.92 -18.12 2.96
N LYS C 5 31.52 -18.17 1.78
CA LYS C 5 31.71 -19.44 1.07
C LYS C 5 33.09 -20.04 1.29
N VAL C 6 33.87 -19.51 2.21
CA VAL C 6 35.14 -20.13 2.60
C VAL C 6 34.78 -21.14 3.68
N LYS C 7 34.31 -22.31 3.24
CA LYS C 7 33.84 -23.32 4.18
C LYS C 7 34.09 -24.71 3.60
N LEU C 8 34.25 -25.67 4.49
CA LEU C 8 34.49 -27.07 4.12
C LEU C 8 33.67 -27.97 5.02
N ASN C 9 32.91 -28.87 4.42
CA ASN C 9 32.07 -29.80 5.16
C ASN C 9 32.81 -31.14 5.27
N ASP C 10 33.73 -31.19 6.25
CA ASP C 10 34.63 -32.34 6.36
C ASP C 10 33.91 -33.58 6.85
N THR C 11 33.01 -33.44 7.83
CA THR C 11 32.31 -34.60 8.37
C THR C 11 31.48 -35.29 7.29
N LEU C 12 30.71 -34.51 6.54
CA LEU C 12 29.86 -35.07 5.50
C LEU C 12 30.68 -35.68 4.37
N ASN C 13 31.80 -35.03 4.03
CA ASN C 13 32.65 -35.55 2.96
C ASN C 13 33.31 -36.86 3.38
N LYS C 14 33.76 -36.96 4.63
CA LYS C 14 34.29 -38.22 5.13
C LYS C 14 33.24 -39.31 5.13
N ASP C 15 32.01 -38.98 5.55
CA ASP C 15 30.95 -39.97 5.51
C ASP C 15 30.67 -40.43 4.09
N GLN C 16 30.64 -39.51 3.13
CA GLN C 16 30.39 -39.92 1.75
C GLN C 16 31.52 -40.77 1.21
N LEU C 17 32.76 -40.46 1.59
CA LEU C 17 33.89 -41.29 1.18
C LEU C 17 33.77 -42.70 1.74
N LEU C 18 33.39 -42.83 3.00
CA LEU C 18 33.30 -44.15 3.61
C LEU C 18 32.08 -44.93 3.14
N SER C 19 30.99 -44.26 2.80
CA SER C 19 29.77 -44.93 2.38
C SER C 19 29.73 -45.25 0.90
N SER C 20 30.62 -44.66 0.09
CA SER C 20 30.61 -44.90 -1.35
C SER C 20 31.82 -45.72 -1.80
N SER C 21 32.37 -46.55 -0.92
CA SER C 21 33.48 -47.41 -1.30
C SER C 21 33.01 -48.46 -2.31
N LYS C 22 33.80 -48.69 -3.33
CA LYS C 22 33.48 -49.67 -4.36
C LYS C 22 34.31 -50.95 -4.26
N TYR C 23 35.04 -51.12 -3.17
CA TYR C 23 35.73 -52.37 -2.87
C TYR C 23 35.43 -52.75 -1.43
N THR C 24 35.43 -54.04 -1.14
CA THR C 24 35.08 -54.56 0.18
C THR C 24 36.15 -55.53 0.65
N ILE C 25 36.36 -55.55 1.97
CA ILE C 25 37.23 -56.52 2.60
C ILE C 25 36.39 -57.66 3.14
N GLN C 26 37.04 -58.78 3.42
CA GLN C 26 36.37 -59.95 3.97
C GLN C 26 37.32 -60.61 4.96
N ARG C 27 37.03 -60.48 6.24
CA ARG C 27 37.88 -60.99 7.30
C ARG C 27 37.67 -62.48 7.49
N SER C 28 38.64 -63.13 8.15
CA SER C 28 38.57 -64.54 8.45
C SER C 28 38.52 -64.72 9.96
N THR C 29 37.44 -65.34 10.43
CA THR C 29 37.26 -65.48 11.88
C THR C 29 38.31 -66.36 12.52
N GLY C 30 38.91 -67.28 11.76
CA GLY C 30 39.84 -68.25 12.31
C GLY C 30 39.20 -69.58 12.69
N ASP C 31 38.89 -69.72 13.98
CA ASP C 31 38.13 -70.85 14.49
C ASP C 31 36.73 -70.89 13.85
N SER C 32 36.27 -72.11 13.60
CA SER C 32 34.96 -72.32 12.98
C SER C 32 33.85 -71.84 13.90
N ILE C 33 32.80 -71.26 13.30
CA ILE C 33 31.64 -70.79 14.03
C ILE C 33 30.60 -71.90 14.03
N ASP C 34 30.11 -72.25 15.22
CA ASP C 34 28.97 -73.14 15.36
C ASP C 34 27.73 -72.33 15.05
N THR C 35 26.82 -72.89 14.26
CA THR C 35 25.58 -72.18 13.95
C THR C 35 24.38 -73.04 14.31
N PRO C 36 23.92 -73.01 15.55
CA PRO C 36 22.71 -73.76 15.90
C PRO C 36 21.48 -73.18 15.23
N ASN C 37 20.51 -74.07 15.01
CA ASN C 37 19.24 -73.72 14.37
C ASN C 37 18.15 -73.73 15.43
N TYR C 38 16.91 -73.54 14.98
CA TYR C 38 15.77 -73.55 15.90
C TYR C 38 15.60 -74.90 16.58
N ASP C 39 16.19 -75.96 16.02
CA ASP C 39 15.98 -77.31 16.54
C ASP C 39 16.49 -77.45 17.97
N VAL C 40 17.67 -76.89 18.25
CA VAL C 40 18.36 -77.13 19.51
C VAL C 40 18.15 -75.97 20.49
N GLN C 41 17.19 -75.09 20.21
CA GLN C 41 16.89 -73.98 21.12
C GLN C 41 16.44 -74.51 22.48
N LYS C 42 15.60 -75.54 22.48
CA LYS C 42 15.15 -76.13 23.73
C LYS C 42 16.31 -76.68 24.55
N HIS C 43 17.24 -77.36 23.88
CA HIS C 43 18.37 -77.95 24.60
C HIS C 43 19.31 -76.88 25.13
N ILE C 44 19.55 -75.82 24.36
CA ILE C 44 20.41 -74.76 24.85
C ILE C 44 19.76 -74.03 26.03
N ASN C 45 18.44 -73.84 25.98
CA ASN C 45 17.74 -73.26 27.11
C ASN C 45 17.81 -74.19 28.32
N LYS C 46 17.75 -75.49 28.10
CA LYS C 46 17.94 -76.45 29.18
C LYS C 46 19.31 -76.30 29.81
N LEU C 47 20.34 -76.13 28.98
CA LEU C 47 21.70 -75.96 29.50
C LEU C 47 21.82 -74.69 30.32
N CYS C 48 21.22 -73.59 29.83
CA CYS C 48 21.23 -72.35 30.59
C CYS C 48 20.51 -72.51 31.92
N GLY C 49 19.37 -73.20 31.92
CA GLY C 49 18.66 -73.43 33.16
C GLY C 49 19.44 -74.27 34.15
N MET C 50 20.13 -75.31 33.65
CA MET C 50 20.98 -76.12 34.52
C MET C 50 22.10 -75.29 35.12
N LEU C 51 22.69 -74.39 34.33
CA LEU C 51 23.69 -73.48 34.89
C LEU C 51 23.07 -72.58 35.95
N LEU C 52 21.84 -72.11 35.74
CA LEU C 52 21.23 -71.17 36.66
C LEU C 52 20.83 -71.83 37.99
N ILE C 53 20.31 -73.06 37.95
CA ILE C 53 19.87 -73.70 39.20
C ILE C 53 21.04 -74.30 39.99
N THR C 54 22.25 -74.24 39.47
CA THR C 54 23.42 -74.83 40.12
C THR C 54 24.03 -73.79 41.05
N GLU C 55 23.88 -73.98 42.37
CA GLU C 55 24.57 -73.07 43.27
C GLU C 55 26.07 -73.28 43.26
N ASP C 56 26.80 -72.26 43.72
CA ASP C 56 28.27 -72.28 43.70
C ASP C 56 28.79 -72.74 42.35
N ALA C 57 28.22 -72.17 41.28
CA ALA C 57 28.41 -72.69 39.95
C ALA C 57 29.71 -72.22 39.33
N ASN C 58 30.08 -72.89 38.24
CA ASN C 58 31.24 -72.52 37.43
C ASN C 58 30.71 -71.87 36.16
N HIS C 59 30.90 -70.56 36.03
CA HIS C 59 30.41 -69.82 34.87
C HIS C 59 31.49 -69.53 33.85
N LYS C 60 32.48 -70.42 33.71
CA LYS C 60 33.54 -70.18 32.74
C LYS C 60 33.01 -70.21 31.31
N PHE C 61 31.93 -70.94 31.05
CA PHE C 61 31.44 -71.16 29.70
C PHE C 61 30.08 -70.51 29.47
N THR C 62 29.61 -69.68 30.40
CA THR C 62 28.26 -69.13 30.29
C THR C 62 28.15 -68.15 29.13
N GLY C 63 29.21 -67.40 28.85
CA GLY C 63 29.17 -66.46 27.73
C GLY C 63 28.98 -67.16 26.41
N LEU C 64 29.71 -68.25 26.19
CA LEU C 64 29.57 -69.01 24.95
C LEU C 64 28.19 -69.64 24.83
N ILE C 65 27.66 -70.14 25.95
CA ILE C 65 26.34 -70.77 25.91
C ILE C 65 25.26 -69.74 25.64
N GLY C 66 25.39 -68.55 26.23
CA GLY C 66 24.46 -67.48 25.92
C GLY C 66 24.53 -67.05 24.46
N MET C 67 25.75 -66.98 23.91
CA MET C 67 25.89 -66.68 22.49
C MET C 67 25.24 -67.74 21.63
N LEU C 68 25.41 -69.01 22.00
CA LEU C 68 24.76 -70.09 21.27
C LEU C 68 23.24 -69.97 21.34
N TYR C 69 22.71 -69.62 22.51
CA TYR C 69 21.27 -69.46 22.64
C TYR C 69 20.76 -68.31 21.77
N ALA C 70 21.47 -67.18 21.76
CA ALA C 70 21.08 -66.07 20.92
C ALA C 70 21.10 -66.47 19.44
N MET C 71 22.16 -67.16 19.03
CA MET C 71 22.27 -67.60 17.63
C MET C 71 21.22 -68.64 17.27
N SER C 72 20.79 -69.48 18.21
CA SER C 72 19.72 -70.43 17.94
C SER C 72 18.37 -69.73 17.83
N ARG C 73 18.17 -68.67 18.62
CA ARG C 73 16.96 -67.86 18.45
C ARG C 73 16.93 -67.18 17.09
N LEU C 74 18.07 -66.66 16.64
CA LEU C 74 18.11 -66.03 15.33
C LEU C 74 17.86 -67.05 14.22
N GLY C 75 18.37 -68.26 14.39
CA GLY C 75 18.35 -69.28 13.37
C GLY C 75 19.64 -69.32 12.59
N ARG C 76 19.90 -70.46 11.97
CA ARG C 76 21.17 -70.64 11.24
C ARG C 76 21.23 -69.73 10.01
N GLU C 77 20.13 -69.61 9.28
CA GLU C 77 20.12 -68.78 8.09
C GLU C 77 20.48 -67.33 8.45
N ASP C 78 19.79 -66.77 9.45
CA ASP C 78 20.03 -65.38 9.81
C ASP C 78 21.39 -65.18 10.46
N THR C 79 21.85 -66.16 11.23
CA THR C 79 23.20 -66.04 11.80
C THR C 79 24.25 -66.00 10.70
N ILE C 80 24.13 -66.89 9.72
CA ILE C 80 25.07 -66.90 8.60
C ILE C 80 24.99 -65.59 7.83
N LYS C 81 23.77 -65.11 7.57
CA LYS C 81 23.62 -63.87 6.83
C LYS C 81 24.20 -62.68 7.58
N ILE C 82 24.03 -62.64 8.89
CA ILE C 82 24.64 -61.60 9.71
C ILE C 82 26.15 -61.65 9.59
N LEU C 83 26.73 -62.85 9.68
CA LEU C 83 28.19 -62.95 9.62
C LEU C 83 28.73 -62.52 8.27
N ARG C 84 28.05 -62.90 7.18
CA ARG C 84 28.47 -62.39 5.87
C ARG C 84 28.33 -60.87 5.77
N ASP C 85 27.19 -60.32 6.19
CA ASP C 85 26.99 -58.89 6.07
C ASP C 85 27.99 -58.10 6.91
N ALA C 86 28.45 -58.67 8.02
CA ALA C 86 29.49 -58.02 8.80
C ALA C 86 30.85 -58.11 8.12
N GLY C 87 30.98 -58.90 7.05
CA GLY C 87 32.22 -59.02 6.34
C GLY C 87 33.17 -60.04 6.96
N TYR C 88 32.69 -61.27 7.12
CA TYR C 88 33.47 -62.34 7.72
C TYR C 88 33.43 -63.57 6.83
N HIS C 89 34.55 -64.29 6.78
CA HIS C 89 34.58 -65.64 6.23
C HIS C 89 34.35 -66.62 7.38
N VAL C 90 33.27 -67.38 7.29
CA VAL C 90 32.82 -68.21 8.39
C VAL C 90 32.73 -69.66 7.93
N LYS C 91 33.25 -70.55 8.76
CA LYS C 91 33.08 -71.99 8.59
C LYS C 91 31.82 -72.37 9.36
N ALA C 92 30.70 -72.46 8.66
CA ALA C 92 29.43 -72.76 9.31
C ALA C 92 29.43 -74.21 9.79
N ASN C 93 29.29 -74.39 11.11
CA ASN C 93 29.35 -75.69 11.74
C ASN C 93 27.94 -76.10 12.17
N GLY C 94 27.48 -77.23 11.65
CA GLY C 94 26.16 -77.71 12.00
C GLY C 94 26.12 -78.21 13.42
N VAL C 95 25.07 -77.84 14.16
CA VAL C 95 24.87 -78.27 15.53
C VAL C 95 23.65 -79.16 15.58
N ASP C 96 23.83 -80.37 16.10
CA ASP C 96 22.73 -81.30 16.27
C ASP C 96 22.92 -82.05 17.57
N VAL C 97 21.83 -82.58 18.07
CA VAL C 97 21.80 -83.22 19.38
C VAL C 97 22.06 -84.71 19.22
N THR C 98 22.86 -85.26 20.14
CA THR C 98 23.13 -86.69 20.17
C THR C 98 23.23 -87.14 21.61
N THR C 99 23.17 -88.46 21.80
CA THR C 99 23.30 -89.07 23.12
C THR C 99 24.71 -89.57 23.36
N HIS C 100 25.16 -89.47 24.60
CA HIS C 100 26.45 -89.99 25.04
C HIS C 100 26.21 -90.81 26.29
N ARG C 101 26.83 -91.98 26.36
CA ARG C 101 26.65 -92.90 27.47
C ARG C 101 27.96 -92.99 28.24
N GLN C 102 27.92 -92.73 29.54
CA GLN C 102 29.11 -92.94 30.37
C GLN C 102 28.71 -93.42 31.75
N ASP C 103 29.67 -94.03 32.43
CA ASP C 103 29.47 -94.65 33.74
C ASP C 103 30.11 -93.76 34.81
N ILE C 104 29.27 -93.08 35.58
CA ILE C 104 29.71 -92.33 36.74
C ILE C 104 29.09 -92.97 37.97
N ASN C 105 29.84 -93.00 39.08
CA ASN C 105 29.43 -93.69 40.30
C ASN C 105 29.25 -95.19 40.04
N GLY C 106 29.92 -95.70 39.02
CA GLY C 106 29.77 -97.09 38.64
C GLY C 106 28.42 -97.46 38.06
N LYS C 107 27.69 -96.48 37.53
CA LYS C 107 26.35 -96.70 37.00
C LYS C 107 26.25 -96.13 35.60
N GLU C 108 25.62 -96.88 34.70
CA GLU C 108 25.39 -96.45 33.33
C GLU C 108 24.46 -95.24 33.34
N MET C 109 24.79 -94.22 32.56
CA MET C 109 24.00 -93.00 32.56
C MET C 109 23.79 -92.44 31.16
N LYS C 110 22.57 -91.96 30.96
CA LYS C 110 22.12 -91.40 29.69
C LYS C 110 22.20 -89.88 29.74
N PHE C 111 23.03 -89.31 28.86
CA PHE C 111 23.11 -87.87 28.67
C PHE C 111 22.82 -87.53 27.22
N GLU C 112 22.14 -86.40 27.02
CA GLU C 112 21.83 -85.87 25.70
C GLU C 112 22.59 -84.57 25.53
N VAL C 113 23.54 -84.55 24.61
CA VAL C 113 24.45 -83.42 24.45
C VAL C 113 24.39 -82.92 23.01
N LEU C 114 25.16 -81.87 22.74
CA LEU C 114 25.20 -81.21 21.44
C LEU C 114 26.57 -81.36 20.81
N THR C 115 26.61 -81.39 19.48
CA THR C 115 27.87 -81.39 18.74
C THR C 115 28.33 -79.95 18.55
N LEU C 116 29.04 -79.43 19.54
CA LEU C 116 29.61 -78.09 19.48
C LEU C 116 31.12 -78.20 19.45
N ALA C 117 31.73 -77.60 18.44
CA ALA C 117 33.19 -77.61 18.36
C ALA C 117 33.81 -76.75 19.46
N SER C 118 33.13 -75.68 19.86
CA SER C 118 33.66 -74.79 20.88
C SER C 118 33.44 -75.32 22.29
N LEU C 119 32.48 -76.21 22.47
CA LEU C 119 32.10 -76.70 23.79
C LEU C 119 32.15 -78.22 23.78
N THR C 120 33.08 -78.79 24.55
CA THR C 120 33.28 -80.23 24.53
C THR C 120 32.18 -80.95 25.30
N THR C 121 32.09 -82.26 25.07
CA THR C 121 31.07 -83.08 25.72
C THR C 121 31.26 -83.15 27.22
N GLU C 122 32.52 -83.23 27.68
CA GLU C 122 32.79 -83.30 29.11
C GLU C 122 32.19 -82.12 29.85
N ILE C 123 32.27 -80.93 29.25
CA ILE C 123 31.79 -79.72 29.92
C ILE C 123 30.28 -79.79 30.12
N GLN C 124 29.54 -80.19 29.09
CA GLN C 124 28.10 -80.32 29.20
C GLN C 124 27.71 -81.40 30.20
N ILE C 125 28.42 -82.53 30.18
CA ILE C 125 28.16 -83.61 31.12
C ILE C 125 28.36 -83.10 32.55
N ASN C 126 29.45 -82.38 32.79
CA ASN C 126 29.74 -81.91 34.14
C ASN C 126 28.73 -80.85 34.57
N ILE C 127 28.28 -80.01 33.64
CA ILE C 127 27.22 -79.06 33.94
C ILE C 127 25.98 -79.80 34.41
N GLU C 128 25.60 -80.86 33.68
CA GLU C 128 24.43 -81.64 34.11
C GLU C 128 24.66 -82.29 35.46
N ILE C 129 25.85 -82.81 35.73
CA ILE C 129 26.12 -83.46 37.00
C ILE C 129 25.97 -82.47 38.15
N GLU C 130 26.60 -81.30 38.01
CA GLU C 130 26.52 -80.30 39.07
C GLU C 130 25.08 -79.84 39.28
N SER C 131 24.35 -79.62 38.19
CA SER C 131 22.95 -79.21 38.29
C SER C 131 22.11 -80.27 38.98
N ARG C 132 22.31 -81.54 38.61
CA ARG C 132 21.52 -82.61 39.20
C ARG C 132 21.77 -82.73 40.69
N LYS C 133 23.03 -82.66 41.14
CA LYS C 133 23.27 -82.86 42.56
C LYS C 133 22.87 -81.63 43.37
N SER C 134 23.01 -80.43 42.79
CA SER C 134 22.48 -79.25 43.47
C SER C 134 20.96 -79.31 43.58
N TYR C 135 20.30 -79.77 42.52
CA TYR C 135 18.85 -79.97 42.55
C TYR C 135 18.46 -80.98 43.61
N LYS C 136 19.21 -82.08 43.71
CA LYS C 136 18.94 -83.09 44.74
C LYS C 136 19.07 -82.49 46.13
N LYS C 137 20.14 -81.74 46.37
CA LYS C 137 20.37 -81.16 47.70
C LYS C 137 19.29 -80.16 48.05
N MET C 138 18.89 -79.32 47.09
CA MET C 138 17.90 -78.29 47.40
C MET C 138 16.50 -78.89 47.53
N LEU C 139 16.21 -79.95 46.76
CA LEU C 139 14.96 -80.67 46.94
C LEU C 139 14.92 -81.34 48.30
N LYS C 140 16.04 -81.88 48.76
CA LYS C 140 16.12 -82.43 50.10
C LYS C 140 15.89 -81.35 51.15
N GLU C 141 16.46 -80.17 50.94
CA GLU C 141 16.39 -79.11 51.94
C GLU C 141 15.05 -78.37 51.96
N MET C 142 14.22 -78.49 50.92
CA MET C 142 12.91 -77.85 50.98
C MET C 142 11.74 -78.76 50.58
N GLY C 143 11.99 -80.02 50.24
CA GLY C 143 10.91 -80.97 50.09
C GLY C 143 10.34 -81.14 48.69
N GLU C 144 9.75 -80.10 48.13
CA GLU C 144 9.14 -80.17 46.81
C GLU C 144 9.50 -78.93 46.00
N VAL C 145 9.81 -79.13 44.73
CA VAL C 145 10.18 -78.03 43.84
C VAL C 145 8.96 -77.47 43.13
N ALA C 146 9.12 -76.30 42.55
CA ALA C 146 8.11 -75.63 41.72
C ALA C 146 8.73 -75.35 40.37
N PRO C 147 7.91 -75.07 39.35
CA PRO C 147 8.48 -74.64 38.07
C PRO C 147 9.37 -73.42 38.17
N GLU C 148 9.29 -72.68 39.28
CA GLU C 148 10.20 -71.56 39.51
C GLU C 148 11.64 -72.05 39.67
N TYR C 149 11.84 -73.15 40.41
CA TYR C 149 13.16 -73.70 40.68
C TYR C 149 13.38 -74.88 39.73
N ARG C 150 13.72 -74.60 38.48
CA ARG C 150 14.04 -75.67 37.54
C ARG C 150 14.70 -75.08 36.29
N HIS C 151 15.33 -75.98 35.53
CA HIS C 151 15.96 -75.63 34.25
C HIS C 151 14.97 -75.59 33.09
N ASP C 152 13.76 -76.10 33.27
CA ASP C 152 12.80 -76.17 32.18
C ASP C 152 12.06 -74.86 31.94
N SER C 153 12.31 -73.84 32.75
CA SER C 153 11.69 -72.54 32.53
C SER C 153 12.12 -71.98 31.17
N PRO C 154 11.21 -71.36 30.41
CA PRO C 154 11.56 -70.90 29.07
C PRO C 154 12.34 -69.59 29.03
N ASP C 155 12.69 -69.02 30.18
CA ASP C 155 13.37 -67.72 30.23
C ASP C 155 14.74 -67.81 30.91
N CYS C 156 15.21 -69.03 31.19
CA CYS C 156 16.51 -69.18 31.84
C CYS C 156 17.63 -68.66 30.94
N GLY C 157 17.57 -68.94 29.65
CA GLY C 157 18.54 -68.37 28.73
C GLY C 157 18.42 -66.86 28.61
N MET C 158 17.20 -66.34 28.68
CA MET C 158 17.00 -64.91 28.51
C MET C 158 17.47 -64.11 29.72
N ILE C 159 17.51 -64.72 30.91
CA ILE C 159 18.14 -64.05 32.05
C ILE C 159 19.64 -63.86 31.80
N ILE C 160 20.30 -64.91 31.33
CA ILE C 160 21.71 -64.81 30.98
C ILE C 160 21.91 -63.75 29.91
N LEU C 161 21.01 -63.70 28.94
CA LEU C 161 21.12 -62.67 27.91
C LEU C 161 20.83 -61.27 28.45
N CYS C 162 20.05 -61.16 29.54
CA CYS C 162 19.91 -59.87 30.22
C CYS C 162 21.24 -59.42 30.82
N ILE C 163 21.95 -60.34 31.46
CA ILE C 163 23.29 -60.01 31.95
C ILE C 163 24.19 -59.59 30.80
N ALA C 164 24.09 -60.29 29.67
CA ALA C 164 24.86 -59.92 28.48
C ALA C 164 24.49 -58.52 28.00
N ALA C 165 23.20 -58.17 28.08
CA ALA C 165 22.77 -56.84 27.65
C ALA C 165 23.36 -55.76 28.53
N LEU C 166 23.43 -55.99 29.85
CA LEU C 166 24.10 -55.04 30.72
C LEU C 166 25.58 -54.89 30.37
N VAL C 167 26.25 -56.02 30.12
CA VAL C 167 27.65 -55.97 29.70
C VAL C 167 27.79 -55.17 28.42
N ILE C 168 26.86 -55.34 27.49
CA ILE C 168 26.89 -54.58 26.24
C ILE C 168 26.74 -53.10 26.51
N THR C 169 25.83 -52.73 27.42
CA THR C 169 25.69 -51.32 27.77
C THR C 169 27.02 -50.73 28.24
N LYS C 170 27.78 -51.50 29.01
CA LYS C 170 29.05 -50.99 29.53
C LYS C 170 30.26 -51.31 28.66
N LEU C 171 30.08 -51.96 27.51
CA LEU C 171 31.21 -52.28 26.65
C LEU C 171 31.92 -51.07 26.10
N ALA C 172 31.23 -49.95 25.91
CA ALA C 172 31.84 -48.81 25.23
C ALA C 172 32.97 -48.17 26.04
N ALA C 173 33.11 -48.53 27.32
CA ALA C 173 34.18 -47.98 28.15
C ALA C 173 35.56 -48.48 27.74
N GLY C 174 35.64 -49.51 26.90
CA GLY C 174 36.90 -50.00 26.39
C GLY C 174 37.57 -51.06 27.23
N ASP C 175 37.07 -51.36 28.41
CA ASP C 175 37.65 -52.38 29.29
C ASP C 175 36.57 -52.81 30.28
N ARG C 176 36.98 -53.59 31.28
CA ARG C 176 36.05 -54.08 32.28
C ARG C 176 35.95 -53.14 33.47
N SER C 177 35.73 -51.86 33.20
CA SER C 177 35.56 -50.87 34.25
C SER C 177 34.10 -50.68 34.62
N GLY C 178 33.17 -51.14 33.80
CA GLY C 178 31.76 -51.04 34.10
C GLY C 178 31.23 -52.29 34.76
N LEU C 179 32.12 -53.14 35.25
CA LEU C 179 31.70 -54.37 35.90
C LEU C 179 30.89 -54.08 37.16
N THR C 180 31.32 -53.10 37.94
CA THR C 180 30.59 -52.74 39.16
C THR C 180 29.19 -52.23 38.82
N ALA C 181 29.07 -51.41 37.77
CA ALA C 181 27.76 -50.94 37.35
C ALA C 181 26.89 -52.09 36.88
N VAL C 182 27.49 -53.04 36.16
CA VAL C 182 26.74 -54.21 35.71
C VAL C 182 26.21 -54.99 36.90
N ILE C 183 27.04 -55.21 37.91
CA ILE C 183 26.60 -55.96 39.09
C ILE C 183 25.51 -55.20 39.83
N ARG C 184 25.67 -53.89 39.99
CA ARG C 184 24.68 -53.10 40.70
C ARG C 184 23.33 -53.12 39.98
N ARG C 185 23.34 -52.95 38.65
CA ARG C 185 22.09 -52.95 37.92
C ARG C 185 21.47 -54.34 37.85
N ALA C 186 22.30 -55.39 37.83
CA ALA C 186 21.77 -56.76 37.85
C ALA C 186 21.28 -57.16 39.22
N ASN C 187 21.65 -56.41 40.27
CA ASN C 187 21.04 -56.63 41.57
C ASN C 187 19.74 -55.83 41.72
N ASN C 188 19.72 -54.60 41.20
CA ASN C 188 18.47 -53.84 41.19
C ASN C 188 17.41 -54.53 40.36
N VAL C 189 17.66 -54.66 39.06
CA VAL C 189 16.83 -55.51 38.22
C VAL C 189 17.12 -56.96 38.58
N LEU C 190 16.17 -57.85 38.28
CA LEU C 190 16.38 -59.30 38.40
C LEU C 190 16.61 -59.76 39.84
N LYS C 191 16.12 -59.00 40.83
CA LYS C 191 16.31 -59.43 42.22
C LYS C 191 15.44 -60.64 42.55
N ASN C 192 14.23 -60.70 42.00
CA ASN C 192 13.40 -61.89 42.16
C ASN C 192 14.10 -63.11 41.58
N GLU C 193 14.72 -62.98 40.42
CA GLU C 193 15.49 -64.10 39.86
C GLU C 193 16.67 -64.45 40.73
N MET C 194 17.37 -63.46 41.27
CA MET C 194 18.52 -63.75 42.12
C MET C 194 18.09 -64.44 43.41
N LYS C 195 16.83 -64.26 43.82
CA LYS C 195 16.23 -65.21 44.76
C LYS C 195 16.09 -66.59 44.14
N ARG C 196 15.35 -66.65 43.02
CA ARG C 196 14.84 -67.90 42.47
C ARG C 196 15.94 -68.82 41.96
N TYR C 197 17.03 -68.27 41.42
CA TYR C 197 18.08 -69.09 40.84
C TYR C 197 19.34 -69.07 41.70
N LYS C 198 19.82 -70.27 42.04
CA LYS C 198 20.97 -70.41 42.92
C LYS C 198 22.26 -69.96 42.27
N GLY C 199 22.42 -70.21 40.97
CA GLY C 199 23.62 -69.92 40.23
C GLY C 199 23.62 -68.63 39.47
N LEU C 200 22.62 -67.78 39.67
CA LEU C 200 22.56 -66.48 39.01
C LEU C 200 23.53 -65.57 39.75
N LEU C 201 24.80 -65.69 39.40
CA LEU C 201 25.83 -64.83 39.97
C LEU C 201 26.18 -63.77 38.94
N PRO C 202 25.77 -62.52 39.12
CA PRO C 202 25.98 -61.52 38.07
C PRO C 202 27.43 -61.31 37.70
N LYS C 203 28.35 -61.35 38.67
CA LYS C 203 29.74 -61.03 38.38
C LYS C 203 30.39 -62.07 37.50
N ASP C 204 30.15 -63.36 37.79
CA ASP C 204 30.77 -64.43 37.02
C ASP C 204 30.25 -64.44 35.59
N ILE C 205 28.93 -64.29 35.41
CA ILE C 205 28.36 -64.26 34.06
C ILE C 205 28.85 -63.02 33.31
N ALA C 206 28.94 -61.89 34.00
CA ALA C 206 29.42 -60.68 33.35
C ALA C 206 30.87 -60.83 32.91
N ASN C 207 31.70 -61.45 33.74
CA ASN C 207 33.09 -61.68 33.35
C ASN C 207 33.18 -62.64 32.18
N SER C 208 32.33 -63.67 32.15
CA SER C 208 32.32 -64.59 31.03
C SER C 208 31.94 -63.88 29.75
N PHE C 209 30.94 -63.00 29.80
CA PHE C 209 30.53 -62.29 28.60
C PHE C 209 31.58 -61.28 28.16
N TYR C 210 32.23 -60.61 29.12
CA TYR C 210 33.35 -59.75 28.79
C TYR C 210 34.44 -60.52 28.05
N GLU C 211 34.80 -61.70 28.57
CA GLU C 211 35.81 -62.52 27.92
C GLU C 211 35.41 -62.91 26.52
N VAL C 212 34.17 -63.39 26.34
CA VAL C 212 33.78 -63.88 25.02
C VAL C 212 33.68 -62.72 24.03
N PHE C 213 33.29 -61.53 24.49
CA PHE C 213 33.24 -60.38 23.58
C PHE C 213 34.64 -59.91 23.23
N GLU C 214 35.59 -60.04 24.16
CA GLU C 214 36.97 -59.66 23.85
C GLU C 214 37.61 -60.62 22.86
N LYS C 215 37.39 -61.93 23.05
CA LYS C 215 38.06 -62.91 22.20
C LYS C 215 37.45 -62.94 20.80
N HIS C 216 36.12 -62.85 20.70
CA HIS C 216 35.40 -62.96 19.43
C HIS C 216 34.65 -61.67 19.15
N PRO C 217 35.26 -60.72 18.45
CA PRO C 217 34.55 -59.47 18.12
C PRO C 217 33.34 -59.66 17.23
N HIS C 218 33.24 -60.77 16.49
CA HIS C 218 32.05 -61.00 15.68
C HIS C 218 30.84 -61.37 16.53
N PHE C 219 31.08 -61.87 17.75
CA PHE C 219 29.96 -62.16 18.64
C PHE C 219 29.28 -60.89 19.11
N ILE C 220 30.01 -59.78 19.18
CA ILE C 220 29.37 -58.50 19.50
C ILE C 220 28.38 -58.12 18.41
N ASP C 221 28.79 -58.27 17.15
CA ASP C 221 27.89 -57.97 16.04
C ASP C 221 26.68 -58.90 16.06
N VAL C 222 26.92 -60.19 16.27
CA VAL C 222 25.81 -61.15 16.31
C VAL C 222 24.85 -60.82 17.43
N PHE C 223 25.38 -60.49 18.62
CA PHE C 223 24.51 -60.20 19.76
C PHE C 223 23.75 -58.90 19.56
N VAL C 224 24.38 -57.89 18.98
CA VAL C 224 23.68 -56.63 18.75
C VAL C 224 22.53 -56.82 17.78
N HIS C 225 22.77 -57.58 16.72
CA HIS C 225 21.68 -57.79 15.76
C HIS C 225 20.62 -58.74 16.31
N PHE C 226 21.00 -59.69 17.16
CA PHE C 226 20.01 -60.48 17.86
C PHE C 226 19.15 -59.61 18.78
N GLY C 227 19.77 -58.68 19.49
CA GLY C 227 19.01 -57.80 20.36
C GLY C 227 18.07 -56.90 19.59
N ILE C 228 18.49 -56.45 18.40
CA ILE C 228 17.61 -55.64 17.57
C ILE C 228 16.45 -56.49 17.05
N ALA C 229 16.72 -57.73 16.64
CA ALA C 229 15.65 -58.59 16.15
C ALA C 229 14.68 -58.97 17.27
N GLN C 230 15.21 -59.23 18.46
CA GLN C 230 14.35 -59.53 19.61
C GLN C 230 13.48 -58.35 19.98
N SER C 231 14.05 -57.14 19.95
CA SER C 231 13.30 -55.94 20.27
C SER C 231 12.30 -55.56 19.19
N SER C 232 12.33 -56.21 18.04
CA SER C 232 11.38 -55.97 16.96
C SER C 232 10.20 -56.92 17.00
N THR C 233 10.09 -57.75 18.03
CA THR C 233 8.97 -58.67 18.12
C THR C 233 7.70 -57.95 18.55
N ARG C 234 6.57 -58.62 18.33
CA ARG C 234 5.27 -58.08 18.70
C ARG C 234 5.00 -58.16 20.19
N GLY C 235 5.72 -59.01 20.91
CA GLY C 235 5.52 -59.16 22.33
C GLY C 235 6.27 -60.37 22.85
N GLY C 236 6.09 -60.63 24.13
CA GLY C 236 6.77 -61.76 24.75
C GLY C 236 6.51 -61.78 26.24
N SER C 237 7.35 -62.54 26.95
CA SER C 237 7.25 -62.67 28.39
C SER C 237 7.81 -61.42 29.06
N ARG C 238 7.79 -61.41 30.40
CA ARG C 238 8.28 -60.24 31.11
C ARG C 238 9.80 -60.21 31.13
N VAL C 239 10.44 -61.38 31.10
CA VAL C 239 11.90 -61.42 31.03
C VAL C 239 12.40 -60.90 29.70
N GLU C 240 11.68 -61.18 28.61
CA GLU C 240 12.04 -60.62 27.32
C GLU C 240 11.84 -59.10 27.32
N GLY C 241 10.82 -58.61 28.01
CA GLY C 241 10.66 -57.18 28.17
C GLY C 241 11.81 -56.56 28.95
N ILE C 242 12.26 -57.24 30.00
CA ILE C 242 13.42 -56.77 30.74
C ILE C 242 14.65 -56.72 29.84
N PHE C 243 14.85 -57.77 29.03
CA PHE C 243 15.98 -57.79 28.12
C PHE C 243 15.91 -56.64 27.12
N ALA C 244 14.72 -56.38 26.58
CA ALA C 244 14.58 -55.29 25.62
C ALA C 244 14.87 -53.95 26.27
N GLY C 245 14.38 -53.74 27.49
CA GLY C 245 14.64 -52.50 28.19
C GLY C 245 16.11 -52.31 28.50
N LEU C 246 16.79 -53.38 28.92
CA LEU C 246 18.22 -53.29 29.21
C LEU C 246 19.05 -53.15 27.95
N PHE C 247 18.60 -53.73 26.84
CA PHE C 247 19.33 -53.62 25.58
C PHE C 247 19.21 -52.23 24.99
N MET C 248 18.03 -51.61 25.05
CA MET C 248 17.93 -50.27 24.52
C MET C 248 18.55 -49.25 25.46
N ASN C 249 18.93 -49.66 26.67
CA ASN C 249 19.77 -48.82 27.51
C ASN C 249 21.16 -48.64 26.92
N ALA C 250 21.56 -49.51 26.01
CA ALA C 250 22.86 -49.42 25.36
C ALA C 250 22.84 -48.51 24.13
N TYR C 251 21.67 -48.08 23.68
CA TYR C 251 21.59 -47.20 22.54
C TYR C 251 22.21 -45.85 22.88
N GLY C 252 23.13 -45.40 22.04
CA GLY C 252 23.83 -44.16 22.29
C GLY C 252 25.00 -44.27 23.23
N ALA C 253 25.41 -45.47 23.60
CA ALA C 253 26.58 -45.64 24.44
C ALA C 253 27.83 -45.21 23.69
N GLY C 254 28.69 -44.47 24.36
CA GLY C 254 29.85 -43.88 23.73
C GLY C 254 29.60 -42.54 23.08
N GLN C 255 28.38 -42.03 23.14
CA GLN C 255 28.02 -40.75 22.54
C GLN C 255 27.27 -39.88 23.53
N VAL C 256 27.72 -39.87 24.79
CA VAL C 256 27.03 -39.10 25.82
C VAL C 256 27.15 -37.60 25.56
N MET C 257 28.22 -37.16 24.90
CA MET C 257 28.46 -35.73 24.75
C MET C 257 27.42 -35.09 23.84
N LEU C 258 26.89 -35.83 22.87
CA LEU C 258 25.83 -35.30 22.03
C LEU C 258 24.59 -35.01 22.86
N ARG C 259 24.20 -35.95 23.71
CA ARG C 259 23.04 -35.75 24.58
C ARG C 259 23.27 -34.62 25.57
N TRP C 260 24.49 -34.54 26.13
CA TRP C 260 24.77 -33.46 27.08
C TRP C 260 24.85 -32.10 26.38
N GLY C 261 25.24 -32.07 25.11
CA GLY C 261 25.19 -30.83 24.37
C GLY C 261 23.77 -30.38 24.10
N VAL C 262 22.89 -31.32 23.75
CA VAL C 262 21.48 -30.98 23.61
C VAL C 262 20.93 -30.47 24.94
N LEU C 263 21.36 -31.08 26.04
CA LEU C 263 20.94 -30.63 27.36
C LEU C 263 21.42 -29.22 27.65
N ALA C 264 22.69 -28.93 27.34
CA ALA C 264 23.22 -27.59 27.58
C ALA C 264 22.51 -26.55 26.72
N LYS C 265 22.07 -26.94 25.53
CA LYS C 265 21.24 -26.05 24.74
C LYS C 265 19.89 -25.84 25.41
N SER C 266 19.32 -26.90 26.00
CA SER C 266 17.99 -26.80 26.58
C SER C 266 17.98 -25.91 27.82
N VAL C 267 18.97 -26.06 28.71
CA VAL C 267 19.04 -25.20 29.89
C VAL C 267 19.61 -23.83 29.57
N LYS C 268 20.01 -23.59 28.32
CA LYS C 268 20.35 -22.26 27.82
C LYS C 268 21.54 -21.67 28.56
N ASN C 269 22.60 -22.47 28.69
CA ASN C 269 23.81 -22.02 29.35
C ASN C 269 24.40 -20.83 28.60
N ILE C 270 24.83 -19.83 29.36
CA ILE C 270 25.31 -18.59 28.73
C ILE C 270 26.65 -18.78 28.04
N MET C 271 27.51 -19.64 28.59
CA MET C 271 28.83 -19.82 27.98
C MET C 271 28.78 -20.45 26.60
N LEU C 272 27.60 -20.74 26.08
CA LEU C 272 27.47 -21.07 24.67
C LEU C 272 27.57 -19.83 23.80
N GLY C 273 27.51 -18.65 24.40
CA GLY C 273 27.69 -17.39 23.73
C GLY C 273 29.10 -16.85 23.72
N HIS C 274 30.06 -17.60 24.27
CA HIS C 274 31.46 -17.20 24.24
C HIS C 274 31.96 -17.15 22.80
N ALA C 275 33.10 -16.50 22.60
CA ALA C 275 33.62 -16.28 21.25
C ALA C 275 34.06 -17.58 20.60
N SER C 276 34.85 -18.39 21.31
CA SER C 276 35.40 -19.60 20.72
C SER C 276 34.31 -20.65 20.48
N VAL C 277 33.34 -20.74 21.39
CA VAL C 277 32.22 -21.65 21.17
C VAL C 277 31.48 -21.28 19.91
N GLN C 278 31.23 -19.99 19.70
CA GLN C 278 30.54 -19.56 18.49
C GLN C 278 31.41 -19.75 17.26
N ALA C 279 32.74 -19.73 17.43
CA ALA C 279 33.61 -20.09 16.32
C ALA C 279 33.42 -21.53 15.90
N GLU C 280 33.28 -22.43 16.88
CA GLU C 280 33.14 -23.85 16.56
C GLU C 280 31.71 -24.28 16.23
N MET C 281 30.72 -23.41 16.44
CA MET C 281 29.33 -23.81 16.28
C MET C 281 29.03 -24.33 14.87
N GLU C 282 29.74 -23.86 13.86
CA GLU C 282 29.47 -24.32 12.50
C GLU C 282 29.70 -25.82 12.38
N GLN C 283 30.88 -26.27 12.80
CA GLN C 283 31.19 -27.70 12.72
C GLN C 283 30.42 -28.50 13.76
N VAL C 284 30.05 -27.88 14.88
CA VAL C 284 29.20 -28.59 15.84
C VAL C 284 27.84 -28.91 15.22
N VAL C 285 27.23 -27.94 14.56
CA VAL C 285 25.95 -28.19 13.88
C VAL C 285 26.15 -29.19 12.75
N GLU C 286 27.31 -29.13 12.08
CA GLU C 286 27.66 -30.15 11.10
C GLU C 286 27.58 -31.55 11.70
N VAL C 287 28.20 -31.76 12.86
CA VAL C 287 28.21 -33.07 13.49
C VAL C 287 26.80 -33.50 13.89
N TYR C 288 26.01 -32.58 14.43
CA TYR C 288 24.66 -32.94 14.85
C TYR C 288 23.78 -33.31 13.66
N GLU C 289 23.89 -32.57 12.56
CA GLU C 289 23.15 -32.92 11.35
C GLU C 289 23.60 -34.27 10.81
N TYR C 290 24.89 -34.56 10.92
CA TYR C 290 25.38 -35.88 10.52
C TYR C 290 24.76 -36.98 11.37
N ALA C 291 24.69 -36.78 12.67
CA ALA C 291 24.12 -37.78 13.56
C ALA C 291 22.66 -38.03 13.23
N GLN C 292 21.92 -36.95 12.95
CA GLN C 292 20.51 -37.10 12.58
C GLN C 292 20.34 -37.79 11.23
N LYS C 293 21.20 -37.50 10.26
CA LYS C 293 21.12 -38.17 8.97
C LYS C 293 21.40 -39.66 9.11
N LEU C 294 22.36 -40.01 9.96
CA LEU C 294 22.60 -41.42 10.26
C LEU C 294 21.36 -42.06 10.87
N GLY C 295 20.81 -41.43 11.90
CA GLY C 295 19.57 -41.90 12.48
C GLY C 295 19.74 -43.05 13.47
N GLY C 296 18.89 -44.07 13.33
CA GLY C 296 18.84 -45.15 14.30
C GLY C 296 20.08 -46.02 14.33
N GLU C 297 20.69 -46.28 13.18
CA GLU C 297 21.84 -47.19 13.14
C GLU C 297 23.02 -46.64 13.92
N ALA C 298 23.10 -45.33 14.10
CA ALA C 298 24.25 -44.71 14.75
C ALA C 298 24.30 -44.95 16.25
N GLY C 299 23.24 -45.48 16.85
CA GLY C 299 23.22 -45.66 18.29
C GLY C 299 24.09 -46.78 18.79
N PHE C 300 24.55 -47.66 17.91
CA PHE C 300 25.40 -48.78 18.29
C PHE C 300 26.76 -48.73 17.60
N TYR C 301 27.17 -47.56 17.13
CA TYR C 301 28.45 -47.45 16.43
C TYR C 301 29.63 -47.74 17.36
N HIS C 302 29.60 -47.20 18.57
CA HIS C 302 30.73 -47.38 19.48
C HIS C 302 30.76 -48.77 20.10
N ILE C 303 29.60 -49.37 20.32
CA ILE C 303 29.57 -50.74 20.81
C ILE C 303 30.13 -51.70 19.75
N LEU C 304 29.74 -51.50 18.50
CA LEU C 304 30.20 -52.35 17.41
C LEU C 304 31.60 -52.00 16.93
N ASN C 305 32.20 -50.93 17.46
CA ASN C 305 33.47 -50.40 16.96
C ASN C 305 33.37 -50.07 15.48
N ASN C 306 32.27 -49.45 15.09
CA ASN C 306 32.12 -48.99 13.72
C ASN C 306 33.18 -47.94 13.41
N PRO C 307 33.86 -48.03 12.28
CA PRO C 307 34.92 -47.06 11.97
C PRO C 307 34.43 -45.63 11.91
N LYS C 308 33.17 -45.41 11.52
CA LYS C 308 32.59 -44.08 11.45
C LYS C 308 32.16 -43.55 12.79
N ALA C 309 32.52 -44.23 13.89
CA ALA C 309 32.19 -43.72 15.21
C ALA C 309 32.97 -42.45 15.53
N SER C 310 34.19 -42.33 15.01
CA SER C 310 35.01 -41.15 15.27
C SER C 310 34.44 -39.89 14.66
N LEU C 311 33.56 -40.01 13.67
CA LEU C 311 32.98 -38.84 13.04
C LEU C 311 31.92 -38.18 13.91
N LEU C 312 31.41 -38.86 14.92
CA LEU C 312 30.41 -38.32 15.82
C LEU C 312 31.01 -37.64 17.04
N SER C 313 32.33 -37.62 17.15
CA SER C 313 32.97 -37.08 18.34
C SER C 313 32.81 -35.56 18.40
N LEU C 314 32.71 -35.05 19.62
CA LEU C 314 32.67 -33.62 19.88
C LEU C 314 33.91 -33.11 20.59
N THR C 315 34.82 -34.00 21.00
CA THR C 315 36.04 -33.55 21.66
C THR C 315 36.98 -32.85 20.70
N GLN C 316 36.72 -32.92 19.40
CA GLN C 316 37.45 -32.18 18.39
C GLN C 316 37.09 -30.70 18.37
N PHE C 317 36.22 -30.30 19.28
CA PHE C 317 35.87 -28.90 19.52
C PHE C 317 36.08 -28.64 21.01
N PRO C 318 37.31 -28.31 21.41
CA PRO C 318 37.61 -28.25 22.85
C PRO C 318 36.75 -27.27 23.63
N HIS C 319 36.41 -26.13 23.04
CA HIS C 319 35.66 -25.12 23.79
C HIS C 319 34.22 -25.55 24.01
N PHE C 320 33.56 -26.01 22.95
CA PHE C 320 32.18 -26.49 23.09
C PHE C 320 32.11 -27.70 24.01
N SER C 321 33.07 -28.62 23.88
CA SER C 321 33.09 -29.78 24.75
C SER C 321 33.30 -29.39 26.20
N SER C 322 34.17 -28.41 26.46
CA SER C 322 34.40 -27.96 27.82
C SER C 322 33.16 -27.32 28.40
N VAL C 323 32.46 -26.51 27.60
CA VAL C 323 31.22 -25.90 28.08
C VAL C 323 30.19 -26.98 28.39
N VAL C 324 30.10 -27.99 27.53
CA VAL C 324 29.11 -29.07 27.73
C VAL C 324 29.43 -29.86 29.00
N LEU C 325 30.69 -30.21 29.21
CA LEU C 325 31.07 -30.90 30.44
C LEU C 325 30.82 -30.04 31.67
N GLY C 326 31.11 -28.74 31.58
CA GLY C 326 30.83 -27.87 32.71
C GLY C 326 29.36 -27.81 33.03
N ASN C 327 28.51 -27.70 32.02
CA ASN C 327 27.07 -27.68 32.26
C ASN C 327 26.61 -29.00 32.87
N ALA C 328 27.14 -30.12 32.39
CA ALA C 328 26.78 -31.41 32.96
C ALA C 328 27.19 -31.51 34.43
N ALA C 329 28.39 -31.04 34.76
CA ALA C 329 28.87 -31.12 36.14
C ALA C 329 28.08 -30.18 37.05
N GLY C 330 27.69 -29.02 36.52
CA GLY C 330 26.92 -28.08 37.32
C GLY C 330 25.53 -28.58 37.65
N LEU C 331 24.89 -29.26 36.69
CA LEU C 331 23.57 -29.81 36.92
C LEU C 331 23.60 -31.05 37.80
N GLY C 332 24.77 -31.55 38.15
CA GLY C 332 24.88 -32.69 39.05
C GLY C 332 24.58 -34.04 38.43
N ILE C 333 24.79 -34.18 37.13
CA ILE C 333 24.54 -35.45 36.46
C ILE C 333 25.81 -36.07 35.88
N MET C 334 26.98 -35.48 36.07
CA MET C 334 28.17 -35.98 35.41
C MET C 334 28.71 -37.24 36.08
N GLY C 335 28.41 -37.43 37.36
CA GLY C 335 28.79 -38.65 38.05
C GLY C 335 30.29 -38.85 38.08
N GLU C 336 30.74 -40.04 37.72
CA GLU C 336 32.15 -40.37 37.62
C GLU C 336 32.64 -40.38 36.17
N TYR C 337 32.08 -39.52 35.33
CA TYR C 337 32.46 -39.49 33.93
C TYR C 337 33.92 -39.09 33.84
N ARG C 338 34.75 -39.96 33.26
CA ARG C 338 36.19 -39.82 33.37
C ARG C 338 36.79 -39.05 32.19
N GLY C 339 35.93 -38.52 31.32
CA GLY C 339 36.38 -37.55 30.35
C GLY C 339 36.65 -36.21 31.02
N THR C 340 37.71 -35.54 30.56
CA THR C 340 38.18 -34.34 31.23
C THR C 340 38.13 -33.16 30.29
N PRO C 341 37.80 -31.96 30.77
CA PRO C 341 37.76 -30.79 29.88
C PRO C 341 39.15 -30.43 29.42
N ARG C 342 39.24 -29.86 28.21
CA ARG C 342 40.51 -29.36 27.71
C ARG C 342 40.54 -27.84 27.61
N ASN C 343 39.52 -27.17 28.14
CA ASN C 343 39.52 -25.74 28.42
C ASN C 343 38.97 -25.59 29.84
N GLN C 344 39.86 -25.54 30.82
CA GLN C 344 39.43 -25.53 32.21
C GLN C 344 38.61 -24.28 32.54
N ASP C 345 38.95 -23.15 31.93
CA ASP C 345 38.25 -21.90 32.24
C ASP C 345 36.80 -21.96 31.82
N LEU C 346 36.53 -22.37 30.59
CA LEU C 346 35.14 -22.49 30.13
C LEU C 346 34.39 -23.55 30.92
N TYR C 347 35.07 -24.64 31.27
CA TYR C 347 34.46 -25.67 32.10
C TYR C 347 34.00 -25.09 33.43
N ASP C 348 34.87 -24.35 34.11
CA ASP C 348 34.50 -23.77 35.40
C ASP C 348 33.40 -22.74 35.26
N ALA C 349 33.46 -21.90 34.23
CA ALA C 349 32.42 -20.89 34.05
C ALA C 349 31.06 -21.53 33.80
N ALA C 350 31.01 -22.54 32.93
CA ALA C 350 29.75 -23.22 32.66
C ALA C 350 29.25 -23.96 33.89
N LYS C 351 30.15 -24.59 34.64
CA LYS C 351 29.76 -25.28 35.85
C LYS C 351 29.14 -24.31 36.85
N ALA C 352 29.76 -23.15 37.04
CA ALA C 352 29.23 -22.16 37.97
C ALA C 352 27.87 -21.67 37.51
N TYR C 353 27.72 -21.36 36.22
CA TYR C 353 26.42 -20.87 35.78
C TYR C 353 25.34 -21.94 35.92
N ALA C 354 25.69 -23.20 35.65
CA ALA C 354 24.71 -24.27 35.80
C ALA C 354 24.32 -24.47 37.25
N GLU C 355 25.26 -24.24 38.17
CA GLU C 355 24.91 -24.31 39.59
C GLU C 355 23.98 -23.19 39.99
N GLN C 356 24.25 -21.96 39.56
CA GLN C 356 23.31 -20.88 39.84
C GLN C 356 22.01 -21.00 39.04
N LEU C 357 21.96 -21.92 38.08
CA LEU C 357 20.68 -22.14 37.41
C LEU C 357 19.67 -22.83 38.31
N LYS C 358 20.04 -23.19 39.53
CA LYS C 358 19.11 -23.89 40.40
C LYS C 358 18.65 -23.02 41.58
N GLU C 359 19.57 -22.28 42.19
CA GLU C 359 19.17 -21.29 43.19
C GLU C 359 18.58 -20.05 42.54
N ASN C 360 19.20 -19.59 41.46
CA ASN C 360 18.74 -18.43 40.69
C ASN C 360 18.08 -18.96 39.43
N GLY C 361 16.76 -19.16 39.50
CA GLY C 361 16.07 -20.02 38.53
C GLY C 361 16.54 -19.83 37.10
N VAL C 362 16.22 -18.67 36.51
CA VAL C 362 16.61 -18.38 35.14
C VAL C 362 17.04 -16.92 35.09
N ILE C 363 17.71 -16.55 33.99
CA ILE C 363 18.13 -15.18 33.76
C ILE C 363 17.41 -14.67 32.51
N ASN C 364 16.67 -13.58 32.66
CA ASN C 364 16.08 -12.93 31.51
C ASN C 364 17.15 -12.14 30.76
N TYR C 365 16.81 -11.75 29.54
CA TYR C 365 17.71 -10.93 28.73
C TYR C 365 17.03 -9.62 28.41
N SER C 366 16.47 -9.00 29.44
CA SER C 366 15.91 -7.66 29.39
C SER C 366 17.00 -6.63 29.11
N VAL C 367 18.24 -6.96 29.46
CA VAL C 367 19.39 -6.19 29.00
C VAL C 367 19.28 -6.09 27.49
N LEU C 368 19.80 -5.01 26.90
CA LEU C 368 19.65 -4.78 25.47
C LEU C 368 18.20 -4.62 25.05
N ASP C 369 17.59 -3.47 25.37
CA ASP C 369 16.29 -2.96 24.90
C ASP C 369 15.07 -3.43 25.69
N LEU C 370 15.20 -4.01 26.87
CA LEU C 370 14.03 -4.26 27.70
C LEU C 370 14.31 -4.03 29.18
N ALA E 2 -24.40 1.69 25.93
CA ALA E 2 -23.19 0.89 26.12
C ALA E 2 -23.00 0.55 27.59
N LEU E 3 -22.71 -0.72 27.88
CA LEU E 3 -22.55 -1.15 29.25
C LEU E 3 -21.27 -0.61 29.87
N SER E 4 -20.34 -0.15 29.04
CA SER E 4 -19.07 0.35 29.55
C SER E 4 -19.20 1.67 30.30
N LYS E 5 -20.29 2.42 30.10
CA LYS E 5 -20.49 3.69 30.79
C LYS E 5 -21.37 3.56 32.03
N VAL E 6 -21.67 2.35 32.47
CA VAL E 6 -22.35 2.15 33.75
C VAL E 6 -21.25 2.10 34.80
N LYS E 7 -20.79 3.28 35.21
CA LYS E 7 -19.67 3.37 36.14
C LYS E 7 -19.83 4.61 37.00
N LEU E 8 -19.26 4.55 38.20
CA LEU E 8 -19.30 5.64 39.16
C LEU E 8 -17.93 5.77 39.80
N ASN E 9 -17.39 6.99 39.79
CA ASN E 9 -16.08 7.27 40.40
C ASN E 9 -16.29 7.84 41.79
N ASP E 10 -16.53 6.93 42.74
CA ASP E 10 -16.94 7.36 44.08
C ASP E 10 -15.77 7.98 44.85
N THR E 11 -14.58 7.41 44.74
CA THR E 11 -13.43 7.93 45.47
C THR E 11 -13.12 9.37 45.06
N LEU E 12 -13.08 9.62 43.75
CA LEU E 12 -12.76 10.95 43.25
C LEU E 12 -13.87 11.94 43.58
N ASN E 13 -15.13 11.50 43.52
CA ASN E 13 -16.24 12.38 43.85
C ASN E 13 -16.24 12.75 45.33
N LYS E 14 -15.94 11.79 46.20
CA LYS E 14 -15.80 12.09 47.62
C LYS E 14 -14.66 13.06 47.88
N ASP E 15 -13.53 12.86 47.20
CA ASP E 15 -12.42 13.80 47.36
C ASP E 15 -12.81 15.19 46.90
N GLN E 16 -13.51 15.31 45.78
CA GLN E 16 -13.90 16.63 45.31
C GLN E 16 -14.89 17.28 46.26
N LEU E 17 -15.80 16.48 46.84
CA LEU E 17 -16.72 17.04 47.82
C LEU E 17 -15.98 17.56 49.05
N LEU E 18 -14.98 16.81 49.53
CA LEU E 18 -14.27 17.24 50.72
C LEU E 18 -13.31 18.40 50.46
N SER E 19 -12.76 18.49 49.25
CA SER E 19 -11.80 19.54 48.92
C SER E 19 -12.45 20.83 48.45
N SER E 20 -13.74 20.81 48.11
CA SER E 20 -14.42 22.00 47.62
C SER E 20 -15.43 22.55 48.61
N SER E 21 -15.23 22.30 49.91
CA SER E 21 -16.12 22.85 50.92
C SER E 21 -15.97 24.36 50.97
N LYS E 22 -17.10 25.06 51.08
CA LYS E 22 -17.12 26.51 51.14
C LYS E 22 -17.41 27.04 52.54
N TYR E 23 -17.42 26.18 53.54
CA TYR E 23 -17.51 26.58 54.94
C TYR E 23 -16.43 25.85 55.73
N THR E 24 -15.97 26.48 56.80
CA THR E 24 -14.88 25.94 57.61
C THR E 24 -15.26 25.94 59.08
N ILE E 25 -14.76 24.94 59.80
CA ILE E 25 -14.90 24.88 61.24
C ILE E 25 -13.65 25.44 61.90
N GLN E 26 -13.76 25.77 63.17
CA GLN E 26 -12.63 26.30 63.93
C GLN E 26 -12.74 25.77 65.35
N ARG E 27 -11.87 24.83 65.69
CA ARG E 27 -11.90 24.16 66.99
C ARG E 27 -11.26 25.04 68.06
N SER E 28 -11.55 24.72 69.31
CA SER E 28 -10.98 25.44 70.45
C SER E 28 -10.13 24.48 71.25
N THR E 29 -8.84 24.79 71.37
CA THR E 29 -7.92 23.88 72.04
C THR E 29 -8.23 23.71 73.52
N GLY E 30 -8.88 24.70 74.14
CA GLY E 30 -9.12 24.67 75.57
C GLY E 30 -8.07 25.41 76.38
N ASP E 31 -7.12 24.66 76.93
CA ASP E 31 -5.95 25.20 77.59
C ASP E 31 -5.12 26.04 76.62
N SER E 32 -4.55 27.12 77.15
CA SER E 32 -3.74 28.04 76.35
C SER E 32 -2.47 27.36 75.85
N ILE E 33 -2.07 27.69 74.63
CA ILE E 33 -0.87 27.15 74.03
C ILE E 33 0.26 28.12 74.30
N ASP E 34 1.37 27.62 74.85
CA ASP E 34 2.61 28.37 74.99
C ASP E 34 3.26 28.40 73.62
N THR E 35 3.74 29.56 73.19
CA THR E 35 4.41 29.65 71.91
C THR E 35 5.80 30.24 72.09
N PRO E 36 6.81 29.44 72.40
CA PRO E 36 8.18 29.97 72.50
C PRO E 36 8.70 30.41 71.14
N ASN E 37 9.60 31.39 71.18
CA ASN E 37 10.22 31.94 69.98
C ASN E 37 11.67 31.47 69.92
N TYR E 38 12.42 32.00 68.94
CA TYR E 38 13.82 31.63 68.80
C TYR E 38 14.65 32.03 70.01
N ASP E 39 14.15 32.96 70.82
CA ASP E 39 14.93 33.50 71.93
C ASP E 39 15.27 32.43 72.95
N VAL E 40 14.31 31.57 73.28
CA VAL E 40 14.44 30.63 74.38
C VAL E 40 14.83 29.23 73.89
N GLN E 41 15.25 29.11 72.62
CA GLN E 41 15.68 27.83 72.09
C GLN E 41 16.88 27.29 72.87
N LYS E 42 17.83 28.16 73.19
CA LYS E 42 19.00 27.74 73.97
C LYS E 42 18.59 27.22 75.33
N HIS E 43 17.65 27.89 76.00
CA HIS E 43 17.25 27.46 77.33
C HIS E 43 16.47 26.15 77.27
N ILE E 44 15.62 25.97 76.27
CA ILE E 44 14.89 24.70 76.17
C ILE E 44 15.84 23.56 75.85
N ASN E 45 16.85 23.82 75.01
CA ASN E 45 17.87 22.80 74.77
C ASN E 45 18.67 22.50 76.03
N LYS E 46 18.93 23.52 76.84
CA LYS E 46 19.57 23.29 78.13
C LYS E 46 18.72 22.38 79.02
N LEU E 47 17.41 22.62 79.04
CA LEU E 47 16.52 21.79 79.84
C LEU E 47 16.52 20.34 79.36
N CYS E 48 16.49 20.15 78.03
CA CYS E 48 16.55 18.80 77.49
C CYS E 48 17.87 18.12 77.84
N GLY E 49 18.97 18.86 77.77
CA GLY E 49 20.26 18.29 78.14
C GLY E 49 20.33 17.91 79.61
N MET E 50 19.76 18.76 80.48
CA MET E 50 19.73 18.42 81.90
C MET E 50 18.90 17.19 82.15
N LEU E 51 17.79 17.02 81.42
CA LEU E 51 17.02 15.78 81.53
C LEU E 51 17.84 14.59 81.06
N LEU E 52 18.63 14.77 79.99
CA LEU E 52 19.37 13.65 79.42
C LEU E 52 20.53 13.21 80.30
N ILE E 53 21.25 14.15 80.92
CA ILE E 53 22.40 13.77 81.74
C ILE E 53 22.01 13.28 83.13
N THR E 54 20.74 13.32 83.47
CA THR E 54 20.26 12.92 84.79
C THR E 54 19.97 11.42 84.78
N GLU E 55 20.81 10.63 85.44
CA GLU E 55 20.49 9.21 85.54
C GLU E 55 19.30 8.98 86.47
N ASP E 56 18.67 7.81 86.32
CA ASP E 56 17.46 7.45 87.05
C ASP E 56 16.47 8.60 87.03
N ALA E 57 16.24 9.15 85.84
CA ALA E 57 15.53 10.40 85.70
C ALA E 57 14.03 10.21 85.74
N ASN E 58 13.33 11.34 85.92
CA ASN E 58 11.87 11.40 85.86
C ASN E 58 11.50 12.04 84.53
N HIS E 59 10.94 11.24 83.62
CA HIS E 59 10.58 11.73 82.30
C HIS E 59 9.08 12.02 82.17
N LYS E 60 8.42 12.43 83.25
CA LYS E 60 6.99 12.71 83.18
C LYS E 60 6.70 13.90 82.27
N PHE E 61 7.65 14.83 82.14
CA PHE E 61 7.41 16.07 81.41
C PHE E 61 8.25 16.18 80.14
N THR E 62 8.90 15.09 79.73
CA THR E 62 9.81 15.17 78.60
C THR E 62 9.06 15.41 77.29
N GLY E 63 7.85 14.85 77.16
CA GLY E 63 7.09 15.08 75.94
C GLY E 63 6.73 16.54 75.74
N LEU E 64 6.29 17.21 76.80
CA LEU E 64 5.97 18.63 76.71
C LEU E 64 7.21 19.47 76.41
N ILE E 65 8.34 19.11 77.02
CA ILE E 65 9.57 19.88 76.80
C ILE E 65 10.05 19.69 75.37
N GLY E 66 9.95 18.48 74.83
CA GLY E 66 10.28 18.26 73.44
C GLY E 66 9.37 19.01 72.49
N MET E 67 8.08 19.06 72.82
CA MET E 67 7.15 19.85 72.01
C MET E 67 7.52 21.33 72.05
N LEU E 68 7.89 21.83 73.23
CA LEU E 68 8.31 23.22 73.34
C LEU E 68 9.56 23.48 72.52
N TYR E 69 10.51 22.53 72.53
CA TYR E 69 11.72 22.71 71.73
C TYR E 69 11.41 22.73 70.25
N ALA E 70 10.53 21.84 69.79
CA ALA E 70 10.15 21.85 68.38
C ALA E 70 9.47 23.16 68.01
N MET E 71 8.57 23.64 68.87
CA MET E 71 7.88 24.89 68.60
C MET E 71 8.81 26.09 68.64
N SER E 72 9.86 26.06 69.47
CA SER E 72 10.84 27.13 69.49
C SER E 72 11.71 27.11 68.25
N ARG E 73 12.02 25.91 67.73
CA ARG E 73 12.72 25.83 66.46
C ARG E 73 11.88 26.38 65.32
N LEU E 74 10.58 26.09 65.31
CA LEU E 74 9.71 26.62 64.27
C LEU E 74 9.61 28.14 64.37
N GLY E 75 9.59 28.66 65.59
CA GLY E 75 9.34 30.06 65.84
C GLY E 75 7.88 30.32 66.17
N ARG E 76 7.63 31.44 66.86
CA ARG E 76 6.27 31.76 67.29
C ARG E 76 5.37 32.05 66.10
N GLU E 77 5.86 32.79 65.11
CA GLU E 77 5.04 33.11 63.95
C GLU E 77 4.58 31.84 63.25
N ASP E 78 5.51 30.94 62.95
CA ASP E 78 5.16 29.72 62.22
C ASP E 78 4.31 28.78 63.08
N THR E 79 4.57 28.72 64.39
CA THR E 79 3.73 27.89 65.25
C THR E 79 2.29 28.39 65.25
N ILE E 80 2.11 29.70 65.38
CA ILE E 80 0.77 30.28 65.34
C ILE E 80 0.11 30.02 64.00
N LYS E 81 0.86 30.21 62.91
CA LYS E 81 0.29 30.00 61.59
C LYS E 81 -0.11 28.54 61.36
N ILE E 82 0.71 27.61 61.86
CA ILE E 82 0.36 26.19 61.78
C ILE E 82 -0.94 25.92 62.54
N LEU E 83 -1.06 26.48 63.75
CA LEU E 83 -2.26 26.22 64.54
C LEU E 83 -3.51 26.79 63.88
N ARG E 84 -3.41 27.99 63.30
CA ARG E 84 -4.55 28.51 62.54
C ARG E 84 -4.87 27.64 61.33
N ASP E 85 -3.86 27.28 60.54
CA ASP E 85 -4.11 26.50 59.34
C ASP E 85 -4.71 25.13 59.66
N ALA E 86 -4.38 24.57 60.83
CA ALA E 86 -5.00 23.33 61.25
C ALA E 86 -6.43 23.53 61.70
N GLY E 87 -6.89 24.77 61.83
CA GLY E 87 -8.25 25.06 62.24
C GLY E 87 -8.44 25.01 63.74
N TYR E 88 -7.66 25.80 64.46
CA TYR E 88 -7.73 25.85 65.91
C TYR E 88 -7.85 27.29 66.38
N HIS E 89 -8.60 27.51 67.45
CA HIS E 89 -8.57 28.75 68.18
C HIS E 89 -7.55 28.61 69.31
N VAL E 90 -6.51 29.44 69.26
CA VAL E 90 -5.37 29.30 70.15
C VAL E 90 -5.17 30.57 70.95
N LYS E 91 -4.94 30.41 72.25
CA LYS E 91 -4.53 31.50 73.13
C LYS E 91 -3.00 31.50 73.11
N ALA E 92 -2.41 32.35 72.28
CA ALA E 92 -0.97 32.40 72.16
C ALA E 92 -0.36 32.98 73.43
N ASN E 93 0.47 32.17 74.09
CA ASN E 93 1.08 32.53 75.36
C ASN E 93 2.55 32.84 75.13
N GLY E 94 2.95 34.06 75.48
CA GLY E 94 4.34 34.45 75.32
C GLY E 94 5.23 33.75 76.32
N VAL E 95 6.37 33.25 75.85
CA VAL E 95 7.35 32.58 76.70
C VAL E 95 8.60 33.42 76.75
N ASP E 96 9.03 33.77 77.95
CA ASP E 96 10.24 34.53 78.14
C ASP E 96 10.95 34.01 79.38
N VAL E 97 12.23 34.26 79.44
CA VAL E 97 13.09 33.74 80.50
C VAL E 97 13.16 34.73 81.65
N THR E 98 13.12 34.22 82.87
CA THR E 98 13.28 35.04 84.06
C THR E 98 14.04 34.26 85.11
N THR E 99 14.53 34.98 86.12
CA THR E 99 15.24 34.38 87.23
C THR E 99 14.33 34.18 88.43
N HIS E 100 14.58 33.09 89.16
CA HIS E 100 13.87 32.77 90.39
C HIS E 100 14.92 32.45 91.45
N ARG E 101 14.74 32.99 92.65
CA ARG E 101 15.68 32.83 93.74
C ARG E 101 15.02 31.99 94.83
N GLN E 102 15.66 30.89 95.22
CA GLN E 102 15.15 30.12 96.35
C GLN E 102 16.31 29.52 97.14
N ASP E 103 16.03 29.17 98.38
CA ASP E 103 17.01 28.67 99.33
C ASP E 103 16.82 27.17 99.51
N ILE E 104 17.72 26.39 98.94
CA ILE E 104 17.77 24.95 99.16
C ILE E 104 19.07 24.63 99.86
N ASN E 105 19.03 23.66 100.78
CA ASN E 105 20.16 23.32 101.64
C ASN E 105 20.56 24.51 102.51
N GLY E 106 19.62 25.41 102.76
CA GLY E 106 19.89 26.61 103.52
C GLY E 106 20.80 27.60 102.82
N LYS E 107 20.88 27.55 101.50
CA LYS E 107 21.77 28.42 100.73
C LYS E 107 20.99 29.10 99.62
N GLU E 108 21.24 30.40 99.43
CA GLU E 108 20.61 31.17 98.37
C GLU E 108 21.07 30.62 97.02
N MET E 109 20.14 30.45 96.09
CA MET E 109 20.48 29.87 94.80
C MET E 109 19.80 30.58 93.65
N LYS E 110 20.58 30.74 92.58
CA LYS E 110 20.16 31.41 91.35
C LYS E 110 19.73 30.38 90.32
N PHE E 111 18.46 30.44 89.93
CA PHE E 111 17.93 29.64 88.83
C PHE E 111 17.35 30.55 87.77
N GLU E 112 17.52 30.14 86.52
CA GLU E 112 16.97 30.84 85.36
C GLU E 112 15.93 29.94 84.72
N VAL E 113 14.67 30.35 84.76
CA VAL E 113 13.54 29.51 84.34
C VAL E 113 12.74 30.25 83.28
N LEU E 114 11.70 29.57 82.77
CA LEU E 114 10.84 30.09 81.73
C LEU E 114 9.43 30.28 82.25
N THR E 115 8.73 31.26 81.68
CA THR E 115 7.31 31.48 81.98
C THR E 115 6.47 30.57 81.07
N LEU E 116 6.27 29.34 81.52
CA LEU E 116 5.44 28.39 80.81
C LEU E 116 4.21 28.09 81.64
N ALA E 117 3.02 28.29 81.05
CA ALA E 117 1.79 27.98 81.76
C ALA E 117 1.64 26.47 81.97
N SER E 118 2.14 25.67 81.02
CA SER E 118 1.99 24.23 81.11
C SER E 118 3.01 23.60 82.04
N LEU E 119 4.13 24.29 82.28
CA LEU E 119 5.24 23.74 83.05
C LEU E 119 5.58 24.71 84.18
N THR E 120 5.35 24.27 85.43
CA THR E 120 5.54 25.15 86.56
C THR E 120 7.01 25.34 86.88
N THR E 121 7.30 26.37 87.68
CA THR E 121 8.68 26.68 88.04
C THR E 121 9.30 25.58 88.89
N GLU E 122 8.54 24.99 89.80
CA GLU E 122 9.05 23.92 90.65
C GLU E 122 9.64 22.79 89.83
N ILE E 123 8.96 22.44 88.72
CA ILE E 123 9.40 21.31 87.91
C ILE E 123 10.75 21.59 87.29
N GLN E 124 10.93 22.79 86.72
CA GLN E 124 12.21 23.16 86.13
C GLN E 124 13.31 23.22 87.18
N ILE E 125 12.99 23.78 88.35
CA ILE E 125 13.97 23.84 89.44
C ILE E 125 14.41 22.44 89.83
N ASN E 126 13.46 21.52 89.97
CA ASN E 126 13.78 20.17 90.39
C ASN E 126 14.57 19.43 89.31
N ILE E 127 14.25 19.69 88.05
CA ILE E 127 15.04 19.13 86.96
C ILE E 127 16.49 19.59 87.07
N GLU E 128 16.69 20.89 87.32
CA GLU E 128 18.05 21.38 87.49
C GLU E 128 18.75 20.75 88.70
N ILE E 129 18.02 20.59 89.80
CA ILE E 129 18.62 20.00 91.00
C ILE E 129 19.08 18.58 90.73
N GLU E 130 18.21 17.77 90.14
CA GLU E 130 18.56 16.39 89.85
C GLU E 130 19.73 16.32 88.89
N SER E 131 19.71 17.15 87.85
CA SER E 131 20.81 17.16 86.89
C SER E 131 22.11 17.56 87.55
N ARG E 132 22.08 18.58 88.41
CA ARG E 132 23.30 19.04 89.06
C ARG E 132 23.90 17.97 89.95
N LYS E 133 23.07 17.30 90.75
CA LYS E 133 23.65 16.33 91.67
C LYS E 133 24.09 15.06 90.94
N SER E 134 23.37 14.67 89.88
CA SER E 134 23.85 13.55 89.07
C SER E 134 25.17 13.90 88.38
N TYR E 135 25.30 15.14 87.89
CA TYR E 135 26.55 15.61 87.32
C TYR E 135 27.67 15.59 88.34
N LYS E 136 27.38 16.03 89.57
CA LYS E 136 28.38 16.00 90.63
C LYS E 136 28.85 14.57 90.90
N LYS E 137 27.89 13.64 91.02
CA LYS E 137 28.23 12.26 91.33
C LYS E 137 29.06 11.63 90.21
N MET E 138 28.68 11.89 88.96
CA MET E 138 29.38 11.27 87.83
C MET E 138 30.76 11.92 87.63
N LEU E 139 30.87 13.22 87.89
CA LEU E 139 32.16 13.88 87.86
C LEU E 139 33.08 13.32 88.95
N LYS E 140 32.51 13.05 90.13
CA LYS E 140 33.28 12.41 91.19
C LYS E 140 33.73 11.02 90.77
N GLU E 141 32.85 10.26 90.11
CA GLU E 141 33.16 8.88 89.76
C GLU E 141 34.08 8.74 88.55
N MET E 142 34.26 9.78 87.73
CA MET E 142 35.21 9.66 86.63
C MET E 142 36.19 10.83 86.51
N GLY E 143 36.13 11.82 87.39
CA GLY E 143 37.18 12.82 87.46
C GLY E 143 36.97 14.09 86.67
N GLU E 144 36.91 13.97 85.34
CA GLU E 144 36.75 15.13 84.48
C GLU E 144 35.74 14.83 83.38
N VAL E 145 34.88 15.81 83.10
CA VAL E 145 33.83 15.65 82.08
C VAL E 145 34.35 16.13 80.73
N ALA E 146 33.62 15.76 79.68
CA ALA E 146 33.86 16.19 78.31
C ALA E 146 32.58 16.82 77.79
N PRO E 147 32.67 17.59 76.70
CA PRO E 147 31.43 18.11 76.09
C PRO E 147 30.45 17.02 75.71
N GLU E 148 30.89 15.76 75.64
CA GLU E 148 29.98 14.66 75.40
C GLU E 148 29.00 14.48 76.56
N TYR E 149 29.50 14.59 77.79
CA TYR E 149 28.69 14.42 78.99
C TYR E 149 28.31 15.80 79.53
N ARG E 150 27.32 16.44 78.92
CA ARG E 150 26.85 17.72 79.43
C ARG E 150 25.53 18.08 78.77
N HIS E 151 24.84 19.05 79.39
CA HIS E 151 23.59 19.59 78.87
C HIS E 151 23.79 20.66 77.80
N ASP E 152 25.00 21.16 77.63
CA ASP E 152 25.26 22.25 76.69
C ASP E 152 25.41 21.77 75.25
N SER E 153 25.35 20.46 75.01
CA SER E 153 25.43 19.96 73.65
C SER E 153 24.25 20.47 72.84
N PRO E 154 24.45 20.86 71.57
CA PRO E 154 23.34 21.46 70.80
C PRO E 154 22.36 20.44 70.22
N ASP E 155 22.52 19.15 70.51
CA ASP E 155 21.67 18.12 69.96
C ASP E 155 20.90 17.34 71.02
N CYS E 156 20.97 17.78 72.28
CA CYS E 156 20.26 17.09 73.35
C CYS E 156 18.76 17.10 73.13
N GLY E 157 18.21 18.24 72.70
CA GLY E 157 16.80 18.29 72.35
C GLY E 157 16.46 17.45 71.14
N MET E 158 17.38 17.38 70.17
CA MET E 158 17.09 16.64 68.96
C MET E 158 17.12 15.13 69.18
N ILE E 159 17.84 14.65 70.20
CA ILE E 159 17.74 13.22 70.55
C ILE E 159 16.34 12.90 71.06
N ILE E 160 15.81 13.74 71.94
CA ILE E 160 14.46 13.57 72.43
C ILE E 160 13.48 13.62 71.27
N LEU E 161 13.71 14.52 70.31
CA LEU E 161 12.84 14.58 69.16
C LEU E 161 13.01 13.36 68.24
N CYS E 162 14.16 12.70 68.28
CA CYS E 162 14.30 11.43 67.57
C CYS E 162 13.41 10.36 68.20
N ILE E 163 13.38 10.31 69.52
CA ILE E 163 12.45 9.40 70.20
C ILE E 163 11.01 9.74 69.81
N ALA E 164 10.69 11.02 69.76
CA ALA E 164 9.37 11.46 69.33
C ALA E 164 9.07 11.01 67.90
N ALA E 165 10.07 11.06 67.02
CA ALA E 165 9.89 10.62 65.65
C ALA E 165 9.57 9.14 65.57
N LEU E 166 10.25 8.32 66.38
CA LEU E 166 9.90 6.90 66.43
C LEU E 166 8.46 6.69 66.92
N VAL E 167 8.08 7.42 67.97
CA VAL E 167 6.71 7.34 68.45
C VAL E 167 5.72 7.71 67.35
N ILE E 168 6.06 8.74 66.56
CA ILE E 168 5.20 9.15 65.46
C ILE E 168 5.09 8.04 64.42
N THR E 169 6.21 7.38 64.11
CA THR E 169 6.15 6.25 63.19
C THR E 169 5.16 5.20 63.65
N LYS E 170 5.11 4.94 64.95
CA LYS E 170 4.21 3.91 65.47
C LYS E 170 2.84 4.44 65.91
N LEU E 171 2.58 5.74 65.76
CA LEU E 171 1.29 6.28 66.18
C LEU E 171 0.10 5.72 65.41
N ALA E 172 0.30 5.32 64.15
CA ALA E 172 -0.83 4.92 63.32
C ALA E 172 -1.51 3.64 63.81
N ALA E 173 -0.88 2.90 64.74
CA ALA E 173 -1.48 1.68 65.26
C ALA E 173 -2.69 1.94 66.14
N GLY E 174 -2.92 3.19 66.54
CA GLY E 174 -4.10 3.54 67.31
C GLY E 174 -3.95 3.45 68.82
N ASP E 175 -2.85 2.91 69.31
CA ASP E 175 -2.63 2.77 70.74
C ASP E 175 -1.13 2.61 70.97
N ARG E 176 -0.76 2.27 72.20
CA ARG E 176 0.65 2.10 72.56
C ARG E 176 1.11 0.66 72.36
N SER E 177 0.81 0.11 71.20
CA SER E 177 1.24 -1.24 70.87
C SER E 177 2.59 -1.27 70.16
N GLY E 178 3.05 -0.13 69.64
CA GLY E 178 4.33 -0.06 68.99
C GLY E 178 5.42 0.39 69.93
N LEU E 179 5.16 0.36 71.23
CA LEU E 179 6.15 0.78 72.21
C LEU E 179 7.38 -0.12 72.18
N THR E 180 7.18 -1.43 72.03
CA THR E 180 8.31 -2.34 71.96
C THR E 180 9.16 -2.06 70.72
N ALA E 181 8.51 -1.80 69.58
CA ALA E 181 9.26 -1.46 68.38
C ALA E 181 10.01 -0.16 68.55
N VAL E 182 9.40 0.82 69.22
CA VAL E 182 10.07 2.08 69.48
C VAL E 182 11.32 1.86 70.32
N ILE E 183 11.21 1.05 71.37
CA ILE E 183 12.36 0.78 72.24
C ILE E 183 13.45 0.04 71.48
N ARG E 184 13.07 -0.95 70.67
CA ARG E 184 14.05 -1.72 69.91
C ARG E 184 14.79 -0.84 68.92
N ARG E 185 14.07 0.00 68.18
CA ARG E 185 14.71 0.87 67.20
C ARG E 185 15.53 1.97 67.87
N ALA E 186 15.11 2.44 69.05
CA ALA E 186 15.89 3.42 69.78
C ALA E 186 17.11 2.81 70.45
N ASN E 187 17.15 1.48 70.58
CA ASN E 187 18.36 0.84 71.03
C ASN E 187 19.30 0.56 69.85
N ASN E 188 18.76 0.15 68.71
CA ASN E 188 19.58 -0.02 67.51
C ASN E 188 20.20 1.30 67.09
N VAL E 189 19.37 2.27 66.71
CA VAL E 189 19.83 3.63 66.52
C VAL E 189 20.14 4.22 67.89
N LEU E 190 20.99 5.25 67.92
CA LEU E 190 21.24 6.04 69.12
C LEU E 190 21.91 5.23 70.24
N LYS E 191 22.64 4.16 69.90
CA LYS E 191 23.29 3.37 70.94
C LYS E 191 24.48 4.12 71.54
N ASN E 192 25.21 4.87 70.71
CA ASN E 192 26.27 5.73 71.23
C ASN E 192 25.72 6.76 72.20
N GLU E 193 24.56 7.35 71.88
CA GLU E 193 23.94 8.28 72.82
C GLU E 193 23.50 7.56 74.10
N MET E 194 22.95 6.35 73.98
CA MET E 194 22.53 5.63 75.17
C MET E 194 23.70 5.25 76.04
N LYS E 195 24.90 5.17 75.46
CA LYS E 195 26.11 5.24 76.27
C LYS E 195 26.26 6.62 76.92
N ARG E 196 26.30 7.64 76.08
CA ARG E 196 26.76 8.97 76.46
C ARG E 196 25.83 9.65 77.46
N TYR E 197 24.53 9.42 77.37
CA TYR E 197 23.56 10.10 78.23
C TYR E 197 22.97 9.14 79.26
N LYS E 198 23.05 9.53 80.52
CA LYS E 198 22.60 8.69 81.63
C LYS E 198 21.07 8.54 81.64
N GLY E 199 20.36 9.61 81.31
CA GLY E 199 18.92 9.65 81.38
C GLY E 199 18.20 9.38 80.09
N LEU E 200 18.92 8.94 79.06
CA LEU E 200 18.29 8.60 77.78
C LEU E 200 17.64 7.24 77.95
N LEU E 201 16.44 7.24 78.53
CA LEU E 201 15.68 6.02 78.69
C LEU E 201 14.59 6.00 77.63
N PRO E 202 14.72 5.17 76.58
CA PRO E 202 13.75 5.25 75.48
C PRO E 202 12.32 5.01 75.90
N LYS E 203 12.08 4.10 76.85
CA LYS E 203 10.70 3.73 77.18
C LYS E 203 9.98 4.88 77.88
N ASP E 204 10.65 5.55 78.81
CA ASP E 204 10.01 6.64 79.55
C ASP E 204 9.71 7.81 78.63
N ILE E 205 10.66 8.19 77.77
CA ILE E 205 10.44 9.28 76.85
C ILE E 205 9.35 8.93 75.85
N ALA E 206 9.33 7.67 75.38
CA ALA E 206 8.30 7.24 74.45
C ALA E 206 6.92 7.30 75.09
N ASN E 207 6.82 6.87 76.36
CA ASN E 207 5.55 6.94 77.06
C ASN E 207 5.11 8.38 77.25
N SER E 208 6.05 9.27 77.56
CA SER E 208 5.72 10.69 77.71
C SER E 208 5.19 11.27 76.40
N PHE E 209 5.81 10.91 75.28
CA PHE E 209 5.36 11.44 74.00
C PHE E 209 4.02 10.83 73.60
N TYR E 210 3.81 9.55 73.89
CA TYR E 210 2.50 8.95 73.68
C TYR E 210 1.43 9.71 74.46
N GLU E 211 1.69 9.99 75.73
CA GLU E 211 0.73 10.72 76.55
C GLU E 211 0.45 12.10 75.97
N VAL E 212 1.49 12.85 75.61
CA VAL E 212 1.26 14.21 75.16
C VAL E 212 0.54 14.22 73.82
N PHE E 213 0.80 13.22 72.96
CA PHE E 213 0.09 13.16 71.69
C PHE E 213 -1.37 12.75 71.89
N GLU E 214 -1.64 11.92 72.90
CA GLU E 214 -3.02 11.55 73.18
C GLU E 214 -3.81 12.72 73.75
N LYS E 215 -3.21 13.47 74.67
CA LYS E 215 -3.95 14.55 75.33
C LYS E 215 -4.15 15.75 74.41
N HIS E 216 -3.13 16.09 73.62
CA HIS E 216 -3.17 17.26 72.75
C HIS E 216 -3.00 16.83 71.30
N PRO E 217 -4.11 16.59 70.60
CA PRO E 217 -4.00 16.20 69.17
C PRO E 217 -3.42 17.28 68.28
N HIS E 218 -3.44 18.55 68.70
CA HIS E 218 -2.82 19.59 67.89
C HIS E 218 -1.31 19.51 67.93
N PHE E 219 -0.74 18.89 68.97
CA PHE E 219 0.70 18.72 69.02
C PHE E 219 1.18 17.74 67.97
N ILE E 220 0.34 16.79 67.57
CA ILE E 220 0.70 15.91 66.46
C ILE E 220 0.86 16.70 65.18
N ASP E 221 -0.09 17.62 64.91
CA ASP E 221 0.01 18.46 63.73
C ASP E 221 1.24 19.35 63.79
N VAL E 222 1.49 19.96 64.94
CA VAL E 222 2.66 20.83 65.10
C VAL E 222 3.94 20.04 64.89
N PHE E 223 4.03 18.84 65.47
CA PHE E 223 5.25 18.05 65.34
C PHE E 223 5.45 17.55 63.92
N VAL E 224 4.38 17.16 63.24
CA VAL E 224 4.53 16.70 61.86
C VAL E 224 5.02 17.83 60.97
N HIS E 225 4.48 19.03 61.14
CA HIS E 225 4.93 20.12 60.30
C HIS E 225 6.31 20.62 60.70
N PHE E 226 6.67 20.49 61.98
CA PHE E 226 8.05 20.75 62.37
C PHE E 226 9.00 19.76 61.73
N GLY E 227 8.63 18.48 61.69
CA GLY E 227 9.47 17.49 61.07
C GLY E 227 9.62 17.71 59.58
N ILE E 228 8.56 18.17 58.93
CA ILE E 228 8.66 18.48 57.50
C ILE E 228 9.56 19.69 57.28
N ALA E 229 9.43 20.71 58.13
CA ALA E 229 10.28 21.90 58.00
C ALA E 229 11.73 21.58 58.28
N GLN E 230 11.99 20.74 59.29
CA GLN E 230 13.35 20.32 59.61
C GLN E 230 13.96 19.52 58.48
N SER E 231 13.18 18.63 57.87
CA SER E 231 13.66 17.82 56.77
C SER E 231 13.83 18.61 55.48
N SER E 232 13.37 19.86 55.45
CA SER E 232 13.54 20.72 54.28
C SER E 232 14.77 21.62 54.39
N THR E 233 15.60 21.42 55.41
CA THR E 233 16.79 22.23 55.56
C THR E 233 17.87 21.79 54.57
N ARG E 234 18.86 22.65 54.38
CA ARG E 234 19.98 22.38 53.49
C ARG E 234 20.99 21.41 54.11
N GLY E 235 20.97 21.26 55.42
CA GLY E 235 21.91 20.38 56.09
C GLY E 235 21.85 20.58 57.59
N GLY E 236 22.73 19.86 58.28
CA GLY E 236 22.78 19.96 59.72
C GLY E 236 23.75 18.96 60.29
N SER E 237 23.62 18.72 61.60
CA SER E 237 24.47 17.79 62.31
C SER E 237 24.03 16.35 61.99
N ARG E 238 24.74 15.39 62.58
CA ARG E 238 24.41 13.99 62.33
C ARG E 238 23.16 13.57 63.09
N VAL E 239 22.90 14.18 64.25
CA VAL E 239 21.69 13.88 64.99
C VAL E 239 20.47 14.38 64.25
N GLU E 240 20.58 15.54 63.58
CA GLU E 240 19.48 16.01 62.76
C GLU E 240 19.25 15.11 61.57
N GLY E 241 20.33 14.55 61.01
CA GLY E 241 20.17 13.56 59.96
C GLY E 241 19.47 12.30 60.45
N ILE E 242 19.81 11.86 61.66
CA ILE E 242 19.11 10.72 62.26
C ILE E 242 17.64 11.04 62.43
N PHE E 243 17.32 12.23 62.91
CA PHE E 243 15.93 12.62 63.08
C PHE E 243 15.19 12.63 61.76
N ALA E 244 15.82 13.16 60.71
CA ALA E 244 15.17 13.19 59.41
C ALA E 244 14.93 11.79 58.88
N GLY E 245 15.91 10.90 59.04
CA GLY E 245 15.74 9.53 58.60
C GLY E 245 14.64 8.81 59.35
N LEU E 246 14.56 9.02 60.67
CA LEU E 246 13.52 8.37 61.46
C LEU E 246 12.16 9.00 61.21
N PHE E 247 12.11 10.29 60.89
CA PHE E 247 10.84 10.94 60.61
C PHE E 247 10.27 10.53 59.26
N MET E 248 11.12 10.38 58.24
CA MET E 248 10.59 9.93 56.96
C MET E 248 10.31 8.43 56.96
N ASN E 249 10.72 7.72 58.02
CA ASN E 249 10.25 6.36 58.22
C ASN E 249 8.76 6.31 58.53
N ALA E 250 8.17 7.44 58.95
CA ALA E 250 6.76 7.52 59.24
C ALA E 250 5.92 7.83 58.01
N TYR E 251 6.55 8.18 56.90
CA TYR E 251 5.80 8.46 55.68
C TYR E 251 5.12 7.19 55.18
N GLY E 252 3.82 7.28 54.94
CA GLY E 252 3.07 6.13 54.51
C GLY E 252 2.61 5.21 55.62
N ALA E 253 2.77 5.61 56.88
CA ALA E 253 2.28 4.81 57.98
C ALA E 253 0.77 4.77 57.96
N GLY E 254 0.21 3.57 58.17
CA GLY E 254 -1.20 3.37 58.04
C GLY E 254 -1.68 3.04 56.64
N GLN E 255 -0.78 2.99 55.66
CA GLN E 255 -1.10 2.70 54.28
C GLN E 255 -0.20 1.61 53.73
N VAL E 256 0.07 0.58 54.52
CA VAL E 256 0.96 -0.48 54.08
C VAL E 256 0.36 -1.29 52.95
N MET E 257 -0.96 -1.36 52.87
CA MET E 257 -1.59 -2.22 51.88
C MET E 257 -1.37 -1.71 50.47
N LEU E 258 -1.25 -0.40 50.29
CA LEU E 258 -0.95 0.14 48.96
C LEU E 258 0.43 -0.33 48.50
N ARG E 259 1.42 -0.26 49.38
CA ARG E 259 2.77 -0.71 49.06
C ARG E 259 2.80 -2.21 48.81
N TRP E 260 2.06 -2.98 49.62
CA TRP E 260 2.04 -4.42 49.42
C TRP E 260 1.28 -4.81 48.16
N GLY E 261 0.30 -4.01 47.75
CA GLY E 261 -0.35 -4.26 46.48
C GLY E 261 0.57 -3.98 45.29
N VAL E 262 1.34 -2.91 45.37
CA VAL E 262 2.35 -2.66 44.35
C VAL E 262 3.36 -3.80 44.31
N LEU E 263 3.72 -4.32 45.48
CA LEU E 263 4.63 -5.46 45.54
C LEU E 263 4.03 -6.70 44.90
N ALA E 264 2.75 -6.98 45.19
CA ALA E 264 2.10 -8.15 44.60
C ALA E 264 1.98 -8.01 43.09
N LYS E 265 1.84 -6.78 42.60
CA LYS E 265 1.89 -6.57 41.16
C LYS E 265 3.29 -6.85 40.64
N SER E 266 4.31 -6.45 41.38
CA SER E 266 5.69 -6.60 40.90
C SER E 266 6.10 -8.06 40.81
N VAL E 267 5.78 -8.86 41.84
CA VAL E 267 6.11 -10.28 41.79
C VAL E 267 5.13 -11.07 40.95
N LYS E 268 4.11 -10.42 40.40
CA LYS E 268 3.24 -11.00 39.37
C LYS E 268 2.49 -12.22 39.90
N ASN E 269 1.90 -12.07 41.07
CA ASN E 269 1.12 -13.14 41.67
C ASN E 269 -0.04 -13.51 40.76
N ILE E 270 -0.27 -14.82 40.60
CA ILE E 270 -1.29 -15.28 39.66
C ILE E 270 -2.70 -14.98 40.16
N MET E 271 -2.91 -15.05 41.48
CA MET E 271 -4.26 -14.85 42.00
C MET E 271 -4.77 -13.43 41.81
N LEU E 272 -3.99 -12.55 41.17
CA LEU E 272 -4.52 -11.29 40.69
C LEU E 272 -5.36 -11.48 39.44
N GLY E 273 -5.30 -12.66 38.82
CA GLY E 273 -6.11 -13.03 37.69
C GLY E 273 -7.42 -13.72 38.02
N HIS E 274 -7.73 -13.88 39.30
CA HIS E 274 -8.98 -14.47 39.71
C HIS E 274 -10.16 -13.59 39.27
N ALA E 275 -11.36 -14.15 39.30
CA ALA E 275 -12.52 -13.45 38.77
C ALA E 275 -12.89 -12.26 39.64
N SER E 276 -12.98 -12.46 40.95
CA SER E 276 -13.42 -11.40 41.85
C SER E 276 -12.39 -10.27 41.94
N VAL E 277 -11.10 -10.63 41.92
CA VAL E 277 -10.06 -9.61 41.92
C VAL E 277 -10.20 -8.73 40.69
N GLN E 278 -10.42 -9.35 39.53
CA GLN E 278 -10.59 -8.57 38.31
C GLN E 278 -11.88 -7.77 38.34
N ALA E 279 -12.89 -8.25 39.06
CA ALA E 279 -14.09 -7.44 39.26
C ALA E 279 -13.78 -6.16 40.02
N GLU E 280 -12.93 -6.25 41.05
CA GLU E 280 -12.63 -5.09 41.88
C GLU E 280 -11.52 -4.21 41.29
N MET E 281 -10.81 -4.66 40.26
CA MET E 281 -9.65 -3.93 39.77
C MET E 281 -9.99 -2.50 39.34
N GLU E 282 -11.22 -2.25 38.89
CA GLU E 282 -11.57 -0.90 38.46
C GLU E 282 -11.45 0.09 39.61
N GLN E 283 -12.08 -0.23 40.74
CA GLN E 283 -12.01 0.66 41.89
C GLN E 283 -10.66 0.61 42.56
N VAL E 284 -9.93 -0.51 42.43
CA VAL E 284 -8.57 -0.52 42.96
C VAL E 284 -7.69 0.47 42.23
N VAL E 285 -7.77 0.50 40.90
CA VAL E 285 -7.00 1.46 40.12
C VAL E 285 -7.49 2.88 40.42
N GLU E 286 -8.80 3.03 40.65
CA GLU E 286 -9.34 4.30 41.13
C GLU E 286 -8.61 4.79 42.38
N VAL E 287 -8.47 3.92 43.38
CA VAL E 287 -7.82 4.30 44.63
C VAL E 287 -6.36 4.65 44.40
N TYR E 288 -5.66 3.86 43.59
CA TYR E 288 -4.24 4.14 43.35
C TYR E 288 -4.04 5.46 42.63
N GLU E 289 -4.88 5.75 41.63
CA GLU E 289 -4.80 7.05 40.95
C GLU E 289 -5.10 8.18 41.91
N TYR E 290 -6.04 7.96 42.84
CA TYR E 290 -6.32 8.97 43.86
C TYR E 290 -5.09 9.22 44.73
N ALA E 291 -4.42 8.16 45.16
CA ALA E 291 -3.24 8.31 46.00
C ALA E 291 -2.16 9.08 45.27
N GLN E 292 -1.96 8.79 44.00
CA GLN E 292 -0.97 9.51 43.22
C GLN E 292 -1.34 10.97 43.00
N LYS E 293 -2.61 11.27 42.78
CA LYS E 293 -3.03 12.65 42.63
C LYS E 293 -2.81 13.43 43.93
N LEU E 294 -3.08 12.79 45.06
CA LEU E 294 -2.77 13.41 46.35
C LEU E 294 -1.28 13.70 46.47
N GLY E 295 -0.46 12.68 46.19
CA GLY E 295 0.98 12.88 46.18
C GLY E 295 1.64 12.87 47.55
N GLY E 296 2.52 13.83 47.79
CA GLY E 296 3.33 13.83 49.01
C GLY E 296 2.55 14.04 50.28
N GLU E 297 1.51 14.89 50.25
CA GLU E 297 0.79 15.21 51.47
C GLU E 297 0.07 13.99 52.04
N ALA E 298 -0.23 12.99 51.21
CA ALA E 298 -1.00 11.84 51.65
C ALA E 298 -0.21 10.90 52.53
N GLY E 299 1.10 11.07 52.66
CA GLY E 299 1.90 10.14 53.44
C GLY E 299 1.73 10.27 54.93
N PHE E 300 1.11 11.36 55.40
CA PHE E 300 0.90 11.59 56.82
C PHE E 300 -0.59 11.70 57.16
N TYR E 301 -1.47 11.19 56.30
CA TYR E 301 -2.90 11.30 56.55
C TYR E 301 -3.32 10.52 57.79
N HIS E 302 -2.81 9.30 57.94
CA HIS E 302 -3.23 8.46 59.07
C HIS E 302 -2.59 8.90 60.37
N ILE E 303 -1.37 9.42 60.33
CA ILE E 303 -0.74 9.95 61.53
C ILE E 303 -1.51 11.17 62.02
N LEU E 304 -1.87 12.05 61.11
CA LEU E 304 -2.60 13.28 61.45
C LEU E 304 -4.07 13.04 61.69
N ASN E 305 -4.57 11.82 61.46
CA ASN E 305 -6.01 11.53 61.50
C ASN E 305 -6.77 12.41 60.52
N ASN E 306 -6.21 12.58 59.33
CA ASN E 306 -6.91 13.32 58.29
C ASN E 306 -8.20 12.59 57.93
N PRO E 307 -9.32 13.30 57.82
CA PRO E 307 -10.59 12.63 57.52
C PRO E 307 -10.58 11.89 56.20
N LYS E 308 -9.81 12.35 55.22
CA LYS E 308 -9.70 11.70 53.92
C LYS E 308 -8.78 10.49 53.94
N ALA E 309 -8.34 10.05 55.11
CA ALA E 309 -7.54 8.84 55.19
C ALA E 309 -8.33 7.61 54.80
N SER E 310 -9.64 7.59 55.11
CA SER E 310 -10.47 6.44 54.80
C SER E 310 -10.63 6.21 53.30
N LEU E 311 -10.38 7.24 52.49
CA LEU E 311 -10.52 7.10 51.05
C LEU E 311 -9.38 6.30 50.42
N LEU E 312 -8.26 6.15 51.13
CA LEU E 312 -7.11 5.40 50.63
C LEU E 312 -7.16 3.93 51.01
N SER E 313 -8.18 3.50 51.73
CA SER E 313 -8.25 2.13 52.20
C SER E 313 -8.46 1.15 51.05
N LEU E 314 -7.88 -0.04 51.19
CA LEU E 314 -8.08 -1.12 50.25
C LEU E 314 -8.86 -2.29 50.83
N THR E 315 -9.17 -2.25 52.13
CA THR E 315 -9.95 -3.32 52.73
C THR E 315 -11.40 -3.32 52.27
N GLN E 316 -11.83 -2.27 51.59
CA GLN E 316 -13.13 -2.19 50.96
C GLN E 316 -13.23 -3.03 49.70
N PHE E 317 -12.13 -3.72 49.37
CA PHE E 317 -12.07 -4.70 48.28
C PHE E 317 -11.56 -5.99 48.89
N PRO E 318 -12.44 -6.81 49.46
CA PRO E 318 -11.97 -7.97 50.24
C PRO E 318 -11.11 -8.94 49.45
N HIS E 319 -11.42 -9.17 48.17
CA HIS E 319 -10.68 -10.16 47.40
C HIS E 319 -9.28 -9.68 47.07
N PHE E 320 -9.15 -8.44 46.60
CA PHE E 320 -7.84 -7.89 46.30
C PHE E 320 -7.01 -7.76 47.57
N SER E 321 -7.62 -7.32 48.66
CA SER E 321 -6.90 -7.22 49.93
C SER E 321 -6.43 -8.58 50.41
N SER E 322 -7.27 -9.60 50.27
CA SER E 322 -6.87 -10.94 50.69
C SER E 322 -5.71 -11.46 49.84
N VAL E 323 -5.75 -11.22 48.54
CA VAL E 323 -4.64 -11.63 47.68
C VAL E 323 -3.36 -10.91 48.08
N VAL E 324 -3.46 -9.61 48.38
CA VAL E 324 -2.29 -8.83 48.75
C VAL E 324 -1.70 -9.31 50.06
N LEU E 325 -2.55 -9.57 51.06
CA LEU E 325 -2.05 -10.11 52.33
C LEU E 325 -1.43 -11.49 52.13
N GLY E 326 -2.04 -12.33 51.31
CA GLY E 326 -1.46 -13.63 51.05
C GLY E 326 -0.10 -13.54 50.40
N ASN E 327 0.05 -12.65 49.43
CA ASN E 327 1.35 -12.47 48.79
C ASN E 327 2.38 -11.95 49.78
N ALA E 328 1.98 -11.03 50.66
CA ALA E 328 2.90 -10.52 51.67
C ALA E 328 3.34 -11.62 52.63
N ALA E 329 2.39 -12.47 53.05
CA ALA E 329 2.74 -13.54 53.99
C ALA E 329 3.60 -14.60 53.32
N GLY E 330 3.36 -14.86 52.04
CA GLY E 330 4.17 -15.84 51.33
C GLY E 330 5.61 -15.39 51.14
N LEU E 331 5.81 -14.11 50.86
CA LEU E 331 7.16 -13.58 50.69
C LEU E 331 7.90 -13.44 52.02
N GLY E 332 7.23 -13.67 53.15
CA GLY E 332 7.90 -13.63 54.44
C GLY E 332 8.16 -12.24 54.98
N ILE E 333 7.36 -11.26 54.59
CA ILE E 333 7.54 -9.89 55.08
C ILE E 333 6.36 -9.41 55.90
N MET E 334 5.34 -10.23 56.16
CA MET E 334 4.15 -9.72 56.83
C MET E 334 4.38 -9.53 58.33
N GLY E 335 5.33 -10.28 58.90
CA GLY E 335 5.67 -10.09 60.30
C GLY E 335 4.50 -10.38 61.23
N GLU E 336 4.25 -9.46 62.15
CA GLU E 336 3.11 -9.53 63.06
C GLU E 336 1.99 -8.60 62.64
N TYR E 337 1.80 -8.39 61.35
CA TYR E 337 0.76 -7.51 60.88
C TYR E 337 -0.59 -8.07 61.30
N ARG E 338 -1.34 -7.31 62.08
CA ARG E 338 -2.51 -7.84 62.77
C ARG E 338 -3.79 -7.62 61.97
N GLY E 339 -3.68 -7.11 60.75
CA GLY E 339 -4.78 -7.16 59.83
C GLY E 339 -5.00 -8.56 59.29
N THR E 340 -6.27 -8.93 59.15
CA THR E 340 -6.61 -10.30 58.81
C THR E 340 -7.36 -10.36 57.49
N PRO E 341 -7.14 -11.39 56.68
CA PRO E 341 -7.85 -11.48 55.40
C PRO E 341 -9.33 -11.73 55.64
N ARG E 342 -10.16 -11.25 54.71
CA ARG E 342 -11.59 -11.53 54.76
C ARG E 342 -12.04 -12.43 53.63
N ASN E 343 -11.10 -12.99 52.87
CA ASN E 343 -11.32 -14.10 51.95
C ASN E 343 -10.18 -15.08 52.22
N GLN E 344 -10.43 -16.07 53.08
CA GLN E 344 -9.36 -16.97 53.50
C GLN E 344 -8.83 -17.79 52.33
N ASP E 345 -9.71 -18.16 51.40
CA ASP E 345 -9.29 -19.01 50.29
C ASP E 345 -8.30 -18.30 49.38
N LEU E 346 -8.60 -17.07 48.98
CA LEU E 346 -7.67 -16.30 48.15
C LEU E 346 -6.39 -16.01 48.90
N TYR E 347 -6.50 -15.73 50.20
CA TYR E 347 -5.31 -15.52 51.02
C TYR E 347 -4.39 -16.74 50.97
N ASP E 348 -4.94 -17.93 51.19
CA ASP E 348 -4.13 -19.14 51.19
C ASP E 348 -3.55 -19.42 49.81
N ALA E 349 -4.34 -19.22 48.75
CA ALA E 349 -3.84 -19.47 47.41
C ALA E 349 -2.68 -18.54 47.06
N ALA E 350 -2.83 -17.25 47.37
CA ALA E 350 -1.77 -16.29 47.10
C ALA E 350 -0.54 -16.58 47.94
N LYS E 351 -0.74 -16.96 49.21
CA LYS E 351 0.39 -17.30 50.06
C LYS E 351 1.17 -18.49 49.51
N ALA E 352 0.45 -19.52 49.08
CA ALA E 352 1.11 -20.69 48.50
C ALA E 352 1.88 -20.34 47.24
N TYR E 353 1.27 -19.55 46.35
CA TYR E 353 1.98 -19.20 45.13
C TYR E 353 3.20 -18.35 45.43
N ALA E 354 3.11 -17.45 46.40
CA ALA E 354 4.25 -16.61 46.73
C ALA E 354 5.36 -17.44 47.35
N GLU E 355 5.01 -18.49 48.10
CA GLU E 355 6.03 -19.38 48.63
C GLU E 355 6.73 -20.15 47.51
N GLN E 356 5.96 -20.69 46.55
CA GLN E 356 6.62 -21.35 45.42
C GLN E 356 7.29 -20.37 44.49
N LEU E 357 7.09 -19.07 44.68
CA LEU E 357 7.84 -18.11 43.88
C LEU E 357 9.31 -18.06 44.27
N LYS E 358 9.73 -18.82 45.29
CA LYS E 358 11.11 -18.76 45.71
C LYS E 358 11.86 -20.05 45.40
N GLU E 359 11.24 -21.22 45.61
CA GLU E 359 11.84 -22.47 45.15
C GLU E 359 11.67 -22.63 43.64
N ASN E 360 10.50 -22.29 43.12
CA ASN E 360 10.19 -22.37 41.70
C ASN E 360 10.22 -20.94 41.18
N GLY E 361 11.39 -20.53 40.68
CA GLY E 361 11.67 -19.11 40.50
C GLY E 361 10.51 -18.31 39.94
N VAL E 362 10.17 -18.53 38.67
CA VAL E 362 9.08 -17.83 38.03
C VAL E 362 8.32 -18.83 37.16
N ILE E 363 7.12 -18.45 36.73
CA ILE E 363 6.32 -19.27 35.83
C ILE E 363 6.14 -18.49 34.53
N ASN E 364 6.55 -19.11 33.43
CA ASN E 364 6.29 -18.55 32.12
C ASN E 364 4.83 -18.78 31.75
N TYR E 365 4.38 -18.06 30.72
CA TYR E 365 3.02 -18.23 30.23
C TYR E 365 3.07 -18.66 28.77
N SER E 366 3.92 -19.67 28.51
CA SER E 366 4.01 -20.34 27.23
C SER E 366 2.72 -21.08 26.91
N VAL E 367 1.96 -21.43 27.95
CA VAL E 367 0.59 -21.89 27.76
C VAL E 367 -0.13 -20.83 26.94
N LEU E 368 -1.13 -21.22 26.15
CA LEU E 368 -1.80 -20.29 25.25
C LEU E 368 -0.85 -19.72 24.18
N ASP E 369 -0.48 -20.53 23.19
CA ASP E 369 0.21 -20.18 21.94
C ASP E 369 1.74 -20.14 22.01
N LEU E 370 2.38 -20.66 23.05
CA LEU E 370 3.84 -20.80 23.03
C LEU E 370 4.31 -22.10 23.68
N ALA F 2 24.02 -22.25 14.24
CA ALA F 2 22.81 -21.93 14.98
C ALA F 2 22.58 -22.93 16.10
N LEU F 3 22.28 -22.42 17.29
CA LEU F 3 22.09 -23.29 18.45
C LEU F 3 20.80 -24.09 18.34
N SER F 4 19.88 -23.68 17.47
CA SER F 4 18.61 -24.38 17.33
C SER F 4 18.74 -25.75 16.69
N LYS F 5 19.84 -26.03 15.99
CA LYS F 5 20.04 -27.33 15.36
C LYS F 5 20.88 -28.28 16.19
N VAL F 6 21.17 -27.94 17.45
CA VAL F 6 21.83 -28.86 18.37
C VAL F 6 20.71 -29.68 19.00
N LYS F 7 20.24 -30.69 18.27
CA LYS F 7 19.12 -31.48 18.71
C LYS F 7 19.26 -32.91 18.21
N LEU F 8 18.67 -33.84 18.95
CA LEU F 8 18.70 -35.27 18.61
C LEU F 8 17.32 -35.85 18.85
N ASN F 9 16.79 -36.54 17.85
CA ASN F 9 15.48 -37.18 17.95
C ASN F 9 15.66 -38.65 18.30
N ASP F 10 15.88 -38.90 19.59
CA ASP F 10 16.26 -40.24 20.04
C ASP F 10 15.09 -41.22 19.96
N THR F 11 13.89 -40.78 20.33
CA THR F 11 12.73 -41.67 20.31
C THR F 11 12.45 -42.16 18.90
N LEU F 12 12.43 -41.24 17.93
CA LEU F 12 12.14 -41.60 16.56
C LEU F 12 13.25 -42.46 15.96
N ASN F 13 14.50 -42.16 16.30
CA ASN F 13 15.60 -42.96 15.80
C ASN F 13 15.58 -44.38 16.36
N LYS F 14 15.26 -44.53 17.64
CA LYS F 14 15.10 -45.86 18.22
C LYS F 14 13.96 -46.62 17.55
N ASP F 15 12.83 -45.94 17.31
CA ASP F 15 11.73 -46.60 16.62
C ASP F 15 12.13 -47.04 15.22
N GLN F 16 12.86 -46.20 14.49
CA GLN F 16 13.28 -46.59 13.15
C GLN F 16 14.25 -47.75 13.19
N LEU F 17 15.14 -47.77 14.19
CA LEU F 17 16.05 -48.91 14.33
C LEU F 17 15.30 -50.20 14.60
N LEU F 18 14.28 -50.15 15.47
CA LEU F 18 13.54 -51.36 15.81
C LEU F 18 12.60 -51.80 14.70
N SER F 19 12.09 -50.87 13.90
CA SER F 19 11.14 -51.21 12.85
C SER F 19 11.80 -51.57 11.53
N SER F 20 13.10 -51.30 11.38
CA SER F 20 13.80 -51.59 10.13
C SER F 20 14.79 -52.74 10.28
N SER F 21 14.56 -53.65 11.22
CA SER F 21 15.44 -54.79 11.39
C SER F 21 15.30 -55.72 10.19
N LYS F 22 16.43 -56.22 9.71
CA LYS F 22 16.46 -57.12 8.56
C LYS F 22 16.74 -58.57 8.94
N TYR F 23 16.71 -58.88 10.23
CA TYR F 23 16.79 -60.25 10.72
C TYR F 23 15.68 -60.46 11.74
N THR F 24 15.20 -61.69 11.86
CA THR F 24 14.09 -62.02 12.74
C THR F 24 14.45 -63.22 13.60
N ILE F 25 13.92 -63.23 14.82
CA ILE F 25 14.05 -64.36 15.71
C ILE F 25 12.79 -65.20 15.61
N GLN F 26 12.87 -66.45 16.08
CA GLN F 26 11.73 -67.35 16.07
C GLN F 26 11.81 -68.21 17.33
N ARG F 27 10.92 -67.93 18.28
CA ARG F 27 10.93 -68.59 19.58
C ARG F 27 10.28 -69.96 19.47
N SER F 28 10.54 -70.81 20.47
CA SER F 28 9.96 -72.15 20.54
C SER F 28 9.08 -72.22 21.77
N THR F 29 7.80 -72.49 21.56
CA THR F 29 6.85 -72.49 22.68
C THR F 29 7.13 -73.60 23.68
N GLY F 30 7.77 -74.69 23.25
CA GLY F 30 7.99 -75.84 24.10
C GLY F 30 6.93 -76.92 23.96
N ASP F 31 5.96 -76.91 24.86
CA ASP F 31 4.78 -77.76 24.79
C ASP F 31 3.97 -77.44 23.52
N SER F 32 3.41 -78.50 22.95
CA SER F 32 2.63 -78.37 21.72
C SER F 32 1.36 -77.56 21.96
N ILE F 33 0.99 -76.74 20.98
CA ILE F 33 -0.22 -75.94 21.05
C ILE F 33 -1.35 -76.71 20.39
N ASP F 34 -2.46 -76.85 21.11
CA ASP F 34 -3.69 -77.39 20.55
C ASP F 34 -4.32 -76.29 19.72
N THR F 35 -4.79 -76.62 18.52
CA THR F 35 -5.43 -75.60 17.68
C THR F 35 -6.81 -76.08 17.28
N PRO F 36 -7.85 -75.87 18.10
CA PRO F 36 -9.20 -76.23 17.70
C PRO F 36 -9.70 -75.38 16.54
N ASN F 37 -10.59 -75.97 15.76
CA ASN F 37 -11.19 -75.32 14.60
C ASN F 37 -12.64 -74.97 14.93
N TYR F 38 -13.35 -74.47 13.92
CA TYR F 38 -14.76 -74.13 14.10
C TYR F 38 -15.61 -75.34 14.47
N ASP F 39 -15.11 -76.54 14.19
CA ASP F 39 -15.91 -77.75 14.38
C ASP F 39 -16.28 -77.95 15.84
N VAL F 40 -15.34 -77.74 16.75
CA VAL F 40 -15.50 -78.08 18.15
C VAL F 40 -15.89 -76.86 18.99
N GLN F 41 -16.28 -75.76 18.34
CA GLN F 41 -16.71 -74.58 19.09
C GLN F 41 -17.93 -74.88 19.94
N LYS F 42 -18.88 -75.65 19.41
CA LYS F 42 -20.07 -76.02 20.17
C LYS F 42 -19.70 -76.83 21.41
N HIS F 43 -18.76 -77.77 21.26
CA HIS F 43 -18.38 -78.61 22.39
C HIS F 43 -17.62 -77.81 23.45
N ILE F 44 -16.75 -76.90 23.02
CA ILE F 44 -16.02 -76.09 23.99
C ILE F 44 -16.99 -75.15 24.73
N ASN F 45 -17.98 -74.61 24.01
CA ASN F 45 -18.99 -73.81 24.67
C ASN F 45 -19.82 -74.65 25.65
N LYS F 46 -20.08 -75.90 25.29
CA LYS F 46 -20.76 -76.82 26.21
C LYS F 46 -19.93 -77.01 27.48
N LEU F 47 -18.62 -77.18 27.33
CA LEU F 47 -17.74 -77.36 28.48
C LEU F 47 -17.76 -76.13 29.37
N CYS F 48 -17.70 -74.94 28.76
CA CYS F 48 -17.76 -73.71 29.55
C CYS F 48 -19.09 -73.59 30.27
N GLY F 49 -20.18 -73.94 29.61
CA GLY F 49 -21.48 -73.91 30.28
C GLY F 49 -21.58 -74.88 31.43
N MET F 50 -21.03 -76.09 31.26
CA MET F 50 -21.02 -77.05 32.34
C MET F 50 -20.20 -76.54 33.52
N LEU F 51 -19.08 -75.87 33.25
CA LEU F 51 -18.33 -75.25 34.34
C LEU F 51 -19.15 -74.16 35.02
N LEU F 52 -19.91 -73.39 34.24
CA LEU F 52 -20.65 -72.26 34.81
C LEU F 52 -21.84 -72.71 35.65
N ILE F 53 -22.57 -73.76 35.24
CA ILE F 53 -23.73 -74.19 35.99
C ILE F 53 -23.38 -75.03 37.20
N THR F 54 -22.11 -75.34 37.41
CA THR F 54 -21.66 -76.20 38.50
C THR F 54 -21.38 -75.32 39.72
N GLU F 55 -22.24 -75.39 40.74
CA GLU F 55 -21.94 -74.66 41.95
C GLU F 55 -20.76 -75.28 42.70
N ASP F 56 -20.14 -74.48 43.57
CA ASP F 56 -18.95 -74.89 44.31
C ASP F 56 -17.94 -75.55 43.39
N ALA F 57 -17.69 -74.90 42.25
CA ALA F 57 -16.98 -75.52 41.16
C ALA F 57 -15.47 -75.47 41.36
N ASN F 58 -14.77 -76.27 40.57
CA ASN F 58 -13.30 -76.27 40.52
C ASN F 58 -12.90 -75.58 39.22
N HIS F 59 -12.33 -74.37 39.35
CA HIS F 59 -11.93 -73.58 38.19
C HIS F 59 -10.44 -73.66 37.91
N LYS F 60 -9.80 -74.79 38.22
CA LYS F 60 -8.36 -74.90 37.96
C LYS F 60 -8.05 -74.86 36.48
N PHE F 61 -8.97 -75.29 35.63
CA PHE F 61 -8.72 -75.42 34.20
C PHE F 61 -9.53 -74.45 33.36
N THR F 62 -10.19 -73.47 34.00
CA THR F 62 -11.08 -72.57 33.26
C THR F 62 -10.30 -71.66 32.33
N GLY F 63 -9.09 -71.25 32.71
CA GLY F 63 -8.30 -70.39 31.85
C GLY F 63 -7.94 -71.08 30.54
N LEU F 64 -7.51 -72.34 30.62
CA LEU F 64 -7.17 -73.08 29.41
C LEU F 64 -8.40 -73.33 28.54
N ILE F 65 -9.54 -73.60 29.16
CA ILE F 65 -10.76 -73.85 28.39
C ILE F 65 -11.22 -72.57 27.70
N GLY F 66 -11.11 -71.43 28.38
CA GLY F 66 -11.42 -70.17 27.74
C GLY F 66 -10.48 -69.84 26.59
N MET F 67 -9.20 -70.15 26.77
CA MET F 67 -8.25 -69.97 25.67
C MET F 67 -8.60 -70.85 24.48
N LEU F 68 -8.99 -72.10 24.76
CA LEU F 68 -9.41 -72.99 23.69
C LEU F 68 -10.64 -72.46 22.98
N TYR F 69 -11.60 -71.91 23.73
CA TYR F 69 -12.80 -71.35 23.11
C TYR F 69 -12.45 -70.16 22.22
N ALA F 70 -11.58 -69.27 22.70
CA ALA F 70 -11.16 -68.15 21.88
C ALA F 70 -10.46 -68.61 20.61
N MET F 71 -9.57 -69.60 20.74
CA MET F 71 -8.87 -70.12 19.58
C MET F 71 -9.80 -70.83 18.61
N SER F 72 -10.85 -71.47 19.10
CA SER F 72 -11.82 -72.11 18.21
C SER F 72 -12.67 -71.07 17.50
N ARG F 73 -12.97 -69.95 18.17
CA ARG F 73 -13.66 -68.86 17.49
C ARG F 73 -12.79 -68.27 16.39
N LEU F 74 -11.49 -68.10 16.65
CA LEU F 74 -10.61 -67.57 15.62
C LEU F 74 -10.50 -68.54 14.44
N GLY F 75 -10.49 -69.83 14.72
CA GLY F 75 -10.23 -70.86 13.74
C GLY F 75 -8.78 -71.30 13.75
N ARG F 76 -8.54 -72.51 13.23
CA ARG F 76 -7.19 -73.06 13.25
C ARG F 76 -6.25 -72.27 12.35
N GLU F 77 -6.73 -71.88 11.16
CA GLU F 77 -5.88 -71.14 10.23
C GLU F 77 -5.41 -69.84 10.87
N ASP F 78 -6.35 -69.06 11.41
CA ASP F 78 -5.99 -67.76 11.99
C ASP F 78 -5.17 -67.93 13.27
N THR F 79 -5.46 -68.95 14.07
CA THR F 79 -4.63 -69.17 15.26
C THR F 79 -3.19 -69.47 14.87
N ILE F 80 -3.00 -70.36 13.89
CA ILE F 80 -1.66 -70.67 13.43
C ILE F 80 -0.98 -69.43 12.87
N LYS F 81 -1.70 -68.65 12.06
CA LYS F 81 -1.11 -67.45 11.48
C LYS F 81 -0.72 -66.44 12.54
N ILE F 82 -1.55 -66.29 13.57
CA ILE F 82 -1.21 -65.40 14.69
C ILE F 82 0.06 -65.88 15.37
N LEU F 83 0.17 -67.18 15.62
CA LEU F 83 1.35 -67.69 16.32
C LEU F 83 2.62 -67.49 15.49
N ARG F 84 2.54 -67.72 14.17
CA ARG F 84 3.70 -67.41 13.33
C ARG F 84 4.04 -65.93 13.34
N ASP F 85 3.03 -65.06 13.16
CA ASP F 85 3.31 -63.64 13.10
C ASP F 85 3.88 -63.12 14.41
N ALA F 86 3.53 -63.74 15.54
CA ALA F 86 4.13 -63.36 16.81
C ALA F 86 5.56 -63.86 16.92
N GLY F 87 6.02 -64.70 16.00
CA GLY F 87 7.38 -65.20 16.03
C GLY F 87 7.54 -66.40 16.94
N TYR F 88 6.76 -67.44 16.70
CA TYR F 88 6.79 -68.65 17.50
C TYR F 88 6.90 -69.87 16.60
N HIS F 89 7.65 -70.87 17.07
CA HIS F 89 7.61 -72.20 16.48
C HIS F 89 6.57 -73.02 17.23
N VAL F 90 5.53 -73.46 16.52
CA VAL F 90 4.38 -74.08 17.13
C VAL F 90 4.18 -75.46 16.55
N LYS F 91 3.92 -76.42 17.43
CA LYS F 91 3.49 -77.77 17.05
C LYS F 91 1.97 -77.75 17.02
N ALA F 92 1.41 -77.56 15.83
CA ALA F 92 -0.03 -77.47 15.69
C ALA F 92 -0.66 -78.84 15.95
N ASN F 93 -1.51 -78.89 16.97
CA ASN F 93 -2.15 -80.13 17.41
C ASN F 93 -3.61 -80.11 16.99
N GLY F 94 -4.00 -81.10 16.21
CA GLY F 94 -5.38 -81.17 15.76
C GLY F 94 -6.30 -81.58 16.90
N VAL F 95 -7.44 -80.89 17.02
CA VAL F 95 -8.43 -81.17 18.04
C VAL F 95 -9.68 -81.69 17.35
N ASP F 96 -10.12 -82.88 17.76
CA ASP F 96 -11.35 -83.46 17.24
C ASP F 96 -12.07 -84.16 18.37
N VAL F 97 -13.35 -84.34 18.16
CA VAL F 97 -14.23 -84.88 19.20
C VAL F 97 -14.33 -86.40 19.05
N THR F 98 -14.31 -87.09 20.18
CA THR F 98 -14.47 -88.53 20.19
C THR F 98 -15.26 -88.92 21.43
N THR F 99 -15.77 -90.16 21.43
CA THR F 99 -16.51 -90.72 22.55
C THR F 99 -15.62 -91.58 23.43
N HIS F 100 -15.89 -91.54 24.73
CA HIS F 100 -15.21 -92.37 25.72
C HIS F 100 -16.28 -93.03 26.57
N ARG F 101 -16.12 -94.31 26.84
CA ARG F 101 -17.09 -95.10 27.59
C ARG F 101 -16.45 -95.50 28.91
N GLN F 102 -17.10 -95.18 30.03
CA GLN F 102 -16.63 -95.65 31.31
C GLN F 102 -17.82 -95.93 32.23
N ASP F 103 -17.55 -96.75 33.24
CA ASP F 103 -18.56 -97.22 34.19
C ASP F 103 -18.38 -96.50 35.52
N ILE F 104 -19.27 -95.57 35.81
CA ILE F 104 -19.34 -94.91 37.10
C ILE F 104 -20.66 -95.28 37.76
N ASN F 105 -20.64 -95.46 39.08
CA ASN F 105 -21.79 -95.95 39.83
C ASN F 105 -22.20 -97.35 39.36
N GLY F 106 -21.24 -98.09 38.79
CA GLY F 106 -21.54 -99.40 38.25
C GLY F 106 -22.41 -99.40 37.02
N LYS F 107 -22.48 -98.29 36.29
CA LYS F 107 -23.34 -98.16 35.13
C LYS F 107 -22.53 -97.66 33.94
N GLU F 108 -22.76 -98.25 32.78
CA GLU F 108 -22.12 -97.85 31.54
C GLU F 108 -22.56 -96.44 31.18
N MET F 109 -21.61 -95.58 30.80
CA MET F 109 -21.93 -94.19 30.53
C MET F 109 -21.22 -93.67 29.28
N LYS F 110 -21.98 -92.90 28.52
CA LYS F 110 -21.54 -92.29 27.27
C LYS F 110 -21.09 -90.86 27.52
N PHE F 111 -19.82 -90.58 27.26
CA PHE F 111 -19.27 -89.23 27.28
C PHE F 111 -18.66 -88.90 25.93
N GLU F 112 -18.80 -87.64 25.53
CA GLU F 112 -18.23 -87.11 24.31
C GLU F 112 -17.19 -86.08 24.69
N VAL F 113 -15.92 -86.36 24.41
CA VAL F 113 -14.81 -85.54 24.86
C VAL F 113 -13.97 -85.12 23.66
N LEU F 114 -12.93 -84.33 23.93
CA LEU F 114 -12.04 -83.78 22.92
C LEU F 114 -10.64 -84.34 23.09
N THR F 115 -9.91 -84.44 21.98
CA THR F 115 -8.50 -84.83 21.99
C THR F 115 -7.66 -83.58 22.22
N LEU F 116 -7.47 -83.23 23.48
CA LEU F 116 -6.63 -82.10 23.86
C LEU F 116 -5.42 -82.63 24.62
N ALA F 117 -4.22 -82.27 24.13
CA ALA F 117 -3.02 -82.69 24.82
C ALA F 117 -2.87 -81.97 26.17
N SER F 118 -3.36 -80.74 26.26
CA SER F 118 -3.23 -79.97 27.49
C SER F 118 -4.28 -80.35 28.52
N LEU F 119 -5.40 -80.93 28.08
CA LEU F 119 -6.53 -81.23 28.95
C LEU F 119 -6.87 -82.71 28.82
N THR F 120 -6.67 -83.46 29.90
CA THR F 120 -6.87 -84.91 29.84
C THR F 120 -8.35 -85.26 29.85
N THR F 121 -8.64 -86.50 29.47
CA THR F 121 -10.03 -86.97 29.40
C THR F 121 -10.68 -87.01 30.77
N GLU F 122 -9.92 -87.42 31.81
CA GLU F 122 -10.47 -87.48 33.16
C GLU F 122 -11.05 -86.14 33.59
N ILE F 123 -10.36 -85.05 33.24
CA ILE F 123 -10.78 -83.73 33.69
C ILE F 123 -12.13 -83.37 33.07
N GLN F 124 -12.29 -83.60 31.76
CA GLN F 124 -13.55 -83.32 31.09
C GLN F 124 -14.67 -84.20 31.63
N ILE F 125 -14.36 -85.49 31.86
CA ILE F 125 -15.37 -86.40 32.43
C ILE F 125 -15.83 -85.89 33.79
N ASN F 126 -14.88 -85.48 34.63
CA ASN F 126 -15.24 -85.04 35.97
C ASN F 126 -16.00 -83.73 35.93
N ILE F 127 -15.65 -82.86 34.99
CA ILE F 127 -16.43 -81.63 34.80
C ILE F 127 -17.87 -81.98 34.47
N GLU F 128 -18.07 -82.92 33.55
CA GLU F 128 -19.44 -83.34 33.23
C GLU F 128 -20.15 -83.94 34.43
N ILE F 129 -19.45 -84.75 35.22
CA ILE F 129 -20.08 -85.39 36.38
C ILE F 129 -20.55 -84.34 37.37
N GLU F 130 -19.66 -83.39 37.70
CA GLU F 130 -20.02 -82.35 38.66
C GLU F 130 -21.18 -81.51 38.12
N SER F 131 -21.13 -81.15 36.85
CA SER F 131 -22.21 -80.36 36.26
C SER F 131 -23.52 -81.12 36.30
N ARG F 132 -23.50 -82.41 35.96
CA ARG F 132 -24.73 -83.19 35.94
C ARG F 132 -25.35 -83.30 37.33
N LYS F 133 -24.54 -83.56 38.35
CA LYS F 133 -25.14 -83.74 39.67
C LYS F 133 -25.58 -82.41 40.28
N SER F 134 -24.85 -81.32 39.98
CA SER F 134 -25.32 -80.01 40.41
C SER F 134 -26.63 -79.64 39.71
N TYR F 135 -26.73 -79.96 38.42
CA TYR F 135 -27.96 -79.74 37.67
C TYR F 135 -29.11 -80.55 38.26
N LYS F 136 -28.84 -81.82 38.62
CA LYS F 136 -29.86 -82.65 39.24
C LYS F 136 -30.34 -82.04 40.56
N LYS F 137 -29.40 -81.61 41.40
CA LYS F 137 -29.76 -81.05 42.70
C LYS F 137 -30.56 -79.76 42.55
N MET F 138 -30.16 -78.90 41.61
CA MET F 138 -30.85 -77.62 41.45
C MET F 138 -32.21 -77.81 40.79
N LEU F 139 -32.32 -78.78 39.88
CA LEU F 139 -33.61 -79.13 39.30
C LEU F 139 -34.54 -79.68 40.36
N LYS F 140 -34.01 -80.48 41.28
CA LYS F 140 -34.80 -80.96 42.41
C LYS F 140 -35.26 -79.81 43.29
N GLU F 141 -34.37 -78.84 43.53
CA GLU F 141 -34.69 -77.76 44.45
C GLU F 141 -35.58 -76.68 43.85
N MET F 142 -35.74 -76.61 42.52
CA MET F 142 -36.66 -75.64 41.96
C MET F 142 -37.63 -76.21 40.92
N GLY F 143 -37.58 -77.51 40.63
CA GLY F 143 -38.63 -78.12 39.84
C GLY F 143 -38.39 -78.21 38.34
N GLU F 144 -38.31 -77.08 37.67
CA GLU F 144 -38.12 -77.05 36.22
C GLU F 144 -37.09 -76.00 35.85
N VAL F 145 -36.22 -76.35 34.91
CA VAL F 145 -35.16 -75.44 34.46
C VAL F 145 -35.64 -74.60 33.28
N ALA F 146 -34.90 -73.55 32.99
CA ALA F 146 -35.10 -72.68 31.84
C ALA F 146 -33.81 -72.64 31.04
N PRO F 147 -33.86 -72.20 29.78
CA PRO F 147 -32.62 -72.01 29.03
C PRO F 147 -31.63 -71.08 29.70
N GLU F 148 -32.09 -70.29 30.68
CA GLU F 148 -31.18 -69.47 31.46
C GLU F 148 -30.23 -70.31 32.30
N TYR F 149 -30.74 -71.38 32.91
CA TYR F 149 -29.96 -72.27 33.76
C TYR F 149 -29.59 -73.51 32.97
N ARG F 150 -28.58 -73.39 32.10
CA ARG F 150 -28.10 -74.56 31.36
C ARG F 150 -26.76 -74.24 30.71
N HIS F 151 -26.08 -75.31 30.29
CA HIS F 151 -24.81 -75.22 29.57
C HIS F 151 -24.99 -74.97 28.08
N ASP F 152 -26.20 -75.11 27.55
CA ASP F 152 -26.42 -74.97 26.12
C ASP F 152 -26.55 -73.52 25.66
N SER F 153 -26.50 -72.57 26.59
CA SER F 153 -26.56 -71.16 26.21
C SER F 153 -25.35 -70.81 25.34
N PRO F 154 -25.52 -70.01 24.29
CA PRO F 154 -24.40 -69.74 23.38
C PRO F 154 -23.42 -68.70 23.88
N ASP F 155 -23.59 -68.18 25.09
CA ASP F 155 -22.73 -67.13 25.63
C ASP F 155 -22.00 -67.56 26.90
N CYS F 156 -22.08 -68.83 27.27
CA CYS F 156 -21.41 -69.31 28.47
C CYS F 156 -19.90 -69.16 28.35
N GLY F 157 -19.34 -69.47 27.18
CA GLY F 157 -17.92 -69.24 26.97
C GLY F 157 -17.57 -67.77 26.96
N MET F 158 -18.46 -66.93 26.43
CA MET F 158 -18.16 -65.51 26.34
C MET F 158 -18.22 -64.81 27.70
N ILE F 159 -18.95 -65.34 28.66
CA ILE F 159 -18.87 -64.81 30.02
C ILE F 159 -17.48 -65.06 30.62
N ILE F 160 -16.97 -66.27 30.45
CA ILE F 160 -15.61 -66.58 30.89
C ILE F 160 -14.61 -65.68 30.19
N LEU F 161 -14.82 -65.42 28.91
CA LEU F 161 -13.92 -64.52 28.19
C LEU F 161 -14.08 -63.08 28.65
N CYS F 162 -15.24 -62.70 29.19
CA CYS F 162 -15.38 -61.39 29.82
C CYS F 162 -14.51 -61.29 31.06
N ILE F 163 -14.50 -62.33 31.88
CA ILE F 163 -13.60 -62.36 33.03
C ILE F 163 -12.15 -62.26 32.55
N ALA F 164 -11.82 -62.96 31.47
CA ALA F 164 -10.48 -62.89 30.91
C ALA F 164 -10.17 -61.47 30.45
N ALA F 165 -11.14 -60.76 29.88
CA ALA F 165 -10.94 -59.40 29.43
C ALA F 165 -10.63 -58.48 30.60
N LEU F 166 -11.32 -58.65 31.73
CA LEU F 166 -11.00 -57.87 32.91
C LEU F 166 -9.58 -58.16 33.40
N VAL F 167 -9.20 -59.45 33.42
CA VAL F 167 -7.83 -59.80 33.80
C VAL F 167 -6.83 -59.14 32.87
N ILE F 168 -7.15 -59.09 31.58
CA ILE F 168 -6.26 -58.43 30.61
C ILE F 168 -6.14 -56.95 30.90
N THR F 169 -7.25 -56.30 31.25
CA THR F 169 -7.20 -54.89 31.62
C THR F 169 -6.22 -54.67 32.77
N LYS F 170 -6.20 -55.58 33.74
CA LYS F 170 -5.31 -55.41 34.89
C LYS F 170 -3.96 -56.09 34.74
N LEU F 171 -3.68 -56.73 33.61
CA LEU F 171 -2.39 -57.40 33.43
C LEU F 171 -1.19 -56.45 33.46
N ALA F 172 -1.37 -55.20 33.05
CA ALA F 172 -0.21 -54.31 32.92
C ALA F 172 0.43 -53.96 34.26
N ALA F 173 -0.22 -54.28 35.38
CA ALA F 173 0.36 -54.00 36.68
C ALA F 173 1.55 -54.89 37.01
N GLY F 174 1.79 -55.94 36.23
CA GLY F 174 2.95 -56.78 36.40
C GLY F 174 2.78 -57.95 37.35
N ASP F 175 1.66 -58.03 38.06
CA ASP F 175 1.41 -59.12 38.99
C ASP F 175 -0.09 -59.19 39.25
N ARG F 176 -0.49 -60.00 40.22
CA ARG F 176 -1.90 -60.16 40.54
C ARG F 176 -2.37 -59.17 41.59
N SER F 177 -2.06 -57.90 41.37
CA SER F 177 -2.50 -56.84 42.28
C SER F 177 -3.82 -56.23 41.86
N GLY F 178 -4.26 -56.47 40.64
CA GLY F 178 -5.54 -55.97 40.17
C GLY F 178 -6.64 -56.98 40.32
N LEU F 179 -6.40 -58.02 41.11
CA LEU F 179 -7.41 -59.05 41.32
C LEU F 179 -8.65 -58.50 42.00
N THR F 180 -8.45 -57.62 42.99
CA THR F 180 -9.59 -57.02 43.68
C THR F 180 -10.41 -56.16 42.72
N ALA F 181 -9.74 -55.39 41.86
CA ALA F 181 -10.46 -54.60 40.86
C ALA F 181 -11.21 -55.49 39.89
N VAL F 182 -10.60 -56.61 39.49
CA VAL F 182 -11.27 -57.55 38.60
C VAL F 182 -12.54 -58.09 39.26
N ILE F 183 -12.45 -58.49 40.53
CA ILE F 183 -13.62 -59.01 41.22
C ILE F 183 -14.70 -57.94 41.36
N ARG F 184 -14.30 -56.72 41.72
CA ARG F 184 -15.29 -55.65 41.88
C ARG F 184 -16.00 -55.34 40.57
N ARG F 185 -15.25 -55.25 39.47
CA ARG F 185 -15.87 -54.95 38.19
C ARG F 185 -16.69 -56.12 37.67
N ALA F 186 -16.30 -57.35 37.98
CA ALA F 186 -17.08 -58.51 37.58
C ALA F 186 -18.31 -58.69 38.45
N ASN F 187 -18.36 -58.02 39.60
CA ASN F 187 -19.61 -57.99 40.37
C ASN F 187 -20.52 -56.87 39.90
N ASN F 188 -19.95 -55.70 39.57
CA ASN F 188 -20.76 -54.63 39.01
C ASN F 188 -21.36 -55.05 37.67
N VAL F 189 -20.50 -55.30 36.69
CA VAL F 189 -20.95 -55.93 35.46
C VAL F 189 -21.28 -57.39 35.77
N LEU F 190 -22.13 -58.00 34.93
CA LEU F 190 -22.40 -59.44 34.98
C LEU F 190 -23.09 -59.87 36.28
N LYS F 191 -23.81 -58.96 36.94
CA LYS F 191 -24.51 -59.34 38.17
C LYS F 191 -25.69 -60.26 37.89
N ASN F 192 -26.40 -60.01 36.79
CA ASN F 192 -27.47 -60.92 36.36
C ASN F 192 -26.92 -62.32 36.11
N GLU F 193 -25.76 -62.41 35.46
CA GLU F 193 -25.14 -63.72 35.27
C GLU F 193 -24.73 -64.35 36.59
N MET F 194 -24.19 -63.55 37.51
CA MET F 194 -23.79 -64.11 38.81
C MET F 194 -25.00 -64.59 39.60
N LYS F 195 -26.18 -64.06 39.31
CA LYS F 195 -27.40 -64.74 39.70
C LYS F 195 -27.55 -66.05 38.95
N ARG F 196 -27.57 -65.98 37.63
CA ARG F 196 -28.03 -67.06 36.77
C ARG F 196 -27.10 -68.27 36.81
N TYR F 197 -25.81 -68.08 36.97
CA TYR F 197 -24.86 -69.19 36.94
C TYR F 197 -24.28 -69.46 38.32
N LYS F 198 -24.39 -70.73 38.74
CA LYS F 198 -23.97 -71.14 40.07
C LYS F 198 -22.45 -71.09 40.22
N GLY F 199 -21.71 -71.44 39.18
CA GLY F 199 -20.28 -71.53 39.21
C GLY F 199 -19.54 -70.33 38.69
N LEU F 200 -20.24 -69.23 38.43
CA LEU F 200 -19.59 -68.00 37.98
C LEU F 200 -18.95 -67.35 39.19
N LEU F 201 -17.77 -67.84 39.56
CA LEU F 201 -17.02 -67.27 40.65
C LEU F 201 -15.91 -66.41 40.07
N PRO F 202 -16.02 -65.08 40.14
CA PRO F 202 -15.03 -64.23 39.46
C PRO F 202 -13.62 -64.45 39.92
N LYS F 203 -13.39 -64.70 41.21
CA LYS F 203 -12.03 -64.77 41.72
C LYS F 203 -11.31 -66.01 41.21
N ASP F 204 -11.99 -67.16 41.20
CA ASP F 204 -11.35 -68.39 40.75
C ASP F 204 -11.03 -68.33 39.26
N ILE F 205 -11.96 -67.85 38.44
CA ILE F 205 -11.72 -67.72 37.02
C ILE F 205 -10.60 -66.71 36.75
N ALA F 206 -10.59 -65.60 37.49
CA ALA F 206 -9.55 -64.61 37.33
C ALA F 206 -8.18 -65.18 37.69
N ASN F 207 -8.11 -65.96 38.76
CA ASN F 207 -6.85 -66.59 39.14
C ASN F 207 -6.40 -67.59 38.08
N SER F 208 -7.34 -68.35 37.52
CA SER F 208 -7.00 -69.29 36.46
C SER F 208 -6.45 -68.57 35.24
N PHE F 209 -7.05 -67.45 34.87
CA PHE F 209 -6.56 -66.72 33.71
C PHE F 209 -5.22 -66.05 33.98
N TYR F 210 -5.03 -65.54 35.20
CA TYR F 210 -3.72 -65.04 35.59
C TYR F 210 -2.66 -66.11 35.45
N GLU F 211 -2.95 -67.32 35.96
CA GLU F 211 -2.00 -68.43 35.85
C GLU F 211 -1.68 -68.76 34.40
N VAL F 212 -2.72 -68.88 33.56
CA VAL F 212 -2.47 -69.31 32.18
C VAL F 212 -1.72 -68.23 31.42
N PHE F 213 -1.97 -66.96 31.73
CA PHE F 213 -1.23 -65.89 31.06
C PHE F 213 0.21 -65.84 31.53
N GLU F 214 0.46 -66.18 32.80
CA GLU F 214 1.83 -66.21 33.29
C GLU F 214 2.61 -67.36 32.69
N LYS F 215 2.00 -68.54 32.59
CA LYS F 215 2.73 -69.71 32.11
C LYS F 215 2.97 -69.65 30.61
N HIS F 216 1.97 -69.19 29.85
CA HIS F 216 2.02 -69.18 28.38
C HIS F 216 1.90 -67.75 27.89
N PRO F 217 3.01 -67.04 27.71
CA PRO F 217 2.93 -65.66 27.20
C PRO F 217 2.37 -65.55 25.79
N HIS F 218 2.40 -66.63 24.99
CA HIS F 218 1.79 -66.56 23.66
C HIS F 218 0.27 -66.54 23.73
N PHE F 219 -0.31 -67.02 24.82
CA PHE F 219 -1.76 -66.95 24.96
C PHE F 219 -2.22 -65.52 25.15
N ILE F 220 -1.38 -64.64 25.70
CA ILE F 220 -1.73 -63.23 25.77
C ILE F 220 -1.85 -62.65 24.37
N ASP F 221 -0.90 -62.96 23.50
CA ASP F 221 -0.97 -62.50 22.12
C ASP F 221 -2.20 -63.05 21.41
N VAL F 222 -2.46 -64.34 21.58
CA VAL F 222 -3.62 -64.96 20.95
C VAL F 222 -4.91 -64.32 21.43
N PHE F 223 -5.02 -64.08 22.74
CA PHE F 223 -6.24 -63.51 23.29
C PHE F 223 -6.42 -62.07 22.86
N VAL F 224 -5.33 -61.30 22.81
CA VAL F 224 -5.46 -59.91 22.38
C VAL F 224 -5.93 -59.83 20.94
N HIS F 225 -5.38 -60.67 20.07
CA HIS F 225 -5.80 -60.62 18.68
C HIS F 225 -7.18 -61.21 18.50
N PHE F 226 -7.58 -62.19 19.33
CA PHE F 226 -8.96 -62.63 19.32
C PHE F 226 -9.91 -61.52 19.73
N GLY F 227 -9.54 -60.76 20.76
CA GLY F 227 -10.38 -59.66 21.20
C GLY F 227 -10.50 -58.58 20.15
N ILE F 228 -9.43 -58.33 19.41
CA ILE F 228 -9.50 -57.35 18.33
C ILE F 228 -10.38 -57.87 17.20
N ALA F 229 -10.26 -59.15 16.86
CA ALA F 229 -11.10 -59.72 15.80
C ALA F 229 -12.56 -59.75 16.21
N GLN F 230 -12.84 -60.08 17.47
CA GLN F 230 -14.21 -60.08 17.97
C GLN F 230 -14.80 -58.69 17.95
N SER F 231 -14.02 -57.69 18.34
CA SER F 231 -14.48 -56.31 18.35
C SER F 231 -14.62 -55.73 16.96
N SER F 232 -14.15 -56.43 15.93
CA SER F 232 -14.30 -55.98 14.55
C SER F 232 -15.51 -56.57 13.86
N THR F 233 -16.38 -57.28 14.59
CA THR F 233 -17.56 -57.86 14.01
C THR F 233 -18.63 -56.79 13.77
N ARG F 234 -19.60 -57.13 12.93
CA ARG F 234 -20.70 -56.23 12.63
C ARG F 234 -21.73 -56.16 13.75
N GLY F 235 -21.74 -57.14 14.65
CA GLY F 235 -22.70 -57.15 15.73
C GLY F 235 -22.68 -58.49 16.43
N GLY F 236 -23.57 -58.63 17.41
CA GLY F 236 -23.64 -59.87 18.17
C GLY F 236 -24.63 -59.74 19.30
N SER F 237 -24.53 -60.67 20.25
CA SER F 237 -25.39 -60.69 21.41
C SER F 237 -24.97 -59.60 22.40
N ARG F 238 -25.69 -59.51 23.52
CA ARG F 238 -25.37 -58.50 24.50
C ARG F 238 -24.13 -58.89 25.32
N VAL F 239 -23.90 -60.18 25.49
CA VAL F 239 -22.70 -60.63 26.19
C VAL F 239 -21.46 -60.33 25.38
N GLU F 240 -21.56 -60.46 24.05
CA GLU F 240 -20.43 -60.09 23.20
C GLU F 240 -20.19 -58.58 23.25
N GLY F 241 -21.26 -57.79 23.36
CA GLY F 241 -21.09 -56.36 23.56
C GLY F 241 -20.42 -56.04 24.88
N ILE F 242 -20.77 -56.77 25.94
CA ILE F 242 -20.10 -56.59 27.21
C ILE F 242 -18.63 -56.93 27.09
N PHE F 243 -18.31 -58.03 26.40
CA PHE F 243 -16.92 -58.41 26.22
C PHE F 243 -16.16 -57.34 25.45
N ALA F 244 -16.76 -56.80 24.39
CA ALA F 244 -16.09 -55.76 23.62
C ALA F 244 -15.85 -54.51 24.46
N GLY F 245 -16.84 -54.12 25.26
CA GLY F 245 -16.66 -52.97 26.13
C GLY F 245 -15.59 -53.17 27.17
N LEU F 246 -15.54 -54.36 27.77
CA LEU F 246 -14.51 -54.65 28.76
C LEU F 246 -13.14 -54.81 28.13
N PHE F 247 -13.07 -55.30 26.90
CA PHE F 247 -11.80 -55.47 26.23
C PHE F 247 -11.20 -54.14 25.80
N MET F 248 -12.03 -53.22 25.31
CA MET F 248 -11.48 -51.92 24.94
C MET F 248 -11.21 -51.05 26.16
N ASN F 249 -11.65 -51.49 27.35
CA ASN F 249 -11.19 -50.88 28.58
C ASN F 249 -9.72 -51.12 28.82
N ALA F 250 -9.14 -52.12 28.17
CA ALA F 250 -7.71 -52.42 28.30
C ALA F 250 -6.85 -51.60 27.34
N TYR F 251 -7.45 -50.89 26.40
CA TYR F 251 -6.68 -50.08 25.47
C TYR F 251 -6.01 -48.94 26.22
N GLY F 252 -4.70 -48.81 26.04
CA GLY F 252 -3.95 -47.79 26.75
C GLY F 252 -3.52 -48.17 28.14
N ALA F 253 -3.70 -49.42 28.54
CA ALA F 253 -3.23 -49.86 29.84
C ALA F 253 -1.72 -49.83 29.90
N GLY F 254 -1.18 -49.32 31.00
CA GLY F 254 0.24 -49.11 31.11
C GLY F 254 0.72 -47.79 30.58
N GLN F 255 -0.15 -46.96 30.04
CA GLN F 255 0.20 -45.66 29.47
C GLN F 255 -0.70 -44.57 30.02
N VAL F 256 -1.00 -44.62 31.32
CA VAL F 256 -1.90 -43.63 31.92
C VAL F 256 -1.28 -42.24 31.92
N MET F 257 0.05 -42.15 31.96
CA MET F 257 0.69 -40.85 32.09
C MET F 257 0.50 -40.00 30.85
N LEU F 258 0.40 -40.61 29.68
CA LEU F 258 0.12 -39.85 28.47
C LEU F 258 -1.25 -39.18 28.55
N ARG F 259 -2.26 -39.94 28.98
CA ARG F 259 -3.60 -39.39 29.14
C ARG F 259 -3.63 -38.31 30.22
N TRP F 260 -2.93 -38.54 31.32
CA TRP F 260 -2.92 -37.53 32.38
C TRP F 260 -2.14 -36.28 31.98
N GLY F 261 -1.14 -36.43 31.11
CA GLY F 261 -0.47 -35.26 30.58
C GLY F 261 -1.35 -34.45 29.66
N VAL F 262 -2.13 -35.13 28.82
CA VAL F 262 -3.11 -34.42 27.99
C VAL F 262 -4.12 -33.72 28.89
N LEU F 263 -4.51 -34.37 29.99
CA LEU F 263 -5.43 -33.75 30.93
C LEU F 263 -4.82 -32.51 31.58
N ALA F 264 -3.56 -32.60 32.00
CA ALA F 264 -2.91 -31.44 32.62
C ALA F 264 -2.76 -30.30 31.64
N LYS F 265 -2.59 -30.61 30.35
CA LYS F 265 -2.61 -29.57 29.34
C LYS F 265 -4.01 -28.96 29.23
N SER F 266 -5.05 -29.79 29.32
CA SER F 266 -6.41 -29.30 29.14
C SER F 266 -6.84 -28.37 30.27
N VAL F 267 -6.55 -28.74 31.53
CA VAL F 267 -6.88 -27.88 32.64
C VAL F 267 -5.90 -26.74 32.82
N LYS F 268 -4.86 -26.68 31.99
CA LYS F 268 -3.98 -25.52 31.87
C LYS F 268 -3.24 -25.25 33.18
N ASN F 269 -2.67 -26.30 33.75
CA ASN F 269 -1.91 -26.16 34.99
C ASN F 269 -0.73 -25.23 34.79
N ILE F 270 -0.52 -24.34 35.76
CA ILE F 270 0.52 -23.32 35.60
C ILE F 270 1.91 -23.91 35.69
N MET F 271 2.11 -24.95 36.51
CA MET F 271 3.45 -25.50 36.67
C MET F 271 3.97 -26.17 35.40
N LEU F 272 3.21 -26.16 34.32
CA LEU F 272 3.76 -26.51 33.02
C LEU F 272 4.63 -25.39 32.46
N GLY F 273 4.56 -24.21 33.06
CA GLY F 273 5.40 -23.07 32.71
C GLY F 273 6.68 -22.96 33.50
N HIS F 274 6.97 -23.91 34.37
CA HIS F 274 8.22 -23.90 35.12
C HIS F 274 9.40 -24.08 34.16
N ALA F 275 10.59 -23.78 34.66
CA ALA F 275 11.77 -23.78 33.80
C ALA F 275 12.15 -25.18 33.35
N SER F 276 12.20 -26.13 34.27
CA SER F 276 12.63 -27.49 33.93
C SER F 276 11.61 -28.21 33.06
N VAL F 277 10.32 -27.97 33.32
CA VAL F 277 9.29 -28.55 32.46
C VAL F 277 9.46 -28.06 31.03
N GLN F 278 9.70 -26.76 30.87
CA GLN F 278 9.90 -26.22 29.53
C GLN F 278 11.20 -26.72 28.91
N ALA F 279 12.18 -27.04 29.75
CA ALA F 279 13.39 -27.68 29.23
C ALA F 279 13.07 -29.04 28.62
N GLU F 280 12.21 -29.81 29.28
CA GLU F 280 11.89 -31.16 28.80
C GLU F 280 10.80 -31.19 27.73
N MET F 281 10.13 -30.08 27.48
CA MET F 281 8.97 -30.09 26.58
C MET F 281 9.32 -30.58 25.18
N GLU F 282 10.56 -30.37 24.73
CA GLU F 282 10.93 -30.81 23.39
C GLU F 282 10.80 -32.32 23.26
N GLN F 283 11.42 -33.06 24.17
CA GLN F 283 11.33 -34.51 24.12
C GLN F 283 9.95 -35.02 24.54
N VAL F 284 9.22 -34.26 25.35
CA VAL F 284 7.86 -34.66 25.65
C VAL F 284 7.00 -34.63 24.39
N VAL F 285 7.09 -33.56 23.60
CA VAL F 285 6.36 -33.49 22.35
C VAL F 285 6.86 -34.55 21.38
N GLU F 286 8.15 -34.85 21.42
CA GLU F 286 8.70 -35.98 20.68
C GLU F 286 7.95 -37.27 20.99
N VAL F 287 7.79 -37.58 22.28
CA VAL F 287 7.12 -38.81 22.69
C VAL F 287 5.66 -38.81 22.24
N TYR F 288 4.97 -37.68 22.39
CA TYR F 288 3.55 -37.63 22.01
C TYR F 288 3.39 -37.82 20.50
N GLU F 289 4.24 -37.18 19.70
CA GLU F 289 4.19 -37.38 18.26
C GLU F 289 4.48 -38.83 17.89
N TYR F 290 5.40 -39.47 18.63
CA TYR F 290 5.66 -40.89 18.40
C TYR F 290 4.42 -41.74 18.68
N ALA F 291 3.73 -41.45 19.79
CA ALA F 291 2.54 -42.20 20.14
C ALA F 291 1.47 -42.05 19.07
N GLN F 292 1.30 -40.84 18.56
CA GLN F 292 0.33 -40.61 17.50
C GLN F 292 0.71 -41.29 16.20
N LYS F 293 2.00 -41.30 15.84
CA LYS F 293 2.43 -41.99 14.64
C LYS F 293 2.20 -43.49 14.76
N LEU F 294 2.43 -44.05 15.94
CA LEU F 294 2.10 -45.45 16.17
C LEU F 294 0.61 -45.69 15.99
N GLY F 295 -0.21 -44.88 16.64
CA GLY F 295 -1.64 -44.97 16.44
C GLY F 295 -2.33 -46.06 17.24
N GLY F 296 -3.22 -46.81 16.58
CA GLY F 296 -4.04 -47.79 17.27
C GLY F 296 -3.28 -48.96 17.85
N GLU F 297 -2.24 -49.44 17.16
CA GLU F 297 -1.53 -50.63 17.62
C GLU F 297 -0.83 -50.39 18.96
N ALA F 298 -0.53 -49.14 19.29
CA ALA F 298 0.22 -48.82 20.51
C ALA F 298 -0.59 -49.00 21.77
N GLY F 299 -1.91 -49.19 21.68
CA GLY F 299 -2.73 -49.27 22.87
C GLY F 299 -2.58 -50.57 23.64
N PHE F 300 -1.97 -51.58 23.03
CA PHE F 300 -1.77 -52.87 23.68
C PHE F 300 -0.30 -53.23 23.81
N TYR F 301 0.60 -52.25 23.75
CA TYR F 301 2.02 -52.53 23.83
C TYR F 301 2.42 -53.07 25.19
N HIS F 302 1.89 -52.49 26.27
CA HIS F 302 2.28 -52.92 27.60
C HIS F 302 1.61 -54.24 28.00
N ILE F 303 0.41 -54.48 27.53
CA ILE F 303 -0.24 -55.77 27.78
C ILE F 303 0.53 -56.89 27.09
N LEU F 304 0.92 -56.66 25.84
CA LEU F 304 1.64 -57.66 25.06
C LEU F 304 3.12 -57.73 25.42
N ASN F 305 3.60 -56.84 26.28
CA ASN F 305 5.03 -56.72 26.58
C ASN F 305 5.83 -56.44 25.30
N ASN F 306 5.30 -55.56 24.46
CA ASN F 306 6.01 -55.16 23.27
C ASN F 306 7.30 -54.45 23.67
N PRO F 307 8.43 -54.79 23.05
CA PRO F 307 9.70 -54.16 23.44
C PRO F 307 9.71 -52.66 23.27
N LYS F 308 8.96 -52.13 22.32
CA LYS F 308 8.88 -50.69 22.09
C LYS F 308 7.95 -50.00 23.07
N ALA F 309 7.48 -50.69 24.10
CA ALA F 309 6.66 -50.04 25.12
C ALA F 309 7.46 -49.02 25.92
N SER F 310 8.75 -49.26 26.12
CA SER F 310 9.58 -48.35 26.90
C SER F 310 9.78 -47.01 26.21
N LEU F 311 9.54 -46.94 24.89
CA LEU F 311 9.70 -45.68 24.19
C LEU F 311 8.57 -44.71 24.44
N LEU F 312 7.44 -45.18 24.96
CA LEU F 312 6.29 -44.33 25.26
C LEU F 312 6.33 -43.78 26.67
N SER F 313 7.33 -44.13 27.47
CA SER F 313 7.38 -43.71 28.86
C SER F 313 7.61 -42.21 28.98
N LEU F 314 7.01 -41.63 30.02
CA LEU F 314 7.22 -40.23 30.36
C LEU F 314 7.98 -40.05 31.66
N THR F 315 8.27 -41.12 32.38
CA THR F 315 9.02 -41.01 33.63
C THR F 315 10.48 -40.65 33.37
N GLN F 316 10.94 -40.71 32.14
CA GLN F 316 12.26 -40.25 31.72
C GLN F 316 12.36 -38.73 31.68
N PHE F 317 11.27 -38.05 32.03
CA PHE F 317 11.23 -36.60 32.20
C PHE F 317 10.69 -36.33 33.59
N PRO F 318 11.56 -36.34 34.61
CA PRO F 318 11.06 -36.28 36.00
C PRO F 318 10.21 -35.07 36.32
N HIS F 319 10.53 -33.90 35.76
CA HIS F 319 9.80 -32.69 36.11
C HIS F 319 8.40 -32.69 35.50
N PHE F 320 8.31 -33.02 34.21
CA PHE F 320 7.00 -33.09 33.57
C PHE F 320 6.14 -34.18 34.19
N SER F 321 6.74 -35.33 34.48
CA SER F 321 6.00 -36.42 35.11
C SER F 321 5.51 -36.02 36.49
N SER F 322 6.34 -35.30 37.26
CA SER F 322 5.93 -34.87 38.58
C SER F 322 4.77 -33.88 38.50
N VAL F 323 4.84 -32.94 37.54
CA VAL F 323 3.75 -32.00 37.36
C VAL F 323 2.46 -32.73 36.98
N VAL F 324 2.57 -33.72 36.10
CA VAL F 324 1.39 -34.48 35.66
C VAL F 324 0.78 -35.25 36.81
N LEU F 325 1.60 -35.93 37.61
CA LEU F 325 1.08 -36.63 38.78
C LEU F 325 0.45 -35.68 39.77
N GLY F 326 1.07 -34.51 39.99
CA GLY F 326 0.48 -33.53 40.89
C GLY F 326 -0.87 -33.06 40.41
N ASN F 327 -1.00 -32.78 39.11
CA ASN F 327 -2.27 -32.35 38.58
C ASN F 327 -3.31 -33.45 38.72
N ALA F 328 -2.92 -34.71 38.48
CA ALA F 328 -3.86 -35.81 38.65
C ALA F 328 -4.32 -35.95 40.09
N ALA F 329 -3.40 -35.81 41.04
CA ALA F 329 -3.77 -35.95 42.44
C ALA F 329 -4.63 -34.77 42.90
N GLY F 330 -4.37 -33.58 42.37
CA GLY F 330 -5.17 -32.42 42.75
C GLY F 330 -6.60 -32.51 42.26
N LEU F 331 -6.79 -33.04 41.04
CA LEU F 331 -8.12 -33.20 40.49
C LEU F 331 -8.88 -34.34 41.13
N GLY F 332 -8.25 -35.13 41.98
CA GLY F 332 -8.93 -36.20 42.69
C GLY F 332 -9.20 -37.45 41.87
N ILE F 333 -8.39 -37.71 40.85
CA ILE F 333 -8.56 -38.89 40.04
C ILE F 333 -7.39 -39.87 40.12
N MET F 334 -6.39 -39.61 40.97
CA MET F 334 -5.20 -40.46 40.98
C MET F 334 -5.47 -41.78 41.68
N GLY F 335 -6.42 -41.81 42.60
CA GLY F 335 -6.80 -43.05 43.25
C GLY F 335 -5.65 -43.65 44.04
N GLU F 336 -5.41 -44.94 43.85
CA GLU F 336 -4.30 -45.66 44.45
C GLU F 336 -3.14 -45.87 43.48
N TYR F 337 -2.93 -44.93 42.56
CA TYR F 337 -1.87 -45.08 41.57
C TYR F 337 -0.53 -45.10 42.29
N ARG F 338 0.21 -46.20 42.16
CA ARG F 338 1.36 -46.45 43.00
C ARG F 338 2.66 -45.94 42.38
N GLY F 339 2.57 -45.25 41.26
CA GLY F 339 3.69 -44.48 40.78
C GLY F 339 3.91 -43.23 41.62
N THR F 340 5.18 -42.92 41.85
CA THR F 340 5.51 -41.85 42.78
C THR F 340 6.28 -40.75 42.07
N PRO F 341 6.07 -39.49 42.44
CA PRO F 341 6.81 -38.41 41.79
C PRO F 341 8.28 -38.46 42.15
N ARG F 342 9.13 -38.00 41.23
CA ARG F 342 10.55 -37.90 41.51
C ARG F 342 11.02 -36.45 41.61
N ASN F 343 10.10 -35.50 41.59
CA ASN F 343 10.32 -34.11 41.98
C ASN F 343 9.18 -33.74 42.91
N GLN F 344 9.39 -33.88 44.21
CA GLN F 344 8.31 -33.68 45.17
C GLN F 344 7.80 -32.25 45.15
N ASP F 345 8.69 -31.28 44.93
CA ASP F 345 8.28 -29.88 44.97
C ASP F 345 7.31 -29.55 43.84
N LEU F 346 7.64 -29.94 42.61
CA LEU F 346 6.73 -29.69 41.49
C LEU F 346 5.44 -30.46 41.66
N TYR F 347 5.52 -31.68 42.19
CA TYR F 347 4.32 -32.46 42.48
C TYR F 347 3.38 -31.70 43.42
N ASP F 348 3.93 -31.20 44.54
CA ASP F 348 3.11 -30.47 45.50
C ASP F 348 2.55 -29.19 44.92
N ALA F 349 3.36 -28.46 44.16
CA ALA F 349 2.88 -27.21 43.56
C ALA F 349 1.74 -27.46 42.59
N ALA F 350 1.90 -28.46 41.72
CA ALA F 350 0.85 -28.79 40.76
C ALA F 350 -0.40 -29.29 41.47
N LYS F 351 -0.23 -30.11 42.51
CA LYS F 351 -1.38 -30.59 43.27
C LYS F 351 -2.15 -29.45 43.90
N ALA F 352 -1.44 -28.49 44.50
CA ALA F 352 -2.10 -27.34 45.11
C ALA F 352 -2.84 -26.52 44.07
N TYR F 353 -2.20 -26.25 42.92
CA TYR F 353 -2.89 -25.44 41.92
C TYR F 353 -4.11 -26.17 41.38
N ALA F 354 -4.02 -27.49 41.21
CA ALA F 354 -5.17 -28.24 40.70
C ALA F 354 -6.30 -28.25 41.71
N GLU F 355 -5.96 -28.24 43.01
CA GLU F 355 -7.00 -28.14 44.03
C GLU F 355 -7.69 -26.78 43.99
N GLN F 356 -6.91 -25.70 43.90
CA GLN F 356 -7.54 -24.39 43.76
C GLN F 356 -8.20 -24.19 42.40
N LEU F 357 -7.99 -25.11 41.45
CA LEU F 357 -8.71 -25.02 40.20
C LEU F 357 -10.19 -25.34 40.36
N LYS F 358 -10.63 -25.72 41.56
CA LYS F 358 -12.03 -26.09 41.75
C LYS F 358 -12.79 -25.07 42.60
N GLU F 359 -12.17 -24.58 43.67
CA GLU F 359 -12.77 -23.47 44.41
C GLU F 359 -12.58 -22.15 43.68
N ASN F 360 -11.39 -21.93 43.13
CA ASN F 360 -11.06 -20.74 42.36
C ASN F 360 -11.06 -21.13 40.89
N GLY F 361 -12.22 -20.96 40.25
CA GLY F 361 -12.49 -21.64 38.99
C GLY F 361 -11.31 -21.66 38.03
N VAL F 362 -10.95 -20.50 37.48
CA VAL F 362 -9.84 -20.40 36.54
C VAL F 362 -9.09 -19.12 36.87
N ILE F 363 -7.87 -19.00 36.34
CA ILE F 363 -7.05 -17.81 36.49
C ILE F 363 -6.84 -17.20 35.12
N ASN F 364 -7.23 -15.94 34.97
CA ASN F 364 -6.94 -15.20 33.76
C ASN F 364 -5.47 -14.79 33.74
N TYR F 365 -5.00 -14.37 32.57
CA TYR F 365 -3.64 -13.89 32.44
C TYR F 365 -3.68 -12.45 31.96
N SER F 366 -4.51 -11.64 32.61
CA SER F 366 -4.59 -10.20 32.41
C SER F 366 -3.29 -9.53 32.85
N VAL F 367 -2.55 -10.18 33.76
CA VAL F 367 -1.18 -9.77 34.04
C VAL F 367 -0.45 -9.73 32.70
N LEU F 368 0.56 -8.86 32.59
CA LEU F 368 1.25 -8.68 31.32
C LEU F 368 0.34 -8.15 30.22
N ASP F 369 -0.01 -6.85 30.30
CA ASP F 369 -0.69 -6.03 29.28
C ASP F 369 -2.22 -6.10 29.26
N LEU F 370 -2.88 -6.64 30.29
CA LEU F 370 -4.33 -6.51 30.35
C LEU F 370 -4.83 -6.29 31.78
N ALA G 2 -32.96 9.68 9.52
CA ALA G 2 -32.29 8.59 10.23
C ALA G 2 -32.99 8.28 11.55
N LEU G 3 -33.24 7.01 11.80
CA LEU G 3 -33.95 6.62 13.01
C LEU G 3 -33.09 6.81 14.25
N SER G 4 -31.79 6.96 14.09
CA SER G 4 -30.89 7.12 15.23
C SER G 4 -31.05 8.47 15.92
N LYS G 5 -31.63 9.47 15.27
CA LYS G 5 -31.83 10.78 15.88
C LYS G 5 -33.22 10.96 16.47
N VAL G 6 -34.01 9.90 16.56
CA VAL G 6 -35.30 9.95 17.26
C VAL G 6 -34.97 9.67 18.72
N LYS G 7 -34.51 10.69 19.43
CA LYS G 7 -34.07 10.53 20.81
C LYS G 7 -34.32 11.80 21.59
N LEU G 8 -34.51 11.65 22.89
CA LEU G 8 -34.77 12.76 23.80
C LEU G 8 -33.96 12.54 25.07
N ASN G 9 -33.20 13.55 25.47
CA ASN G 9 -32.39 13.49 26.68
C ASN G 9 -33.15 14.18 27.82
N ASP G 10 -34.08 13.42 28.41
CA ASP G 10 -34.99 14.00 29.38
C ASP G 10 -34.30 14.33 30.70
N THR G 11 -33.42 13.45 31.17
CA THR G 11 -32.74 13.67 32.44
C THR G 11 -31.90 14.95 32.40
N LEU G 12 -31.11 15.11 31.33
CA LEU G 12 -30.24 16.27 31.21
C LEU G 12 -31.05 17.54 31.01
N ASN G 13 -32.15 17.46 30.26
CA ASN G 13 -33.00 18.63 30.07
C ASN G 13 -33.68 19.06 31.36
N LYS G 14 -34.15 18.10 32.15
CA LYS G 14 -34.71 18.43 33.46
C LYS G 14 -33.67 19.06 34.37
N ASP G 15 -32.45 18.52 34.36
CA ASP G 15 -31.39 19.12 35.17
C ASP G 15 -31.10 20.54 34.72
N GLN G 16 -31.04 20.79 33.42
CA GLN G 16 -30.76 22.14 32.95
C GLN G 16 -31.90 23.09 33.31
N LEU G 17 -33.15 22.60 33.26
CA LEU G 17 -34.27 23.44 33.67
C LEU G 17 -34.17 23.80 35.14
N LEU G 18 -33.82 22.84 35.98
CA LEU G 18 -33.75 23.11 37.41
C LEU G 18 -32.54 23.95 37.80
N SER G 19 -31.44 23.82 37.07
CA SER G 19 -30.22 24.54 37.41
C SER G 19 -30.16 25.93 36.80
N SER G 20 -31.03 26.25 35.84
CA SER G 20 -31.01 27.56 35.18
C SER G 20 -32.21 28.41 35.57
N SER G 21 -32.78 28.19 36.75
CA SER G 21 -33.89 29.01 37.21
C SER G 21 -33.41 30.42 37.48
N LYS G 22 -34.20 31.41 37.05
CA LYS G 22 -33.86 32.81 37.25
C LYS G 22 -34.71 33.48 38.34
N TYR G 23 -35.46 32.70 39.10
CA TYR G 23 -36.17 33.18 40.27
C TYR G 23 -35.90 32.23 41.43
N THR G 24 -35.92 32.76 42.65
CA THR G 24 -35.61 31.98 43.84
C THR G 24 -36.70 32.17 44.89
N ILE G 25 -36.92 31.11 45.66
CA ILE G 25 -37.82 31.17 46.80
C ILE G 25 -37.00 31.40 48.06
N GLN G 26 -37.67 31.81 49.12
CA GLN G 26 -37.02 32.05 50.41
C GLN G 26 -37.99 31.64 51.50
N ARG G 27 -37.72 30.51 52.15
CA ARG G 27 -38.60 29.95 53.16
C ARG G 27 -38.42 30.67 54.49
N SER G 28 -39.40 30.51 55.38
CA SER G 28 -39.35 31.10 56.71
C SER G 28 -39.33 29.98 57.73
N THR G 29 -38.27 29.93 58.54
CA THR G 29 -38.11 28.85 59.49
C THR G 29 -39.18 28.84 60.57
N GLY G 30 -39.78 30.00 60.86
CA GLY G 30 -40.74 30.12 61.94
C GLY G 30 -40.12 30.58 63.24
N ASP G 31 -39.83 29.63 64.12
CA ASP G 31 -39.08 29.86 65.35
C ASP G 31 -37.68 30.38 65.05
N SER G 32 -37.22 31.29 65.90
CA SER G 32 -35.92 31.91 65.73
C SER G 32 -34.80 30.87 65.90
N ILE G 33 -33.75 31.02 65.10
CA ILE G 33 -32.59 30.14 65.17
C ILE G 33 -31.56 30.78 66.09
N ASP G 34 -31.10 30.01 67.07
CA ASP G 34 -29.98 30.42 67.90
C ASP G 34 -28.72 30.19 67.09
N THR G 35 -27.80 31.15 67.10
CA THR G 35 -26.55 30.98 66.37
C THR G 35 -25.37 31.18 67.30
N PRO G 36 -24.93 30.15 68.01
CA PRO G 36 -23.74 30.28 68.85
C PRO G 36 -22.48 30.49 68.01
N ASN G 37 -21.52 31.18 68.61
CA ASN G 37 -20.25 31.48 67.99
C ASN G 37 -19.16 30.63 68.63
N TYR G 38 -17.91 30.87 68.25
CA TYR G 38 -16.79 30.13 68.82
C TYR G 38 -16.65 30.35 70.31
N ASP G 39 -17.25 31.42 70.84
CA ASP G 39 -17.05 31.79 72.23
C ASP G 39 -17.60 30.72 73.17
N VAL G 40 -18.77 30.18 72.86
CA VAL G 40 -19.48 29.28 73.77
C VAL G 40 -19.28 27.82 73.41
N GLN G 41 -18.30 27.52 72.54
CA GLN G 41 -18.01 26.14 72.19
C GLN G 41 -17.59 25.32 73.40
N LYS G 42 -16.76 25.92 74.26
CA LYS G 42 -16.34 25.24 75.48
C LYS G 42 -17.51 24.92 76.38
N HIS G 43 -18.45 25.86 76.53
CA HIS G 43 -19.59 25.63 77.39
C HIS G 43 -20.53 24.58 76.82
N ILE G 44 -20.75 24.59 75.51
CA ILE G 44 -21.60 23.57 74.90
C ILE G 44 -20.96 22.20 75.02
N ASN G 45 -19.63 22.12 74.86
CA ASN G 45 -18.95 20.85 75.06
C ASN G 45 -19.05 20.40 76.52
N LYS G 46 -19.01 21.36 77.45
CA LYS G 46 -19.22 21.03 78.86
C LYS G 46 -20.61 20.44 79.08
N LEU G 47 -21.62 21.02 78.43
CA LEU G 47 -22.99 20.51 78.57
C LEU G 47 -23.10 19.10 78.01
N CYS G 48 -22.48 18.85 76.85
CA CYS G 48 -22.50 17.52 76.28
C CYS G 48 -21.79 16.52 77.19
N GLY G 49 -20.67 16.92 77.78
CA GLY G 49 -19.97 16.03 78.71
C GLY G 49 -20.79 15.73 79.94
N MET G 50 -21.48 16.74 80.48
CA MET G 50 -22.34 16.51 81.64
C MET G 50 -23.47 15.56 81.29
N LEU G 51 -24.02 15.67 80.08
CA LEU G 51 -25.03 14.70 79.65
C LEU G 51 -24.43 13.30 79.55
N LEU G 52 -23.19 13.21 79.07
CA LEU G 52 -22.57 11.89 78.86
C LEU G 52 -22.21 11.20 80.17
N ILE G 53 -21.70 11.94 81.16
CA ILE G 53 -21.30 11.30 82.41
C ILE G 53 -22.48 11.00 83.33
N THR G 54 -23.69 11.41 82.96
CA THR G 54 -24.86 11.23 83.80
C THR G 54 -25.49 9.87 83.49
N GLU G 55 -25.36 8.92 84.40
CA GLU G 55 -26.05 7.65 84.18
C GLU G 55 -27.56 7.80 84.32
N ASP G 56 -28.28 6.84 83.75
CA ASP G 56 -29.75 6.86 83.71
C ASP G 56 -30.25 8.25 83.29
N ALA G 57 -29.65 8.76 82.21
CA ALA G 57 -29.82 10.16 81.86
C ALA G 57 -31.11 10.40 81.09
N ASN G 58 -31.48 11.68 81.00
CA ASN G 58 -32.61 12.12 80.20
C ASN G 58 -32.05 12.78 78.95
N HIS G 59 -32.22 12.13 77.80
CA HIS G 59 -31.71 12.63 76.53
C HIS G 59 -32.76 13.30 75.68
N LYS G 60 -33.76 13.93 76.30
CA LYS G 60 -34.81 14.60 75.53
C LYS G 60 -34.26 15.77 74.73
N PHE G 61 -33.18 16.40 75.20
CA PHE G 61 -32.67 17.61 74.59
C PHE G 61 -31.29 17.42 73.96
N THR G 62 -30.83 16.18 73.84
CA THR G 62 -29.47 15.93 73.35
C THR G 62 -29.33 16.30 71.87
N GLY G 63 -30.39 16.11 71.08
CA GLY G 63 -30.32 16.47 69.68
C GLY G 63 -30.11 17.95 69.48
N LEU G 64 -30.85 18.78 70.22
CA LEU G 64 -30.68 20.22 70.11
C LEU G 64 -29.32 20.67 70.59
N ILE G 65 -28.81 20.05 71.66
CA ILE G 65 -27.50 20.44 72.18
C ILE G 65 -26.40 20.05 71.20
N GLY G 66 -26.53 18.89 70.57
CA GLY G 66 -25.57 18.50 69.54
C GLY G 66 -25.62 19.43 68.34
N MET G 67 -26.82 19.86 67.94
CA MET G 67 -26.94 20.83 66.87
C MET G 67 -26.29 22.15 67.23
N LEU G 68 -26.48 22.59 68.48
CA LEU G 68 -25.83 23.80 68.94
C LEU G 68 -24.31 23.67 68.93
N TYR G 69 -23.80 22.50 69.33
CA TYR G 69 -22.36 22.29 69.30
C TYR G 69 -21.81 22.33 67.87
N ALA G 70 -22.52 21.69 66.94
CA ALA G 70 -22.09 21.73 65.55
C ALA G 70 -22.10 23.16 65.02
N MET G 71 -23.16 23.91 65.32
CA MET G 71 -23.25 25.29 64.86
C MET G 71 -22.20 26.19 65.51
N SER G 72 -21.80 25.90 66.75
CA SER G 72 -20.74 26.67 67.38
C SER G 72 -19.38 26.34 66.78
N ARG G 73 -19.18 25.09 66.38
CA ARG G 73 -17.96 24.74 65.66
C ARG G 73 -17.90 25.45 64.31
N LEU G 74 -19.03 25.52 63.60
CA LEU G 74 -19.04 26.22 62.32
C LEU G 74 -18.78 27.71 62.51
N GLY G 75 -19.31 28.28 63.58
CA GLY G 75 -19.27 29.70 63.82
C GLY G 75 -20.56 30.37 63.36
N ARG G 76 -20.83 31.55 63.94
CA ARG G 76 -22.06 32.25 63.63
C ARG G 76 -22.11 32.72 62.19
N GLU G 77 -20.99 33.24 61.68
CA GLU G 77 -20.96 33.72 60.30
C GLU G 77 -21.29 32.59 59.33
N ASP G 78 -20.61 31.46 59.46
CA ASP G 78 -20.84 30.35 58.53
C ASP G 78 -22.22 29.72 58.73
N THR G 79 -22.71 29.65 59.97
CA THR G 79 -24.06 29.14 60.17
C THR G 79 -25.09 30.02 59.48
N ILE G 80 -24.97 31.33 59.63
CA ILE G 80 -25.88 32.25 58.97
C ILE G 80 -25.78 32.11 57.46
N LYS G 81 -24.55 32.02 56.95
CA LYS G 81 -24.37 31.92 55.50
C LYS G 81 -24.95 30.62 54.96
N ILE G 82 -24.80 29.52 55.71
CA ILE G 82 -25.41 28.25 55.32
C ILE G 82 -26.92 28.39 55.26
N LEU G 83 -27.52 29.02 56.28
CA LEU G 83 -28.97 29.14 56.30
C LEU G 83 -29.49 29.99 55.15
N ARG G 84 -28.79 31.09 54.83
CA ARG G 84 -29.18 31.87 53.64
C ARG G 84 -29.03 31.06 52.37
N ASP G 85 -27.88 30.39 52.18
CA ASP G 85 -27.66 29.64 50.94
C ASP G 85 -28.68 28.52 50.77
N ALA G 86 -29.16 27.95 51.88
CA ALA G 86 -30.21 26.95 51.79
C ALA G 86 -31.56 27.56 51.44
N GLY G 87 -31.67 28.88 51.45
CA GLY G 87 -32.91 29.55 51.11
C GLY G 87 -33.86 29.64 52.28
N TYR G 88 -33.41 30.23 53.38
CA TYR G 88 -34.22 30.37 54.58
C TYR G 88 -34.18 31.81 55.07
N HIS G 89 -35.30 32.27 55.61
CA HIS G 89 -35.34 33.50 56.39
C HIS G 89 -35.13 33.14 57.85
N VAL G 90 -34.06 33.65 58.43
CA VAL G 90 -33.64 33.24 59.76
C VAL G 90 -33.57 34.45 60.68
N LYS G 91 -34.11 34.30 61.87
CA LYS G 91 -33.95 35.27 62.95
C LYS G 91 -32.71 34.86 63.74
N ALA G 92 -31.58 35.48 63.41
CA ALA G 92 -30.33 35.12 64.07
C ALA G 92 -30.35 35.57 65.53
N ASN G 93 -30.24 34.60 66.43
CA ASN G 93 -30.32 34.84 67.87
C ASN G 93 -28.93 34.73 68.46
N GLY G 94 -28.47 35.80 69.10
CA GLY G 94 -27.16 35.79 69.72
C GLY G 94 -27.15 34.92 70.96
N VAL G 95 -26.11 34.11 71.10
CA VAL G 95 -25.95 33.22 72.25
C VAL G 95 -24.73 33.70 73.03
N ASP G 96 -24.94 33.98 74.31
CA ASP G 96 -23.85 34.38 75.19
C ASP G 96 -24.07 33.75 76.55
N VAL G 97 -22.99 33.65 77.29
CA VAL G 97 -23.00 32.96 78.58
C VAL G 97 -23.28 33.96 79.69
N THR G 98 -24.09 33.53 80.66
CA THR G 98 -24.38 34.36 81.82
C THR G 98 -24.51 33.45 83.03
N THR G 99 -24.47 34.05 84.21
CA THR G 99 -24.63 33.34 85.48
C THR G 99 -26.05 33.45 86.00
N HIS G 100 -26.52 32.38 86.63
CA HIS G 100 -27.82 32.33 87.29
C HIS G 100 -27.62 31.79 88.69
N ARG G 101 -28.25 32.42 89.66
CA ARG G 101 -28.10 32.06 91.06
C ARG G 101 -29.43 31.49 91.56
N GLN G 102 -29.41 30.29 92.11
CA GLN G 102 -30.60 29.74 92.73
C GLN G 102 -30.23 28.90 93.93
N ASP G 103 -31.22 28.71 94.81
CA ASP G 103 -31.04 28.00 96.07
C ASP G 103 -31.69 26.62 95.97
N ILE G 104 -30.86 25.59 95.87
CA ILE G 104 -31.32 24.21 95.94
C ILE G 104 -30.72 23.57 97.19
N ASN G 105 -31.49 22.70 97.83
CA ASN G 105 -31.10 22.12 99.12
C ASN G 105 -30.94 23.19 100.19
N GLY G 106 -31.60 24.33 100.00
CA GLY G 106 -31.45 25.44 100.92
C GLY G 106 -30.11 26.11 100.89
N LYS G 107 -29.35 25.97 99.80
CA LYS G 107 -28.01 26.52 99.70
C LYS G 107 -27.87 27.33 98.43
N GLU G 108 -27.23 28.50 98.53
CA GLU G 108 -26.98 29.35 97.38
C GLU G 108 -26.04 28.64 96.42
N MET G 109 -26.35 28.68 95.13
CA MET G 109 -25.54 27.96 94.16
C MET G 109 -25.30 28.76 92.89
N LYS G 110 -24.07 28.65 92.41
CA LYS G 110 -23.58 29.35 91.23
C LYS G 110 -23.66 28.42 90.02
N PHE G 111 -24.46 28.81 89.03
CA PHE G 111 -24.51 28.13 87.74
C PHE G 111 -24.20 29.11 86.62
N GLU G 112 -23.52 28.61 85.61
CA GLU G 112 -23.17 29.37 84.42
C GLU G 112 -23.90 28.76 83.24
N VAL G 113 -24.84 29.49 82.66
CA VAL G 113 -25.73 28.98 81.64
C VAL G 113 -25.65 29.86 80.40
N LEU G 114 -26.39 29.47 79.36
CA LEU G 114 -26.40 30.15 78.08
C LEU G 114 -27.77 30.74 77.81
N THR G 115 -27.79 31.84 77.05
CA THR G 115 -29.04 32.46 76.60
C THR G 115 -29.47 31.78 75.31
N LEU G 116 -30.19 30.67 75.45
CA LEU G 116 -30.74 29.95 74.32
C LEU G 116 -32.26 30.05 74.35
N ALA G 117 -32.84 30.53 73.26
CA ALA G 117 -34.29 30.60 73.20
C ALA G 117 -34.92 29.22 73.13
N SER G 118 -34.24 28.27 72.51
CA SER G 118 -34.78 26.93 72.35
C SER G 118 -34.59 26.08 73.61
N LEU G 119 -33.63 26.45 74.47
CA LEU G 119 -33.29 25.66 75.65
C LEU G 119 -33.37 26.55 76.87
N THR G 120 -34.31 26.26 77.76
CA THR G 120 -34.53 27.11 78.92
C THR G 120 -33.45 26.90 79.98
N THR G 121 -33.38 27.85 80.91
CA THR G 121 -32.37 27.80 81.97
C THR G 121 -32.59 26.61 82.90
N GLU G 122 -33.86 26.30 83.21
CA GLU G 122 -34.15 25.18 84.09
C GLU G 122 -33.55 23.88 83.57
N ILE G 123 -33.60 23.68 82.25
CA ILE G 123 -33.11 22.43 81.67
C ILE G 123 -31.61 22.30 81.88
N GLN G 124 -30.87 23.36 81.61
CA GLN G 124 -29.42 23.33 81.81
C GLN G 124 -29.06 23.16 83.28
N ILE G 125 -29.80 23.84 84.16
CA ILE G 125 -29.57 23.69 85.60
C ILE G 125 -29.78 22.24 86.03
N ASN G 126 -30.86 21.62 85.55
CA ASN G 126 -31.16 20.26 85.94
C ASN G 126 -30.16 19.28 85.36
N ILE G 127 -29.68 19.56 84.14
CA ILE G 127 -28.61 18.75 83.57
C ILE G 127 -27.39 18.78 84.47
N GLU G 128 -27.01 19.99 84.92
CA GLU G 128 -25.86 20.10 85.81
C GLU G 128 -26.11 19.37 87.13
N ILE G 129 -27.33 19.47 87.68
CA ILE G 129 -27.62 18.80 88.95
C ILE G 129 -27.47 17.29 88.82
N GLU G 130 -28.09 16.73 87.77
CA GLU G 130 -28.01 15.29 87.56
C GLU G 130 -26.57 14.85 87.35
N SER G 131 -25.82 15.60 86.54
CA SER G 131 -24.42 15.25 86.30
C SER G 131 -23.61 15.31 87.58
N ARG G 132 -23.81 16.35 88.40
CA ARG G 132 -23.05 16.49 89.63
C ARG G 132 -23.32 15.35 90.59
N LYS G 133 -24.59 14.96 90.76
CA LYS G 133 -24.86 13.92 91.74
C LYS G 133 -24.45 12.55 91.23
N SER G 134 -24.57 12.32 89.91
CA SER G 134 -24.05 11.07 89.36
C SER G 134 -22.53 11.01 89.50
N TYR G 135 -21.85 12.13 89.27
CA TYR G 135 -20.41 12.21 89.48
C TYR G 135 -20.05 11.94 90.93
N LYS G 136 -20.80 12.51 91.87
CA LYS G 136 -20.56 12.25 93.28
C LYS G 136 -20.71 10.77 93.60
N LYS G 137 -21.79 10.15 93.12
CA LYS G 137 -22.03 8.73 93.42
C LYS G 137 -20.94 7.85 92.83
N MET G 138 -20.52 8.14 91.59
CA MET G 138 -19.52 7.29 90.95
C MET G 138 -18.13 7.52 91.55
N LEU G 139 -17.84 8.76 91.96
CA LEU G 139 -16.60 9.03 92.69
C LEU G 139 -16.58 8.30 94.02
N LYS G 140 -17.72 8.26 94.70
CA LYS G 140 -17.83 7.48 95.93
C LYS G 140 -17.60 6.01 95.67
N GLU G 141 -18.16 5.48 94.57
CA GLU G 141 -18.10 4.06 94.30
C GLU G 141 -16.75 3.61 93.73
N MET G 142 -15.90 4.51 93.24
CA MET G 142 -14.59 4.09 92.79
C MET G 142 -13.43 4.93 93.31
N GLY G 143 -13.68 5.94 94.13
CA GLY G 143 -12.60 6.61 94.84
C GLY G 143 -12.02 7.85 94.18
N GLU G 144 -11.40 7.68 93.01
CA GLU G 144 -10.78 8.80 92.32
C GLU G 144 -11.10 8.73 90.84
N VAL G 145 -11.39 9.89 90.24
CA VAL G 145 -11.74 9.97 88.83
C VAL G 145 -10.50 10.22 87.99
N ALA G 146 -10.63 10.01 86.69
CA ALA G 146 -9.60 10.29 85.70
C ALA G 146 -10.20 11.22 84.66
N PRO G 147 -9.36 11.88 83.85
CA PRO G 147 -9.90 12.69 82.75
C PRO G 147 -10.77 11.89 81.80
N GLU G 148 -10.70 10.56 81.84
CA GLU G 148 -11.60 9.73 81.05
C GLU G 148 -13.06 9.89 81.51
N TYR G 149 -13.27 9.93 82.83
CA TYR G 149 -14.61 10.05 83.41
C TYR G 149 -14.83 11.51 83.82
N ARG G 150 -15.15 12.36 82.85
CA ARG G 150 -15.46 13.75 83.16
C ARG G 150 -16.09 14.42 81.96
N HIS G 151 -16.71 15.56 82.21
CA HIS G 151 -17.32 16.41 81.19
C HIS G 151 -16.31 17.32 80.50
N ASP G 152 -15.11 17.46 81.04
CA ASP G 152 -14.13 18.39 80.48
C ASP G 152 -13.38 17.81 79.29
N SER G 153 -13.63 16.56 78.92
CA SER G 153 -12.99 15.98 77.74
C SER G 153 -13.39 16.76 76.50
N PRO G 154 -12.45 17.02 75.57
CA PRO G 154 -12.79 17.85 74.40
C PRO G 154 -13.53 17.11 73.30
N ASP G 155 -13.90 15.85 73.50
CA ASP G 155 -14.57 15.06 72.47
C ASP G 155 -15.95 14.57 72.90
N CYS G 156 -16.44 15.05 74.05
CA CYS G 156 -17.76 14.63 74.52
C CYS G 156 -18.85 15.05 73.56
N GLY G 157 -18.77 16.27 73.02
CA GLY G 157 -19.72 16.69 72.01
C GLY G 157 -19.58 15.91 70.72
N MET G 158 -18.35 15.54 70.36
CA MET G 158 -18.13 14.85 69.10
C MET G 158 -18.61 13.40 69.15
N ILE G 159 -18.69 12.79 70.34
CA ILE G 159 -19.33 11.47 70.44
C ILE G 159 -20.82 11.57 70.11
N ILE G 160 -21.49 12.57 70.68
CA ILE G 160 -22.89 12.81 70.37
C ILE G 160 -23.06 13.07 68.87
N LEU G 161 -22.13 13.81 68.29
CA LEU G 161 -22.21 14.05 66.85
C LEU G 161 -21.91 12.79 66.04
N CYS G 162 -21.16 11.85 66.60
CA CYS G 162 -21.02 10.55 65.94
C CYS G 162 -22.35 9.80 65.90
N ILE G 163 -23.08 9.82 67.01
CA ILE G 163 -24.43 9.24 67.00
C ILE G 163 -25.29 9.93 65.96
N ALA G 164 -25.19 11.26 65.89
CA ALA G 164 -25.93 12.02 64.87
C ALA G 164 -25.53 11.60 63.46
N ALA G 165 -24.25 11.32 63.25
CA ALA G 165 -23.79 10.88 61.93
C ALA G 165 -24.39 9.54 61.55
N LEU G 166 -24.48 8.62 62.51
CA LEU G 166 -25.16 7.35 62.22
C LEU G 166 -26.62 7.57 61.87
N VAL G 167 -27.30 8.43 62.63
CA VAL G 167 -28.70 8.74 62.33
C VAL G 167 -28.82 9.32 60.92
N ILE G 168 -27.86 10.17 60.53
CA ILE G 168 -27.87 10.75 59.20
C ILE G 168 -27.70 9.66 58.14
N THR G 169 -26.81 8.70 58.39
CA THR G 169 -26.65 7.59 57.45
C THR G 169 -27.98 6.88 57.23
N LYS G 170 -28.76 6.71 58.28
CA LYS G 170 -30.03 5.99 58.15
C LYS G 170 -31.23 6.90 57.87
N LEU G 171 -31.04 8.21 57.74
CA LEU G 171 -32.16 9.11 57.48
C LEU G 171 -32.85 8.86 56.15
N ALA G 172 -32.14 8.35 55.14
CA ALA G 172 -32.73 8.24 53.81
C ALA G 172 -33.86 7.22 53.75
N ALA G 173 -34.03 6.39 54.78
CA ALA G 173 -35.10 5.41 54.79
C ALA G 173 -36.48 6.03 54.93
N GLY G 174 -36.57 7.32 55.29
CA GLY G 174 -37.82 8.02 55.36
C GLY G 174 -38.52 7.97 56.70
N ASP G 175 -38.04 7.17 57.64
CA ASP G 175 -38.65 7.06 58.96
C ASP G 175 -37.60 6.50 59.91
N ARG G 176 -38.03 6.14 61.12
CA ARG G 176 -37.12 5.61 62.12
C ARG G 176 -37.03 4.09 62.06
N SER G 177 -36.79 3.57 60.85
CA SER G 177 -36.62 2.14 60.67
C SER G 177 -35.17 1.71 60.75
N GLY G 178 -34.23 2.65 60.67
CA GLY G 178 -32.83 2.33 60.79
C GLY G 178 -32.31 2.51 62.20
N LEU G 179 -33.23 2.63 63.16
CA LEU G 179 -32.83 2.81 64.56
C LEU G 179 -32.05 1.60 65.07
N THR G 180 -32.48 0.39 64.71
CA THR G 180 -31.75 -0.80 65.14
C THR G 180 -30.35 -0.83 64.56
N ALA G 181 -30.20 -0.46 63.29
CA ALA G 181 -28.89 -0.40 62.68
C ALA G 181 -28.02 0.65 63.36
N VAL G 182 -28.61 1.79 63.71
CA VAL G 182 -27.87 2.83 64.41
C VAL G 182 -27.36 2.32 65.75
N ILE G 183 -28.22 1.63 66.50
CA ILE G 183 -27.82 1.10 67.80
C ILE G 183 -26.72 0.05 67.64
N ARG G 184 -26.88 -0.84 66.66
CA ARG G 184 -25.88 -1.88 66.45
C ARG G 184 -24.52 -1.30 66.08
N ARG G 185 -24.50 -0.32 65.16
CA ARG G 185 -23.24 0.27 64.75
C ARG G 185 -22.64 1.13 65.86
N ALA G 186 -23.48 1.76 66.69
CA ALA G 186 -22.97 2.53 67.81
C ALA G 186 -22.51 1.64 68.95
N ASN G 187 -22.89 0.37 68.94
CA ASN G 187 -22.30 -0.57 69.89
C ASN G 187 -21.00 -1.16 69.36
N ASN G 188 -20.94 -1.45 68.06
CA ASN G 188 -19.69 -1.91 67.46
C ASN G 188 -18.63 -0.83 67.55
N VAL G 189 -18.86 0.31 66.90
CA VAL G 189 -18.03 1.48 67.12
C VAL G 189 -18.34 2.03 68.50
N LEU G 190 -17.39 2.79 69.07
CA LEU G 190 -17.62 3.54 70.31
C LEU G 190 -17.88 2.64 71.51
N LYS G 191 -17.40 1.39 71.49
CA LYS G 191 -17.61 0.51 72.63
C LYS G 191 -16.77 0.92 73.84
N ASN G 192 -15.54 1.40 73.60
CA ASN G 192 -14.73 1.97 74.67
C ASN G 192 -15.43 3.16 75.31
N GLU G 193 -16.05 4.02 74.51
CA GLU G 193 -16.81 5.13 75.07
C GLU G 193 -18.01 4.65 75.85
N MET G 194 -18.71 3.63 75.34
CA MET G 194 -19.87 3.11 76.05
C MET G 194 -19.47 2.47 77.38
N LYS G 195 -18.21 2.02 77.49
CA LYS G 195 -17.64 1.81 78.82
C LYS G 195 -17.51 3.11 79.57
N ARG G 196 -16.77 4.05 79.00
CA ARG G 196 -16.25 5.22 79.69
C ARG G 196 -17.36 6.17 80.13
N TYR G 197 -18.42 6.31 79.36
CA TYR G 197 -19.48 7.27 79.66
C TYR G 197 -20.75 6.57 80.12
N LYS G 198 -21.25 6.98 81.28
CA LYS G 198 -22.42 6.37 81.88
C LYS G 198 -23.69 6.64 81.11
N GLY G 199 -23.82 7.83 80.56
CA GLY G 199 -25.01 8.27 79.87
C GLY G 199 -24.98 8.15 78.38
N LEU G 200 -23.97 7.47 77.82
CA LEU G 200 -23.89 7.26 76.38
C LEU G 200 -24.86 6.15 76.05
N LEU G 201 -26.14 6.50 75.92
CA LEU G 201 -27.16 5.54 75.54
C LEU G 201 -27.49 5.77 74.06
N PRO G 202 -27.06 4.89 73.16
CA PRO G 202 -27.24 5.17 71.73
C PRO G 202 -28.68 5.35 71.32
N LYS G 203 -29.61 4.60 71.91
CA LYS G 203 -30.99 4.64 71.45
C LYS G 203 -31.65 5.98 71.78
N ASP G 204 -31.42 6.49 72.99
CA ASP G 204 -32.04 7.74 73.39
C ASP G 204 -31.50 8.91 72.57
N ILE G 205 -30.18 8.96 72.38
CA ILE G 205 -29.59 10.03 71.59
C ILE G 205 -30.04 9.93 70.14
N ALA G 206 -30.12 8.71 69.60
CA ALA G 206 -30.59 8.54 68.23
C ALA G 206 -32.03 8.99 68.07
N ASN G 207 -32.89 8.68 69.05
CA ASN G 207 -34.26 9.14 68.99
C ASN G 207 -34.35 10.65 69.08
N SER G 208 -33.52 11.26 69.92
CA SER G 208 -33.50 12.71 70.01
C SER G 208 -33.08 13.35 68.69
N PHE G 209 -32.08 12.79 68.03
CA PHE G 209 -31.64 13.35 66.76
C PHE G 209 -32.66 13.12 65.66
N TYR G 210 -33.32 11.95 65.67
CA TYR G 210 -34.43 11.72 64.75
C TYR G 210 -35.50 12.79 64.93
N GLU G 211 -35.89 13.05 66.18
CA GLU G 211 -36.90 14.06 66.45
C GLU G 211 -36.49 15.43 65.96
N VAL G 212 -35.24 15.84 66.26
CA VAL G 212 -34.84 17.20 65.89
C VAL G 212 -34.72 17.32 64.39
N PHE G 213 -34.32 16.26 63.69
CA PHE G 213 -34.24 16.32 62.24
C PHE G 213 -35.63 16.35 61.62
N GLU G 214 -36.60 15.67 62.25
CA GLU G 214 -37.96 15.72 61.73
C GLU G 214 -38.59 17.08 61.93
N LYS G 215 -38.39 17.70 63.09
CA LYS G 215 -39.05 18.96 63.39
C LYS G 215 -38.42 20.11 62.61
N HIS G 216 -37.09 20.13 62.51
CA HIS G 216 -36.36 21.22 61.88
C HIS G 216 -35.58 20.69 60.68
N PRO G 217 -36.16 20.72 59.49
CA PRO G 217 -35.43 20.24 58.30
C PRO G 217 -34.21 21.08 57.95
N HIS G 218 -34.12 22.32 58.43
CA HIS G 218 -32.91 23.11 58.17
C HIS G 218 -31.73 22.61 58.98
N PHE G 219 -31.98 21.92 60.09
CA PHE G 219 -30.89 21.36 60.87
C PHE G 219 -30.20 20.23 60.12
N ILE G 220 -30.92 19.53 59.24
CA ILE G 220 -30.27 18.53 58.40
C ILE G 220 -29.27 19.18 57.48
N ASP G 221 -29.65 20.30 56.85
CA ASP G 221 -28.73 21.03 55.99
C ASP G 221 -27.53 21.53 56.77
N VAL G 222 -27.78 22.12 57.94
CA VAL G 222 -26.70 22.64 58.77
C VAL G 222 -25.75 21.52 59.17
N PHE G 223 -26.29 20.37 59.59
CA PHE G 223 -25.45 19.28 60.03
C PHE G 223 -24.66 18.67 58.88
N VAL G 224 -25.27 18.55 57.71
CA VAL G 224 -24.55 17.99 56.56
C VAL G 224 -23.39 18.90 56.18
N HIS G 225 -23.61 20.21 56.17
CA HIS G 225 -22.51 21.09 55.80
C HIS G 225 -21.47 21.21 56.91
N PHE G 226 -21.89 21.06 58.17
CA PHE G 226 -20.91 20.95 59.24
C PHE G 226 -20.06 19.70 59.09
N GLY G 227 -20.68 18.57 58.73
CA GLY G 227 -19.92 17.35 58.54
C GLY G 227 -18.96 17.44 57.37
N ILE G 228 -19.35 18.15 56.32
CA ILE G 228 -18.44 18.34 55.19
C ILE G 228 -17.29 19.24 55.60
N ALA G 229 -17.57 20.31 56.36
CA ALA G 229 -16.51 21.21 56.80
C ALA G 229 -15.56 20.51 57.77
N GLN G 230 -16.10 19.69 58.67
CA GLN G 230 -15.27 18.93 59.60
C GLN G 230 -14.40 17.93 58.88
N SER G 231 -14.95 17.25 57.86
CA SER G 231 -14.18 16.29 57.10
C SER G 231 -13.16 16.94 56.17
N SER G 232 -13.19 18.26 56.02
CA SER G 232 -12.22 18.98 55.23
C SER G 232 -11.06 19.51 56.05
N THR G 233 -10.95 19.15 57.32
CA THR G 233 -9.86 19.61 58.15
C THR G 233 -8.58 18.83 57.83
N ARG G 234 -7.46 19.38 58.27
CA ARG G 234 -6.16 18.76 58.06
C ARG G 234 -5.92 17.59 59.01
N GLY G 235 -6.66 17.51 60.11
CA GLY G 235 -6.48 16.44 61.06
C GLY G 235 -7.26 16.73 62.33
N GLY G 236 -7.10 15.83 63.29
CA GLY G 236 -7.81 15.99 64.56
C GLY G 236 -7.57 14.79 65.45
N SER G 237 -8.43 14.68 66.46
CA SER G 237 -8.36 13.58 67.40
C SER G 237 -8.92 12.30 66.77
N ARG G 238 -8.91 11.21 67.53
CA ARG G 238 -9.41 9.95 67.00
C ARG G 238 -10.93 9.93 66.95
N VAL G 239 -11.58 10.65 67.87
CA VAL G 239 -13.04 10.73 67.84
C VAL G 239 -13.51 11.51 66.62
N GLU G 240 -12.77 12.55 66.25
CA GLU G 240 -13.10 13.27 65.01
C GLU G 240 -12.89 12.41 63.79
N GLY G 241 -11.87 11.54 63.82
CA GLY G 241 -11.71 10.58 62.75
C GLY G 241 -12.85 9.58 62.67
N ILE G 242 -13.33 9.14 63.83
CA ILE G 242 -14.50 8.26 63.85
C ILE G 242 -15.71 8.98 63.27
N PHE G 243 -15.90 10.24 63.64
CA PHE G 243 -17.03 11.00 63.11
C PHE G 243 -16.92 11.15 61.60
N ALA G 244 -15.72 11.43 61.09
CA ALA G 244 -15.55 11.57 59.65
C ALA G 244 -15.84 10.27 58.93
N GLY G 245 -15.36 9.15 59.49
CA GLY G 245 -15.62 7.86 58.88
C GLY G 245 -17.09 7.50 58.87
N LEU G 246 -17.80 7.79 59.97
CA LEU G 246 -19.23 7.51 60.04
C LEU G 246 -20.04 8.47 59.18
N PHE G 247 -19.57 9.70 59.01
CA PHE G 247 -20.28 10.66 58.18
C PHE G 247 -20.14 10.35 56.71
N MET G 248 -18.95 9.93 56.27
CA MET G 248 -18.83 9.57 54.86
C MET G 248 -19.44 8.21 54.56
N ASN G 249 -19.85 7.47 55.59
CA ASN G 249 -20.69 6.31 55.39
C ASN G 249 -22.07 6.69 54.87
N ALA G 250 -22.47 7.95 55.04
CA ALA G 250 -23.75 8.43 54.56
C ALA G 250 -23.70 8.89 53.11
N TYR G 251 -22.52 9.00 52.52
CA TYR G 251 -22.41 9.42 51.13
C TYR G 251 -23.02 8.36 50.23
N GLY G 252 -23.93 8.79 49.36
CA GLY G 252 -24.61 7.87 48.49
C GLY G 252 -25.80 7.17 49.09
N ALA G 253 -26.23 7.58 50.28
CA ALA G 253 -27.42 7.00 50.89
C ALA G 253 -28.65 7.37 50.08
N GLY G 254 -29.52 6.39 49.84
CA GLY G 254 -30.65 6.58 48.98
C GLY G 254 -30.38 6.32 47.51
N GLN G 255 -29.15 5.97 47.15
CA GLN G 255 -28.76 5.71 45.77
C GLN G 255 -28.03 4.39 45.65
N VAL G 256 -28.49 3.36 46.38
CA VAL G 256 -27.81 2.08 46.36
C VAL G 256 -27.91 1.41 44.99
N MET G 257 -28.97 1.70 44.22
CA MET G 257 -29.18 0.99 42.97
C MET G 257 -28.12 1.36 41.94
N LEU G 258 -27.58 2.57 41.99
CA LEU G 258 -26.50 2.93 41.08
C LEU G 258 -25.27 2.08 41.34
N ARG G 259 -24.91 1.93 42.62
CA ARG G 259 -23.77 1.11 43.00
C ARG G 259 -24.00 -0.36 42.64
N TRP G 260 -25.22 -0.85 42.88
CA TRP G 260 -25.50 -2.23 42.55
C TRP G 260 -25.56 -2.47 41.05
N GLY G 261 -25.94 -1.46 40.26
CA GLY G 261 -25.85 -1.58 38.82
C GLY G 261 -24.42 -1.62 38.32
N VAL G 262 -23.55 -0.80 38.91
CA VAL G 262 -22.13 -0.90 38.58
C VAL G 262 -21.60 -2.27 38.96
N LEU G 263 -22.05 -2.82 40.08
CA LEU G 263 -21.65 -4.15 40.49
C LEU G 263 -22.12 -5.21 39.51
N ALA G 264 -23.38 -5.12 39.06
CA ALA G 264 -23.90 -6.09 38.11
C ALA G 264 -23.17 -6.00 36.77
N LYS G 265 -22.71 -4.80 36.41
CA LYS G 265 -21.86 -4.69 35.24
C LYS G 265 -20.51 -5.37 35.48
N SER G 266 -19.97 -5.23 36.70
CA SER G 266 -18.65 -5.77 36.98
C SER G 266 -18.64 -7.30 36.97
N VAL G 267 -19.65 -7.93 37.60
CA VAL G 267 -19.73 -9.38 37.58
C VAL G 267 -20.28 -9.91 36.28
N LYS G 268 -20.65 -9.04 35.35
CA LYS G 268 -20.97 -9.40 33.97
C LYS G 268 -22.16 -10.35 33.90
N ASN G 269 -23.23 -9.97 34.60
CA ASN G 269 -24.45 -10.76 34.59
C ASN G 269 -25.01 -10.84 33.18
N ILE G 270 -25.45 -12.04 32.79
CA ILE G 270 -25.89 -12.25 31.41
C ILE G 270 -27.23 -11.57 31.14
N MET G 271 -28.11 -11.50 32.13
CA MET G 271 -29.42 -10.90 31.91
C MET G 271 -29.36 -9.41 31.62
N LEU G 272 -28.17 -8.82 31.58
CA LEU G 272 -28.02 -7.49 31.03
C LEU G 272 -28.09 -7.50 29.50
N GLY G 273 -28.03 -8.68 28.89
CA GLY G 273 -28.18 -8.87 27.47
C GLY G 273 -29.59 -9.16 27.01
N HIS G 274 -30.55 -9.15 27.92
CA HIS G 274 -31.94 -9.36 27.54
C HIS G 274 -32.43 -8.21 26.67
N ALA G 275 -33.56 -8.43 26.00
CA ALA G 275 -34.05 -7.46 25.02
C ALA G 275 -34.49 -6.16 25.69
N SER G 276 -35.31 -6.27 26.75
CA SER G 276 -35.86 -5.08 27.38
C SER G 276 -34.78 -4.28 28.11
N VAL G 277 -33.83 -4.97 28.73
CA VAL G 277 -32.71 -4.28 29.37
C VAL G 277 -31.94 -3.46 28.35
N GLN G 278 -31.67 -4.05 27.18
CA GLN G 278 -30.97 -3.32 26.14
C GLN G 278 -31.82 -2.20 25.57
N ALA G 279 -33.14 -2.35 25.62
CA ALA G 279 -34.01 -1.24 25.24
C ALA G 279 -33.82 -0.05 26.17
N GLU G 280 -33.70 -0.31 27.48
CA GLU G 280 -33.59 0.77 28.46
C GLU G 280 -32.16 1.27 28.64
N MET G 281 -31.16 0.59 28.08
CA MET G 281 -29.77 0.95 28.33
C MET G 281 -29.45 2.39 27.95
N GLU G 282 -30.14 2.95 26.95
CA GLU G 282 -29.84 4.32 26.54
C GLU G 282 -30.10 5.29 27.69
N GLN G 283 -31.28 5.22 28.28
CA GLN G 283 -31.61 6.12 29.38
C GLN G 283 -30.87 5.73 30.65
N VAL G 284 -30.51 4.45 30.81
CA VAL G 284 -29.69 4.09 31.96
C VAL G 284 -28.33 4.76 31.89
N VAL G 285 -27.68 4.73 30.73
CA VAL G 285 -26.41 5.42 30.56
C VAL G 285 -26.59 6.92 30.71
N GLU G 286 -27.74 7.43 30.25
CA GLU G 286 -28.09 8.83 30.50
C GLU G 286 -28.03 9.17 31.99
N VAL G 287 -28.67 8.34 32.83
CA VAL G 287 -28.70 8.59 34.26
C VAL G 287 -27.30 8.51 34.86
N TYR G 288 -26.52 7.52 34.45
CA TYR G 288 -25.17 7.39 35.01
C TYR G 288 -24.29 8.57 34.65
N GLU G 289 -24.37 9.03 33.39
CA GLU G 289 -23.61 10.21 32.99
C GLU G 289 -24.06 11.44 33.76
N TYR G 290 -25.37 11.54 34.04
CA TYR G 290 -25.86 12.63 34.87
C TYR G 290 -25.27 12.58 36.27
N ALA G 291 -25.22 11.39 36.87
CA ALA G 291 -24.67 11.25 38.21
C ALA G 291 -23.21 11.66 38.24
N GLN G 292 -22.46 11.25 37.22
CA GLN G 292 -21.05 11.63 37.15
C GLN G 292 -20.86 13.13 36.94
N LYS G 293 -21.70 13.75 36.11
CA LYS G 293 -21.59 15.19 35.91
C LYS G 293 -21.91 15.95 37.20
N LEU G 294 -22.88 15.46 37.97
CA LEU G 294 -23.15 16.04 39.28
C LEU G 294 -21.93 15.90 40.18
N GLY G 295 -21.38 14.70 40.27
CA GLY G 295 -20.16 14.50 41.02
C GLY G 295 -20.35 14.37 42.53
N GLY G 296 -19.52 15.06 43.29
CA GLY G 296 -19.50 14.91 44.73
C GLY G 296 -20.75 15.39 45.44
N GLU G 297 -21.34 16.48 44.96
CA GLU G 297 -22.50 17.06 45.66
C GLU G 297 -23.70 16.11 45.64
N ALA G 298 -23.75 15.19 44.68
CA ALA G 298 -24.91 14.33 44.53
C ALA G 298 -24.99 13.25 45.59
N GLY G 299 -23.94 13.06 46.40
CA GLY G 299 -23.94 11.99 47.38
C GLY G 299 -24.83 12.23 48.57
N PHE G 300 -25.29 13.48 48.76
CA PHE G 300 -26.17 13.83 49.88
C PHE G 300 -27.51 14.36 49.41
N TYR G 301 -27.91 14.07 48.17
CA TYR G 301 -29.17 14.58 47.65
C TYR G 301 -30.37 14.01 48.40
N HIS G 302 -30.36 12.70 48.68
CA HIS G 302 -31.50 12.08 49.32
C HIS G 302 -31.56 12.38 50.81
N ILE G 303 -30.41 12.54 51.46
CA ILE G 303 -30.40 12.95 52.86
C ILE G 303 -30.96 14.35 53.01
N LEU G 304 -30.55 15.26 52.13
CA LEU G 304 -30.99 16.65 52.17
C LEU G 304 -32.38 16.84 51.58
N ASN G 305 -32.97 15.80 51.01
CA ASN G 305 -34.23 15.91 50.27
C ASN G 305 -34.10 16.92 49.13
N ASN G 306 -32.99 16.86 48.42
CA ASN G 306 -32.81 17.70 47.26
C ASN G 306 -33.85 17.35 46.21
N PRO G 307 -34.51 18.34 45.60
CA PRO G 307 -35.55 18.01 44.62
C PRO G 307 -35.04 17.25 43.42
N LYS G 308 -33.79 17.42 43.05
CA LYS G 308 -33.19 16.70 41.93
C LYS G 308 -32.76 15.29 42.30
N ALA G 309 -33.15 14.80 43.48
CA ALA G 309 -32.86 13.43 43.84
C ALA G 309 -33.62 12.44 42.97
N SER G 310 -34.83 12.80 42.55
CA SER G 310 -35.64 11.90 41.74
C SER G 310 -35.05 11.66 40.36
N LEU G 311 -34.14 12.52 39.90
CA LEU G 311 -33.53 12.35 38.59
C LEU G 311 -32.48 11.24 38.58
N LEU G 312 -32.01 10.83 39.74
CA LEU G 312 -31.00 9.77 39.84
C LEU G 312 -31.62 8.39 39.98
N SER G 313 -32.94 8.29 40.02
CA SER G 313 -33.60 7.02 40.24
C SER G 313 -33.43 6.08 39.06
N LEU G 314 -33.34 4.79 39.35
CA LEU G 314 -33.28 3.75 38.33
C LEU G 314 -34.52 2.88 38.31
N THR G 315 -35.45 3.07 39.25
CA THR G 315 -36.68 2.29 39.25
C THR G 315 -37.60 2.67 38.11
N GLN G 316 -37.32 3.76 37.41
CA GLN G 316 -38.02 4.16 36.21
C GLN G 316 -37.65 3.32 35.00
N PHE G 317 -36.77 2.33 35.22
CA PHE G 317 -36.42 1.32 34.23
C PHE G 317 -36.65 -0.04 34.87
N PRO G 318 -37.88 -0.54 34.82
CA PRO G 318 -38.21 -1.75 35.61
C PRO G 318 -37.35 -2.97 35.28
N HIS G 319 -36.99 -3.16 34.01
CA HIS G 319 -36.25 -4.36 33.65
C HIS G 319 -34.81 -4.30 34.15
N PHE G 320 -34.13 -3.16 33.93
CA PHE G 320 -32.77 -3.01 34.42
C PHE G 320 -32.73 -3.06 35.94
N SER G 321 -33.69 -2.40 36.59
CA SER G 321 -33.75 -2.43 38.05
C SER G 321 -33.97 -3.85 38.57
N SER G 322 -34.84 -4.61 37.90
CA SER G 322 -35.09 -5.98 38.32
C SER G 322 -33.84 -6.84 38.16
N VAL G 323 -33.12 -6.67 37.05
CA VAL G 323 -31.88 -7.41 36.86
C VAL G 323 -30.86 -7.05 37.94
N VAL G 324 -30.77 -5.76 38.27
CA VAL G 324 -29.81 -5.31 39.27
C VAL G 324 -30.15 -5.87 40.65
N LEU G 325 -31.43 -5.84 41.02
CA LEU G 325 -31.84 -6.43 42.30
C LEU G 325 -31.59 -7.93 42.33
N GLY G 326 -31.87 -8.61 41.22
CA GLY G 326 -31.60 -10.04 41.17
C GLY G 326 -30.13 -10.35 41.33
N ASN G 327 -29.26 -9.60 40.66
CA ASN G 327 -27.83 -9.81 40.82
C ASN G 327 -27.40 -9.55 42.26
N ALA G 328 -27.94 -8.50 42.88
CA ALA G 328 -27.60 -8.21 44.27
C ALA G 328 -28.04 -9.35 45.19
N ALA G 329 -29.23 -9.89 44.99
CA ALA G 329 -29.73 -10.95 45.85
C ALA G 329 -28.96 -12.24 45.62
N GLY G 330 -28.53 -12.49 44.38
CA GLY G 330 -27.77 -13.69 44.10
C GLY G 330 -26.39 -13.67 44.72
N LEU G 331 -25.75 -12.50 44.73
CA LEU G 331 -24.43 -12.37 45.34
C LEU G 331 -24.49 -12.37 46.87
N GLY G 332 -25.68 -12.36 47.44
CA GLY G 332 -25.82 -12.43 48.89
C GLY G 332 -25.52 -11.14 49.64
N ILE G 333 -25.71 -10.00 48.99
CA ILE G 333 -25.47 -8.72 49.64
C ILE G 333 -26.73 -7.88 49.77
N MET G 334 -27.90 -8.38 49.39
CA MET G 334 -29.09 -7.53 49.38
C MET G 334 -29.64 -7.34 50.79
N GLY G 335 -29.37 -8.27 51.69
CA GLY G 335 -29.78 -8.11 53.08
C GLY G 335 -31.28 -8.03 53.23
N GLU G 336 -31.74 -7.03 53.98
CA GLU G 336 -33.15 -6.74 54.16
C GLU G 336 -33.61 -5.55 53.32
N TYR G 337 -33.02 -5.38 52.14
CA TYR G 337 -33.39 -4.25 51.29
C TYR G 337 -34.84 -4.41 50.88
N ARG G 338 -35.67 -3.43 51.24
CA ARG G 338 -37.11 -3.57 51.17
C ARG G 338 -37.67 -3.06 49.83
N GLY G 339 -36.80 -2.66 48.92
CA GLY G 339 -37.22 -2.45 47.55
C GLY G 339 -37.49 -3.76 46.85
N THR G 340 -38.54 -3.77 46.02
CA THR G 340 -38.99 -5.02 45.42
C THR G 340 -38.91 -4.94 43.91
N PRO G 341 -38.58 -6.03 43.23
CA PRO G 341 -38.51 -5.99 41.77
C PRO G 341 -39.89 -5.80 41.17
N ARG G 342 -39.96 -5.17 40.00
CA ARG G 342 -41.21 -5.03 39.27
C ARG G 342 -41.21 -5.84 37.98
N ASN G 343 -40.20 -6.67 37.77
CA ASN G 343 -40.19 -7.73 36.78
C ASN G 343 -39.66 -8.98 37.48
N GLN G 344 -40.57 -9.80 37.99
CA GLN G 344 -40.16 -10.94 38.80
C GLN G 344 -39.33 -11.93 38.00
N ASP G 345 -39.65 -12.09 36.72
CA ASP G 345 -38.94 -13.08 35.91
C ASP G 345 -37.47 -12.72 35.72
N LEU G 346 -37.19 -11.48 35.35
CA LEU G 346 -35.80 -11.04 35.20
C LEU G 346 -35.08 -11.07 36.53
N TYR G 347 -35.78 -10.71 37.62
CA TYR G 347 -35.20 -10.80 38.94
C TYR G 347 -34.74 -12.21 39.26
N ASP G 348 -35.62 -13.20 39.04
CA ASP G 348 -35.28 -14.58 39.33
C ASP G 348 -34.15 -15.08 38.44
N ALA G 349 -34.19 -14.73 37.15
CA ALA G 349 -33.14 -15.18 36.24
C ALA G 349 -31.77 -14.62 36.65
N ALA G 350 -31.71 -13.32 36.96
CA ALA G 350 -30.47 -12.71 37.38
C ALA G 350 -30.00 -13.28 38.70
N LYS G 351 -30.92 -13.52 39.63
CA LYS G 351 -30.54 -14.11 40.91
C LYS G 351 -29.93 -15.50 40.72
N ALA G 352 -30.55 -16.32 39.87
CA ALA G 352 -30.02 -17.65 39.61
C ALA G 352 -28.64 -17.58 38.97
N TYR G 353 -28.47 -16.72 37.98
CA TYR G 353 -27.15 -16.63 37.35
C TYR G 353 -26.09 -16.14 38.32
N ALA G 354 -26.45 -15.19 39.19
CA ALA G 354 -25.48 -14.68 40.15
C ALA G 354 -25.12 -15.76 41.17
N GLU G 355 -26.08 -16.63 41.51
CA GLU G 355 -25.76 -17.74 42.40
C GLU G 355 -24.81 -18.73 41.73
N GLN G 356 -25.07 -19.09 40.48
CA GLN G 356 -24.12 -19.97 39.79
C GLN G 356 -22.81 -19.25 39.44
N LEU G 357 -22.75 -17.93 39.62
CA LEU G 357 -21.46 -17.26 39.45
C LEU G 357 -20.47 -17.60 40.54
N LYS G 358 -20.87 -18.39 41.54
CA LYS G 358 -19.96 -18.70 42.63
C LYS G 358 -19.52 -20.16 42.62
N GLU G 359 -20.44 -21.09 42.36
CA GLU G 359 -20.04 -22.48 42.15
C GLU G 359 -19.42 -22.67 40.77
N ASN G 360 -20.01 -22.05 39.76
CA ASN G 360 -19.53 -22.11 38.38
C ASN G 360 -18.86 -20.78 38.10
N GLY G 361 -17.54 -20.72 38.31
CA GLY G 361 -16.85 -19.45 38.47
C GLY G 361 -17.29 -18.40 37.47
N VAL G 362 -16.95 -18.58 36.20
CA VAL G 362 -17.31 -17.64 35.15
C VAL G 362 -17.72 -18.44 33.93
N ILE G 363 -18.38 -17.77 32.98
CA ILE G 363 -18.76 -18.37 31.71
C ILE G 363 -18.03 -17.66 30.60
N ASN G 364 -17.27 -18.42 29.80
CA ASN G 364 -16.66 -17.87 28.62
C ASN G 364 -17.70 -17.70 27.51
N TYR G 365 -17.34 -16.94 26.48
CA TYR G 365 -18.21 -16.76 25.34
C TYR G 365 -17.51 -17.27 24.09
N SER G 366 -16.96 -18.48 24.20
CA SER G 366 -16.38 -19.22 23.09
C SER G 366 -17.46 -19.59 22.08
N VAL G 367 -18.71 -19.66 22.53
CA VAL G 367 -19.85 -19.73 21.61
C VAL G 367 -19.70 -18.56 20.65
N LEU G 368 -20.21 -18.70 19.42
CA LEU G 368 -20.03 -17.68 18.40
C LEU G 368 -18.55 -17.44 18.06
N ASP G 369 -17.95 -18.37 17.32
CA ASP G 369 -16.63 -18.29 16.65
C ASP G 369 -15.42 -18.68 17.52
N LEU G 370 -15.60 -19.30 18.68
CA LEU G 370 -14.43 -19.83 19.38
C LEU G 370 -14.74 -21.17 20.05
N ALA H 2 6.15 -27.23 22.26
CA ALA H 2 4.86 -26.56 22.29
C ALA H 2 3.82 -27.38 23.02
N LEU H 3 3.09 -26.75 23.93
CA LEU H 3 2.10 -27.48 24.72
C LEU H 3 0.90 -27.90 23.88
N SER H 4 0.73 -27.29 22.70
CA SER H 4 -0.41 -27.62 21.85
C SER H 4 -0.33 -29.01 21.23
N LYS H 5 0.86 -29.62 21.19
CA LYS H 5 1.01 -30.95 20.62
C LYS H 5 1.02 -32.05 21.67
N VAL H 6 0.67 -31.74 22.92
CA VAL H 6 0.48 -32.76 23.95
C VAL H 6 -0.97 -33.20 23.81
N LYS H 7 -1.21 -34.09 22.85
CA LYS H 7 -2.58 -34.51 22.56
C LYS H 7 -2.56 -35.95 22.05
N LEU H 8 -3.68 -36.64 22.28
CA LEU H 8 -3.84 -38.03 21.87
C LEU H 8 -5.24 -38.21 21.30
N ASN H 9 -5.32 -38.78 20.10
CA ASN H 9 -6.60 -39.02 19.45
C ASN H 9 -7.02 -40.47 19.68
N ASP H 10 -7.59 -40.70 20.87
CA ASP H 10 -7.87 -42.07 21.30
C ASP H 10 -9.02 -42.69 20.53
N THR H 11 -10.09 -41.92 20.27
CA THR H 11 -11.24 -42.45 19.56
C THR H 11 -10.85 -42.92 18.16
N LEU H 12 -10.12 -42.08 17.42
CA LEU H 12 -9.73 -42.41 16.07
C LEU H 12 -8.74 -43.58 16.05
N ASN H 13 -7.83 -43.63 17.02
CA ASN H 13 -6.87 -44.72 17.08
C ASN H 13 -7.56 -46.05 17.40
N LYS H 14 -8.54 -46.04 18.31
CA LYS H 14 -9.31 -47.23 18.58
C LYS H 14 -10.08 -47.69 17.35
N ASP H 15 -10.69 -46.74 16.63
CA ASP H 15 -11.39 -47.11 15.41
C ASP H 15 -10.44 -47.71 14.38
N GLN H 16 -9.25 -47.14 14.22
CA GLN H 16 -8.31 -47.69 13.25
C GLN H 16 -7.85 -49.08 13.68
N LEU H 17 -7.66 -49.29 14.99
CA LEU H 17 -7.30 -50.63 15.46
C LEU H 17 -8.38 -51.64 15.16
N LEU H 18 -9.65 -51.27 15.38
CA LEU H 18 -10.74 -52.21 15.16
C LEU H 18 -11.03 -52.43 13.68
N SER H 19 -10.79 -51.44 12.84
CA SER H 19 -11.08 -51.55 11.42
C SER H 19 -9.94 -52.15 10.61
N SER H 20 -8.74 -52.26 11.17
CA SER H 20 -7.60 -52.80 10.45
C SER H 20 -7.18 -54.17 10.98
N SER H 21 -8.09 -54.93 11.56
CA SER H 21 -7.77 -56.26 12.04
C SER H 21 -7.49 -57.17 10.85
N LYS H 22 -6.45 -58.00 10.98
CA LYS H 22 -6.06 -58.92 9.92
C LYS H 22 -6.42 -60.37 10.25
N TYR H 23 -7.19 -60.60 11.30
CA TYR H 23 -7.75 -61.91 11.61
C TYR H 23 -9.23 -61.75 11.88
N THR H 24 -10.01 -62.79 11.61
CA THR H 24 -11.45 -62.75 11.75
C THR H 24 -11.93 -63.96 12.54
N ILE H 25 -13.00 -63.76 13.30
CA ILE H 25 -13.66 -64.84 14.00
C ILE H 25 -14.86 -65.30 13.17
N GLN H 26 -15.35 -66.49 13.49
CA GLN H 26 -16.51 -67.05 12.80
C GLN H 26 -17.33 -67.83 13.82
N ARG H 27 -18.48 -67.26 14.20
CA ARG H 27 -19.32 -67.83 15.23
C ARG H 27 -20.16 -68.98 14.67
N SER H 28 -20.69 -69.81 15.56
CA SER H 28 -21.54 -70.93 15.18
C SER H 28 -22.93 -70.70 15.76
N THR H 29 -23.93 -70.61 14.88
CA THR H 29 -25.27 -70.31 15.34
C THR H 29 -25.87 -71.38 16.22
N GLY H 30 -25.41 -72.63 16.08
CA GLY H 30 -25.97 -73.75 16.80
C GLY H 30 -27.03 -74.50 16.01
N ASP H 31 -28.29 -74.18 16.29
CA ASP H 31 -29.43 -74.67 15.52
C ASP H 31 -29.33 -74.22 14.05
N SER H 32 -29.76 -75.10 13.17
CA SER H 32 -29.73 -74.83 11.74
C SER H 32 -30.66 -73.69 11.38
N ILE H 33 -30.23 -72.87 10.43
CA ILE H 33 -31.04 -71.74 9.94
C ILE H 33 -31.80 -72.22 8.72
N ASP H 34 -33.11 -72.00 8.73
CA ASP H 34 -33.95 -72.21 7.56
C ASP H 34 -33.74 -71.02 6.65
N THR H 35 -33.57 -71.27 5.35
CA THR H 35 -33.39 -70.17 4.42
C THR H 35 -34.43 -70.27 3.31
N PRO H 36 -35.64 -69.73 3.49
CA PRO H 36 -36.62 -69.73 2.41
C PRO H 36 -36.19 -68.84 1.26
N ASN H 37 -36.65 -69.20 0.07
CA ASN H 37 -36.36 -68.47 -1.15
C ASN H 37 -37.61 -67.71 -1.60
N TYR H 38 -37.54 -67.10 -2.78
CA TYR H 38 -38.68 -66.37 -3.32
C TYR H 38 -39.87 -67.28 -3.57
N ASP H 39 -39.63 -68.59 -3.67
CA ASP H 39 -40.70 -69.51 -4.05
C ASP H 39 -41.82 -69.54 -3.03
N VAL H 40 -41.47 -69.54 -1.74
CA VAL H 40 -42.44 -69.74 -0.67
C VAL H 40 -42.87 -68.43 -0.03
N GLN H 41 -42.57 -67.30 -0.67
CA GLN H 41 -43.00 -66.01 -0.15
C GLN H 41 -44.52 -65.92 -0.07
N LYS H 42 -45.20 -66.42 -1.10
CA LYS H 42 -46.66 -66.41 -1.10
C LYS H 42 -47.21 -67.23 0.05
N HIS H 43 -46.63 -68.40 0.31
CA HIS H 43 -47.14 -69.25 1.38
C HIS H 43 -46.87 -68.64 2.75
N ILE H 44 -45.71 -68.02 2.94
CA ILE H 44 -45.42 -67.39 4.23
C ILE H 44 -46.34 -66.19 4.44
N ASN H 45 -46.63 -65.43 3.38
CA ASN H 45 -47.59 -64.35 3.50
C ASN H 45 -48.98 -64.88 3.81
N LYS H 46 -49.34 -66.03 3.24
CA LYS H 46 -50.60 -66.67 3.58
C LYS H 46 -50.65 -67.03 5.06
N LEU H 47 -49.56 -67.56 5.58
CA LEU H 47 -49.51 -67.91 7.00
C LEU H 47 -49.66 -66.67 7.88
N CYS H 48 -48.98 -65.57 7.52
CA CYS H 48 -49.12 -64.34 8.28
C CYS H 48 -50.56 -63.82 8.22
N GLY H 49 -51.19 -63.90 7.05
CA GLY H 49 -52.58 -63.47 6.95
C GLY H 49 -53.51 -64.32 7.77
N MET H 50 -53.30 -65.63 7.79
CA MET H 50 -54.11 -66.50 8.62
C MET H 50 -53.94 -66.18 10.10
N LEU H 51 -52.72 -65.85 10.52
CA LEU H 51 -52.51 -65.41 11.89
C LEU H 51 -53.25 -64.10 12.16
N LEU H 52 -53.25 -63.19 11.18
CA LEU H 52 -53.87 -61.88 11.39
C LEU H 52 -55.39 -61.94 11.45
N ILE H 53 -56.03 -62.77 10.61
CA ILE H 53 -57.49 -62.82 10.60
C ILE H 53 -58.04 -63.67 11.73
N THR H 54 -57.20 -64.31 12.53
CA THR H 54 -57.64 -65.20 13.60
C THR H 54 -57.83 -64.37 14.87
N GLU H 55 -59.08 -64.15 15.28
CA GLU H 55 -59.28 -63.46 16.54
C GLU H 55 -58.89 -64.35 17.72
N ASP H 56 -58.64 -63.70 18.87
CA ASP H 56 -58.17 -64.39 20.08
C ASP H 56 -57.03 -65.35 19.74
N ALA H 57 -56.07 -64.84 18.98
CA ALA H 57 -55.07 -65.70 18.35
C ALA H 57 -53.95 -66.05 19.32
N ASN H 58 -53.17 -67.04 18.92
CA ASN H 58 -51.96 -67.45 19.63
C ASN H 58 -50.76 -66.97 18.82
N HIS H 59 -50.07 -65.96 19.34
CA HIS H 59 -48.92 -65.38 18.65
C HIS H 59 -47.58 -65.87 19.18
N LYS H 60 -47.53 -67.11 19.66
CA LYS H 60 -46.26 -67.64 20.18
C LYS H 60 -45.21 -67.76 19.09
N PHE H 61 -45.63 -67.95 17.83
CA PHE H 61 -44.70 -68.23 16.74
C PHE H 61 -44.67 -67.11 15.71
N THR H 62 -45.28 -65.95 16.01
CA THR H 62 -45.37 -64.89 15.01
C THR H 62 -44.01 -64.28 14.72
N GLY H 63 -43.13 -64.19 15.72
CA GLY H 63 -41.82 -63.65 15.48
C GLY H 63 -41.02 -64.46 14.49
N LEU H 64 -41.03 -65.80 14.65
CA LEU H 64 -40.32 -66.66 13.73
C LEU H 64 -40.92 -66.60 12.33
N ILE H 65 -42.24 -66.52 12.23
CA ILE H 65 -42.88 -66.46 10.91
C ILE H 65 -42.56 -65.14 10.22
N GLY H 66 -42.53 -64.05 10.97
CA GLY H 66 -42.13 -62.78 10.39
C GLY H 66 -40.67 -62.78 9.95
N MET H 67 -39.81 -63.43 10.73
CA MET H 67 -38.42 -63.56 10.30
C MET H 67 -38.30 -64.38 9.03
N LEU H 68 -39.09 -65.45 8.93
CA LEU H 68 -39.09 -66.25 7.71
C LEU H 68 -39.59 -65.44 6.53
N TYR H 69 -40.60 -64.61 6.72
CA TYR H 69 -41.10 -63.78 5.64
C TYR H 69 -40.05 -62.77 5.19
N ALA H 70 -39.36 -62.15 6.13
CA ALA H 70 -38.30 -61.21 5.77
C ALA H 70 -37.20 -61.91 5.01
N MET H 71 -36.79 -63.10 5.47
CA MET H 71 -35.74 -63.85 4.80
C MET H 71 -36.17 -64.35 3.42
N SER H 72 -37.45 -64.64 3.23
CA SER H 72 -37.93 -65.03 1.91
C SER H 72 -37.98 -63.83 0.96
N ARG H 73 -38.29 -62.64 1.49
CA ARG H 73 -38.20 -61.44 0.67
C ARG H 73 -36.76 -61.16 0.25
N LEU H 74 -35.81 -61.35 1.16
CA LEU H 74 -34.40 -61.14 0.80
C LEU H 74 -33.94 -62.16 -0.24
N GLY H 75 -34.43 -63.39 -0.12
CA GLY H 75 -33.98 -64.49 -0.94
C GLY H 75 -32.91 -65.31 -0.22
N ARG H 76 -32.77 -66.57 -0.66
CA ARG H 76 -31.82 -67.47 0.01
C ARG H 76 -30.38 -67.01 -0.20
N GLU H 77 -30.04 -66.58 -1.41
CA GLU H 77 -28.67 -66.14 -1.69
C GLU H 77 -28.29 -64.99 -0.77
N ASP H 78 -29.14 -63.96 -0.71
CA ASP H 78 -28.81 -62.78 0.10
C ASP H 78 -28.86 -63.10 1.59
N THR H 79 -29.78 -63.96 2.02
CA THR H 79 -29.80 -64.34 3.43
C THR H 79 -28.51 -65.05 3.82
N ILE H 80 -28.06 -65.99 2.99
CA ILE H 80 -26.81 -66.69 3.27
C ILE H 80 -25.65 -65.72 3.28
N LYS H 81 -25.62 -64.81 2.30
CA LYS H 81 -24.51 -63.86 2.23
C LYS H 81 -24.49 -62.93 3.43
N ILE H 82 -25.67 -62.50 3.90
CA ILE H 82 -25.75 -61.69 5.11
C ILE H 82 -25.20 -62.46 6.30
N LEU H 83 -25.58 -63.73 6.44
CA LEU H 83 -25.13 -64.50 7.59
C LEU H 83 -23.62 -64.72 7.55
N ARG H 84 -23.04 -64.98 6.38
CA ARG H 84 -21.58 -65.04 6.30
C ARG H 84 -20.93 -63.71 6.64
N ASP H 85 -21.41 -62.62 6.04
CA ASP H 85 -20.79 -61.32 6.29
C ASP H 85 -20.88 -60.92 7.75
N ALA H 86 -21.92 -61.35 8.46
CA ALA H 86 -22.01 -61.09 9.89
C ALA H 86 -21.03 -61.96 10.68
N GLY H 87 -20.40 -62.94 10.05
CA GLY H 87 -19.45 -63.79 10.72
C GLY H 87 -20.11 -64.94 11.45
N TYR H 88 -20.89 -65.74 10.74
CA TYR H 88 -21.60 -66.87 11.32
C TYR H 88 -21.35 -68.11 10.49
N HIS H 89 -21.26 -69.26 11.17
CA HIS H 89 -21.32 -70.55 10.52
C HIS H 89 -22.77 -71.01 10.52
N VAL H 90 -23.34 -71.19 9.34
CA VAL H 90 -24.77 -71.43 9.19
C VAL H 90 -24.99 -72.73 8.45
N LYS H 91 -25.90 -73.54 8.97
CA LYS H 91 -26.40 -74.73 8.29
C LYS H 91 -27.61 -74.29 7.47
N ALA H 92 -27.38 -74.02 6.18
CA ALA H 92 -28.46 -73.55 5.33
C ALA H 92 -29.47 -74.67 5.08
N ASN H 93 -30.70 -74.44 5.50
CA ASN H 93 -31.77 -75.42 5.42
C ASN H 93 -32.73 -75.03 4.31
N GLY H 94 -32.90 -75.91 3.33
CA GLY H 94 -33.80 -75.63 2.23
C GLY H 94 -35.24 -75.70 2.69
N VAL H 95 -36.04 -74.73 2.27
CA VAL H 95 -37.46 -74.66 2.58
C VAL H 95 -38.24 -74.87 1.30
N ASP H 96 -39.13 -75.85 1.30
CA ASP H 96 -39.99 -76.10 0.16
C ASP H 96 -41.36 -76.52 0.67
N VAL H 97 -42.34 -76.35 -0.18
CA VAL H 97 -43.73 -76.57 0.18
C VAL H 97 -44.12 -78.01 -0.15
N THR H 98 -44.89 -78.62 0.75
CA THR H 98 -45.40 -79.96 0.52
C THR H 98 -46.80 -80.05 1.12
N THR H 99 -47.52 -81.10 0.73
CA THR H 99 -48.86 -81.37 1.24
C THR H 99 -48.83 -82.40 2.36
N HIS H 100 -49.72 -82.22 3.33
CA HIS H 100 -49.91 -83.15 4.43
C HIS H 100 -51.40 -83.44 4.54
N ARG H 101 -51.74 -84.72 4.71
CA ARG H 101 -53.12 -85.16 4.77
C ARG H 101 -53.41 -85.65 6.18
N GLN H 102 -54.44 -85.11 6.82
CA GLN H 102 -54.86 -85.62 8.11
C GLN H 102 -56.37 -85.52 8.24
N ASP H 103 -56.90 -86.33 9.16
CA ASP H 103 -58.34 -86.45 9.39
C ASP H 103 -58.70 -85.74 10.69
N ILE H 104 -59.34 -84.59 10.56
CA ILE H 104 -59.90 -83.86 11.70
C ILE H 104 -61.42 -83.82 11.53
N ASN H 105 -62.14 -83.93 12.64
CA ASN H 105 -63.60 -84.05 12.63
C ASN H 105 -64.04 -85.31 11.87
N GLY H 106 -63.16 -86.30 11.80
CA GLY H 106 -63.45 -87.51 11.06
C GLY H 106 -63.51 -87.34 9.57
N LYS H 107 -62.89 -86.28 9.03
CA LYS H 107 -62.95 -85.98 7.61
C LYS H 107 -61.54 -85.79 7.08
N GLU H 108 -61.27 -86.36 5.90
CA GLU H 108 -59.98 -86.21 5.24
C GLU H 108 -59.79 -84.75 4.85
N MET H 109 -58.60 -84.20 5.10
CA MET H 109 -58.36 -82.80 4.84
C MET H 109 -56.99 -82.57 4.21
N LYS H 110 -56.99 -81.65 3.25
CA LYS H 110 -55.83 -81.25 2.47
C LYS H 110 -55.22 -79.99 3.07
N PHE H 111 -53.98 -80.09 3.53
CA PHE H 111 -53.20 -78.94 3.97
C PHE H 111 -51.91 -78.86 3.19
N GLU H 112 -51.49 -77.64 2.90
CA GLU H 112 -50.24 -77.36 2.21
C GLU H 112 -49.32 -76.62 3.18
N VAL H 113 -48.22 -77.26 3.57
CA VAL H 113 -47.35 -76.76 4.62
C VAL H 113 -45.93 -76.64 4.08
N LEU H 114 -45.02 -76.16 4.93
CA LEU H 114 -43.63 -75.92 4.59
C LEU H 114 -42.74 -76.84 5.40
N THR H 115 -41.59 -77.19 4.82
CA THR H 115 -40.56 -77.96 5.53
C THR H 115 -39.67 -76.97 6.28
N LEU H 116 -40.09 -76.62 7.49
CA LEU H 116 -39.31 -75.75 8.37
C LEU H 116 -38.86 -76.55 9.57
N ALA H 117 -37.55 -76.57 9.82
CA ALA H 117 -37.04 -77.26 11.00
C ALA H 117 -37.44 -76.54 12.28
N SER H 118 -37.57 -75.22 12.24
CA SER H 118 -37.91 -74.45 13.43
C SER H 118 -39.41 -74.47 13.72
N LEU H 119 -40.23 -74.75 12.71
CA LEU H 119 -41.68 -74.68 12.84
C LEU H 119 -42.27 -76.01 12.39
N THR H 120 -42.87 -76.75 13.33
CA THR H 120 -43.38 -78.07 13.03
C THR H 120 -44.68 -78.00 12.22
N THR H 121 -45.04 -79.13 11.63
CA THR H 121 -46.24 -79.21 10.81
C THR H 121 -47.51 -78.99 11.62
N GLU H 122 -47.54 -79.54 12.85
CA GLU H 122 -48.71 -79.37 13.71
C GLU H 122 -49.06 -77.91 13.92
N ILE H 123 -48.04 -77.07 14.09
CA ILE H 123 -48.27 -75.67 14.37
C ILE H 123 -48.94 -74.98 13.19
N GLN H 124 -48.43 -75.23 11.98
CA GLN H 124 -49.03 -74.64 10.79
C GLN H 124 -50.45 -75.16 10.57
N ILE H 125 -50.66 -76.46 10.80
CA ILE H 125 -52.00 -77.03 10.66
C ILE H 125 -52.97 -76.35 11.63
N ASN H 126 -52.54 -76.18 12.88
CA ASN H 126 -53.42 -75.58 13.88
C ASN H 126 -53.67 -74.11 13.59
N ILE H 127 -52.67 -73.42 13.06
CA ILE H 127 -52.87 -72.04 12.61
C ILE H 127 -53.96 -71.99 11.55
N GLU H 128 -53.90 -72.89 10.57
CA GLU H 128 -54.93 -72.93 9.53
C GLU H 128 -56.29 -73.25 10.13
N ILE H 129 -56.35 -74.18 11.08
CA ILE H 129 -57.64 -74.56 11.67
C ILE H 129 -58.27 -73.37 12.38
N GLU H 130 -57.48 -72.69 13.22
CA GLU H 130 -58.00 -71.54 13.94
C GLU H 130 -58.44 -70.44 12.98
N SER H 131 -57.63 -70.17 11.96
CA SER H 131 -58.00 -69.15 10.99
C SER H 131 -59.28 -69.51 10.25
N ARG H 132 -59.41 -70.78 9.85
CA ARG H 132 -60.61 -71.20 9.11
C ARG H 132 -61.86 -71.05 9.96
N LYS H 133 -61.82 -71.48 11.23
CA LYS H 133 -63.04 -71.41 12.02
C LYS H 133 -63.37 -69.98 12.44
N SER H 134 -62.33 -69.16 12.68
CA SER H 134 -62.60 -67.74 12.93
C SER H 134 -63.19 -67.07 11.70
N TYR H 135 -62.68 -67.40 10.51
CA TYR H 135 -63.23 -66.91 9.26
C TYR H 135 -64.68 -67.35 9.09
N LYS H 136 -64.98 -68.61 9.40
CA LYS H 136 -66.35 -69.08 9.32
C LYS H 136 -67.27 -68.30 10.25
N LYS H 137 -66.83 -68.11 11.49
CA LYS H 137 -67.67 -67.40 12.46
C LYS H 137 -67.91 -65.95 12.05
N MET H 138 -66.86 -65.28 11.55
CA MET H 138 -67.00 -63.88 11.19
C MET H 138 -67.80 -63.72 9.90
N LEU H 139 -67.66 -64.66 8.97
CA LEU H 139 -68.50 -64.68 7.78
C LEU H 139 -69.97 -64.89 8.14
N LYS H 140 -70.21 -65.77 9.11
CA LYS H 140 -71.57 -65.95 9.61
C LYS H 140 -72.11 -64.67 10.23
N GLU H 141 -71.27 -63.97 11.01
CA GLU H 141 -71.73 -62.80 11.73
C GLU H 141 -71.85 -61.54 10.87
N MET H 142 -71.26 -61.51 9.67
CA MET H 142 -71.46 -60.35 8.80
C MET H 142 -71.85 -60.68 7.36
N GLY H 143 -72.00 -61.96 7.01
CA GLY H 143 -72.58 -62.31 5.73
C GLY H 143 -71.63 -62.54 4.58
N GLU H 144 -70.91 -61.50 4.17
CA GLU H 144 -69.99 -61.60 3.04
C GLU H 144 -68.69 -60.89 3.37
N VAL H 145 -67.57 -61.51 2.98
CA VAL H 145 -66.24 -60.96 3.25
C VAL H 145 -65.79 -60.08 2.09
N ALA H 146 -64.76 -59.29 2.33
CA ALA H 146 -64.11 -58.46 1.34
C ALA H 146 -62.62 -58.82 1.33
N PRO H 147 -61.89 -58.44 0.28
CA PRO H 147 -60.43 -58.66 0.31
C PRO H 147 -59.76 -57.99 1.49
N GLU H 148 -60.43 -57.05 2.16
CA GLU H 148 -59.89 -56.47 3.38
C GLU H 148 -59.78 -57.51 4.49
N TYR H 149 -60.80 -58.35 4.64
CA TYR H 149 -60.84 -59.39 5.68
C TYR H 149 -60.44 -60.72 5.05
N ARG H 150 -59.14 -60.92 4.87
CA ARG H 150 -58.67 -62.22 4.37
C ARG H 150 -57.17 -62.31 4.54
N HIS H 151 -56.67 -63.55 4.43
CA HIS H 151 -55.25 -63.84 4.49
C HIS H 151 -54.53 -63.63 3.15
N ASP H 152 -55.27 -63.47 2.07
CA ASP H 152 -54.65 -63.35 0.75
C ASP H 152 -54.15 -61.95 0.45
N SER H 153 -54.35 -61.00 1.35
CA SER H 153 -53.83 -59.65 1.14
C SER H 153 -52.31 -59.69 1.07
N PRO H 154 -51.67 -58.93 0.17
CA PRO H 154 -50.22 -59.02 0.00
C PRO H 154 -49.41 -58.27 1.05
N ASP H 155 -50.06 -57.66 2.05
CA ASP H 155 -49.37 -56.86 3.05
C ASP H 155 -49.56 -57.40 4.46
N CYS H 156 -50.15 -58.59 4.60
CA CYS H 156 -50.36 -59.17 5.92
C CYS H 156 -49.04 -59.44 6.62
N GLY H 157 -48.06 -59.96 5.90
CA GLY H 157 -46.74 -60.14 6.47
C GLY H 157 -46.06 -58.82 6.79
N MET H 158 -46.28 -57.80 5.98
CA MET H 158 -45.63 -56.52 6.20
C MET H 158 -46.20 -55.77 7.39
N ILE H 159 -47.45 -56.04 7.77
CA ILE H 159 -47.95 -55.46 9.03
C ILE H 159 -47.21 -56.05 10.22
N ILE H 160 -47.02 -57.37 10.22
CA ILE H 160 -46.24 -58.02 11.28
C ILE H 160 -44.82 -57.46 11.29
N LEU H 161 -44.26 -57.23 10.12
CA LEU H 161 -42.92 -56.64 10.06
C LEU H 161 -42.91 -55.19 10.52
N CYS H 162 -44.03 -54.48 10.41
CA CYS H 162 -44.13 -53.15 11.01
C CYS H 162 -44.06 -53.22 12.52
N ILE H 163 -44.76 -54.19 13.12
CA ILE H 163 -44.63 -54.41 14.56
C ILE H 163 -43.19 -54.74 14.93
N ALA H 164 -42.54 -55.56 14.10
CA ALA H 164 -41.14 -55.88 14.32
C ALA H 164 -40.26 -54.63 14.25
N ALA H 165 -40.58 -53.72 13.32
CA ALA H 165 -39.82 -52.48 13.20
C ALA H 165 -39.94 -51.62 14.45
N LEU H 166 -41.14 -51.54 15.01
CA LEU H 166 -41.30 -50.82 16.28
C LEU H 166 -40.48 -51.47 17.39
N VAL H 167 -40.52 -52.80 17.47
CA VAL H 167 -39.71 -53.51 18.47
C VAL H 167 -38.23 -53.18 18.26
N ILE H 168 -37.79 -53.12 17.02
CA ILE H 168 -36.40 -52.78 16.72
C ILE H 168 -36.07 -51.38 17.19
N THR H 169 -36.99 -50.43 16.96
CA THR H 169 -36.76 -49.07 17.45
C THR H 169 -36.52 -49.08 18.96
N LYS H 170 -37.26 -49.90 19.70
CA LYS H 170 -37.11 -49.92 21.16
C LYS H 170 -36.11 -50.96 21.66
N LEU H 171 -35.44 -51.71 20.79
CA LEU H 171 -34.48 -52.72 21.23
C LEU H 171 -33.28 -52.14 21.96
N ALA H 172 -32.88 -50.89 21.66
CA ALA H 172 -31.65 -50.37 22.24
C ALA H 172 -31.74 -50.14 23.75
N ALA H 173 -32.94 -50.21 24.32
CA ALA H 173 -33.09 -50.04 25.77
C ALA H 173 -32.52 -51.20 26.57
N GLY H 174 -32.19 -52.31 25.93
CA GLY H 174 -31.56 -53.43 26.59
C GLY H 174 -32.50 -54.46 27.18
N ASP H 175 -33.81 -54.19 27.19
CA ASP H 175 -34.78 -55.12 27.75
C ASP H 175 -36.15 -54.76 27.17
N ARG H 176 -37.20 -55.38 27.71
CA ARG H 176 -38.55 -55.14 27.23
C ARG H 176 -39.22 -53.99 27.99
N SER H 177 -38.53 -52.87 28.09
CA SER H 177 -39.08 -51.68 28.74
C SER H 177 -39.77 -50.76 27.76
N GLY H 178 -39.55 -50.94 26.46
CA GLY H 178 -40.20 -50.12 25.46
C GLY H 178 -41.45 -50.78 24.91
N LEU H 179 -41.93 -51.81 25.60
CA LEU H 179 -43.13 -52.52 25.15
C LEU H 179 -44.35 -51.60 25.15
N THR H 180 -44.48 -50.76 26.18
CA THR H 180 -45.60 -49.83 26.23
C THR H 180 -45.54 -48.83 25.08
N ALA H 181 -44.35 -48.32 24.77
CA ALA H 181 -44.20 -47.42 23.64
C ALA H 181 -44.52 -48.11 22.33
N VAL H 182 -44.12 -49.38 22.19
CA VAL H 182 -44.44 -50.15 20.99
C VAL H 182 -45.94 -50.28 20.83
N ILE H 183 -46.64 -50.62 21.92
CA ILE H 183 -48.09 -50.77 21.85
C ILE H 183 -48.77 -49.44 21.51
N ARG H 184 -48.32 -48.35 22.15
CA ARG H 184 -48.91 -47.05 21.89
C ARG H 184 -48.71 -46.62 20.44
N ARG H 185 -47.51 -46.79 19.91
CA ARG H 185 -47.26 -46.40 18.53
C ARG H 185 -47.96 -47.32 17.54
N ALA H 186 -48.12 -48.60 17.88
CA ALA H 186 -48.85 -49.52 17.02
C ALA H 186 -50.35 -49.30 17.10
N ASN H 187 -50.82 -48.59 18.12
CA ASN H 187 -52.23 -48.18 18.13
C ASN H 187 -52.42 -46.88 17.37
N ASN H 188 -51.49 -45.92 17.50
CA ASN H 188 -51.57 -44.70 16.71
C ASN H 188 -51.45 -45.01 15.23
N VAL H 189 -50.31 -45.54 14.81
CA VAL H 189 -50.20 -46.10 13.46
C VAL H 189 -51.00 -47.39 13.40
N LEU H 190 -51.40 -47.78 12.20
CA LEU H 190 -52.03 -49.08 11.96
C LEU H 190 -53.38 -49.23 12.65
N LYS H 191 -54.08 -48.13 12.93
CA LYS H 191 -55.38 -48.25 13.58
C LYS H 191 -56.44 -48.81 12.63
N ASN H 192 -56.37 -48.44 11.35
CA ASN H 192 -57.24 -49.04 10.35
C ASN H 192 -57.03 -50.54 10.27
N GLU H 193 -55.77 -50.99 10.32
CA GLU H 193 -55.50 -52.42 10.34
C GLU H 193 -56.03 -53.07 11.60
N MET H 194 -55.88 -52.40 12.75
CA MET H 194 -56.38 -52.99 13.99
C MET H 194 -57.91 -53.07 13.99
N LYS H 195 -58.56 -52.24 13.19
CA LYS H 195 -59.94 -52.56 12.81
C LYS H 195 -60.01 -53.81 11.96
N ARG H 196 -59.31 -53.80 10.84
CA ARG H 196 -59.50 -54.75 9.76
C ARG H 196 -59.11 -56.17 10.15
N TYR H 197 -58.08 -56.34 10.98
CA TYR H 197 -57.58 -57.67 11.33
C TYR H 197 -57.92 -58.01 12.77
N LYS H 198 -58.55 -59.17 12.95
CA LYS H 198 -59.01 -59.63 14.26
C LYS H 198 -57.86 -59.98 15.17
N GLY H 199 -56.81 -60.57 14.63
CA GLY H 199 -55.68 -61.06 15.40
C GLY H 199 -54.50 -60.13 15.47
N LEU H 200 -54.65 -58.90 15.00
CA LEU H 200 -53.56 -57.92 15.07
C LEU H 200 -53.51 -57.41 16.50
N LEU H 201 -52.87 -58.18 17.37
CA LEU H 201 -52.70 -57.79 18.75
C LEU H 201 -51.28 -57.29 18.92
N PRO H 202 -51.05 -55.98 19.06
CA PRO H 202 -49.67 -55.48 19.07
C PRO H 202 -48.82 -56.06 20.19
N LYS H 203 -49.39 -56.29 21.38
CA LYS H 203 -48.58 -56.70 22.51
C LYS H 203 -48.04 -58.12 22.31
N ASP H 204 -48.88 -59.03 21.83
CA ASP H 204 -48.46 -60.41 21.66
C ASP H 204 -47.40 -60.53 20.58
N ILE H 205 -47.59 -59.84 19.45
CA ILE H 205 -46.60 -59.87 18.38
C ILE H 205 -45.30 -59.22 18.83
N ALA H 206 -45.40 -58.12 19.58
CA ALA H 206 -44.20 -57.46 20.09
C ALA H 206 -43.43 -58.36 21.03
N ASN H 207 -44.15 -59.08 21.90
CA ASN H 207 -43.48 -60.01 22.81
C ASN H 207 -42.83 -61.15 22.05
N SER H 208 -43.50 -61.64 21.00
CA SER H 208 -42.91 -62.70 20.19
C SER H 208 -41.63 -62.23 19.52
N PHE H 209 -41.63 -61.00 18.99
CA PHE H 209 -40.43 -60.49 18.34
C PHE H 209 -39.32 -60.20 19.33
N TYR H 210 -39.67 -59.71 20.52
CA TYR H 210 -38.68 -59.56 21.59
C TYR H 210 -38.03 -60.91 21.91
N GLU H 211 -38.85 -61.95 22.07
CA GLU H 211 -38.31 -63.28 22.35
C GLU H 211 -37.39 -63.76 21.25
N VAL H 212 -37.81 -63.64 19.99
CA VAL H 212 -36.99 -64.19 18.91
C VAL H 212 -35.71 -63.40 18.76
N PHE H 213 -35.73 -62.09 19.02
CA PHE H 213 -34.51 -61.31 18.94
C PHE H 213 -33.58 -61.62 20.10
N GLU H 214 -34.14 -61.95 21.26
CA GLU H 214 -33.28 -62.33 22.40
C GLU H 214 -32.63 -63.69 22.16
N LYS H 215 -33.38 -64.66 21.65
CA LYS H 215 -32.84 -66.01 21.50
C LYS H 215 -31.85 -66.09 20.35
N HIS H 216 -32.14 -65.42 19.23
CA HIS H 216 -31.32 -65.50 18.02
C HIS H 216 -30.79 -64.10 17.68
N PRO H 217 -29.61 -63.74 18.18
CA PRO H 217 -29.05 -62.43 17.84
C PRO H 217 -28.73 -62.24 16.37
N HIS H 218 -28.57 -63.32 15.60
CA HIS H 218 -28.35 -63.17 14.16
C HIS H 218 -29.60 -62.72 13.43
N PHE H 219 -30.78 -62.97 14.02
CA PHE H 219 -32.00 -62.49 13.39
C PHE H 219 -32.10 -60.98 13.45
N ILE H 220 -31.48 -60.34 14.45
CA ILE H 220 -31.43 -58.89 14.48
C ILE H 220 -30.64 -58.37 13.28
N ASP H 221 -29.50 -58.99 13.00
CA ASP H 221 -28.70 -58.58 11.84
C ASP H 221 -29.48 -58.81 10.54
N VAL H 222 -30.11 -59.98 10.42
CA VAL H 222 -30.87 -60.28 9.22
C VAL H 222 -32.01 -59.28 9.04
N PHE H 223 -32.73 -58.96 10.11
CA PHE H 223 -33.85 -58.05 10.01
C PHE H 223 -33.40 -56.63 9.70
N VAL H 224 -32.29 -56.19 10.29
CA VAL H 224 -31.80 -54.84 10.00
C VAL H 224 -31.40 -54.72 8.55
N HIS H 225 -30.71 -55.73 8.01
CA HIS H 225 -30.32 -55.63 6.61
C HIS H 225 -31.50 -55.83 5.67
N PHE H 226 -32.50 -56.61 6.08
CA PHE H 226 -33.74 -56.67 5.31
C PHE H 226 -34.43 -55.31 5.29
N GLY H 227 -34.47 -54.62 6.43
CA GLY H 227 -35.10 -53.32 6.46
C GLY H 227 -34.37 -52.30 5.62
N ILE H 228 -33.04 -52.39 5.58
CA ILE H 228 -32.27 -51.49 4.73
C ILE H 228 -32.53 -51.80 3.26
N ALA H 229 -32.59 -53.09 2.91
CA ALA H 229 -32.86 -53.46 1.52
C ALA H 229 -34.26 -53.07 1.08
N GLN H 230 -35.23 -53.24 1.98
CA GLN H 230 -36.61 -52.84 1.69
C GLN H 230 -36.72 -51.33 1.52
N SER H 231 -36.03 -50.57 2.37
CA SER H 231 -36.05 -49.12 2.27
C SER H 231 -35.27 -48.59 1.07
N SER H 232 -34.53 -49.44 0.37
CA SER H 232 -33.81 -49.05 -0.82
C SER H 232 -34.59 -49.33 -2.10
N THR H 233 -35.85 -49.72 -1.99
CA THR H 233 -36.65 -49.99 -3.18
C THR H 233 -37.11 -48.67 -3.81
N ARG H 234 -37.56 -48.78 -5.07
CA ARG H 234 -38.05 -47.63 -5.80
C ARG H 234 -39.45 -47.22 -5.38
N GLY H 235 -40.19 -48.12 -4.73
CA GLY H 235 -41.54 -47.80 -4.30
C GLY H 235 -42.23 -49.06 -3.83
N GLY H 236 -43.50 -48.89 -3.48
CA GLY H 236 -44.28 -50.02 -3.00
C GLY H 236 -45.66 -49.57 -2.54
N SER H 237 -46.31 -50.44 -1.78
CA SER H 237 -47.63 -50.16 -1.25
C SER H 237 -47.53 -49.18 -0.08
N ARG H 238 -48.67 -48.84 0.51
CA ARG H 238 -48.66 -47.90 1.62
C ARG H 238 -48.20 -48.57 2.91
N VAL H 239 -48.44 -49.88 3.04
CA VAL H 239 -47.95 -50.59 4.22
C VAL H 239 -46.44 -50.70 4.19
N GLU H 240 -45.86 -50.86 3.01
CA GLU H 240 -44.40 -50.85 2.91
C GLU H 240 -43.83 -49.48 3.23
N GLY H 241 -44.56 -48.43 2.86
CA GLY H 241 -44.16 -47.08 3.26
C GLY H 241 -44.22 -46.88 4.75
N ILE H 242 -45.25 -47.43 5.40
CA ILE H 242 -45.34 -47.38 6.85
C ILE H 242 -44.16 -48.12 7.47
N PHE H 243 -43.83 -49.30 6.93
CA PHE H 243 -42.71 -50.06 7.47
C PHE H 243 -41.41 -49.29 7.32
N ALA H 244 -41.20 -48.64 6.16
CA ALA H 244 -39.97 -47.87 5.97
C ALA H 244 -39.90 -46.70 6.93
N GLY H 245 -41.02 -46.01 7.14
CA GLY H 245 -41.03 -44.90 8.08
C GLY H 245 -40.76 -45.34 9.51
N LEU H 246 -41.35 -46.47 9.92
CA LEU H 246 -41.12 -46.97 11.26
C LEU H 246 -39.72 -47.54 11.42
N PHE H 247 -39.14 -48.10 10.36
CA PHE H 247 -37.80 -48.64 10.44
C PHE H 247 -36.75 -47.55 10.51
N MET H 248 -36.92 -46.46 9.76
CA MET H 248 -35.94 -45.38 9.87
C MET H 248 -36.14 -44.57 11.13
N ASN H 249 -37.23 -44.81 11.87
CA ASN H 249 -37.36 -44.28 13.22
C ASN H 249 -36.34 -44.90 14.17
N ALA H 250 -35.79 -46.06 13.81
CA ALA H 250 -34.79 -46.72 14.61
C ALA H 250 -33.39 -46.23 14.34
N TYR H 251 -33.19 -45.43 13.30
CA TYR H 251 -31.86 -44.91 13.00
C TYR H 251 -31.41 -43.97 14.11
N GLY H 252 -30.23 -44.21 14.64
CA GLY H 252 -29.72 -43.41 15.73
C GLY H 252 -30.21 -43.81 17.09
N ALA H 253 -30.89 -44.94 17.22
CA ALA H 253 -31.32 -45.43 18.52
C ALA H 253 -30.11 -45.82 19.35
N GLY H 254 -30.12 -45.42 20.61
CA GLY H 254 -28.98 -45.59 21.48
C GLY H 254 -27.95 -44.49 21.41
N GLN H 255 -28.17 -43.48 20.59
CA GLN H 255 -27.24 -42.36 20.43
C GLN H 255 -27.98 -41.03 20.53
N VAL H 256 -28.92 -40.93 21.47
CA VAL H 256 -29.69 -39.71 21.61
C VAL H 256 -28.83 -38.55 22.08
N MET H 257 -27.75 -38.81 22.81
CA MET H 257 -26.97 -37.74 23.40
C MET H 257 -26.24 -36.93 22.33
N LEU H 258 -25.88 -37.56 21.21
CA LEU H 258 -25.27 -36.81 20.12
C LEU H 258 -26.25 -35.79 19.55
N ARG H 259 -27.48 -36.22 19.32
CA ARG H 259 -28.51 -35.31 18.82
C ARG H 259 -28.83 -34.22 19.81
N TRP H 260 -28.89 -34.56 21.10
CA TRP H 260 -29.18 -33.55 22.10
C TRP H 260 -28.02 -32.59 22.29
N GLY H 261 -26.79 -33.04 22.06
CA GLY H 261 -25.66 -32.13 22.08
C GLY H 261 -25.68 -31.16 20.93
N VAL H 262 -26.04 -31.65 19.74
CA VAL H 262 -26.22 -30.74 18.61
C VAL H 262 -27.33 -29.74 18.92
N LEU H 263 -28.38 -30.19 19.58
CA LEU H 263 -29.48 -29.30 19.96
C LEU H 263 -28.99 -28.24 20.95
N ALA H 264 -28.22 -28.65 21.96
CA ALA H 264 -27.72 -27.69 22.94
C ALA H 264 -26.77 -26.68 22.30
N LYS H 265 -26.04 -27.11 21.26
CA LYS H 265 -25.27 -26.14 20.50
C LYS H 265 -26.17 -25.18 19.75
N SER H 266 -27.28 -25.68 19.20
CA SER H 266 -28.16 -24.85 18.39
C SER H 266 -28.86 -23.78 19.22
N VAL H 267 -29.37 -24.15 20.40
CA VAL H 267 -30.02 -23.18 21.27
C VAL H 267 -29.01 -22.35 22.05
N LYS H 268 -27.72 -22.62 21.88
CA LYS H 268 -26.64 -21.75 22.37
C LYS H 268 -26.67 -21.62 23.89
N ASN H 269 -26.78 -22.76 24.56
CA ASN H 269 -26.79 -22.78 26.02
C ASN H 269 -25.48 -22.21 26.55
N ILE H 270 -25.58 -21.37 27.58
CA ILE H 270 -24.39 -20.68 28.08
C ILE H 270 -23.47 -21.63 28.83
N MET H 271 -24.01 -22.63 29.51
CA MET H 271 -23.16 -23.53 30.29
C MET H 271 -22.24 -24.37 29.41
N LEU H 272 -22.29 -24.21 28.10
CA LEU H 272 -21.24 -24.76 27.24
C LEU H 272 -19.96 -23.96 27.33
N GLY H 273 -20.01 -22.78 27.93
CA GLY H 273 -18.86 -21.94 28.19
C GLY H 273 -18.20 -22.14 29.53
N HIS H 274 -18.68 -23.08 30.33
CA HIS H 274 -18.06 -23.38 31.61
C HIS H 274 -16.65 -23.93 31.40
N ALA H 275 -15.86 -23.94 32.46
CA ALA H 275 -14.45 -24.31 32.35
C ALA H 275 -14.28 -25.78 32.01
N SER H 276 -14.97 -26.66 32.73
CA SER H 276 -14.79 -28.10 32.53
C SER H 276 -15.35 -28.55 31.17
N VAL H 277 -16.47 -27.96 30.75
CA VAL H 277 -17.00 -28.28 29.44
C VAL H 277 -15.99 -27.92 28.35
N GLN H 278 -15.37 -26.75 28.47
CA GLN H 278 -14.37 -26.36 27.49
C GLN H 278 -13.11 -27.23 27.60
N ALA H 279 -12.85 -27.77 28.79
CA ALA H 279 -11.76 -28.75 28.91
C ALA H 279 -12.04 -29.99 28.08
N GLU H 280 -13.30 -30.46 28.12
CA GLU H 280 -13.66 -31.69 27.41
C GLU H 280 -13.98 -31.48 25.93
N MET H 281 -14.11 -30.23 25.48
CA MET H 281 -14.57 -29.97 24.12
C MET H 281 -13.67 -30.61 23.06
N GLU H 282 -12.37 -30.77 23.35
CA GLU H 282 -11.49 -31.37 22.35
C GLU H 282 -11.91 -32.79 22.02
N GLN H 283 -12.10 -33.62 23.04
CA GLN H 283 -12.51 -35.00 22.81
C GLN H 283 -13.98 -35.08 22.39
N VAL H 284 -14.80 -34.11 22.77
CA VAL H 284 -16.17 -34.10 22.28
C VAL H 284 -16.19 -33.91 20.76
N VAL H 285 -15.42 -32.95 20.26
CA VAL H 285 -15.34 -32.74 18.82
C VAL H 285 -14.71 -33.95 18.15
N GLU H 286 -13.76 -34.59 18.83
CA GLU H 286 -13.22 -35.86 18.35
C GLU H 286 -14.32 -36.89 18.11
N VAL H 287 -15.21 -37.06 19.08
CA VAL H 287 -16.29 -38.04 18.95
C VAL H 287 -17.24 -37.67 17.81
N TYR H 288 -17.58 -36.38 17.71
CA TYR H 288 -18.51 -35.96 16.65
C TYR H 288 -17.91 -36.17 15.27
N GLU H 289 -16.63 -35.84 15.10
CA GLU H 289 -15.96 -36.09 13.82
C GLU H 289 -15.91 -37.58 13.52
N TYR H 290 -15.71 -38.40 14.55
CA TYR H 290 -15.75 -39.85 14.34
C TYR H 290 -17.12 -40.31 13.86
N ALA H 291 -18.19 -39.79 14.47
CA ALA H 291 -19.54 -40.18 14.07
C ALA H 291 -19.79 -39.78 12.62
N GLN H 292 -19.35 -38.59 12.23
CA GLN H 292 -19.53 -38.16 10.84
C GLN H 292 -18.71 -39.00 9.87
N LYS H 293 -17.49 -39.37 10.23
CA LYS H 293 -16.68 -40.22 9.36
C LYS H 293 -17.31 -41.59 9.18
N LEU H 294 -17.89 -42.13 10.26
CA LEU H 294 -18.65 -43.37 10.14
C LEU H 294 -19.82 -43.20 9.19
N GLY H 295 -20.62 -42.16 9.39
CA GLY H 295 -21.70 -41.86 8.47
C GLY H 295 -22.95 -42.68 8.69
N GLY H 296 -23.52 -43.20 7.58
CA GLY H 296 -24.80 -43.88 7.64
C GLY H 296 -24.80 -45.17 8.41
N GLU H 297 -23.72 -45.96 8.32
CA GLU H 297 -23.70 -47.27 8.96
C GLU H 297 -23.78 -47.16 10.47
N ALA H 298 -23.38 -46.03 11.05
CA ALA H 298 -23.33 -45.87 12.49
C ALA H 298 -24.70 -45.74 13.13
N GLY H 299 -25.76 -45.57 12.35
CA GLY H 299 -27.08 -45.36 12.92
C GLY H 299 -27.70 -46.60 13.52
N PHE H 300 -27.15 -47.78 13.23
CA PHE H 300 -27.67 -49.03 13.75
C PHE H 300 -26.64 -49.78 14.58
N TYR H 301 -25.62 -49.08 15.09
CA TYR H 301 -24.58 -49.75 15.87
C TYR H 301 -25.13 -50.32 17.17
N HIS H 302 -25.97 -49.55 17.87
CA HIS H 302 -26.47 -50.00 19.17
C HIS H 302 -27.55 -51.06 19.02
N ILE H 303 -28.35 -50.99 17.96
CA ILE H 303 -29.34 -52.03 17.72
C ILE H 303 -28.65 -53.35 17.41
N LEU H 304 -27.61 -53.31 16.58
CA LEU H 304 -26.88 -54.50 16.19
C LEU H 304 -25.89 -54.96 17.25
N ASN H 305 -25.72 -54.20 18.33
CA ASN H 305 -24.68 -54.46 19.32
C ASN H 305 -23.31 -54.47 18.69
N ASN H 306 -23.07 -53.53 17.79
CA ASN H 306 -21.75 -53.40 17.20
C ASN H 306 -20.73 -53.05 18.28
N PRO H 307 -19.58 -53.72 18.30
CA PRO H 307 -18.59 -53.45 19.36
C PRO H 307 -18.10 -52.02 19.37
N LYS H 308 -18.07 -51.35 18.23
CA LYS H 308 -17.65 -49.95 18.14
C LYS H 308 -18.74 -48.98 18.55
N ALA H 309 -19.84 -49.47 19.13
CA ALA H 309 -20.87 -48.57 19.63
C ALA H 309 -20.37 -47.76 20.82
N SER H 310 -19.50 -48.34 21.64
CA SER H 310 -19.00 -47.65 22.82
C SER H 310 -18.13 -46.46 22.48
N LEU H 311 -17.61 -46.40 21.25
CA LEU H 311 -16.77 -45.27 20.86
C LEU H 311 -17.57 -44.01 20.59
N LEU H 312 -18.89 -44.12 20.40
CA LEU H 312 -19.75 -42.98 20.15
C LEU H 312 -20.33 -42.38 21.41
N SER H 313 -20.01 -42.95 22.58
CA SER H 313 -20.61 -42.50 23.82
C SER H 313 -20.09 -41.12 24.21
N LEU H 314 -20.97 -40.34 24.83
CA LEU H 314 -20.62 -39.03 25.38
C LEU H 314 -20.64 -39.00 26.90
N THR H 315 -21.07 -40.08 27.55
CA THR H 315 -21.08 -40.10 29.00
C THR H 315 -19.67 -40.17 29.59
N GLN H 316 -18.68 -40.42 28.76
CA GLN H 316 -17.26 -40.37 29.14
C GLN H 316 -16.76 -38.94 29.32
N PHE H 317 -17.65 -37.97 29.12
CA PHE H 317 -17.40 -36.55 29.39
C PHE H 317 -18.50 -36.07 30.32
N PRO H 318 -18.33 -36.26 31.63
CA PRO H 318 -19.46 -36.01 32.56
C PRO H 318 -19.99 -34.59 32.51
N HIS H 319 -19.13 -33.59 32.33
CA HIS H 319 -19.59 -32.20 32.37
C HIS H 319 -20.40 -31.85 31.12
N PHE H 320 -19.89 -32.20 29.94
CA PHE H 320 -20.62 -31.94 28.71
C PHE H 320 -21.93 -32.74 28.68
N SER H 321 -21.90 -33.98 29.12
CA SER H 321 -23.11 -34.79 29.16
C SER H 321 -24.13 -34.20 30.12
N SER H 322 -23.68 -33.71 31.28
CA SER H 322 -24.60 -33.10 32.23
C SER H 322 -25.22 -31.83 31.66
N VAL H 323 -24.42 -31.01 30.98
CA VAL H 323 -24.97 -29.80 30.36
C VAL H 323 -25.99 -30.17 29.29
N VAL H 324 -25.71 -31.22 28.50
CA VAL H 324 -26.61 -31.63 27.44
C VAL H 324 -27.93 -32.14 28.02
N LEU H 325 -27.85 -32.98 29.06
CA LEU H 325 -29.07 -33.45 29.70
C LEU H 325 -29.86 -32.31 30.32
N GLY H 326 -29.18 -31.36 30.94
CA GLY H 326 -29.87 -30.21 31.50
C GLY H 326 -30.59 -29.40 30.44
N ASN H 327 -29.93 -29.16 29.31
CA ASN H 327 -30.58 -28.43 28.23
C ASN H 327 -31.78 -29.19 27.70
N ALA H 328 -31.66 -30.51 27.57
CA ALA H 328 -32.79 -31.31 27.10
C ALA H 328 -33.96 -31.24 28.08
N ALA H 329 -33.69 -31.30 29.38
CA ALA H 329 -34.76 -31.27 30.37
C ALA H 329 -35.39 -29.88 30.44
N GLY H 330 -34.59 -28.83 30.24
CA GLY H 330 -35.13 -27.48 30.26
C GLY H 330 -36.04 -27.21 29.09
N LEU H 331 -35.70 -27.71 27.91
CA LEU H 331 -36.54 -27.53 26.74
C LEU H 331 -37.79 -28.38 26.76
N GLY H 332 -37.92 -29.28 27.73
CA GLY H 332 -39.13 -30.08 27.87
C GLY H 332 -39.24 -31.24 26.91
N ILE H 333 -38.11 -31.77 26.44
CA ILE H 333 -38.13 -32.91 25.54
C ILE H 333 -37.49 -34.16 26.12
N MET H 334 -37.05 -34.14 27.38
CA MET H 334 -36.31 -35.28 27.91
C MET H 334 -37.24 -36.45 28.25
N GLY H 335 -38.51 -36.16 28.52
CA GLY H 335 -39.48 -37.23 28.76
C GLY H 335 -39.12 -38.06 29.97
N GLU H 336 -39.16 -39.38 29.79
CA GLU H 336 -38.76 -40.34 30.80
C GLU H 336 -37.38 -40.91 30.55
N TYR H 337 -36.48 -40.12 29.98
CA TYR H 337 -35.14 -40.60 29.68
C TYR H 337 -34.44 -40.95 30.98
N ARG H 338 -34.05 -42.22 31.14
CA ARG H 338 -33.64 -42.75 32.42
C ARG H 338 -32.13 -42.64 32.62
N GLY H 339 -31.43 -42.01 31.69
CA GLY H 339 -30.06 -41.61 31.94
C GLY H 339 -30.00 -40.43 32.90
N THR H 340 -29.02 -40.45 33.79
CA THR H 340 -28.95 -39.48 34.87
C THR H 340 -27.67 -38.67 34.77
N PRO H 341 -27.71 -37.38 35.11
CA PRO H 341 -26.49 -36.58 35.04
C PRO H 341 -25.50 -37.02 36.11
N ARG H 342 -24.21 -36.85 35.82
CA ARG H 342 -23.17 -37.13 36.81
C ARG H 342 -22.47 -35.86 37.27
N ASN H 343 -22.97 -34.71 36.89
CA ASN H 343 -22.63 -33.41 37.48
C ASN H 343 -23.95 -32.68 37.70
N GLN H 344 -24.50 -32.82 38.91
CA GLN H 344 -25.82 -32.28 39.18
C GLN H 344 -25.85 -30.77 39.04
N ASP H 345 -24.76 -30.10 39.42
CA ASP H 345 -24.74 -28.64 39.38
C ASP H 345 -24.86 -28.10 37.96
N LEU H 346 -24.04 -28.63 37.04
CA LEU H 346 -24.13 -28.20 35.65
C LEU H 346 -25.47 -28.58 35.04
N TYR H 347 -26.00 -29.74 35.42
CA TYR H 347 -27.32 -30.14 34.96
C TYR H 347 -28.37 -29.11 35.35
N ASP H 348 -28.39 -28.72 36.63
CA ASP H 348 -29.38 -27.76 37.09
C ASP H 348 -29.18 -26.40 36.44
N ALA H 349 -27.93 -25.95 36.29
CA ALA H 349 -27.69 -24.65 35.67
C ALA H 349 -28.16 -24.63 34.23
N ALA H 350 -27.84 -25.68 33.46
CA ALA H 350 -28.27 -25.75 32.07
C ALA H 350 -29.79 -25.86 31.97
N LYS H 351 -30.40 -26.63 32.87
CA LYS H 351 -31.86 -26.74 32.86
C LYS H 351 -32.51 -25.40 33.11
N ALA H 352 -32.01 -24.65 34.09
CA ALA H 352 -32.56 -23.33 34.38
C ALA H 352 -32.40 -22.39 33.20
N TYR H 353 -31.21 -22.37 32.59
CA TYR H 353 -31.03 -21.46 31.46
C TYR H 353 -31.93 -21.85 30.30
N ALA H 354 -32.11 -23.15 30.06
CA ALA H 354 -32.96 -23.57 28.95
C ALA H 354 -34.42 -23.22 29.23
N GLU H 355 -34.82 -23.24 30.50
CA GLU H 355 -36.17 -22.81 30.84
C GLU H 355 -36.35 -21.31 30.59
N GLN H 356 -35.39 -20.49 31.02
CA GLN H 356 -35.50 -19.06 30.72
C GLN H 356 -35.26 -18.77 29.24
N LEU H 357 -34.82 -19.75 28.46
CA LEU H 357 -34.73 -19.53 27.02
C LEU H 357 -36.09 -19.42 26.36
N LYS H 358 -37.18 -19.61 27.11
CA LYS H 358 -38.51 -19.57 26.50
C LYS H 358 -39.30 -18.35 26.94
N GLU H 359 -39.24 -17.98 28.22
CA GLU H 359 -39.83 -16.71 28.66
C GLU H 359 -38.93 -15.53 28.27
N ASN H 360 -37.63 -15.68 28.44
CA ASN H 360 -36.64 -14.66 28.08
C ASN H 360 -35.98 -15.13 26.79
N GLY H 361 -36.53 -14.67 25.66
CA GLY H 361 -36.26 -15.31 24.38
C GLY H 361 -34.81 -15.70 24.18
N VAL H 362 -33.93 -14.72 24.02
CA VAL H 362 -32.51 -14.97 23.81
C VAL H 362 -31.74 -13.94 24.61
N ILE H 363 -30.45 -14.19 24.80
CA ILE H 363 -29.55 -13.27 25.48
C ILE H 363 -28.50 -12.80 24.48
N ASN H 364 -28.41 -11.50 24.29
CA ASN H 364 -27.34 -10.93 23.49
C ASN H 364 -26.04 -10.94 24.28
N TYR H 365 -24.94 -10.73 23.57
CA TYR H 365 -23.64 -10.64 24.22
C TYR H 365 -23.03 -9.28 23.93
N SER H 366 -23.85 -8.24 24.14
CA SER H 366 -23.43 -6.85 24.08
C SER H 366 -22.44 -6.54 25.19
N VAL H 367 -22.49 -7.31 26.27
CA VAL H 367 -21.42 -7.29 27.26
C VAL H 367 -20.11 -7.52 26.52
N LEU H 368 -19.01 -6.97 27.04
CA LEU H 368 -17.73 -7.05 26.33
C LEU H 368 -17.76 -6.34 24.99
N ASP H 369 -17.75 -5.00 25.01
CA ASP H 369 -17.55 -4.08 23.87
C ASP H 369 -18.78 -3.73 23.06
N LEU H 370 -20.00 -4.01 23.52
CA LEU H 370 -21.18 -3.48 22.83
C LEU H 370 -22.27 -3.06 23.81
N ALA I 2 -29.17 18.86 -8.02
CA ALA I 2 -29.29 17.66 -7.19
C ALA I 2 -30.62 17.63 -6.47
N LEU I 3 -31.29 16.49 -6.52
CA LEU I 3 -32.61 16.37 -5.89
C LEU I 3 -32.51 16.39 -4.38
N SER I 4 -31.32 16.16 -3.82
CA SER I 4 -31.17 16.13 -2.38
C SER I 4 -31.31 17.50 -1.73
N LYS I 5 -31.18 18.59 -2.48
CA LYS I 5 -31.32 19.93 -1.93
C LYS I 5 -32.70 20.52 -2.13
N VAL I 6 -33.68 19.73 -2.57
CA VAL I 6 -35.06 20.17 -2.64
C VAL I 6 -35.64 19.88 -1.26
N LYS I 7 -35.37 20.77 -0.31
CA LYS I 7 -35.78 20.56 1.07
C LYS I 7 -36.07 21.90 1.73
N LEU I 8 -36.95 21.87 2.73
CA LEU I 8 -37.35 23.05 3.48
C LEU I 8 -37.42 22.68 4.95
N ASN I 9 -36.75 23.47 5.78
CA ASN I 9 -36.74 23.25 7.23
C ASN I 9 -37.78 24.18 7.87
N ASP I 10 -39.04 23.74 7.81
CA ASP I 10 -40.13 24.60 8.22
C ASP I 10 -40.19 24.79 9.73
N THR I 11 -39.95 23.72 10.50
CA THR I 11 -40.01 23.82 11.95
C THR I 11 -38.98 24.82 12.47
N LEU I 12 -37.74 24.69 12.01
CA LEU I 12 -36.67 25.55 12.46
C LEU I 12 -36.88 27.00 12.01
N ASN I 13 -37.41 27.18 10.80
CA ASN I 13 -37.67 28.53 10.31
C ASN I 13 -38.80 29.19 11.10
N LYS I 14 -39.85 28.45 11.43
CA LYS I 14 -40.91 28.98 12.29
C LYS I 14 -40.38 29.35 13.66
N ASP I 15 -39.53 28.49 14.23
CA ASP I 15 -38.93 28.82 15.53
C ASP I 15 -38.10 30.08 15.45
N GLN I 16 -37.30 30.22 14.39
CA GLN I 16 -36.48 31.43 14.27
C GLN I 16 -37.34 32.67 14.09
N LEU I 17 -38.45 32.55 13.35
CA LEU I 17 -39.35 33.68 13.21
C LEU I 17 -39.96 34.08 14.54
N LEU I 18 -40.36 33.10 15.35
CA LEU I 18 -41.00 33.41 16.62
C LEU I 18 -40.00 33.91 17.66
N SER I 19 -38.75 33.44 17.60
CA SER I 19 -37.76 33.82 18.60
C SER I 19 -37.02 35.10 18.25
N SER I 20 -37.14 35.60 17.02
CA SER I 20 -36.44 36.81 16.61
C SER I 20 -37.39 37.98 16.40
N SER I 21 -38.53 37.99 17.07
CA SER I 21 -39.45 39.11 16.97
C SER I 21 -38.84 40.35 17.60
N LYS I 22 -39.00 41.49 16.94
CA LYS I 22 -38.48 42.75 17.42
C LYS I 22 -39.55 43.68 17.97
N TYR I 23 -40.77 43.18 18.15
CA TYR I 23 -41.83 43.90 18.82
C TYR I 23 -42.47 42.97 19.84
N THR I 24 -42.99 43.55 20.93
CA THR I 24 -43.56 42.77 22.01
C THR I 24 -44.95 43.30 22.37
N ILE I 25 -45.82 42.39 22.78
CA ILE I 25 -47.13 42.75 23.30
C ILE I 25 -47.07 42.81 24.81
N GLN I 26 -48.06 43.46 25.41
CA GLN I 26 -48.15 43.56 26.87
C GLN I 26 -49.62 43.49 27.25
N ARG I 27 -50.03 42.38 27.83
CA ARG I 27 -51.42 42.13 28.17
C ARG I 27 -51.79 42.85 29.47
N SER I 28 -53.08 43.01 29.69
CA SER I 28 -53.60 43.62 30.90
C SER I 28 -54.41 42.59 31.67
N THR I 29 -53.99 42.31 32.90
CA THR I 29 -54.64 41.26 33.68
C THR I 29 -56.08 41.61 34.03
N GLY I 30 -56.42 42.90 34.09
CA GLY I 30 -57.73 43.34 34.53
C GLY I 30 -57.80 43.68 36.01
N ASP I 31 -58.27 42.72 36.80
CA ASP I 31 -58.26 42.81 38.25
C ASP I 31 -56.82 42.91 38.78
N SER I 32 -56.67 43.71 39.83
CA SER I 32 -55.37 43.92 40.44
C SER I 32 -54.82 42.64 41.05
N ILE I 33 -53.50 42.45 40.93
CA ILE I 33 -52.83 41.29 41.50
C ILE I 33 -52.32 41.67 42.87
N ASP I 34 -52.66 40.85 43.87
CA ASP I 34 -52.09 40.97 45.21
C ASP I 34 -50.70 40.37 45.14
N THR I 35 -49.71 41.04 45.73
CA THR I 35 -48.36 40.50 45.73
C THR I 35 -47.84 40.40 47.16
N PRO I 36 -48.12 39.33 47.89
CA PRO I 36 -47.56 39.18 49.23
C PRO I 36 -46.06 38.99 49.20
N ASN I 37 -45.42 39.41 50.28
CA ASN I 37 -43.98 39.32 50.43
C ASN I 37 -43.66 38.23 51.45
N TYR I 38 -42.38 38.11 51.79
CA TYR I 38 -41.97 37.11 52.78
C TYR I 38 -42.58 37.37 54.15
N ASP I 39 -43.05 38.59 54.40
CA ASP I 39 -43.54 38.96 55.72
C ASP I 39 -44.76 38.13 56.12
N VAL I 40 -45.68 37.91 55.20
CA VAL I 40 -46.97 37.30 55.51
C VAL I 40 -47.00 35.82 55.16
N GLN I 41 -45.83 35.22 54.90
CA GLN I 41 -45.77 33.79 54.60
C GLN I 41 -46.27 32.96 55.77
N LYS I 42 -45.90 33.35 57.00
CA LYS I 42 -46.38 32.64 58.19
C LYS I 42 -47.89 32.71 58.29
N HIS I 43 -48.48 33.88 58.03
CA HIS I 43 -49.92 34.02 58.15
C HIS I 43 -50.66 33.23 57.07
N ILE I 44 -50.13 33.23 55.85
CA ILE I 44 -50.78 32.47 54.78
C ILE I 44 -50.68 30.97 55.07
N ASN I 45 -49.54 30.52 55.62
CA ASN I 45 -49.42 29.13 56.02
C ASN I 45 -50.39 28.81 57.15
N LYS I 46 -50.59 29.74 58.07
CA LYS I 46 -51.60 29.56 59.11
C LYS I 46 -52.98 29.40 58.52
N LEU I 47 -53.32 30.20 57.51
CA LEU I 47 -54.62 30.10 56.86
C LEU I 47 -54.78 28.74 56.18
N CYS I 48 -53.75 28.28 55.49
CA CYS I 48 -53.80 26.96 54.86
C CYS I 48 -53.97 25.86 55.90
N GLY I 49 -53.26 25.96 57.03
CA GLY I 49 -53.41 24.97 58.08
C GLY I 49 -54.81 24.97 58.68
N MET I 50 -55.38 26.16 58.88
CA MET I 50 -56.75 26.24 59.39
C MET I 50 -57.74 25.61 58.40
N LEU I 51 -57.52 25.81 57.11
CA LEU I 51 -58.35 25.13 56.12
C LEU I 51 -58.18 23.62 56.21
N LEU I 52 -56.95 23.15 56.43
CA LEU I 52 -56.69 21.73 56.43
C LEU I 52 -57.26 21.02 57.66
N ILE I 53 -57.18 21.65 58.84
CA ILE I 53 -57.68 20.98 60.05
C ILE I 53 -59.19 21.07 60.19
N THR I 54 -59.87 21.78 59.30
CA THR I 54 -61.31 21.97 59.37
C THR I 54 -62.01 20.83 58.65
N GLU I 55 -62.63 19.92 59.39
CA GLU I 55 -63.40 18.88 58.72
C GLU I 55 -64.66 19.45 58.06
N ASP I 56 -65.19 18.69 57.10
CA ASP I 56 -66.35 19.12 56.32
C ASP I 56 -66.17 20.56 55.84
N ALA I 57 -64.99 20.84 55.29
CA ALA I 57 -64.58 22.21 55.05
C ALA I 57 -65.16 22.76 53.74
N ASN I 58 -65.08 24.07 53.61
CA ASN I 58 -65.45 24.78 52.39
C ASN I 58 -64.17 25.19 51.68
N HIS I 59 -63.88 24.55 50.55
CA HIS I 59 -62.66 24.82 49.80
C HIS I 59 -62.90 25.71 48.59
N LYS I 60 -63.87 26.63 48.67
CA LYS I 60 -64.13 27.51 47.54
C LYS I 60 -62.95 28.45 47.26
N PHE I 61 -62.17 28.77 48.29
CA PHE I 61 -61.12 29.77 48.16
C PHE I 61 -59.72 29.18 48.32
N THR I 62 -59.60 27.85 48.34
CA THR I 62 -58.31 27.22 48.59
C THR I 62 -57.33 27.46 47.45
N GLY I 63 -57.82 27.51 46.22
CA GLY I 63 -56.92 27.76 45.10
C GLY I 63 -56.26 29.13 45.19
N LEU I 64 -57.04 30.15 45.51
CA LEU I 64 -56.47 31.49 45.65
C LEU I 64 -55.50 31.58 46.83
N ILE I 65 -55.82 30.89 47.93
CA ILE I 65 -54.94 30.93 49.09
C ILE I 65 -53.63 30.20 48.79
N GLY I 66 -53.69 29.09 48.07
CA GLY I 66 -52.48 28.41 47.65
C GLY I 66 -51.64 29.25 46.70
N MET I 67 -52.30 29.97 45.79
CA MET I 67 -51.58 30.87 44.91
C MET I 67 -50.90 31.98 45.70
N LEU I 68 -51.59 32.53 46.70
CA LEU I 68 -51.00 33.54 47.55
C LEU I 68 -49.80 32.98 48.31
N TYR I 69 -49.90 31.75 48.80
CA TYR I 69 -48.77 31.15 49.50
C TYR I 69 -47.57 30.96 48.58
N ALA I 70 -47.81 30.49 47.35
CA ALA I 70 -46.72 30.35 46.39
C ALA I 70 -46.07 31.68 46.09
N MET I 71 -46.90 32.71 45.87
CA MET I 71 -46.38 34.04 45.59
C MET I 71 -45.64 34.65 46.77
N SER I 72 -46.03 34.33 47.99
CA SER I 72 -45.31 34.81 49.16
C SER I 72 -43.98 34.09 49.32
N ARG I 73 -43.93 32.80 48.96
CA ARG I 73 -42.65 32.10 48.94
C ARG I 73 -41.71 32.70 47.91
N LEU I 74 -42.23 33.03 46.73
CA LEU I 74 -41.39 33.65 45.71
C LEU I 74 -40.88 35.02 46.16
N GLY I 75 -41.73 35.77 46.85
CA GLY I 75 -41.45 37.13 47.22
C GLY I 75 -42.08 38.10 46.23
N ARG I 76 -42.30 39.34 46.70
CA ARG I 76 -42.96 40.34 45.87
C ARG I 76 -42.10 40.72 44.67
N GLU I 77 -40.79 40.89 44.87
CA GLU I 77 -39.92 41.26 43.76
C GLU I 77 -39.98 40.22 42.65
N ASP I 78 -39.80 38.95 43.00
CA ASP I 78 -39.78 37.90 41.99
C ASP I 78 -41.16 37.69 41.37
N THR I 79 -42.23 37.83 42.16
CA THR I 79 -43.56 37.72 41.58
C THR I 79 -43.80 38.81 40.54
N ILE I 80 -43.44 40.04 40.88
CA ILE I 80 -43.59 41.14 39.94
C ILE I 80 -42.75 40.90 38.70
N LYS I 81 -41.50 40.45 38.88
CA LYS I 81 -40.63 40.23 37.74
C LYS I 81 -41.15 39.11 36.85
N ILE I 82 -41.70 38.06 37.44
CA ILE I 82 -42.32 36.99 36.66
C ILE I 82 -43.48 37.53 35.84
N LEU I 83 -44.33 38.35 36.47
CA LEU I 83 -45.49 38.87 35.75
C LEU I 83 -45.08 39.77 34.59
N ARG I 84 -44.07 40.62 34.79
CA ARG I 84 -43.55 41.40 33.66
C ARG I 84 -42.97 40.51 32.58
N ASP I 85 -42.12 39.56 32.94
CA ASP I 85 -41.48 38.71 31.93
C ASP I 85 -42.51 37.90 31.15
N ALA I 86 -43.62 37.55 31.77
CA ALA I 86 -44.69 36.87 31.04
C ALA I 86 -45.43 37.81 30.11
N GLY I 87 -45.19 39.11 30.20
CA GLY I 87 -45.85 40.07 29.34
C GLY I 87 -47.21 40.49 29.85
N TYR I 88 -47.27 40.98 31.08
CA TYR I 88 -48.51 41.40 31.70
C TYR I 88 -48.36 42.80 32.28
N HIS I 89 -49.44 43.58 32.20
CA HIS I 89 -49.55 44.81 32.96
C HIS I 89 -50.26 44.48 34.28
N VAL I 90 -49.56 44.71 35.38
CA VAL I 90 -50.03 44.26 36.69
C VAL I 90 -50.13 45.46 37.62
N LYS I 91 -51.24 45.52 38.34
CA LYS I 91 -51.43 46.47 39.44
C LYS I 91 -50.94 45.78 40.71
N ALA I 92 -49.70 46.04 41.09
CA ALA I 92 -49.12 45.39 42.25
C ALA I 92 -49.80 45.89 43.52
N ASN I 93 -50.43 44.99 44.25
CA ASN I 93 -51.18 45.32 45.45
C ASN I 93 -50.41 44.85 46.67
N GLY I 94 -50.09 45.78 47.56
CA GLY I 94 -49.36 45.45 48.76
C GLY I 94 -50.23 44.68 49.72
N VAL I 95 -49.67 43.62 50.30
CA VAL I 95 -50.37 42.78 51.28
C VAL I 95 -49.67 42.95 52.61
N ASP I 96 -50.44 43.34 53.63
CA ASP I 96 -49.92 43.47 54.96
C ASP I 96 -50.98 43.00 55.95
N VAL I 97 -50.53 42.65 57.13
CA VAL I 97 -51.39 42.05 58.14
C VAL I 97 -51.94 43.14 59.05
N THR I 98 -53.22 43.01 59.41
CA THR I 98 -53.85 43.94 60.33
C THR I 98 -54.84 43.17 61.19
N THR I 99 -55.26 43.79 62.28
CA THR I 99 -56.24 43.22 63.19
C THR I 99 -57.64 43.74 62.91
N HIS I 100 -58.63 42.88 63.10
CA HIS I 100 -60.04 43.23 62.97
C HIS I 100 -60.75 42.73 64.21
N ARG I 101 -61.62 43.55 64.78
CA ARG I 101 -62.32 43.24 66.00
C ARG I 101 -63.80 43.09 65.67
N GLN I 102 -64.39 41.94 66.03
CA GLN I 102 -65.83 41.78 65.87
C GLN I 102 -66.38 40.93 67.01
N ASP I 103 -67.70 41.07 67.22
CA ASP I 103 -68.40 40.41 68.31
C ASP I 103 -69.23 39.25 67.74
N ILE I 104 -68.78 38.04 67.98
CA ILE I 104 -69.54 36.84 67.66
C ILE I 104 -69.87 36.13 68.96
N ASN I 105 -71.07 35.54 69.02
CA ASN I 105 -71.58 34.94 70.26
C ASN I 105 -71.73 35.97 71.36
N GLY I 106 -71.88 37.24 70.97
CA GLY I 106 -71.95 38.32 71.94
C GLY I 106 -70.67 38.59 72.69
N LYS I 107 -69.52 38.18 72.15
CA LYS I 107 -68.23 38.34 72.81
C LYS I 107 -67.25 39.02 71.88
N GLU I 108 -66.48 39.96 72.42
CA GLU I 108 -65.45 40.65 71.67
C GLU I 108 -64.37 39.66 71.27
N MET I 109 -63.93 39.71 70.01
CA MET I 109 -62.95 38.75 69.53
C MET I 109 -61.88 39.39 68.67
N LYS I 110 -60.65 38.93 68.88
CA LYS I 110 -59.46 39.40 68.21
C LYS I 110 -59.13 38.47 67.04
N PHE I 111 -59.15 39.02 65.83
CA PHE I 111 -58.70 38.31 64.64
C PHE I 111 -57.60 39.10 63.96
N GLU I 112 -56.64 38.38 63.40
CA GLU I 112 -55.54 38.95 62.65
C GLU I 112 -55.67 38.50 61.19
N VAL I 113 -55.94 39.44 60.30
CA VAL I 113 -56.26 39.14 58.90
C VAL I 113 -55.31 39.89 57.99
N LEU I 114 -55.46 39.67 56.70
CA LEU I 114 -54.61 40.25 55.66
C LEU I 114 -55.42 41.20 54.79
N THR I 115 -54.76 42.21 54.26
CA THR I 115 -55.37 43.13 53.28
C THR I 115 -55.22 42.52 51.89
N LEU I 116 -56.17 41.67 51.52
CA LEU I 116 -56.20 41.07 50.20
C LEU I 116 -57.42 41.58 49.46
N ALA I 117 -57.19 42.15 48.27
CA ALA I 117 -58.32 42.62 47.47
C ALA I 117 -59.16 41.46 46.95
N SER I 118 -58.51 40.32 46.68
CA SER I 118 -59.22 39.17 46.13
C SER I 118 -59.95 38.37 47.21
N LEU I 119 -59.53 38.51 48.47
CA LEU I 119 -60.07 37.71 49.56
C LEU I 119 -60.55 38.65 50.66
N THR I 120 -61.86 38.69 50.90
CA THR I 120 -62.43 39.63 51.86
C THR I 120 -62.16 39.18 53.28
N THR I 121 -62.35 40.12 54.21
CA THR I 121 -62.11 39.85 55.63
C THR I 121 -63.09 38.82 56.18
N GLU I 122 -64.35 38.89 55.76
CA GLU I 122 -65.35 37.93 56.23
C GLU I 122 -64.92 36.50 55.97
N ILE I 123 -64.33 36.25 54.81
CA ILE I 123 -63.96 34.89 54.44
C ILE I 123 -62.88 34.35 55.38
N GLN I 124 -61.86 35.16 55.65
CA GLN I 124 -60.80 34.74 56.56
C GLN I 124 -61.34 34.55 57.98
N ILE I 125 -62.21 35.45 58.43
CA ILE I 125 -62.82 35.32 59.75
C ILE I 125 -63.59 34.00 59.85
N ASN I 126 -64.38 33.69 58.81
CA ASN I 126 -65.19 32.48 58.85
C ASN I 126 -64.32 31.24 58.78
N ILE I 127 -63.23 31.30 58.02
CA ILE I 127 -62.27 30.20 58.00
C ILE I 127 -61.74 29.95 59.41
N GLU I 128 -61.35 31.03 60.11
CA GLU I 128 -60.87 30.87 61.47
C GLU I 128 -61.95 30.29 62.39
N ILE I 129 -63.19 30.75 62.23
CA ILE I 129 -64.28 30.27 63.10
C ILE I 129 -64.49 28.77 62.90
N GLU I 130 -64.57 28.34 61.64
CA GLU I 130 -64.78 26.93 61.36
C GLU I 130 -63.61 26.10 61.88
N SER I 131 -62.39 26.57 61.65
CA SER I 131 -61.23 25.85 62.14
C SER I 131 -61.22 25.74 63.66
N ARG I 132 -61.55 26.84 64.34
CA ARG I 132 -61.54 26.82 65.80
C ARG I 132 -62.56 25.86 66.36
N LYS I 133 -63.78 25.84 65.81
CA LYS I 133 -64.79 24.96 66.40
C LYS I 133 -64.54 23.50 66.02
N SER I 134 -64.00 23.25 64.82
CA SER I 134 -63.61 21.88 64.49
C SER I 134 -62.48 21.41 65.40
N TYR I 135 -61.51 22.29 65.68
CA TYR I 135 -60.44 21.99 66.61
C TYR I 135 -60.99 21.70 67.99
N LYS I 136 -61.95 22.51 68.46
CA LYS I 136 -62.56 22.26 69.76
C LYS I 136 -63.23 20.90 69.80
N LYS I 137 -64.00 20.57 68.77
CA LYS I 137 -64.73 19.29 68.75
C LYS I 137 -63.77 18.12 68.72
N MET I 138 -62.70 18.22 67.93
CA MET I 138 -61.77 17.09 67.82
C MET I 138 -60.91 16.96 69.06
N LEU I 139 -60.57 18.09 69.69
CA LEU I 139 -59.87 18.04 70.98
C LEU I 139 -60.75 17.41 72.05
N LYS I 140 -62.05 17.72 72.03
CA LYS I 140 -62.98 17.07 72.93
C LYS I 140 -63.04 15.58 72.67
N GLU I 141 -63.06 15.17 71.40
CA GLU I 141 -63.22 13.77 71.05
C GLU I 141 -61.96 12.93 71.22
N MET I 142 -60.77 13.55 71.34
CA MET I 142 -59.58 12.76 71.60
C MET I 142 -58.70 13.26 72.73
N GLY I 143 -59.07 14.35 73.40
CA GLY I 143 -58.40 14.74 74.62
C GLY I 143 -57.26 15.73 74.49
N GLU I 144 -56.18 15.34 73.80
CA GLU I 144 -55.02 16.21 73.66
C GLU I 144 -54.52 16.15 72.23
N VAL I 145 -54.15 17.31 71.69
CA VAL I 145 -53.66 17.42 70.32
C VAL I 145 -52.15 17.26 70.28
N ALA I 146 -51.62 17.03 69.09
CA ALA I 146 -50.20 16.96 68.80
C ALA I 146 -49.89 17.97 67.72
N PRO I 147 -48.61 18.33 67.53
CA PRO I 147 -48.25 19.19 66.39
C PRO I 147 -48.68 18.62 65.05
N GLU I 148 -48.99 17.33 64.99
CA GLU I 148 -49.52 16.74 63.76
C GLU I 148 -50.89 17.32 63.42
N TYR I 149 -51.76 17.48 64.43
CA TYR I 149 -53.11 18.00 64.24
C TYR I 149 -53.12 19.48 64.62
N ARG I 150 -52.65 20.34 63.72
CA ARG I 150 -52.71 21.77 63.96
C ARG I 150 -52.41 22.53 62.69
N HIS I 151 -52.75 23.81 62.70
CA HIS I 151 -52.48 24.73 61.60
C HIS I 151 -51.06 25.29 61.63
N ASP I 152 -50.33 25.13 62.73
CA ASP I 152 -49.01 25.71 62.86
C ASP I 152 -47.92 24.90 62.18
N SER I 153 -48.26 23.75 61.60
CA SER I 153 -47.27 22.95 60.89
C SER I 153 -46.74 23.74 59.70
N PRO I 154 -45.43 23.69 59.42
CA PRO I 154 -44.87 24.52 58.34
C PRO I 154 -45.09 23.96 56.94
N ASP I 155 -45.81 22.86 56.79
CA ASP I 155 -46.01 22.23 55.50
C ASP I 155 -47.49 22.16 55.10
N CYS I 156 -48.37 22.82 55.85
CA CYS I 156 -49.79 22.80 55.53
C CYS I 156 -50.06 23.46 54.19
N GLY I 157 -49.39 24.58 53.90
CA GLY I 157 -49.52 25.18 52.58
C GLY I 157 -48.93 24.33 51.49
N MET I 158 -47.84 23.62 51.79
CA MET I 158 -47.19 22.83 50.77
C MET I 158 -47.98 21.57 50.41
N ILE I 159 -48.82 21.07 51.31
CA ILE I 159 -49.73 19.99 50.93
C ILE I 159 -50.74 20.47 49.89
N ILE I 160 -51.32 21.65 50.13
CA ILE I 160 -52.24 22.25 49.16
C ILE I 160 -51.52 22.47 47.84
N LEU I 161 -50.25 22.90 47.89
CA LEU I 161 -49.51 23.07 46.65
C LEU I 161 -49.17 21.74 45.99
N CYS I 162 -49.10 20.65 46.76
CA CYS I 162 -48.97 19.32 46.14
C CYS I 162 -50.22 18.98 45.34
N ILE I 163 -51.39 19.26 45.90
CA ILE I 163 -52.63 19.07 45.15
C ILE I 163 -52.61 19.92 43.88
N ALA I 164 -52.13 21.16 44.01
CA ALA I 164 -52.01 22.04 42.84
C ALA I 164 -51.05 21.45 41.80
N ALA I 165 -49.97 20.83 42.26
CA ALA I 165 -49.02 20.21 41.34
C ALA I 165 -49.65 19.07 40.56
N LEU I 166 -50.47 18.25 41.23
CA LEU I 166 -51.20 17.21 40.51
C LEU I 166 -52.15 17.81 39.47
N VAL I 167 -52.88 18.86 39.86
CA VAL I 167 -53.76 19.52 38.91
C VAL I 167 -52.96 20.04 37.71
N ILE I 168 -51.76 20.57 37.96
CA ILE I 168 -50.91 21.06 36.88
C ILE I 168 -50.51 19.92 35.96
N THR I 169 -50.16 18.76 36.54
CA THR I 169 -49.84 17.60 35.71
C THR I 169 -50.98 17.28 34.76
N LYS I 170 -52.21 17.38 35.23
CA LYS I 170 -53.36 17.04 34.38
C LYS I 170 -53.95 18.22 33.62
N LEU I 171 -53.38 19.42 33.75
CA LEU I 171 -53.91 20.58 33.03
C LEU I 171 -53.84 20.46 31.52
N ALA I 172 -52.87 19.72 30.99
CA ALA I 172 -52.68 19.71 29.53
C ALA I 172 -53.82 19.04 28.79
N ALA I 173 -54.71 18.34 29.49
CA ALA I 173 -55.85 17.69 28.84
C ALA I 173 -56.87 18.68 28.32
N GLY I 174 -56.79 19.95 28.70
CA GLY I 174 -57.66 20.98 28.18
C GLY I 174 -58.95 21.19 28.95
N ASP I 175 -59.25 20.34 29.93
CA ASP I 175 -60.47 20.47 30.71
C ASP I 175 -60.27 19.69 32.01
N ARG I 176 -61.35 19.53 32.77
CA ARG I 176 -61.28 18.83 34.05
C ARG I 176 -61.57 17.34 33.87
N SER I 177 -60.88 16.71 32.92
CA SER I 177 -61.02 15.28 32.70
C SER I 177 -60.00 14.47 33.49
N GLY I 178 -58.95 15.10 34.00
CA GLY I 178 -57.96 14.43 34.80
C GLY I 178 -58.24 14.53 36.28
N LEU I 179 -59.46 14.95 36.63
CA LEU I 179 -59.82 15.08 38.04
C LEU I 179 -59.77 13.74 38.76
N THR I 180 -60.24 12.68 38.11
CA THR I 180 -60.20 11.35 38.72
C THR I 180 -58.76 10.90 38.95
N ALA I 181 -57.88 11.15 38.00
CA ALA I 181 -56.47 10.82 38.17
C ALA I 181 -55.86 11.63 39.30
N VAL I 182 -56.22 12.90 39.40
CA VAL I 182 -55.72 13.73 40.49
C VAL I 182 -56.15 13.17 41.84
N ILE I 183 -57.43 12.79 41.96
CA ILE I 183 -57.91 12.23 43.22
C ILE I 183 -57.22 10.92 43.55
N ARG I 184 -57.06 10.04 42.54
CA ARG I 184 -56.41 8.75 42.77
C ARG I 184 -54.97 8.93 43.22
N ARG I 185 -54.22 9.81 42.56
CA ARG I 185 -52.83 10.02 42.93
C ARG I 185 -52.70 10.73 44.26
N ALA I 186 -53.65 11.61 44.60
CA ALA I 186 -53.63 12.27 45.89
C ALA I 186 -54.08 11.35 47.01
N ASN I 187 -54.72 10.23 46.67
CA ASN I 187 -54.98 9.22 47.69
C ASN I 187 -53.80 8.27 47.84
N ASN I 188 -53.15 7.90 46.75
CA ASN I 188 -51.94 7.09 46.83
C ASN I 188 -50.85 7.84 47.59
N VAL I 189 -50.39 8.96 47.02
CA VAL I 189 -49.53 9.86 47.76
C VAL I 189 -50.37 10.56 48.83
N LEU I 190 -49.70 11.05 49.88
CA LEU I 190 -50.35 11.89 50.89
C LEU I 190 -51.42 11.16 51.68
N LYS I 191 -51.35 9.83 51.79
CA LYS I 191 -52.36 9.11 52.55
C LYS I 191 -52.20 9.34 54.06
N ASN I 192 -50.96 9.45 54.54
CA ASN I 192 -50.72 9.81 55.93
C ASN I 192 -51.31 11.18 56.23
N GLU I 193 -51.16 12.14 55.32
CA GLU I 193 -51.78 13.44 55.52
C GLU I 193 -53.30 13.34 55.51
N MET I 194 -53.86 12.54 54.61
CA MET I 194 -55.31 12.40 54.56
C MET I 194 -55.85 11.74 55.82
N LYS I 195 -55.00 10.98 56.52
CA LYS I 195 -55.30 10.68 57.92
C LYS I 195 -55.25 11.94 58.77
N ARG I 196 -54.10 12.60 58.76
CA ARG I 196 -53.75 13.61 59.74
C ARG I 196 -54.62 14.86 59.64
N TYR I 197 -55.04 15.24 58.44
CA TYR I 197 -55.80 16.47 58.25
C TYR I 197 -57.25 16.17 57.90
N LYS I 198 -58.16 16.77 58.67
CA LYS I 198 -59.60 16.53 58.52
C LYS I 198 -60.14 17.10 57.23
N GLY I 199 -59.65 18.26 56.81
CA GLY I 199 -60.12 18.97 55.66
C GLY I 199 -59.35 18.76 54.39
N LEU I 200 -58.42 17.81 54.38
CA LEU I 200 -57.66 17.51 53.18
C LEU I 200 -58.55 16.68 52.27
N LEU I 201 -59.42 17.37 51.54
CA LEU I 201 -60.30 16.72 50.59
C LEU I 201 -59.73 16.94 49.19
N PRO I 202 -59.13 15.94 48.56
CA PRO I 202 -58.45 16.19 47.28
C PRO I 202 -59.36 16.73 46.20
N LYS I 203 -60.62 16.29 46.14
CA LYS I 203 -61.48 16.70 45.03
C LYS I 203 -61.83 18.17 45.10
N ASP I 204 -62.16 18.66 46.31
CA ASP I 204 -62.54 20.06 46.45
C ASP I 204 -61.37 20.99 46.16
N ILE I 205 -60.19 20.67 46.69
CA ILE I 205 -59.01 21.49 46.43
C ILE I 205 -58.64 21.44 44.96
N ALA I 206 -58.75 20.27 44.33
CA ALA I 206 -58.44 20.14 42.91
C ALA I 206 -59.41 20.98 42.07
N ASN I 207 -60.70 20.97 42.43
CA ASN I 207 -61.67 21.78 41.70
C ASN I 207 -61.39 23.27 41.90
N SER I 208 -60.99 23.66 43.11
CA SER I 208 -60.65 25.05 43.35
C SER I 208 -59.45 25.49 42.50
N PHE I 209 -58.44 24.63 42.41
CA PHE I 209 -57.27 24.98 41.62
C PHE I 209 -57.58 24.99 40.13
N TYR I 210 -58.42 24.06 39.67
CA TYR I 210 -58.89 24.09 38.29
C TYR I 210 -59.58 25.41 37.99
N GLU I 211 -60.48 25.84 38.89
CA GLU I 211 -61.19 27.10 38.69
C GLU I 211 -60.23 28.28 38.63
N VAL I 212 -59.28 28.35 39.58
CA VAL I 212 -58.41 29.52 39.62
C VAL I 212 -57.48 29.53 38.41
N PHE I 213 -57.06 28.36 37.92
CA PHE I 213 -56.22 28.32 36.73
C PHE I 213 -57.01 28.69 35.49
N GLU I 214 -58.30 28.35 35.45
CA GLU I 214 -59.12 28.74 34.31
C GLU I 214 -59.39 30.23 34.29
N LYS I 215 -59.68 30.83 35.45
CA LYS I 215 -60.03 32.25 35.48
C LYS I 215 -58.81 33.13 35.28
N HIS I 216 -57.68 32.78 35.87
CA HIS I 216 -56.46 33.59 35.84
C HIS I 216 -55.35 32.80 35.17
N PRO I 217 -55.19 32.92 33.85
CA PRO I 217 -54.10 32.21 33.17
C PRO I 217 -52.71 32.66 33.59
N HIS I 218 -52.55 33.85 34.18
CA HIS I 218 -51.24 34.26 34.66
C HIS I 218 -50.84 33.50 35.92
N PHE I 219 -51.81 32.96 36.66
CA PHE I 219 -51.47 32.17 37.83
C PHE I 219 -50.82 30.85 37.44
N ILE I 220 -51.12 30.33 36.24
CA ILE I 220 -50.42 29.15 35.77
C ILE I 220 -48.95 29.45 35.57
N ASP I 221 -48.64 30.60 34.95
CA ASP I 221 -47.24 31.00 34.78
C ASP I 221 -46.56 31.19 36.11
N VAL I 222 -47.23 31.89 37.04
CA VAL I 222 -46.65 32.13 38.35
C VAL I 222 -46.38 30.82 39.08
N PHE I 223 -47.34 29.89 39.02
CA PHE I 223 -47.17 28.62 39.73
C PHE I 223 -46.09 27.76 39.09
N VAL I 224 -46.00 27.76 37.77
CA VAL I 224 -44.95 26.97 37.11
C VAL I 224 -43.58 27.49 37.49
N HIS I 225 -43.41 28.81 37.50
CA HIS I 225 -42.10 29.34 37.85
C HIS I 225 -41.82 29.22 39.34
N PHE I 226 -42.85 29.26 40.18
CA PHE I 226 -42.65 28.94 41.59
C PHE I 226 -42.21 27.50 41.77
N GLY I 227 -42.82 26.57 41.02
CA GLY I 227 -42.42 25.18 41.13
C GLY I 227 -41.00 24.94 40.66
N ILE I 228 -40.58 25.66 39.62
CA ILE I 228 -39.20 25.55 39.16
C ILE I 228 -38.25 26.12 40.20
N ALA I 229 -38.59 27.25 40.80
CA ALA I 229 -37.73 27.85 41.82
C ALA I 229 -37.66 26.97 43.07
N GLN I 230 -38.78 26.38 43.46
CA GLN I 230 -38.81 25.47 44.61
C GLN I 230 -37.97 24.23 44.35
N SER I 231 -38.06 23.68 43.13
CA SER I 231 -37.29 22.51 42.77
C SER I 231 -35.81 22.80 42.58
N SER I 232 -35.41 24.07 42.58
CA SER I 232 -34.01 24.45 42.48
C SER I 232 -33.36 24.68 43.84
N THR I 233 -34.05 24.36 44.92
CA THR I 233 -33.48 24.55 46.24
C THR I 233 -32.48 23.44 46.56
N ARG I 234 -31.66 23.68 47.57
CA ARG I 234 -30.66 22.72 48.02
C ARG I 234 -31.27 21.58 48.82
N GLY I 235 -32.46 21.76 49.35
CA GLY I 235 -33.10 20.74 50.16
C GLY I 235 -34.32 21.29 50.84
N GLY I 236 -34.94 20.44 51.65
CA GLY I 236 -36.13 20.86 52.38
C GLY I 236 -36.73 19.69 53.13
N SER I 237 -37.99 19.86 53.53
CA SER I 237 -38.71 18.83 54.26
C SER I 237 -39.16 17.73 53.30
N ARG I 238 -39.84 16.72 53.84
CA ARG I 238 -40.29 15.61 52.99
C ARG I 238 -41.50 16.01 52.17
N VAL I 239 -42.32 16.93 52.68
CA VAL I 239 -43.47 17.41 51.92
C VAL I 239 -43.00 18.22 50.72
N GLU I 240 -41.94 19.00 50.88
CA GLU I 240 -41.37 19.72 49.75
C GLU I 240 -40.78 18.77 48.72
N GLY I 241 -40.20 17.66 49.19
CA GLY I 241 -39.74 16.63 48.27
C GLY I 241 -40.89 15.99 47.51
N ILE I 242 -42.01 15.75 48.19
CA ILE I 242 -43.20 15.23 47.51
C ILE I 242 -43.68 16.22 46.46
N PHE I 243 -43.71 17.51 46.82
CA PHE I 243 -44.13 18.53 45.85
C PHE I 243 -43.21 18.56 44.65
N ALA I 244 -41.90 18.48 44.87
CA ALA I 244 -40.97 18.49 43.74
C ALA I 244 -41.16 17.27 42.85
N GLY I 245 -41.36 16.10 43.46
CA GLY I 245 -41.59 14.90 42.67
C GLY I 245 -42.88 14.96 41.87
N LEU I 246 -43.94 15.49 42.46
CA LEU I 246 -45.20 15.61 41.75
C LEU I 246 -45.16 16.71 40.69
N PHE I 247 -44.38 17.76 40.92
CA PHE I 247 -44.26 18.83 39.95
C PHE I 247 -43.45 18.41 38.74
N MET I 248 -42.36 17.67 38.94
CA MET I 248 -41.62 17.22 37.77
C MET I 248 -42.32 16.07 37.06
N ASN I 249 -43.38 15.53 37.64
CA ASN I 249 -44.26 14.62 36.91
C ASN I 249 -45.00 15.35 35.80
N ALA I 250 -45.09 16.68 35.87
CA ALA I 250 -45.75 17.47 34.84
C ALA I 250 -44.83 17.82 33.69
N TYR I 251 -43.53 17.57 33.82
CA TYR I 251 -42.60 17.86 32.74
C TYR I 251 -42.90 16.97 31.54
N GLY I 252 -43.05 17.58 30.38
CA GLY I 252 -43.40 16.85 29.19
C GLY I 252 -44.86 16.54 29.01
N ALA I 253 -45.72 17.10 29.85
CA ALA I 253 -47.15 16.90 29.68
C ALA I 253 -47.62 17.56 28.40
N GLY I 254 -48.46 16.85 27.65
CA GLY I 254 -48.88 17.30 26.34
C GLY I 254 -47.96 16.89 25.21
N GLN I 255 -46.86 16.20 25.50
CA GLN I 255 -45.89 15.77 24.50
C GLN I 255 -45.57 14.29 24.66
N VAL I 256 -46.59 13.48 24.92
CA VAL I 256 -46.37 12.05 25.13
C VAL I 256 -45.91 11.37 23.84
N MET I 257 -46.29 11.89 22.68
CA MET I 257 -45.97 11.21 21.43
C MET I 257 -44.48 11.22 21.15
N LEU I 258 -43.77 12.24 21.59
CA LEU I 258 -42.32 12.24 21.41
C LEU I 258 -41.67 11.09 22.20
N ARG I 259 -42.10 10.92 23.45
CA ARG I 259 -41.58 9.84 24.27
C ARG I 259 -41.96 8.48 23.70
N TRP I 260 -43.20 8.35 23.22
CA TRP I 260 -43.62 7.07 22.65
C TRP I 260 -42.93 6.80 21.32
N GLY I 261 -42.56 7.83 20.56
CA GLY I 261 -41.77 7.61 19.37
C GLY I 261 -40.36 7.15 19.69
N VAL I 262 -39.75 7.73 20.72
CA VAL I 262 -38.45 7.23 21.16
C VAL I 262 -38.57 5.79 21.62
N LEU I 263 -39.69 5.45 22.28
CA LEU I 263 -39.92 4.07 22.71
C LEU I 263 -40.06 3.14 21.51
N ALA I 264 -40.82 3.54 20.49
CA ALA I 264 -40.99 2.71 19.31
C ALA I 264 -39.67 2.52 18.57
N LYS I 265 -38.80 3.53 18.62
CA LYS I 265 -37.46 3.34 18.08
C LYS I 265 -36.68 2.33 18.92
N SER I 266 -36.83 2.38 20.25
CA SER I 266 -36.06 1.51 21.12
C SER I 266 -36.46 0.04 20.96
N VAL I 267 -37.76 -0.25 20.89
CA VAL I 267 -38.20 -1.63 20.69
C VAL I 267 -38.10 -2.06 19.24
N LYS I 268 -37.68 -1.16 18.35
CA LYS I 268 -37.29 -1.49 16.98
C LYS I 268 -38.47 -2.08 16.21
N ASN I 269 -39.61 -1.39 16.29
CA ASN I 269 -40.80 -1.81 15.57
C ASN I 269 -40.54 -1.80 14.07
N ILE I 270 -40.99 -2.85 13.38
CA ILE I 270 -40.69 -3.00 11.97
C ILE I 270 -41.44 -2.00 11.12
N MET I 271 -42.66 -1.64 11.51
CA MET I 271 -43.45 -0.72 10.69
C MET I 271 -42.86 0.69 10.64
N LEU I 272 -41.72 0.92 11.28
CA LEU I 272 -40.96 2.13 11.03
C LEU I 272 -40.22 2.06 9.70
N GLY I 273 -40.15 0.88 9.09
CA GLY I 273 -39.58 0.67 7.78
C GLY I 273 -40.55 0.75 6.63
N HIS I 274 -41.81 1.07 6.89
CA HIS I 274 -42.79 1.23 5.83
C HIS I 274 -42.41 2.43 4.96
N ALA I 275 -43.04 2.50 3.78
CA ALA I 275 -42.67 3.51 2.80
C ALA I 275 -43.05 4.91 3.27
N SER I 276 -44.29 5.08 3.73
CA SER I 276 -44.76 6.41 4.12
C SER I 276 -44.07 6.92 5.37
N VAL I 277 -43.80 6.03 6.32
CA VAL I 277 -43.04 6.42 7.51
C VAL I 277 -41.67 6.93 7.13
N GLN I 278 -41.00 6.24 6.22
CA GLN I 278 -39.69 6.69 5.77
C GLN I 278 -39.79 7.97 4.96
N ALA I 279 -40.92 8.20 4.30
CA ALA I 279 -41.13 9.49 3.64
C ALA I 279 -41.17 10.61 4.67
N GLU I 280 -41.83 10.40 5.81
CA GLU I 280 -41.97 11.44 6.81
C GLU I 280 -40.77 11.56 7.76
N MET I 281 -39.84 10.60 7.72
CA MET I 281 -38.76 10.57 8.70
C MET I 281 -37.92 11.84 8.68
N GLU I 282 -37.81 12.51 7.54
CA GLU I 282 -37.00 13.73 7.49
C GLU I 282 -37.55 14.80 8.43
N GLN I 283 -38.84 15.09 8.30
CA GLN I 283 -39.45 16.10 9.16
C GLN I 283 -39.63 15.58 10.59
N VAL I 284 -39.75 14.27 10.77
CA VAL I 284 -39.79 13.75 12.15
C VAL I 284 -38.47 14.02 12.86
N VAL I 285 -37.35 13.76 12.20
CA VAL I 285 -36.05 14.05 12.79
C VAL I 285 -35.88 15.55 12.98
N GLU I 286 -36.43 16.34 12.05
CA GLU I 286 -36.49 17.79 12.22
C GLU I 286 -37.14 18.18 13.55
N VAL I 287 -38.31 17.59 13.84
CA VAL I 287 -39.03 17.93 15.07
C VAL I 287 -38.24 17.50 16.29
N TYR I 288 -37.64 16.31 16.25
CA TYR I 288 -36.88 15.84 17.41
C TYR I 288 -35.65 16.71 17.68
N GLU I 289 -34.95 17.10 16.63
CA GLU I 289 -33.81 18.00 16.80
C GLU I 289 -34.27 19.35 17.34
N TYR I 290 -35.44 19.82 16.91
CA TYR I 290 -35.99 21.05 17.48
C TYR I 290 -36.27 20.91 18.96
N ALA I 291 -36.86 19.79 19.37
CA ALA I 291 -37.16 19.58 20.79
C ALA I 291 -35.88 19.57 21.61
N GLN I 292 -34.84 18.91 21.09
CA GLN I 292 -33.56 18.89 21.81
C GLN I 292 -32.90 20.25 21.87
N LYS I 293 -32.99 21.05 20.81
CA LYS I 293 -32.43 22.39 20.83
C LYS I 293 -33.15 23.27 21.84
N LEU I 294 -34.48 23.11 21.93
CA LEU I 294 -35.22 23.81 22.98
C LEU I 294 -34.75 23.39 24.36
N GLY I 295 -34.67 22.08 24.60
CA GLY I 295 -34.14 21.59 25.85
C GLY I 295 -35.11 21.60 27.01
N GLY I 296 -34.66 22.08 28.16
CA GLY I 296 -35.45 22.00 29.38
C GLY I 296 -36.70 22.84 29.38
N GLU I 297 -36.65 24.03 28.77
CA GLU I 297 -37.80 24.93 28.82
C GLU I 297 -39.00 24.36 28.09
N ALA I 298 -38.79 23.44 27.15
CA ALA I 298 -39.87 22.91 26.33
C ALA I 298 -40.78 21.96 27.10
N GLY I 299 -40.40 21.53 28.30
CA GLY I 299 -41.20 20.56 29.02
C GLY I 299 -42.49 21.10 29.59
N PHE I 300 -42.64 22.43 29.64
CA PHE I 300 -43.83 23.05 30.17
C PHE I 300 -44.54 23.92 29.14
N TYR I 301 -44.29 23.68 27.85
CA TYR I 301 -44.89 24.50 26.80
C TYR I 301 -46.41 24.31 26.76
N HIS I 302 -46.88 23.07 26.87
CA HIS I 302 -48.31 22.82 26.75
C HIS I 302 -49.06 23.21 28.02
N ILE I 303 -48.43 23.08 29.19
CA ILE I 303 -49.05 23.54 30.42
C ILE I 303 -49.22 25.05 30.40
N LEU I 304 -48.18 25.76 29.97
CA LEU I 304 -48.21 27.22 29.91
C LEU I 304 -48.97 27.75 28.71
N ASN I 305 -49.42 26.89 27.80
CA ASN I 305 -50.02 27.30 26.53
C ASN I 305 -49.06 28.17 25.73
N ASN I 306 -47.79 27.78 25.72
CA ASN I 306 -46.82 28.48 24.90
C ASN I 306 -47.20 28.36 23.43
N PRO I 307 -47.17 29.47 22.68
CA PRO I 307 -47.57 29.39 21.27
C PRO I 307 -46.73 28.45 20.44
N LYS I 308 -45.47 28.26 20.79
CA LYS I 308 -44.59 27.35 20.08
C LYS I 308 -44.80 25.89 20.47
N ALA I 309 -45.86 25.59 21.22
CA ALA I 309 -46.16 24.21 21.54
C ALA I 309 -46.58 23.42 20.31
N SER I 310 -47.25 24.08 19.36
CA SER I 310 -47.71 23.39 18.15
C SER I 310 -46.57 22.93 17.27
N LEU I 311 -45.37 23.49 17.44
CA LEU I 311 -44.23 23.09 16.62
C LEU I 311 -43.67 21.74 17.04
N LEU I 312 -44.00 21.26 18.23
CA LEU I 312 -43.52 19.98 18.73
C LEU I 312 -44.44 18.83 18.39
N SER I 313 -45.56 19.10 17.73
CA SER I 313 -46.55 18.07 17.45
C SER I 313 -46.03 17.07 16.43
N LEU I 314 -46.45 15.82 16.59
CA LEU I 314 -46.14 14.75 15.65
C LEU I 314 -47.36 14.26 14.90
N THR I 315 -48.55 14.75 15.23
CA THR I 315 -49.75 14.33 14.51
C THR I 315 -49.80 14.89 13.10
N GLN I 316 -48.92 15.82 12.78
CA GLN I 316 -48.75 16.34 11.43
C GLN I 316 -48.04 15.36 10.51
N PHE I 317 -47.70 14.19 11.05
CA PHE I 317 -47.15 13.07 10.28
C PHE I 317 -48.03 11.86 10.58
N PRO I 318 -49.13 11.71 9.83
CA PRO I 318 -50.12 10.68 10.21
C PRO I 318 -49.58 9.27 10.25
N HIS I 319 -48.67 8.91 9.35
CA HIS I 319 -48.18 7.54 9.30
C HIS I 319 -47.26 7.22 10.48
N PHE I 320 -46.30 8.11 10.76
CA PHE I 320 -45.42 7.91 11.90
C PHE I 320 -46.20 7.94 13.21
N SER I 321 -47.16 8.86 13.33
CA SER I 321 -47.98 8.93 14.53
C SER I 321 -48.80 7.66 14.71
N SER I 322 -49.35 7.13 13.61
CA SER I 322 -50.13 5.90 13.71
C SER I 322 -49.26 4.73 14.13
N VAL I 323 -48.05 4.63 13.58
CA VAL I 323 -47.14 3.57 13.97
C VAL I 323 -46.78 3.70 15.46
N VAL I 324 -46.56 4.92 15.92
CA VAL I 324 -46.19 5.14 17.32
C VAL I 324 -47.34 4.77 18.25
N LEU I 325 -48.56 5.17 17.91
CA LEU I 325 -49.71 4.78 18.72
C LEU I 325 -49.92 3.28 18.72
N GLY I 326 -49.73 2.65 17.56
CA GLY I 326 -49.86 1.19 17.50
C GLY I 326 -48.84 0.50 18.39
N ASN I 327 -47.59 0.95 18.34
CA ASN I 327 -46.57 0.36 19.20
C ASN I 327 -46.90 0.57 20.66
N ALA I 328 -47.40 1.76 21.02
CA ALA I 328 -47.78 2.00 22.42
C ALA I 328 -48.91 1.08 22.85
N ALA I 329 -49.91 0.89 21.99
CA ALA I 329 -51.05 0.05 22.36
C ALA I 329 -50.64 -1.42 22.43
N GLY I 330 -49.71 -1.83 21.57
CA GLY I 330 -49.25 -3.21 21.60
C GLY I 330 -48.46 -3.54 22.86
N LEU I 331 -47.64 -2.60 23.31
CA LEU I 331 -46.87 -2.80 24.53
C LEU I 331 -47.70 -2.70 25.79
N GLY I 332 -48.97 -2.33 25.67
CA GLY I 332 -49.87 -2.29 26.82
C GLY I 332 -49.68 -1.11 27.73
N ILE I 333 -49.20 0.02 27.21
CA ILE I 333 -49.02 1.21 28.01
C ILE I 333 -49.89 2.38 27.57
N MET I 334 -50.75 2.20 26.57
CA MET I 334 -51.50 3.34 26.04
C MET I 334 -52.63 3.75 26.97
N GLY I 335 -53.14 2.83 27.78
CA GLY I 335 -54.16 3.16 28.77
C GLY I 335 -55.43 3.67 28.11
N GLU I 336 -55.93 4.79 28.62
CA GLU I 336 -57.09 5.47 28.07
C GLU I 336 -56.72 6.69 27.24
N TYR I 337 -55.57 6.63 26.56
CA TYR I 337 -55.13 7.77 25.76
C TYR I 337 -56.13 8.00 24.65
N ARG I 338 -56.74 9.19 24.63
CA ARG I 338 -57.90 9.43 23.79
C ARG I 338 -57.52 10.01 22.43
N GLY I 339 -56.23 10.11 22.15
CA GLY I 339 -55.80 10.37 20.79
C GLY I 339 -55.98 9.14 19.92
N THR I 340 -56.40 9.37 18.68
CA THR I 340 -56.78 8.27 17.81
C THR I 340 -55.90 8.25 16.57
N PRO I 341 -55.55 7.07 16.05
CA PRO I 341 -54.71 7.02 14.85
C PRO I 341 -55.48 7.53 13.64
N ARG I 342 -54.74 8.11 12.69
CA ARG I 342 -55.34 8.55 11.43
C ARG I 342 -54.88 7.70 10.25
N ASN I 343 -54.15 6.61 10.51
CA ASN I 343 -53.89 5.54 9.56
C ASN I 343 -54.16 4.24 10.31
N GLN I 344 -55.39 3.73 10.19
CA GLN I 344 -55.78 2.56 10.98
C GLN I 344 -54.94 1.34 10.62
N ASP I 345 -54.57 1.21 9.35
CA ASP I 345 -53.83 0.03 8.92
C ASP I 345 -52.45 -0.05 9.57
N LEU I 346 -51.69 1.05 9.52
CA LEU I 346 -50.38 1.07 10.16
C LEU I 346 -50.51 0.91 11.67
N TYR I 347 -51.54 1.51 12.25
CA TYR I 347 -51.80 1.34 13.68
C TYR I 347 -51.97 -0.13 14.03
N ASP I 348 -52.82 -0.84 13.29
CA ASP I 348 -53.05 -2.26 13.58
C ASP I 348 -51.80 -3.08 13.35
N ALA I 349 -51.06 -2.81 12.27
CA ALA I 349 -49.85 -3.57 12.01
C ALA I 349 -48.81 -3.39 13.11
N ALA I 350 -48.60 -2.14 13.53
CA ALA I 350 -47.64 -1.88 14.60
C ALA I 350 -48.10 -2.49 15.92
N LYS I 351 -49.41 -2.42 16.21
CA LYS I 351 -49.93 -3.02 17.42
C LYS I 351 -49.70 -4.52 17.43
N ALA I 352 -49.96 -5.19 16.30
CA ALA I 352 -49.75 -6.62 16.22
C ALA I 352 -48.28 -6.98 16.41
N TYR I 353 -47.38 -6.24 15.74
CA TYR I 353 -45.97 -6.56 15.90
C TYR I 353 -45.50 -6.32 17.33
N ALA I 354 -46.00 -5.27 17.97
CA ALA I 354 -45.59 -5.00 19.35
C ALA I 354 -46.11 -6.08 20.29
N GLU I 355 -47.29 -6.64 19.99
CA GLU I 355 -47.80 -7.75 20.79
C GLU I 355 -46.93 -8.99 20.62
N GLN I 356 -46.57 -9.34 19.38
CA GLN I 356 -45.66 -10.47 19.20
C GLN I 356 -44.24 -10.15 19.66
N LEU I 357 -43.94 -8.90 19.98
CA LEU I 357 -42.63 -8.62 20.56
C LEU I 357 -42.50 -9.16 21.98
N LYS I 358 -43.55 -9.75 22.54
CA LYS I 358 -43.46 -10.25 23.90
C LYS I 358 -43.48 -11.77 23.98
N GLU I 359 -44.33 -12.42 23.18
CA GLU I 359 -44.26 -13.88 23.06
C GLU I 359 -43.08 -14.30 22.19
N ASN I 360 -42.87 -13.60 21.08
CA ASN I 360 -41.77 -13.87 20.16
C ASN I 360 -40.73 -12.78 20.40
N GLY I 361 -39.76 -13.09 21.28
CA GLY I 361 -38.96 -12.04 21.90
C GLY I 361 -38.50 -10.96 20.93
N VAL I 362 -37.61 -11.31 20.01
CA VAL I 362 -37.10 -10.35 19.03
C VAL I 362 -37.01 -11.07 17.70
N ILE I 363 -36.85 -10.30 16.63
CA ILE I 363 -36.67 -10.83 15.28
C ILE I 363 -35.28 -10.41 14.79
N ASN I 364 -34.46 -11.38 14.44
CA ASN I 364 -33.19 -11.09 13.80
C ASN I 364 -33.42 -10.70 12.35
N TYR I 365 -32.39 -10.12 11.74
CA TYR I 365 -32.44 -9.76 10.33
C TYR I 365 -31.36 -10.51 9.59
N SER I 366 -31.28 -11.82 9.84
CA SER I 366 -30.42 -12.74 9.12
C SER I 366 -30.86 -12.85 7.67
N VAL I 367 -32.12 -12.56 7.39
CA VAL I 367 -32.57 -12.36 6.02
C VAL I 367 -31.65 -11.32 5.40
N LEU I 368 -31.45 -11.39 4.08
CA LEU I 368 -30.50 -10.50 3.40
C LEU I 368 -29.06 -10.70 3.91
N ASP I 369 -28.43 -11.80 3.50
CA ASP I 369 -27.00 -12.12 3.63
C ASP I 369 -26.56 -12.77 4.94
N LEU I 370 -27.48 -13.26 5.77
CA LEU I 370 -27.05 -14.06 6.92
C LEU I 370 -27.99 -15.23 7.20
N ALA J 2 -13.83 -26.69 19.27
CA ALA J 2 -14.71 -25.67 18.71
C ALA J 2 -16.15 -26.15 18.71
N LEU J 3 -17.06 -25.29 19.16
CA LEU J 3 -18.47 -25.68 19.24
C LEU J 3 -19.10 -25.79 17.86
N SER J 4 -18.46 -25.23 16.84
CA SER J 4 -19.03 -25.27 15.49
C SER J 4 -18.99 -26.66 14.87
N LYS J 5 -18.17 -27.57 15.38
CA LYS J 5 -18.10 -28.92 14.84
C LYS J 5 -18.94 -29.92 15.62
N VAL J 6 -19.79 -29.46 16.53
CA VAL J 6 -20.75 -30.34 17.21
C VAL J 6 -21.96 -30.37 16.29
N LYS J 7 -21.89 -31.21 15.26
CA LYS J 7 -22.95 -31.25 14.26
C LYS J 7 -23.05 -32.66 13.69
N LEU J 8 -24.25 -33.02 13.23
CA LEU J 8 -24.54 -34.32 12.66
C LEU J 8 -25.41 -34.13 11.43
N ASN J 9 -24.99 -34.71 10.31
CA ASN J 9 -25.74 -34.63 9.06
C ASN J 9 -26.59 -35.89 8.90
N ASP J 10 -27.73 -35.90 9.59
CA ASP J 10 -28.54 -37.11 9.67
C ASP J 10 -29.23 -37.43 8.35
N THR J 11 -29.75 -36.41 7.66
CA THR J 11 -30.45 -36.64 6.40
C THR J 11 -29.52 -37.27 5.37
N LEU J 12 -28.33 -36.71 5.21
CA LEU J 12 -27.38 -37.21 4.23
C LEU J 12 -26.87 -38.60 4.60
N ASN J 13 -26.66 -38.84 5.89
CA ASN J 13 -26.21 -40.15 6.34
C ASN J 13 -27.27 -41.22 6.10
N LYS J 14 -28.54 -40.89 6.37
CA LYS J 14 -29.62 -41.82 6.08
C LYS J 14 -29.71 -42.10 4.59
N ASP J 15 -29.57 -41.06 3.76
CA ASP J 15 -29.60 -41.29 2.32
C ASP J 15 -28.45 -42.18 1.88
N GLN J 16 -27.25 -41.97 2.42
CA GLN J 16 -26.13 -42.81 2.04
C GLN J 16 -26.34 -44.25 2.49
N LEU J 17 -26.92 -44.44 3.67
CA LEU J 17 -27.23 -45.80 4.13
C LEU J 17 -28.22 -46.48 3.20
N LEU J 18 -29.25 -45.76 2.77
CA LEU J 18 -30.26 -46.39 1.92
C LEU J 18 -29.78 -46.60 0.50
N SER J 19 -28.89 -45.74 0.01
CA SER J 19 -28.41 -45.85 -1.37
C SER J 19 -27.22 -46.78 -1.52
N SER J 20 -26.58 -47.18 -0.43
CA SER J 20 -25.41 -48.05 -0.50
C SER J 20 -25.69 -49.45 0.03
N SER J 21 -26.95 -49.90 -0.03
CA SER J 21 -27.28 -51.25 0.39
C SER J 21 -26.66 -52.26 -0.55
N LYS J 22 -26.11 -53.33 0.00
CA LYS J 22 -25.47 -54.38 -0.78
C LYS J 22 -26.31 -55.65 -0.84
N TYR J 23 -27.56 -55.60 -0.38
CA TYR J 23 -28.50 -56.69 -0.54
C TYR J 23 -29.81 -56.12 -1.05
N THR J 24 -30.56 -56.93 -1.81
CA THR J 24 -31.80 -56.48 -2.42
C THR J 24 -32.92 -57.47 -2.13
N ILE J 25 -34.12 -56.94 -2.01
CA ILE J 25 -35.32 -57.76 -1.87
C ILE J 25 -35.96 -57.92 -3.24
N GLN J 26 -36.85 -58.91 -3.35
CA GLN J 26 -37.57 -59.16 -4.60
C GLN J 26 -38.97 -59.63 -4.23
N ARG J 27 -39.95 -58.75 -4.45
CA ARG J 27 -41.33 -59.01 -4.07
C ARG J 27 -42.00 -59.92 -5.11
N SER J 28 -43.11 -60.52 -4.71
CA SER J 28 -43.90 -61.38 -5.59
C SER J 28 -45.27 -60.74 -5.79
N THR J 29 -45.59 -60.43 -7.05
CA THR J 29 -46.84 -59.74 -7.32
C THR J 29 -48.06 -60.58 -7.00
N GLY J 30 -47.94 -61.89 -7.00
CA GLY J 30 -49.08 -62.78 -6.80
C GLY J 30 -49.72 -63.25 -8.10
N ASP J 31 -50.80 -62.59 -8.49
CA ASP J 31 -51.44 -62.78 -9.77
C ASP J 31 -50.48 -62.45 -10.92
N SER J 32 -50.59 -63.23 -11.99
CA SER J 32 -49.73 -63.06 -13.15
C SER J 32 -50.00 -61.71 -13.83
N ILE J 33 -48.93 -61.09 -14.33
CA ILE J 33 -49.04 -59.82 -15.05
C ILE J 33 -49.14 -60.12 -16.52
N ASP J 34 -50.15 -59.57 -17.18
CA ASP J 34 -50.27 -59.59 -18.63
C ASP J 34 -49.31 -58.55 -19.17
N THR J 35 -48.56 -58.90 -20.21
CA THR J 35 -47.63 -57.95 -20.79
C THR J 35 -47.92 -57.81 -22.29
N PRO J 36 -48.85 -56.95 -22.70
CA PRO J 36 -49.07 -56.74 -24.13
C PRO J 36 -47.88 -56.06 -24.79
N ASN J 37 -47.72 -56.34 -26.07
CA ASN J 37 -46.65 -55.78 -26.89
C ASN J 37 -47.24 -54.75 -27.84
N TYR J 38 -46.39 -54.23 -28.73
CA TYR J 38 -46.85 -53.24 -29.70
C TYR J 38 -47.91 -53.80 -30.63
N ASP J 39 -48.02 -55.12 -30.73
CA ASP J 39 -48.91 -55.75 -31.70
C ASP J 39 -50.37 -55.41 -31.41
N VAL J 40 -50.76 -55.43 -30.15
CA VAL J 40 -52.16 -55.31 -29.75
C VAL J 40 -52.51 -53.89 -29.31
N GLN J 41 -51.63 -52.92 -29.58
CA GLN J 41 -51.92 -51.54 -29.23
C GLN J 41 -53.16 -51.03 -29.95
N LYS J 42 -53.30 -51.37 -31.22
CA LYS J 42 -54.48 -50.97 -31.98
C LYS J 42 -55.76 -51.54 -31.37
N HIS J 43 -55.72 -52.81 -30.97
CA HIS J 43 -56.92 -53.43 -30.40
C HIS J 43 -57.26 -52.85 -29.04
N ILE J 44 -56.25 -52.57 -28.21
CA ILE J 44 -56.54 -51.98 -26.91
C ILE J 44 -57.08 -50.56 -27.08
N ASN J 45 -56.56 -49.82 -28.05
CA ASN J 45 -57.12 -48.49 -28.34
C ASN J 45 -58.55 -48.60 -28.85
N LYS J 46 -58.84 -49.64 -29.64
CA LYS J 46 -60.20 -49.89 -30.08
C LYS J 46 -61.12 -50.14 -28.88
N LEU J 47 -60.65 -50.93 -27.91
CA LEU J 47 -61.44 -51.20 -26.73
C LEU J 47 -61.71 -49.93 -25.93
N CYS J 48 -60.69 -49.09 -25.78
CA CYS J 48 -60.87 -47.82 -25.08
C CYS J 48 -61.87 -46.92 -25.82
N GLY J 49 -61.78 -46.89 -27.15
CA GLY J 49 -62.74 -46.10 -27.91
C GLY J 49 -64.16 -46.61 -27.78
N MET J 50 -64.33 -47.94 -27.78
CA MET J 50 -65.65 -48.50 -27.59
C MET J 50 -66.21 -48.17 -26.22
N LEU J 51 -65.36 -48.17 -25.20
CA LEU J 51 -65.80 -47.73 -23.88
C LEU J 51 -66.20 -46.26 -23.90
N LEU J 52 -65.45 -45.43 -24.64
CA LEU J 52 -65.71 -43.99 -24.64
C LEU J 52 -66.99 -43.63 -25.39
N ILE J 53 -67.27 -44.29 -26.51
CA ILE J 53 -68.47 -43.94 -27.29
C ILE J 53 -69.74 -44.53 -26.71
N THR J 54 -69.64 -45.35 -25.66
CA THR J 54 -70.79 -46.02 -25.07
C THR J 54 -71.39 -45.11 -24.00
N GLU J 55 -72.57 -44.53 -24.28
CA GLU J 55 -73.22 -43.75 -23.24
C GLU J 55 -73.75 -44.65 -22.12
N ASP J 56 -73.99 -44.03 -20.96
CA ASP J 56 -74.42 -44.76 -19.76
C ASP J 56 -73.57 -46.01 -19.55
N ALA J 57 -72.26 -45.83 -19.65
CA ALA J 57 -71.35 -46.96 -19.75
C ALA J 57 -71.04 -47.56 -18.39
N ASN J 58 -70.46 -48.76 -18.42
CA ASN J 58 -69.96 -49.43 -17.23
C ASN J 58 -68.44 -49.34 -17.25
N HIS J 59 -67.88 -48.54 -16.34
CA HIS J 59 -66.44 -48.33 -16.28
C HIS J 59 -65.78 -49.14 -15.19
N LYS J 60 -66.30 -50.33 -14.87
CA LYS J 60 -65.68 -51.15 -13.84
C LYS J 60 -64.29 -51.62 -14.23
N PHE J 61 -64.02 -51.75 -15.53
CA PHE J 61 -62.77 -52.33 -16.00
C PHE J 61 -61.90 -51.31 -16.75
N THR J 62 -62.25 -50.02 -16.69
CA THR J 62 -61.53 -49.02 -17.47
C THR J 62 -60.11 -48.84 -16.96
N GLY J 63 -59.90 -48.94 -15.64
CA GLY J 63 -58.56 -48.79 -15.10
C GLY J 63 -57.61 -49.86 -15.61
N LEU J 64 -58.06 -51.11 -15.62
CA LEU J 64 -57.22 -52.19 -16.13
C LEU J 64 -56.95 -52.03 -17.62
N ILE J 65 -57.95 -51.60 -18.38
CA ILE J 65 -57.76 -51.44 -19.82
C ILE J 65 -56.80 -50.29 -20.10
N GLY J 66 -56.89 -49.21 -19.34
CA GLY J 66 -55.92 -48.13 -19.49
C GLY J 66 -54.51 -48.56 -19.12
N MET J 67 -54.38 -49.38 -18.08
CA MET J 67 -53.08 -49.92 -17.72
C MET J 67 -52.53 -50.79 -18.83
N LEU J 68 -53.38 -51.62 -19.43
CA LEU J 68 -52.96 -52.45 -20.56
C LEU J 68 -52.52 -51.59 -21.73
N TYR J 69 -53.24 -50.50 -22.00
CA TYR J 69 -52.84 -49.63 -23.10
C TYR J 69 -51.50 -48.98 -22.84
N ALA J 70 -51.28 -48.51 -21.61
CA ALA J 70 -49.99 -47.92 -21.26
C ALA J 70 -48.86 -48.95 -21.42
N MET J 71 -49.09 -50.16 -20.93
CA MET J 71 -48.09 -51.21 -21.03
C MET J 71 -47.83 -51.64 -22.48
N SER J 72 -48.85 -51.57 -23.34
CA SER J 72 -48.65 -51.89 -24.75
C SER J 72 -47.87 -50.77 -25.45
N ARG J 73 -48.09 -49.53 -25.05
CA ARG J 73 -47.27 -48.43 -25.57
C ARG J 73 -45.82 -48.60 -25.15
N LEU J 74 -45.57 -48.98 -23.90
CA LEU J 74 -44.19 -49.19 -23.46
C LEU J 74 -43.54 -50.34 -24.20
N GLY J 75 -44.31 -51.39 -24.49
CA GLY J 75 -43.80 -52.62 -25.06
C GLY J 75 -43.53 -53.65 -23.98
N ARG J 76 -43.52 -54.92 -24.40
CA ARG J 76 -43.33 -56.01 -23.44
C ARG J 76 -41.93 -55.99 -22.83
N GLU J 77 -40.91 -55.72 -23.64
CA GLU J 77 -39.56 -55.70 -23.11
C GLU J 77 -39.42 -54.64 -22.01
N ASP J 78 -39.86 -53.42 -22.29
CA ASP J 78 -39.72 -52.35 -21.32
C ASP J 78 -40.62 -52.54 -20.12
N THR J 79 -41.82 -53.10 -20.32
CA THR J 79 -42.69 -53.38 -19.16
C THR J 79 -42.03 -54.40 -18.24
N ILE J 80 -41.48 -55.47 -18.81
CA ILE J 80 -40.80 -56.47 -18.00
C ILE J 80 -39.60 -55.86 -17.29
N LYS J 81 -38.82 -55.05 -18.00
CA LYS J 81 -37.64 -54.45 -17.39
C LYS J 81 -38.03 -53.49 -16.27
N ILE J 82 -39.11 -52.74 -16.43
CA ILE J 82 -39.60 -51.88 -15.37
C ILE J 82 -39.98 -52.70 -14.15
N LEU J 83 -40.69 -53.81 -14.37
CA LEU J 83 -41.13 -54.61 -13.23
C LEU J 83 -39.95 -55.24 -12.49
N ARG J 84 -38.93 -55.70 -13.22
CA ARG J 84 -37.73 -56.18 -12.54
C ARG J 84 -37.03 -55.06 -11.79
N ASP J 85 -36.82 -53.91 -12.42
CA ASP J 85 -36.11 -52.82 -11.75
C ASP J 85 -36.85 -52.33 -10.52
N ALA J 86 -38.18 -52.42 -10.51
CA ALA J 86 -38.93 -52.08 -9.31
C ALA J 86 -38.79 -53.13 -8.22
N GLY J 87 -38.19 -54.28 -8.53
CA GLY J 87 -38.01 -55.33 -7.55
C GLY J 87 -39.22 -56.22 -7.39
N TYR J 88 -39.68 -56.80 -8.49
CA TYR J 88 -40.86 -57.67 -8.48
C TYR J 88 -40.54 -58.97 -9.18
N HIS J 89 -41.12 -60.05 -8.67
CA HIS J 89 -41.17 -61.31 -9.40
C HIS J 89 -42.46 -61.35 -10.19
N VAL J 90 -42.34 -61.43 -11.51
CA VAL J 90 -43.49 -61.28 -12.39
C VAL J 90 -43.61 -62.51 -13.27
N LYS J 91 -44.84 -63.01 -13.40
CA LYS J 91 -45.19 -64.04 -14.35
C LYS J 91 -45.63 -63.35 -15.63
N ALA J 92 -44.70 -63.21 -16.58
CA ALA J 92 -45.00 -62.50 -17.80
C ALA J 92 -45.98 -63.31 -18.64
N ASN J 93 -47.13 -62.72 -18.92
CA ASN J 93 -48.21 -63.38 -19.64
C ASN J 93 -48.30 -62.79 -21.04
N GLY J 94 -48.15 -63.65 -22.05
CA GLY J 94 -48.23 -63.19 -23.42
C GLY J 94 -49.66 -62.83 -23.79
N VAL J 95 -49.83 -61.71 -24.47
CA VAL J 95 -51.13 -61.23 -24.92
C VAL J 95 -51.14 -61.28 -26.44
N ASP J 96 -52.11 -61.98 -27.00
CA ASP J 96 -52.27 -62.04 -28.43
C ASP J 96 -53.76 -62.04 -28.76
N VAL J 97 -54.06 -61.66 -29.97
CA VAL J 97 -55.44 -61.46 -30.41
C VAL J 97 -55.95 -62.75 -31.04
N THR J 98 -57.21 -63.09 -30.74
CA THR J 98 -57.86 -64.24 -31.34
C THR J 98 -59.32 -63.92 -31.57
N THR J 99 -59.97 -64.74 -32.38
CA THR J 99 -61.39 -64.60 -32.67
C THR J 99 -62.22 -65.55 -31.80
N HIS J 100 -63.41 -65.08 -31.43
CA HIS J 100 -64.39 -65.85 -30.68
C HIS J 100 -65.72 -65.72 -31.40
N ARG J 101 -66.42 -66.84 -31.56
CA ARG J 101 -67.68 -66.89 -32.28
C ARG J 101 -68.79 -67.21 -31.27
N GLN J 102 -69.82 -66.37 -31.21
CA GLN J 102 -70.97 -66.68 -30.38
C GLN J 102 -72.24 -66.15 -31.05
N ASP J 103 -73.36 -66.74 -30.62
CA ASP J 103 -74.68 -66.45 -31.19
C ASP J 103 -75.47 -65.60 -30.20
N ILE J 104 -75.62 -64.32 -30.52
CA ILE J 104 -76.48 -63.42 -29.78
C ILE J 104 -77.61 -62.97 -30.70
N ASN J 105 -78.81 -62.82 -30.15
CA ASN J 105 -80.02 -62.53 -30.92
C ASN J 105 -80.30 -63.66 -31.92
N GLY J 106 -79.81 -64.85 -31.63
CA GLY J 106 -79.98 -65.97 -32.53
C GLY J 106 -79.19 -65.87 -33.82
N LYS J 107 -78.14 -65.05 -33.84
CA LYS J 107 -77.34 -64.83 -35.05
C LYS J 107 -75.87 -65.06 -34.75
N GLU J 108 -75.19 -65.74 -35.66
CA GLU J 108 -73.76 -65.97 -35.55
C GLU J 108 -73.02 -64.65 -35.62
N MET J 109 -72.05 -64.45 -34.74
CA MET J 109 -71.34 -63.17 -34.69
C MET J 109 -69.85 -63.36 -34.49
N LYS J 110 -69.10 -62.53 -35.21
CA LYS J 110 -67.65 -62.52 -35.22
C LYS J 110 -67.14 -61.44 -34.27
N PHE J 111 -66.41 -61.85 -33.24
CA PHE J 111 -65.72 -60.94 -32.35
C PHE J 111 -64.23 -61.26 -32.33
N GLU J 112 -63.42 -60.21 -32.24
CA GLU J 112 -61.98 -60.32 -32.14
C GLU J 112 -61.55 -59.82 -30.78
N VAL J 113 -61.03 -60.71 -29.93
CA VAL J 113 -60.75 -60.42 -28.55
C VAL J 113 -59.28 -60.73 -28.25
N LEU J 114 -58.87 -60.46 -27.01
CA LEU J 114 -57.50 -60.65 -26.56
C LEU J 114 -57.44 -61.72 -25.49
N THR J 115 -56.30 -62.41 -25.42
CA THR J 115 -56.05 -63.39 -24.36
C THR J 115 -55.46 -62.66 -23.17
N LEU J 116 -56.36 -62.14 -22.32
CA LEU J 116 -55.95 -61.47 -21.08
C LEU J 116 -56.43 -62.30 -19.91
N ALA J 117 -55.51 -62.66 -19.02
CA ALA J 117 -55.89 -63.40 -17.83
C ALA J 117 -56.71 -62.55 -16.87
N SER J 118 -56.45 -61.24 -16.84
CA SER J 118 -57.15 -60.36 -15.93
C SER J 118 -58.51 -59.95 -16.46
N LEU J 119 -58.72 -60.04 -17.77
CA LEU J 119 -59.94 -59.55 -18.41
C LEU J 119 -60.54 -60.69 -19.23
N THR J 120 -61.70 -61.19 -18.82
CA THR J 120 -62.31 -62.33 -19.48
C THR J 120 -62.91 -61.95 -20.83
N THR J 121 -63.19 -62.96 -21.64
CA THR J 121 -63.74 -62.75 -22.97
C THR J 121 -65.15 -62.15 -22.90
N GLU J 122 -65.96 -62.61 -21.94
CA GLU J 122 -67.32 -62.09 -21.81
C GLU J 122 -67.32 -60.57 -21.65
N ILE J 123 -66.37 -60.04 -20.89
CA ILE J 123 -66.34 -58.61 -20.63
C ILE J 123 -66.08 -57.83 -21.90
N GLN J 124 -65.11 -58.26 -22.70
CA GLN J 124 -64.81 -57.60 -23.96
C GLN J 124 -65.98 -57.72 -24.94
N ILE J 125 -66.61 -58.89 -24.99
CA ILE J 125 -67.76 -59.08 -25.85
C ILE J 125 -68.88 -58.12 -25.46
N ASN J 126 -69.15 -58.00 -24.16
CA ASN J 126 -70.23 -57.13 -23.70
C ASN J 126 -69.90 -55.67 -23.94
N ILE J 127 -68.62 -55.31 -23.80
CA ILE J 127 -68.20 -53.95 -24.14
C ILE J 127 -68.50 -53.66 -25.59
N GLU J 128 -68.17 -54.60 -26.49
CA GLU J 128 -68.47 -54.40 -27.90
C GLU J 128 -69.97 -54.30 -28.14
N ILE J 129 -70.77 -55.13 -27.46
CA ILE J 129 -72.21 -55.10 -27.67
C ILE J 129 -72.79 -53.76 -27.26
N GLU J 130 -72.41 -53.27 -26.08
CA GLU J 130 -72.92 -52.00 -25.61
C GLU J 130 -72.49 -50.87 -26.54
N SER J 131 -71.22 -50.88 -26.97
CA SER J 131 -70.74 -49.85 -27.88
C SER J 131 -71.48 -49.89 -29.20
N ARG J 132 -71.71 -51.09 -29.75
CA ARG J 132 -72.39 -51.20 -31.03
C ARG J 132 -73.82 -50.67 -30.95
N LYS J 133 -74.56 -51.02 -29.90
CA LYS J 133 -75.95 -50.58 -29.86
C LYS J 133 -76.06 -49.09 -29.52
N SER J 134 -75.14 -48.58 -28.70
CA SER J 134 -75.12 -47.13 -28.47
C SER J 134 -74.78 -46.39 -29.76
N TYR J 135 -73.82 -46.92 -30.53
CA TYR J 135 -73.48 -46.35 -31.83
C TYR J 135 -74.67 -46.38 -32.77
N LYS J 136 -75.42 -47.49 -32.80
CA LYS J 136 -76.61 -47.57 -33.63
C LYS J 136 -77.63 -46.53 -33.24
N LYS J 137 -77.89 -46.39 -31.93
CA LYS J 137 -78.88 -45.43 -31.46
C LYS J 137 -78.48 -44.01 -31.79
N MET J 138 -77.20 -43.67 -31.60
CA MET J 138 -76.76 -42.30 -31.84
C MET J 138 -76.69 -42.00 -33.33
N LEU J 139 -76.33 -42.99 -34.14
CA LEU J 139 -76.38 -42.83 -35.59
C LEU J 139 -77.81 -42.61 -36.07
N LYS J 140 -78.75 -43.34 -35.46
CA LYS J 140 -80.17 -43.12 -35.76
C LYS J 140 -80.59 -41.71 -35.38
N GLU J 141 -80.14 -41.22 -34.22
CA GLU J 141 -80.58 -39.94 -33.72
C GLU J 141 -79.90 -38.74 -34.39
N MET J 142 -78.79 -38.94 -35.10
CA MET J 142 -78.19 -37.81 -35.82
C MET J 142 -77.84 -38.11 -37.27
N GLY J 143 -78.10 -39.30 -37.77
CA GLY J 143 -78.00 -39.55 -39.20
C GLY J 143 -76.68 -40.09 -39.71
N GLU J 144 -75.59 -39.30 -39.57
CA GLU J 144 -74.29 -39.72 -40.07
C GLU J 144 -73.22 -39.37 -39.04
N VAL J 145 -72.28 -40.30 -38.86
CA VAL J 145 -71.21 -40.12 -37.88
C VAL J 145 -70.00 -39.47 -38.55
N ALA J 146 -69.09 -38.98 -37.72
CA ALA J 146 -67.81 -38.41 -38.14
C ALA J 146 -66.71 -39.17 -37.42
N PRO J 147 -65.46 -39.06 -37.88
CA PRO J 147 -64.35 -39.66 -37.13
C PRO J 147 -64.25 -39.15 -35.70
N GLU J 148 -64.91 -38.03 -35.38
CA GLU J 148 -64.97 -37.55 -34.01
C GLU J 148 -65.73 -38.52 -33.12
N TYR J 149 -66.85 -39.04 -33.61
CA TYR J 149 -67.70 -39.97 -32.86
C TYR J 149 -67.40 -41.39 -33.31
N ARG J 150 -66.30 -41.96 -32.82
CA ARG J 150 -66.00 -43.35 -33.13
C ARG J 150 -64.89 -43.85 -32.21
N HIS J 151 -64.75 -45.18 -32.17
CA HIS J 151 -63.70 -45.85 -31.42
C HIS J 151 -62.37 -45.91 -32.16
N ASP J 152 -62.35 -45.61 -33.45
CA ASP J 152 -61.13 -45.73 -34.24
C ASP J 152 -60.20 -44.54 -34.08
N SER J 153 -60.58 -43.53 -33.33
CA SER J 153 -59.70 -42.39 -33.09
C SER J 153 -58.44 -42.86 -32.37
N PRO J 154 -57.27 -42.35 -32.73
CA PRO J 154 -56.02 -42.84 -32.13
C PRO J 154 -55.73 -42.28 -30.74
N ASP J 155 -56.61 -41.47 -30.16
CA ASP J 155 -56.39 -40.84 -28.88
C ASP J 155 -57.41 -41.23 -27.83
N CYS J 156 -58.28 -42.20 -28.14
CA CYS J 156 -59.29 -42.63 -27.19
C CYS J 156 -58.66 -43.22 -25.93
N GLY J 157 -57.61 -44.03 -26.10
CA GLY J 157 -56.89 -44.53 -24.94
C GLY J 157 -56.17 -43.45 -24.18
N MET J 158 -55.67 -42.44 -24.89
CA MET J 158 -54.91 -41.39 -24.23
C MET J 158 -55.81 -40.45 -23.43
N ILE J 159 -57.09 -40.33 -23.79
CA ILE J 159 -58.01 -39.59 -22.93
C ILE J 159 -58.19 -40.29 -21.58
N ILE J 160 -58.38 -41.61 -21.62
CA ILE J 160 -58.47 -42.40 -20.39
C ILE J 160 -57.19 -42.24 -19.58
N LEU J 161 -56.05 -42.23 -20.26
CA LEU J 161 -54.79 -42.04 -19.55
C LEU J 161 -54.64 -40.63 -19.00
N CYS J 162 -55.31 -39.64 -19.61
CA CYS J 162 -55.36 -38.30 -19.02
C CYS J 162 -56.12 -38.32 -17.70
N ILE J 163 -57.25 -39.03 -17.66
CA ILE J 163 -57.96 -39.19 -16.39
C ILE J 163 -57.07 -39.88 -15.37
N ALA J 164 -56.32 -40.90 -15.82
CA ALA J 164 -55.38 -41.58 -14.93
C ALA J 164 -54.31 -40.62 -14.42
N ALA J 165 -53.84 -39.71 -15.27
CA ALA J 165 -52.85 -38.74 -14.86
C ALA J 165 -53.37 -37.82 -13.77
N LEU J 166 -54.63 -37.38 -13.91
CA LEU J 166 -55.23 -36.57 -12.84
C LEU J 166 -55.32 -37.37 -11.53
N VAL J 167 -55.75 -38.63 -11.62
CA VAL J 167 -55.80 -39.47 -10.43
C VAL J 167 -54.41 -39.58 -9.80
N ILE J 168 -53.38 -39.70 -10.63
CA ILE J 168 -52.01 -39.79 -10.13
C ILE J 168 -51.62 -38.50 -9.42
N THR J 169 -52.01 -37.35 -9.98
CA THR J 169 -51.73 -36.09 -9.30
C THR J 169 -52.32 -36.08 -7.91
N LYS J 170 -53.52 -36.63 -7.74
CA LYS J 170 -54.16 -36.62 -6.43
C LYS J 170 -53.90 -37.86 -5.58
N LEU J 171 -53.09 -38.80 -6.07
CA LEU J 171 -52.81 -40.02 -5.30
C LEU J 171 -52.08 -39.75 -3.99
N ALA J 172 -51.27 -38.69 -3.91
CA ALA J 172 -50.44 -38.49 -2.72
C ALA J 172 -51.25 -38.18 -1.47
N ALA J 173 -52.54 -37.87 -1.61
CA ALA J 173 -53.38 -37.59 -0.45
C ALA J 173 -53.63 -38.82 0.41
N GLY J 174 -53.33 -40.01 -0.08
CA GLY J 174 -53.46 -41.23 0.69
C GLY J 174 -54.80 -41.92 0.61
N ASP J 175 -55.79 -41.30 -0.04
CA ASP J 175 -57.12 -41.90 -0.16
C ASP J 175 -57.83 -41.21 -1.33
N ARG J 176 -59.11 -41.48 -1.47
CA ARG J 176 -59.89 -40.90 -2.57
C ARG J 176 -60.54 -39.59 -2.15
N SER J 177 -59.74 -38.69 -1.58
CA SER J 177 -60.22 -37.37 -1.20
C SER J 177 -60.03 -36.34 -2.30
N GLY J 178 -59.20 -36.64 -3.30
CA GLY J 178 -58.99 -35.74 -4.40
C GLY J 178 -59.89 -36.05 -5.58
N LEU J 179 -60.91 -36.87 -5.35
CA LEU J 179 -61.83 -37.24 -6.43
C LEU J 179 -62.57 -36.02 -6.98
N THR J 180 -63.00 -35.13 -6.08
CA THR J 180 -63.70 -33.92 -6.52
C THR J 180 -62.78 -33.04 -7.37
N ALA J 181 -61.53 -32.90 -6.95
CA ALA J 181 -60.56 -32.13 -7.75
C ALA J 181 -60.33 -32.78 -9.10
N VAL J 182 -60.25 -34.12 -9.13
CA VAL J 182 -60.07 -34.82 -10.40
C VAL J 182 -61.25 -34.55 -11.32
N ILE J 183 -62.47 -34.62 -10.80
CA ILE J 183 -63.65 -34.37 -11.62
C ILE J 183 -63.67 -32.93 -12.12
N ARG J 184 -63.36 -31.97 -11.24
CA ARG J 184 -63.36 -30.57 -11.63
C ARG J 184 -62.34 -30.29 -12.72
N ARG J 185 -61.12 -30.81 -12.57
CA ARG J 185 -60.09 -30.57 -13.57
C ARG J 185 -60.37 -31.32 -14.87
N ALA J 186 -61.01 -32.48 -14.79
CA ALA J 186 -61.38 -33.21 -15.99
C ALA J 186 -62.60 -32.59 -16.68
N ASN J 187 -63.33 -31.72 -15.99
CA ASN J 187 -64.36 -30.94 -16.67
C ASN J 187 -63.79 -29.67 -17.28
N ASN J 188 -62.85 -29.02 -16.59
CA ASN J 188 -62.18 -27.85 -17.16
C ASN J 188 -61.38 -28.26 -18.40
N VAL J 189 -60.38 -29.12 -18.22
CA VAL J 189 -59.72 -29.74 -19.35
C VAL J 189 -60.68 -30.75 -19.97
N LEU J 190 -60.47 -31.08 -21.23
CA LEU J 190 -61.19 -32.19 -21.89
C LEU J 190 -62.69 -31.91 -22.02
N LYS J 191 -63.11 -30.66 -22.03
CA LYS J 191 -64.54 -30.37 -22.18
C LYS J 191 -65.04 -30.67 -23.58
N ASN J 192 -64.21 -30.40 -24.60
CA ASN J 192 -64.55 -30.78 -25.96
C ASN J 192 -64.73 -32.29 -26.07
N GLU J 193 -63.85 -33.06 -25.42
CA GLU J 193 -64.02 -34.51 -25.42
C GLU J 193 -65.29 -34.92 -24.69
N MET J 194 -65.59 -34.27 -23.56
CA MET J 194 -66.80 -34.63 -22.83
C MET J 194 -68.05 -34.29 -23.62
N LYS J 195 -67.94 -33.35 -24.57
CA LYS J 195 -68.95 -33.29 -25.63
C LYS J 195 -68.88 -34.53 -26.51
N ARG J 196 -67.72 -34.76 -27.10
CA ARG J 196 -67.56 -35.68 -28.21
C ARG J 196 -67.81 -37.13 -27.83
N TYR J 197 -67.46 -37.53 -26.61
CA TYR J 197 -67.58 -38.92 -26.19
C TYR J 197 -68.72 -39.09 -25.18
N LYS J 198 -69.62 -40.02 -25.48
CA LYS J 198 -70.79 -40.26 -24.65
C LYS J 198 -70.44 -40.87 -23.31
N GLY J 199 -69.46 -41.76 -23.28
CA GLY J 199 -69.07 -42.50 -22.10
C GLY J 199 -67.91 -41.93 -21.34
N LEU J 200 -67.47 -40.72 -21.68
CA LEU J 200 -66.37 -40.08 -20.96
C LEU J 200 -66.94 -39.54 -19.67
N LEU J 201 -67.09 -40.40 -18.68
CA LEU J 201 -67.57 -40.00 -17.37
C LEU J 201 -66.38 -39.91 -16.43
N PRO J 202 -65.93 -38.71 -16.07
CA PRO J 202 -64.69 -38.60 -15.28
C PRO J 202 -64.74 -39.33 -13.96
N LYS J 203 -65.88 -39.33 -13.27
CA LYS J 203 -65.93 -39.90 -11.93
C LYS J 203 -65.77 -41.41 -11.97
N ASP J 204 -66.43 -42.08 -12.90
CA ASP J 204 -66.35 -43.54 -12.97
C ASP J 204 -64.95 -43.99 -13.35
N ILE J 205 -64.34 -43.34 -14.34
CA ILE J 205 -62.99 -43.69 -14.74
C ILE J 205 -62.00 -43.41 -13.61
N ALA J 206 -62.19 -42.28 -12.92
CA ALA J 206 -61.31 -41.96 -11.80
C ALA J 206 -61.43 -42.98 -10.69
N ASN J 207 -62.65 -43.43 -10.39
CA ASN J 207 -62.83 -44.46 -9.37
C ASN J 207 -62.20 -45.77 -9.80
N SER J 208 -62.32 -46.12 -11.08
CA SER J 208 -61.69 -47.34 -11.58
C SER J 208 -60.17 -47.27 -11.44
N PHE J 209 -59.58 -46.11 -11.75
CA PHE J 209 -58.13 -46.00 -11.64
C PHE J 209 -57.68 -45.97 -10.18
N TYR J 210 -58.47 -45.34 -9.31
CA TYR J 210 -58.19 -45.41 -7.88
C TYR J 210 -58.18 -46.86 -7.41
N GLU J 211 -59.19 -47.64 -7.80
CA GLU J 211 -59.25 -49.04 -7.42
C GLU J 211 -58.05 -49.83 -7.92
N VAL J 212 -57.70 -49.65 -9.20
CA VAL J 212 -56.62 -50.46 -9.75
C VAL J 212 -55.29 -50.06 -9.12
N PHE J 213 -55.10 -48.79 -8.78
CA PHE J 213 -53.87 -48.37 -8.14
C PHE J 213 -53.81 -48.87 -6.70
N GLU J 214 -54.96 -48.98 -6.03
CA GLU J 214 -54.96 -49.51 -4.68
C GLU J 214 -54.67 -51.01 -4.67
N LYS J 215 -55.26 -51.76 -5.61
CA LYS J 215 -55.09 -53.21 -5.58
C LYS J 215 -53.71 -53.63 -6.06
N HIS J 216 -53.18 -52.96 -7.08
CA HIS J 216 -51.90 -53.32 -7.69
C HIS J 216 -50.92 -52.15 -7.56
N PRO J 217 -50.13 -52.11 -6.49
CA PRO J 217 -49.16 -51.01 -6.34
C PRO J 217 -48.08 -51.00 -7.41
N HIS J 218 -47.83 -52.12 -8.10
CA HIS J 218 -46.85 -52.11 -9.18
C HIS J 218 -47.36 -51.37 -10.40
N PHE J 219 -48.68 -51.26 -10.56
CA PHE J 219 -49.23 -50.49 -11.67
C PHE J 219 -48.94 -49.00 -11.51
N ILE J 220 -48.80 -48.53 -10.28
CA ILE J 220 -48.40 -47.13 -10.08
C ILE J 220 -47.00 -46.91 -10.63
N ASP J 221 -46.08 -47.83 -10.34
CA ASP J 221 -44.73 -47.73 -10.87
C ASP J 221 -44.72 -47.80 -12.38
N VAL J 222 -45.48 -48.75 -12.95
CA VAL J 222 -45.54 -48.90 -14.40
C VAL J 222 -46.10 -47.63 -15.03
N PHE J 223 -47.16 -47.08 -14.47
CA PHE J 223 -47.79 -45.89 -15.04
C PHE J 223 -46.89 -44.67 -14.92
N VAL J 224 -46.18 -44.52 -13.80
CA VAL J 224 -45.29 -43.38 -13.65
C VAL J 224 -44.16 -43.45 -14.67
N HIS J 225 -43.59 -44.64 -14.87
CA HIS J 225 -42.50 -44.72 -15.84
C HIS J 225 -43.02 -44.64 -17.27
N PHE J 226 -44.25 -45.09 -17.52
CA PHE J 226 -44.86 -44.84 -18.83
C PHE J 226 -45.06 -43.35 -19.07
N GLY J 227 -45.50 -42.62 -18.06
CA GLY J 227 -45.70 -41.19 -18.21
C GLY J 227 -44.39 -40.45 -18.43
N ILE J 228 -43.32 -40.91 -17.79
CA ILE J 228 -42.02 -40.30 -18.02
C ILE J 228 -41.53 -40.61 -19.44
N ALA J 229 -41.73 -41.84 -19.90
CA ALA J 229 -41.31 -42.20 -21.26
C ALA J 229 -42.12 -41.46 -22.31
N GLN J 230 -43.43 -41.31 -22.07
CA GLN J 230 -44.28 -40.57 -22.99
C GLN J 230 -43.90 -39.09 -23.04
N SER J 231 -43.57 -38.51 -21.88
CA SER J 231 -43.17 -37.11 -21.83
C SER J 231 -41.77 -36.89 -22.38
N SER J 232 -41.03 -37.94 -22.68
CA SER J 232 -39.71 -37.83 -23.29
C SER J 232 -39.74 -37.94 -24.81
N THR J 233 -40.92 -37.97 -25.41
CA THR J 233 -41.02 -38.07 -26.86
C THR J 233 -40.71 -36.71 -27.50
N ARG J 234 -40.43 -36.76 -28.80
CA ARG J 234 -40.15 -35.55 -29.57
C ARG J 234 -41.40 -34.75 -29.90
N GLY J 235 -42.57 -35.38 -29.82
CA GLY J 235 -43.80 -34.69 -30.13
C GLY J 235 -44.94 -35.68 -30.22
N GLY J 236 -46.12 -35.15 -30.55
CA GLY J 236 -47.29 -35.99 -30.66
C GLY J 236 -48.52 -35.16 -30.96
N SER J 237 -49.68 -35.77 -30.73
CA SER J 237 -50.96 -35.11 -30.93
C SER J 237 -51.24 -34.15 -29.78
N ARG J 238 -52.38 -33.46 -29.84
CA ARG J 238 -52.73 -32.51 -28.80
C ARG J 238 -53.19 -33.21 -27.54
N VAL J 239 -53.80 -34.40 -27.67
CA VAL J 239 -54.22 -35.15 -26.51
C VAL J 239 -53.00 -35.67 -25.75
N GLU J 240 -51.95 -36.05 -26.47
CA GLU J 240 -50.71 -36.45 -25.80
C GLU J 240 -50.07 -35.27 -25.10
N GLY J 241 -50.18 -34.08 -25.67
CA GLY J 241 -49.72 -32.88 -24.98
C GLY J 241 -50.51 -32.60 -23.73
N ILE J 242 -51.82 -32.81 -23.78
CA ILE J 242 -52.64 -32.66 -22.58
C ILE J 242 -52.21 -33.65 -21.52
N PHE J 243 -51.97 -34.90 -21.93
CA PHE J 243 -51.53 -35.92 -20.97
C PHE J 243 -50.20 -35.54 -20.35
N ALA J 244 -49.26 -35.04 -21.14
CA ALA J 244 -47.97 -34.65 -20.60
C ALA J 244 -48.11 -33.49 -19.62
N GLY J 245 -48.94 -32.52 -19.96
CA GLY J 245 -49.16 -31.39 -19.06
C GLY J 245 -49.80 -31.81 -17.74
N LEU J 246 -50.79 -32.72 -17.82
CA LEU J 246 -51.44 -33.20 -16.60
C LEU J 246 -50.55 -34.12 -15.80
N PHE J 247 -49.66 -34.86 -16.47
CA PHE J 247 -48.75 -35.75 -15.75
C PHE J 247 -47.66 -34.99 -15.04
N MET J 248 -47.12 -33.94 -15.65
CA MET J 248 -46.10 -33.17 -14.94
C MET J 248 -46.73 -32.26 -13.88
N ASN J 249 -48.05 -32.16 -13.86
CA ASN J 249 -48.73 -31.54 -12.72
C ASN J 249 -48.58 -32.37 -11.45
N ALA J 250 -48.23 -33.65 -11.59
CA ALA J 250 -48.02 -34.53 -10.45
C ALA J 250 -46.61 -34.45 -9.90
N TYR J 251 -45.69 -33.79 -10.60
CA TYR J 251 -44.33 -33.67 -10.11
C TYR J 251 -44.30 -32.83 -8.85
N GLY J 252 -43.68 -33.36 -7.80
CA GLY J 252 -43.64 -32.68 -6.54
C GLY J 252 -44.87 -32.86 -5.67
N ALA J 253 -45.77 -33.75 -6.05
CA ALA J 253 -46.93 -34.03 -5.21
C ALA J 253 -46.49 -34.69 -3.91
N GLY J 254 -47.06 -34.24 -2.81
CA GLY J 254 -46.63 -34.69 -1.49
C GLY J 254 -45.48 -33.91 -0.91
N GLN J 255 -44.95 -32.91 -1.62
CA GLN J 255 -43.83 -32.11 -1.16
C GLN J 255 -44.13 -30.63 -1.31
N VAL J 256 -45.38 -30.22 -0.98
CA VAL J 256 -45.75 -28.83 -1.15
C VAL J 256 -45.00 -27.93 -0.18
N MET J 257 -44.58 -28.45 0.97
CA MET J 257 -43.97 -27.60 1.98
C MET J 257 -42.62 -27.07 1.53
N LEU J 258 -41.89 -27.84 0.71
CA LEU J 258 -40.63 -27.34 0.18
C LEU J 258 -40.85 -26.12 -0.71
N ARG J 259 -41.85 -26.20 -1.58
CA ARG J 259 -42.17 -25.08 -2.46
C ARG J 259 -42.67 -23.89 -1.65
N TRP J 260 -43.50 -24.13 -0.64
CA TRP J 260 -43.99 -23.03 0.17
C TRP J 260 -42.90 -22.42 1.04
N GLY J 261 -41.90 -23.21 1.43
CA GLY J 261 -40.76 -22.64 2.13
C GLY J 261 -39.92 -21.76 1.23
N VAL J 262 -39.71 -22.19 -0.01
CA VAL J 262 -39.02 -21.33 -0.97
C VAL J 262 -39.82 -20.05 -1.19
N LEU J 263 -41.15 -20.17 -1.22
CA LEU J 263 -41.99 -18.98 -1.36
C LEU J 263 -41.85 -18.04 -0.16
N ALA J 264 -41.85 -18.60 1.05
CA ALA J 264 -41.72 -17.76 2.24
C ALA J 264 -40.36 -17.09 2.29
N LYS J 265 -39.33 -17.75 1.75
CA LYS J 265 -38.05 -17.08 1.60
C LYS J 265 -38.14 -15.95 0.60
N SER J 266 -38.88 -16.16 -0.50
CA SER J 266 -38.94 -15.15 -1.56
C SER J 266 -39.67 -13.90 -1.10
N VAL J 267 -40.81 -14.05 -0.42
CA VAL J 267 -41.52 -12.88 0.09
C VAL J 267 -40.90 -12.32 1.36
N LYS J 268 -39.84 -12.96 1.86
CA LYS J 268 -39.00 -12.39 2.92
C LYS J 268 -39.79 -12.17 4.21
N ASN J 269 -40.53 -13.20 4.61
CA ASN J 269 -41.31 -13.14 5.83
C ASN J 269 -40.38 -12.93 7.03
N ILE J 270 -40.78 -12.04 7.94
CA ILE J 270 -39.91 -11.68 9.05
C ILE J 270 -39.79 -12.81 10.06
N MET J 271 -40.86 -13.59 10.26
CA MET J 271 -40.81 -14.64 11.27
C MET J 271 -39.84 -15.76 10.91
N LEU J 272 -39.13 -15.66 9.79
CA LEU J 272 -37.99 -16.52 9.55
C LEU J 272 -36.79 -16.09 10.38
N GLY J 273 -36.84 -14.91 10.98
CA GLY J 273 -35.82 -14.41 11.88
C GLY J 273 -36.04 -14.72 13.34
N HIS J 274 -37.10 -15.45 13.67
CA HIS J 274 -37.34 -15.85 15.05
C HIS J 274 -36.23 -16.76 15.54
N ALA J 275 -36.17 -16.94 16.87
CA ALA J 275 -35.06 -17.68 17.46
C ALA J 275 -35.12 -19.16 17.10
N SER J 276 -36.29 -19.78 17.27
CA SER J 276 -36.41 -21.22 17.04
C SER J 276 -36.27 -21.57 15.56
N VAL J 277 -36.80 -20.71 14.68
CA VAL J 277 -36.62 -20.94 13.25
C VAL J 277 -35.14 -20.93 12.90
N GLN J 278 -34.39 -19.97 13.44
CA GLN J 278 -32.97 -19.93 13.17
C GLN J 278 -32.24 -21.09 13.81
N ALA J 279 -32.78 -21.64 14.91
CA ALA J 279 -32.21 -22.85 15.47
C ALA J 279 -32.35 -24.02 14.50
N GLU J 280 -33.49 -24.13 13.83
CA GLU J 280 -33.74 -25.24 12.92
C GLU J 280 -33.17 -25.03 11.52
N MET J 281 -32.71 -23.81 11.19
CA MET J 281 -32.29 -23.51 9.83
C MET J 281 -31.17 -24.43 9.33
N GLU J 282 -30.32 -24.92 10.23
CA GLU J 282 -29.23 -25.79 9.79
C GLU J 282 -29.77 -27.06 9.13
N GLN J 283 -30.68 -27.76 9.82
CA GLN J 283 -31.25 -28.97 9.26
C GLN J 283 -32.24 -28.67 8.14
N VAL J 284 -32.86 -27.49 8.14
CA VAL J 284 -33.70 -27.14 7.01
C VAL J 284 -32.88 -27.02 5.73
N VAL J 285 -31.73 -26.34 5.81
CA VAL J 285 -30.85 -26.23 4.65
C VAL J 285 -30.30 -27.60 4.28
N GLU J 286 -30.05 -28.44 5.29
CA GLU J 286 -29.70 -29.83 5.03
C GLU J 286 -30.73 -30.53 4.14
N VAL J 287 -32.01 -30.40 4.49
CA VAL J 287 -33.07 -31.06 3.72
C VAL J 287 -33.14 -30.49 2.30
N TYR J 288 -33.03 -29.17 2.17
CA TYR J 288 -33.11 -28.57 0.84
C TYR J 288 -31.95 -29.00 -0.06
N GLU J 289 -30.74 -29.05 0.50
CA GLU J 289 -29.60 -29.54 -0.26
C GLU J 289 -29.78 -31.00 -0.65
N TYR J 290 -30.38 -31.79 0.25
CA TYR J 290 -30.68 -33.18 -0.10
C TYR J 290 -31.66 -33.27 -1.27
N ALA J 291 -32.70 -32.44 -1.25
CA ALA J 291 -33.68 -32.46 -2.33
C ALA J 291 -33.03 -32.09 -3.65
N GLN J 292 -32.15 -31.09 -3.64
CA GLN J 292 -31.45 -30.70 -4.85
C GLN J 292 -30.49 -31.77 -5.34
N LYS J 293 -29.80 -32.46 -4.43
CA LYS J 293 -28.90 -33.54 -4.84
C LYS J 293 -29.68 -34.68 -5.47
N LEU J 294 -30.86 -34.98 -4.91
CA LEU J 294 -31.73 -35.98 -5.53
C LEU J 294 -32.13 -35.54 -6.93
N GLY J 295 -32.61 -34.31 -7.07
CA GLY J 295 -32.93 -33.78 -8.38
C GLY J 295 -34.27 -34.20 -8.93
N GLY J 296 -34.29 -34.61 -10.20
CA GLY J 296 -35.53 -34.90 -10.89
C GLY J 296 -36.27 -36.11 -10.38
N GLU J 297 -35.55 -37.16 -9.98
CA GLU J 297 -36.21 -38.39 -9.55
C GLU J 297 -37.04 -38.18 -8.30
N ALA J 298 -36.72 -37.17 -7.49
CA ALA J 298 -37.40 -36.97 -6.22
C ALA J 298 -38.82 -36.43 -6.38
N GLY J 299 -39.22 -36.01 -7.58
CA GLY J 299 -40.54 -35.42 -7.75
C GLY J 299 -41.67 -36.41 -7.70
N PHE J 300 -41.38 -37.71 -7.77
CA PHE J 300 -42.40 -38.75 -7.74
C PHE J 300 -42.20 -39.71 -6.58
N TYR J 301 -41.47 -39.28 -5.54
CA TYR J 301 -41.20 -40.17 -4.41
C TYR J 301 -42.48 -40.49 -3.64
N HIS J 302 -43.33 -39.50 -3.40
CA HIS J 302 -44.54 -39.73 -2.62
C HIS J 302 -45.62 -40.44 -3.41
N ILE J 303 -45.68 -40.21 -4.72
CA ILE J 303 -46.63 -40.96 -5.54
C ILE J 303 -46.25 -42.43 -5.58
N LEU J 304 -44.96 -42.72 -5.74
CA LEU J 304 -44.47 -44.08 -5.81
C LEU J 304 -44.35 -44.74 -4.45
N ASN J 305 -44.58 -44.00 -3.36
CA ASN J 305 -44.34 -44.48 -2.01
C ASN J 305 -42.88 -44.91 -1.83
N ASN J 306 -41.97 -44.12 -2.37
CA ASN J 306 -40.56 -44.39 -2.18
C ASN J 306 -40.22 -44.28 -0.70
N PRO J 307 -39.47 -45.24 -0.15
CA PRO J 307 -39.16 -45.19 1.29
C PRO J 307 -38.40 -43.95 1.70
N LYS J 308 -37.59 -43.38 0.81
CA LYS J 308 -36.84 -42.17 1.10
C LYS J 308 -37.69 -40.91 0.99
N ALA J 309 -39.01 -41.04 0.85
CA ALA J 309 -39.87 -39.87 0.84
C ALA J 309 -39.88 -39.16 2.19
N SER J 310 -39.77 -39.92 3.28
CA SER J 310 -39.80 -39.34 4.61
C SER J 310 -38.61 -38.45 4.89
N LEU J 311 -37.52 -38.59 4.13
CA LEU J 311 -36.35 -37.76 4.34
C LEU J 311 -36.52 -36.34 3.83
N LEU J 312 -37.52 -36.10 2.99
CA LEU J 312 -37.78 -34.79 2.43
C LEU J 312 -38.76 -33.98 3.27
N SER J 313 -39.27 -34.55 4.36
CA SER J 313 -40.29 -33.89 5.16
C SER J 313 -39.71 -32.68 5.88
N LEU J 314 -40.55 -31.67 6.05
CA LEU J 314 -40.20 -30.49 6.82
C LEU J 314 -41.02 -30.36 8.10
N THR J 315 -41.99 -31.24 8.33
CA THR J 315 -42.77 -31.19 9.56
C THR J 315 -41.96 -31.61 10.77
N GLN J 316 -40.77 -32.17 10.56
CA GLN J 316 -39.83 -32.49 11.62
C GLN J 316 -39.14 -31.25 12.19
N PHE J 317 -39.51 -30.08 11.65
CA PHE J 317 -39.07 -28.78 12.16
C PHE J 317 -40.33 -27.97 12.42
N PRO J 318 -40.94 -28.12 13.60
CA PRO J 318 -42.26 -27.52 13.83
C PRO J 318 -42.30 -26.01 13.66
N HIS J 319 -41.25 -25.30 14.06
CA HIS J 319 -41.29 -23.85 14.00
C HIS J 319 -41.20 -23.35 12.55
N PHE J 320 -40.25 -23.88 11.78
CA PHE J 320 -40.13 -23.50 10.38
C PHE J 320 -41.37 -23.90 9.60
N SER J 321 -41.90 -25.08 9.86
CA SER J 321 -43.12 -25.53 9.19
C SER J 321 -44.29 -24.62 9.52
N SER J 322 -44.41 -24.22 10.79
CA SER J 322 -45.49 -23.33 11.19
C SER J 322 -45.37 -21.97 10.51
N VAL J 323 -44.15 -21.44 10.43
CA VAL J 323 -43.96 -20.17 9.75
C VAL J 323 -44.32 -20.29 8.27
N VAL J 324 -43.94 -21.41 7.64
CA VAL J 324 -44.22 -21.61 6.23
C VAL J 324 -45.72 -21.72 5.98
N LEU J 325 -46.43 -22.48 6.81
CA LEU J 325 -47.88 -22.58 6.68
C LEU J 325 -48.55 -21.22 6.92
N GLY J 326 -48.06 -20.47 7.90
CA GLY J 326 -48.62 -19.15 8.13
C GLY J 326 -48.44 -18.23 6.95
N ASN J 327 -47.24 -18.24 6.35
CA ASN J 327 -47.01 -17.41 5.17
C ASN J 327 -47.91 -17.84 4.01
N ALA J 328 -48.09 -19.15 3.83
CA ALA J 328 -48.96 -19.63 2.78
C ALA J 328 -50.40 -19.18 3.00
N ALA J 329 -50.88 -19.26 4.24
CA ALA J 329 -52.25 -18.87 4.53
C ALA J 329 -52.45 -17.36 4.39
N GLY J 330 -51.43 -16.60 4.75
CA GLY J 330 -51.52 -15.14 4.63
C GLY J 330 -51.57 -14.69 3.19
N LEU J 331 -50.81 -15.34 2.32
CA LEU J 331 -50.81 -14.99 0.91
C LEU J 331 -52.06 -15.47 0.19
N GLY J 332 -52.92 -16.23 0.85
CA GLY J 332 -54.18 -16.66 0.26
C GLY J 332 -54.06 -17.79 -0.73
N ILE J 333 -53.04 -18.65 -0.60
CA ILE J 333 -52.87 -19.78 -1.49
C ILE J 333 -52.99 -21.12 -0.80
N MET J 334 -53.30 -21.16 0.50
CA MET J 334 -53.27 -22.43 1.21
C MET J 334 -54.50 -23.28 0.90
N GLY J 335 -55.60 -22.63 0.51
CA GLY J 335 -56.78 -23.38 0.09
C GLY J 335 -57.35 -24.22 1.22
N GLU J 336 -57.63 -25.49 0.91
CA GLU J 336 -58.09 -26.46 1.89
C GLU J 336 -56.99 -27.41 2.33
N TYR J 337 -55.76 -26.92 2.39
CA TYR J 337 -54.64 -27.77 2.78
C TYR J 337 -54.86 -28.23 4.21
N ARG J 338 -54.94 -29.54 4.42
CA ARG J 338 -55.42 -30.10 5.67
C ARG J 338 -54.28 -30.40 6.63
N GLY J 339 -53.05 -30.03 6.27
CA GLY J 339 -51.98 -30.01 7.23
C GLY J 339 -52.12 -28.85 8.20
N THR J 340 -51.81 -29.10 9.46
CA THR J 340 -52.07 -28.12 10.51
C THR J 340 -50.77 -27.70 11.18
N PRO J 341 -50.64 -26.44 11.58
CA PRO J 341 -49.41 -26.01 12.24
C PRO J 341 -49.29 -26.64 13.61
N ARG J 342 -48.05 -26.86 14.05
CA ARG J 342 -47.80 -27.36 15.40
C ARG J 342 -47.15 -26.32 16.29
N ASN J 343 -47.04 -25.08 15.82
CA ASN J 343 -46.74 -23.91 16.62
C ASN J 343 -47.74 -22.83 16.21
N GLN J 344 -48.85 -22.74 16.94
CA GLN J 344 -49.93 -21.85 16.54
C GLN J 344 -49.49 -20.39 16.55
N ASP J 345 -48.63 -20.03 17.51
CA ASP J 345 -48.22 -18.64 17.64
C ASP J 345 -47.42 -18.17 16.43
N LEU J 346 -46.42 -18.94 16.02
CA LEU J 346 -45.64 -18.58 14.84
C LEU J 346 -46.50 -18.60 13.59
N TYR J 347 -47.43 -19.55 13.51
CA TYR J 347 -48.36 -19.60 12.39
C TYR J 347 -49.16 -18.30 12.29
N ASP J 348 -49.74 -17.85 13.40
CA ASP J 348 -50.53 -16.63 13.38
C ASP J 348 -49.67 -15.42 13.07
N ALA J 349 -48.48 -15.34 13.64
CA ALA J 349 -47.61 -14.19 13.37
C ALA J 349 -47.22 -14.12 11.91
N ALA J 350 -46.83 -15.25 11.32
CA ALA J 350 -46.47 -15.27 9.90
C ALA J 350 -47.67 -14.97 9.02
N LYS J 351 -48.84 -15.49 9.37
CA LYS J 351 -50.04 -15.20 8.61
C LYS J 351 -50.36 -13.71 8.62
N ALA J 352 -50.27 -13.08 9.79
CA ALA J 352 -50.53 -11.65 9.88
C ALA J 352 -49.53 -10.85 9.06
N TYR J 353 -48.24 -11.19 9.16
CA TYR J 353 -47.26 -10.43 8.39
C TYR J 353 -47.48 -10.61 6.90
N ALA J 354 -47.83 -11.82 6.47
CA ALA J 354 -48.06 -12.06 5.06
C ALA J 354 -49.29 -11.30 4.56
N GLU J 355 -50.29 -11.15 5.42
CA GLU J 355 -51.45 -10.34 5.05
C GLU J 355 -51.07 -8.88 4.91
N GLN J 356 -50.31 -8.32 5.86
CA GLN J 356 -49.86 -6.94 5.70
C GLN J 356 -48.82 -6.80 4.60
N LEU J 357 -48.31 -7.90 4.06
CA LEU J 357 -47.41 -7.78 2.90
C LEU J 357 -48.15 -7.35 1.64
N LYS J 358 -49.47 -7.19 1.70
CA LYS J 358 -50.21 -6.81 0.50
C LYS J 358 -50.76 -5.40 0.59
N GLU J 359 -51.30 -4.99 1.74
CA GLU J 359 -51.67 -3.59 1.94
C GLU J 359 -50.43 -2.74 2.18
N ASN J 360 -49.51 -3.23 2.99
CA ASN J 360 -48.26 -2.53 3.31
C ASN J 360 -47.17 -3.23 2.51
N GLY J 361 -46.89 -2.70 1.31
CA GLY J 361 -46.17 -3.46 0.31
C GLY J 361 -44.99 -4.25 0.84
N VAL J 362 -43.94 -3.55 1.27
CA VAL J 362 -42.75 -4.19 1.81
C VAL J 362 -42.27 -3.37 2.99
N ILE J 363 -41.39 -3.96 3.80
CA ILE J 363 -40.79 -3.28 4.93
C ILE J 363 -39.29 -3.18 4.67
N ASN J 364 -38.77 -1.96 4.69
CA ASN J 364 -37.34 -1.75 4.62
C ASN J 364 -36.71 -2.07 5.96
N TYR J 365 -35.39 -2.21 5.96
CA TYR J 365 -34.66 -2.46 7.20
C TYR J 365 -33.66 -1.32 7.41
N SER J 366 -34.16 -0.10 7.27
CA SER J 366 -33.42 1.12 7.57
C SER J 366 -33.13 1.21 9.06
N VAL J 367 -33.93 0.53 9.88
CA VAL J 367 -33.59 0.31 11.27
C VAL J 367 -32.19 -0.31 11.30
N LEU J 368 -31.44 -0.06 12.36
CA LEU J 368 -30.05 -0.52 12.42
C LEU J 368 -29.18 0.10 11.33
N ASP J 369 -28.83 1.38 11.50
CA ASP J 369 -27.83 2.15 10.73
C ASP J 369 -28.31 2.79 9.44
N LEU J 370 -29.62 2.87 9.17
CA LEU J 370 -30.07 3.67 8.03
C LEU J 370 -31.36 4.43 8.34
N ALA K 2 -14.47 25.71 -20.00
CA ALA K 2 -15.32 24.64 -19.48
C ALA K 2 -16.78 25.02 -19.56
N LEU K 3 -17.60 24.10 -20.07
CA LEU K 3 -19.02 24.39 -20.23
C LEU K 3 -19.75 24.45 -18.90
N SER K 4 -19.13 23.94 -17.83
CA SER K 4 -19.77 23.94 -16.53
C SER K 4 -19.87 25.32 -15.91
N LYS K 5 -19.08 26.30 -16.37
CA LYS K 5 -19.14 27.65 -15.84
C LYS K 5 -20.00 28.58 -16.67
N VAL K 6 -20.76 28.07 -17.63
CA VAL K 6 -21.74 28.87 -18.36
C VAL K 6 -23.00 28.83 -17.51
N LYS K 7 -23.06 29.66 -16.48
CA LYS K 7 -24.17 29.64 -15.55
C LYS K 7 -24.40 31.03 -15.00
N LEU K 8 -25.64 31.30 -14.61
CA LEU K 8 -26.05 32.58 -14.05
C LEU K 8 -26.98 32.33 -12.88
N ASN K 9 -26.68 32.94 -11.74
CA ASN K 9 -27.49 32.81 -10.54
C ASN K 9 -28.42 34.01 -10.43
N ASP K 10 -29.52 33.94 -11.18
CA ASP K 10 -30.41 35.09 -11.32
C ASP K 10 -31.19 35.36 -10.04
N THR K 11 -31.68 34.31 -9.38
CA THR K 11 -32.47 34.50 -8.17
C THR K 11 -31.66 35.19 -7.08
N LEU K 12 -30.44 34.70 -6.86
CA LEU K 12 -29.58 35.27 -5.82
C LEU K 12 -29.15 36.68 -6.17
N ASN K 13 -28.88 36.94 -7.44
CA ASN K 13 -28.50 38.29 -7.86
C ASN K 13 -29.64 39.28 -7.70
N LYS K 14 -30.86 38.87 -8.05
CA LYS K 14 -32.02 39.71 -7.82
C LYS K 14 -32.22 39.99 -6.33
N ASP K 15 -32.06 38.97 -5.50
CA ASP K 15 -32.18 39.19 -4.06
C ASP K 15 -31.13 40.16 -3.56
N GLN K 16 -29.89 40.03 -4.03
CA GLN K 16 -28.85 40.95 -3.58
C GLN K 16 -29.13 42.37 -4.06
N LEU K 17 -29.67 42.52 -5.27
CA LEU K 17 -30.03 43.85 -5.75
C LEU K 17 -31.12 44.47 -4.89
N LEU K 18 -32.13 43.68 -4.52
CA LEU K 18 -33.23 44.22 -3.73
C LEU K 18 -32.85 44.47 -2.28
N SER K 19 -31.92 43.68 -1.74
CA SER K 19 -31.53 43.82 -0.33
C SER K 19 -30.43 44.83 -0.11
N SER K 20 -29.74 45.28 -1.16
CA SER K 20 -28.65 46.23 -1.02
C SER K 20 -29.00 47.61 -1.57
N SER K 21 -30.28 47.96 -1.60
CA SER K 21 -30.68 49.29 -2.05
C SER K 21 -30.20 50.34 -1.07
N LYS K 22 -29.68 51.44 -1.60
CA LYS K 22 -29.17 52.53 -0.78
C LYS K 22 -30.10 53.75 -0.78
N TYR K 23 -31.31 53.61 -1.31
CA TYR K 23 -32.33 54.63 -1.22
C TYR K 23 -33.63 53.97 -0.77
N THR K 24 -34.47 54.72 -0.07
CA THR K 24 -35.71 54.19 0.48
C THR K 24 -36.88 55.10 0.11
N ILE K 25 -38.04 54.48 -0.07
CA ILE K 25 -39.27 55.22 -0.28
C ILE K 25 -40.01 55.33 1.05
N GLN K 26 -40.97 56.26 1.10
CA GLN K 26 -41.77 56.46 2.30
C GLN K 26 -43.17 56.82 1.85
N ARG K 27 -44.11 55.90 2.02
CA ARG K 27 -45.47 56.05 1.56
C ARG K 27 -46.27 56.91 2.55
N SER K 28 -47.39 57.43 2.08
CA SER K 28 -48.29 58.23 2.91
C SER K 28 -49.61 57.50 3.03
N THR K 29 -50.00 57.18 4.26
CA THR K 29 -51.21 56.39 4.48
C THR K 29 -52.46 57.15 4.07
N GLY K 30 -52.44 58.47 4.08
CA GLY K 30 -53.62 59.28 3.81
C GLY K 30 -54.35 59.71 5.07
N ASP K 31 -55.41 58.96 5.39
CA ASP K 31 -56.14 59.11 6.64
C ASP K 31 -55.22 58.85 7.84
N SER K 32 -55.45 59.62 8.90
CA SER K 32 -54.65 59.50 10.11
C SER K 32 -54.86 58.15 10.77
N ILE K 33 -53.80 57.59 11.34
CA ILE K 33 -53.85 56.32 12.05
C ILE K 33 -54.06 56.62 13.52
N ASP K 34 -55.07 55.99 14.11
CA ASP K 34 -55.28 56.01 15.55
C ASP K 34 -54.28 55.05 16.16
N THR K 35 -53.62 55.45 17.24
CA THR K 35 -52.66 54.56 17.88
C THR K 35 -53.02 54.39 19.35
N PRO K 36 -53.91 53.48 19.71
CA PRO K 36 -54.21 53.25 21.13
C PRO K 36 -53.01 52.66 21.86
N ASN K 37 -52.95 52.94 23.16
CA ASN K 37 -51.90 52.47 24.03
C ASN K 37 -52.46 51.39 24.95
N TYR K 38 -51.64 50.93 25.89
CA TYR K 38 -52.08 49.91 26.85
C TYR K 38 -53.24 50.40 27.71
N ASP K 39 -53.43 51.71 27.79
CA ASP K 39 -54.43 52.28 28.70
C ASP K 39 -55.83 51.84 28.33
N VAL K 40 -56.16 51.83 27.04
CA VAL K 40 -57.52 51.61 26.58
C VAL K 40 -57.74 50.17 26.11
N GLN K 41 -56.81 49.27 26.44
CA GLN K 41 -56.98 47.87 26.07
C GLN K 41 -58.22 47.27 26.72
N LYS K 42 -58.47 47.61 27.99
CA LYS K 42 -59.66 47.11 28.67
C LYS K 42 -60.93 47.60 27.99
N HIS K 43 -60.96 48.87 27.58
CA HIS K 43 -62.16 49.40 26.95
C HIS K 43 -62.38 48.80 25.57
N ILE K 44 -61.31 48.60 24.81
CA ILE K 44 -61.48 47.98 23.49
C ILE K 44 -61.93 46.53 23.63
N ASN K 45 -61.42 45.82 24.64
CA ASN K 45 -61.90 44.47 24.90
C ASN K 45 -63.37 44.48 25.32
N LYS K 46 -63.77 45.49 26.09
CA LYS K 46 -65.17 45.65 26.44
C LYS K 46 -66.03 45.83 25.19
N LEU K 47 -65.56 46.65 24.25
CA LEU K 47 -66.30 46.87 23.02
C LEU K 47 -66.43 45.58 22.21
N CYS K 48 -65.34 44.82 22.12
CA CYS K 48 -65.40 43.53 21.43
C CYS K 48 -66.37 42.57 22.11
N GLY K 49 -66.36 42.54 23.43
CA GLY K 49 -67.31 41.69 24.15
C GLY K 49 -68.74 42.11 23.93
N MET K 50 -69.01 43.41 23.92
CA MET K 50 -70.36 43.89 23.65
C MET K 50 -70.80 43.51 22.25
N LEU K 51 -69.90 43.58 21.28
CA LEU K 51 -70.23 43.10 19.93
C LEU K 51 -70.52 41.60 19.94
N LEU K 52 -69.77 40.83 20.72
CA LEU K 52 -69.93 39.38 20.71
C LEU K 52 -71.22 38.93 21.39
N ILE K 53 -71.62 39.57 22.50
CA ILE K 53 -72.83 39.13 23.20
C ILE K 53 -74.10 39.64 22.54
N THR K 54 -74.00 40.46 21.49
CA THR K 54 -75.16 41.05 20.84
C THR K 54 -75.62 40.10 19.74
N GLU K 55 -76.76 39.43 19.95
CA GLU K 55 -77.30 38.62 18.88
C GLU K 55 -77.83 39.48 17.73
N ASP K 56 -77.95 38.84 16.56
CA ASP K 56 -78.36 39.54 15.34
C ASP K 56 -77.59 40.84 15.17
N ALA K 57 -76.28 40.76 15.35
CA ALA K 57 -75.46 41.95 15.49
C ALA K 57 -75.11 42.57 14.15
N ASN K 58 -74.61 43.80 14.21
CA ASN K 58 -74.10 44.52 13.05
C ASN K 58 -72.58 44.53 13.16
N HIS K 59 -71.92 43.76 12.29
CA HIS K 59 -70.46 43.66 12.31
C HIS K 59 -69.78 44.52 11.25
N LYS K 60 -70.37 45.66 10.91
CA LYS K 60 -69.76 46.52 9.90
C LYS K 60 -68.42 47.09 10.38
N PHE K 61 -68.24 47.24 11.68
CA PHE K 61 -67.06 47.90 12.23
C PHE K 61 -66.18 46.95 13.03
N THR K 62 -66.43 45.64 12.96
CA THR K 62 -65.69 44.70 13.78
C THR K 62 -64.23 44.59 13.35
N GLY K 63 -63.96 44.71 12.05
CA GLY K 63 -62.58 44.65 11.60
C GLY K 63 -61.73 45.78 12.15
N LEU K 64 -62.27 47.00 12.13
CA LEU K 64 -61.54 48.14 12.68
C LEU K 64 -61.35 48.01 14.18
N ILE K 65 -62.36 47.51 14.89
CA ILE K 65 -62.24 47.36 16.34
C ILE K 65 -61.21 46.28 16.69
N GLY K 66 -61.19 45.20 15.92
CA GLY K 66 -60.16 44.19 16.13
C GLY K 66 -58.77 44.72 15.85
N MET K 67 -58.64 45.54 14.81
CA MET K 67 -57.35 46.16 14.53
C MET K 67 -56.93 47.08 15.67
N LEU K 68 -57.88 47.84 16.21
CA LEU K 68 -57.57 48.70 17.35
C LEU K 68 -57.14 47.87 18.56
N TYR K 69 -57.81 46.74 18.79
CA TYR K 69 -57.41 45.89 19.92
C TYR K 69 -56.00 45.34 19.73
N ALA K 70 -55.68 44.88 18.52
CA ALA K 70 -54.34 44.39 18.25
C ALA K 70 -53.30 45.49 18.47
N MET K 71 -53.58 46.69 17.97
CA MET K 71 -52.67 47.81 18.13
C MET K 71 -52.53 48.25 19.58
N SER K 72 -53.58 48.11 20.39
CA SER K 72 -53.48 48.44 21.80
C SER K 72 -52.68 47.38 22.55
N ARG K 73 -52.79 46.12 22.13
CA ARG K 73 -51.92 45.09 22.71
C ARG K 73 -50.46 45.35 22.38
N LEU K 74 -50.17 45.75 21.14
CA LEU K 74 -48.79 46.06 20.78
C LEU K 74 -48.27 47.25 21.56
N GLY K 75 -49.11 48.24 21.79
CA GLY K 75 -48.73 49.51 22.39
C GLY K 75 -48.47 50.56 21.32
N ARG K 76 -48.57 51.83 21.73
CA ARG K 76 -48.40 52.93 20.79
C ARG K 76 -46.98 52.99 20.25
N GLU K 77 -45.99 52.81 21.12
CA GLU K 77 -44.60 52.87 20.67
C GLU K 77 -44.32 51.83 19.59
N ASP K 78 -44.71 50.57 19.85
CA ASP K 78 -44.43 49.51 18.89
C ASP K 78 -45.28 49.66 17.63
N THR K 79 -46.52 50.12 17.76
CA THR K 79 -47.32 50.34 16.56
C THR K 79 -46.68 51.40 15.67
N ILE K 80 -46.24 52.51 16.27
CA ILE K 80 -45.58 53.56 15.50
C ILE K 80 -44.31 53.04 14.86
N LYS K 81 -43.52 52.27 15.62
CA LYS K 81 -42.26 51.76 15.09
C LYS K 81 -42.51 50.78 13.94
N ILE K 82 -43.56 49.96 14.05
CA ILE K 82 -43.92 49.06 12.96
C ILE K 82 -44.29 49.85 11.73
N LEU K 83 -45.08 50.91 11.89
CA LEU K 83 -45.51 51.69 10.73
C LEU K 83 -44.33 52.38 10.06
N ARG K 84 -43.40 52.93 10.84
CA ARG K 84 -42.18 53.48 10.23
C ARG K 84 -41.36 52.41 9.52
N ASP K 85 -41.12 51.28 10.17
CA ASP K 85 -40.30 50.24 9.56
C ASP K 85 -40.92 49.70 8.28
N ALA K 86 -42.26 49.71 8.19
CA ALA K 86 -42.91 49.31 6.95
C ALA K 86 -42.78 50.37 5.87
N GLY K 87 -42.28 51.55 6.21
CA GLY K 87 -42.11 52.61 5.24
C GLY K 87 -43.38 53.41 5.00
N TYR K 88 -43.95 53.96 6.07
CA TYR K 88 -45.17 54.74 5.99
C TYR K 88 -44.99 56.08 6.70
N HIS K 89 -45.61 57.11 6.16
CA HIS K 89 -45.79 58.37 6.87
C HIS K 89 -47.13 58.32 7.58
N VAL K 90 -47.09 58.39 8.91
CA VAL K 90 -48.27 58.16 9.73
C VAL K 90 -48.54 59.39 10.59
N LYS K 91 -49.80 59.79 10.64
CA LYS K 91 -50.28 60.81 11.58
C LYS K 91 -50.74 60.07 12.82
N ALA K 92 -49.86 60.01 13.82
CA ALA K 92 -50.17 59.28 15.03
C ALA K 92 -51.25 60.02 15.81
N ASN K 93 -52.39 59.36 16.02
CA ASN K 93 -53.55 59.94 16.67
C ASN K 93 -53.68 59.34 18.06
N GLY K 94 -53.65 60.21 19.08
CA GLY K 94 -53.77 59.74 20.44
C GLY K 94 -55.20 59.28 20.73
N VAL K 95 -55.33 58.15 21.40
CA VAL K 95 -56.61 57.60 21.78
C VAL K 95 -56.71 57.64 23.29
N ASP K 96 -57.76 58.27 23.80
CA ASP K 96 -58.02 58.32 25.22
C ASP K 96 -59.52 58.22 25.45
N VAL K 97 -59.86 57.81 26.65
CA VAL K 97 -61.25 57.52 27.01
C VAL K 97 -61.89 58.77 27.61
N THR K 98 -63.14 59.02 27.23
CA THR K 98 -63.90 60.13 27.78
C THR K 98 -65.35 59.70 27.92
N THR K 99 -66.10 60.48 28.69
CA THR K 99 -67.52 60.24 28.90
C THR K 99 -68.37 61.12 27.98
N HIS K 100 -69.50 60.57 27.55
CA HIS K 100 -70.48 61.29 26.74
C HIS K 100 -71.84 61.06 27.37
N ARG K 101 -72.62 62.13 27.48
CA ARG K 101 -73.93 62.08 28.12
C ARG K 101 -75.00 62.33 27.06
N GLN K 102 -75.95 61.41 26.94
CA GLN K 102 -77.08 61.65 26.05
C GLN K 102 -78.34 61.04 26.63
N ASP K 103 -79.47 61.54 26.15
CA ASP K 103 -80.79 61.15 26.63
C ASP K 103 -81.47 60.25 25.61
N ILE K 104 -81.54 58.97 25.92
CA ILE K 104 -82.30 58.01 25.13
C ILE K 104 -83.45 57.49 25.99
N ASN K 105 -84.60 57.26 25.36
CA ASN K 105 -85.82 56.88 26.07
C ASN K 105 -86.25 57.98 27.04
N GLY K 106 -85.83 59.21 26.78
CA GLY K 106 -86.12 60.32 27.67
C GLY K 106 -85.41 60.27 29.00
N LYS K 107 -84.31 59.54 29.08
CA LYS K 107 -83.57 59.36 30.33
C LYS K 107 -82.11 59.69 30.13
N GLU K 108 -81.53 60.41 31.08
CA GLU K 108 -80.10 60.76 31.04
C GLU K 108 -79.28 59.49 31.17
N MET K 109 -78.25 59.35 30.34
CA MET K 109 -77.46 58.13 30.33
C MET K 109 -75.97 58.41 30.22
N LYS K 110 -75.21 57.64 30.99
CA LYS K 110 -73.77 57.73 31.09
C LYS K 110 -73.13 56.68 30.18
N PHE K 111 -72.37 57.15 29.19
CA PHE K 111 -71.55 56.29 28.34
C PHE K 111 -70.10 56.70 28.41
N GLU K 112 -69.22 55.72 28.37
CA GLU K 112 -67.78 55.93 28.36
C GLU K 112 -67.24 55.45 27.01
N VAL K 113 -66.74 56.39 26.21
CA VAL K 113 -66.35 56.11 24.83
C VAL K 113 -64.90 56.52 24.63
N LEU K 114 -64.40 56.29 23.42
CA LEU K 114 -63.02 56.56 23.04
C LEU K 114 -62.97 57.65 21.98
N THR K 115 -61.88 58.41 21.97
CA THR K 115 -61.63 59.40 20.93
C THR K 115 -60.93 58.71 19.76
N LEU K 116 -61.72 58.13 18.87
CA LEU K 116 -61.21 57.49 17.66
C LEU K 116 -61.68 58.29 16.47
N ALA K 117 -60.73 58.71 15.62
CA ALA K 117 -61.09 59.42 14.41
C ALA K 117 -61.79 58.51 13.42
N SER K 118 -61.44 57.22 13.40
CA SER K 118 -62.02 56.30 12.45
C SER K 118 -63.38 55.79 12.90
N LEU K 119 -63.67 55.87 14.20
CA LEU K 119 -64.89 55.31 14.77
C LEU K 119 -65.62 56.40 15.55
N THR K 120 -66.78 56.81 15.07
CA THR K 120 -67.50 57.91 15.69
C THR K 120 -68.16 57.49 17.00
N THR K 121 -68.55 58.49 17.79
CA THR K 121 -69.17 58.23 19.09
C THR K 121 -70.52 57.54 18.94
N GLU K 122 -71.31 57.93 17.93
CA GLU K 122 -72.61 57.31 17.72
C GLU K 122 -72.51 55.81 17.57
N ILE K 123 -71.47 55.34 16.87
CA ILE K 123 -71.33 53.92 16.61
C ILE K 123 -71.10 53.16 17.90
N GLN K 124 -70.19 53.66 18.75
CA GLN K 124 -69.93 53.02 20.03
C GLN K 124 -71.16 53.06 20.94
N ILE K 125 -71.87 54.19 20.95
CA ILE K 125 -73.09 54.29 21.75
C ILE K 125 -74.11 53.25 21.29
N ASN K 126 -74.29 53.11 19.98
CA ASN K 126 -75.28 52.18 19.46
C ASN K 126 -74.86 50.74 19.72
N ILE K 127 -73.56 50.46 19.66
CA ILE K 127 -73.06 49.14 20.02
C ILE K 127 -73.43 48.83 21.47
N GLU K 128 -73.22 49.78 22.37
CA GLU K 128 -73.59 49.57 23.77
C GLU K 128 -75.09 49.37 23.92
N ILE K 129 -75.90 50.14 23.20
CA ILE K 129 -77.36 50.02 23.31
C ILE K 129 -77.81 48.63 22.88
N GLU K 130 -77.33 48.17 21.72
CA GLU K 130 -77.71 46.86 21.23
C GLU K 130 -77.27 45.78 22.19
N SER K 131 -76.03 45.87 22.69
CA SER K 131 -75.52 44.88 23.62
C SER K 131 -76.36 44.87 24.91
N ARG K 132 -76.69 46.04 25.43
CA ARG K 132 -77.46 46.10 26.67
C ARG K 132 -78.83 45.49 26.51
N LYS K 133 -79.53 45.78 25.42
CA LYS K 133 -80.88 45.24 25.30
C LYS K 133 -80.87 43.76 24.95
N SER K 134 -79.87 43.29 24.19
CA SER K 134 -79.73 41.86 23.98
C SER K 134 -79.41 41.14 25.29
N TYR K 135 -78.55 41.73 26.11
CA TYR K 135 -78.25 41.20 27.43
C TYR K 135 -79.50 41.14 28.30
N LYS K 136 -80.31 42.20 28.27
CA LYS K 136 -81.56 42.20 29.04
C LYS K 136 -82.48 41.09 28.58
N LYS K 137 -82.65 40.93 27.27
CA LYS K 137 -83.54 39.91 26.75
C LYS K 137 -83.06 38.51 27.11
N MET K 138 -81.76 38.26 26.99
CA MET K 138 -81.24 36.92 27.26
C MET K 138 -81.23 36.63 28.75
N LEU K 139 -81.00 37.64 29.58
CA LEU K 139 -81.12 37.48 31.03
C LEU K 139 -82.56 37.17 31.41
N LYS K 140 -83.51 37.82 30.75
CA LYS K 140 -84.91 37.51 30.97
C LYS K 140 -85.22 36.07 30.56
N GLU K 141 -84.66 35.62 29.44
CA GLU K 141 -84.98 34.30 28.92
C GLU K 141 -84.27 33.16 29.63
N MET K 142 -83.22 33.43 30.41
CA MET K 142 -82.59 32.35 31.16
C MET K 142 -82.34 32.66 32.63
N GLY K 143 -82.71 33.84 33.13
CA GLY K 143 -82.70 34.09 34.55
C GLY K 143 -81.46 34.72 35.13
N GLU K 144 -80.33 34.02 35.07
CA GLU K 144 -79.08 34.52 35.63
C GLU K 144 -77.94 34.25 34.67
N VAL K 145 -77.05 35.24 34.53
CA VAL K 145 -75.91 35.14 33.63
C VAL K 145 -74.70 34.57 34.36
N ALA K 146 -73.71 34.14 33.60
CA ALA K 146 -72.42 33.67 34.09
C ALA K 146 -71.34 34.50 33.43
N PRO K 147 -70.11 34.48 33.97
CA PRO K 147 -69.01 35.15 33.27
C PRO K 147 -68.79 34.65 31.86
N GLU K 148 -69.35 33.50 31.52
CA GLU K 148 -69.28 33.01 30.15
C GLU K 148 -70.06 33.92 29.20
N TYR K 149 -71.25 34.37 29.63
CA TYR K 149 -72.11 35.23 28.82
C TYR K 149 -71.94 36.67 29.29
N ARG K 150 -70.86 37.31 28.85
CA ARG K 150 -70.67 38.72 29.18
C ARG K 150 -69.55 39.29 28.33
N HIS K 151 -69.50 40.63 28.29
CA HIS K 151 -68.46 41.38 27.59
C HIS K 151 -67.18 41.54 28.41
N ASP K 152 -67.21 41.23 29.71
CA ASP K 152 -66.06 41.43 30.56
C ASP K 152 -65.03 40.32 30.47
N SER K 153 -65.30 39.28 29.69
CA SER K 153 -64.33 38.20 29.51
C SER K 153 -63.06 38.75 28.86
N PRO K 154 -61.88 38.32 29.30
CA PRO K 154 -60.64 38.90 28.75
C PRO K 154 -60.22 38.37 27.40
N ASP K 155 -61.02 37.50 26.78
CA ASP K 155 -60.66 36.88 25.50
C ASP K 155 -61.66 37.21 24.40
N CYS K 156 -62.61 38.11 24.66
CA CYS K 156 -63.59 38.47 23.64
C CYS K 156 -62.93 39.11 22.43
N GLY K 157 -61.96 39.99 22.65
CA GLY K 157 -61.20 40.53 21.53
C GLY K 157 -60.36 39.50 20.82
N MET K 158 -59.83 38.53 21.55
CA MET K 158 -58.97 37.53 20.95
C MET K 158 -59.75 36.53 20.11
N ILE K 159 -61.04 36.32 20.39
CA ILE K 159 -61.86 35.52 19.48
C ILE K 159 -62.00 36.21 18.12
N ILE K 160 -62.28 37.51 18.15
CA ILE K 160 -62.35 38.29 16.91
C ILE K 160 -61.02 38.23 16.18
N LEU K 161 -59.92 38.30 16.92
CA LEU K 161 -58.61 38.19 16.28
C LEU K 161 -58.34 36.79 15.76
N CYS K 162 -58.97 35.76 16.32
CA CYS K 162 -58.89 34.42 15.73
C CYS K 162 -59.57 34.39 14.38
N ILE K 163 -60.74 35.01 14.27
CA ILE K 163 -61.40 35.13 12.96
C ILE K 163 -60.49 35.88 11.99
N ALA K 164 -59.84 36.95 12.48
CA ALA K 164 -58.90 37.69 11.64
C ALA K 164 -57.74 36.82 11.20
N ALA K 165 -57.27 35.93 12.08
CA ALA K 165 -56.17 35.03 11.73
C ALA K 165 -56.57 34.08 10.62
N LEU K 166 -57.80 33.55 10.68
CA LEU K 166 -58.29 32.71 9.59
C LEU K 166 -58.35 33.49 8.27
N VAL K 167 -58.87 34.72 8.33
CA VAL K 167 -58.90 35.56 7.13
C VAL K 167 -57.49 35.77 6.59
N ILE K 168 -56.52 35.96 7.48
CA ILE K 168 -55.13 36.14 7.05
C ILE K 168 -54.62 34.88 6.37
N THR K 169 -54.95 33.70 6.91
CA THR K 169 -54.55 32.46 6.26
C THR K 169 -55.06 32.41 4.83
N LYS K 170 -56.29 32.88 4.60
CA LYS K 170 -56.84 32.82 3.25
C LYS K 170 -56.61 34.08 2.42
N LEU K 171 -55.90 35.07 2.94
CA LEU K 171 -55.66 36.31 2.18
C LEU K 171 -54.84 36.09 0.92
N ALA K 172 -53.96 35.10 0.89
CA ALA K 172 -53.04 34.95 -0.24
C ALA K 172 -53.75 34.57 -1.54
N ALA K 173 -55.03 34.19 -1.47
CA ALA K 173 -55.77 33.84 -2.68
C ALA K 173 -56.07 35.05 -3.55
N GLY K 174 -55.88 36.27 -3.05
CA GLY K 174 -56.04 37.47 -3.84
C GLY K 174 -57.43 38.07 -3.84
N ASP K 175 -58.41 37.39 -3.26
CA ASP K 175 -59.78 37.89 -3.20
C ASP K 175 -60.51 37.15 -2.08
N ARG K 176 -61.82 37.34 -2.01
CA ARG K 176 -62.62 36.71 -0.97
C ARG K 176 -63.14 35.35 -1.41
N SER K 177 -62.25 34.50 -1.92
CA SER K 177 -62.62 33.15 -2.33
C SER K 177 -62.42 32.13 -1.22
N GLY K 178 -61.67 32.49 -0.18
CA GLY K 178 -61.47 31.61 0.95
C GLY K 178 -62.46 31.86 2.07
N LEU K 179 -63.52 32.60 1.78
CA LEU K 179 -64.52 32.91 2.80
C LEU K 179 -65.20 31.65 3.30
N THR K 180 -65.51 30.73 2.39
CA THR K 180 -66.15 29.48 2.79
C THR K 180 -65.23 28.66 3.69
N ALA K 181 -63.94 28.60 3.35
CA ALA K 181 -62.98 27.91 4.20
C ALA K 181 -62.87 28.57 5.56
N VAL K 182 -62.89 29.90 5.59
CA VAL K 182 -62.84 30.62 6.87
C VAL K 182 -64.04 30.27 7.73
N ILE K 183 -65.24 30.24 7.13
CA ILE K 183 -66.44 29.92 7.89
C ILE K 183 -66.39 28.48 8.38
N ARG K 184 -65.96 27.55 7.53
CA ARG K 184 -65.89 26.15 7.93
C ARG K 184 -64.91 25.94 9.08
N ARG K 185 -63.73 26.55 9.00
CA ARG K 185 -62.75 26.38 10.05
C ARG K 185 -63.16 27.10 11.33
N ALA K 186 -63.87 28.23 11.20
CA ALA K 186 -64.37 28.92 12.38
C ALA K 186 -65.56 28.22 13.01
N ASN K 187 -66.19 27.30 12.28
CA ASN K 187 -67.20 26.46 12.89
C ASN K 187 -66.58 25.23 13.54
N ASN K 188 -65.57 24.64 12.90
CA ASN K 188 -64.85 23.53 13.53
C ASN K 188 -64.16 23.99 14.81
N VAL K 189 -63.20 24.90 14.68
CA VAL K 189 -62.65 25.58 15.85
C VAL K 189 -63.73 26.53 16.40
N LEU K 190 -63.61 26.87 17.68
CA LEU K 190 -64.44 27.92 18.29
C LEU K 190 -65.93 27.54 18.33
N LYS K 191 -66.26 26.25 18.32
CA LYS K 191 -67.67 25.87 18.37
C LYS K 191 -68.28 26.14 19.76
N ASN K 192 -67.49 25.92 20.82
CA ASN K 192 -67.93 26.28 22.16
C ASN K 192 -68.22 27.77 22.25
N GLU K 193 -67.36 28.60 21.65
CA GLU K 193 -67.63 30.04 21.63
C GLU K 193 -68.88 30.36 20.82
N MET K 194 -69.07 29.69 19.68
CA MET K 194 -70.25 29.95 18.88
C MET K 194 -71.53 29.53 19.60
N LYS K 195 -71.41 28.61 20.55
CA LYS K 195 -72.47 28.48 21.57
C LYS K 195 -72.54 29.72 22.44
N ARG K 196 -71.43 30.03 23.09
CA ARG K 196 -71.40 30.96 24.22
C ARG K 196 -71.72 32.40 23.80
N TYR K 197 -71.33 32.82 22.60
CA TYR K 197 -71.53 34.20 22.18
C TYR K 197 -72.60 34.28 21.10
N LYS K 198 -73.59 35.14 21.34
CA LYS K 198 -74.73 35.30 20.44
C LYS K 198 -74.34 35.94 19.12
N GLY K 199 -73.42 36.89 19.15
CA GLY K 199 -73.02 37.65 17.99
C GLY K 199 -71.77 37.17 17.30
N LEU K 200 -71.27 36.00 17.67
CA LEU K 200 -70.09 35.44 17.02
C LEU K 200 -70.56 34.84 15.70
N LEU K 201 -70.70 35.71 14.70
CA LEU K 201 -71.08 35.27 13.36
C LEU K 201 -69.82 35.26 12.50
N PRO K 202 -69.27 34.09 12.17
CA PRO K 202 -67.98 34.07 11.46
C PRO K 202 -68.00 34.80 10.13
N LYS K 203 -69.10 34.72 9.38
CA LYS K 203 -69.11 35.28 8.04
C LYS K 203 -69.06 36.80 8.06
N ASP K 204 -69.82 37.43 8.97
CA ASP K 204 -69.84 38.89 9.04
C ASP K 204 -68.51 39.44 9.49
N ILE K 205 -67.91 38.83 10.52
CA ILE K 205 -66.61 39.28 11.00
C ILE K 205 -65.54 39.06 9.93
N ALA K 206 -65.61 37.91 9.23
CA ALA K 206 -64.65 37.65 8.17
C ALA K 206 -64.77 38.67 7.04
N ASN K 207 -66.00 39.03 6.67
CA ASN K 207 -66.19 40.04 5.64
C ASN K 207 -65.68 41.40 6.10
N SER K 208 -65.89 41.73 7.37
CA SER K 208 -65.38 42.99 7.90
C SER K 208 -63.86 43.03 7.84
N PHE K 209 -63.20 41.92 8.20
CA PHE K 209 -61.75 41.91 8.17
C PHE K 209 -61.21 41.92 6.75
N TYR K 210 -61.90 41.23 5.83
CA TYR K 210 -61.54 41.32 4.42
C TYR K 210 -61.60 42.76 3.95
N GLU K 211 -62.69 43.47 4.27
CA GLU K 211 -62.82 44.86 3.88
C GLU K 211 -61.72 45.73 4.45
N VAL K 212 -61.43 45.58 5.75
CA VAL K 212 -60.43 46.47 6.36
C VAL K 212 -59.05 46.16 5.81
N PHE K 213 -58.76 44.90 5.50
CA PHE K 213 -57.46 44.57 4.92
C PHE K 213 -57.35 45.07 3.49
N GLU K 214 -58.46 45.10 2.76
CA GLU K 214 -58.43 45.64 1.40
C GLU K 214 -58.23 47.15 1.40
N LYS K 215 -58.93 47.86 2.29
CA LYS K 215 -58.87 49.32 2.28
C LYS K 215 -57.54 49.82 2.82
N HIS K 216 -57.03 49.19 3.89
CA HIS K 216 -55.81 49.64 4.57
C HIS K 216 -54.76 48.55 4.50
N PRO K 217 -53.90 48.55 3.48
CA PRO K 217 -52.85 47.53 3.40
C PRO K 217 -51.84 47.60 4.53
N HIS K 218 -51.71 48.72 5.22
CA HIS K 218 -50.80 48.78 6.35
C HIS K 218 -51.33 48.02 7.55
N PHE K 219 -52.64 47.80 7.63
CA PHE K 219 -53.20 47.01 8.71
C PHE K 219 -52.80 45.54 8.58
N ILE K 220 -52.56 45.07 7.35
CA ILE K 220 -52.05 43.71 7.19
C ILE K 220 -50.66 43.59 7.83
N ASP K 221 -49.80 44.57 7.58
CA ASP K 221 -48.47 44.56 8.18
C ASP K 221 -48.57 44.63 9.71
N VAL K 222 -49.41 45.53 10.21
CA VAL K 222 -49.57 45.67 11.66
C VAL K 222 -50.08 44.38 12.27
N PHE K 223 -51.07 43.74 11.63
CA PHE K 223 -51.64 42.52 12.18
C PHE K 223 -50.65 41.37 12.12
N VAL K 224 -49.87 41.26 11.04
CA VAL K 224 -48.90 40.19 10.94
C VAL K 224 -47.84 40.33 12.04
N HIS K 225 -47.36 41.56 12.26
CA HIS K 225 -46.35 41.72 13.30
C HIS K 225 -46.94 41.60 14.70
N PHE K 226 -48.21 41.96 14.87
CA PHE K 226 -48.87 41.67 16.14
C PHE K 226 -48.98 40.17 16.37
N GLY K 227 -49.32 39.42 15.33
CA GLY K 227 -49.42 37.98 15.49
C GLY K 227 -48.09 37.34 15.80
N ILE K 228 -47.01 37.86 15.20
CA ILE K 228 -45.68 37.35 15.52
C ILE K 228 -45.31 37.69 16.96
N ALA K 229 -45.62 38.90 17.40
CA ALA K 229 -45.30 39.29 18.77
C ALA K 229 -46.12 38.49 19.78
N GLN K 230 -47.39 38.25 19.48
CA GLN K 230 -48.26 37.45 20.34
C GLN K 230 -47.77 36.01 20.42
N SER K 231 -47.34 35.45 19.29
CA SER K 231 -46.83 34.09 19.27
C SER K 231 -45.46 33.95 19.91
N SER K 232 -44.80 35.06 20.24
CA SER K 232 -43.52 35.03 20.92
C SER K 232 -43.65 35.14 22.43
N THR K 233 -44.86 35.09 22.96
CA THR K 233 -45.05 35.18 24.40
C THR K 233 -44.69 33.85 25.07
N ARG K 234 -44.49 33.92 26.39
CA ARG K 234 -44.17 32.74 27.18
C ARG K 234 -45.39 31.85 27.43
N GLY K 235 -46.59 32.39 27.28
CA GLY K 235 -47.79 31.62 27.53
C GLY K 235 -49.00 32.53 27.53
N GLY K 236 -50.14 31.92 27.81
CA GLY K 236 -51.38 32.67 27.85
C GLY K 236 -52.57 31.76 28.07
N SER K 237 -53.75 32.29 27.77
CA SER K 237 -54.99 31.54 27.90
C SER K 237 -55.14 30.56 26.74
N ARG K 238 -56.23 29.81 26.74
CA ARG K 238 -56.44 28.83 25.68
C ARG K 238 -56.88 29.50 24.39
N VAL K 239 -57.58 30.63 24.49
CA VAL K 239 -57.97 31.36 23.29
C VAL K 239 -56.75 31.96 22.60
N GLU K 240 -55.77 32.42 23.38
CA GLU K 240 -54.54 32.90 22.78
C GLU K 240 -53.77 31.76 22.12
N GLY K 241 -53.83 30.57 22.71
CA GLY K 241 -53.25 29.40 22.05
C GLY K 241 -53.94 29.07 20.75
N ILE K 242 -55.27 29.19 20.72
CA ILE K 242 -56.01 28.98 19.48
C ILE K 242 -55.58 30.00 18.44
N PHE K 243 -55.46 31.27 18.85
CA PHE K 243 -55.03 32.31 17.92
C PHE K 243 -53.64 32.03 17.38
N ALA K 244 -52.72 31.60 18.23
CA ALA K 244 -51.37 31.29 17.76
C ALA K 244 -51.37 30.13 16.78
N GLY K 245 -52.16 29.09 17.08
CA GLY K 245 -52.24 27.96 16.16
C GLY K 245 -52.84 28.34 14.82
N LEU K 246 -53.88 29.17 14.84
CA LEU K 246 -54.50 29.60 13.58
C LEU K 246 -53.62 30.58 12.83
N PHE K 247 -52.83 31.38 13.54
CA PHE K 247 -51.95 32.33 12.88
C PHE K 247 -50.76 31.65 12.23
N MET K 248 -50.18 30.64 12.88
CA MET K 248 -49.08 29.94 12.23
C MET K 248 -49.57 29.00 11.14
N ASN K 249 -50.88 28.80 11.04
CA ASN K 249 -51.44 28.13 9.86
C ASN K 249 -51.27 28.97 8.62
N ALA K 250 -51.03 30.27 8.76
CA ALA K 250 -50.82 31.16 7.64
C ALA K 250 -49.37 31.19 7.17
N TYR K 251 -48.46 30.59 7.92
CA TYR K 251 -47.07 30.56 7.52
C TYR K 251 -46.91 29.73 6.26
N GLY K 252 -46.26 30.30 5.25
CA GLY K 252 -46.10 29.63 3.99
C GLY K 252 -47.27 29.72 3.05
N ALA K 253 -48.26 30.55 3.37
CA ALA K 253 -49.39 30.74 2.46
C ALA K 253 -48.92 31.43 1.19
N GLY K 254 -49.39 30.94 0.06
CA GLY K 254 -48.91 31.42 -1.23
C GLY K 254 -47.68 30.72 -1.74
N GLN K 255 -47.13 29.77 -1.00
CA GLN K 255 -45.94 29.04 -1.39
C GLN K 255 -46.14 27.54 -1.25
N VAL K 256 -47.32 27.06 -1.64
CA VAL K 256 -47.61 25.63 -1.50
C VAL K 256 -46.75 24.79 -2.41
N MET K 257 -46.30 25.33 -3.53
CA MET K 257 -45.57 24.53 -4.51
C MET K 257 -44.21 24.11 -3.98
N LEU K 258 -43.60 24.92 -3.13
CA LEU K 258 -42.33 24.51 -2.52
C LEU K 258 -42.53 23.27 -1.64
N ARG K 259 -43.57 23.29 -0.82
CA ARG K 259 -43.87 22.15 0.04
C ARG K 259 -44.23 20.92 -0.79
N TRP K 260 -45.02 21.11 -1.85
CA TRP K 260 -45.39 19.97 -2.69
C TRP K 260 -44.20 19.44 -3.49
N GLY K 261 -43.24 20.29 -3.82
CA GLY K 261 -42.02 19.81 -4.45
C GLY K 261 -41.18 18.99 -3.50
N VAL K 262 -41.07 19.43 -2.24
CA VAL K 262 -40.38 18.62 -1.24
C VAL K 262 -41.10 17.29 -1.08
N LEU K 263 -42.43 17.31 -1.12
CA LEU K 263 -43.20 16.07 -1.02
C LEU K 263 -42.93 15.15 -2.20
N ALA K 264 -42.90 15.70 -3.42
CA ALA K 264 -42.63 14.88 -4.60
C ALA K 264 -41.23 14.30 -4.56
N LYS K 265 -40.29 15.03 -3.96
CA LYS K 265 -38.97 14.45 -3.74
C LYS K 265 -39.04 13.32 -2.73
N SER K 266 -39.85 13.47 -1.69
CA SER K 266 -39.91 12.47 -0.63
C SER K 266 -40.53 11.16 -1.12
N VAL K 267 -41.62 11.24 -1.88
CA VAL K 267 -42.23 10.02 -2.42
C VAL K 267 -41.50 9.50 -3.65
N LYS K 268 -40.45 10.21 -4.09
CA LYS K 268 -39.52 9.71 -5.09
C LYS K 268 -40.21 9.44 -6.43
N ASN K 269 -40.99 10.42 -6.87
CA ASN K 269 -41.69 10.30 -8.14
C ASN K 269 -40.68 10.16 -9.27
N ILE K 270 -40.97 9.24 -10.21
CA ILE K 270 -40.00 8.93 -11.26
C ILE K 270 -39.91 10.06 -12.27
N MET K 271 -41.02 10.77 -12.54
CA MET K 271 -40.98 11.82 -13.54
C MET K 271 -40.10 13.01 -13.14
N LEU K 272 -39.46 12.95 -11.97
CA LEU K 272 -38.40 13.90 -11.68
C LEU K 272 -37.13 13.56 -12.43
N GLY K 273 -37.05 12.37 -13.02
CA GLY K 273 -35.95 11.94 -13.86
C GLY K 273 -36.11 12.23 -15.34
N HIS K 274 -37.19 12.89 -15.72
CA HIS K 274 -37.39 13.26 -17.12
C HIS K 274 -36.31 14.26 -17.55
N ALA K 275 -36.19 14.43 -18.86
CA ALA K 275 -35.10 15.25 -19.39
C ALA K 275 -35.28 16.72 -19.05
N SER K 276 -36.48 17.26 -19.29
CA SER K 276 -36.72 18.69 -19.07
C SER K 276 -36.69 19.04 -17.58
N VAL K 277 -37.21 18.17 -16.74
CA VAL K 277 -37.13 18.40 -15.30
C VAL K 277 -35.67 18.50 -14.87
N GLN K 278 -34.84 17.60 -15.36
CA GLN K 278 -33.42 17.64 -15.00
C GLN K 278 -32.73 18.85 -15.61
N ALA K 279 -33.25 19.36 -16.73
CA ALA K 279 -32.74 20.62 -17.27
C ALA K 279 -33.00 21.76 -16.31
N GLU K 280 -34.20 21.80 -15.71
CA GLU K 280 -34.57 22.89 -14.81
C GLU K 280 -34.06 22.72 -13.38
N MET K 281 -33.56 21.54 -13.03
CA MET K 281 -33.19 21.27 -11.64
C MET K 281 -32.18 22.25 -11.08
N GLU K 282 -31.31 22.81 -11.94
CA GLU K 282 -30.31 23.76 -11.43
C GLU K 282 -30.98 24.98 -10.81
N GLN K 283 -31.88 25.61 -11.55
CA GLN K 283 -32.57 26.78 -11.04
C GLN K 283 -33.60 26.41 -9.97
N VAL K 284 -34.14 25.19 -10.01
CA VAL K 284 -35.01 24.78 -8.92
C VAL K 284 -34.25 24.72 -7.60
N VAL K 285 -33.07 24.11 -7.61
CA VAL K 285 -32.25 24.07 -6.40
C VAL K 285 -31.82 25.48 -6.01
N GLU K 286 -31.58 26.34 -7.00
CA GLU K 286 -31.33 27.76 -6.73
C GLU K 286 -32.46 28.38 -5.91
N VAL K 287 -33.70 28.15 -6.33
CA VAL K 287 -34.85 28.73 -5.61
C VAL K 287 -34.96 28.17 -4.21
N TYR K 288 -34.77 26.86 -4.06
CA TYR K 288 -34.90 26.26 -2.73
C TYR K 288 -33.82 26.77 -1.78
N GLU K 289 -32.58 26.90 -2.26
CA GLU K 289 -31.52 27.46 -1.44
C GLU K 289 -31.82 28.91 -1.07
N TYR K 290 -32.43 29.66 -2.00
CA TYR K 290 -32.85 31.02 -1.68
C TYR K 290 -33.89 31.04 -0.57
N ALA K 291 -34.88 30.14 -0.65
CA ALA K 291 -35.92 30.10 0.38
C ALA K 291 -35.31 29.78 1.74
N GLN K 292 -34.37 28.84 1.77
CA GLN K 292 -33.73 28.50 3.03
C GLN K 292 -32.87 29.63 3.57
N LYS K 293 -32.17 30.37 2.71
CA LYS K 293 -31.37 31.50 3.16
C LYS K 293 -32.27 32.59 3.73
N LEU K 294 -33.43 32.81 3.10
CA LEU K 294 -34.41 33.74 3.67
C LEU K 294 -34.86 33.28 5.04
N GLY K 295 -35.26 32.02 5.16
CA GLY K 295 -35.61 31.46 6.45
C GLY K 295 -37.01 31.81 6.92
N GLY K 296 -37.12 32.20 8.19
CA GLY K 296 -38.43 32.40 8.81
C GLY K 296 -39.22 33.55 8.24
N GLU K 297 -38.55 34.65 7.88
CA GLU K 297 -39.27 35.83 7.41
C GLU K 297 -40.01 35.57 6.11
N ALA K 298 -39.58 34.59 5.33
CA ALA K 298 -40.17 34.33 4.02
C ALA K 298 -41.55 33.71 4.10
N GLY K 299 -41.99 33.25 5.27
CA GLY K 299 -43.26 32.58 5.37
C GLY K 299 -44.47 33.48 5.24
N PHE K 300 -44.27 34.79 5.34
CA PHE K 300 -45.35 35.76 5.24
C PHE K 300 -45.15 36.74 4.08
N TYR K 301 -44.33 36.37 3.09
CA TYR K 301 -44.07 37.26 1.97
C TYR K 301 -45.31 37.49 1.14
N HIS K 302 -46.07 36.44 0.85
CA HIS K 302 -47.24 36.59 -0.01
C HIS K 302 -48.41 37.23 0.71
N ILE K 303 -48.55 37.00 2.02
CA ILE K 303 -49.59 37.68 2.79
C ILE K 303 -49.32 39.17 2.84
N LEU K 304 -48.06 39.55 3.08
CA LEU K 304 -47.67 40.95 3.17
C LEU K 304 -47.52 41.61 1.81
N ASN K 305 -47.63 40.85 0.72
CA ASN K 305 -47.34 41.34 -0.62
C ASN K 305 -45.92 41.88 -0.71
N ASN K 306 -44.99 41.15 -0.11
CA ASN K 306 -43.59 41.52 -0.23
C ASN K 306 -43.15 41.43 -1.69
N PRO K 307 -42.44 42.44 -2.19
CA PRO K 307 -42.04 42.41 -3.61
C PRO K 307 -41.17 41.22 -3.97
N LYS K 308 -40.38 40.72 -3.04
CA LYS K 308 -39.54 39.56 -3.27
C LYS K 308 -40.29 38.24 -3.21
N ALA K 309 -41.63 38.29 -3.15
CA ALA K 309 -42.41 37.06 -3.18
C ALA K 309 -42.29 36.36 -4.53
N SER K 310 -42.16 37.12 -5.61
CA SER K 310 -42.08 36.53 -6.95
C SER K 310 -40.81 35.73 -7.15
N LEU K 311 -39.78 35.94 -6.33
CA LEU K 311 -38.54 35.20 -6.47
C LEU K 311 -38.65 33.77 -5.96
N LEU K 312 -39.67 33.46 -5.17
CA LEU K 312 -39.88 32.13 -4.63
C LEU K 312 -40.75 31.26 -5.52
N SER K 313 -41.23 31.80 -6.64
CA SER K 313 -42.15 31.07 -7.49
C SER K 313 -41.45 29.90 -8.17
N LEU K 314 -42.21 28.83 -8.39
CA LEU K 314 -41.74 27.67 -9.14
C LEU K 314 -42.46 27.49 -10.46
N THR K 315 -43.48 28.31 -10.75
CA THR K 315 -44.18 28.20 -12.02
C THR K 315 -43.32 28.68 -13.19
N GLN K 316 -42.20 29.31 -12.91
CA GLN K 316 -41.21 29.69 -13.91
C GLN K 316 -40.41 28.51 -14.42
N PHE K 317 -40.72 27.32 -13.91
CA PHE K 317 -40.17 26.05 -14.38
C PHE K 317 -41.35 25.15 -14.73
N PRO K 318 -41.90 25.27 -15.94
CA PRO K 318 -43.16 24.57 -16.24
C PRO K 318 -43.11 23.07 -16.07
N HIS K 319 -41.99 22.43 -16.40
CA HIS K 319 -41.93 20.98 -16.33
C HIS K 319 -41.89 20.49 -14.89
N PHE K 320 -41.03 21.09 -14.07
CA PHE K 320 -40.97 20.72 -12.65
C PHE K 320 -42.27 21.02 -11.94
N SER K 321 -42.87 22.18 -12.24
CA SER K 321 -44.16 22.52 -11.64
C SER K 321 -45.24 21.55 -12.05
N SER K 322 -45.26 21.13 -13.32
CA SER K 322 -46.25 20.18 -13.77
C SER K 322 -46.07 18.82 -13.09
N VAL K 323 -44.82 18.38 -12.93
CA VAL K 323 -44.58 17.13 -12.23
C VAL K 323 -45.04 17.23 -10.77
N VAL K 324 -44.77 18.36 -10.14
CA VAL K 324 -45.15 18.54 -8.74
C VAL K 324 -46.68 18.54 -8.58
N LEU K 325 -47.38 19.26 -9.46
CA LEU K 325 -48.84 19.24 -9.41
C LEU K 325 -49.39 17.86 -9.68
N GLY K 326 -48.81 17.13 -10.63
CA GLY K 326 -49.26 15.77 -10.89
C GLY K 326 -49.08 14.87 -9.68
N ASN K 327 -47.92 14.96 -9.03
CA ASN K 327 -47.70 14.16 -7.83
C ASN K 327 -48.69 14.53 -6.73
N ALA K 328 -48.97 15.81 -6.57
CA ALA K 328 -49.94 16.23 -5.56
C ALA K 328 -51.33 15.69 -5.87
N ALA K 329 -51.74 15.73 -7.14
CA ALA K 329 -53.07 15.25 -7.50
C ALA K 329 -53.17 13.74 -7.38
N GLY K 330 -52.06 13.03 -7.67
CA GLY K 330 -52.07 11.59 -7.55
C GLY K 330 -52.18 11.12 -6.11
N LEU K 331 -51.51 11.82 -5.20
CA LEU K 331 -51.57 11.48 -3.78
C LEU K 331 -52.89 11.86 -3.14
N GLY K 332 -53.76 12.57 -3.86
CA GLY K 332 -55.07 12.92 -3.34
C GLY K 332 -55.10 14.05 -2.36
N ILE K 333 -54.14 14.97 -2.44
CA ILE K 333 -54.10 16.11 -1.53
C ILE K 333 -54.26 17.44 -2.24
N MET K 334 -54.50 17.46 -3.55
CA MET K 334 -54.52 18.73 -4.27
C MET K 334 -55.82 19.49 -4.03
N GLY K 335 -56.90 18.77 -3.70
CA GLY K 335 -58.15 19.43 -3.36
C GLY K 335 -58.71 20.24 -4.52
N GLU K 336 -59.09 21.48 -4.24
CA GLU K 336 -59.56 22.42 -5.24
C GLU K 336 -58.50 23.44 -5.62
N TYR K 337 -57.24 23.04 -5.61
CA TYR K 337 -56.16 23.96 -5.93
C TYR K 337 -56.32 24.40 -7.38
N ARG K 338 -56.48 25.71 -7.59
CA ARG K 338 -56.93 26.22 -8.87
C ARG K 338 -55.76 26.61 -9.78
N GLY K 339 -54.54 26.33 -9.34
CA GLY K 339 -53.41 26.38 -10.24
C GLY K 339 -53.42 25.21 -11.20
N THR K 340 -53.05 25.49 -12.45
CA THR K 340 -53.17 24.49 -13.50
C THR K 340 -51.81 24.16 -14.09
N PRO K 341 -51.57 22.91 -14.48
CA PRO K 341 -50.28 22.56 -15.06
C PRO K 341 -50.12 23.20 -16.43
N ARG K 342 -48.87 23.51 -16.80
CA ARG K 342 -48.58 24.03 -18.13
C ARG K 342 -47.80 23.03 -18.98
N ASN K 343 -47.64 21.80 -18.50
CA ASN K 343 -47.21 20.65 -19.28
C ASN K 343 -48.16 19.51 -18.91
N GLN K 344 -49.22 19.35 -19.71
CA GLN K 344 -50.25 18.38 -19.36
C GLN K 344 -49.71 16.96 -19.36
N ASP K 345 -48.76 16.66 -20.25
CA ASP K 345 -48.26 15.30 -20.35
C ASP K 345 -47.50 14.88 -19.10
N LEU K 346 -46.58 15.73 -18.63
CA LEU K 346 -45.84 15.42 -17.41
C LEU K 346 -46.78 15.38 -16.21
N TYR K 347 -47.77 16.27 -16.19
CA TYR K 347 -48.77 16.25 -15.13
C TYR K 347 -49.48 14.90 -15.06
N ASP K 348 -49.96 14.42 -16.21
CA ASP K 348 -50.67 13.14 -16.23
C ASP K 348 -49.75 11.99 -15.86
N ALA K 349 -48.52 11.99 -16.36
CA ALA K 349 -47.60 10.90 -16.04
C ALA K 349 -47.29 10.86 -14.54
N ALA K 350 -47.01 12.02 -13.94
CA ALA K 350 -46.74 12.06 -12.51
C ALA K 350 -47.97 11.68 -11.70
N LYS K 351 -49.15 12.12 -12.13
CA LYS K 351 -50.37 11.75 -11.43
C LYS K 351 -50.58 10.23 -11.46
N ALA K 352 -50.38 9.61 -12.61
CA ALA K 352 -50.54 8.17 -12.72
C ALA K 352 -49.53 7.44 -11.84
N TYR K 353 -48.26 7.86 -11.86
CA TYR K 353 -47.28 7.17 -11.03
C TYR K 353 -47.59 7.34 -9.55
N ALA K 354 -48.06 8.53 -9.15
CA ALA K 354 -48.39 8.74 -7.75
C ALA K 354 -49.58 7.91 -7.33
N GLU K 355 -50.53 7.68 -8.26
CA GLU K 355 -51.64 6.80 -7.95
C GLU K 355 -51.18 5.35 -7.77
N GLN K 356 -50.32 4.86 -8.67
CA GLN K 356 -49.78 3.51 -8.47
C GLN K 356 -48.80 3.44 -7.32
N LEU K 357 -48.40 4.58 -6.75
CA LEU K 357 -47.57 4.53 -5.56
C LEU K 357 -48.36 4.04 -4.33
N LYS K 358 -49.65 3.79 -4.47
CA LYS K 358 -50.43 3.37 -3.32
C LYS K 358 -50.88 1.92 -3.43
N GLU K 359 -51.31 1.48 -4.61
CA GLU K 359 -51.57 0.06 -4.82
C GLU K 359 -50.28 -0.72 -4.99
N ASN K 360 -49.34 -0.17 -5.75
CA ASN K 360 -48.03 -0.77 -5.98
C ASN K 360 -47.03 -0.01 -5.12
N GLY K 361 -46.80 -0.51 -3.92
CA GLY K 361 -46.18 0.29 -2.87
C GLY K 361 -45.03 1.16 -3.33
N VAL K 362 -43.91 0.54 -3.69
CA VAL K 362 -42.74 1.26 -4.17
C VAL K 362 -42.14 0.48 -5.32
N ILE K 363 -41.26 1.12 -6.07
CA ILE K 363 -40.54 0.49 -7.17
C ILE K 363 -39.06 0.49 -6.83
N ASN K 364 -38.46 -0.69 -6.80
CA ASN K 364 -37.02 -0.79 -6.65
C ASN K 364 -36.33 -0.43 -7.96
N TYR K 365 -35.03 -0.19 -7.88
CA TYR K 365 -34.24 0.09 -9.06
C TYR K 365 -33.16 -0.96 -9.21
N SER K 366 -33.58 -2.22 -9.09
CA SER K 366 -32.74 -3.39 -9.35
C SER K 366 -32.35 -3.45 -10.82
N VAL K 367 -33.16 -2.83 -11.68
CA VAL K 367 -32.75 -2.59 -13.06
C VAL K 367 -31.41 -1.88 -13.01
N LEU K 368 -30.57 -2.07 -14.02
CA LEU K 368 -29.22 -1.52 -14.01
C LEU K 368 -28.36 -2.07 -12.86
N ASP K 369 -27.92 -3.32 -13.00
CA ASP K 369 -26.92 -4.02 -12.17
C ASP K 369 -27.43 -4.69 -10.91
N LEU K 370 -28.73 -4.87 -10.72
CA LEU K 370 -29.20 -5.70 -9.60
C LEU K 370 -30.42 -6.54 -9.98
N ALA L 2 -28.29 -20.81 6.43
CA ALA L 2 -28.44 -19.63 5.61
C ALA L 2 -29.73 -19.69 4.80
N LEU L 3 -30.48 -18.58 4.80
CA LEU L 3 -31.76 -18.57 4.10
C LEU L 3 -31.58 -18.58 2.60
N SER L 4 -30.38 -18.27 2.11
CA SER L 4 -30.14 -18.22 0.67
C SER L 4 -30.14 -19.59 0.02
N LYS L 5 -29.98 -20.67 0.79
CA LYS L 5 -29.99 -22.01 0.24
C LYS L 5 -31.35 -22.70 0.36
N VAL L 6 -32.39 -21.98 0.74
CA VAL L 6 -33.75 -22.52 0.72
C VAL L 6 -34.26 -22.27 -0.69
N LYS L 7 -33.88 -23.14 -1.62
CA LYS L 7 -34.22 -22.95 -3.02
C LYS L 7 -34.37 -24.30 -3.70
N LEU L 8 -35.19 -24.34 -4.74
CA LEU L 8 -35.46 -25.54 -5.51
C LEU L 8 -35.47 -25.18 -6.99
N ASN L 9 -34.69 -25.91 -7.78
CA ASN L 9 -34.62 -25.69 -9.23
C ASN L 9 -35.55 -26.68 -9.93
N ASP L 10 -36.84 -26.33 -9.95
CA ASP L 10 -37.85 -27.27 -10.42
C ASP L 10 -37.80 -27.45 -11.92
N THR L 11 -37.59 -26.37 -12.68
CA THR L 11 -37.56 -26.48 -14.13
C THR L 11 -36.43 -27.39 -14.60
N LEU L 12 -35.23 -27.17 -14.05
CA LEU L 12 -34.07 -27.97 -14.45
C LEU L 12 -34.22 -29.42 -14.00
N ASN L 13 -34.80 -29.64 -12.83
CA ASN L 13 -35.01 -31.00 -12.35
C ASN L 13 -36.03 -31.75 -13.20
N LYS L 14 -37.11 -31.07 -13.60
CA LYS L 14 -38.07 -31.67 -14.51
C LYS L 14 -37.43 -32.00 -15.85
N ASP L 15 -36.61 -31.09 -16.37
CA ASP L 15 -35.92 -31.37 -17.63
C ASP L 15 -35.00 -32.57 -17.50
N GLN L 16 -34.26 -32.67 -16.41
CA GLN L 16 -33.37 -33.81 -16.24
C GLN L 16 -34.15 -35.10 -16.10
N LEU L 17 -35.30 -35.06 -15.42
CA LEU L 17 -36.14 -36.25 -15.33
C LEU L 17 -36.63 -36.69 -16.70
N LEU L 18 -37.06 -35.74 -17.52
CA LEU L 18 -37.59 -36.10 -18.84
C LEU L 18 -36.50 -36.51 -19.82
N SER L 19 -35.29 -35.96 -19.69
CA SER L 19 -34.22 -36.27 -20.61
C SER L 19 -33.42 -37.50 -20.23
N SER L 20 -33.57 -38.00 -19.00
CA SER L 20 -32.82 -39.16 -18.55
C SER L 20 -33.69 -40.40 -18.39
N SER L 21 -34.78 -40.49 -19.14
CA SER L 21 -35.63 -41.67 -19.09
C SER L 21 -34.90 -42.86 -19.68
N LYS L 22 -35.02 -44.01 -19.03
CA LYS L 22 -34.38 -45.24 -19.47
C LYS L 22 -35.35 -46.23 -20.09
N TYR L 23 -36.59 -45.81 -20.33
CA TYR L 23 -37.56 -46.60 -21.08
C TYR L 23 -38.19 -45.72 -22.13
N THR L 24 -38.61 -46.34 -23.24
CA THR L 24 -39.17 -45.60 -24.36
C THR L 24 -40.49 -46.22 -24.80
N ILE L 25 -41.40 -45.38 -25.27
CA ILE L 25 -42.64 -45.82 -25.86
C ILE L 25 -42.49 -45.87 -27.37
N GLN L 26 -43.40 -46.58 -28.01
CA GLN L 26 -43.39 -46.70 -29.47
C GLN L 26 -44.84 -46.73 -29.95
N ARG L 27 -45.30 -45.64 -30.54
CA ARG L 27 -46.68 -45.50 -30.97
C ARG L 27 -46.91 -46.23 -32.29
N SER L 28 -48.18 -46.47 -32.59
CA SER L 28 -48.57 -47.13 -33.83
C SER L 28 -49.41 -46.16 -34.65
N THR L 29 -48.94 -45.83 -35.85
CA THR L 29 -49.62 -44.84 -36.66
C THR L 29 -51.00 -45.29 -37.10
N GLY L 30 -51.24 -46.60 -37.19
CA GLY L 30 -52.50 -47.12 -37.69
C GLY L 30 -52.45 -47.46 -39.17
N ASP L 31 -52.94 -46.54 -40.00
CA ASP L 31 -52.84 -46.63 -41.45
C ASP L 31 -51.37 -46.63 -41.88
N SER L 32 -51.10 -47.41 -42.92
CA SER L 32 -49.75 -47.53 -43.45
C SER L 32 -49.25 -46.20 -44.02
N ILE L 33 -47.97 -45.92 -43.84
CA ILE L 33 -47.35 -44.71 -44.36
C ILE L 33 -46.73 -45.05 -45.70
N ASP L 34 -47.07 -44.27 -46.72
CA ASP L 34 -46.40 -44.34 -48.02
C ASP L 34 -45.07 -43.63 -47.87
N THR L 35 -44.00 -44.23 -48.40
CA THR L 35 -42.70 -43.60 -48.32
C THR L 35 -42.10 -43.46 -49.72
N PRO L 36 -42.42 -42.41 -50.46
CA PRO L 36 -41.79 -42.22 -51.77
C PRO L 36 -40.31 -41.92 -51.65
N ASN L 37 -39.58 -42.30 -52.68
CA ASN L 37 -38.14 -42.11 -52.75
C ASN L 37 -37.84 -41.00 -53.76
N TYR L 38 -36.55 -40.78 -54.03
CA TYR L 38 -36.15 -39.76 -54.99
C TYR L 38 -36.67 -40.06 -56.39
N ASP L 39 -37.04 -41.30 -56.66
CA ASP L 39 -37.42 -41.71 -58.01
C ASP L 39 -38.67 -40.96 -58.49
N VAL L 40 -39.66 -40.81 -57.62
CA VAL L 40 -40.96 -40.29 -58.00
C VAL L 40 -41.11 -38.81 -57.66
N GLN L 41 -40.01 -38.14 -57.33
CA GLN L 41 -40.06 -36.71 -57.03
C GLN L 41 -40.56 -35.92 -58.24
N LYS L 42 -40.09 -36.27 -59.44
CA LYS L 42 -40.53 -35.59 -60.64
C LYS L 42 -42.04 -35.76 -60.85
N HIS L 43 -42.56 -36.98 -60.62
CA HIS L 43 -43.98 -37.21 -60.83
C HIS L 43 -44.83 -36.49 -59.79
N ILE L 44 -44.37 -36.45 -58.54
CA ILE L 44 -45.13 -35.73 -57.52
C ILE L 44 -45.12 -34.24 -57.80
N ASN L 45 -43.99 -33.71 -58.28
CA ASN L 45 -43.95 -32.31 -58.67
C ASN L 45 -44.86 -32.04 -59.86
N LYS L 46 -44.95 -33.00 -60.79
CA LYS L 46 -45.89 -32.89 -61.89
C LYS L 46 -47.32 -32.82 -61.37
N LEU L 47 -47.66 -33.65 -60.39
CA LEU L 47 -49.00 -33.64 -59.82
C LEU L 47 -49.31 -32.30 -59.15
N CYS L 48 -48.34 -31.76 -58.41
CA CYS L 48 -48.52 -30.45 -57.79
C CYS L 48 -48.71 -29.36 -58.83
N GLY L 49 -47.93 -29.42 -59.91
CA GLY L 49 -48.10 -28.44 -60.98
C GLY L 49 -49.44 -28.54 -61.65
N MET L 50 -49.92 -29.75 -61.89
CA MET L 50 -51.25 -29.93 -62.47
C MET L 50 -52.32 -29.38 -61.56
N LEU L 51 -52.17 -29.57 -60.25
CA LEU L 51 -53.11 -28.95 -59.31
C LEU L 51 -53.04 -27.43 -59.39
N LEU L 52 -51.84 -26.88 -59.54
CA LEU L 52 -51.67 -25.42 -59.53
C LEU L 52 -52.22 -24.77 -60.79
N ILE L 53 -52.03 -25.38 -61.96
CA ILE L 53 -52.50 -24.75 -63.21
C ILE L 53 -53.99 -24.95 -63.43
N THR L 54 -54.68 -25.70 -62.57
CA THR L 54 -56.09 -26.00 -62.74
C THR L 54 -56.90 -24.90 -62.06
N GLU L 55 -57.55 -24.04 -62.84
CA GLU L 55 -58.43 -23.05 -62.21
C GLU L 55 -59.67 -23.71 -61.63
N ASP L 56 -60.32 -23.00 -60.70
CA ASP L 56 -61.49 -23.51 -59.99
C ASP L 56 -61.24 -24.94 -59.50
N ALA L 57 -60.08 -25.13 -58.88
CA ALA L 57 -59.59 -26.47 -58.61
C ALA L 57 -60.21 -27.06 -57.35
N ASN L 58 -60.03 -28.37 -57.20
CA ASN L 58 -60.43 -29.11 -56.01
C ASN L 58 -59.17 -29.42 -55.23
N HIS L 59 -58.98 -28.77 -54.08
CA HIS L 59 -57.80 -28.96 -53.26
C HIS L 59 -58.04 -29.87 -52.06
N LYS L 60 -58.94 -30.84 -52.20
CA LYS L 60 -59.20 -31.76 -51.08
C LYS L 60 -57.99 -32.60 -50.74
N PHE L 61 -57.12 -32.87 -51.72
CA PHE L 61 -56.01 -33.79 -51.52
C PHE L 61 -54.66 -33.10 -51.61
N THR L 62 -54.63 -31.77 -51.61
CA THR L 62 -53.37 -31.05 -51.79
C THR L 62 -52.44 -31.22 -50.60
N GLY L 63 -53.00 -31.30 -49.39
CA GLY L 63 -52.15 -31.50 -48.23
C GLY L 63 -51.40 -32.82 -48.27
N LEU L 64 -52.08 -33.89 -48.64
CA LEU L 64 -51.42 -35.19 -48.75
C LEU L 64 -50.37 -35.19 -49.85
N ILE L 65 -50.67 -34.54 -50.98
CA ILE L 65 -49.71 -34.51 -52.08
C ILE L 65 -48.48 -33.69 -51.70
N GLY L 66 -48.68 -32.60 -50.98
CA GLY L 66 -47.55 -31.83 -50.50
C GLY L 66 -46.71 -32.61 -49.50
N MET L 67 -47.37 -33.38 -48.63
CA MET L 67 -46.63 -34.23 -47.71
C MET L 67 -45.83 -35.28 -48.45
N LEU L 68 -46.42 -35.87 -49.50
CA LEU L 68 -45.71 -36.84 -50.31
C LEU L 68 -44.51 -36.20 -50.99
N TYR L 69 -44.66 -34.98 -51.49
CA TYR L 69 -43.54 -34.30 -52.13
C TYR L 69 -42.41 -34.04 -51.13
N ALA L 70 -42.76 -33.58 -49.93
CA ALA L 70 -41.74 -33.35 -48.91
C ALA L 70 -41.02 -34.66 -48.56
N MET L 71 -41.79 -35.74 -48.39
CA MET L 71 -41.19 -37.02 -48.07
C MET L 71 -40.33 -37.58 -49.21
N SER L 72 -40.69 -37.28 -50.46
CA SER L 72 -39.85 -37.71 -51.58
C SER L 72 -38.58 -36.89 -51.66
N ARG L 73 -38.64 -35.61 -51.30
CA ARG L 73 -37.42 -34.81 -51.20
C ARG L 73 -36.50 -35.35 -50.12
N LEU L 74 -37.05 -35.72 -48.96
CA LEU L 74 -36.23 -36.28 -47.89
C LEU L 74 -35.61 -37.60 -48.31
N GLY L 75 -36.36 -38.41 -49.06
CA GLY L 75 -35.97 -39.76 -49.41
C GLY L 75 -36.58 -40.77 -48.45
N ARG L 76 -36.68 -42.02 -48.93
CA ARG L 76 -37.32 -43.06 -48.13
C ARG L 76 -36.52 -43.39 -46.89
N GLU L 77 -35.19 -43.46 -47.02
CA GLU L 77 -34.36 -43.78 -45.85
C GLU L 77 -34.55 -42.75 -44.76
N ASP L 78 -34.44 -41.47 -45.09
CA ASP L 78 -34.56 -40.43 -44.08
C ASP L 78 -35.98 -40.31 -43.55
N THR L 79 -36.99 -40.52 -44.40
CA THR L 79 -38.37 -40.50 -43.90
C THR L 79 -38.59 -41.60 -42.88
N ILE L 80 -38.12 -42.82 -43.19
CA ILE L 80 -38.25 -43.93 -42.26
C ILE L 80 -37.50 -43.62 -40.96
N LYS L 81 -36.29 -43.09 -41.08
CA LYS L 81 -35.49 -42.81 -39.89
C LYS L 81 -36.14 -41.73 -39.03
N ILE L 82 -36.74 -40.72 -39.66
CA ILE L 82 -37.47 -39.70 -38.92
C ILE L 82 -38.63 -40.33 -38.17
N LEU L 83 -39.39 -41.20 -38.84
CA LEU L 83 -40.55 -41.80 -38.18
C LEU L 83 -40.14 -42.68 -37.01
N ARG L 84 -39.06 -43.45 -37.14
CA ARG L 84 -38.56 -44.20 -36.00
C ARG L 84 -38.11 -43.28 -34.87
N ASP L 85 -37.31 -42.26 -35.19
CA ASP L 85 -36.80 -41.38 -34.14
C ASP L 85 -37.92 -40.64 -33.43
N ALA L 86 -39.02 -40.37 -34.11
CA ALA L 86 -40.17 -39.77 -33.46
C ALA L 86 -40.91 -40.76 -32.56
N GLY L 87 -40.56 -42.04 -32.64
CA GLY L 87 -41.20 -43.06 -31.82
C GLY L 87 -42.50 -43.56 -32.40
N TYR L 88 -42.44 -44.05 -33.64
CA TYR L 88 -43.62 -44.56 -34.32
C TYR L 88 -43.34 -45.94 -34.89
N HIS L 89 -44.36 -46.78 -34.87
CA HIS L 89 -44.35 -48.02 -35.64
C HIS L 89 -44.99 -47.74 -36.99
N VAL L 90 -44.22 -47.91 -38.06
CA VAL L 90 -44.64 -47.50 -39.38
C VAL L 90 -44.59 -48.70 -40.33
N LYS L 91 -45.65 -48.84 -41.12
CA LYS L 91 -45.70 -49.80 -42.22
C LYS L 91 -45.20 -49.06 -43.45
N ALA L 92 -43.92 -49.24 -43.76
CA ALA L 92 -43.32 -48.54 -44.89
C ALA L 92 -43.88 -49.09 -46.19
N ASN L 93 -44.53 -48.22 -46.96
CA ASN L 93 -45.19 -48.60 -48.20
C ASN L 93 -44.38 -48.08 -49.37
N GLY L 94 -43.94 -49.00 -50.24
CA GLY L 94 -43.17 -48.60 -51.40
C GLY L 94 -44.03 -47.89 -52.41
N VAL L 95 -43.52 -46.80 -52.96
CA VAL L 95 -44.21 -46.01 -53.97
C VAL L 95 -43.43 -46.13 -55.27
N ASP L 96 -44.11 -46.57 -56.32
CA ASP L 96 -43.50 -46.65 -57.64
C ASP L 96 -44.53 -46.26 -58.68
N VAL L 97 -44.04 -45.87 -59.83
CA VAL L 97 -44.87 -45.33 -60.89
C VAL L 97 -45.29 -46.45 -61.83
N THR L 98 -46.55 -46.42 -62.26
CA THR L 98 -47.06 -47.38 -63.22
C THR L 98 -48.04 -46.67 -64.14
N THR L 99 -48.37 -47.32 -65.25
CA THR L 99 -49.32 -46.82 -66.22
C THR L 99 -50.69 -47.45 -66.02
N HIS L 100 -51.73 -46.65 -66.27
CA HIS L 100 -53.12 -47.10 -66.21
C HIS L 100 -53.79 -46.64 -67.50
N ARG L 101 -54.55 -47.53 -68.12
CA ARG L 101 -55.22 -47.26 -69.39
C ARG L 101 -56.72 -47.21 -69.14
N GLN L 102 -57.36 -46.12 -69.54
CA GLN L 102 -58.81 -46.05 -69.47
C GLN L 102 -59.36 -45.24 -70.63
N ASP L 103 -60.64 -45.47 -70.91
CA ASP L 103 -61.33 -44.85 -72.05
C ASP L 103 -62.27 -43.77 -71.53
N ILE L 104 -61.88 -42.52 -71.75
CA ILE L 104 -62.75 -41.38 -71.47
C ILE L 104 -63.05 -40.70 -72.80
N ASN L 105 -64.28 -40.18 -72.93
CA ASN L 105 -64.78 -39.62 -74.19
C ASN L 105 -64.77 -40.67 -75.30
N GLY L 106 -64.84 -41.94 -74.91
CA GLY L 106 -64.79 -43.01 -75.89
C GLY L 106 -63.46 -43.19 -76.56
N LYS L 107 -62.38 -42.71 -75.95
CA LYS L 107 -61.04 -42.77 -76.54
C LYS L 107 -60.06 -43.38 -75.55
N GLU L 108 -59.20 -44.27 -76.04
CA GLU L 108 -58.17 -44.89 -75.23
C GLU L 108 -57.19 -43.82 -74.77
N MET L 109 -56.82 -43.85 -73.49
CA MET L 109 -55.94 -42.81 -72.95
C MET L 109 -54.88 -43.39 -72.02
N LYS L 110 -53.68 -42.84 -72.17
CA LYS L 110 -52.50 -43.23 -71.42
C LYS L 110 -52.30 -42.28 -70.24
N PHE L 111 -52.36 -42.82 -69.03
CA PHE L 111 -52.03 -42.10 -67.81
C PHE L 111 -50.92 -42.81 -67.06
N GLU L 112 -50.05 -42.02 -66.45
CA GLU L 112 -48.95 -42.52 -65.64
C GLU L 112 -49.21 -42.09 -64.20
N VAL L 113 -49.46 -43.05 -63.32
CA VAL L 113 -49.88 -42.77 -61.95
C VAL L 113 -48.93 -43.45 -60.98
N LEU L 114 -49.18 -43.24 -59.69
CA LEU L 114 -48.36 -43.78 -58.61
C LEU L 114 -49.15 -44.77 -57.78
N THR L 115 -48.44 -45.74 -57.21
CA THR L 115 -49.04 -46.70 -56.27
C THR L 115 -49.02 -46.09 -54.88
N LEU L 116 -50.04 -45.30 -54.57
CA LEU L 116 -50.20 -44.71 -53.25
C LEU L 116 -51.43 -45.30 -52.58
N ALA L 117 -51.23 -45.87 -51.38
CA ALA L 117 -52.36 -46.41 -50.65
C ALA L 117 -53.30 -45.31 -50.18
N SER L 118 -52.77 -44.13 -49.88
CA SER L 118 -53.59 -43.04 -49.37
C SER L 118 -54.31 -42.30 -50.49
N LEU L 119 -53.81 -42.40 -51.72
CA LEU L 119 -54.33 -41.64 -52.85
C LEU L 119 -54.68 -42.61 -53.98
N THR L 120 -55.97 -42.73 -54.28
CA THR L 120 -56.41 -43.71 -55.27
C THR L 120 -56.09 -43.24 -56.69
N THR L 121 -56.16 -44.19 -57.63
CA THR L 121 -55.85 -43.89 -59.02
C THR L 121 -56.86 -42.94 -59.63
N GLU L 122 -58.14 -43.09 -59.28
CA GLU L 122 -59.18 -42.21 -59.82
C GLU L 122 -58.86 -40.74 -59.53
N ILE L 123 -58.37 -40.46 -58.34
CA ILE L 123 -58.10 -39.08 -57.95
C ILE L 123 -57.02 -38.47 -58.82
N GLN L 124 -55.93 -39.19 -59.03
CA GLN L 124 -54.84 -38.71 -59.88
C GLN L 124 -55.31 -38.55 -61.33
N ILE L 125 -56.10 -39.51 -61.81
CA ILE L 125 -56.63 -39.41 -63.18
C ILE L 125 -57.48 -38.16 -63.33
N ASN L 126 -58.36 -37.91 -62.35
CA ASN L 126 -59.25 -36.76 -62.43
C ASN L 126 -58.47 -35.45 -62.31
N ILE L 127 -57.42 -35.44 -61.49
CA ILE L 127 -56.54 -34.28 -61.41
C ILE L 127 -55.95 -33.99 -62.78
N GLU L 128 -55.45 -35.03 -63.46
CA GLU L 128 -54.90 -34.83 -64.79
C GLU L 128 -55.96 -34.34 -65.77
N ILE L 129 -57.18 -34.88 -65.69
CA ILE L 129 -58.24 -34.47 -66.62
C ILE L 129 -58.56 -33.00 -66.43
N GLU L 130 -58.76 -32.57 -65.18
CA GLU L 130 -59.08 -31.18 -64.91
C GLU L 130 -57.95 -30.26 -65.37
N SER L 131 -56.71 -30.65 -65.07
CA SER L 131 -55.57 -29.84 -65.48
C SER L 131 -55.49 -29.74 -67.00
N ARG L 132 -55.69 -30.86 -67.70
CA ARG L 132 -55.59 -30.84 -69.16
C ARG L 132 -56.65 -29.94 -69.78
N LYS L 133 -57.90 -30.01 -69.31
CA LYS L 133 -58.93 -29.21 -69.95
C LYS L 133 -58.81 -27.74 -69.57
N SER L 134 -58.36 -27.45 -68.33
CA SER L 134 -58.08 -26.06 -67.99
C SER L 134 -56.93 -25.50 -68.82
N TYR L 135 -55.89 -26.31 -69.04
CA TYR L 135 -54.79 -25.93 -69.91
C TYR L 135 -55.27 -25.67 -71.33
N LYS L 136 -56.15 -26.54 -71.84
CA LYS L 136 -56.69 -26.34 -73.18
C LYS L 136 -57.45 -25.03 -73.27
N LYS L 137 -58.32 -24.76 -72.29
CA LYS L 137 -59.12 -23.54 -72.30
C LYS L 137 -58.25 -22.30 -72.23
N MET L 138 -57.22 -22.32 -71.37
CA MET L 138 -56.39 -21.14 -71.20
C MET L 138 -55.46 -20.94 -72.40
N LEU L 139 -55.01 -22.04 -73.00
CA LEU L 139 -54.24 -21.95 -74.24
C LEU L 139 -55.09 -21.37 -75.36
N LYS L 140 -56.36 -21.77 -75.42
CA LYS L 140 -57.29 -21.19 -76.38
C LYS L 140 -57.47 -19.70 -76.12
N GLU L 141 -57.59 -19.30 -74.85
CA GLU L 141 -57.88 -17.92 -74.53
C GLU L 141 -56.67 -16.99 -74.62
N MET L 142 -55.43 -17.52 -74.67
CA MET L 142 -54.28 -16.64 -74.85
C MET L 142 -53.31 -17.10 -75.93
N GLY L 143 -53.56 -18.20 -76.62
CA GLY L 143 -52.79 -18.53 -77.80
C GLY L 143 -51.59 -19.44 -77.60
N GLU L 144 -50.59 -18.98 -76.85
CA GLU L 144 -49.38 -19.77 -76.63
C GLU L 144 -48.97 -19.68 -75.18
N VAL L 145 -48.56 -20.81 -74.62
CA VAL L 145 -48.14 -20.89 -73.22
C VAL L 145 -46.65 -20.63 -73.09
N ALA L 146 -46.22 -20.37 -71.87
CA ALA L 146 -44.82 -20.19 -71.50
C ALA L 146 -44.50 -21.18 -70.39
N PRO L 147 -43.22 -21.45 -70.13
CA PRO L 147 -42.87 -22.29 -68.98
C PRO L 147 -43.41 -21.76 -67.66
N GLU L 148 -43.82 -20.48 -67.61
CA GLU L 148 -44.45 -19.94 -66.42
C GLU L 148 -45.80 -20.61 -66.17
N TYR L 149 -46.59 -20.83 -67.22
CA TYR L 149 -47.92 -21.44 -67.12
C TYR L 149 -47.80 -22.92 -67.49
N ARG L 150 -47.32 -23.75 -66.56
CA ARG L 150 -47.26 -25.18 -66.82
C ARG L 150 -46.99 -25.91 -65.51
N HIS L 151 -47.24 -27.22 -65.55
CA HIS L 151 -46.97 -28.12 -64.43
C HIS L 151 -45.52 -28.58 -64.37
N ASP L 152 -44.73 -28.36 -65.43
CA ASP L 152 -43.37 -28.86 -65.48
C ASP L 152 -42.38 -27.96 -64.74
N SER L 153 -42.83 -26.84 -64.19
CA SER L 153 -41.96 -25.98 -63.42
C SER L 153 -41.43 -26.74 -62.19
N PRO L 154 -40.15 -26.59 -61.84
CA PRO L 154 -39.60 -27.38 -60.74
C PRO L 154 -39.94 -26.85 -59.35
N ASP L 155 -40.75 -25.80 -59.24
CA ASP L 155 -41.07 -25.19 -57.95
C ASP L 155 -42.57 -25.23 -57.65
N CYS L 156 -43.35 -25.94 -58.46
CA CYS L 156 -44.78 -26.02 -58.22
C CYS L 156 -45.08 -26.70 -56.89
N GLY L 157 -44.36 -27.77 -56.56
CA GLY L 157 -44.52 -28.39 -55.26
C GLY L 157 -44.05 -27.51 -54.13
N MET L 158 -43.01 -26.72 -54.36
CA MET L 158 -42.47 -25.88 -53.31
C MET L 158 -43.37 -24.69 -53.01
N ILE L 159 -44.19 -24.24 -53.95
CA ILE L 159 -45.20 -23.23 -53.62
C ILE L 159 -46.23 -23.78 -52.65
N ILE L 160 -46.71 -25.00 -52.92
CA ILE L 160 -47.63 -25.67 -52.01
C ILE L 160 -46.99 -25.83 -50.64
N LEU L 161 -45.70 -26.17 -50.61
CA LEU L 161 -45.01 -26.30 -49.34
C LEU L 161 -44.80 -24.95 -48.66
N CYS L 162 -44.77 -23.86 -49.42
CA CYS L 162 -44.77 -22.52 -48.80
C CYS L 162 -46.09 -22.26 -48.07
N ILE L 163 -47.21 -22.62 -48.70
CA ILE L 163 -48.49 -22.52 -48.02
C ILE L 163 -48.49 -23.38 -46.75
N ALA L 164 -47.91 -24.59 -46.85
CA ALA L 164 -47.79 -25.45 -45.68
C ALA L 164 -46.95 -24.80 -44.59
N ALA L 165 -45.89 -24.10 -44.98
CA ALA L 165 -45.04 -23.42 -44.01
C ALA L 165 -45.80 -22.33 -43.27
N LEU L 166 -46.63 -21.57 -43.99
CA LEU L 166 -47.47 -20.57 -43.31
C LEU L 166 -48.44 -21.25 -42.33
N VAL L 167 -49.06 -22.34 -42.76
CA VAL L 167 -49.95 -23.08 -41.86
C VAL L 167 -49.20 -23.53 -40.62
N ILE L 168 -47.94 -23.98 -40.80
CA ILE L 168 -47.14 -24.42 -39.67
C ILE L 168 -46.85 -23.24 -38.73
N THR L 169 -46.57 -22.06 -39.29
CA THR L 169 -46.37 -20.89 -38.44
C THR L 169 -47.58 -20.65 -37.57
N LYS L 170 -48.78 -20.83 -38.11
CA LYS L 170 -49.99 -20.59 -37.32
C LYS L 170 -50.54 -21.80 -36.60
N LEU L 171 -49.88 -22.95 -36.69
CA LEU L 171 -50.38 -24.16 -36.01
C LEU L 171 -50.41 -24.04 -34.49
N ALA L 172 -49.52 -23.24 -33.89
CA ALA L 172 -49.41 -23.21 -32.45
C ALA L 172 -50.64 -22.62 -31.77
N ALA L 173 -51.54 -21.98 -32.52
CA ALA L 173 -52.75 -21.42 -31.94
C ALA L 173 -53.74 -22.49 -31.47
N GLY L 174 -53.54 -23.74 -31.85
CA GLY L 174 -54.37 -24.83 -31.39
C GLY L 174 -55.60 -25.13 -32.23
N ASP L 175 -55.90 -24.30 -33.22
CA ASP L 175 -57.06 -24.51 -34.09
C ASP L 175 -56.83 -23.72 -35.36
N ARG L 176 -57.87 -23.63 -36.19
CA ARG L 176 -57.78 -22.92 -37.46
C ARG L 176 -58.18 -21.46 -37.30
N SER L 177 -57.59 -20.78 -36.32
CA SER L 177 -57.84 -19.37 -36.11
C SER L 177 -56.84 -18.48 -36.83
N GLY L 178 -55.72 -19.05 -37.29
CA GLY L 178 -54.74 -18.30 -38.02
C GLY L 178 -54.92 -18.42 -39.51
N LEU L 179 -56.09 -18.91 -39.94
CA LEU L 179 -56.35 -19.07 -41.36
C LEU L 179 -56.36 -17.72 -42.08
N THR L 180 -56.94 -16.70 -41.46
CA THR L 180 -56.95 -15.38 -42.08
C THR L 180 -55.54 -14.83 -42.22
N ALA L 181 -54.71 -15.02 -41.21
CA ALA L 181 -53.31 -14.58 -41.30
C ALA L 181 -52.58 -15.34 -42.39
N VAL L 182 -52.84 -16.64 -42.52
CA VAL L 182 -52.22 -17.43 -43.57
C VAL L 182 -52.61 -16.90 -44.94
N ILE L 183 -53.90 -16.60 -45.14
CA ILE L 183 -54.35 -16.09 -46.43
C ILE L 183 -53.73 -14.72 -46.71
N ARG L 184 -53.69 -13.85 -45.70
CA ARG L 184 -53.12 -12.52 -45.89
C ARG L 184 -51.65 -12.58 -46.25
N ARG L 185 -50.87 -13.41 -45.55
CA ARG L 185 -49.45 -13.51 -45.84
C ARG L 185 -49.20 -14.22 -47.16
N ALA L 186 -50.06 -15.16 -47.55
CA ALA L 186 -49.92 -15.82 -48.84
C ALA L 186 -50.37 -14.93 -49.98
N ASN L 187 -51.10 -13.85 -49.68
CA ASN L 187 -51.38 -12.87 -50.72
C ASN L 187 -50.26 -11.83 -50.81
N ASN L 188 -49.70 -11.42 -49.67
CA ASN L 188 -48.54 -10.52 -49.69
C ASN L 188 -47.36 -11.20 -50.37
N VAL L 189 -46.86 -12.28 -49.79
CA VAL L 189 -45.89 -13.12 -50.47
C VAL L 189 -46.61 -13.86 -51.58
N LEU L 190 -45.86 -14.31 -52.59
CA LEU L 190 -46.38 -15.20 -53.63
C LEU L 190 -47.46 -14.53 -54.49
N LYS L 191 -47.47 -13.21 -54.60
CA LYS L 191 -48.48 -12.55 -55.42
C LYS L 191 -48.22 -12.77 -56.91
N ASN L 192 -46.94 -12.79 -57.32
CA ASN L 192 -46.59 -13.14 -58.69
C ASN L 192 -47.08 -14.54 -59.02
N GLU L 193 -46.91 -15.48 -58.11
CA GLU L 193 -47.42 -16.83 -58.33
C GLU L 193 -48.95 -16.84 -58.41
N MET L 194 -49.61 -16.07 -57.55
CA MET L 194 -51.07 -16.04 -57.59
C MET L 194 -51.58 -15.41 -58.89
N LYS L 195 -50.75 -14.59 -59.53
CA LYS L 195 -50.98 -14.32 -60.95
C LYS L 195 -50.78 -15.56 -61.79
N ARG L 196 -49.59 -16.14 -61.71
CA ARG L 196 -49.12 -17.12 -62.67
C ARG L 196 -49.91 -18.44 -62.62
N TYR L 197 -50.37 -18.85 -61.44
CA TYR L 197 -51.06 -20.13 -61.29
C TYR L 197 -52.54 -19.93 -61.04
N LYS L 198 -53.37 -20.58 -61.86
CA LYS L 198 -54.80 -20.45 -61.79
C LYS L 198 -55.39 -21.06 -60.53
N GLY L 199 -54.84 -22.18 -60.09
CA GLY L 199 -55.34 -22.93 -58.97
C GLY L 199 -54.65 -22.67 -57.65
N LEU L 200 -53.80 -21.66 -57.58
CA LEU L 200 -53.13 -21.30 -56.34
C LEU L 200 -54.13 -20.55 -55.49
N LEU L 201 -55.00 -21.29 -54.81
CA LEU L 201 -55.97 -20.71 -53.91
C LEU L 201 -55.47 -20.90 -52.49
N PRO L 202 -54.99 -19.85 -51.83
CA PRO L 202 -54.37 -20.05 -50.50
C PRO L 202 -55.29 -20.66 -49.48
N LYS L 203 -56.58 -20.32 -49.49
CA LYS L 203 -57.48 -20.78 -48.43
C LYS L 203 -57.72 -22.28 -48.53
N ASP L 204 -57.94 -22.79 -49.75
CA ASP L 204 -58.22 -24.21 -49.92
C ASP L 204 -57.00 -25.05 -49.55
N ILE L 205 -55.82 -24.65 -50.01
CA ILE L 205 -54.60 -25.38 -49.69
C ILE L 205 -54.33 -25.32 -48.19
N ALA L 206 -54.55 -24.16 -47.58
CA ALA L 206 -54.34 -24.02 -46.14
C ALA L 206 -55.29 -24.91 -45.36
N ASN L 207 -56.55 -24.99 -45.78
CA ASN L 207 -57.50 -25.87 -45.13
C ASN L 207 -57.11 -27.33 -45.29
N SER L 208 -56.62 -27.70 -46.48
CA SER L 208 -56.17 -29.07 -46.70
C SER L 208 -55.00 -29.41 -45.79
N PHE L 209 -54.05 -28.49 -45.63
CA PHE L 209 -52.90 -28.77 -44.77
C PHE L 209 -53.30 -28.79 -43.30
N TYR L 210 -54.23 -27.92 -42.90
CA TYR L 210 -54.78 -28.00 -41.55
C TYR L 210 -55.39 -29.36 -41.29
N GLU L 211 -56.20 -29.85 -42.23
CA GLU L 211 -56.83 -31.16 -42.08
C GLU L 211 -55.79 -32.27 -41.97
N VAL L 212 -54.78 -32.26 -42.85
CA VAL L 212 -53.83 -33.37 -42.83
C VAL L 212 -52.98 -33.32 -41.57
N PHE L 213 -52.68 -32.13 -41.06
CA PHE L 213 -51.92 -32.04 -39.83
C PHE L 213 -52.75 -32.46 -38.62
N GLU L 214 -54.06 -32.21 -38.67
CA GLU L 214 -54.92 -32.65 -37.58
C GLU L 214 -55.07 -34.17 -37.57
N LYS L 215 -55.26 -34.78 -38.75
CA LYS L 215 -55.51 -36.21 -38.79
C LYS L 215 -54.25 -37.02 -38.52
N HIS L 216 -53.11 -36.58 -39.05
CA HIS L 216 -51.85 -37.30 -38.94
C HIS L 216 -50.83 -36.45 -38.21
N PRO L 217 -50.74 -36.56 -36.88
CA PRO L 217 -49.73 -35.77 -36.14
C PRO L 217 -48.30 -36.12 -36.48
N HIS L 218 -48.02 -37.29 -37.04
CA HIS L 218 -46.66 -37.61 -37.46
C HIS L 218 -46.24 -36.82 -38.69
N PHE L 219 -47.20 -36.36 -39.49
CA PHE L 219 -46.85 -35.53 -40.64
C PHE L 219 -46.32 -34.17 -40.20
N ILE L 220 -46.73 -33.69 -39.04
CA ILE L 220 -46.14 -32.45 -38.51
C ILE L 220 -44.66 -32.66 -38.24
N ASP L 221 -44.31 -33.77 -37.60
CA ASP L 221 -42.91 -34.08 -37.34
C ASP L 221 -42.13 -34.22 -38.63
N VAL L 222 -42.69 -34.96 -39.59
CA VAL L 222 -42.01 -35.16 -40.87
C VAL L 222 -41.80 -33.82 -41.58
N PHE L 223 -42.82 -32.96 -41.59
CA PHE L 223 -42.71 -31.68 -42.28
C PHE L 223 -41.73 -30.75 -41.59
N VAL L 224 -41.72 -30.75 -40.25
CA VAL L 224 -40.77 -29.89 -39.54
C VAL L 224 -39.34 -30.32 -39.83
N HIS L 225 -39.08 -31.62 -39.83
CA HIS L 225 -37.71 -32.05 -40.10
C HIS L 225 -37.35 -31.91 -41.57
N PHE L 226 -38.33 -32.01 -42.46
CA PHE L 226 -38.08 -31.68 -43.86
C PHE L 226 -37.72 -30.21 -44.01
N GLY L 227 -38.43 -29.33 -43.32
CA GLY L 227 -38.13 -27.91 -43.40
C GLY L 227 -36.77 -27.58 -42.84
N ILE L 228 -36.36 -28.28 -41.78
CA ILE L 228 -35.01 -28.06 -41.24
C ILE L 228 -33.96 -28.56 -42.22
N ALA L 229 -34.20 -29.72 -42.84
CA ALA L 229 -33.24 -30.24 -43.81
C ALA L 229 -33.16 -29.37 -45.05
N GLN L 230 -34.29 -28.85 -45.51
CA GLN L 230 -34.31 -27.95 -46.66
C GLN L 230 -33.58 -26.65 -46.34
N SER L 231 -33.78 -26.11 -45.14
CA SER L 231 -33.12 -24.88 -44.74
C SER L 231 -31.63 -25.07 -44.46
N SER L 232 -31.15 -26.31 -44.44
CA SER L 232 -29.73 -26.60 -44.25
C SER L 232 -28.99 -26.78 -45.57
N THR L 233 -29.64 -26.51 -46.70
CA THR L 233 -28.97 -26.65 -47.99
C THR L 233 -28.04 -25.48 -48.23
N ARG L 234 -27.14 -25.66 -49.20
CA ARG L 234 -26.19 -24.62 -49.58
C ARG L 234 -26.83 -23.52 -50.42
N GLY L 235 -27.97 -23.79 -51.03
CA GLY L 235 -28.64 -22.81 -51.87
C GLY L 235 -29.77 -23.46 -52.62
N GLY L 236 -30.40 -22.63 -53.48
CA GLY L 236 -31.51 -23.13 -54.26
C GLY L 236 -32.14 -22.01 -55.06
N SER L 237 -33.36 -22.26 -55.53
CA SER L 237 -34.11 -21.29 -56.30
C SER L 237 -34.69 -20.23 -55.37
N ARG L 238 -35.40 -19.26 -55.95
CA ARG L 238 -35.97 -18.20 -55.14
C ARG L 238 -37.20 -18.68 -54.38
N VAL L 239 -37.94 -19.65 -54.94
CA VAL L 239 -39.08 -20.21 -54.24
C VAL L 239 -38.63 -21.00 -53.02
N GLU L 240 -37.50 -21.69 -53.12
CA GLU L 240 -36.96 -22.37 -51.95
C GLU L 240 -36.50 -21.38 -50.90
N GLY L 241 -35.97 -20.24 -51.33
CA GLY L 241 -35.65 -19.19 -50.38
C GLY L 241 -36.88 -18.63 -49.70
N ILE L 242 -37.97 -18.47 -50.44
CA ILE L 242 -39.23 -18.04 -49.83
C ILE L 242 -39.70 -19.06 -48.82
N PHE L 243 -39.62 -20.34 -49.16
CA PHE L 243 -40.03 -21.38 -48.23
C PHE L 243 -39.18 -21.36 -46.97
N ALA L 244 -37.87 -21.19 -47.10
CA ALA L 244 -37.00 -21.13 -45.93
C ALA L 244 -37.33 -19.93 -45.06
N GLY L 245 -37.58 -18.78 -45.68
CA GLY L 245 -37.94 -17.60 -44.90
C GLY L 245 -39.26 -17.76 -44.17
N LEU L 246 -40.25 -18.36 -44.84
CA LEU L 246 -41.54 -18.57 -44.20
C LEU L 246 -41.48 -19.66 -43.14
N PHE L 247 -40.61 -20.65 -43.32
CA PHE L 247 -40.48 -21.72 -42.34
C PHE L 247 -39.78 -21.25 -41.09
N MET L 248 -38.74 -20.42 -41.22
CA MET L 248 -38.10 -19.93 -40.02
C MET L 248 -38.91 -18.83 -39.34
N ASN L 249 -39.97 -18.37 -40.00
CA ASN L 249 -40.96 -17.53 -39.31
C ASN L 249 -41.71 -18.30 -38.25
N ALA L 250 -41.70 -19.63 -38.32
CA ALA L 250 -42.35 -20.48 -37.34
C ALA L 250 -41.49 -20.76 -36.13
N TYR L 251 -40.20 -20.42 -36.19
CA TYR L 251 -39.32 -20.65 -35.05
C TYR L 251 -39.75 -19.78 -33.87
N GLY L 252 -39.94 -20.41 -32.71
CA GLY L 252 -40.39 -19.70 -31.55
C GLY L 252 -41.89 -19.49 -31.47
N ALA L 253 -42.66 -20.12 -32.35
CA ALA L 253 -44.11 -20.02 -32.27
C ALA L 253 -44.60 -20.72 -31.00
N GLY L 254 -45.53 -20.07 -30.32
CA GLY L 254 -45.99 -20.55 -29.03
C GLY L 254 -45.16 -20.08 -27.86
N GLN L 255 -44.11 -19.31 -28.08
CA GLN L 255 -43.24 -18.82 -27.03
C GLN L 255 -43.02 -17.32 -27.16
N VAL L 256 -44.07 -16.59 -27.49
CA VAL L 256 -43.94 -15.15 -27.68
C VAL L 256 -43.60 -14.43 -26.38
N MET L 257 -44.00 -14.99 -25.24
CA MET L 257 -43.83 -14.29 -23.97
C MET L 257 -42.35 -14.18 -23.59
N LEU L 258 -41.53 -15.16 -24.00
CA LEU L 258 -40.10 -15.06 -23.73
C LEU L 258 -39.50 -13.87 -24.48
N ARG L 259 -39.86 -13.72 -25.75
CA ARG L 259 -39.37 -12.60 -26.55
C ARG L 259 -39.89 -11.27 -26.01
N TRP L 260 -41.15 -11.23 -25.59
CA TRP L 260 -41.70 -9.99 -25.06
C TRP L 260 -41.11 -9.67 -23.68
N GLY L 261 -40.71 -10.67 -22.91
CA GLY L 261 -40.01 -10.41 -21.67
C GLY L 261 -38.62 -9.84 -21.90
N VAL L 262 -37.91 -10.37 -22.90
CA VAL L 262 -36.62 -9.79 -23.26
C VAL L 262 -36.83 -8.35 -23.73
N LEU L 263 -37.91 -8.10 -24.46
CA LEU L 263 -38.21 -6.73 -24.89
C LEU L 263 -38.48 -5.81 -23.71
N ALA L 264 -39.27 -6.28 -22.74
CA ALA L 264 -39.57 -5.45 -21.57
C ALA L 264 -38.32 -5.18 -20.76
N LYS L 265 -37.38 -6.12 -20.76
CA LYS L 265 -36.09 -5.84 -20.14
C LYS L 265 -35.33 -4.78 -20.93
N SER L 266 -35.41 -4.84 -22.26
CA SER L 266 -34.65 -3.91 -23.08
C SER L 266 -35.14 -2.48 -22.95
N VAL L 267 -36.47 -2.28 -22.97
CA VAL L 267 -37.02 -0.94 -22.79
C VAL L 267 -37.03 -0.50 -21.33
N LYS L 268 -36.60 -1.38 -20.42
CA LYS L 268 -36.34 -1.01 -19.03
C LYS L 268 -37.60 -0.52 -18.32
N ASN L 269 -38.67 -1.28 -18.48
CA ASN L 269 -39.93 -0.95 -17.82
C ASN L 269 -39.76 -0.94 -16.31
N ILE L 270 -40.33 0.07 -15.66
CA ILE L 270 -40.11 0.24 -14.23
C ILE L 270 -40.84 -0.83 -13.42
N MET L 271 -42.01 -1.26 -13.89
CA MET L 271 -42.78 -2.24 -13.11
C MET L 271 -42.10 -3.60 -13.03
N LEU L 272 -40.90 -3.75 -13.60
CA LEU L 272 -40.08 -4.91 -13.29
C LEU L 272 -39.43 -4.79 -11.92
N GLY L 273 -39.48 -3.60 -11.32
CA GLY L 273 -39.00 -3.36 -9.98
C GLY L 273 -40.02 -3.52 -8.89
N HIS L 274 -41.25 -3.92 -9.23
CA HIS L 274 -42.28 -4.15 -8.24
C HIS L 274 -41.87 -5.31 -7.33
N ALA L 275 -42.56 -5.43 -6.19
CA ALA L 275 -42.17 -6.42 -5.19
C ALA L 275 -42.42 -7.85 -5.67
N SER L 276 -43.62 -8.10 -6.21
CA SER L 276 -43.96 -9.46 -6.61
C SER L 276 -43.17 -9.91 -7.83
N VAL L 277 -42.91 -9.00 -8.77
CA VAL L 277 -42.07 -9.34 -9.91
C VAL L 277 -40.69 -9.76 -9.44
N GLN L 278 -40.12 -9.01 -8.50
CA GLN L 278 -38.80 -9.37 -7.97
C GLN L 278 -38.86 -10.66 -7.18
N ALA L 279 -40.01 -10.97 -6.59
CA ALA L 279 -40.18 -12.27 -5.94
C ALA L 279 -40.06 -13.40 -6.95
N GLU L 280 -40.68 -13.23 -8.13
CA GLU L 280 -40.68 -14.28 -9.13
C GLU L 280 -39.42 -14.30 -10.00
N MET L 281 -38.57 -13.28 -9.92
CA MET L 281 -37.44 -13.18 -10.84
C MET L 281 -36.51 -14.38 -10.77
N GLU L 282 -36.42 -15.05 -9.62
CA GLU L 282 -35.53 -16.21 -9.51
C GLU L 282 -35.96 -17.30 -10.49
N GLN L 283 -37.23 -17.69 -10.44
CA GLN L 283 -37.72 -18.73 -11.33
C GLN L 283 -37.84 -18.23 -12.76
N VAL L 284 -38.04 -16.93 -12.96
CA VAL L 284 -38.03 -16.41 -14.32
C VAL L 284 -36.66 -16.59 -14.97
N VAL L 285 -35.60 -16.25 -14.24
CA VAL L 285 -34.24 -16.45 -14.75
C VAL L 285 -33.97 -17.93 -14.93
N GLU L 286 -34.52 -18.76 -14.03
CA GLU L 286 -34.46 -20.21 -14.20
C GLU L 286 -35.00 -20.64 -15.56
N VAL L 287 -36.19 -20.14 -15.93
CA VAL L 287 -36.81 -20.52 -17.19
C VAL L 287 -35.97 -20.03 -18.37
N TYR L 288 -35.47 -18.80 -18.30
CA TYR L 288 -34.68 -18.27 -19.41
C TYR L 288 -33.38 -19.05 -19.61
N GLU L 289 -32.70 -19.40 -18.51
CA GLU L 289 -31.51 -20.22 -18.62
C GLU L 289 -31.83 -21.60 -19.18
N TYR L 290 -33.00 -22.14 -18.82
CA TYR L 290 -33.43 -23.41 -19.41
C TYR L 290 -33.62 -23.29 -20.91
N ALA L 291 -34.26 -22.21 -21.36
CA ALA L 291 -34.49 -22.01 -22.79
C ALA L 291 -33.17 -21.90 -23.54
N GLN L 292 -32.21 -21.19 -22.95
CA GLN L 292 -30.90 -21.07 -23.59
C GLN L 292 -30.14 -22.39 -23.62
N LYS L 293 -30.24 -23.18 -22.56
CA LYS L 293 -29.57 -24.49 -22.56
C LYS L 293 -30.18 -25.41 -23.61
N LEU L 294 -31.50 -25.35 -23.77
CA LEU L 294 -32.14 -26.09 -24.86
C LEU L 294 -31.61 -25.64 -26.21
N GLY L 295 -31.61 -24.33 -26.45
CA GLY L 295 -31.04 -23.80 -27.67
C GLY L 295 -31.95 -23.87 -28.87
N GLY L 296 -31.39 -24.32 -30.00
CA GLY L 296 -32.11 -24.29 -31.27
C GLY L 296 -33.29 -25.22 -31.34
N GLU L 297 -33.20 -26.41 -30.73
CA GLU L 297 -34.27 -27.38 -30.85
C GLU L 297 -35.56 -26.89 -30.19
N ALA L 298 -35.46 -25.97 -29.23
CA ALA L 298 -36.63 -25.52 -28.49
C ALA L 298 -37.56 -24.62 -29.30
N GLY L 299 -37.14 -24.17 -30.49
CA GLY L 299 -37.96 -23.25 -31.25
C GLY L 299 -39.17 -23.89 -31.90
N PHE L 300 -39.22 -25.22 -31.95
CA PHE L 300 -40.34 -25.94 -32.55
C PHE L 300 -41.03 -26.85 -31.56
N TYR L 301 -40.88 -26.60 -30.26
CA TYR L 301 -41.49 -27.45 -29.25
C TYR L 301 -43.01 -27.37 -29.30
N HIS L 302 -43.57 -26.17 -29.43
CA HIS L 302 -45.01 -26.02 -29.41
C HIS L 302 -45.66 -26.45 -30.71
N ILE L 303 -44.98 -26.28 -31.84
CA ILE L 303 -45.49 -26.78 -33.11
C ILE L 303 -45.55 -28.29 -33.09
N LEU L 304 -44.50 -28.94 -32.60
CA LEU L 304 -44.42 -30.38 -32.54
C LEU L 304 -45.21 -30.97 -31.39
N ASN L 305 -45.77 -30.14 -30.52
CA ASN L 305 -46.42 -30.61 -29.28
C ASN L 305 -45.44 -31.41 -28.43
N ASN L 306 -44.22 -30.93 -28.33
CA ASN L 306 -43.24 -31.56 -27.46
C ASN L 306 -43.71 -31.47 -26.01
N PRO L 307 -43.65 -32.58 -25.26
CA PRO L 307 -44.15 -32.53 -23.88
C PRO L 307 -43.42 -31.53 -23.00
N LYS L 308 -42.15 -31.26 -23.28
CA LYS L 308 -41.39 -30.28 -22.52
C LYS L 308 -41.68 -28.85 -22.91
N ALA L 309 -42.72 -28.62 -23.73
CA ALA L 309 -43.09 -27.25 -24.07
C ALA L 309 -43.64 -26.51 -22.87
N SER L 310 -44.31 -27.22 -21.96
CA SER L 310 -44.89 -26.57 -20.78
C SER L 310 -43.84 -26.03 -19.83
N LEU L 311 -42.59 -26.51 -19.93
CA LEU L 311 -41.54 -26.03 -19.05
C LEU L 311 -41.04 -24.64 -19.44
N LEU L 312 -41.34 -24.18 -20.65
CA LEU L 312 -40.92 -22.87 -21.11
C LEU L 312 -41.95 -21.78 -20.83
N SER L 313 -43.08 -22.14 -20.23
CA SER L 313 -44.15 -21.18 -20.02
C SER L 313 -43.76 -20.14 -18.97
N LEU L 314 -44.25 -18.93 -19.16
CA LEU L 314 -44.07 -17.84 -18.21
C LEU L 314 -45.37 -17.44 -17.52
N THR L 315 -46.50 -18.01 -17.93
CA THR L 315 -47.77 -17.68 -17.29
C THR L 315 -47.86 -18.24 -15.88
N GLN L 316 -46.94 -19.11 -15.50
CA GLN L 316 -46.82 -19.62 -14.15
C GLN L 316 -46.23 -18.59 -13.18
N PHE L 317 -45.94 -17.40 -13.70
CA PHE L 317 -45.52 -16.24 -12.92
C PHE L 317 -46.47 -15.11 -13.26
N PRO L 318 -47.62 -15.03 -12.58
CA PRO L 318 -48.66 -14.08 -13.02
C PRO L 318 -48.21 -12.63 -13.03
N HIS L 319 -47.38 -12.21 -12.07
CA HIS L 319 -46.99 -10.80 -12.00
C HIS L 319 -46.03 -10.43 -13.12
N PHE L 320 -45.01 -11.24 -13.34
CA PHE L 320 -44.07 -10.98 -14.43
C PHE L 320 -44.76 -11.06 -15.78
N SER L 321 -45.64 -12.05 -15.95
CA SER L 321 -46.39 -12.16 -17.20
C SER L 321 -47.28 -10.96 -17.43
N SER L 322 -47.93 -10.47 -16.37
CA SER L 322 -48.79 -9.31 -16.51
C SER L 322 -47.98 -8.07 -16.88
N VAL L 323 -46.81 -7.90 -16.26
CA VAL L 323 -45.95 -6.77 -16.61
C VAL L 323 -45.51 -6.86 -18.07
N VAL L 324 -45.17 -8.07 -18.51
CA VAL L 324 -44.70 -8.25 -19.89
C VAL L 324 -45.81 -7.96 -20.88
N LEU L 325 -47.03 -8.45 -20.62
CA LEU L 325 -48.15 -8.15 -21.50
C LEU L 325 -48.46 -6.66 -21.50
N GLY L 326 -48.39 -6.01 -20.34
CA GLY L 326 -48.63 -4.58 -20.30
C GLY L 326 -47.61 -3.81 -21.11
N ASN L 327 -46.33 -4.17 -21.00
CA ASN L 327 -45.30 -3.51 -21.79
C ASN L 327 -45.53 -3.73 -23.28
N ALA L 328 -45.93 -4.95 -23.66
CA ALA L 328 -46.20 -5.22 -25.07
C ALA L 328 -47.37 -4.38 -25.58
N ALA L 329 -48.43 -4.27 -24.78
CA ALA L 329 -49.60 -3.50 -25.21
C ALA L 329 -49.29 -2.01 -25.26
N GLY L 330 -48.44 -1.53 -24.35
CA GLY L 330 -48.09 -0.12 -24.36
C GLY L 330 -47.24 0.25 -25.56
N LEU L 331 -46.34 -0.62 -25.97
CA LEU L 331 -45.50 -0.36 -27.14
C LEU L 331 -46.27 -0.51 -28.45
N GLY L 332 -47.51 -0.98 -28.41
CA GLY L 332 -48.32 -1.07 -29.60
C GLY L 332 -48.00 -2.24 -30.50
N ILE L 333 -47.48 -3.33 -29.95
CA ILE L 333 -47.16 -4.51 -30.74
C ILE L 333 -47.97 -5.73 -30.34
N MET L 334 -48.91 -5.62 -29.40
CA MET L 334 -49.60 -6.81 -28.92
C MET L 334 -50.64 -7.30 -29.91
N GLY L 335 -51.16 -6.40 -30.74
CA GLY L 335 -52.10 -6.81 -31.79
C GLY L 335 -53.37 -7.41 -31.21
N GLU L 336 -53.76 -8.56 -31.75
CA GLU L 336 -54.91 -9.32 -31.26
C GLU L 336 -54.49 -10.51 -30.42
N TYR L 337 -53.40 -10.38 -29.67
CA TYR L 337 -52.92 -11.47 -28.85
C TYR L 337 -53.96 -11.79 -27.79
N ARG L 338 -54.49 -13.01 -27.80
CA ARG L 338 -55.68 -13.35 -27.04
C ARG L 338 -55.35 -13.90 -25.66
N GLY L 339 -54.06 -13.90 -25.29
CA GLY L 339 -53.70 -14.13 -23.92
C GLY L 339 -54.01 -12.92 -23.06
N THR L 340 -54.49 -13.18 -21.84
CA THR L 340 -55.00 -12.13 -20.99
C THR L 340 -54.20 -12.04 -19.71
N PRO L 341 -53.97 -10.84 -19.18
CA PRO L 341 -53.21 -10.73 -17.92
C PRO L 341 -54.00 -11.31 -16.77
N ARG L 342 -53.28 -11.83 -15.77
CA ARG L 342 -53.92 -12.30 -14.55
C ARG L 342 -53.59 -11.45 -13.34
N ASN L 343 -52.93 -10.31 -13.56
CA ASN L 343 -52.80 -9.22 -12.60
C ASN L 343 -53.12 -7.95 -13.37
N GLN L 344 -54.38 -7.51 -13.32
CA GLN L 344 -54.81 -6.37 -14.12
C GLN L 344 -54.08 -5.10 -13.72
N ASP L 345 -53.79 -4.94 -12.43
CA ASP L 345 -53.16 -3.71 -11.96
C ASP L 345 -51.76 -3.54 -12.53
N LEU L 346 -50.93 -4.58 -12.43
CA LEU L 346 -49.59 -4.52 -13.00
C LEU L 346 -49.63 -4.36 -14.51
N TYR L 347 -50.59 -5.03 -15.16
CA TYR L 347 -50.77 -4.86 -16.59
C TYR L 347 -51.02 -3.41 -16.96
N ASP L 348 -51.96 -2.76 -16.27
CA ASP L 348 -52.28 -1.37 -16.57
C ASP L 348 -51.10 -0.45 -16.27
N ALA L 349 -50.41 -0.68 -15.15
CA ALA L 349 -49.27 0.17 -14.81
C ALA L 349 -48.16 0.06 -15.85
N ALA L 350 -47.83 -1.17 -16.27
CA ALA L 350 -46.81 -1.36 -17.27
C ALA L 350 -47.23 -0.78 -18.62
N LYS L 351 -48.51 -0.94 -18.98
CA LYS L 351 -49.00 -0.37 -20.23
C LYS L 351 -48.87 1.14 -20.22
N ALA L 352 -49.25 1.78 -19.12
CA ALA L 352 -49.14 3.24 -19.02
C ALA L 352 -47.68 3.68 -19.12
N TYR L 353 -46.78 3.01 -18.41
CA TYR L 353 -45.39 3.43 -18.47
C TYR L 353 -44.82 3.23 -19.87
N ALA L 354 -45.20 2.15 -20.55
CA ALA L 354 -44.70 1.92 -21.89
C ALA L 354 -45.24 2.95 -22.87
N GLU L 355 -46.47 3.42 -22.63
CA GLU L 355 -47.00 4.49 -23.47
C GLU L 355 -46.24 5.79 -23.25
N GLN L 356 -45.98 6.16 -21.99
CA GLN L 356 -45.16 7.36 -21.75
C GLN L 356 -43.70 7.15 -22.12
N LEU L 357 -43.29 5.92 -22.44
CA LEU L 357 -41.93 5.73 -22.94
C LEU L 357 -41.76 6.28 -24.34
N LYS L 358 -42.81 6.80 -24.96
CA LYS L 358 -42.68 7.30 -26.32
C LYS L 358 -42.80 8.82 -26.39
N GLU L 359 -43.74 9.41 -25.65
CA GLU L 359 -43.77 10.87 -25.53
C GLU L 359 -42.69 11.36 -24.59
N ASN L 360 -42.49 10.68 -23.48
CA ASN L 360 -41.46 11.02 -22.49
C ASN L 360 -40.34 10.01 -22.68
N GLY L 361 -39.35 10.38 -23.50
CA GLY L 361 -38.43 9.40 -24.05
C GLY L 361 -37.97 8.35 -23.07
N VAL L 362 -37.15 8.76 -22.09
CA VAL L 362 -36.65 7.83 -21.08
C VAL L 362 -36.66 8.55 -19.74
N ILE L 363 -36.53 7.79 -18.67
CA ILE L 363 -36.46 8.33 -17.32
C ILE L 363 -35.09 8.00 -16.74
N ASN L 364 -34.36 9.03 -16.34
CA ASN L 364 -33.11 8.84 -15.64
C ASN L 364 -33.39 8.42 -14.20
N TYR L 365 -32.36 7.93 -13.53
CA TYR L 365 -32.48 7.55 -12.13
C TYR L 365 -31.49 8.37 -11.31
N SER L 366 -31.49 9.69 -11.56
CA SER L 366 -30.74 10.67 -10.80
C SER L 366 -31.27 10.74 -9.37
N VAL L 367 -32.53 10.36 -9.16
CA VAL L 367 -33.04 10.13 -7.83
C VAL L 367 -32.09 9.15 -7.15
N LEU L 368 -31.96 9.23 -5.82
CA LEU L 368 -30.99 8.41 -5.10
C LEU L 368 -29.56 8.71 -5.51
N ASP L 369 -29.02 9.86 -5.06
CA ASP L 369 -27.62 10.28 -5.11
C ASP L 369 -27.15 10.96 -6.40
N LEU L 370 -28.05 11.38 -7.28
CA LEU L 370 -27.61 12.21 -8.40
C LEU L 370 -28.62 13.31 -8.74
N ALA M 2 5.51 27.63 -21.84
CA ALA M 2 4.27 26.86 -21.95
C ALA M 2 3.23 27.62 -22.74
N LEU M 3 2.59 26.94 -23.68
CA LEU M 3 1.61 27.59 -24.53
C LEU M 3 0.34 27.93 -23.76
N SER M 4 0.13 27.32 -22.59
CA SER M 4 -1.07 27.56 -21.82
C SER M 4 -1.11 28.95 -21.21
N LYS M 5 0.02 29.64 -21.09
CA LYS M 5 0.04 30.99 -20.53
C LYS M 5 0.04 32.08 -21.58
N VAL M 6 -0.21 31.74 -22.84
CA VAL M 6 -0.41 32.74 -23.88
C VAL M 6 -1.89 33.10 -23.84
N LYS M 7 -2.26 33.96 -22.90
CA LYS M 7 -3.66 34.30 -22.68
C LYS M 7 -3.77 35.73 -22.19
N LEU M 8 -4.91 36.35 -22.48
CA LEU M 8 -5.20 37.72 -22.09
C LEU M 8 -6.64 37.80 -21.61
N ASN M 9 -6.82 38.36 -20.41
CA ASN M 9 -8.16 38.51 -19.83
C ASN M 9 -8.65 39.93 -20.11
N ASP M 10 -9.17 40.12 -21.32
CA ASP M 10 -9.51 41.47 -21.78
C ASP M 10 -10.75 42.01 -21.07
N THR M 11 -11.77 41.17 -20.87
CA THR M 11 -13.00 41.63 -20.23
C THR M 11 -12.72 42.13 -18.81
N LEU M 12 -11.99 41.34 -18.04
CA LEU M 12 -11.69 41.69 -16.66
C LEU M 12 -10.79 42.93 -16.59
N ASN M 13 -9.83 43.03 -17.51
CA ASN M 13 -8.95 44.19 -17.52
C ASN M 13 -9.70 45.47 -17.88
N LYS M 14 -10.62 45.39 -18.85
CA LYS M 14 -11.47 46.53 -19.17
C LYS M 14 -12.33 46.93 -17.98
N ASP M 15 -12.91 45.94 -17.30
CA ASP M 15 -13.71 46.27 -16.11
C ASP M 15 -12.86 46.94 -15.04
N GLN M 16 -11.65 46.44 -14.81
CA GLN M 16 -10.80 47.07 -13.80
C GLN M 16 -10.41 48.48 -14.20
N LEU M 17 -10.16 48.70 -15.49
CA LEU M 17 -9.86 50.06 -15.95
C LEU M 17 -11.03 51.00 -15.72
N LEU M 18 -12.25 50.53 -16.01
CA LEU M 18 -13.41 51.40 -15.86
C LEU M 18 -13.80 51.61 -14.40
N SER M 19 -13.55 50.62 -13.54
CA SER M 19 -13.94 50.73 -12.13
C SER M 19 -12.89 51.41 -11.28
N SER M 20 -11.67 51.59 -11.77
CA SER M 20 -10.61 52.21 -10.98
C SER M 20 -10.24 53.60 -11.49
N SER M 21 -11.18 54.29 -12.13
CA SER M 21 -10.92 55.65 -12.59
C SER M 21 -10.77 56.57 -11.39
N LYS M 22 -9.78 57.47 -11.47
CA LYS M 22 -9.52 58.42 -10.39
C LYS M 22 -9.95 59.84 -10.75
N TYR M 23 -10.68 60.01 -11.84
CA TYR M 23 -11.30 61.28 -12.19
C TYR M 23 -12.75 61.02 -12.55
N THR M 24 -13.61 62.01 -12.31
CA THR M 24 -15.04 61.88 -12.55
C THR M 24 -15.55 63.04 -13.37
N ILE M 25 -16.56 62.77 -14.19
CA ILE M 25 -17.25 63.80 -14.94
C ILE M 25 -18.51 64.18 -14.18
N GLN M 26 -19.08 65.34 -14.54
CA GLN M 26 -20.31 65.82 -13.92
C GLN M 26 -21.12 66.53 -14.98
N ARG M 27 -22.20 65.90 -15.42
CA ARG M 27 -23.03 66.41 -16.51
C ARG M 27 -23.96 67.50 -16.00
N SER M 28 -24.49 68.29 -16.92
CA SER M 28 -25.45 69.34 -16.60
C SER M 28 -26.77 69.01 -17.25
N THR M 29 -27.82 68.87 -16.44
CA THR M 29 -29.11 68.46 -16.97
C THR M 29 -29.72 69.51 -17.89
N GLY M 30 -29.35 70.78 -17.74
CA GLY M 30 -29.96 71.86 -18.49
C GLY M 30 -31.11 72.54 -17.76
N ASP M 31 -32.33 72.13 -18.11
CA ASP M 31 -33.54 72.54 -17.41
C ASP M 31 -33.50 72.10 -15.94
N SER M 32 -34.03 72.96 -15.09
CA SER M 32 -34.05 72.69 -13.66
C SER M 32 -34.94 71.48 -13.34
N ILE M 33 -34.51 70.68 -12.36
CA ILE M 33 -35.26 69.51 -11.93
C ILE M 33 -36.13 69.93 -10.75
N ASP M 34 -37.42 69.64 -10.83
CA ASP M 34 -38.34 69.78 -9.72
C ASP M 34 -38.10 68.62 -8.78
N THR M 35 -38.03 68.87 -7.49
CA THR M 35 -37.82 67.78 -6.54
C THR M 35 -38.93 67.81 -5.49
N PRO M 36 -40.08 67.20 -5.74
CA PRO M 36 -41.13 67.14 -4.71
C PRO M 36 -40.71 66.28 -3.54
N ASN M 37 -41.26 66.60 -2.38
CA ASN M 37 -40.98 65.90 -1.14
C ASN M 37 -42.21 65.06 -0.76
N TYR M 38 -42.16 64.45 0.42
CA TYR M 38 -43.28 63.65 0.89
C TYR M 38 -44.54 64.48 1.08
N ASP M 39 -44.41 65.79 1.18
CA ASP M 39 -45.54 66.65 1.50
C ASP M 39 -46.60 66.60 0.41
N VAL M 40 -46.18 66.61 -0.85
CA VAL M 40 -47.10 66.75 -1.98
C VAL M 40 -47.41 65.41 -2.64
N GLN M 41 -47.07 64.31 -1.98
CA GLN M 41 -47.38 62.99 -2.52
C GLN M 41 -48.88 62.79 -2.68
N LYS M 42 -49.65 63.25 -1.69
CA LYS M 42 -51.11 63.13 -1.77
C LYS M 42 -51.65 63.92 -2.96
N HIS M 43 -51.13 65.12 -3.19
CA HIS M 43 -51.63 65.93 -4.30
C HIS M 43 -51.24 65.35 -5.65
N ILE M 44 -50.02 64.81 -5.77
CA ILE M 44 -49.62 64.20 -7.03
C ILE M 44 -50.45 62.94 -7.30
N ASN M 45 -50.75 62.17 -6.24
CA ASN M 45 -51.63 61.02 -6.41
C ASN M 45 -53.02 61.45 -6.81
N LYS M 46 -53.49 62.57 -6.27
CA LYS M 46 -54.77 63.13 -6.68
C LYS M 46 -54.76 63.47 -8.16
N LEU M 47 -53.68 64.08 -8.63
CA LEU M 47 -53.57 64.44 -10.04
C LEU M 47 -53.59 63.19 -10.93
N CYS M 48 -52.86 62.15 -10.52
CA CYS M 48 -52.87 60.90 -11.27
C CYS M 48 -54.27 60.28 -11.31
N GLY M 49 -54.97 60.32 -10.17
CA GLY M 49 -56.32 59.80 -10.14
C GLY M 49 -57.28 60.58 -11.03
N MET M 50 -57.13 61.91 -11.03
CA MET M 50 -57.96 62.72 -11.91
C MET M 50 -57.69 62.41 -13.38
N LEU M 51 -56.42 62.16 -13.73
CA LEU M 51 -56.11 61.73 -15.08
C LEU M 51 -56.74 60.38 -15.39
N LEU M 52 -56.75 59.47 -14.41
CA LEU M 52 -57.25 58.12 -14.65
C LEU M 52 -58.76 58.08 -14.79
N ILE M 53 -59.51 58.86 -13.99
CA ILE M 53 -60.96 58.81 -14.08
C ILE M 53 -61.52 59.62 -15.24
N THR M 54 -60.67 60.31 -15.99
CA THR M 54 -61.10 61.17 -17.08
C THR M 54 -61.15 60.32 -18.36
N GLU M 55 -62.36 60.02 -18.84
CA GLU M 55 -62.45 59.32 -20.11
C GLU M 55 -62.04 60.23 -21.27
N ASP M 56 -61.68 59.60 -22.40
CA ASP M 56 -61.20 60.32 -23.57
C ASP M 56 -60.16 61.35 -23.19
N ALA M 57 -59.20 60.92 -22.37
CA ALA M 57 -58.31 61.84 -21.69
C ALA M 57 -57.15 62.27 -22.58
N ASN M 58 -56.46 63.32 -22.15
CA ASN M 58 -55.24 63.81 -22.79
C ASN M 58 -54.07 63.40 -21.91
N HIS M 59 -53.28 62.44 -22.39
CA HIS M 59 -52.14 61.94 -21.62
C HIS M 59 -50.82 62.52 -22.08
N LYS M 60 -50.80 63.77 -22.56
CA LYS M 60 -49.56 64.37 -23.01
C LYS M 60 -48.57 64.57 -21.85
N PHE M 61 -49.08 64.73 -20.63
CA PHE M 61 -48.24 65.07 -19.49
C PHE M 61 -48.19 63.96 -18.44
N THR M 62 -48.70 62.77 -18.78
CA THR M 62 -48.78 61.70 -17.79
C THR M 62 -47.40 61.18 -17.41
N GLY M 63 -46.47 61.15 -18.36
CA GLY M 63 -45.12 60.69 -18.03
C GLY M 63 -44.44 61.57 -17.01
N LEU M 64 -44.54 62.89 -17.18
CA LEU M 64 -43.94 63.81 -16.21
C LEU M 64 -44.61 63.71 -14.85
N ILE M 65 -45.94 63.54 -14.83
CA ILE M 65 -46.65 63.44 -13.56
C ILE M 65 -46.27 62.14 -12.84
N GLY M 66 -46.13 61.05 -13.59
CA GLY M 66 -45.67 59.81 -12.98
C GLY M 66 -44.26 59.92 -12.45
N MET M 67 -43.39 60.62 -13.17
CA MET M 67 -42.04 60.85 -12.68
C MET M 67 -42.05 61.68 -11.40
N LEU M 68 -42.91 62.69 -11.35
CA LEU M 68 -43.05 63.49 -10.14
C LEU M 68 -43.55 62.65 -8.98
N TYR M 69 -44.51 61.75 -9.23
CA TYR M 69 -45.00 60.89 -8.17
C TYR M 69 -43.91 59.96 -7.66
N ALA M 70 -43.13 59.37 -8.55
CA ALA M 70 -42.03 58.51 -8.13
C ALA M 70 -41.01 59.29 -7.30
N MET M 71 -40.67 60.50 -7.75
CA MET M 71 -39.71 61.33 -7.03
C MET M 71 -40.26 61.79 -5.67
N SER M 72 -41.56 62.00 -5.56
CA SER M 72 -42.15 62.35 -4.26
C SER M 72 -42.16 61.16 -3.32
N ARG M 73 -42.36 59.95 -3.86
CA ARG M 73 -42.23 58.76 -3.03
C ARG M 73 -40.81 58.58 -2.53
N LEU M 74 -39.82 58.83 -3.39
CA LEU M 74 -38.43 58.72 -2.94
C LEU M 74 -38.10 59.76 -1.88
N GLY M 75 -38.66 60.96 -2.03
CA GLY M 75 -38.33 62.10 -1.20
C GLY M 75 -37.28 62.98 -1.86
N ARG M 76 -37.25 64.24 -1.42
CA ARG M 76 -36.33 65.21 -2.03
C ARG M 76 -34.88 64.85 -1.74
N GLU M 77 -34.59 64.45 -0.50
CA GLU M 77 -33.21 64.10 -0.16
C GLU M 77 -32.69 62.97 -1.04
N ASP M 78 -33.46 61.88 -1.14
CA ASP M 78 -33.00 60.74 -1.93
C ASP M 78 -33.00 61.04 -3.42
N THR M 79 -33.94 61.84 -3.91
CA THR M 79 -33.90 62.21 -5.32
C THR M 79 -32.64 63.01 -5.63
N ILE M 80 -32.31 63.98 -4.79
CA ILE M 80 -31.10 64.77 -4.99
C ILE M 80 -29.88 63.88 -4.92
N LYS M 81 -29.84 62.96 -3.95
CA LYS M 81 -28.67 62.10 -3.80
C LYS M 81 -28.53 61.17 -5.00
N ILE M 82 -29.64 60.66 -5.53
CA ILE M 82 -29.59 59.85 -6.74
C ILE M 82 -29.03 60.65 -7.90
N LEU M 83 -29.49 61.90 -8.07
CA LEU M 83 -29.02 62.70 -9.19
C LEU M 83 -27.53 63.01 -9.08
N ARG M 84 -27.05 63.31 -7.87
CA ARG M 84 -25.61 63.48 -7.71
C ARG M 84 -24.85 62.19 -8.00
N ASP M 85 -25.29 61.07 -7.43
CA ASP M 85 -24.56 59.82 -7.64
C ASP M 85 -24.54 59.40 -9.09
N ALA M 86 -25.56 59.77 -9.86
CA ALA M 86 -25.55 59.50 -11.29
C ALA M 86 -24.60 60.43 -12.04
N GLY M 87 -24.06 61.45 -11.37
CA GLY M 87 -23.14 62.37 -12.00
C GLY M 87 -23.83 63.47 -12.77
N TYR M 88 -24.70 64.21 -12.10
CA TYR M 88 -25.45 65.29 -12.73
C TYR M 88 -25.33 66.56 -11.89
N HIS M 89 -25.28 67.70 -12.57
CA HIS M 89 -25.47 68.99 -11.92
C HIS M 89 -26.94 69.35 -12.02
N VAL M 90 -27.59 69.48 -10.87
CA VAL M 90 -29.04 69.63 -10.81
C VAL M 90 -29.39 70.91 -10.08
N LYS M 91 -30.33 71.66 -10.66
CA LYS M 91 -30.94 72.81 -10.01
C LYS M 91 -32.17 72.29 -9.26
N ALA M 92 -32.00 72.04 -7.97
CA ALA M 92 -33.09 71.49 -7.18
C ALA M 92 -34.18 72.54 -7.00
N ASN M 93 -35.38 72.23 -7.48
CA ASN M 93 -36.51 73.14 -7.47
C ASN M 93 -37.50 72.68 -6.42
N GLY M 94 -37.78 73.55 -5.45
CA GLY M 94 -38.72 73.21 -4.41
C GLY M 94 -40.14 73.18 -4.95
N VAL M 95 -40.90 72.16 -4.56
CA VAL M 95 -42.28 72.00 -4.97
C VAL M 95 -43.15 72.15 -3.73
N ASP M 96 -44.10 73.07 -3.78
CA ASP M 96 -45.04 73.26 -2.70
C ASP M 96 -46.41 73.58 -3.28
N VAL M 97 -47.43 73.35 -2.49
CA VAL M 97 -48.81 73.48 -2.93
C VAL M 97 -49.31 74.89 -2.63
N THR M 98 -50.07 75.45 -3.58
CA THR M 98 -50.68 76.75 -3.40
C THR M 98 -52.05 76.74 -4.07
N THR M 99 -52.86 77.74 -3.73
CA THR M 99 -54.17 77.92 -4.32
C THR M 99 -54.15 78.94 -5.44
N HIS M 100 -54.97 78.71 -6.46
CA HIS M 100 -55.15 79.62 -7.57
C HIS M 100 -56.64 79.80 -7.77
N ARG M 101 -57.07 81.05 -7.96
CA ARG M 101 -58.47 81.40 -8.10
C ARG M 101 -58.71 81.87 -9.53
N GLN M 102 -59.66 81.25 -10.22
CA GLN M 102 -60.04 81.74 -11.54
C GLN M 102 -61.53 81.54 -11.77
N ASP M 103 -62.05 82.30 -12.72
CA ASP M 103 -63.49 82.32 -13.02
C ASP M 103 -63.72 81.59 -14.34
N ILE M 104 -64.29 80.40 -14.25
CA ILE M 104 -64.74 79.65 -15.41
C ILE M 104 -66.24 79.50 -15.33
N ASN M 105 -66.91 79.56 -16.48
CA ASN M 105 -68.37 79.57 -16.56
C ASN M 105 -68.94 80.80 -15.84
N GLY M 106 -68.14 81.86 -15.72
CA GLY M 106 -68.55 83.05 -15.01
C GLY M 106 -68.69 82.87 -13.51
N LYS M 107 -68.03 81.86 -12.93
CA LYS M 107 -68.14 81.56 -11.51
C LYS M 107 -66.76 81.45 -10.89
N GLU M 108 -66.61 82.05 -9.72
CA GLU M 108 -65.35 81.99 -8.97
C GLU M 108 -65.08 80.53 -8.57
N MET M 109 -63.84 80.08 -8.75
CA MET M 109 -63.52 78.69 -8.47
C MET M 109 -62.18 78.55 -7.75
N LYS M 110 -62.17 77.64 -6.79
CA LYS M 110 -61.02 77.32 -5.95
C LYS M 110 -60.31 76.11 -6.50
N PHE M 111 -59.05 76.29 -6.90
CA PHE M 111 -58.18 75.20 -7.29
C PHE M 111 -56.93 75.20 -6.43
N GLU M 112 -56.44 74.00 -6.11
CA GLU M 112 -55.22 73.81 -5.35
C GLU M 112 -54.20 73.14 -6.26
N VAL M 113 -53.13 73.86 -6.58
CA VAL M 113 -52.15 73.41 -7.58
C VAL M 113 -50.77 73.40 -6.96
N LEU M 114 -49.79 72.97 -7.75
CA LEU M 114 -48.41 72.84 -7.33
C LEU M 114 -47.52 73.81 -8.09
N THR M 115 -46.44 74.24 -7.45
CA THR M 115 -45.42 75.07 -8.11
C THR M 115 -44.43 74.16 -8.80
N LEU M 116 -44.75 73.77 -10.03
CA LEU M 116 -43.87 72.95 -10.85
C LEU M 116 -43.40 73.78 -12.03
N ALA M 117 -42.09 73.88 -12.21
CA ALA M 117 -41.56 74.60 -13.35
C ALA M 117 -41.84 73.87 -14.65
N SER M 118 -41.87 72.54 -14.61
CA SER M 118 -42.08 71.75 -15.82
C SER M 118 -43.57 71.67 -16.20
N LEU M 119 -44.46 71.89 -15.24
CA LEU M 119 -45.88 71.72 -15.44
C LEU M 119 -46.60 73.01 -15.04
N THR M 120 -47.19 73.69 -16.01
CA THR M 120 -47.80 74.98 -15.76
C THR M 120 -49.14 74.82 -15.02
N THR M 121 -49.61 75.94 -14.46
CA THR M 121 -50.86 75.92 -13.69
C THR M 121 -52.06 75.63 -14.60
N GLU M 122 -52.06 76.17 -15.82
CA GLU M 122 -53.17 75.92 -16.75
C GLU M 122 -53.40 74.44 -16.97
N ILE M 123 -52.32 73.67 -17.07
CA ILE M 123 -52.43 72.25 -17.37
C ILE M 123 -53.12 71.52 -16.22
N GLN M 124 -52.71 71.81 -14.99
CA GLN M 124 -53.34 71.18 -13.83
C GLN M 124 -54.80 71.60 -13.69
N ILE M 125 -55.08 72.88 -13.94
CA ILE M 125 -56.46 73.36 -13.88
C ILE M 125 -57.32 72.62 -14.90
N ASN M 126 -56.81 72.47 -16.12
CA ASN M 126 -57.59 71.81 -17.18
C ASN M 126 -57.75 70.34 -16.88
N ILE M 127 -56.74 69.70 -16.29
CA ILE M 127 -56.88 68.32 -15.86
C ILE M 127 -58.01 68.20 -14.86
N GLU M 128 -58.07 69.10 -13.88
CA GLU M 128 -59.16 69.07 -12.91
C GLU M 128 -60.50 69.30 -13.58
N ILE M 129 -60.58 70.23 -14.54
CA ILE M 129 -61.85 70.52 -15.21
C ILE M 129 -62.35 69.29 -15.95
N GLU M 130 -61.47 68.65 -16.73
CA GLU M 130 -61.87 67.48 -17.49
C GLU M 130 -62.30 66.35 -16.55
N SER M 131 -61.53 66.14 -15.48
CA SER M 131 -61.88 65.09 -14.52
C SER M 131 -63.23 65.37 -13.87
N ARG M 132 -63.47 66.63 -13.47
CA ARG M 132 -64.72 66.96 -12.81
C ARG M 132 -65.92 66.73 -13.73
N LYS M 133 -65.83 67.15 -14.98
CA LYS M 133 -67.00 67.01 -15.84
C LYS M 133 -67.20 65.55 -16.27
N SER M 134 -66.11 64.80 -16.46
CA SER M 134 -66.25 63.37 -16.72
C SER M 134 -66.88 62.66 -15.52
N TYR M 135 -66.46 63.04 -14.30
CA TYR M 135 -67.04 62.51 -13.08
C TYR M 135 -68.53 62.83 -13.00
N LYS M 136 -68.89 64.08 -13.34
CA LYS M 136 -70.30 64.47 -13.33
C LYS M 136 -71.10 63.62 -14.31
N LYS M 137 -70.58 63.45 -15.52
CA LYS M 137 -71.31 62.69 -16.54
C LYS M 137 -71.46 61.22 -16.13
N MET M 138 -70.41 60.63 -15.58
CA MET M 138 -70.48 59.22 -15.22
C MET M 138 -71.35 59.01 -13.98
N LEU M 139 -71.32 59.96 -13.04
CA LEU M 139 -72.22 59.92 -11.90
C LEU M 139 -73.67 60.03 -12.35
N LYS M 140 -73.92 60.88 -13.34
CA LYS M 140 -75.27 60.98 -13.91
C LYS M 140 -75.67 59.66 -14.56
N GLU M 141 -74.75 59.03 -15.28
CA GLU M 141 -75.08 57.82 -16.03
C GLU M 141 -75.16 56.57 -15.17
N MET M 142 -74.65 56.57 -13.93
CA MET M 142 -74.82 55.40 -13.08
C MET M 142 -75.31 55.71 -11.66
N GLY M 143 -75.56 56.97 -11.32
CA GLY M 143 -76.25 57.28 -10.08
C GLY M 143 -75.38 57.57 -8.88
N GLU M 144 -74.61 56.59 -8.42
CA GLU M 144 -73.77 56.75 -7.24
C GLU M 144 -72.41 56.13 -7.49
N VAL M 145 -71.36 56.83 -7.05
CA VAL M 145 -69.99 56.37 -7.23
C VAL M 145 -69.55 55.52 -6.04
N ALA M 146 -68.45 54.81 -6.22
CA ALA M 146 -67.80 54.02 -5.18
C ALA M 146 -66.36 54.49 -5.09
N PRO M 147 -65.65 54.15 -4.00
CA PRO M 147 -64.21 54.46 -3.95
C PRO M 147 -63.43 53.85 -5.09
N GLU M 148 -64.00 52.87 -5.79
CA GLU M 148 -63.35 52.32 -6.97
C GLU M 148 -63.25 53.36 -8.08
N TYR M 149 -64.31 54.13 -8.29
CA TYR M 149 -64.36 55.16 -9.34
C TYR M 149 -64.09 56.53 -8.70
N ARG M 150 -62.82 56.81 -8.44
CA ARG M 150 -62.47 58.13 -7.91
C ARG M 150 -60.97 58.33 -8.00
N HIS M 151 -60.56 59.60 -7.87
CA HIS M 151 -59.15 59.99 -7.84
C HIS M 151 -58.51 59.83 -6.48
N ASP M 152 -59.30 59.62 -5.42
CA ASP M 152 -58.75 59.54 -4.07
C ASP M 152 -58.16 58.17 -3.74
N SER M 153 -58.25 57.22 -4.65
CA SER M 153 -57.65 55.91 -4.41
C SER M 153 -56.14 56.06 -4.25
N PRO M 154 -55.52 55.33 -3.30
CA PRO M 154 -54.08 55.52 -3.06
C PRO M 154 -53.17 54.83 -4.04
N ASP M 155 -53.72 54.18 -5.08
CA ASP M 155 -52.92 53.42 -6.04
C ASP M 155 -53.06 53.95 -7.45
N CYS M 156 -53.72 55.10 -7.64
CA CYS M 156 -53.90 55.65 -8.97
C CYS M 156 -52.55 56.02 -9.59
N GLY M 157 -51.65 56.61 -8.81
CA GLY M 157 -50.31 56.87 -9.32
C GLY M 157 -49.52 55.61 -9.59
N MET M 158 -49.73 54.57 -8.78
CA MET M 158 -48.98 53.34 -8.96
C MET M 158 -49.43 52.55 -10.18
N ILE M 159 -50.67 52.72 -10.63
CA ILE M 159 -51.06 52.13 -11.91
C ILE M 159 -50.29 52.76 -13.07
N ILE M 160 -50.19 54.09 -13.06
CA ILE M 160 -49.40 54.79 -14.06
C ILE M 160 -47.95 54.33 -14.01
N LEU M 161 -47.44 54.13 -12.79
CA LEU M 161 -46.06 53.64 -12.66
C LEU M 161 -45.93 52.19 -13.12
N CYS M 162 -47.01 51.40 -13.06
CA CYS M 162 -46.98 50.07 -13.66
C CYS M 162 -46.83 50.15 -15.17
N ILE M 163 -47.56 51.06 -15.81
CA ILE M 163 -47.37 51.29 -17.24
C ILE M 163 -45.92 51.72 -17.52
N ALA M 164 -45.38 52.59 -16.66
CA ALA M 164 -43.99 53.00 -16.81
C ALA M 164 -43.03 51.81 -16.66
N ALA M 165 -43.35 50.88 -15.77
CA ALA M 165 -42.51 49.70 -15.58
C ALA M 165 -42.50 48.83 -16.84
N LEU M 166 -43.67 48.66 -17.47
CA LEU M 166 -43.70 47.94 -18.74
C LEU M 166 -42.85 48.63 -19.81
N VAL M 167 -42.99 49.96 -19.90
CA VAL M 167 -42.17 50.72 -20.85
C VAL M 167 -40.69 50.50 -20.56
N ILE M 168 -40.32 50.46 -19.28
CA ILE M 168 -38.93 50.23 -18.91
C ILE M 168 -38.47 48.85 -19.35
N THR M 169 -39.34 47.84 -19.18
CA THR M 169 -38.99 46.50 -19.65
C THR M 169 -38.66 46.52 -21.14
N LYS M 170 -39.42 47.29 -21.92
CA LYS M 170 -39.16 47.32 -23.36
C LYS M 170 -38.22 48.42 -23.82
N LEU M 171 -37.66 49.21 -22.90
CA LEU M 171 -36.74 50.28 -23.29
C LEU M 171 -35.47 49.79 -23.96
N ALA M 172 -35.00 48.59 -23.63
CA ALA M 172 -33.70 48.13 -24.13
C ALA M 172 -33.70 47.90 -25.64
N ALA M 173 -34.86 47.89 -26.28
CA ALA M 173 -34.92 47.70 -27.73
C ALA M 173 -34.38 48.90 -28.51
N GLY M 174 -34.17 50.04 -27.85
CA GLY M 174 -33.57 51.20 -28.48
C GLY M 174 -34.55 52.15 -29.14
N ASP M 175 -35.82 51.80 -29.23
CA ASP M 175 -36.83 52.65 -29.83
C ASP M 175 -38.20 52.21 -29.34
N ARG M 176 -39.25 52.75 -29.94
CA ARG M 176 -40.61 52.42 -29.53
C ARG M 176 -41.16 51.23 -30.32
N SER M 177 -40.38 50.15 -30.38
CA SER M 177 -40.82 48.94 -31.06
C SER M 177 -41.50 47.96 -30.12
N GLY M 178 -41.37 48.15 -28.81
CA GLY M 178 -42.02 47.31 -27.84
C GLY M 178 -43.34 47.88 -27.37
N LEU M 179 -43.85 48.87 -28.10
CA LEU M 179 -45.12 49.49 -27.71
C LEU M 179 -46.26 48.50 -27.78
N THR M 180 -46.28 47.65 -28.80
CA THR M 180 -47.33 46.65 -28.91
C THR M 180 -47.27 45.65 -27.76
N ALA M 181 -46.06 45.23 -27.39
CA ALA M 181 -45.92 44.34 -26.24
C ALA M 181 -46.37 45.01 -24.96
N VAL M 182 -46.06 46.30 -24.81
CA VAL M 182 -46.50 47.04 -23.62
C VAL M 182 -48.02 47.08 -23.56
N ILE M 183 -48.68 47.36 -24.69
CA ILE M 183 -50.13 47.42 -24.70
C ILE M 183 -50.73 46.04 -24.40
N ARG M 184 -50.17 44.99 -24.99
CA ARG M 184 -50.69 43.65 -24.77
C ARG M 184 -50.56 43.23 -23.31
N ARG M 185 -49.40 43.50 -22.70
CA ARG M 185 -49.20 43.11 -21.30
C ARG M 185 -50.02 43.99 -20.36
N ALA M 186 -50.24 45.26 -20.73
CA ALA M 186 -51.08 46.12 -19.91
C ALA M 186 -52.55 45.81 -20.08
N ASN M 187 -52.92 45.06 -21.11
CA ASN M 187 -54.29 44.56 -21.21
C ASN M 187 -54.44 43.25 -20.46
N ASN M 188 -53.45 42.37 -20.53
CA ASN M 188 -53.48 41.14 -19.74
C ASN M 188 -53.47 41.46 -18.25
N VAL M 189 -52.40 42.06 -17.77
CA VAL M 189 -52.40 42.62 -16.43
C VAL M 189 -53.29 43.85 -16.42
N LEU M 190 -53.79 44.22 -15.24
CA LEU M 190 -54.51 45.48 -15.04
C LEU M 190 -55.83 45.54 -15.82
N LYS M 191 -56.43 44.38 -16.13
CA LYS M 191 -57.70 44.41 -16.85
C LYS M 191 -58.85 44.90 -15.97
N ASN M 192 -58.83 44.54 -14.68
CA ASN M 192 -59.80 45.07 -13.73
C ASN M 192 -59.69 46.59 -13.66
N GLU M 193 -58.47 47.12 -13.63
CA GLU M 193 -58.31 48.57 -13.64
C GLU M 193 -58.80 49.18 -14.94
N MET M 194 -58.53 48.53 -16.07
CA MET M 194 -59.00 49.07 -17.35
C MET M 194 -60.51 49.05 -17.44
N LYS M 195 -61.16 48.18 -16.66
CA LYS M 195 -62.59 48.40 -16.37
C LYS M 195 -62.79 49.65 -15.53
N ARG M 196 -62.16 49.68 -14.37
CA ARG M 196 -62.47 50.63 -13.31
C ARG M 196 -62.14 52.07 -13.68
N TYR M 197 -61.09 52.30 -14.45
CA TYR M 197 -60.66 53.65 -14.78
C TYR M 197 -60.94 53.99 -16.24
N LYS M 198 -61.64 55.10 -16.46
CA LYS M 198 -62.06 55.51 -17.79
C LYS M 198 -60.87 55.94 -18.65
N GLY M 199 -59.90 56.61 -18.04
CA GLY M 199 -58.76 57.17 -18.75
C GLY M 199 -57.53 56.33 -18.74
N LEU M 200 -57.61 55.09 -18.28
CA LEU M 200 -56.46 54.19 -18.28
C LEU M 200 -56.30 53.68 -19.70
N LEU M 201 -55.66 54.50 -20.54
CA LEU M 201 -55.38 54.11 -21.91
C LEU M 201 -53.92 53.71 -21.99
N PRO M 202 -53.59 52.42 -22.10
CA PRO M 202 -52.19 52.01 -22.04
C PRO M 202 -51.30 52.64 -23.11
N LYS M 203 -51.83 52.84 -24.32
CA LYS M 203 -50.98 53.31 -25.41
C LYS M 203 -50.56 54.75 -25.19
N ASP M 204 -51.48 55.61 -24.76
CA ASP M 204 -51.16 57.01 -24.57
C ASP M 204 -50.17 57.21 -23.43
N ILE M 205 -50.39 56.51 -22.32
CA ILE M 205 -49.47 56.61 -21.18
C ILE M 205 -48.10 56.04 -21.56
N ALA M 206 -48.09 54.93 -22.31
CA ALA M 206 -46.82 54.36 -22.74
C ALA M 206 -46.06 55.32 -23.66
N ASN M 207 -46.77 55.98 -24.57
CA ASN M 207 -46.11 56.95 -25.44
C ASN M 207 -45.59 58.13 -24.63
N SER M 208 -46.34 58.58 -23.64
CA SER M 208 -45.87 59.67 -22.79
C SER M 208 -44.60 59.29 -22.05
N PHE M 209 -44.56 58.07 -21.53
CA PHE M 209 -43.37 57.64 -20.79
C PHE M 209 -42.18 57.43 -21.73
N TYR M 210 -42.43 56.92 -22.93
CA TYR M 210 -41.38 56.83 -23.93
C TYR M 210 -40.80 58.21 -24.22
N GLU M 211 -41.67 59.20 -24.42
CA GLU M 211 -41.21 60.56 -24.70
C GLU M 211 -40.38 61.11 -23.54
N VAL M 212 -40.87 60.96 -22.30
CA VAL M 212 -40.16 61.57 -21.18
C VAL M 212 -38.84 60.86 -20.95
N PHE M 213 -38.76 59.55 -21.20
CA PHE M 213 -37.49 58.86 -21.06
C PHE M 213 -36.52 59.23 -22.16
N GLU M 214 -37.02 59.53 -23.36
CA GLU M 214 -36.14 59.95 -24.43
C GLU M 214 -35.59 61.36 -24.18
N LYS M 215 -36.44 62.28 -23.70
CA LYS M 215 -36.00 63.65 -23.54
C LYS M 215 -35.08 63.81 -22.34
N HIS M 216 -35.40 63.12 -21.24
CA HIS M 216 -34.65 63.25 -19.97
C HIS M 216 -34.05 61.91 -19.60
N PRO M 217 -32.82 61.63 -20.03
CA PRO M 217 -32.19 60.35 -19.65
C PRO M 217 -31.94 60.19 -18.16
N HIS M 218 -31.91 61.27 -17.39
CA HIS M 218 -31.76 61.14 -15.94
C HIS M 218 -33.01 60.61 -15.28
N PHE M 219 -34.17 60.77 -15.92
CA PHE M 219 -35.40 60.22 -15.38
C PHE M 219 -35.39 58.70 -15.43
N ILE M 220 -34.67 58.11 -16.40
CA ILE M 220 -34.52 56.66 -16.41
C ILE M 220 -33.78 56.20 -15.17
N ASP M 221 -32.69 56.88 -14.83
CA ASP M 221 -31.93 56.54 -13.62
C ASP M 221 -32.80 56.71 -12.37
N VAL M 222 -33.51 57.84 -12.29
CA VAL M 222 -34.37 58.09 -11.13
C VAL M 222 -35.44 57.02 -11.00
N PHE M 223 -36.07 56.65 -12.12
CA PHE M 223 -37.13 55.65 -12.08
C PHE M 223 -36.61 54.28 -11.74
N VAL M 224 -35.43 53.91 -12.26
CA VAL M 224 -34.88 52.60 -11.94
C VAL M 224 -34.56 52.51 -10.46
N HIS M 225 -33.97 53.56 -9.89
CA HIS M 225 -33.65 53.49 -8.47
C HIS M 225 -34.89 53.62 -7.61
N PHE M 226 -35.92 54.32 -8.07
CA PHE M 226 -37.20 54.29 -7.38
C PHE M 226 -37.80 52.90 -7.40
N GLY M 227 -37.73 52.20 -8.52
CA GLY M 227 -38.26 50.86 -8.60
C GLY M 227 -37.51 49.90 -7.71
N ILE M 228 -36.19 50.07 -7.60
CA ILE M 228 -35.42 49.23 -6.69
C ILE M 228 -35.79 49.53 -5.24
N ALA M 229 -35.95 50.80 -4.89
CA ALA M 229 -36.32 51.15 -3.53
C ALA M 229 -37.72 50.67 -3.18
N GLN M 230 -38.66 50.77 -4.13
CA GLN M 230 -40.01 50.29 -3.92
C GLN M 230 -40.03 48.77 -3.75
N SER M 231 -39.23 48.06 -4.54
CA SER M 231 -39.17 46.61 -4.44
C SER M 231 -38.43 46.14 -3.21
N SER M 232 -37.79 47.04 -2.46
CA SER M 232 -37.12 46.70 -1.22
C SER M 232 -37.98 46.91 0.00
N THR M 233 -39.26 47.22 -0.17
CA THR M 233 -40.15 47.43 0.96
C THR M 233 -40.55 46.10 1.57
N ARG M 234 -41.07 46.17 2.80
CA ARG M 234 -41.53 45.00 3.52
C ARG M 234 -42.88 44.50 3.00
N GLY M 235 -43.63 45.33 2.31
CA GLY M 235 -44.93 44.94 1.81
C GLY M 235 -45.68 46.14 1.29
N GLY M 236 -46.91 45.89 0.86
CA GLY M 236 -47.74 46.95 0.34
C GLY M 236 -49.05 46.42 -0.19
N SER M 237 -49.71 47.24 -1.00
CA SER M 237 -50.98 46.86 -1.61
C SER M 237 -50.74 45.90 -2.77
N ARG M 238 -51.83 45.48 -3.41
CA ARG M 238 -51.69 44.54 -4.53
C ARG M 238 -51.19 45.24 -5.78
N VAL M 239 -51.51 46.52 -5.94
CA VAL M 239 -51.01 47.27 -7.09
C VAL M 239 -49.51 47.48 -6.98
N GLU M 240 -49.01 47.69 -5.76
CA GLU M 240 -47.56 47.78 -5.58
C GLU M 240 -46.89 46.43 -5.85
N GLY M 241 -47.56 45.34 -5.52
CA GLY M 241 -47.04 44.02 -5.89
C GLY M 241 -47.01 43.83 -7.39
N ILE M 242 -48.03 44.30 -8.09
CA ILE M 242 -48.04 44.24 -9.54
C ILE M 242 -46.88 45.06 -10.11
N PHE M 243 -46.66 46.26 -9.56
CA PHE M 243 -45.56 47.09 -10.02
C PHE M 243 -44.22 46.41 -9.79
N ALA M 244 -44.04 45.79 -8.63
CA ALA M 244 -42.78 45.09 -8.35
C ALA M 244 -42.57 43.93 -9.32
N GLY M 245 -43.62 43.17 -9.58
CA GLY M 245 -43.51 42.06 -10.52
C GLY M 245 -43.19 42.51 -11.92
N LEU M 246 -43.82 43.60 -12.37
CA LEU M 246 -43.55 44.12 -13.71
C LEU M 246 -42.18 44.78 -13.79
N PHE M 247 -41.71 45.37 -12.69
CA PHE M 247 -40.40 46.00 -12.70
C PHE M 247 -39.28 44.98 -12.71
N MET M 248 -39.41 43.89 -11.96
CA MET M 248 -38.37 42.88 -12.01
C MET M 248 -38.44 42.05 -13.27
N ASN M 249 -39.49 42.22 -14.07
CA ASN M 249 -39.50 41.68 -15.42
C ASN M 249 -38.48 42.37 -16.31
N ALA M 250 -38.04 43.56 -15.94
CA ALA M 250 -37.04 44.30 -16.68
C ALA M 250 -35.61 43.90 -16.33
N TYR M 251 -35.42 43.11 -15.27
CA TYR M 251 -34.09 42.68 -14.89
C TYR M 251 -33.52 41.77 -15.97
N GLY M 252 -32.31 42.09 -16.42
CA GLY M 252 -31.69 41.33 -17.48
C GLY M 252 -32.13 41.70 -18.88
N ALA M 253 -32.87 42.79 -19.04
CA ALA M 253 -33.26 43.24 -20.38
C ALA M 253 -32.03 43.69 -21.13
N GLY M 254 -31.94 43.30 -22.40
CA GLY M 254 -30.76 43.56 -23.19
C GLY M 254 -29.67 42.53 -23.06
N GLN M 255 -29.86 41.50 -22.24
CA GLN M 255 -28.88 40.44 -22.02
C GLN M 255 -29.51 39.07 -22.17
N VAL M 256 -30.39 38.91 -23.16
CA VAL M 256 -31.07 37.63 -23.34
C VAL M 256 -30.11 36.53 -23.75
N MET M 257 -29.01 36.88 -24.42
CA MET M 257 -28.12 35.85 -24.95
C MET M 257 -27.41 35.10 -23.84
N LEU M 258 -27.15 35.75 -22.71
CA LEU M 258 -26.55 35.05 -21.58
C LEU M 258 -27.49 33.96 -21.07
N ARG M 259 -28.77 34.30 -20.91
CA ARG M 259 -29.76 33.33 -20.45
C ARG M 259 -29.93 32.22 -21.47
N TRP M 260 -29.96 32.56 -22.75
CA TRP M 260 -30.11 31.52 -23.78
C TRP M 260 -28.88 30.64 -23.90
N GLY M 261 -27.70 31.19 -23.59
CA GLY M 261 -26.51 30.35 -23.54
C GLY M 261 -26.53 29.38 -22.38
N VAL M 262 -27.00 29.85 -21.22
CA VAL M 262 -27.17 28.92 -20.09
C VAL M 262 -28.20 27.85 -20.46
N LEU M 263 -29.25 28.24 -21.19
CA LEU M 263 -30.24 27.26 -21.63
C LEU M 263 -29.64 26.24 -22.58
N ALA M 264 -28.83 26.69 -23.54
CA ALA M 264 -28.21 25.78 -24.49
C ALA M 264 -27.24 24.84 -23.78
N LYS M 265 -26.61 25.30 -22.72
CA LYS M 265 -25.80 24.40 -21.90
C LYS M 265 -26.69 23.38 -21.20
N SER M 266 -27.86 23.81 -20.72
CA SER M 266 -28.72 22.92 -19.96
C SER M 266 -29.30 21.81 -20.83
N VAL M 267 -29.77 22.14 -22.04
CA VAL M 267 -30.29 21.12 -22.94
C VAL M 267 -29.19 20.35 -23.65
N LYS M 268 -27.93 20.72 -23.41
CA LYS M 268 -26.78 19.92 -23.83
C LYS M 268 -26.70 19.79 -25.34
N ASN M 269 -26.85 20.93 -26.03
CA ASN M 269 -26.77 20.93 -27.49
C ASN M 269 -25.40 20.45 -27.93
N ILE M 270 -25.38 19.61 -28.96
CA ILE M 270 -24.13 19.00 -29.40
C ILE M 270 -23.22 20.01 -30.08
N MET M 271 -23.79 20.97 -30.82
CA MET M 271 -22.96 21.92 -31.54
C MET M 271 -22.16 22.84 -30.62
N LEU M 272 -22.26 22.67 -29.30
CA LEU M 272 -21.31 23.30 -28.40
C LEU M 272 -19.97 22.58 -28.41
N GLY M 273 -19.91 21.40 -29.01
CA GLY M 273 -18.70 20.63 -29.19
C GLY M 273 -17.97 20.88 -30.50
N HIS M 274 -18.47 21.80 -31.32
CA HIS M 274 -17.79 22.13 -32.57
C HIS M 274 -16.44 22.77 -32.27
N ALA M 275 -15.59 22.84 -33.30
CA ALA M 275 -14.22 23.29 -33.10
C ALA M 275 -14.18 24.78 -32.76
N SER M 276 -14.88 25.61 -33.52
CA SER M 276 -14.82 27.05 -33.31
C SER M 276 -15.47 27.47 -32.01
N VAL M 277 -16.58 26.81 -31.64
CA VAL M 277 -17.20 27.09 -30.35
C VAL M 277 -16.24 26.80 -29.22
N GLN M 278 -15.53 25.68 -29.29
CA GLN M 278 -14.55 25.35 -28.26
C GLN M 278 -13.37 26.30 -28.30
N ALA M 279 -13.06 26.86 -29.46
CA ALA M 279 -12.04 27.90 -29.52
C ALA M 279 -12.47 29.13 -28.73
N GLU M 280 -13.73 29.53 -28.84
CA GLU M 280 -14.22 30.71 -28.15
C GLU M 280 -14.61 30.49 -26.70
N MET M 281 -14.68 29.24 -26.25
CA MET M 281 -15.21 28.95 -24.91
C MET M 281 -14.41 29.64 -23.81
N GLU M 282 -13.12 29.89 -24.03
CA GLU M 282 -12.33 30.55 -22.98
C GLU M 282 -12.87 31.94 -22.68
N GLN M 283 -13.05 32.76 -23.71
CA GLN M 283 -13.57 34.10 -23.51
C GLN M 283 -15.06 34.09 -23.18
N VAL M 284 -15.79 33.06 -23.61
CA VAL M 284 -17.19 32.96 -23.19
C VAL M 284 -17.29 32.76 -21.68
N VAL M 285 -16.48 31.85 -21.13
CA VAL M 285 -16.47 31.65 -19.69
C VAL M 285 -15.95 32.91 -18.99
N GLU M 286 -15.01 33.61 -19.61
CA GLU M 286 -14.59 34.92 -19.12
C GLU M 286 -15.77 35.87 -18.93
N VAL M 287 -16.62 35.97 -19.96
CA VAL M 287 -17.77 36.88 -19.89
C VAL M 287 -18.74 36.44 -18.82
N TYR M 288 -19.01 35.14 -18.73
CA TYR M 288 -19.96 34.66 -17.72
C TYR M 288 -19.47 34.91 -16.30
N GLU M 289 -18.17 34.67 -16.06
CA GLU M 289 -17.60 34.96 -14.75
C GLU M 289 -17.67 36.46 -14.45
N TYR M 290 -17.47 37.29 -15.47
CA TYR M 290 -17.62 38.73 -15.27
C TYR M 290 -19.04 39.10 -14.88
N ALA M 291 -20.03 38.50 -15.54
CA ALA M 291 -21.42 38.79 -15.22
C ALA M 291 -21.75 38.40 -13.79
N GLN M 292 -21.24 37.24 -13.37
CA GLN M 292 -21.47 36.80 -11.99
C GLN M 292 -20.76 37.68 -10.97
N LYS M 293 -19.55 38.15 -11.27
CA LYS M 293 -18.85 39.04 -10.35
C LYS M 293 -19.60 40.36 -10.23
N LEU M 294 -20.14 40.86 -11.34
CA LEU M 294 -20.99 42.05 -11.26
C LEU M 294 -22.21 41.80 -10.38
N GLY M 295 -22.92 40.71 -10.62
CA GLY M 295 -24.03 40.34 -9.77
C GLY M 295 -25.32 41.08 -10.05
N GLY M 296 -25.98 41.55 -9.00
CA GLY M 296 -27.30 42.14 -9.13
C GLY M 296 -27.34 43.43 -9.91
N GLU M 297 -26.32 44.28 -9.75
CA GLU M 297 -26.35 45.59 -10.40
C GLU M 297 -26.34 45.48 -11.92
N ALA M 298 -25.83 44.37 -12.45
CA ALA M 298 -25.68 44.22 -13.90
C ALA M 298 -27.00 44.01 -14.62
N GLY M 299 -28.09 43.75 -13.90
CA GLY M 299 -29.36 43.46 -14.54
C GLY M 299 -30.03 44.66 -15.18
N PHE M 300 -29.58 45.86 -14.85
CA PHE M 300 -30.15 47.09 -15.41
C PHE M 300 -29.13 47.90 -16.18
N TYR M 301 -28.04 47.28 -16.64
CA TYR M 301 -27.00 48.00 -17.36
C TYR M 301 -27.51 48.52 -18.69
N HIS M 302 -28.25 47.71 -19.43
CA HIS M 302 -28.70 48.13 -20.75
C HIS M 302 -29.86 49.10 -20.68
N ILE M 303 -30.72 48.98 -19.67
CA ILE M 303 -31.79 49.96 -19.49
C ILE M 303 -31.21 51.32 -19.14
N LEU M 304 -30.22 51.35 -18.26
CA LEU M 304 -29.59 52.59 -17.83
C LEU M 304 -28.57 53.11 -18.84
N ASN M 305 -28.30 52.37 -19.90
CA ASN M 305 -27.21 52.69 -20.84
C ASN M 305 -25.88 52.80 -20.13
N ASN M 306 -25.63 51.88 -19.20
CA ASN M 306 -24.35 51.84 -18.53
C ASN M 306 -23.25 51.56 -19.56
N PRO M 307 -22.14 52.31 -19.51
CA PRO M 307 -21.08 52.10 -20.51
C PRO M 307 -20.50 50.70 -20.50
N LYS M 308 -20.48 50.04 -19.35
CA LYS M 308 -19.97 48.68 -19.23
C LYS M 308 -20.96 47.64 -19.70
N ALA M 309 -22.06 48.05 -20.34
CA ALA M 309 -23.00 47.08 -20.88
C ALA M 309 -22.38 46.31 -22.04
N SER M 310 -21.50 46.95 -22.82
CA SER M 310 -20.89 46.29 -23.97
C SER M 310 -19.96 45.15 -23.56
N LEU M 311 -19.51 45.12 -22.31
CA LEU M 311 -18.62 44.06 -21.87
C LEU M 311 -19.36 42.75 -21.64
N LEU M 312 -20.67 42.77 -21.53
CA LEU M 312 -21.47 41.58 -21.31
C LEU M 312 -21.93 40.94 -22.61
N SER M 313 -21.59 41.53 -23.75
CA SER M 313 -22.08 41.04 -25.03
C SER M 313 -21.45 39.69 -25.37
N LEU M 314 -22.24 38.85 -26.05
CA LEU M 314 -21.76 37.58 -26.56
C LEU M 314 -21.70 37.53 -28.08
N THR M 315 -22.16 38.58 -28.76
CA THR M 315 -22.08 38.60 -30.22
C THR M 315 -20.65 38.77 -30.72
N GLN M 316 -19.73 39.08 -29.83
CA GLN M 316 -18.31 39.12 -30.13
C GLN M 316 -17.69 37.74 -30.27
N PHE M 317 -18.52 36.71 -30.12
CA PHE M 317 -18.16 35.32 -30.38
C PHE M 317 -19.17 34.77 -31.37
N PRO M 318 -18.94 34.96 -32.67
CA PRO M 318 -19.98 34.62 -33.65
C PRO M 318 -20.43 33.17 -33.63
N HIS M 319 -19.51 32.23 -33.40
CA HIS M 319 -19.88 30.83 -33.46
C HIS M 319 -20.73 30.42 -32.27
N PHE M 320 -20.31 30.80 -31.05
CA PHE M 320 -21.10 30.50 -29.86
C PHE M 320 -22.46 31.19 -29.91
N SER M 321 -22.49 32.45 -30.35
CA SER M 321 -23.74 33.16 -30.47
C SER M 321 -24.67 32.51 -31.48
N SER M 322 -24.12 32.05 -32.61
CA SER M 322 -24.93 31.38 -33.61
C SER M 322 -25.50 30.07 -33.08
N VAL M 323 -24.69 29.31 -32.34
CA VAL M 323 -25.19 28.08 -31.75
C VAL M 323 -26.29 28.37 -30.75
N VAL M 324 -26.13 29.42 -29.95
CA VAL M 324 -27.12 29.77 -28.94
C VAL M 324 -28.43 30.20 -29.60
N LEU M 325 -28.35 31.04 -30.63
CA LEU M 325 -29.57 31.43 -31.35
C LEU M 325 -30.23 30.23 -32.01
N GLY M 326 -29.44 29.32 -32.58
CA GLY M 326 -30.02 28.13 -33.18
C GLY M 326 -30.75 27.28 -32.15
N ASN M 327 -30.15 27.08 -30.99
CA ASN M 327 -30.79 26.31 -29.94
C ASN M 327 -32.09 26.99 -29.48
N ALA M 328 -32.06 28.32 -29.36
CA ALA M 328 -33.27 29.03 -28.96
C ALA M 328 -34.37 28.88 -30.00
N ALA M 329 -34.02 28.97 -31.29
CA ALA M 329 -35.03 28.86 -32.34
C ALA M 329 -35.57 27.44 -32.43
N GLY M 330 -34.71 26.44 -32.18
CA GLY M 330 -35.15 25.06 -32.23
C GLY M 330 -36.12 24.72 -31.12
N LEU M 331 -35.87 25.26 -29.92
CA LEU M 331 -36.77 25.02 -28.79
C LEU M 331 -38.07 25.78 -28.90
N GLY M 332 -38.20 26.66 -29.88
CA GLY M 332 -39.45 27.37 -30.09
C GLY M 332 -39.69 28.53 -29.14
N ILE M 333 -38.64 29.14 -28.61
CA ILE M 333 -38.78 30.27 -27.71
C ILE M 333 -38.20 31.56 -28.26
N MET M 334 -37.69 31.58 -29.50
CA MET M 334 -37.00 32.76 -29.98
C MET M 334 -37.99 33.86 -30.38
N GLY M 335 -39.22 33.49 -30.73
CA GLY M 335 -40.24 34.48 -31.02
C GLY M 335 -39.87 35.35 -32.21
N GLU M 336 -40.00 36.66 -32.04
CA GLU M 336 -39.61 37.64 -33.04
C GLU M 336 -38.29 38.31 -32.71
N TYR M 337 -37.37 37.58 -32.08
CA TYR M 337 -36.09 38.15 -31.71
C TYR M 337 -35.34 38.54 -32.97
N ARG M 338 -35.03 39.83 -33.11
CA ARG M 338 -34.57 40.38 -34.37
C ARG M 338 -33.05 40.38 -34.49
N GLY M 339 -32.37 39.80 -33.51
CA GLY M 339 -30.97 39.49 -33.68
C GLY M 339 -30.77 38.32 -34.62
N THR M 340 -29.74 38.42 -35.46
CA THR M 340 -29.55 37.44 -36.52
C THR M 340 -28.23 36.72 -36.35
N PRO M 341 -28.16 35.43 -36.68
CA PRO M 341 -26.89 34.71 -36.55
C PRO M 341 -25.87 35.22 -37.56
N ARG M 342 -24.59 35.15 -37.19
CA ARG M 342 -23.53 35.49 -38.12
C ARG M 342 -22.71 34.27 -38.54
N ASN M 343 -23.15 33.07 -38.17
CA ASN M 343 -22.68 31.81 -38.73
C ASN M 343 -23.94 31.00 -39.03
N GLN M 344 -24.42 31.10 -40.27
CA GLN M 344 -25.70 30.47 -40.62
C GLN M 344 -25.63 28.95 -40.48
N ASP M 345 -24.47 28.36 -40.78
CA ASP M 345 -24.36 26.91 -40.74
C ASP M 345 -24.51 26.37 -39.32
N LEU M 346 -23.80 26.96 -38.36
CA LEU M 346 -23.93 26.52 -36.97
C LEU M 346 -25.32 26.80 -36.44
N TYR M 347 -25.91 27.92 -36.85
CA TYR M 347 -27.28 28.24 -36.48
C TYR M 347 -28.23 27.14 -36.93
N ASP M 348 -28.15 26.75 -38.20
CA ASP M 348 -29.04 25.71 -38.72
C ASP M 348 -28.80 24.38 -38.04
N ALA M 349 -27.53 24.01 -37.83
CA ALA M 349 -27.24 22.73 -37.18
C ALA M 349 -27.79 22.69 -35.76
N ALA M 350 -27.58 23.75 -34.99
CA ALA M 350 -28.10 23.79 -33.63
C ALA M 350 -29.62 23.80 -33.61
N LYS M 351 -30.24 24.53 -34.55
CA LYS M 351 -31.69 24.55 -34.63
C LYS M 351 -32.24 23.14 -34.91
N ALA M 352 -31.63 22.43 -35.86
CA ALA M 352 -32.08 21.09 -36.17
C ALA M 352 -31.92 20.16 -34.98
N TYR M 353 -30.77 20.22 -34.30
CA TYR M 353 -30.60 19.32 -33.16
C TYR M 353 -31.58 19.65 -32.05
N ALA M 354 -31.85 20.94 -31.83
CA ALA M 354 -32.80 21.31 -30.78
C ALA M 354 -34.21 20.86 -31.14
N GLU M 355 -34.55 20.85 -32.43
CA GLU M 355 -35.84 20.32 -32.84
C GLU M 355 -35.94 18.82 -32.59
N GLN M 356 -34.90 18.06 -32.97
CA GLN M 356 -34.92 16.63 -32.66
C GLN M 356 -34.75 16.35 -31.18
N LEU M 357 -34.43 17.37 -30.37
CA LEU M 357 -34.41 17.15 -28.93
C LEU M 357 -35.80 16.97 -28.35
N LYS M 358 -36.84 17.07 -29.16
CA LYS M 358 -38.19 16.94 -28.63
C LYS M 358 -38.88 15.65 -29.11
N GLU M 359 -38.72 15.30 -30.39
CA GLU M 359 -39.19 13.99 -30.84
C GLU M 359 -38.25 12.88 -30.39
N ASN M 360 -36.95 13.12 -30.49
CA ASN M 360 -35.92 12.16 -30.08
C ASN M 360 -35.37 12.67 -28.76
N GLY M 361 -35.95 12.18 -27.65
CA GLY M 361 -35.80 12.84 -26.37
C GLY M 361 -34.40 13.34 -26.08
N VAL M 362 -33.46 12.41 -25.86
CA VAL M 362 -32.07 12.76 -25.58
C VAL M 362 -31.19 11.78 -26.33
N ILE M 363 -29.91 12.12 -26.45
CA ILE M 363 -28.91 11.25 -27.06
C ILE M 363 -27.89 10.86 -26.00
N ASN M 364 -27.73 9.57 -25.80
CA ASN M 364 -26.67 9.08 -24.93
C ASN M 364 -25.33 9.17 -25.65
N TYR M 365 -24.26 9.04 -24.88
CA TYR M 365 -22.92 9.04 -25.45
C TYR M 365 -22.24 7.73 -25.12
N SER M 366 -22.96 6.63 -25.36
CA SER M 366 -22.45 5.27 -25.27
C SER M 366 -21.39 5.03 -26.33
N VAL M 367 -21.43 5.80 -27.41
CA VAL M 367 -20.30 5.85 -28.35
C VAL M 367 -19.06 6.16 -27.52
N LEU M 368 -17.89 5.70 -27.98
CA LEU M 368 -16.66 5.86 -27.20
C LEU M 368 -16.73 5.15 -25.85
N ASP M 369 -16.63 3.82 -25.86
CA ASP M 369 -16.42 2.92 -24.71
C ASP M 369 -17.69 2.47 -23.97
N LEU M 370 -18.89 2.67 -24.51
CA LEU M 370 -20.06 2.07 -23.89
C LEU M 370 -21.07 1.57 -24.92
N ALA N 2 -31.72 -11.86 -11.35
CA ALA N 2 -31.08 -10.72 -12.02
C ALA N 2 -31.72 -10.48 -13.37
N LEU N 3 -32.04 -9.20 -13.65
CA LEU N 3 -32.71 -8.87 -14.91
C LEU N 3 -31.77 -9.01 -16.09
N SER N 4 -30.46 -9.07 -15.85
CA SER N 4 -29.49 -9.16 -16.94
C SER N 4 -29.52 -10.51 -17.64
N LYS N 5 -30.07 -11.55 -17.01
CA LYS N 5 -30.13 -12.86 -17.63
C LYS N 5 -31.47 -13.15 -18.29
N VAL N 6 -32.33 -12.15 -18.44
CA VAL N 6 -33.56 -12.29 -19.22
C VAL N 6 -33.17 -11.99 -20.66
N LYS N 7 -32.59 -12.98 -21.33
CA LYS N 7 -32.08 -12.77 -22.68
C LYS N 7 -32.20 -14.06 -23.47
N LEU N 8 -32.33 -13.92 -24.79
CA LEU N 8 -32.45 -15.05 -25.70
C LEU N 8 -31.59 -14.77 -26.93
N ASN N 9 -30.74 -15.73 -27.28
CA ASN N 9 -29.86 -15.61 -28.43
C ASN N 9 -30.50 -16.34 -29.61
N ASP N 10 -31.45 -15.65 -30.26
CA ASP N 10 -32.26 -16.31 -31.28
C ASP N 10 -31.47 -16.57 -32.55
N THR N 11 -30.62 -15.63 -32.97
CA THR N 11 -29.85 -15.81 -34.21
C THR N 11 -28.93 -17.02 -34.10
N LEU N 12 -28.20 -17.12 -33.00
CA LEU N 12 -27.26 -18.22 -32.81
C LEU N 12 -27.98 -19.55 -32.67
N ASN N 13 -29.13 -19.55 -31.99
CA ASN N 13 -29.91 -20.77 -31.83
C ASN N 13 -30.48 -21.25 -33.16
N LYS N 14 -30.97 -20.32 -33.99
CA LYS N 14 -31.42 -20.68 -35.32
C LYS N 14 -30.29 -21.24 -36.16
N ASP N 15 -29.11 -20.61 -36.09
CA ASP N 15 -27.97 -21.15 -36.83
C ASP N 15 -27.60 -22.55 -36.36
N GLN N 16 -27.61 -22.78 -35.06
CA GLN N 16 -27.26 -24.12 -34.57
C GLN N 16 -28.31 -25.13 -34.99
N LEU N 17 -29.59 -24.75 -35.01
CA LEU N 17 -30.62 -25.66 -35.48
C LEU N 17 -30.42 -26.01 -36.95
N LEU N 18 -30.08 -25.02 -37.78
CA LEU N 18 -29.92 -25.29 -39.20
C LEU N 18 -28.62 -26.04 -39.51
N SER N 19 -27.58 -25.83 -38.72
CA SER N 19 -26.29 -26.47 -38.97
C SER N 19 -26.16 -27.86 -38.36
N SER N 20 -27.06 -28.23 -37.45
CA SER N 20 -26.99 -29.53 -36.80
C SER N 20 -28.11 -30.47 -37.25
N SER N 21 -28.62 -30.29 -38.46
CA SER N 21 -29.64 -31.19 -38.97
C SER N 21 -29.05 -32.57 -39.21
N LYS N 22 -29.79 -33.60 -38.85
CA LYS N 22 -29.35 -34.98 -39.01
C LYS N 22 -30.08 -35.70 -40.14
N TYR N 23 -30.85 -34.97 -40.95
CA TYR N 23 -31.45 -35.50 -42.16
C TYR N 23 -31.17 -34.53 -43.30
N THR N 24 -31.09 -35.06 -44.52
CA THR N 24 -30.76 -34.26 -45.70
C THR N 24 -31.76 -34.52 -46.80
N ILE N 25 -32.02 -33.48 -47.59
CA ILE N 25 -32.84 -33.60 -48.79
C ILE N 25 -31.93 -33.76 -49.99
N GLN N 26 -32.52 -34.23 -51.08
CA GLN N 26 -31.77 -34.42 -52.34
C GLN N 26 -32.71 -34.08 -53.48
N ARG N 27 -32.47 -32.94 -54.11
CA ARG N 27 -33.33 -32.44 -55.18
C ARG N 27 -33.01 -33.15 -56.50
N SER N 28 -33.95 -33.06 -57.44
CA SER N 28 -33.78 -33.63 -58.76
C SER N 28 -33.78 -32.51 -59.78
N THR N 29 -32.68 -32.39 -60.52
CA THR N 29 -32.54 -31.29 -61.47
C THR N 29 -33.55 -31.37 -62.61
N GLY N 30 -34.04 -32.56 -62.93
CA GLY N 30 -34.92 -32.74 -64.07
C GLY N 30 -34.19 -33.16 -65.34
N ASP N 31 -33.92 -32.19 -66.20
CA ASP N 31 -33.09 -32.37 -67.38
C ASP N 31 -31.68 -32.80 -66.99
N SER N 32 -31.11 -33.68 -67.81
CA SER N 32 -29.77 -34.20 -67.57
C SER N 32 -28.73 -33.08 -67.67
N ILE N 33 -27.71 -33.16 -66.81
CA ILE N 33 -26.62 -32.19 -66.81
C ILE N 33 -25.50 -32.76 -67.66
N ASP N 34 -25.03 -31.97 -68.62
CA ASP N 34 -23.83 -32.29 -69.39
C ASP N 34 -22.65 -31.97 -68.50
N THR N 35 -21.66 -32.86 -68.46
CA THR N 35 -20.48 -32.61 -67.65
C THR N 35 -19.23 -32.72 -68.51
N PRO N 36 -18.82 -31.66 -69.19
CA PRO N 36 -17.58 -31.71 -69.96
C PRO N 36 -16.36 -31.84 -69.05
N ASN N 37 -15.32 -32.45 -69.60
CA ASN N 37 -14.06 -32.66 -68.89
C ASN N 37 -13.01 -31.74 -69.48
N TYR N 38 -11.76 -31.90 -69.01
CA TYR N 38 -10.67 -31.08 -69.51
C TYR N 38 -10.42 -31.28 -71.00
N ASP N 39 -10.91 -32.39 -71.55
CA ASP N 39 -10.61 -32.75 -72.94
C ASP N 39 -11.17 -31.72 -73.91
N VAL N 40 -12.40 -31.25 -73.68
CA VAL N 40 -13.11 -30.41 -74.62
C VAL N 40 -13.04 -28.93 -74.25
N GLN N 41 -12.13 -28.57 -73.33
CA GLN N 41 -11.97 -27.18 -72.96
C GLN N 41 -11.52 -26.34 -74.16
N LYS N 42 -10.61 -26.87 -74.97
CA LYS N 42 -10.16 -26.16 -76.16
C LYS N 42 -11.31 -25.92 -77.13
N HIS N 43 -12.17 -26.93 -77.33
CA HIS N 43 -13.26 -26.78 -78.26
C HIS N 43 -14.31 -25.80 -77.75
N ILE N 44 -14.60 -25.82 -76.44
CA ILE N 44 -15.57 -24.87 -75.90
C ILE N 44 -15.01 -23.45 -75.98
N ASN N 45 -13.70 -23.28 -75.75
CA ASN N 45 -13.10 -21.97 -75.91
C ASN N 45 -13.15 -21.52 -77.37
N LYS N 46 -12.97 -22.47 -78.30
CA LYS N 46 -13.13 -22.15 -79.72
C LYS N 46 -14.54 -21.66 -80.02
N LEU N 47 -15.55 -22.33 -79.44
CA LEU N 47 -16.93 -21.91 -79.66
C LEU N 47 -17.18 -20.51 -79.10
N CYS N 48 -16.65 -20.22 -77.92
CA CYS N 48 -16.79 -18.88 -77.34
C CYS N 48 -16.10 -17.84 -78.22
N GLY N 49 -14.92 -18.17 -78.74
CA GLY N 49 -14.24 -17.24 -79.63
C GLY N 49 -14.99 -16.99 -80.92
N MET N 50 -15.58 -18.04 -81.49
CA MET N 50 -16.39 -17.87 -82.68
C MET N 50 -17.60 -17.00 -82.41
N LEU N 51 -18.23 -17.15 -81.24
CA LEU N 51 -19.31 -16.25 -80.87
C LEU N 51 -18.81 -14.82 -80.75
N LEU N 52 -17.62 -14.63 -80.19
CA LEU N 52 -17.11 -13.28 -79.94
C LEU N 52 -16.72 -12.57 -81.23
N ILE N 53 -16.10 -13.26 -82.19
CA ILE N 53 -15.68 -12.60 -83.42
C ILE N 53 -16.81 -12.38 -84.40
N THR N 54 -18.01 -12.87 -84.12
CA THR N 54 -19.14 -12.78 -85.02
C THR N 54 -19.88 -11.47 -84.75
N GLU N 55 -19.77 -10.50 -85.66
CA GLU N 55 -20.55 -9.29 -85.47
C GLU N 55 -22.04 -9.54 -85.71
N ASP N 56 -22.85 -8.63 -85.17
CA ASP N 56 -24.32 -8.76 -85.23
C ASP N 56 -24.74 -10.18 -84.84
N ALA N 57 -24.19 -10.65 -83.73
CA ALA N 57 -24.27 -12.06 -83.37
C ALA N 57 -25.59 -12.38 -82.69
N ASN N 58 -25.86 -13.69 -82.61
CA ASN N 58 -27.01 -14.22 -81.88
C ASN N 58 -26.48 -14.84 -80.59
N HIS N 59 -26.76 -14.19 -79.46
CA HIS N 59 -26.29 -14.66 -78.17
C HIS N 59 -27.35 -15.40 -77.37
N LYS N 60 -28.26 -16.10 -78.05
CA LYS N 60 -29.30 -16.84 -77.33
C LYS N 60 -28.72 -17.97 -76.50
N PHE N 61 -27.57 -18.52 -76.90
CA PHE N 61 -27.01 -19.70 -76.26
C PHE N 61 -25.70 -19.41 -75.56
N THR N 62 -25.33 -18.14 -75.41
CA THR N 62 -24.02 -17.81 -74.84
C THR N 62 -23.94 -18.17 -73.36
N GLY N 63 -25.05 -18.03 -72.63
CA GLY N 63 -25.04 -18.39 -71.22
C GLY N 63 -24.73 -19.86 -71.00
N LEU N 64 -25.37 -20.73 -71.79
CA LEU N 64 -25.12 -22.17 -71.66
C LEU N 64 -23.70 -22.51 -72.06
N ILE N 65 -23.17 -21.86 -73.10
CA ILE N 65 -21.82 -22.16 -73.54
C ILE N 65 -20.81 -21.68 -72.50
N GLY N 66 -21.06 -20.54 -71.88
CA GLY N 66 -20.18 -20.10 -70.79
C GLY N 66 -20.24 -21.02 -69.60
N MET N 67 -21.44 -21.53 -69.28
CA MET N 67 -21.55 -22.51 -68.20
C MET N 67 -20.78 -23.77 -68.53
N LEU N 68 -20.87 -24.23 -69.78
CA LEU N 68 -20.11 -25.40 -70.20
C LEU N 68 -18.61 -25.15 -70.09
N TYR N 69 -18.15 -23.96 -70.46
CA TYR N 69 -16.73 -23.65 -70.36
C TYR N 69 -16.27 -23.66 -68.90
N ALA N 70 -17.08 -23.06 -68.01
CA ALA N 70 -16.73 -23.07 -66.60
C ALA N 70 -16.67 -24.50 -66.06
N MET N 71 -17.66 -25.32 -66.42
CA MET N 71 -17.68 -26.70 -65.97
C MET N 71 -16.53 -27.53 -66.55
N SER N 72 -16.08 -27.21 -67.76
CA SER N 72 -14.93 -27.91 -68.33
C SER N 72 -13.63 -27.47 -67.65
N ARG N 73 -13.55 -26.22 -67.25
CA ARG N 73 -12.40 -25.78 -66.45
C ARG N 73 -12.37 -26.49 -65.10
N LEU N 74 -13.53 -26.63 -64.46
CA LEU N 74 -13.56 -27.34 -63.18
C LEU N 74 -13.19 -28.80 -63.35
N GLY N 75 -13.61 -29.42 -64.45
CA GLY N 75 -13.46 -30.84 -64.67
C GLY N 75 -14.72 -31.59 -64.30
N ARG N 76 -14.88 -32.78 -64.88
CA ARG N 76 -16.08 -33.57 -64.65
C ARG N 76 -16.18 -34.04 -63.20
N GLU N 77 -15.06 -34.48 -62.63
CA GLU N 77 -15.07 -34.95 -61.25
C GLU N 77 -15.54 -33.86 -60.30
N ASP N 78 -14.94 -32.67 -60.40
CA ASP N 78 -15.30 -31.59 -59.50
C ASP N 78 -16.70 -31.05 -59.77
N THR N 79 -17.12 -31.02 -61.04
CA THR N 79 -18.49 -30.61 -61.32
C THR N 79 -19.50 -31.54 -60.69
N ILE N 80 -19.27 -32.86 -60.83
CA ILE N 80 -20.16 -33.84 -60.22
C ILE N 80 -20.15 -33.69 -58.71
N LYS N 81 -18.97 -33.52 -58.12
CA LYS N 81 -18.88 -33.40 -56.67
C LYS N 81 -19.58 -32.14 -56.17
N ILE N 82 -19.47 -31.04 -56.90
CA ILE N 82 -20.18 -29.82 -56.56
C ILE N 82 -21.68 -30.06 -56.59
N LEU N 83 -22.17 -30.73 -57.63
CA LEU N 83 -23.60 -30.95 -57.74
C LEU N 83 -24.12 -31.85 -56.63
N ARG N 84 -23.38 -32.89 -56.26
CA ARG N 84 -23.78 -33.69 -55.10
C ARG N 84 -23.77 -32.88 -53.82
N ASP N 85 -22.68 -32.13 -53.57
CA ASP N 85 -22.59 -31.37 -52.32
C ASP N 85 -23.68 -30.32 -52.22
N ALA N 86 -24.14 -29.78 -53.35
CA ALA N 86 -25.26 -28.86 -53.32
C ALA N 86 -26.58 -29.56 -53.05
N GLY N 87 -26.60 -30.89 -53.06
CA GLY N 87 -27.81 -31.65 -52.81
C GLY N 87 -28.69 -31.81 -54.02
N TYR N 88 -28.13 -32.35 -55.10
CA TYR N 88 -28.85 -32.55 -56.34
C TYR N 88 -28.68 -33.98 -56.82
N HIS N 89 -29.74 -34.51 -57.42
CA HIS N 89 -29.64 -35.75 -58.19
C HIS N 89 -29.38 -35.37 -59.64
N VAL N 90 -28.23 -35.80 -60.17
CA VAL N 90 -27.77 -35.36 -61.47
C VAL N 90 -27.55 -36.57 -62.37
N LYS N 91 -28.03 -36.46 -63.60
CA LYS N 91 -27.74 -37.42 -64.66
C LYS N 91 -26.49 -36.92 -65.37
N ALA N 92 -25.34 -37.45 -64.98
CA ALA N 92 -24.08 -37.00 -65.57
C ALA N 92 -23.99 -37.45 -67.02
N ASN N 93 -23.88 -36.48 -67.92
CA ASN N 93 -23.86 -36.72 -69.35
C ASN N 93 -22.45 -36.51 -69.87
N GLY N 94 -21.88 -37.55 -70.47
CA GLY N 94 -20.54 -37.45 -71.01
C GLY N 94 -20.53 -36.58 -72.25
N VAL N 95 -19.54 -35.69 -72.34
CA VAL N 95 -19.36 -34.80 -73.48
C VAL N 95 -18.07 -35.20 -74.18
N ASP N 96 -18.18 -35.49 -75.47
CA ASP N 96 -17.01 -35.80 -76.28
C ASP N 96 -17.21 -35.20 -77.66
N VAL N 97 -16.10 -35.02 -78.34
CA VAL N 97 -16.07 -34.33 -79.62
C VAL N 97 -16.22 -35.34 -80.75
N THR N 98 -17.00 -34.98 -81.76
CA THR N 98 -17.15 -35.81 -82.94
C THR N 98 -17.28 -34.92 -84.16
N THR N 99 -17.13 -35.51 -85.34
CA THR N 99 -17.26 -34.81 -86.60
C THR N 99 -18.64 -35.03 -87.21
N HIS N 100 -19.14 -33.99 -87.88
CA HIS N 100 -20.40 -34.03 -88.59
C HIS N 100 -20.15 -33.47 -89.99
N ARG N 101 -20.69 -34.15 -91.01
CA ARG N 101 -20.47 -33.78 -92.39
C ARG N 101 -21.81 -33.30 -92.96
N GLN N 102 -21.84 -32.10 -93.52
CA GLN N 102 -23.03 -31.63 -94.21
C GLN N 102 -22.65 -30.76 -95.39
N ASP N 103 -23.59 -30.64 -96.32
CA ASP N 103 -23.40 -29.92 -97.57
C ASP N 103 -24.15 -28.59 -97.52
N ILE N 104 -23.39 -27.52 -97.38
CA ILE N 104 -23.94 -26.17 -97.47
C ILE N 104 -23.32 -25.50 -98.68
N ASN N 105 -24.10 -24.67 -99.38
CA ASN N 105 -23.69 -24.06 -100.64
C ASN N 105 -23.38 -25.13 -101.69
N GLY N 106 -23.97 -26.30 -101.54
CA GLY N 106 -23.70 -27.40 -102.44
C GLY N 106 -22.30 -27.98 -102.34
N LYS N 107 -21.63 -27.78 -101.21
CA LYS N 107 -20.26 -28.24 -101.03
C LYS N 107 -20.16 -29.04 -99.74
N GLU N 108 -19.43 -30.15 -99.80
CA GLU N 108 -19.18 -30.99 -98.64
C GLU N 108 -18.34 -30.21 -97.63
N MET N 109 -18.73 -30.27 -96.36
CA MET N 109 -18.04 -29.49 -95.34
C MET N 109 -17.81 -30.29 -94.06
N LYS N 110 -16.62 -30.09 -93.50
CA LYS N 110 -16.16 -30.76 -92.29
C LYS N 110 -16.37 -29.84 -91.10
N PHE N 111 -17.20 -30.29 -90.15
CA PHE N 111 -17.38 -29.61 -88.87
C PHE N 111 -17.06 -30.56 -87.74
N GLU N 112 -16.47 -30.02 -86.69
CA GLU N 112 -16.15 -30.76 -85.47
C GLU N 112 -16.99 -30.19 -84.34
N VAL N 113 -17.92 -30.99 -83.82
CA VAL N 113 -18.90 -30.54 -82.86
C VAL N 113 -18.82 -31.42 -81.61
N LEU N 114 -19.65 -31.07 -80.62
CA LEU N 114 -19.69 -31.76 -79.33
C LEU N 114 -21.03 -32.45 -79.14
N THR N 115 -21.01 -33.55 -78.38
CA THR N 115 -22.24 -34.25 -78.00
C THR N 115 -22.79 -33.61 -76.74
N LEU N 116 -23.59 -32.55 -76.93
CA LEU N 116 -24.25 -31.87 -75.83
C LEU N 116 -25.75 -32.07 -75.96
N ALA N 117 -26.37 -32.60 -74.91
CA ALA N 117 -27.81 -32.77 -74.93
C ALA N 117 -28.54 -31.44 -74.90
N SER N 118 -27.95 -30.44 -74.24
CA SER N 118 -28.59 -29.13 -74.13
C SER N 118 -28.39 -28.28 -75.38
N LEU N 119 -27.37 -28.58 -76.17
CA LEU N 119 -27.01 -27.77 -77.33
C LEU N 119 -26.95 -28.66 -78.56
N THR N 120 -27.85 -28.44 -79.50
CA THR N 120 -27.95 -29.31 -80.67
C THR N 120 -26.82 -29.01 -81.66
N THR N 121 -26.62 -29.96 -82.59
CA THR N 121 -25.56 -29.83 -83.57
C THR N 121 -25.82 -28.66 -84.53
N GLU N 122 -27.08 -28.44 -84.91
CA GLU N 122 -27.40 -27.34 -85.81
C GLU N 122 -26.92 -26.01 -85.25
N ILE N 123 -27.06 -25.80 -83.95
CA ILE N 123 -26.70 -24.53 -83.34
C ILE N 123 -25.21 -24.29 -83.46
N GLN N 124 -24.39 -25.30 -83.14
CA GLN N 124 -22.95 -25.17 -83.25
C GLN N 124 -22.53 -24.97 -84.71
N ILE N 125 -23.15 -25.70 -85.63
CA ILE N 125 -22.85 -25.53 -87.05
C ILE N 125 -23.14 -24.10 -87.49
N ASN N 126 -24.29 -23.57 -87.09
CA ASN N 126 -24.66 -22.22 -87.50
C ASN N 126 -23.76 -21.18 -86.86
N ILE N 127 -23.34 -21.42 -85.62
CA ILE N 127 -22.37 -20.53 -84.99
C ILE N 127 -21.08 -20.49 -85.81
N GLU N 128 -20.60 -21.67 -86.23
CA GLU N 128 -19.40 -21.69 -87.06
C GLU N 128 -19.62 -20.98 -88.38
N ILE N 129 -20.78 -21.15 -89.00
CA ILE N 129 -21.05 -20.53 -90.30
C ILE N 129 -21.02 -19.01 -90.16
N GLU N 130 -21.74 -18.48 -89.15
CA GLU N 130 -21.77 -17.05 -88.95
C GLU N 130 -20.38 -16.50 -88.65
N SER N 131 -19.62 -17.19 -87.80
CA SER N 131 -18.28 -16.75 -87.47
C SER N 131 -17.39 -16.76 -88.70
N ARG N 132 -17.47 -17.81 -89.53
CA ARG N 132 -16.63 -17.89 -90.71
C ARG N 132 -16.92 -16.77 -91.69
N LYS N 133 -18.20 -16.47 -91.94
CA LYS N 133 -18.48 -15.46 -92.94
C LYS N 133 -18.20 -14.05 -92.40
N SER N 134 -18.41 -13.83 -91.10
CA SER N 134 -18.01 -12.55 -90.52
C SER N 134 -16.50 -12.38 -90.58
N TYR N 135 -15.76 -13.46 -90.30
CA TYR N 135 -14.30 -13.44 -90.42
C TYR N 135 -13.88 -13.14 -91.85
N LYS N 136 -14.54 -13.76 -92.83
CA LYS N 136 -14.22 -13.48 -94.22
C LYS N 136 -14.46 -12.02 -94.56
N LYS N 137 -15.60 -11.47 -94.15
CA LYS N 137 -15.92 -10.08 -94.46
C LYS N 137 -14.93 -9.13 -93.80
N MET N 138 -14.57 -9.38 -92.55
CA MET N 138 -13.67 -8.47 -91.85
C MET N 138 -12.24 -8.60 -92.37
N LEU N 139 -11.84 -9.81 -92.76
CA LEU N 139 -10.55 -10.00 -93.41
C LEU N 139 -10.49 -9.27 -94.73
N LYS N 140 -11.60 -9.31 -95.49
CA LYS N 140 -11.69 -8.53 -96.72
C LYS N 140 -11.58 -7.05 -96.45
N GLU N 141 -12.23 -6.57 -95.39
CA GLU N 141 -12.28 -5.14 -95.12
C GLU N 141 -11.01 -4.59 -94.47
N MET N 142 -10.13 -5.44 -93.93
CA MET N 142 -8.87 -4.93 -93.40
C MET N 142 -7.63 -5.68 -93.85
N GLY N 143 -7.77 -6.71 -94.69
CA GLY N 143 -6.60 -7.30 -95.32
C GLY N 143 -5.98 -8.50 -94.63
N GLU N 144 -5.44 -8.29 -93.42
CA GLU N 144 -4.78 -9.36 -92.70
C GLU N 144 -5.20 -9.31 -91.23
N VAL N 145 -5.44 -10.50 -90.65
CA VAL N 145 -5.86 -10.61 -89.27
C VAL N 145 -4.66 -10.76 -88.35
N ALA N 146 -4.88 -10.57 -87.06
CA ALA N 146 -3.90 -10.77 -86.01
C ALA N 146 -4.49 -11.74 -85.01
N PRO N 147 -3.65 -12.34 -84.14
CA PRO N 147 -4.19 -13.18 -83.08
C PRO N 147 -5.19 -12.45 -82.18
N GLU N 148 -5.20 -11.12 -82.22
CA GLU N 148 -6.21 -10.36 -81.49
C GLU N 148 -7.61 -10.62 -82.04
N TYR N 149 -7.75 -10.67 -83.36
CA TYR N 149 -9.04 -10.88 -84.03
C TYR N 149 -9.13 -12.35 -84.44
N ARG N 150 -9.44 -13.23 -83.49
CA ARG N 150 -9.64 -14.63 -83.82
C ARG N 150 -10.29 -15.35 -82.63
N HIS N 151 -10.82 -16.53 -82.94
CA HIS N 151 -11.42 -17.41 -81.94
C HIS N 151 -10.40 -18.25 -81.19
N ASP N 152 -9.15 -18.31 -81.65
CA ASP N 152 -8.15 -19.17 -81.04
C ASP N 152 -7.51 -18.54 -79.81
N SER N 153 -7.87 -17.32 -79.46
CA SER N 153 -7.33 -16.69 -78.26
C SER N 153 -7.76 -17.50 -77.03
N PRO N 154 -6.87 -17.69 -76.05
CA PRO N 154 -7.21 -18.54 -74.90
C PRO N 154 -8.08 -17.86 -73.85
N ASP N 155 -8.51 -16.63 -74.06
CA ASP N 155 -9.30 -15.89 -73.08
C ASP N 155 -10.68 -15.50 -73.60
N CYS N 156 -11.07 -16.01 -74.77
CA CYS N 156 -12.38 -15.68 -75.32
C CYS N 156 -13.50 -16.17 -74.42
N GLY N 157 -13.36 -17.38 -73.88
CA GLY N 157 -14.33 -17.87 -72.92
C GLY N 157 -14.33 -17.09 -71.63
N MET N 158 -13.15 -16.64 -71.20
CA MET N 158 -13.06 -15.93 -69.94
C MET N 158 -13.64 -14.52 -70.02
N ILE N 159 -13.68 -13.91 -71.21
CA ILE N 159 -14.40 -12.65 -71.35
C ILE N 159 -15.91 -12.84 -71.11
N ILE N 160 -16.46 -13.89 -71.71
CA ILE N 160 -17.86 -14.23 -71.49
C ILE N 160 -18.10 -14.49 -70.01
N LEU N 161 -17.16 -15.18 -69.36
CA LEU N 161 -17.30 -15.42 -67.92
C LEU N 161 -17.15 -14.15 -67.11
N CYS N 162 -16.43 -13.14 -67.62
CA CYS N 162 -16.42 -11.83 -66.96
C CYS N 162 -17.80 -11.18 -67.00
N ILE N 163 -18.46 -11.26 -68.16
CA ILE N 163 -19.84 -10.77 -68.22
C ILE N 163 -20.72 -11.53 -67.24
N ALA N 164 -20.52 -12.85 -67.16
CA ALA N 164 -21.26 -13.65 -66.18
C ALA N 164 -20.99 -13.20 -64.75
N ALA N 165 -19.74 -12.84 -64.47
CA ALA N 165 -19.39 -12.37 -63.13
C ALA N 165 -20.11 -11.07 -62.78
N LEU N 166 -20.21 -10.16 -63.74
CA LEU N 166 -20.99 -8.93 -63.51
C LEU N 166 -22.45 -9.27 -63.24
N VAL N 167 -23.03 -10.17 -64.04
CA VAL N 167 -24.41 -10.59 -63.82
C VAL N 167 -24.56 -11.16 -62.42
N ILE N 168 -23.58 -11.94 -61.97
CA ILE N 168 -23.62 -12.53 -60.63
C ILE N 168 -23.59 -11.43 -59.57
N THR N 169 -22.76 -10.41 -59.78
CA THR N 169 -22.74 -9.29 -58.84
C THR N 169 -24.12 -8.68 -58.69
N LYS N 170 -24.85 -8.55 -59.79
CA LYS N 170 -26.18 -7.94 -59.73
C LYS N 170 -27.33 -8.92 -59.53
N LEU N 171 -27.05 -10.21 -59.38
CA LEU N 171 -28.11 -11.20 -59.18
C LEU N 171 -28.90 -10.99 -57.90
N ALA N 172 -28.29 -10.44 -56.86
CA ALA N 172 -28.97 -10.37 -55.56
C ALA N 172 -30.16 -9.43 -55.56
N ALA N 173 -30.32 -8.61 -56.61
CA ALA N 173 -31.46 -7.71 -56.69
C ALA N 173 -32.79 -8.43 -56.91
N GLY N 174 -32.75 -9.72 -57.26
CA GLY N 174 -33.95 -10.51 -57.40
C GLY N 174 -34.57 -10.50 -58.78
N ASP N 175 -34.09 -9.67 -59.69
CA ASP N 175 -34.62 -9.60 -61.05
C ASP N 175 -33.56 -8.97 -61.94
N ARG N 176 -33.95 -8.64 -63.17
CA ARG N 176 -33.02 -8.05 -64.12
C ARG N 176 -33.04 -6.53 -64.04
N SER N 177 -32.91 -5.99 -62.84
CA SER N 177 -32.86 -4.55 -62.65
C SER N 177 -31.43 -4.01 -62.65
N GLY N 178 -30.44 -4.89 -62.51
CA GLY N 178 -29.05 -4.48 -62.55
C GLY N 178 -28.45 -4.62 -63.92
N LEU N 179 -29.30 -4.79 -64.94
CA LEU N 179 -28.81 -4.95 -66.30
C LEU N 179 -28.08 -3.69 -66.77
N THR N 180 -28.61 -2.52 -66.44
CA THR N 180 -27.96 -1.28 -66.84
C THR N 180 -26.59 -1.15 -66.18
N ALA N 181 -26.50 -1.50 -64.89
CA ALA N 181 -25.21 -1.47 -64.21
C ALA N 181 -24.23 -2.46 -64.84
N VAL N 182 -24.72 -3.65 -65.21
CA VAL N 182 -23.87 -4.63 -65.86
C VAL N 182 -23.33 -4.08 -67.18
N ILE N 183 -24.18 -3.45 -67.98
CA ILE N 183 -23.74 -2.89 -69.25
C ILE N 183 -22.74 -1.77 -69.03
N ARG N 184 -23.00 -0.89 -68.07
CA ARG N 184 -22.10 0.23 -67.80
C ARG N 184 -20.73 -0.27 -67.34
N ARG N 185 -20.70 -1.24 -66.42
CA ARG N 185 -19.42 -1.75 -65.95
C ARG N 185 -18.70 -2.56 -67.02
N ALA N 186 -19.44 -3.24 -67.88
CA ALA N 186 -18.81 -3.98 -68.98
C ALA N 186 -18.35 -3.06 -70.09
N ASN N 187 -18.82 -1.81 -70.11
CA ASN N 187 -18.24 -0.83 -71.02
C ASN N 187 -17.01 -0.16 -70.41
N ASN N 188 -17.06 0.14 -69.11
CA ASN N 188 -15.88 0.68 -68.44
C ASN N 188 -14.73 -0.33 -68.47
N VAL N 189 -14.92 -1.48 -67.83
CA VAL N 189 -14.00 -2.58 -67.99
C VAL N 189 -14.19 -3.16 -69.39
N LEU N 190 -13.17 -3.84 -69.90
CA LEU N 190 -13.27 -4.61 -71.15
C LEU N 190 -13.51 -3.72 -72.37
N LYS N 191 -13.12 -2.45 -72.32
CA LYS N 191 -13.33 -1.59 -73.48
C LYS N 191 -12.40 -1.94 -74.63
N ASN N 192 -11.15 -2.34 -74.31
CA ASN N 192 -10.24 -2.84 -75.33
C ASN N 192 -10.82 -4.07 -76.01
N GLU N 193 -11.41 -4.97 -75.24
CA GLU N 193 -12.06 -6.14 -75.85
C GLU N 193 -13.25 -5.73 -76.70
N MET N 194 -14.05 -4.76 -76.24
CA MET N 194 -15.20 -4.34 -77.02
C MET N 194 -14.77 -3.66 -78.32
N LYS N 195 -13.55 -3.13 -78.36
CA LYS N 195 -12.91 -2.88 -79.65
C LYS N 195 -12.63 -4.17 -80.39
N ARG N 196 -11.86 -5.05 -79.77
CA ARG N 196 -11.23 -6.17 -80.43
C ARG N 196 -12.24 -7.21 -80.93
N TYR N 197 -13.34 -7.42 -80.21
CA TYR N 197 -14.31 -8.45 -80.58
C TYR N 197 -15.58 -7.84 -81.11
N LYS N 198 -15.99 -8.28 -82.30
CA LYS N 198 -17.16 -7.76 -82.98
C LYS N 198 -18.45 -8.11 -82.28
N GLY N 199 -18.53 -9.32 -81.73
CA GLY N 199 -19.73 -9.85 -81.11
C GLY N 199 -19.79 -9.72 -79.62
N LEU N 200 -18.88 -8.97 -79.01
CA LEU N 200 -18.90 -8.76 -77.57
C LEU N 200 -19.96 -7.71 -77.28
N LEU N 201 -21.21 -8.15 -77.24
CA LEU N 201 -22.32 -7.28 -76.92
C LEU N 201 -22.71 -7.52 -75.48
N PRO N 202 -22.39 -6.61 -74.56
CA PRO N 202 -22.64 -6.91 -73.13
C PRO N 202 -24.09 -7.19 -72.80
N LYS N 203 -25.04 -6.50 -73.44
CA LYS N 203 -26.44 -6.64 -73.06
C LYS N 203 -26.98 -8.02 -73.42
N ASP N 204 -26.64 -8.52 -74.63
CA ASP N 204 -27.14 -9.82 -75.06
C ASP N 204 -26.58 -10.94 -74.20
N ILE N 205 -25.27 -10.89 -73.94
CA ILE N 205 -24.65 -11.91 -73.10
C ILE N 205 -25.20 -11.86 -71.69
N ALA N 206 -25.39 -10.64 -71.16
CA ALA N 206 -25.95 -10.49 -69.83
C ALA N 206 -27.37 -11.05 -69.75
N ASN N 207 -28.18 -10.81 -70.77
CA ASN N 207 -29.53 -11.36 -70.79
C ASN N 207 -29.50 -12.87 -70.88
N SER N 208 -28.58 -13.42 -71.67
CA SER N 208 -28.45 -14.88 -71.76
C SER N 208 -28.07 -15.48 -70.41
N PHE N 209 -27.15 -14.85 -69.70
CA PHE N 209 -26.74 -15.38 -68.40
C PHE N 209 -27.85 -15.22 -67.36
N TYR N 210 -28.59 -14.11 -67.41
CA TYR N 210 -29.76 -13.96 -66.56
C TYR N 210 -30.75 -15.09 -66.80
N GLU N 211 -31.04 -15.38 -68.07
CA GLU N 211 -31.96 -16.45 -68.40
C GLU N 211 -31.47 -17.80 -67.88
N VAL N 212 -30.19 -18.13 -68.11
CA VAL N 212 -29.72 -19.44 -67.72
C VAL N 212 -29.67 -19.56 -66.20
N PHE N 213 -29.39 -18.47 -65.49
CA PHE N 213 -29.40 -18.54 -64.03
C PHE N 213 -30.81 -18.65 -63.49
N GLU N 214 -31.79 -18.05 -64.18
CA GLU N 214 -33.17 -18.18 -63.74
C GLU N 214 -33.70 -19.60 -63.97
N LYS N 215 -33.39 -20.19 -65.13
CA LYS N 215 -33.94 -21.50 -65.45
C LYS N 215 -33.28 -22.61 -64.64
N HIS N 216 -31.96 -22.53 -64.45
CA HIS N 216 -31.19 -23.57 -63.78
C HIS N 216 -30.52 -22.99 -62.54
N PRO N 217 -31.18 -23.05 -61.38
CA PRO N 217 -30.55 -22.52 -60.16
C PRO N 217 -29.29 -23.28 -59.73
N HIS N 218 -29.08 -24.50 -60.19
CA HIS N 218 -27.85 -25.21 -59.87
C HIS N 218 -26.66 -24.63 -60.61
N PHE N 219 -26.89 -23.97 -61.74
CA PHE N 219 -25.79 -23.32 -62.45
C PHE N 219 -25.23 -22.15 -61.66
N ILE N 220 -26.05 -21.50 -60.84
CA ILE N 220 -25.53 -20.45 -59.96
C ILE N 220 -24.52 -21.04 -58.98
N ASP N 221 -24.86 -22.18 -58.38
CA ASP N 221 -23.96 -22.84 -57.46
C ASP N 221 -22.67 -23.26 -58.16
N VAL N 222 -22.82 -23.87 -59.35
CA VAL N 222 -21.65 -24.31 -60.11
C VAL N 222 -20.76 -23.12 -60.45
N PHE N 223 -21.35 -22.02 -60.90
CA PHE N 223 -20.56 -20.86 -61.30
C PHE N 223 -19.89 -20.20 -60.10
N VAL N 224 -20.58 -20.13 -58.97
CA VAL N 224 -19.97 -19.52 -57.78
C VAL N 224 -18.77 -20.35 -57.33
N HIS N 225 -18.90 -21.67 -57.33
CA HIS N 225 -17.77 -22.47 -56.89
C HIS N 225 -16.66 -22.51 -57.94
N PHE N 226 -17.01 -22.39 -59.22
CA PHE N 226 -15.98 -22.21 -60.24
C PHE N 226 -15.22 -20.91 -60.04
N GLY N 227 -15.95 -19.83 -59.72
CA GLY N 227 -15.29 -18.56 -59.49
C GLY N 227 -14.39 -18.59 -58.27
N ILE N 228 -14.80 -19.31 -57.23
CA ILE N 228 -13.95 -19.45 -56.06
C ILE N 228 -12.70 -20.26 -56.39
N ALA N 229 -12.87 -21.34 -57.16
CA ALA N 229 -11.72 -22.16 -57.54
C ALA N 229 -10.76 -21.41 -58.46
N GLN N 230 -11.32 -20.62 -59.39
CA GLN N 230 -10.49 -19.81 -60.27
C GLN N 230 -9.73 -18.74 -59.49
N SER N 231 -10.38 -18.12 -58.52
CA SER N 231 -9.74 -17.10 -57.71
C SER N 231 -8.73 -17.67 -56.73
N SER N 232 -8.68 -19.00 -56.58
CA SER N 232 -7.70 -19.65 -55.72
C SER N 232 -6.46 -20.09 -56.47
N THR N 233 -6.31 -19.72 -57.73
CA THR N 233 -5.14 -20.10 -58.49
C THR N 233 -3.93 -19.24 -58.10
N ARG N 234 -2.75 -19.71 -58.48
CA ARG N 234 -1.52 -19.00 -58.20
C ARG N 234 -1.30 -17.81 -59.13
N GLY N 235 -1.98 -17.79 -60.27
CA GLY N 235 -1.81 -16.71 -61.21
C GLY N 235 -2.50 -17.04 -62.52
N GLY N 236 -2.35 -16.14 -63.48
CA GLY N 236 -2.96 -16.35 -64.78
C GLY N 236 -2.77 -15.14 -65.66
N SER N 237 -3.56 -15.08 -66.73
CA SER N 237 -3.52 -13.98 -67.66
C SER N 237 -4.20 -12.74 -67.07
N ARG N 238 -4.22 -11.65 -67.83
CA ARG N 238 -4.84 -10.43 -67.33
C ARG N 238 -6.35 -10.51 -67.38
N VAL N 239 -6.90 -11.28 -68.33
CA VAL N 239 -8.35 -11.46 -68.38
C VAL N 239 -8.84 -12.28 -67.20
N GLU N 240 -8.05 -13.26 -66.77
CA GLU N 240 -8.40 -14.01 -65.57
C GLU N 240 -8.32 -13.13 -64.33
N GLY N 241 -7.37 -12.19 -64.30
CA GLY N 241 -7.33 -11.22 -63.22
C GLY N 241 -8.54 -10.31 -63.21
N ILE N 242 -8.99 -9.90 -64.41
CA ILE N 242 -10.21 -9.11 -64.50
C ILE N 242 -11.39 -9.90 -63.98
N PHE N 243 -11.49 -11.18 -64.37
CA PHE N 243 -12.58 -12.02 -63.90
C PHE N 243 -12.55 -12.16 -62.38
N ALA N 244 -11.36 -12.36 -61.80
CA ALA N 244 -11.28 -12.49 -60.36
C ALA N 244 -11.69 -11.20 -59.66
N GLY N 245 -11.27 -10.06 -60.19
CA GLY N 245 -11.66 -8.78 -59.60
C GLY N 245 -13.15 -8.53 -59.68
N LEU N 246 -13.75 -8.88 -60.82
CA LEU N 246 -15.20 -8.69 -60.97
C LEU N 246 -15.99 -9.70 -60.16
N PHE N 247 -15.44 -10.90 -59.96
CA PHE N 247 -16.13 -11.91 -59.17
C PHE N 247 -16.10 -11.59 -57.69
N MET N 248 -14.98 -11.09 -57.18
CA MET N 248 -14.96 -10.73 -55.78
C MET N 248 -15.68 -9.41 -55.52
N ASN N 249 -16.09 -8.70 -56.58
CA ASN N 249 -17.02 -7.59 -56.42
C ASN N 249 -18.39 -8.08 -55.99
N ALA N 250 -18.69 -9.36 -56.18
CA ALA N 250 -19.96 -9.94 -55.78
C ALA N 250 -19.97 -10.39 -54.32
N TYR N 251 -18.82 -10.42 -53.67
CA TYR N 251 -18.76 -10.82 -52.27
C TYR N 251 -19.49 -9.81 -51.41
N GLY N 252 -20.42 -10.30 -50.58
CA GLY N 252 -21.22 -9.44 -49.75
C GLY N 252 -22.42 -8.82 -50.44
N ALA N 253 -22.74 -9.26 -51.65
CA ALA N 253 -23.93 -8.76 -52.32
C ALA N 253 -25.17 -9.22 -51.58
N GLY N 254 -26.12 -8.31 -51.41
CA GLY N 254 -27.30 -8.57 -50.61
C GLY N 254 -27.13 -8.30 -49.13
N GLN N 255 -25.95 -7.86 -48.70
CA GLN N 255 -25.67 -7.57 -47.30
C GLN N 255 -25.03 -6.20 -47.15
N VAL N 256 -25.52 -5.22 -47.90
CA VAL N 256 -24.93 -3.89 -47.84
C VAL N 256 -25.16 -3.23 -46.49
N MET N 257 -26.23 -3.59 -45.79
CA MET N 257 -26.57 -2.91 -44.55
C MET N 257 -25.56 -3.18 -43.45
N LEU N 258 -24.94 -4.37 -43.47
CA LEU N 258 -23.89 -4.65 -42.50
C LEU N 258 -22.70 -3.71 -42.70
N ARG N 259 -22.28 -3.54 -43.95
CA ARG N 259 -21.17 -2.64 -44.25
C ARG N 259 -21.53 -1.19 -43.93
N TRP N 260 -22.77 -0.78 -44.23
CA TRP N 260 -23.17 0.58 -43.93
C TRP N 260 -23.32 0.81 -42.42
N GLY N 261 -23.67 -0.23 -41.66
CA GLY N 261 -23.68 -0.10 -40.22
C GLY N 261 -22.29 0.04 -39.65
N VAL N 262 -21.33 -0.72 -40.17
CA VAL N 262 -19.94 -0.52 -39.75
C VAL N 262 -19.49 0.88 -40.10
N LEU N 263 -19.92 1.39 -41.26
CA LEU N 263 -19.58 2.75 -41.65
C LEU N 263 -20.18 3.78 -40.69
N ALA N 264 -21.45 3.60 -40.32
CA ALA N 264 -22.10 4.52 -39.40
C ALA N 264 -21.44 4.49 -38.03
N LYS N 265 -20.92 3.33 -37.63
CA LYS N 265 -20.13 3.27 -36.41
C LYS N 265 -18.83 4.05 -36.58
N SER N 266 -18.20 3.94 -37.76
CA SER N 266 -16.91 4.58 -37.97
C SER N 266 -17.01 6.10 -37.97
N VAL N 267 -18.03 6.65 -38.65
CA VAL N 267 -18.21 8.11 -38.65
C VAL N 267 -18.87 8.60 -37.37
N LYS N 268 -19.24 7.69 -36.47
CA LYS N 268 -19.65 8.04 -35.11
C LYS N 268 -20.92 8.90 -35.11
N ASN N 269 -21.91 8.44 -35.88
CA ASN N 269 -23.18 9.14 -35.94
C ASN N 269 -23.83 9.19 -34.57
N ILE N 270 -24.37 10.36 -34.21
CA ILE N 270 -24.91 10.53 -32.86
C ILE N 270 -26.21 9.75 -32.67
N MET N 271 -27.02 9.63 -33.72
CA MET N 271 -28.30 8.94 -33.56
C MET N 271 -28.16 7.45 -33.27
N LEU N 272 -26.93 6.95 -33.15
CA LEU N 272 -26.72 5.63 -32.58
C LEU N 272 -26.88 5.64 -31.07
N GLY N 273 -26.93 6.81 -30.46
CA GLY N 273 -27.18 6.99 -29.05
C GLY N 273 -28.64 7.18 -28.67
N HIS N 274 -29.55 7.11 -29.64
CA HIS N 274 -30.97 7.22 -29.35
C HIS N 274 -31.41 6.04 -28.49
N ALA N 275 -32.60 6.17 -27.90
CA ALA N 275 -33.07 5.17 -26.94
C ALA N 275 -33.39 3.85 -27.64
N SER N 276 -34.14 3.90 -28.73
CA SER N 276 -34.57 2.67 -29.39
C SER N 276 -33.40 1.96 -30.06
N VAL N 277 -32.46 2.71 -30.63
CA VAL N 277 -31.26 2.10 -31.19
C VAL N 277 -30.50 1.34 -30.12
N GLN N 278 -30.35 1.95 -28.95
CA GLN N 278 -29.65 1.27 -27.86
C GLN N 278 -30.45 0.09 -27.34
N ALA N 279 -31.78 0.13 -27.47
CA ALA N 279 -32.59 -1.03 -27.15
C ALA N 279 -32.27 -2.20 -28.06
N GLU N 280 -32.09 -1.93 -29.36
CA GLU N 280 -31.84 -2.99 -30.33
C GLU N 280 -30.36 -3.40 -30.41
N MET N 281 -29.45 -2.65 -29.80
CA MET N 281 -28.02 -2.91 -29.97
C MET N 281 -27.63 -4.32 -29.56
N GLU N 282 -28.34 -4.92 -28.60
CA GLU N 282 -27.97 -6.28 -28.17
C GLU N 282 -28.09 -7.27 -29.34
N GLN N 283 -29.24 -7.28 -29.99
CA GLN N 283 -29.44 -8.19 -31.11
C GLN N 283 -28.66 -7.75 -32.34
N VAL N 284 -28.38 -6.45 -32.47
CA VAL N 284 -27.52 -6.04 -33.58
C VAL N 284 -26.11 -6.62 -33.43
N VAL N 285 -25.54 -6.54 -32.22
CA VAL N 285 -24.24 -7.13 -31.99
C VAL N 285 -24.31 -8.64 -32.13
N GLU N 286 -25.43 -9.25 -31.74
CA GLU N 286 -25.67 -10.66 -32.01
C GLU N 286 -25.51 -10.99 -33.49
N VAL N 287 -26.16 -10.20 -34.36
CA VAL N 287 -26.09 -10.46 -35.80
C VAL N 287 -24.66 -10.28 -36.32
N TYR N 288 -23.97 -9.24 -35.86
CA TYR N 288 -22.61 -9.01 -36.35
C TYR N 288 -21.66 -10.12 -35.91
N GLU N 289 -21.79 -10.58 -34.67
CA GLU N 289 -20.97 -11.72 -34.23
C GLU N 289 -21.30 -12.97 -35.02
N TYR N 290 -22.57 -13.16 -35.38
CA TYR N 290 -22.93 -14.29 -36.22
C TYR N 290 -22.27 -14.20 -37.59
N ALA N 291 -22.27 -13.00 -38.19
CA ALA N 291 -21.65 -12.83 -39.50
C ALA N 291 -20.16 -13.12 -39.43
N GLN N 292 -19.51 -12.67 -38.37
CA GLN N 292 -18.08 -12.95 -38.22
C GLN N 292 -17.79 -14.43 -37.98
N LYS N 293 -18.64 -15.12 -37.22
CA LYS N 293 -18.44 -16.55 -37.00
C LYS N 293 -18.62 -17.32 -38.31
N LEU N 294 -19.59 -16.90 -39.13
CA LEU N 294 -19.73 -17.50 -40.45
C LEU N 294 -18.47 -17.27 -41.28
N GLY N 295 -18.01 -16.03 -41.35
CA GLY N 295 -16.76 -15.74 -42.03
C GLY N 295 -16.87 -15.63 -43.54
N GLY N 296 -15.95 -16.26 -44.25
CA GLY N 296 -15.85 -16.11 -45.69
C GLY N 296 -17.02 -16.68 -46.47
N GLU N 297 -17.57 -17.81 -46.03
CA GLU N 297 -18.64 -18.45 -46.78
C GLU N 297 -19.89 -17.59 -46.84
N ALA N 298 -20.08 -16.69 -45.88
CA ALA N 298 -21.30 -15.89 -45.81
C ALA N 298 -21.38 -14.82 -46.88
N GLY N 299 -20.31 -14.57 -47.62
CA GLY N 299 -20.33 -13.49 -48.60
C GLY N 299 -21.13 -13.81 -49.84
N PHE N 300 -21.49 -15.08 -50.06
CA PHE N 300 -22.27 -15.49 -51.22
C PHE N 300 -23.60 -16.12 -50.83
N TYR N 301 -24.08 -15.85 -49.62
CA TYR N 301 -25.34 -16.45 -49.17
C TYR N 301 -26.52 -15.96 -50.00
N HIS N 302 -26.59 -14.66 -50.28
CA HIS N 302 -27.73 -14.12 -50.99
C HIS N 302 -27.68 -14.42 -52.47
N ILE N 303 -26.48 -14.50 -53.06
CA ILE N 303 -26.37 -14.91 -54.45
C ILE N 303 -26.81 -16.35 -54.63
N LEU N 304 -26.39 -17.23 -53.72
CA LEU N 304 -26.74 -18.63 -53.79
C LEU N 304 -28.14 -18.92 -53.28
N ASN N 305 -28.84 -17.93 -52.75
CA ASN N 305 -30.13 -18.13 -52.08
C ASN N 305 -30.00 -19.12 -50.93
N ASN N 306 -28.93 -18.99 -50.17
CA ASN N 306 -28.77 -19.83 -48.99
C ASN N 306 -29.89 -19.54 -47.99
N PRO N 307 -30.52 -20.57 -47.44
CA PRO N 307 -31.64 -20.33 -46.51
C PRO N 307 -31.25 -19.52 -45.29
N LYS N 308 -30.00 -19.61 -44.84
CA LYS N 308 -29.53 -18.85 -43.70
C LYS N 308 -29.19 -17.41 -44.04
N ALA N 309 -29.53 -16.96 -45.24
CA ALA N 309 -29.31 -15.56 -45.59
C ALA N 309 -30.19 -14.63 -44.78
N SER N 310 -31.40 -15.07 -44.42
CA SER N 310 -32.31 -14.24 -43.66
C SER N 310 -31.82 -13.96 -42.26
N LEU N 311 -30.89 -14.76 -41.74
CA LEU N 311 -30.37 -14.54 -40.40
C LEU N 311 -29.41 -13.36 -40.33
N LEU N 312 -28.89 -12.91 -41.45
CA LEU N 312 -27.97 -11.79 -41.50
C LEU N 312 -28.66 -10.45 -41.68
N SER N 313 -29.98 -10.45 -41.79
CA SER N 313 -30.71 -9.23 -42.07
C SER N 313 -30.67 -8.28 -40.87
N LEU N 314 -30.66 -6.99 -41.17
CA LEU N 314 -30.73 -5.95 -40.15
C LEU N 314 -32.04 -5.16 -40.21
N THR N 315 -32.90 -5.43 -41.20
CA THR N 315 -34.17 -4.72 -41.27
C THR N 315 -35.13 -5.17 -40.18
N GLN N 316 -34.81 -6.24 -39.47
CA GLN N 316 -35.55 -6.69 -38.31
C GLN N 316 -35.32 -5.81 -37.08
N PHE N 317 -34.51 -4.77 -37.25
CA PHE N 317 -34.28 -3.74 -36.24
C PHE N 317 -34.56 -2.41 -36.91
N PRO N 318 -35.83 -1.98 -36.93
CA PRO N 318 -36.20 -0.81 -37.74
C PRO N 318 -35.45 0.47 -37.37
N HIS N 319 -35.17 0.69 -36.08
CA HIS N 319 -34.53 1.94 -35.67
C HIS N 319 -33.07 1.98 -36.09
N PHE N 320 -32.33 0.90 -35.82
CA PHE N 320 -30.93 0.84 -36.23
C PHE N 320 -30.81 0.88 -37.76
N SER N 321 -31.68 0.17 -38.46
CA SER N 321 -31.65 0.20 -39.92
C SER N 321 -31.95 1.59 -40.45
N SER N 322 -32.91 2.29 -39.84
CA SER N 322 -33.22 3.64 -40.29
C SER N 322 -32.05 4.59 -40.05
N VAL N 323 -31.39 4.46 -38.90
CA VAL N 323 -30.22 5.29 -38.64
C VAL N 323 -29.12 5.00 -39.65
N VAL N 324 -28.91 3.72 -39.97
CA VAL N 324 -27.86 3.34 -40.92
C VAL N 324 -28.16 3.89 -42.31
N LEU N 325 -29.40 3.76 -42.77
CA LEU N 325 -29.77 4.32 -44.07
C LEU N 325 -29.64 5.83 -44.08
N GLY N 326 -30.03 6.49 -42.98
CA GLY N 326 -29.86 7.93 -42.92
C GLY N 326 -28.41 8.35 -43.01
N ASN N 327 -27.54 7.65 -42.29
CA ASN N 327 -26.11 7.97 -42.36
C ASN N 327 -25.58 7.74 -43.77
N ALA N 328 -26.01 6.66 -44.42
CA ALA N 328 -25.56 6.40 -45.78
C ALA N 328 -26.02 7.50 -46.73
N ALA N 329 -27.26 7.94 -46.60
CA ALA N 329 -27.79 8.98 -47.49
C ALA N 329 -27.12 10.32 -47.22
N GLY N 330 -26.79 10.59 -45.96
CA GLY N 330 -26.13 11.85 -45.63
C GLY N 330 -24.72 11.92 -46.18
N LEU N 331 -23.99 10.80 -46.15
CA LEU N 331 -22.64 10.77 -46.68
C LEU N 331 -22.61 10.76 -48.20
N GLY N 332 -23.75 10.66 -48.85
CA GLY N 332 -23.81 10.74 -50.30
C GLY N 332 -23.39 9.47 -51.02
N ILE N 333 -23.53 8.31 -50.38
CA ILE N 333 -23.17 7.05 -51.02
C ILE N 333 -24.35 6.12 -51.23
N MET N 334 -25.57 6.54 -50.91
CA MET N 334 -26.70 5.61 -50.98
C MET N 334 -27.15 5.38 -52.41
N GLY N 335 -26.90 6.34 -53.29
CA GLY N 335 -27.21 6.15 -54.71
C GLY N 335 -28.69 5.96 -54.94
N GLU N 336 -29.03 4.92 -55.72
CA GLU N 336 -30.41 4.54 -55.98
C GLU N 336 -30.83 3.33 -55.17
N TYR N 337 -30.30 3.19 -53.94
CA TYR N 337 -30.63 2.04 -53.12
C TYR N 337 -32.13 2.09 -52.79
N ARG N 338 -32.85 1.06 -53.20
CA ARG N 338 -34.31 1.11 -53.21
C ARG N 338 -34.90 0.55 -51.92
N GLY N 339 -34.06 0.22 -50.95
CA GLY N 339 -34.55 -0.03 -49.61
C GLY N 339 -34.95 1.27 -48.92
N THR N 340 -36.04 1.20 -48.16
CA THR N 340 -36.62 2.41 -47.60
C THR N 340 -36.63 2.34 -46.08
N PRO N 341 -36.41 3.45 -45.38
CA PRO N 341 -36.43 3.41 -43.92
C PRO N 341 -37.82 3.14 -43.41
N ARG N 342 -37.90 2.49 -42.24
CA ARG N 342 -39.19 2.27 -41.60
C ARG N 342 -39.33 3.07 -40.30
N ASN N 343 -38.39 3.96 -40.03
CA ASN N 343 -38.51 5.02 -39.04
C ASN N 343 -38.03 6.30 -39.73
N GLN N 344 -38.96 7.06 -40.29
CA GLN N 344 -38.59 8.22 -41.08
C GLN N 344 -37.88 9.27 -40.23
N ASP N 345 -38.28 9.42 -38.96
CA ASP N 345 -37.70 10.45 -38.12
C ASP N 345 -36.22 10.19 -37.85
N LEU N 346 -35.87 8.96 -37.46
CA LEU N 346 -34.47 8.63 -37.23
C LEU N 346 -33.68 8.71 -38.51
N TYR N 347 -34.28 8.31 -39.63
CA TYR N 347 -33.62 8.44 -40.93
C TYR N 347 -33.25 9.88 -41.22
N ASP N 348 -34.21 10.80 -41.05
CA ASP N 348 -33.95 12.21 -41.33
C ASP N 348 -32.91 12.78 -40.36
N ALA N 349 -33.00 12.42 -39.09
CA ALA N 349 -32.03 12.95 -38.12
C ALA N 349 -30.62 12.49 -38.43
N ALA N 350 -30.46 11.19 -38.74
CA ALA N 350 -29.14 10.68 -39.09
C ALA N 350 -28.64 11.28 -40.38
N LYS N 351 -29.52 11.46 -41.37
CA LYS N 351 -29.11 12.08 -42.62
C LYS N 351 -28.61 13.49 -42.40
N ALA N 352 -29.33 14.27 -41.59
CA ALA N 352 -28.91 15.64 -41.30
C ALA N 352 -27.57 15.66 -40.59
N TYR N 353 -27.40 14.81 -39.58
CA TYR N 353 -26.12 14.82 -38.87
C TYR N 353 -24.98 14.40 -39.79
N ALA N 354 -25.21 13.43 -40.66
CA ALA N 354 -24.16 13.00 -41.57
C ALA N 354 -23.82 14.10 -42.57
N GLU N 355 -24.81 14.89 -42.97
CA GLU N 355 -24.52 16.03 -43.84
C GLU N 355 -23.68 17.07 -43.12
N GLN N 356 -24.03 17.42 -41.89
CA GLN N 356 -23.18 18.36 -41.13
C GLN N 356 -21.86 17.74 -40.72
N LEU N 357 -21.69 16.43 -40.89
CA LEU N 357 -20.37 15.85 -40.63
C LEU N 357 -19.35 16.25 -41.68
N LYS N 358 -19.74 17.01 -42.70
CA LYS N 358 -18.79 17.39 -43.73
C LYS N 358 -18.45 18.88 -43.71
N GLU N 359 -19.45 19.74 -43.49
CA GLU N 359 -19.17 21.16 -43.26
C GLU N 359 -18.64 21.38 -41.85
N ASN N 360 -19.25 20.72 -40.87
CA ASN N 360 -18.85 20.82 -39.47
C ASN N 360 -18.11 19.53 -39.14
N GLY N 361 -16.78 19.57 -39.29
CA GLY N 361 -15.99 18.35 -39.38
C GLY N 361 -16.41 17.26 -38.42
N VAL N 362 -16.16 17.48 -37.12
CA VAL N 362 -16.52 16.51 -36.10
C VAL N 362 -17.06 17.28 -34.90
N ILE N 363 -17.72 16.57 -33.99
CA ILE N 363 -18.22 17.13 -32.76
C ILE N 363 -17.50 16.47 -31.60
N ASN N 364 -16.85 17.28 -30.77
CA ASN N 364 -16.27 16.78 -29.54
C ASN N 364 -17.36 16.54 -28.51
N TYR N 365 -17.01 15.81 -27.45
CA TYR N 365 -17.93 15.56 -26.36
C TYR N 365 -17.34 16.12 -25.07
N SER N 366 -16.87 17.36 -25.15
CA SER N 366 -16.42 18.14 -24.02
C SER N 366 -17.58 18.43 -23.07
N VAL N 367 -18.80 18.43 -23.59
CA VAL N 367 -19.98 18.40 -22.74
C VAL N 367 -19.82 17.24 -21.77
N LEU N 368 -20.41 17.35 -20.58
CA LEU N 368 -20.22 16.34 -19.55
C LEU N 368 -18.76 16.21 -19.11
N ASP N 369 -18.26 17.19 -18.34
CA ASP N 369 -16.98 17.20 -17.60
C ASP N 369 -15.76 17.66 -18.39
N LEU N 370 -15.90 18.27 -19.57
CA LEU N 370 -14.74 18.89 -20.21
C LEU N 370 -15.09 20.20 -20.89
N ALA O 2 23.15 23.87 -12.83
CA ALA O 2 22.01 23.47 -13.64
C ALA O 2 21.78 24.45 -14.79
N LEU O 3 21.58 23.92 -15.99
CA LEU O 3 21.40 24.77 -17.15
C LEU O 3 20.06 25.48 -17.12
N SER O 4 19.13 25.01 -16.30
CA SER O 4 17.80 25.63 -16.24
C SER O 4 17.80 27.01 -15.60
N LYS O 5 18.84 27.36 -14.84
CA LYS O 5 18.91 28.67 -14.21
C LYS O 5 19.74 29.67 -15.00
N VAL O 6 20.12 29.35 -16.23
CA VAL O 6 20.77 30.31 -17.11
C VAL O 6 19.63 31.05 -17.80
N LYS O 7 19.07 32.03 -17.11
CA LYS O 7 17.91 32.75 -17.62
C LYS O 7 17.94 34.18 -17.12
N LEU O 8 17.33 35.08 -17.89
CA LEU O 8 17.25 36.49 -17.56
C LEU O 8 15.85 36.98 -17.89
N ASN O 9 15.21 37.64 -16.92
CA ASN O 9 13.87 38.18 -17.10
C ASN O 9 13.97 39.67 -17.45
N ASP O 10 14.25 39.93 -18.72
CA ASP O 10 14.56 41.30 -19.15
C ASP O 10 13.33 42.19 -19.14
N THR O 11 12.18 41.68 -19.59
CA THR O 11 10.97 42.49 -19.63
C THR O 11 10.58 42.97 -18.23
N LEU O 12 10.56 42.05 -17.27
CA LEU O 12 10.17 42.39 -15.91
C LEU O 12 11.17 43.32 -15.26
N ASN O 13 12.46 43.11 -15.54
CA ASN O 13 13.49 43.98 -14.96
C ASN O 13 13.41 45.39 -15.53
N LYS O 14 13.15 45.52 -16.84
CA LYS O 14 12.93 46.83 -17.43
C LYS O 14 11.71 47.51 -16.83
N ASP O 15 10.63 46.76 -16.65
CA ASP O 15 9.44 47.35 -16.02
C ASP O 15 9.73 47.82 -14.61
N GLN O 16 10.47 47.03 -13.84
CA GLN O 16 10.78 47.44 -12.47
C GLN O 16 11.67 48.67 -12.47
N LEU O 17 12.61 48.75 -13.41
CA LEU O 17 13.45 49.94 -13.50
C LEU O 17 12.62 51.18 -13.82
N LEU O 18 11.68 51.05 -14.74
CA LEU O 18 10.88 52.21 -15.13
C LEU O 18 9.85 52.60 -14.08
N SER O 19 9.35 51.63 -13.31
CA SER O 19 8.32 51.90 -12.31
C SER O 19 8.88 52.31 -10.97
N SER O 20 10.19 52.13 -10.73
CA SER O 20 10.79 52.47 -9.45
C SER O 20 11.71 53.68 -9.55
N SER O 21 11.48 54.56 -10.51
CA SER O 21 12.28 55.77 -10.63
C SER O 21 12.02 56.68 -9.44
N LYS O 22 13.09 57.27 -8.90
CA LYS O 22 12.99 58.16 -7.75
C LYS O 22 13.19 59.62 -8.13
N TYR O 23 13.22 59.94 -9.42
CA TYR O 23 13.23 61.30 -9.91
C TYR O 23 12.18 61.44 -11.00
N THR O 24 11.62 62.64 -11.13
CA THR O 24 10.54 62.90 -12.09
C THR O 24 10.87 64.11 -12.93
N ILE O 25 10.42 64.08 -14.18
CA ILE O 25 10.51 65.23 -15.07
C ILE O 25 9.18 65.98 -15.04
N GLN O 26 9.22 67.22 -15.51
CA GLN O 26 8.03 68.06 -15.57
C GLN O 26 8.12 68.91 -16.83
N ARG O 27 7.31 68.57 -17.83
CA ARG O 27 7.35 69.23 -19.12
C ARG O 27 6.60 70.56 -19.06
N SER O 28 6.87 71.42 -20.05
CA SER O 28 6.20 72.71 -20.16
C SER O 28 5.39 72.72 -21.44
N THR O 29 4.07 72.92 -21.30
CA THR O 29 3.20 72.85 -22.47
C THR O 29 3.47 73.98 -23.46
N GLY O 30 4.01 75.10 -23.00
CA GLY O 30 4.20 76.27 -23.84
C GLY O 30 3.07 77.27 -23.76
N ASP O 31 2.15 77.20 -24.73
CA ASP O 31 0.92 77.97 -24.72
C ASP O 31 0.06 77.60 -23.50
N SER O 32 -0.60 78.62 -22.96
CA SER O 32 -1.45 78.44 -21.79
C SER O 32 -2.63 77.54 -22.09
N ILE O 33 -3.02 76.71 -21.13
CA ILE O 33 -4.15 75.81 -21.27
C ILE O 33 -5.36 76.52 -20.68
N ASP O 34 -6.45 76.58 -21.45
CA ASP O 34 -7.74 77.04 -20.96
C ASP O 34 -8.34 75.90 -20.17
N THR O 35 -8.90 76.20 -19.00
CA THR O 35 -9.52 75.15 -18.20
C THR O 35 -10.96 75.53 -17.88
N PRO O 36 -11.92 75.24 -18.75
CA PRO O 36 -13.32 75.52 -18.43
C PRO O 36 -13.82 74.64 -17.30
N ASN O 37 -14.79 75.16 -16.58
CA ASN O 37 -15.41 74.48 -15.45
C ASN O 37 -16.82 74.03 -15.85
N TYR O 38 -17.56 73.49 -14.88
CA TYR O 38 -18.92 73.05 -15.16
C TYR O 38 -19.83 74.21 -15.56
N ASP O 39 -19.43 75.44 -15.27
CA ASP O 39 -20.30 76.60 -15.51
C ASP O 39 -20.59 76.78 -16.99
N VAL O 40 -19.57 76.62 -17.84
CA VAL O 40 -19.69 76.94 -19.25
C VAL O 40 -19.94 75.70 -20.11
N GLN O 41 -20.31 74.58 -19.48
CA GLN O 41 -20.61 73.37 -20.23
C GLN O 41 -21.79 73.59 -21.17
N LYS O 42 -22.82 74.30 -20.69
CA LYS O 42 -23.98 74.58 -21.53
C LYS O 42 -23.60 75.42 -22.74
N HIS O 43 -22.74 76.42 -22.55
CA HIS O 43 -22.34 77.28 -23.65
C HIS O 43 -21.48 76.54 -24.65
N ILE O 44 -20.57 75.68 -24.17
CA ILE O 44 -19.74 74.92 -25.11
C ILE O 44 -20.60 73.92 -25.89
N ASN O 45 -21.59 73.32 -25.23
CA ASN O 45 -22.52 72.45 -25.95
C ASN O 45 -23.33 73.23 -26.97
N LYS O 46 -23.70 74.46 -26.63
CA LYS O 46 -24.38 75.33 -27.60
C LYS O 46 -23.49 75.58 -28.82
N LEU O 47 -22.21 75.84 -28.58
CA LEU O 47 -21.29 76.08 -29.69
C LEU O 47 -21.16 74.84 -30.57
N CYS O 48 -21.06 73.66 -29.95
CA CYS O 48 -21.00 72.43 -30.74
C CYS O 48 -22.27 72.22 -31.55
N GLY O 49 -23.43 72.50 -30.94
CA GLY O 49 -24.68 72.38 -31.68
C GLY O 49 -24.77 73.34 -32.84
N MET O 50 -24.31 74.58 -32.65
CA MET O 50 -24.30 75.54 -33.74
C MET O 50 -23.40 75.09 -34.86
N LEU O 51 -22.25 74.50 -34.52
CA LEU O 51 -21.39 73.92 -35.57
C LEU O 51 -22.10 72.77 -36.28
N LEU O 52 -22.86 71.96 -35.55
CA LEU O 52 -23.49 70.79 -36.15
C LEU O 52 -24.65 71.16 -37.07
N ILE O 53 -25.46 72.16 -36.69
CA ILE O 53 -26.61 72.51 -37.53
C ILE O 53 -26.24 73.37 -38.72
N THR O 54 -24.98 73.77 -38.84
CA THR O 54 -24.53 74.65 -39.92
C THR O 54 -24.12 73.80 -41.11
N GLU O 55 -24.93 73.80 -42.17
CA GLU O 55 -24.50 73.09 -43.37
C GLU O 55 -23.33 73.79 -44.05
N ASP O 56 -22.62 73.03 -44.89
CA ASP O 56 -21.41 73.52 -45.56
C ASP O 56 -20.51 74.24 -44.58
N ALA O 57 -20.28 73.61 -43.43
CA ALA O 57 -19.66 74.29 -42.30
C ALA O 57 -18.15 74.33 -42.41
N ASN O 58 -17.55 75.17 -41.59
CA ASN O 58 -16.10 75.27 -41.44
C ASN O 58 -15.72 74.61 -40.13
N HIS O 59 -15.07 73.44 -40.22
CA HIS O 59 -14.69 72.69 -39.03
C HIS O 59 -13.22 72.86 -38.67
N LYS O 60 -12.64 74.02 -38.94
CA LYS O 60 -11.23 74.24 -38.62
C LYS O 60 -11.00 74.22 -37.11
N PHE O 61 -12.00 74.57 -36.32
CA PHE O 61 -11.84 74.73 -34.88
C PHE O 61 -12.64 73.70 -34.08
N THR O 62 -13.18 72.68 -34.75
CA THR O 62 -14.05 71.73 -34.06
C THR O 62 -13.26 70.87 -33.07
N GLY O 63 -12.02 70.54 -33.40
CA GLY O 63 -11.22 69.74 -32.47
C GLY O 63 -10.98 70.45 -31.16
N LEU O 64 -10.63 71.74 -31.22
CA LEU O 64 -10.41 72.50 -29.99
C LEU O 64 -11.70 72.66 -29.20
N ILE O 65 -12.82 72.87 -29.88
CA ILE O 65 -14.09 73.03 -29.18
C ILE O 65 -14.51 71.73 -28.52
N GLY O 66 -14.28 70.59 -29.18
CA GLY O 66 -14.55 69.32 -28.56
C GLY O 66 -13.66 69.06 -27.36
N MET O 67 -12.39 69.45 -27.46
CA MET O 67 -11.50 69.33 -26.31
C MET O 67 -11.97 70.19 -25.14
N LEU O 68 -12.43 71.40 -25.45
CA LEU O 68 -12.97 72.27 -24.40
C LEU O 68 -14.20 71.66 -23.77
N TYR O 69 -15.07 71.05 -24.58
CA TYR O 69 -16.26 70.41 -24.01
C TYR O 69 -15.89 69.25 -23.11
N ALA O 70 -14.94 68.42 -23.53
CA ALA O 70 -14.49 67.31 -22.69
C ALA O 70 -13.91 67.83 -21.38
N MET O 71 -13.08 68.87 -21.46
CA MET O 71 -12.48 69.44 -20.26
C MET O 71 -13.50 70.10 -19.35
N SER O 72 -14.57 70.66 -19.90
CA SER O 72 -15.63 71.23 -19.07
C SER O 72 -16.46 70.14 -18.41
N ARG O 73 -16.64 69.01 -19.09
CA ARG O 73 -17.29 67.87 -18.45
C ARG O 73 -16.45 67.34 -17.29
N LEU O 74 -15.13 67.25 -17.48
CA LEU O 74 -14.26 66.79 -16.39
C LEU O 74 -14.28 67.77 -15.22
N GLY O 75 -14.34 69.06 -15.50
CA GLY O 75 -14.22 70.10 -14.51
C GLY O 75 -12.80 70.63 -14.44
N ARG O 76 -12.67 71.85 -13.93
CA ARG O 76 -11.35 72.49 -13.87
C ARG O 76 -10.43 71.77 -12.90
N GLU O 77 -10.94 71.36 -11.74
CA GLU O 77 -10.10 70.66 -10.77
C GLU O 77 -9.51 69.39 -11.37
N ASP O 78 -10.36 68.55 -11.97
CA ASP O 78 -9.89 67.29 -12.51
C ASP O 78 -9.01 67.50 -13.74
N THR O 79 -9.31 68.50 -14.57
CA THR O 79 -8.44 68.78 -15.70
C THR O 79 -7.04 69.19 -15.24
N ILE O 80 -6.97 70.07 -14.25
CA ILE O 80 -5.68 70.48 -13.71
C ILE O 80 -4.95 69.29 -13.11
N LYS O 81 -5.67 68.45 -12.35
CA LYS O 81 -5.03 67.31 -11.72
C LYS O 81 -4.52 66.31 -12.75
N ILE O 82 -5.28 66.11 -13.83
CA ILE O 82 -4.82 65.25 -14.92
C ILE O 82 -3.53 65.81 -15.53
N LEU O 83 -3.50 67.12 -15.78
CA LEU O 83 -2.32 67.70 -16.41
C LEU O 83 -1.09 67.59 -15.51
N ARG O 84 -1.26 67.82 -14.21
CA ARG O 84 -0.13 67.58 -13.29
C ARG O 84 0.30 66.12 -13.28
N ASP O 85 -0.65 65.20 -13.15
CA ASP O 85 -0.29 63.78 -13.07
C ASP O 85 0.40 63.31 -14.34
N ALA O 86 0.07 63.90 -15.49
CA ALA O 86 0.76 63.57 -16.72
C ALA O 86 2.17 64.15 -16.76
N GLY O 87 2.51 65.02 -15.81
CA GLY O 87 3.83 65.62 -15.77
C GLY O 87 3.97 66.83 -16.67
N TYR O 88 3.10 67.81 -16.48
CA TYR O 88 3.11 69.02 -17.28
C TYR O 88 3.09 70.25 -16.39
N HIS O 89 3.79 71.29 -16.82
CA HIS O 89 3.63 72.62 -16.24
C HIS O 89 2.58 73.36 -17.05
N VAL O 90 1.48 73.73 -16.40
CA VAL O 90 0.32 74.27 -17.08
C VAL O 90 -0.01 75.64 -16.52
N LYS O 91 -0.28 76.58 -17.41
CA LYS O 91 -0.80 77.90 -17.07
C LYS O 91 -2.33 77.77 -17.12
N ALA O 92 -2.94 77.55 -15.95
CA ALA O 92 -4.38 77.37 -15.91
C ALA O 92 -5.08 78.68 -16.21
N ASN O 93 -5.88 78.69 -17.27
CA ASN O 93 -6.56 79.88 -17.75
C ASN O 93 -8.04 79.76 -17.43
N GLY O 94 -8.56 80.72 -16.67
CA GLY O 94 -9.95 80.71 -16.30
C GLY O 94 -10.82 81.05 -17.49
N VAL O 95 -11.90 80.28 -17.67
CA VAL O 95 -12.86 80.50 -18.75
C VAL O 95 -14.17 80.94 -18.14
N ASP O 96 -14.68 82.09 -18.58
CA ASP O 96 -15.95 82.58 -18.13
C ASP O 96 -16.66 83.24 -19.30
N VAL O 97 -17.96 83.34 -19.18
CA VAL O 97 -18.82 83.82 -20.26
C VAL O 97 -19.01 85.32 -20.12
N THR O 98 -18.99 86.02 -21.25
CA THR O 98 -19.25 87.45 -21.28
C THR O 98 -19.99 87.78 -22.57
N THR O 99 -20.57 88.98 -22.60
CA THR O 99 -21.28 89.48 -23.76
C THR O 99 -20.40 90.40 -24.59
N HIS O 100 -20.59 90.35 -25.91
CA HIS O 100 -19.91 91.22 -26.85
C HIS O 100 -20.97 91.79 -27.77
N ARG O 101 -20.88 93.10 -28.03
CA ARG O 101 -21.86 93.81 -28.84
C ARG O 101 -21.18 94.26 -30.13
N GLN O 102 -21.74 93.89 -31.27
CA GLN O 102 -21.22 94.39 -32.54
C GLN O 102 -22.37 94.59 -33.52
N ASP O 103 -22.10 95.43 -34.52
CA ASP O 103 -23.09 95.82 -35.52
C ASP O 103 -22.77 95.11 -36.84
N ILE O 104 -23.59 94.13 -37.18
CA ILE O 104 -23.54 93.47 -38.47
C ILE O 104 -24.84 93.75 -39.20
N ASN O 105 -24.76 93.93 -40.52
CA ASN O 105 -25.90 94.35 -41.34
C ASN O 105 -26.42 95.71 -40.90
N GLY O 106 -25.56 96.51 -40.27
CA GLY O 106 -25.96 97.81 -39.76
C GLY O 106 -26.91 97.75 -38.58
N LYS O 107 -26.94 96.64 -37.85
CA LYS O 107 -27.85 96.45 -36.74
C LYS O 107 -27.08 96.00 -35.51
N GLU O 108 -27.43 96.59 -34.36
CA GLU O 108 -26.82 96.22 -33.08
C GLU O 108 -27.18 94.78 -32.76
N MET O 109 -26.21 93.99 -32.32
CA MET O 109 -26.45 92.58 -32.05
C MET O 109 -25.78 92.12 -30.77
N LYS O 110 -26.53 91.29 -30.04
CA LYS O 110 -26.13 90.72 -28.76
C LYS O 110 -25.57 89.32 -28.98
N PHE O 111 -24.29 89.13 -28.65
CA PHE O 111 -23.66 87.82 -28.63
C PHE O 111 -23.10 87.52 -27.26
N GLU O 112 -23.19 86.27 -26.86
CA GLU O 112 -22.66 85.78 -25.59
C GLU O 112 -21.52 84.81 -25.92
N VAL O 113 -20.30 85.18 -25.56
CA VAL O 113 -19.11 84.43 -25.94
C VAL O 113 -18.32 84.07 -24.70
N LEU O 114 -17.21 83.35 -24.90
CA LEU O 114 -16.36 82.86 -23.84
C LEU O 114 -14.97 83.51 -23.93
N THR O 115 -14.32 83.66 -22.78
CA THR O 115 -12.95 84.14 -22.73
C THR O 115 -12.01 82.96 -22.89
N LEU O 116 -11.72 82.61 -24.14
CA LEU O 116 -10.79 81.54 -24.47
C LEU O 116 -9.58 82.15 -25.14
N ALA O 117 -8.39 81.87 -24.60
CA ALA O 117 -7.17 82.36 -25.22
C ALA O 117 -6.90 81.67 -26.54
N SER O 118 -7.31 80.40 -26.67
CA SER O 118 -7.05 79.65 -27.88
C SER O 118 -8.06 79.95 -28.97
N LEU O 119 -9.24 80.45 -28.60
CA LEU O 119 -10.33 80.68 -29.54
C LEU O 119 -10.79 82.13 -29.43
N THR O 120 -10.57 82.90 -30.50
CA THR O 120 -10.87 84.32 -30.46
C THR O 120 -12.37 84.57 -30.55
N THR O 121 -12.77 85.80 -30.20
CA THR O 121 -14.18 86.17 -30.21
C THR O 121 -14.75 86.17 -31.62
N GLU O 122 -13.98 86.62 -32.60
CA GLU O 122 -14.44 86.65 -33.99
C GLU O 122 -14.90 85.27 -34.44
N ILE O 123 -14.16 84.23 -34.05
CA ILE O 123 -14.47 82.89 -34.52
C ILE O 123 -15.83 82.44 -33.98
N GLN O 124 -16.07 82.66 -32.68
CA GLN O 124 -17.35 82.29 -32.09
C GLN O 124 -18.50 83.11 -32.69
N ILE O 125 -18.27 84.40 -32.91
CA ILE O 125 -19.28 85.25 -33.54
C ILE O 125 -19.63 84.71 -34.92
N ASN O 126 -18.62 84.37 -35.71
CA ASN O 126 -18.86 83.89 -37.07
C ASN O 126 -19.54 82.54 -37.06
N ILE O 127 -19.19 81.68 -36.10
CA ILE O 127 -19.89 80.41 -35.95
C ILE O 127 -21.37 80.66 -35.70
N GLU O 128 -21.69 81.59 -34.80
CA GLU O 128 -23.09 81.91 -34.55
C GLU O 128 -23.77 82.47 -35.79
N ILE O 129 -23.09 83.33 -36.55
CA ILE O 129 -23.69 83.93 -37.75
C ILE O 129 -24.03 82.84 -38.76
N GLU O 130 -23.07 81.95 -39.03
CA GLU O 130 -23.30 80.89 -40.00
C GLU O 130 -24.42 79.99 -39.54
N SER O 131 -24.42 79.62 -38.25
CA SER O 131 -25.48 78.76 -37.73
C SER O 131 -26.84 79.43 -37.85
N ARG O 132 -26.93 80.73 -37.52
CA ARG O 132 -28.21 81.42 -37.57
C ARG O 132 -28.75 81.48 -38.99
N LYS O 133 -27.90 81.80 -39.96
CA LYS O 133 -28.44 81.94 -41.31
C LYS O 133 -28.75 80.58 -41.94
N SER O 134 -27.97 79.54 -41.60
CA SER O 134 -28.32 78.20 -42.05
C SER O 134 -29.64 77.75 -41.42
N TYR O 135 -29.84 78.06 -40.13
CA TYR O 135 -31.09 77.77 -39.46
C TYR O 135 -32.25 78.50 -40.13
N LYS O 136 -32.05 79.78 -40.47
CA LYS O 136 -33.09 80.54 -41.16
C LYS O 136 -33.44 79.90 -42.48
N LYS O 137 -32.43 79.52 -43.28
CA LYS O 137 -32.68 78.95 -44.60
C LYS O 137 -33.40 77.60 -44.48
N MET O 138 -33.00 76.77 -43.51
CA MET O 138 -33.61 75.45 -43.39
C MET O 138 -35.02 75.55 -42.80
N LEU O 139 -35.24 76.51 -41.90
CA LEU O 139 -36.58 76.78 -41.41
C LEU O 139 -37.49 77.26 -42.52
N LYS O 140 -36.96 78.10 -43.42
CA LYS O 140 -37.71 78.53 -44.59
C LYS O 140 -38.04 77.34 -45.49
N GLU O 141 -37.08 76.44 -45.68
CA GLU O 141 -37.27 75.33 -46.61
C GLU O 141 -38.13 74.20 -46.05
N MET O 142 -38.36 74.13 -44.73
CA MET O 142 -39.24 73.09 -44.22
C MET O 142 -40.30 73.60 -43.24
N GLY O 143 -40.36 74.90 -42.96
CA GLY O 143 -41.49 75.45 -42.23
C GLY O 143 -41.34 75.55 -40.72
N GLU O 144 -41.21 74.42 -40.04
CA GLU O 144 -41.11 74.41 -38.58
C GLU O 144 -40.04 73.42 -38.16
N VAL O 145 -39.25 73.83 -37.16
CA VAL O 145 -38.16 73.00 -36.65
C VAL O 145 -38.65 72.13 -35.50
N ALA O 146 -37.85 71.12 -35.15
CA ALA O 146 -38.08 70.25 -34.02
C ALA O 146 -36.83 70.30 -33.15
N PRO O 147 -36.93 69.84 -31.89
CA PRO O 147 -35.71 69.75 -31.06
C PRO O 147 -34.63 68.88 -31.68
N GLU O 148 -34.97 68.06 -32.68
CA GLU O 148 -33.97 67.30 -33.40
C GLU O 148 -33.04 68.21 -34.19
N TYR O 149 -33.58 69.23 -34.84
CA TYR O 149 -32.81 70.18 -35.64
C TYR O 149 -32.57 71.45 -34.82
N ARG O 150 -31.60 71.39 -33.91
CA ARG O 150 -31.25 72.59 -33.15
C ARG O 150 -29.93 72.36 -32.42
N HIS O 151 -29.35 73.47 -31.97
CA HIS O 151 -28.13 73.46 -31.18
C HIS O 151 -28.37 73.20 -29.70
N ASP O 152 -29.61 73.27 -29.23
CA ASP O 152 -29.90 73.11 -27.81
C ASP O 152 -29.96 71.66 -27.37
N SER O 153 -29.80 70.71 -28.28
CA SER O 153 -29.78 69.31 -27.90
C SER O 153 -28.61 69.04 -26.96
N PRO O 154 -28.79 68.23 -25.92
CA PRO O 154 -27.70 68.03 -24.94
C PRO O 154 -26.63 67.06 -25.39
N ASP O 155 -26.69 66.53 -26.60
CA ASP O 155 -25.74 65.53 -27.08
C ASP O 155 -24.97 66.01 -28.31
N CYS O 156 -25.11 67.28 -28.69
CA CYS O 156 -24.40 67.79 -29.85
C CYS O 156 -22.89 67.75 -29.65
N GLY O 157 -22.42 68.10 -28.46
CA GLY O 157 -21.01 67.95 -28.16
C GLY O 157 -20.56 66.51 -28.11
N MET O 158 -21.42 65.61 -27.65
CA MET O 158 -21.04 64.22 -27.53
C MET O 158 -20.96 63.52 -28.87
N ILE O 159 -21.68 64.01 -29.89
CA ILE O 159 -21.48 63.48 -31.24
C ILE O 159 -20.08 63.81 -31.75
N ILE O 160 -19.66 65.06 -31.56
CA ILE O 160 -18.31 65.46 -31.92
C ILE O 160 -17.29 64.63 -31.17
N LEU O 161 -17.56 64.36 -29.90
CA LEU O 161 -16.64 63.51 -29.13
C LEU O 161 -16.68 62.06 -29.59
N CYS O 162 -17.78 61.61 -30.19
CA CYS O 162 -17.79 60.29 -30.82
C CYS O 162 -16.85 60.24 -32.01
N ILE O 163 -16.87 61.29 -32.84
CA ILE O 163 -15.90 61.38 -33.93
C ILE O 163 -14.48 61.37 -33.37
N ALA O 164 -14.26 62.11 -32.28
CA ALA O 164 -12.96 62.11 -31.63
C ALA O 164 -12.56 60.72 -31.14
N ALA O 165 -13.53 59.95 -30.64
CA ALA O 165 -13.25 58.60 -30.17
C ALA O 165 -12.83 57.70 -31.32
N LEU O 166 -13.47 57.83 -32.48
CA LEU O 166 -13.02 57.07 -33.65
C LEU O 166 -11.59 57.46 -34.05
N VAL O 167 -11.30 58.76 -34.05
CA VAL O 167 -9.95 59.21 -34.36
C VAL O 167 -8.95 58.61 -33.37
N ILE O 168 -9.34 58.54 -32.09
CA ILE O 168 -8.47 57.96 -31.07
C ILE O 168 -8.24 56.47 -31.36
N THR O 169 -9.28 55.76 -31.76
CA THR O 169 -9.10 54.35 -32.13
C THR O 169 -8.05 54.20 -33.21
N LYS O 170 -8.04 55.11 -34.18
CA LYS O 170 -7.09 54.99 -35.28
C LYS O 170 -5.78 55.77 -35.06
N LEU O 171 -5.61 56.41 -33.92
CA LEU O 171 -4.38 57.18 -33.66
C LEU O 171 -3.12 56.31 -33.62
N ALA O 172 -3.24 55.04 -33.21
CA ALA O 172 -2.04 54.24 -33.01
C ALA O 172 -1.30 53.93 -34.31
N ALA O 173 -1.91 54.20 -35.46
CA ALA O 173 -1.24 53.96 -36.75
C ALA O 173 -0.08 54.92 -37.00
N GLY O 174 0.03 55.99 -36.21
CA GLY O 174 1.15 56.91 -36.32
C GLY O 174 0.95 58.06 -37.29
N ASP O 175 -0.12 58.06 -38.06
CA ASP O 175 -0.39 59.14 -39.02
C ASP O 175 -1.88 59.11 -39.35
N ARG O 176 -2.27 59.88 -40.35
CA ARG O 176 -3.67 59.96 -40.74
C ARG O 176 -4.01 58.93 -41.82
N SER O 177 -3.63 57.68 -41.58
CA SER O 177 -3.95 56.60 -42.51
C SER O 177 -5.25 55.90 -42.16
N GLY O 178 -5.78 56.11 -40.96
CA GLY O 178 -7.03 55.53 -40.56
C GLY O 178 -8.20 56.47 -40.79
N LEU O 179 -7.98 57.53 -41.56
CA LEU O 179 -9.04 58.49 -41.84
C LEU O 179 -10.19 57.85 -42.59
N THR O 180 -9.88 56.99 -43.56
CA THR O 180 -10.94 56.31 -44.31
C THR O 180 -11.76 55.39 -43.39
N ALA O 181 -11.09 54.67 -42.49
CA ALA O 181 -11.80 53.84 -41.53
C ALA O 181 -12.67 54.68 -40.61
N VAL O 182 -12.16 55.83 -40.19
CA VAL O 182 -12.94 56.73 -39.34
C VAL O 182 -14.20 57.19 -40.06
N ILE O 183 -14.07 57.58 -41.33
CA ILE O 183 -15.22 58.04 -42.10
C ILE O 183 -16.22 56.90 -42.29
N ARG O 184 -15.73 55.70 -42.61
CA ARG O 184 -16.62 54.56 -42.83
C ARG O 184 -17.39 54.21 -41.56
N ARG O 185 -16.70 54.17 -40.42
CA ARG O 185 -17.38 53.82 -39.18
C ARG O 185 -18.31 54.94 -38.71
N ALA O 186 -17.97 56.19 -39.00
CA ALA O 186 -18.85 57.30 -38.65
C ALA O 186 -20.04 57.39 -39.59
N ASN O 187 -19.98 56.73 -40.74
CA ASN O 187 -21.17 56.62 -41.58
C ASN O 187 -22.04 55.43 -41.16
N ASN O 188 -21.42 54.31 -40.80
CA ASN O 188 -22.18 53.19 -40.27
C ASN O 188 -22.87 53.56 -38.97
N VAL O 189 -22.10 53.87 -37.94
CA VAL O 189 -22.66 54.48 -36.74
C VAL O 189 -23.07 55.91 -37.08
N LEU O 190 -24.00 56.47 -36.29
CA LEU O 190 -24.36 57.88 -36.37
C LEU O 190 -25.00 58.25 -37.70
N LYS O 191 -25.63 57.30 -38.40
CA LYS O 191 -26.27 57.64 -39.67
C LYS O 191 -27.53 58.47 -39.47
N ASN O 192 -28.29 58.18 -38.40
CA ASN O 192 -29.43 59.01 -38.04
C ASN O 192 -28.99 60.44 -37.76
N GLU O 193 -27.87 60.62 -37.06
CA GLU O 193 -27.36 61.96 -36.82
C GLU O 193 -26.91 62.62 -38.13
N MET O 194 -26.28 61.86 -39.01
CA MET O 194 -25.84 62.44 -40.28
C MET O 194 -27.03 62.83 -41.15
N LYS O 195 -28.19 62.22 -40.92
CA LYS O 195 -29.43 62.84 -41.38
C LYS O 195 -29.70 64.14 -40.65
N ARG O 196 -29.80 64.05 -39.34
CA ARG O 196 -30.37 65.11 -38.50
C ARG O 196 -29.54 66.38 -38.50
N TYR O 197 -28.21 66.27 -38.57
CA TYR O 197 -27.35 67.43 -38.50
C TYR O 197 -26.71 67.75 -39.85
N LYS O 198 -26.88 69.00 -40.28
CA LYS O 198 -26.40 69.44 -41.58
C LYS O 198 -24.88 69.50 -41.65
N GLY O 199 -24.24 69.89 -40.57
CA GLY O 199 -22.80 70.08 -40.51
C GLY O 199 -22.02 68.93 -39.95
N LEU O 200 -22.65 67.79 -39.74
CA LEU O 200 -21.96 66.61 -39.24
C LEU O 200 -21.21 66.00 -40.41
N LEU O 201 -20.04 66.57 -40.70
CA LEU O 201 -19.20 66.05 -41.76
C LEU O 201 -18.07 65.26 -41.12
N PRO O 202 -18.09 63.92 -41.17
CA PRO O 202 -17.09 63.15 -40.44
C PRO O 202 -15.65 63.45 -40.81
N LYS O 203 -15.38 63.72 -42.09
CA LYS O 203 -14.00 63.89 -42.53
C LYS O 203 -13.39 65.16 -41.98
N ASP O 204 -14.16 66.27 -42.01
CA ASP O 204 -13.63 67.54 -41.53
C ASP O 204 -13.37 67.50 -40.03
N ILE O 205 -14.33 66.95 -39.27
CA ILE O 205 -14.15 66.85 -37.82
C ILE O 205 -12.99 65.92 -37.49
N ALA O 206 -12.87 64.81 -38.23
CA ALA O 206 -11.76 63.89 -38.00
C ALA O 206 -10.42 64.54 -38.28
N ASN O 207 -10.33 65.33 -39.36
CA ASN O 207 -9.10 66.04 -39.66
C ASN O 207 -8.79 67.08 -38.58
N SER O 208 -9.80 67.76 -38.08
CA SER O 208 -9.60 68.73 -37.01
C SER O 208 -9.06 68.05 -35.75
N PHE O 209 -9.61 66.89 -35.40
CA PHE O 209 -9.14 66.19 -34.22
C PHE O 209 -7.74 65.62 -34.41
N TYR O 210 -7.46 65.13 -35.62
CA TYR O 210 -6.09 64.70 -35.93
C TYR O 210 -5.11 65.85 -35.74
N GLU O 211 -5.45 67.04 -36.26
CA GLU O 211 -4.58 68.20 -36.11
C GLU O 211 -4.38 68.55 -34.64
N VAL O 212 -5.47 68.61 -33.87
CA VAL O 212 -5.32 69.05 -32.48
C VAL O 212 -4.55 68.02 -31.67
N PHE O 213 -4.69 66.74 -31.99
CA PHE O 213 -3.93 65.72 -31.26
C PHE O 213 -2.46 65.76 -31.66
N GLU O 214 -2.16 66.12 -32.91
CA GLU O 214 -0.77 66.24 -33.32
C GLU O 214 -0.10 67.44 -32.68
N LYS O 215 -0.79 68.58 -32.62
CA LYS O 215 -0.17 69.80 -32.11
C LYS O 215 -0.02 69.75 -30.59
N HIS O 216 -1.03 69.23 -29.90
CA HIS O 216 -1.06 69.22 -28.42
C HIS O 216 -1.12 67.78 -27.93
N PRO O 217 0.03 67.15 -27.69
CA PRO O 217 0.01 65.77 -27.17
C PRO O 217 -0.62 65.63 -25.79
N HIS O 218 -0.72 66.70 -25.01
CA HIS O 218 -1.38 66.60 -23.72
C HIS O 218 -2.89 66.48 -23.87
N PHE O 219 -3.45 66.92 -25.00
CA PHE O 219 -4.87 66.75 -25.22
C PHE O 219 -5.23 65.28 -25.42
N ILE O 220 -4.30 64.48 -25.93
CA ILE O 220 -4.55 63.04 -26.01
C ILE O 220 -4.71 62.45 -24.61
N ASP O 221 -3.84 62.83 -23.68
CA ASP O 221 -3.95 62.37 -22.31
C ASP O 221 -5.26 62.82 -21.68
N VAL O 222 -5.59 64.11 -21.87
CA VAL O 222 -6.82 64.64 -21.30
C VAL O 222 -8.04 63.92 -21.86
N PHE O 223 -8.05 63.68 -23.18
CA PHE O 223 -9.20 63.03 -23.79
C PHE O 223 -9.31 61.57 -23.37
N VAL O 224 -8.18 60.86 -23.25
CA VAL O 224 -8.24 59.47 -22.82
C VAL O 224 -8.78 59.38 -21.41
N HIS O 225 -8.34 60.25 -20.51
CA HIS O 225 -8.83 60.17 -19.15
C HIS O 225 -10.28 60.68 -19.04
N PHE O 226 -10.67 61.62 -19.90
CA PHE O 226 -12.08 61.97 -19.98
C PHE O 226 -12.93 60.80 -20.45
N GLY O 227 -12.45 60.05 -21.44
CA GLY O 227 -13.20 58.91 -21.92
C GLY O 227 -13.31 57.82 -20.87
N ILE O 228 -12.25 57.63 -20.07
CA ILE O 228 -12.33 56.66 -18.99
C ILE O 228 -13.31 57.12 -17.92
N ALA O 229 -13.29 58.41 -17.58
CA ALA O 229 -14.21 58.92 -16.57
C ALA O 229 -15.66 58.86 -17.06
N GLN O 230 -15.89 59.17 -18.34
CA GLN O 230 -17.22 59.08 -18.91
C GLN O 230 -17.72 57.64 -18.93
N SER O 231 -16.85 56.69 -19.27
CA SER O 231 -17.22 55.29 -19.30
C SER O 231 -17.40 54.70 -17.91
N SER O 232 -17.03 55.43 -16.86
CA SER O 232 -17.23 54.98 -15.49
C SER O 232 -18.53 55.49 -14.88
N THR O 233 -19.39 56.13 -15.67
CA THR O 233 -20.64 56.63 -15.14
C THR O 233 -21.64 55.49 -14.97
N ARG O 234 -22.68 55.78 -14.19
CA ARG O 234 -23.74 54.81 -13.94
C ARG O 234 -24.69 54.67 -15.12
N GLY O 235 -24.72 55.64 -16.02
CA GLY O 235 -25.62 55.60 -17.15
C GLY O 235 -25.63 56.93 -17.86
N GLY O 236 -26.47 57.01 -18.89
CA GLY O 236 -26.58 58.23 -19.65
C GLY O 236 -27.50 58.05 -20.84
N SER O 237 -27.41 58.98 -21.79
CA SER O 237 -28.21 58.93 -22.99
C SER O 237 -27.65 57.88 -23.95
N ARG O 238 -28.31 57.74 -25.10
CA ARG O 238 -27.85 56.74 -26.07
C ARG O 238 -26.61 57.21 -26.81
N VAL O 239 -26.45 58.53 -26.99
CA VAL O 239 -25.25 59.05 -27.63
C VAL O 239 -24.03 58.84 -26.72
N GLU O 240 -24.21 58.96 -25.41
CA GLU O 240 -23.12 58.66 -24.50
C GLU O 240 -22.78 57.18 -24.52
N GLY O 241 -23.79 56.32 -24.69
CA GLY O 241 -23.51 54.90 -24.88
C GLY O 241 -22.74 54.63 -26.15
N ILE O 242 -23.08 55.33 -27.22
CA ILE O 242 -22.32 55.20 -28.47
C ILE O 242 -20.89 55.63 -28.27
N PHE O 243 -20.69 56.75 -27.56
CA PHE O 243 -19.34 57.22 -27.30
C PHE O 243 -18.55 56.21 -26.48
N ALA O 244 -19.18 55.63 -25.46
CA ALA O 244 -18.48 54.63 -24.66
C ALA O 244 -18.11 53.40 -25.48
N GLY O 245 -19.03 52.95 -26.32
CA GLY O 245 -18.73 51.80 -27.17
C GLY O 245 -17.60 52.08 -28.15
N LEU O 246 -17.60 53.27 -28.75
CA LEU O 246 -16.54 53.63 -29.69
C LEU O 246 -15.22 53.88 -28.98
N PHE O 247 -15.26 54.37 -27.75
CA PHE O 247 -14.03 54.62 -27.01
C PHE O 247 -13.39 53.33 -26.53
N MET O 248 -14.17 52.36 -26.08
CA MET O 248 -13.56 51.10 -25.69
C MET O 248 -13.17 50.26 -26.89
N ASN O 249 -13.56 50.67 -28.09
CA ASN O 249 -13.00 50.08 -29.30
C ASN O 249 -11.53 50.42 -29.46
N ALA O 250 -11.05 51.46 -28.78
CA ALA O 250 -9.66 51.85 -28.82
C ALA O 250 -8.80 51.10 -27.82
N TYR O 251 -9.40 50.35 -26.90
CA TYR O 251 -8.64 49.59 -25.93
C TYR O 251 -7.84 48.50 -26.65
N GLY O 252 -6.54 48.45 -26.38
CA GLY O 252 -5.68 47.49 -27.03
C GLY O 252 -5.21 47.90 -28.41
N ALA O 253 -5.44 49.13 -28.82
CA ALA O 253 -4.94 49.60 -30.10
C ALA O 253 -3.42 49.66 -30.06
N GLY O 254 -2.78 49.20 -31.13
CA GLY O 254 -1.35 49.08 -31.16
C GLY O 254 -0.80 47.79 -30.59
N GLN O 255 -1.66 46.90 -30.10
CA GLN O 255 -1.25 45.63 -29.51
C GLN O 255 -2.04 44.48 -30.11
N VAL O 256 -2.28 44.51 -31.42
CA VAL O 256 -3.06 43.47 -32.06
C VAL O 256 -2.35 42.13 -32.02
N MET O 257 -1.02 42.12 -31.98
CA MET O 257 -0.29 40.86 -32.08
C MET O 257 -0.50 40.00 -30.84
N LEU O 258 -0.71 40.61 -29.68
CA LEU O 258 -1.01 39.83 -28.49
C LEU O 258 -2.32 39.07 -28.64
N ARG O 259 -3.35 39.76 -29.14
CA ARG O 259 -4.64 39.12 -29.36
C ARG O 259 -4.54 38.05 -30.44
N TRP O 260 -3.80 38.32 -31.50
CA TRP O 260 -3.65 37.31 -32.56
C TRP O 260 -2.82 36.13 -32.11
N GLY O 261 -1.87 36.33 -31.18
CA GLY O 261 -1.16 35.21 -30.61
C GLY O 261 -2.05 34.35 -29.74
N VAL O 262 -2.91 34.98 -28.94
CA VAL O 262 -3.88 34.20 -28.18
C VAL O 262 -4.80 33.43 -29.12
N LEU O 263 -5.17 34.05 -30.25
CA LEU O 263 -5.99 33.37 -31.24
C LEU O 263 -5.27 32.18 -31.84
N ALA O 264 -3.99 32.34 -32.20
CA ALA O 264 -3.23 31.24 -32.76
C ALA O 264 -3.06 30.11 -31.77
N LYS O 265 -2.99 30.44 -30.48
CA LYS O 265 -3.00 29.39 -29.47
C LYS O 265 -4.35 28.69 -29.44
N SER O 266 -5.44 29.45 -29.59
CA SER O 266 -6.77 28.87 -29.48
C SER O 266 -7.08 27.92 -30.64
N VAL O 267 -6.73 28.31 -31.87
CA VAL O 267 -6.95 27.41 -33.00
C VAL O 267 -5.87 26.34 -33.12
N LYS O 268 -4.88 26.36 -32.23
CA LYS O 268 -3.94 25.27 -32.06
C LYS O 268 -3.12 25.03 -33.32
N ASN O 269 -2.58 26.12 -33.87
CA ASN O 269 -1.75 26.04 -35.06
C ASN O 269 -0.52 25.18 -34.77
N ILE O 270 -0.19 24.31 -35.74
CA ILE O 270 0.89 23.36 -35.51
C ILE O 270 2.26 24.04 -35.52
N MET O 271 2.43 25.08 -36.34
CA MET O 271 3.73 25.73 -36.43
C MET O 271 4.14 26.44 -35.14
N LEU O 272 3.31 26.37 -34.10
CA LEU O 272 3.77 26.76 -32.76
C LEU O 272 4.67 25.70 -32.15
N GLY O 273 4.72 24.51 -32.75
CA GLY O 273 5.61 23.44 -32.35
C GLY O 273 6.95 23.41 -33.06
N HIS O 274 7.21 24.38 -33.93
CA HIS O 274 8.50 24.45 -34.59
C HIS O 274 9.60 24.71 -33.57
N ALA O 275 10.85 24.48 -34.00
CA ALA O 275 11.98 24.56 -33.07
C ALA O 275 12.23 25.99 -32.60
N SER O 276 12.27 26.95 -33.54
CA SER O 276 12.59 28.32 -33.17
C SER O 276 11.47 28.97 -32.36
N VAL O 277 10.22 28.65 -32.69
CA VAL O 277 9.11 29.16 -31.90
C VAL O 277 9.23 28.69 -30.46
N GLN O 278 9.53 27.40 -30.28
CA GLN O 278 9.70 26.88 -28.92
C GLN O 278 10.92 27.46 -28.24
N ALA O 279 11.93 27.85 -29.01
CA ALA O 279 13.06 28.57 -28.44
C ALA O 279 12.62 29.90 -27.85
N GLU O 280 11.75 30.62 -28.56
CA GLU O 280 11.31 31.94 -28.11
C GLU O 280 10.17 31.90 -27.10
N MET O 281 9.54 30.74 -26.89
CA MET O 281 8.35 30.68 -26.06
C MET O 281 8.59 31.19 -24.63
N GLU O 282 9.81 31.07 -24.12
CA GLU O 282 10.08 31.53 -22.76
C GLU O 282 9.83 33.03 -22.64
N GLN O 283 10.45 33.81 -23.53
CA GLN O 283 10.27 35.25 -23.48
C GLN O 283 8.89 35.66 -23.98
N VAL O 284 8.26 34.85 -24.83
CA VAL O 284 6.88 35.17 -25.21
C VAL O 284 5.96 35.08 -24.00
N VAL O 285 6.09 34.02 -23.21
CA VAL O 285 5.28 33.89 -21.99
C VAL O 285 5.65 34.99 -21.01
N GLU O 286 6.92 35.38 -20.98
CA GLU O 286 7.34 36.54 -20.20
C GLU O 286 6.54 37.79 -20.56
N VAL O 287 6.42 38.08 -21.86
CA VAL O 287 5.70 39.26 -22.31
C VAL O 287 4.22 39.16 -21.95
N TYR O 288 3.62 37.99 -22.14
CA TYR O 288 2.20 37.86 -21.83
C TYR O 288 1.92 38.03 -20.34
N GLU O 289 2.77 37.45 -19.50
CA GLU O 289 2.62 37.65 -18.05
C GLU O 289 2.80 39.11 -17.68
N TYR O 290 3.72 39.81 -18.36
CA TYR O 290 3.86 41.24 -18.13
C TYR O 290 2.60 42.00 -18.48
N ALA O 291 2.00 41.67 -19.63
CA ALA O 291 0.77 42.35 -20.04
C ALA O 291 -0.34 42.13 -19.04
N GLN O 292 -0.46 40.90 -18.53
CA GLN O 292 -1.48 40.62 -17.53
C GLN O 292 -1.22 41.31 -16.21
N LYS O 293 0.04 41.41 -15.79
CA LYS O 293 0.36 42.13 -14.56
C LYS O 293 0.04 43.61 -14.69
N LEU O 294 0.30 44.18 -15.87
CA LEU O 294 -0.10 45.56 -16.12
C LEU O 294 -1.62 45.70 -16.03
N GLY O 295 -2.35 44.84 -16.72
CA GLY O 295 -3.79 44.83 -16.60
C GLY O 295 -4.50 45.88 -17.44
N GLY O 296 -5.47 46.57 -16.84
CA GLY O 296 -6.31 47.49 -17.58
C GLY O 296 -5.60 48.70 -18.12
N GLU O 297 -4.64 49.25 -17.38
CA GLU O 297 -3.98 50.47 -17.81
C GLU O 297 -3.20 50.28 -19.10
N ALA O 298 -2.79 49.06 -19.41
CA ALA O 298 -1.96 48.80 -20.57
C ALA O 298 -2.71 48.92 -21.88
N GLY O 299 -4.04 49.01 -21.87
CA GLY O 299 -4.79 49.05 -23.10
C GLY O 299 -4.69 50.34 -23.87
N PHE O 300 -4.18 51.40 -23.24
CA PHE O 300 -4.03 52.70 -23.88
C PHE O 300 -2.57 53.16 -23.92
N TYR O 301 -1.62 52.24 -23.80
CA TYR O 301 -0.22 52.61 -23.80
C TYR O 301 0.22 53.18 -25.14
N HIS O 302 -0.21 52.56 -26.24
CA HIS O 302 0.23 53.02 -27.56
C HIS O 302 -0.49 54.28 -28.00
N ILE O 303 -1.75 54.46 -27.60
CA ILE O 303 -2.46 55.70 -27.89
C ILE O 303 -1.81 56.86 -27.16
N LEU O 304 -1.47 56.66 -25.89
CA LEU O 304 -0.86 57.70 -25.07
C LEU O 304 0.62 57.87 -25.35
N ASN O 305 1.22 57.02 -26.18
CA ASN O 305 2.67 56.99 -26.39
C ASN O 305 3.39 56.76 -25.07
N ASN O 306 2.87 55.86 -24.26
CA ASN O 306 3.55 55.50 -23.03
C ASN O 306 4.90 54.89 -23.35
N PRO O 307 5.97 55.30 -22.67
CA PRO O 307 7.30 54.75 -22.99
C PRO O 307 7.41 53.25 -22.80
N LYS O 308 6.64 52.67 -21.90
CA LYS O 308 6.63 51.24 -21.67
C LYS O 308 5.81 50.48 -22.70
N ALA O 309 5.37 51.13 -23.75
CA ALA O 309 4.64 50.44 -24.81
C ALA O 309 5.56 49.47 -25.55
N SER O 310 6.84 49.80 -25.70
CA SER O 310 7.76 48.95 -26.42
C SER O 310 8.01 47.62 -25.71
N LEU O 311 7.71 47.53 -24.42
CA LEU O 311 7.91 46.29 -23.69
C LEU O 311 6.86 45.24 -24.01
N LEU O 312 5.74 45.63 -24.60
CA LEU O 312 4.66 44.72 -24.95
C LEU O 312 4.82 44.16 -26.36
N SER O 313 5.84 44.58 -27.09
CA SER O 313 5.99 44.17 -28.48
C SER O 313 6.33 42.69 -28.58
N LEU O 314 5.83 42.06 -29.65
CA LEU O 314 6.16 40.68 -29.97
C LEU O 314 7.00 40.55 -31.23
N THR O 315 7.26 41.64 -31.94
CA THR O 315 8.09 41.56 -33.13
C THR O 315 9.55 41.31 -32.81
N GLN O 316 9.92 41.40 -31.54
CA GLN O 316 11.24 41.03 -31.05
C GLN O 316 11.45 39.53 -30.99
N PHE O 317 10.43 38.78 -31.40
CA PHE O 317 10.49 37.32 -31.56
C PHE O 317 10.04 37.02 -32.99
N PRO O 318 10.96 37.07 -33.96
CA PRO O 318 10.56 36.99 -35.36
C PRO O 318 9.81 35.72 -35.72
N HIS O 319 10.19 34.58 -35.15
CA HIS O 319 9.55 33.33 -35.53
C HIS O 319 8.12 33.24 -35.01
N PHE O 320 7.93 33.55 -33.73
CA PHE O 320 6.58 33.54 -33.16
C PHE O 320 5.69 34.57 -33.83
N SER O 321 6.24 35.76 -34.09
CA SER O 321 5.46 36.80 -34.77
C SER O 321 5.07 36.36 -36.18
N SER O 322 5.99 35.71 -36.89
CA SER O 322 5.69 35.24 -38.23
C SER O 322 4.60 34.16 -38.21
N VAL O 323 4.68 33.25 -37.25
CA VAL O 323 3.63 32.23 -37.12
C VAL O 323 2.29 32.88 -36.81
N VAL O 324 2.28 33.88 -35.94
CA VAL O 324 1.03 34.55 -35.56
C VAL O 324 0.43 35.29 -36.76
N LEU O 325 1.26 36.01 -37.52
CA LEU O 325 0.75 36.67 -38.71
C LEU O 325 0.25 35.68 -39.74
N GLY O 326 0.95 34.56 -39.91
CA GLY O 326 0.49 33.55 -40.84
C GLY O 326 -0.86 32.98 -40.44
N ASN O 327 -1.03 32.68 -39.15
CA ASN O 327 -2.31 32.18 -38.69
C ASN O 327 -3.42 33.21 -38.89
N ALA O 328 -3.12 34.49 -38.64
CA ALA O 328 -4.12 35.53 -38.85
C ALA O 328 -4.51 35.63 -40.32
N ALA O 329 -3.52 35.55 -41.23
CA ALA O 329 -3.82 35.66 -42.65
C ALA O 329 -4.57 34.44 -43.16
N GLY O 330 -4.27 33.26 -42.60
CA GLY O 330 -4.95 32.07 -43.01
C GLY O 330 -6.42 32.05 -42.60
N LEU O 331 -6.71 32.56 -41.40
CA LEU O 331 -8.08 32.63 -40.93
C LEU O 331 -8.89 33.72 -41.62
N GLY O 332 -8.25 34.56 -42.44
CA GLY O 332 -8.96 35.58 -43.18
C GLY O 332 -9.36 36.80 -42.40
N ILE O 333 -8.62 37.12 -41.33
CA ILE O 333 -8.92 38.29 -40.52
C ILE O 333 -7.81 39.34 -40.56
N MET O 334 -6.76 39.15 -41.34
CA MET O 334 -5.63 40.08 -41.28
C MET O 334 -5.93 41.38 -42.01
N GLY O 335 -6.84 41.34 -42.98
CA GLY O 335 -7.25 42.57 -43.66
C GLY O 335 -6.11 43.23 -44.38
N GLU O 336 -5.96 44.54 -44.18
CA GLU O 336 -4.86 45.32 -44.73
C GLU O 336 -3.79 45.62 -43.69
N TYR O 337 -3.57 44.69 -42.76
CA TYR O 337 -2.58 44.91 -41.71
C TYR O 337 -1.21 45.01 -42.35
N ARG O 338 -0.55 46.16 -42.18
CA ARG O 338 0.63 46.49 -42.96
C ARG O 338 1.92 46.07 -42.26
N GLY O 339 1.81 45.37 -41.14
CA GLY O 339 2.96 44.69 -40.59
C GLY O 339 3.30 43.46 -41.41
N THR O 340 4.60 43.22 -41.58
CA THR O 340 5.06 42.18 -42.48
C THR O 340 5.85 41.13 -41.72
N PRO O 341 5.75 39.86 -42.10
CA PRO O 341 6.52 38.82 -41.39
C PRO O 341 8.01 38.97 -41.67
N ARG O 342 8.83 38.58 -40.71
CA ARG O 342 10.28 38.57 -40.91
C ARG O 342 10.84 37.15 -40.96
N ASN O 343 9.98 36.15 -41.00
CA ASN O 343 10.31 34.78 -41.36
C ASN O 343 9.24 34.32 -42.36
N GLN O 344 9.53 34.48 -43.65
CA GLN O 344 8.52 34.21 -44.66
C GLN O 344 8.10 32.75 -44.66
N ASP O 345 9.04 31.84 -44.39
CA ASP O 345 8.74 30.42 -44.44
C ASP O 345 7.73 30.01 -43.38
N LEU O 346 7.95 30.43 -42.13
CA LEU O 346 7.00 30.12 -41.06
C LEU O 346 5.67 30.80 -41.31
N TYR O 347 5.70 32.03 -41.85
CA TYR O 347 4.47 32.72 -42.21
C TYR O 347 3.65 31.90 -43.19
N ASP O 348 4.28 31.44 -44.27
CA ASP O 348 3.57 30.67 -45.28
C ASP O 348 3.06 29.35 -44.72
N ALA O 349 3.88 28.66 -43.91
CA ALA O 349 3.45 27.39 -43.35
C ALA O 349 2.24 27.57 -42.44
N ALA O 350 2.28 28.57 -41.57
CA ALA O 350 1.16 28.83 -40.67
C ALA O 350 -0.08 29.25 -41.45
N LYS O 351 0.10 30.08 -42.49
CA LYS O 351 -1.03 30.49 -43.31
C LYS O 351 -1.69 29.29 -43.98
N ALA O 352 -0.88 28.38 -44.54
CA ALA O 352 -1.42 27.19 -45.17
C ALA O 352 -2.17 26.32 -44.17
N TYR O 353 -1.58 26.09 -42.99
CA TYR O 353 -2.27 25.25 -42.03
C TYR O 353 -3.57 25.89 -41.56
N ALA O 354 -3.58 27.22 -41.39
CA ALA O 354 -4.80 27.88 -40.95
C ALA O 354 -5.87 27.82 -42.03
N GLU O 355 -5.46 27.84 -43.30
CA GLU O 355 -6.43 27.67 -44.38
C GLU O 355 -7.03 26.26 -44.37
N GLN O 356 -6.19 25.23 -44.23
CA GLN O 356 -6.74 23.88 -44.12
C GLN O 356 -7.45 23.65 -42.81
N LEU O 357 -7.35 24.57 -41.85
CA LEU O 357 -8.15 24.43 -40.64
C LEU O 357 -9.63 24.66 -40.88
N LYS O 358 -10.03 25.01 -42.11
CA LYS O 358 -11.43 25.28 -42.37
C LYS O 358 -12.07 24.23 -43.27
N GLU O 359 -11.36 23.77 -44.31
CA GLU O 359 -11.84 22.62 -45.07
C GLU O 359 -11.61 21.32 -44.31
N ASN O 360 -10.44 21.18 -43.69
CA ASN O 360 -10.07 20.00 -42.91
C ASN O 360 -10.19 20.40 -41.45
N GLY O 361 -11.37 20.15 -40.87
CA GLY O 361 -11.76 20.82 -39.63
C GLY O 361 -10.64 20.92 -38.61
N VAL O 362 -10.24 19.78 -38.04
CA VAL O 362 -9.17 19.75 -37.04
C VAL O 362 -8.32 18.53 -37.32
N ILE O 363 -7.12 18.49 -36.72
CA ILE O 363 -6.22 17.36 -36.81
C ILE O 363 -6.06 16.75 -35.43
N ASN O 364 -6.37 15.48 -35.29
CA ASN O 364 -6.10 14.76 -34.06
C ASN O 364 -4.61 14.45 -33.97
N TYR O 365 -4.19 14.07 -32.77
CA TYR O 365 -2.80 13.67 -32.56
C TYR O 365 -2.77 12.23 -32.07
N SER O 366 -3.52 11.37 -32.76
CA SER O 366 -3.50 9.93 -32.56
C SER O 366 -2.15 9.35 -32.92
N VAL O 367 -1.40 10.04 -33.78
CA VAL O 367 0.01 9.73 -33.99
C VAL O 367 0.66 9.74 -32.61
N LEU O 368 1.73 8.95 -32.44
CA LEU O 368 2.36 8.80 -31.13
C LEU O 368 1.41 8.20 -30.08
N ASP O 369 1.15 6.90 -30.18
CA ASP O 369 0.48 6.04 -29.19
C ASP O 369 -1.05 6.00 -29.26
N LEU O 370 -1.69 6.49 -30.32
CA LEU O 370 -3.13 6.27 -30.47
C LEU O 370 -3.52 6.01 -31.92
N ALA P 2 -22.78 -3.25 -27.31
CA ALA P 2 -21.62 -2.36 -27.43
C ALA P 2 -21.36 -2.02 -28.89
N LEU P 3 -21.15 -0.73 -29.15
CA LEU P 3 -20.94 -0.29 -30.53
C LEU P 3 -19.59 -0.74 -31.06
N SER P 4 -18.67 -1.14 -30.19
CA SER P 4 -17.34 -1.56 -30.62
C SER P 4 -17.34 -2.88 -31.36
N LYS P 5 -18.39 -3.69 -31.22
CA LYS P 5 -18.46 -4.97 -31.91
C LYS P 5 -19.26 -4.91 -33.20
N VAL P 6 -19.63 -3.72 -33.67
CA VAL P 6 -20.25 -3.57 -34.98
C VAL P 6 -19.09 -3.45 -35.98
N LYS P 7 -18.52 -4.59 -36.35
CA LYS P 7 -17.36 -4.61 -37.20
C LYS P 7 -17.37 -5.86 -38.08
N LEU P 8 -16.74 -5.76 -39.24
CA LEU P 8 -16.65 -6.85 -40.19
C LEU P 8 -15.24 -6.89 -40.76
N ASN P 9 -14.62 -8.06 -40.71
CA ASN P 9 -13.27 -8.25 -41.23
C ASN P 9 -13.35 -8.83 -42.64
N ASP P 10 -13.60 -7.95 -43.60
CA ASP P 10 -13.89 -8.40 -44.97
C ASP P 10 -12.64 -8.94 -45.66
N THR P 11 -11.50 -8.29 -45.48
CA THR P 11 -10.28 -8.74 -46.15
C THR P 11 -9.90 -10.15 -45.70
N LEU P 12 -9.91 -10.39 -44.39
CA LEU P 12 -9.54 -11.69 -43.87
C LEU P 12 -10.56 -12.76 -44.26
N ASN P 13 -11.84 -12.41 -44.27
CA ASN P 13 -12.86 -13.36 -44.66
C ASN P 13 -12.75 -13.73 -46.14
N LYS P 14 -12.47 -12.75 -47.00
CA LYS P 14 -12.23 -13.04 -48.41
C LYS P 14 -11.01 -13.94 -48.59
N ASP P 15 -9.94 -13.66 -47.85
CA ASP P 15 -8.76 -14.52 -47.94
C ASP P 15 -9.07 -15.93 -47.50
N GLN P 16 -9.83 -16.09 -46.42
CA GLN P 16 -10.16 -17.44 -45.97
C GLN P 16 -11.04 -18.15 -46.97
N LEU P 17 -11.96 -17.43 -47.61
CA LEU P 17 -12.79 -18.04 -48.65
C LEU P 17 -11.94 -18.52 -49.81
N LEU P 18 -10.98 -17.70 -50.24
CA LEU P 18 -10.16 -18.08 -51.39
C LEU P 18 -9.15 -19.17 -51.06
N SER P 19 -8.66 -19.22 -49.82
CA SER P 19 -7.66 -20.20 -49.44
C SER P 19 -8.24 -21.53 -49.00
N SER P 20 -9.55 -21.60 -48.73
CA SER P 20 -10.17 -22.83 -48.27
C SER P 20 -11.08 -23.45 -49.33
N SER P 21 -10.82 -23.20 -50.60
CA SER P 21 -11.60 -23.81 -51.66
C SER P 21 -11.35 -25.30 -51.71
N LYS P 22 -12.42 -26.07 -51.88
CA LYS P 22 -12.33 -27.52 -51.94
C LYS P 22 -12.51 -28.07 -53.34
N TYR P 23 -12.52 -27.21 -54.35
CA TYR P 23 -12.50 -27.62 -55.74
C TYR P 23 -11.43 -26.82 -56.47
N THR P 24 -10.85 -27.41 -57.52
CA THR P 24 -9.77 -26.79 -58.26
C THR P 24 -10.06 -26.83 -59.75
N ILE P 25 -9.59 -25.80 -60.44
CA ILE P 25 -9.65 -25.75 -61.89
C ILE P 25 -8.33 -26.22 -62.46
N GLN P 26 -8.34 -26.56 -63.75
CA GLN P 26 -7.14 -27.01 -64.43
C GLN P 26 -7.19 -26.49 -65.86
N ARG P 27 -6.37 -25.49 -66.16
CA ARG P 27 -6.38 -24.83 -67.45
C ARG P 27 -5.62 -25.67 -68.49
N SER P 28 -5.85 -25.37 -69.75
CA SER P 28 -5.17 -26.04 -70.86
C SER P 28 -4.34 -25.02 -71.60
N THR P 29 -3.03 -25.25 -71.65
CA THR P 29 -2.13 -24.28 -72.26
C THR P 29 -2.37 -24.13 -73.76
N GLY P 30 -2.90 -25.16 -74.42
CA GLY P 30 -3.07 -25.15 -75.86
C GLY P 30 -1.92 -25.82 -76.60
N ASP P 31 -1.00 -25.00 -77.09
CA ASP P 31 0.24 -25.47 -77.69
C ASP P 31 1.08 -26.25 -76.66
N SER P 32 1.74 -27.29 -77.15
CA SER P 32 2.56 -28.14 -76.31
C SER P 32 3.75 -27.37 -75.74
N ILE P 33 4.10 -27.67 -74.50
CA ILE P 33 5.24 -27.05 -73.82
C ILE P 33 6.44 -27.94 -74.03
N ASP P 34 7.53 -27.37 -74.51
CA ASP P 34 8.83 -28.04 -74.58
C ASP P 34 9.40 -28.01 -73.17
N THR P 35 9.94 -29.14 -72.72
CA THR P 35 10.54 -29.19 -71.39
C THR P 35 11.97 -29.68 -71.48
N PRO P 36 12.94 -28.81 -71.74
CA PRO P 36 14.34 -29.24 -71.75
C PRO P 36 14.81 -29.65 -70.37
N ASN P 37 15.78 -30.56 -70.35
CA ASN P 37 16.37 -31.06 -69.12
C ASN P 37 17.78 -30.50 -68.98
N TYR P 38 18.50 -30.97 -67.95
CA TYR P 38 19.86 -30.51 -67.72
C TYR P 38 20.79 -30.85 -68.89
N ASP P 39 20.40 -31.81 -69.72
CA ASP P 39 21.27 -32.29 -70.78
C ASP P 39 21.60 -31.21 -71.78
N VAL P 40 20.60 -30.42 -72.18
CA VAL P 40 20.75 -29.46 -73.26
C VAL P 40 21.01 -28.04 -72.75
N GLN P 41 21.33 -27.90 -71.47
CA GLN P 41 21.65 -26.59 -70.93
C GLN P 41 22.85 -25.97 -71.63
N LYS P 42 23.88 -26.77 -71.89
CA LYS P 42 25.05 -26.27 -72.60
C LYS P 42 24.70 -25.78 -73.99
N HIS P 43 23.84 -26.52 -74.71
CA HIS P 43 23.48 -26.11 -76.06
C HIS P 43 22.63 -24.86 -76.06
N ILE P 44 21.70 -24.74 -75.10
CA ILE P 44 20.88 -23.53 -75.05
C ILE P 44 21.73 -22.32 -74.68
N ASN P 45 22.71 -22.51 -73.79
CA ASN P 45 23.63 -21.43 -73.48
C ASN P 45 24.48 -21.06 -74.70
N LYS P 46 24.86 -22.06 -75.50
CA LYS P 46 25.56 -21.79 -76.75
C LYS P 46 24.71 -20.95 -77.68
N LEU P 47 23.42 -21.28 -77.78
CA LEU P 47 22.52 -20.51 -78.64
C LEU P 47 22.39 -19.07 -78.16
N CYS P 48 22.27 -18.88 -76.85
CA CYS P 48 22.21 -17.52 -76.29
C CYS P 48 23.49 -16.75 -76.57
N GLY P 49 24.64 -17.42 -76.43
CA GLY P 49 25.90 -16.75 -76.74
C GLY P 49 26.03 -16.38 -78.20
N MET P 50 25.58 -17.26 -79.10
CA MET P 50 25.60 -16.94 -80.51
C MET P 50 24.70 -15.76 -80.82
N LEU P 51 23.55 -15.67 -80.16
CA LEU P 51 22.71 -14.49 -80.33
C LEU P 51 23.41 -13.23 -79.80
N LEU P 52 24.14 -13.36 -78.70
CA LEU P 52 24.77 -12.19 -78.10
C LEU P 52 25.95 -11.68 -78.91
N ILE P 53 26.77 -12.56 -79.48
CA ILE P 53 27.94 -12.11 -80.23
C ILE P 53 27.60 -11.65 -81.63
N THR P 54 26.34 -11.77 -82.05
CA THR P 54 25.93 -11.41 -83.40
C THR P 54 25.53 -9.94 -83.42
N GLU P 55 26.36 -9.09 -84.03
CA GLU P 55 25.95 -7.70 -84.16
C GLU P 55 24.79 -7.55 -85.15
N ASP P 56 24.08 -6.42 -85.03
CA ASP P 56 22.90 -6.15 -85.85
C ASP P 56 21.98 -7.37 -85.88
N ALA P 57 21.73 -7.92 -84.70
CA ALA P 57 21.11 -9.23 -84.59
C ALA P 57 19.59 -9.14 -84.72
N ASN P 58 18.99 -10.30 -84.93
CA ASN P 58 17.54 -10.46 -84.96
C ASN P 58 17.12 -11.14 -83.66
N HIS P 59 16.47 -10.38 -82.78
CA HIS P 59 16.04 -10.90 -81.48
C HIS P 59 14.57 -11.28 -81.44
N LYS P 60 14.02 -11.73 -82.55
CA LYS P 60 12.60 -12.11 -82.56
C LYS P 60 12.34 -13.32 -81.68
N PHE P 61 13.34 -14.18 -81.48
CA PHE P 61 13.15 -15.44 -80.76
C PHE P 61 13.92 -15.49 -79.44
N THR P 62 14.47 -14.35 -79.00
CA THR P 62 15.32 -14.36 -77.81
C THR P 62 14.51 -14.66 -76.55
N GLY P 63 13.26 -14.19 -76.50
CA GLY P 63 12.44 -14.47 -75.32
C GLY P 63 12.18 -15.95 -75.14
N LEU P 64 11.85 -16.65 -76.22
CA LEU P 64 11.61 -18.09 -76.13
C LEU P 64 12.88 -18.83 -75.77
N ILE P 65 14.03 -18.40 -76.31
CA ILE P 65 15.29 -19.08 -76.01
C ILE P 65 15.68 -18.86 -74.55
N GLY P 66 15.45 -17.66 -74.04
CA GLY P 66 15.69 -17.41 -72.62
C GLY P 66 14.78 -18.22 -71.72
N MET P 67 13.52 -18.37 -72.13
CA MET P 67 12.60 -19.21 -71.38
C MET P 67 13.06 -20.66 -71.39
N LEU P 68 13.53 -21.14 -72.54
CA LEU P 68 14.06 -22.50 -72.63
C LEU P 68 15.28 -22.66 -71.72
N TYR P 69 16.16 -21.66 -71.68
CA TYR P 69 17.33 -21.76 -70.82
C TYR P 69 16.94 -21.80 -69.35
N ALA P 70 15.97 -20.97 -68.95
CA ALA P 70 15.50 -21.00 -67.57
C ALA P 70 14.90 -22.37 -67.23
N MET P 71 14.08 -22.90 -68.13
CA MET P 71 13.47 -24.19 -67.91
C MET P 71 14.48 -25.33 -67.89
N SER P 72 15.56 -25.21 -68.65
CA SER P 72 16.62 -26.23 -68.60
C SER P 72 17.42 -26.14 -67.31
N ARG P 73 17.60 -24.92 -66.79
CA ARG P 73 18.23 -24.79 -65.48
C ARG P 73 17.36 -25.41 -64.39
N LEU P 74 16.04 -25.19 -64.45
CA LEU P 74 15.16 -25.80 -63.47
C LEU P 74 15.17 -27.31 -63.57
N GLY P 75 15.24 -27.84 -64.78
CA GLY P 75 15.12 -29.26 -65.04
C GLY P 75 13.70 -29.61 -65.45
N ARG P 76 13.57 -30.75 -66.15
CA ARG P 76 12.26 -31.15 -66.66
C ARG P 76 11.31 -31.51 -65.53
N GLU P 77 11.80 -32.21 -64.51
CA GLU P 77 10.93 -32.59 -63.39
C GLU P 77 10.34 -31.35 -62.73
N ASP P 78 11.20 -30.39 -62.37
CA ASP P 78 10.71 -29.19 -61.68
C ASP P 78 9.87 -28.32 -62.59
N THR P 79 10.19 -28.24 -63.88
CA THR P 79 9.34 -27.47 -64.78
C THR P 79 7.94 -28.07 -64.86
N ILE P 80 7.87 -29.39 -65.00
CA ILE P 80 6.57 -30.05 -65.04
C ILE P 80 5.82 -29.84 -63.74
N LYS P 81 6.51 -29.98 -62.61
CA LYS P 81 5.85 -29.81 -61.33
C LYS P 81 5.35 -28.39 -61.13
N ILE P 82 6.11 -27.40 -61.58
CA ILE P 82 5.66 -26.01 -61.54
C ILE P 82 4.40 -25.83 -62.37
N LEU P 83 4.39 -26.39 -63.58
CA LEU P 83 3.23 -26.21 -64.43
C LEU P 83 1.99 -26.88 -63.85
N ARG P 84 2.12 -28.06 -63.26
CA ARG P 84 0.99 -28.66 -62.57
C ARG P 84 0.54 -27.81 -61.38
N ASP P 85 1.47 -27.38 -60.54
CA ASP P 85 1.09 -26.61 -59.35
C ASP P 85 0.42 -25.30 -59.72
N ALA P 86 0.78 -24.72 -60.86
CA ALA P 86 0.10 -23.52 -61.33
C ALA P 86 -1.29 -23.81 -61.86
N GLY P 87 -1.65 -25.09 -62.01
CA GLY P 87 -2.95 -25.46 -62.49
C GLY P 87 -3.06 -25.44 -64.01
N TYR P 88 -2.19 -26.18 -64.67
CA TYR P 88 -2.17 -26.23 -66.13
C TYR P 88 -2.15 -27.68 -66.60
N HIS P 89 -2.83 -27.93 -67.70
CA HIS P 89 -2.67 -29.18 -68.44
C HIS P 89 -1.60 -28.97 -69.49
N VAL P 90 -0.51 -29.72 -69.40
CA VAL P 90 0.67 -29.49 -70.21
C VAL P 90 1.00 -30.77 -70.99
N LYS P 91 1.30 -30.59 -72.27
CA LYS P 91 1.84 -31.64 -73.12
C LYS P 91 3.36 -31.54 -73.02
N ALA P 92 3.94 -32.36 -72.14
CA ALA P 92 5.38 -32.30 -71.94
C ALA P 92 6.10 -32.83 -73.17
N ASN P 93 6.92 -31.97 -73.78
CA ASN P 93 7.63 -32.28 -75.01
C ASN P 93 9.09 -32.49 -74.70
N GLY P 94 9.60 -33.69 -75.03
CA GLY P 94 11.00 -33.99 -74.77
C GLY P 94 11.89 -33.21 -75.73
N VAL P 95 12.97 -32.65 -75.20
CA VAL P 95 13.94 -31.89 -75.98
C VAL P 95 15.26 -32.67 -75.96
N ASP P 96 15.77 -32.98 -77.14
CA ASP P 96 17.05 -33.65 -77.25
C ASP P 96 17.79 -33.09 -78.45
N VAL P 97 19.09 -33.25 -78.44
CA VAL P 97 19.96 -32.67 -79.43
C VAL P 97 20.18 -33.66 -80.57
N THR P 98 20.17 -33.14 -81.80
CA THR P 98 20.44 -33.97 -82.97
C THR P 98 21.22 -33.13 -83.98
N THR P 99 21.80 -33.81 -84.96
CA THR P 99 22.55 -33.16 -86.03
C THR P 99 21.70 -33.02 -87.28
N HIS P 100 21.91 -31.93 -88.00
CA HIS P 100 21.26 -31.66 -89.27
C HIS P 100 22.34 -31.26 -90.26
N ARG P 101 22.27 -31.82 -91.47
CA ARG P 101 23.26 -31.59 -92.51
C ARG P 101 22.61 -30.79 -93.64
N GLN P 102 23.19 -29.66 -94.00
CA GLN P 102 22.71 -28.92 -95.15
C GLN P 102 23.86 -28.25 -95.87
N ASP P 103 23.62 -27.92 -97.14
CA ASP P 103 24.63 -27.35 -98.03
C ASP P 103 24.34 -25.87 -98.23
N ILE P 104 25.15 -25.03 -97.61
CA ILE P 104 25.12 -23.59 -97.83
C ILE P 104 26.43 -23.17 -98.47
N ASN P 105 26.37 -22.21 -99.39
CA ASN P 105 27.54 -21.80 -100.18
C ASN P 105 28.06 -22.96 -101.02
N GLY P 106 27.19 -23.93 -101.31
CA GLY P 106 27.60 -25.10 -102.06
C GLY P 106 28.53 -26.04 -101.30
N LYS P 107 28.53 -25.96 -99.97
CA LYS P 107 29.43 -26.77 -99.15
C LYS P 107 28.63 -27.50 -98.08
N GLU P 108 28.96 -28.78 -97.88
CA GLU P 108 28.33 -29.59 -96.85
C GLU P 108 28.67 -29.02 -95.48
N MET P 109 27.68 -28.91 -94.60
CA MET P 109 27.91 -28.30 -93.30
C MET P 109 27.20 -29.06 -92.18
N LYS P 110 27.93 -29.17 -91.07
CA LYS P 110 27.49 -29.86 -89.87
C LYS P 110 26.93 -28.86 -88.87
N PHE P 111 25.65 -29.02 -88.55
CA PHE P 111 25.00 -28.26 -87.49
C PHE P 111 24.41 -29.20 -86.46
N GLU P 112 24.48 -28.78 -85.20
CA GLU P 112 23.91 -29.52 -84.08
C GLU P 112 22.78 -28.68 -83.50
N VAL P 113 21.55 -29.17 -83.62
CA VAL P 113 20.36 -28.42 -83.27
C VAL P 113 19.54 -29.22 -82.25
N LEU P 114 18.43 -28.61 -81.81
CA LEU P 114 17.55 -29.19 -80.81
C LEU P 114 16.19 -29.47 -81.42
N THR P 115 15.52 -30.49 -80.88
CA THR P 115 14.14 -30.81 -81.26
C THR P 115 13.20 -29.96 -80.41
N LEU P 116 12.93 -28.75 -80.87
CA LEU P 116 11.99 -27.86 -80.22
C LEU P 116 10.80 -27.65 -81.13
N ALA P 117 9.60 -27.93 -80.61
CA ALA P 117 8.39 -27.70 -81.39
C ALA P 117 8.15 -26.21 -81.61
N SER P 118 8.53 -25.37 -80.64
CA SER P 118 8.28 -23.95 -80.74
C SER P 118 9.33 -23.25 -81.62
N LEU P 119 10.50 -23.86 -81.79
CA LEU P 119 11.61 -23.24 -82.50
C LEU P 119 12.08 -24.17 -83.59
N THR P 120 11.89 -23.76 -84.85
CA THR P 120 12.21 -24.62 -85.97
C THR P 120 13.72 -24.71 -86.20
N THR P 121 14.12 -25.72 -86.98
CA THR P 121 15.53 -25.94 -87.26
C THR P 121 16.13 -24.79 -88.07
N GLU P 122 15.37 -24.26 -89.04
CA GLU P 122 15.87 -23.15 -89.85
C GLU P 122 16.31 -21.98 -89.00
N ILE P 123 15.57 -21.68 -87.94
CA ILE P 123 15.87 -20.53 -87.11
C ILE P 123 17.20 -20.71 -86.41
N GLN P 124 17.43 -21.89 -85.82
CA GLN P 124 18.69 -22.17 -85.16
C GLN P 124 19.85 -22.17 -86.14
N ILE P 125 19.64 -22.74 -87.33
CA ILE P 125 20.68 -22.74 -88.35
C ILE P 125 21.05 -21.31 -88.73
N ASN P 126 20.04 -20.46 -88.93
CA ASN P 126 20.31 -19.08 -89.34
C ASN P 126 20.97 -18.30 -88.21
N ILE P 127 20.60 -18.59 -86.97
CA ILE P 127 21.28 -17.97 -85.84
C ILE P 127 22.76 -18.32 -85.87
N GLU P 128 23.07 -19.60 -86.10
CA GLU P 128 24.47 -20.00 -86.18
C GLU P 128 25.18 -19.32 -87.35
N ILE P 129 24.51 -19.21 -88.50
CA ILE P 129 25.15 -18.59 -89.66
C ILE P 129 25.49 -17.13 -89.38
N GLU P 130 24.53 -16.39 -88.83
CA GLU P 130 24.76 -14.99 -88.54
C GLU P 130 25.87 -14.84 -87.50
N SER P 131 25.85 -15.66 -86.46
CA SER P 131 26.88 -15.60 -85.44
C SER P 131 28.26 -15.91 -86.02
N ARG P 132 28.34 -16.93 -86.87
CA ARG P 132 29.63 -17.31 -87.45
C ARG P 132 30.20 -16.20 -88.32
N LYS P 133 29.37 -15.58 -89.16
CA LYS P 133 29.94 -14.57 -90.05
C LYS P 133 30.24 -13.27 -89.30
N SER P 134 29.44 -12.94 -88.29
CA SER P 134 29.80 -11.79 -87.45
C SER P 134 31.10 -12.05 -86.70
N TYR P 135 31.27 -13.27 -86.19
CA TYR P 135 32.51 -13.66 -85.54
C TYR P 135 33.69 -13.56 -86.50
N LYS P 136 33.52 -14.03 -87.74
CA LYS P 136 34.57 -13.92 -88.73
C LYS P 136 34.94 -12.46 -88.99
N LYS P 137 33.94 -11.61 -89.18
CA LYS P 137 34.20 -10.20 -89.46
C LYS P 137 34.91 -9.51 -88.30
N MET P 138 34.48 -9.80 -87.07
CA MET P 138 35.07 -9.14 -85.92
C MET P 138 36.48 -9.68 -85.62
N LEU P 139 36.69 -10.97 -85.88
CA LEU P 139 38.03 -11.54 -85.77
C LEU P 139 38.96 -10.93 -86.80
N LYS P 140 38.45 -10.69 -88.01
CA LYS P 140 39.23 -10.00 -89.03
C LYS P 140 39.56 -8.58 -88.59
N GLU P 141 38.60 -7.89 -87.98
CA GLU P 141 38.79 -6.49 -87.63
C GLU P 141 39.62 -6.28 -86.36
N MET P 142 39.83 -7.31 -85.53
CA MET P 142 40.70 -7.14 -84.37
C MET P 142 41.74 -8.22 -84.19
N GLY P 143 41.80 -9.22 -85.08
CA GLY P 143 42.93 -10.14 -85.07
C GLY P 143 42.76 -11.42 -84.28
N GLU P 144 42.61 -11.31 -82.97
CA GLU P 144 42.48 -12.49 -82.11
C GLU P 144 41.39 -12.25 -81.08
N VAL P 145 40.59 -13.28 -80.84
CA VAL P 145 39.48 -13.20 -79.89
C VAL P 145 39.93 -13.63 -78.50
N ALA P 146 39.13 -13.31 -77.50
CA ALA P 146 39.31 -13.73 -76.12
C ALA P 146 38.06 -14.44 -75.68
N PRO P 147 38.12 -15.21 -74.58
CA PRO P 147 36.90 -15.81 -74.04
C PRO P 147 35.81 -14.79 -73.72
N GLU P 148 36.17 -13.51 -73.63
CA GLU P 148 35.17 -12.46 -73.45
C GLU P 148 34.26 -12.36 -74.67
N TYR P 149 34.83 -12.44 -75.86
CA TYR P 149 34.08 -12.33 -77.12
C TYR P 149 33.84 -13.73 -77.67
N ARG P 150 32.85 -14.43 -77.11
CA ARG P 150 32.50 -15.74 -77.64
C ARG P 150 31.17 -16.19 -77.05
N HIS P 151 30.59 -17.20 -77.70
CA HIS P 151 29.35 -17.83 -77.25
C HIS P 151 29.56 -18.88 -76.18
N ASP P 152 30.80 -19.30 -75.93
CA ASP P 152 31.06 -20.36 -74.98
C ASP P 152 31.10 -19.88 -73.53
N SER P 153 30.95 -18.58 -73.30
CA SER P 153 30.90 -18.07 -71.94
C SER P 153 29.71 -18.66 -71.19
N PRO P 154 29.86 -19.03 -69.92
CA PRO P 154 28.76 -19.70 -69.22
C PRO P 154 27.68 -18.76 -68.70
N ASP P 155 27.76 -17.46 -68.99
CA ASP P 155 26.81 -16.49 -68.48
C ASP P 155 26.06 -15.76 -69.59
N CYS P 156 26.23 -16.20 -70.84
CA CYS P 156 25.55 -15.56 -71.96
C CYS P 156 24.04 -15.68 -71.82
N GLY P 157 23.55 -16.85 -71.43
CA GLY P 157 22.12 -16.99 -71.17
C GLY P 157 21.66 -16.17 -69.98
N MET P 158 22.50 -16.05 -68.96
CA MET P 158 22.10 -15.33 -67.77
C MET P 158 22.04 -13.82 -67.99
N ILE P 159 22.78 -13.29 -68.96
CA ILE P 159 22.60 -11.89 -69.32
C ILE P 159 21.22 -11.65 -69.92
N ILE P 160 20.80 -12.53 -70.83
CA ILE P 160 19.46 -12.46 -71.40
C ILE P 160 18.42 -12.57 -70.30
N LEU P 161 18.67 -13.45 -69.32
CA LEU P 161 17.73 -13.57 -68.21
C LEU P 161 17.76 -12.35 -67.31
N CYS P 162 18.87 -11.60 -67.26
CA CYS P 162 18.88 -10.32 -66.56
C CYS P 162 17.95 -9.32 -67.25
N ILE P 163 18.00 -9.27 -68.57
CA ILE P 163 17.05 -8.42 -69.30
C ILE P 163 15.61 -8.86 -69.00
N ALA P 164 15.39 -10.17 -68.96
CA ALA P 164 14.07 -10.69 -68.61
C ALA P 164 13.66 -10.26 -67.20
N ALA P 165 14.61 -10.24 -66.27
CA ALA P 165 14.31 -9.82 -64.90
C ALA P 165 13.89 -8.36 -64.86
N LEU P 166 14.56 -7.50 -65.63
CA LEU P 166 14.11 -6.10 -65.70
C LEU P 166 12.70 -6.00 -66.28
N VAL P 167 12.43 -6.75 -67.35
CA VAL P 167 11.08 -6.76 -67.91
C VAL P 167 10.06 -7.20 -66.86
N ILE P 168 10.43 -8.20 -66.05
CA ILE P 168 9.53 -8.68 -65.00
C ILE P 168 9.28 -7.57 -63.97
N THR P 169 10.33 -6.83 -63.61
CA THR P 169 10.15 -5.71 -62.69
C THR P 169 9.12 -4.74 -63.22
N LYS P 170 9.13 -4.48 -64.51
CA LYS P 170 8.19 -3.52 -65.09
C LYS P 170 6.89 -4.14 -65.61
N LEU P 171 6.70 -5.44 -65.47
CA LEU P 171 5.49 -6.08 -65.96
C LEU P 171 4.22 -5.61 -65.26
N ALA P 172 4.31 -5.19 -64.00
CA ALA P 172 3.10 -4.87 -63.24
C ALA P 172 2.38 -3.63 -63.78
N ALA P 173 3.01 -2.86 -64.65
CA ALA P 173 2.37 -1.68 -65.21
C ALA P 173 1.23 -2.03 -66.17
N GLY P 174 1.09 -3.28 -66.58
CA GLY P 174 0.00 -3.72 -67.41
C GLY P 174 0.22 -3.62 -68.91
N ASP P 175 1.31 -3.00 -69.35
CA ASP P 175 1.61 -2.86 -70.76
C ASP P 175 3.10 -2.59 -70.91
N ARG P 176 3.52 -2.23 -72.11
CA ARG P 176 4.93 -1.97 -72.38
C ARG P 176 5.27 -0.49 -72.17
N SER P 177 4.88 0.04 -71.02
CA SER P 177 5.20 1.42 -70.69
C SER P 177 6.49 1.55 -69.89
N GLY P 178 7.00 0.44 -69.35
CA GLY P 178 8.24 0.45 -68.62
C GLY P 178 9.42 0.07 -69.49
N LEU P 179 9.22 0.09 -70.80
CA LEU P 179 10.30 -0.27 -71.72
C LEU P 179 11.46 0.71 -71.61
N THR P 180 11.16 2.01 -71.49
CA THR P 180 12.22 3.00 -71.36
C THR P 180 13.01 2.79 -70.08
N ALA P 181 12.32 2.48 -68.97
CA ALA P 181 13.01 2.19 -67.73
C ALA P 181 13.87 0.94 -67.84
N VAL P 182 13.36 -0.08 -68.55
CA VAL P 182 14.14 -1.29 -68.76
C VAL P 182 15.42 -0.98 -69.53
N ILE P 183 15.31 -0.19 -70.59
CA ILE P 183 16.49 0.16 -71.38
C ILE P 183 17.48 0.97 -70.56
N ARG P 184 16.97 1.95 -69.79
CA ARG P 184 17.86 2.78 -68.98
C ARG P 184 18.60 1.95 -67.93
N ARG P 185 17.89 1.06 -67.25
CA ARG P 185 18.55 0.24 -66.22
C ARG P 185 19.48 -0.80 -66.83
N ALA P 186 19.15 -1.29 -68.04
CA ALA P 186 20.04 -2.22 -68.71
C ALA P 186 21.24 -1.53 -69.31
N ASN P 187 21.20 -0.20 -69.45
CA ASN P 187 22.40 0.53 -69.82
C ASN P 187 23.25 0.87 -68.60
N ASN P 188 22.61 1.24 -67.48
CA ASN P 188 23.35 1.47 -66.25
C ASN P 188 24.03 0.18 -65.78
N VAL P 189 23.24 -0.83 -65.46
CA VAL P 189 23.78 -2.16 -65.23
C VAL P 189 24.22 -2.73 -66.57
N LEU P 190 25.14 -3.69 -66.54
CA LEU P 190 25.51 -4.46 -67.73
C LEU P 190 26.19 -3.61 -68.81
N LYS P 191 26.81 -2.49 -68.43
CA LYS P 191 27.48 -1.67 -69.44
C LYS P 191 28.75 -2.33 -69.96
N ASN P 192 29.48 -3.03 -69.09
CA ASN P 192 30.62 -3.82 -69.53
C ASN P 192 30.20 -4.87 -70.54
N GLU P 193 29.07 -5.54 -70.29
CA GLU P 193 28.56 -6.51 -71.26
C GLU P 193 28.15 -5.84 -72.56
N MET P 194 27.52 -4.67 -72.47
CA MET P 194 27.11 -3.98 -73.70
C MET P 194 28.32 -3.52 -74.50
N LYS P 195 29.47 -3.35 -73.84
CA LYS P 195 30.73 -3.35 -74.59
C LYS P 195 31.00 -4.70 -75.22
N ARG P 196 31.07 -5.73 -74.37
CA ARG P 196 31.64 -7.01 -74.73
C ARG P 196 30.82 -7.76 -75.77
N TYR P 197 29.49 -7.62 -75.76
CA TYR P 197 28.64 -8.36 -76.68
C TYR P 197 28.04 -7.45 -77.73
N LYS P 198 28.22 -7.83 -78.99
CA LYS P 198 27.77 -7.03 -80.12
C LYS P 198 26.25 -6.98 -80.23
N GLY P 199 25.59 -8.09 -79.93
CA GLY P 199 24.16 -8.23 -80.08
C GLY P 199 23.35 -8.01 -78.83
N LEU P 200 23.98 -7.52 -77.77
CA LEU P 200 23.26 -7.23 -76.54
C LEU P 200 22.52 -5.92 -76.74
N LEU P 201 21.37 -6.00 -77.40
CA LEU P 201 20.53 -4.84 -77.61
C LEU P 201 19.39 -4.89 -76.61
N PRO P 202 19.39 -4.05 -75.56
CA PRO P 202 18.37 -4.20 -74.52
C PRO P 202 16.95 -4.06 -75.02
N LYS P 203 16.70 -3.17 -75.99
CA LYS P 203 15.33 -2.90 -76.40
C LYS P 203 14.72 -4.09 -77.14
N ASP P 204 15.49 -4.71 -78.03
CA ASP P 204 14.98 -5.84 -78.79
C ASP P 204 14.70 -7.04 -77.89
N ILE P 205 15.63 -7.34 -76.98
CA ILE P 205 15.43 -8.45 -76.06
C ILE P 205 14.25 -8.17 -75.13
N ALA P 206 14.13 -6.92 -74.67
CA ALA P 206 13.02 -6.56 -73.80
C ALA P 206 11.68 -6.70 -74.53
N ASN P 207 11.63 -6.29 -75.79
CA ASN P 207 10.40 -6.45 -76.57
C ASN P 207 10.08 -7.92 -76.78
N SER P 208 11.10 -8.74 -77.03
CA SER P 208 10.87 -10.18 -77.19
C SER P 208 10.31 -10.79 -75.91
N PHE P 209 10.84 -10.39 -74.76
CA PHE P 209 10.36 -10.96 -73.51
C PHE P 209 8.95 -10.44 -73.18
N TYR P 210 8.67 -9.18 -73.49
CA TYR P 210 7.32 -8.67 -73.36
C TYR P 210 6.34 -9.49 -74.20
N GLU P 211 6.70 -9.75 -75.46
CA GLU P 211 5.85 -10.55 -76.32
C GLU P 211 5.62 -11.95 -75.76
N VAL P 212 6.69 -12.62 -75.33
CA VAL P 212 6.53 -14.00 -74.88
C VAL P 212 5.73 -14.05 -73.59
N PHE P 213 5.87 -13.05 -72.73
CA PHE P 213 5.08 -13.03 -71.50
C PHE P 213 3.61 -12.72 -71.79
N GLU P 214 3.35 -11.91 -72.82
CA GLU P 214 1.97 -11.63 -73.18
C GLU P 214 1.30 -12.86 -73.79
N LYS P 215 2.00 -13.57 -74.68
CA LYS P 215 1.38 -14.69 -75.37
C LYS P 215 1.21 -15.90 -74.44
N HIS P 216 2.19 -16.18 -73.59
CA HIS P 216 2.20 -17.35 -72.73
C HIS P 216 2.23 -16.92 -71.28
N PRO P 217 1.08 -16.74 -70.64
CA PRO P 217 1.07 -16.34 -69.22
C PRO P 217 1.67 -17.38 -68.29
N HIS P 218 1.76 -18.64 -68.70
CA HIS P 218 2.41 -19.64 -67.85
C HIS P 218 3.92 -19.46 -67.80
N PHE P 219 4.49 -18.81 -68.81
CA PHE P 219 5.92 -18.53 -68.77
C PHE P 219 6.27 -17.52 -67.70
N ILE P 220 5.34 -16.63 -67.36
CA ILE P 220 5.57 -15.73 -66.24
C ILE P 220 5.71 -16.52 -64.94
N ASP P 221 4.81 -17.48 -64.73
CA ASP P 221 4.90 -18.32 -63.54
C ASP P 221 6.20 -19.11 -63.52
N VAL P 222 6.56 -19.71 -64.66
CA VAL P 222 7.78 -20.50 -64.74
C VAL P 222 9.00 -19.62 -64.45
N PHE P 223 9.04 -18.42 -65.03
CA PHE P 223 10.19 -17.55 -64.84
C PHE P 223 10.27 -17.04 -63.41
N VAL P 224 9.14 -16.72 -62.78
CA VAL P 224 9.17 -16.25 -61.41
C VAL P 224 9.69 -17.35 -60.49
N HIS P 225 9.23 -18.58 -60.69
CA HIS P 225 9.71 -19.64 -59.82
C HIS P 225 11.15 -20.03 -60.13
N PHE P 226 11.58 -19.89 -61.39
CA PHE P 226 12.99 -20.05 -61.70
C PHE P 226 13.83 -19.00 -61.00
N GLY P 227 13.36 -17.75 -61.00
CA GLY P 227 14.11 -16.70 -60.32
C GLY P 227 14.18 -16.90 -58.83
N ILE P 228 13.12 -17.43 -58.24
CA ILE P 228 13.16 -17.73 -56.81
C ILE P 228 14.12 -18.89 -56.53
N ALA P 229 14.11 -19.92 -57.38
CA ALA P 229 15.03 -21.04 -57.19
C ALA P 229 16.47 -20.62 -57.40
N GLN P 230 16.73 -19.77 -58.39
CA GLN P 230 18.08 -19.27 -58.62
C GLN P 230 18.56 -18.41 -57.46
N SER P 231 17.69 -17.57 -56.91
CA SER P 231 18.04 -16.73 -55.79
C SER P 231 18.18 -17.51 -54.49
N SER P 232 17.82 -18.78 -54.47
CA SER P 232 17.99 -19.64 -53.30
C SER P 232 19.27 -20.45 -53.33
N THR P 233 20.15 -20.19 -54.30
CA THR P 233 21.41 -20.92 -54.37
C THR P 233 22.39 -20.40 -53.33
N ARG P 234 23.42 -21.21 -53.08
CA ARG P 234 24.46 -20.84 -52.13
C ARG P 234 25.43 -19.81 -52.68
N GLY P 235 25.49 -19.66 -54.00
CA GLY P 235 26.40 -18.71 -54.61
C GLY P 235 26.45 -18.92 -56.11
N GLY P 236 27.30 -18.15 -56.75
CA GLY P 236 27.44 -18.24 -58.20
C GLY P 236 28.39 -17.17 -58.72
N SER P 237 28.31 -16.96 -60.03
CA SER P 237 29.13 -15.96 -60.69
C SER P 237 28.59 -14.56 -60.40
N ARG P 238 29.25 -13.54 -60.96
CA ARG P 238 28.81 -12.18 -60.73
C ARG P 238 27.59 -11.84 -61.56
N VAL P 239 27.44 -12.47 -62.73
CA VAL P 239 26.25 -12.25 -63.54
C VAL P 239 25.02 -12.84 -62.88
N GLU P 240 25.18 -13.98 -62.20
CA GLU P 240 24.07 -14.54 -61.44
C GLU P 240 23.72 -13.65 -60.26
N GLY P 241 24.71 -13.02 -59.65
CA GLY P 241 24.42 -12.03 -58.61
C GLY P 241 23.68 -10.83 -59.15
N ILE P 242 24.05 -10.38 -60.35
CA ILE P 242 23.31 -9.28 -60.97
C ILE P 242 21.88 -9.69 -61.23
N PHE P 243 21.67 -10.92 -61.74
CA PHE P 243 20.32 -11.39 -61.99
C PHE P 243 19.51 -11.46 -60.71
N ALA P 244 20.11 -11.94 -59.62
CA ALA P 244 19.39 -12.02 -58.35
C ALA P 244 19.02 -10.63 -57.85
N GLY P 245 19.95 -9.68 -57.96
CA GLY P 245 19.65 -8.32 -57.54
C GLY P 245 18.55 -7.67 -58.35
N LEU P 246 18.57 -7.89 -59.67
CA LEU P 246 17.53 -7.33 -60.52
C LEU P 246 16.21 -8.03 -60.35
N PHE P 247 16.22 -9.33 -60.02
CA PHE P 247 14.99 -10.07 -59.82
C PHE P 247 14.32 -9.69 -58.50
N MET P 248 15.09 -9.49 -57.44
CA MET P 248 14.46 -9.08 -56.19
C MET P 248 14.07 -7.60 -56.22
N ASN P 249 14.50 -6.87 -57.25
CA ASN P 249 13.94 -5.54 -57.49
C ASN P 249 12.48 -5.60 -57.89
N ALA P 250 12.00 -6.76 -58.34
CA ALA P 250 10.61 -6.94 -58.71
C ALA P 250 9.72 -7.30 -57.53
N TYR P 251 10.31 -7.60 -56.37
CA TYR P 251 9.52 -7.94 -55.20
C TYR P 251 8.72 -6.72 -54.75
N GLY P 252 7.42 -6.89 -54.59
CA GLY P 252 6.55 -5.80 -54.21
C GLY P 252 6.11 -4.92 -55.34
N ALA P 253 6.37 -5.31 -56.59
CA ALA P 253 5.89 -4.54 -57.72
C ALA P 253 4.37 -4.60 -57.79
N GLY P 254 3.75 -3.46 -58.04
CA GLY P 254 2.32 -3.35 -58.00
C GLY P 254 1.75 -3.05 -56.63
N GLN P 255 2.58 -2.93 -55.60
CA GLN P 255 2.15 -2.66 -54.24
C GLN P 255 2.95 -1.51 -53.64
N VAL P 256 3.20 -0.47 -54.42
CA VAL P 256 3.99 0.65 -53.94
C VAL P 256 3.27 1.41 -52.84
N MET P 257 1.93 1.39 -52.84
CA MET P 257 1.19 2.21 -51.89
C MET P 257 1.36 1.72 -50.47
N LEU P 258 1.56 0.41 -50.28
CA LEU P 258 1.82 -0.10 -48.94
C LEU P 258 3.14 0.46 -48.39
N ARG P 259 4.18 0.46 -49.22
CA ARG P 259 5.47 0.99 -48.81
C ARG P 259 5.38 2.50 -48.57
N TRP P 260 4.65 3.22 -49.42
CA TRP P 260 4.52 4.65 -49.23
C TRP P 260 3.66 4.99 -48.02
N GLY P 261 2.71 4.13 -47.66
CA GLY P 261 1.98 4.33 -46.43
C GLY P 261 2.83 4.13 -45.21
N VAL P 262 3.69 3.10 -45.23
CA VAL P 262 4.65 2.92 -44.14
C VAL P 262 5.56 4.14 -44.05
N LEU P 263 5.95 4.68 -45.20
CA LEU P 263 6.79 5.88 -45.22
C LEU P 263 6.06 7.07 -44.62
N ALA P 264 4.80 7.27 -44.98
CA ALA P 264 4.04 8.39 -44.44
C ALA P 264 3.84 8.24 -42.94
N LYS P 265 3.74 7.00 -42.45
CA LYS P 265 3.72 6.80 -41.01
C LYS P 265 5.07 7.17 -40.40
N SER P 266 6.17 6.84 -41.08
CA SER P 266 7.49 7.08 -40.52
C SER P 266 7.80 8.57 -40.42
N VAL P 267 7.50 9.35 -41.46
CA VAL P 267 7.72 10.78 -41.40
C VAL P 267 6.63 11.51 -40.62
N LYS P 268 5.63 10.79 -40.14
CA LYS P 268 4.66 11.31 -39.16
C LYS P 268 3.87 12.47 -39.73
N ASN P 269 3.35 12.28 -40.94
CA ASN P 269 2.54 13.30 -41.59
C ASN P 269 1.30 13.59 -40.75
N ILE P 270 0.97 14.87 -40.62
CA ILE P 270 -0.12 15.26 -39.73
C ILE P 270 -1.47 14.87 -40.32
N MET P 271 -1.62 14.93 -41.64
CA MET P 271 -2.92 14.63 -42.24
C MET P 271 -3.33 13.17 -42.06
N LEU P 272 -2.54 12.36 -41.39
CA LEU P 272 -3.01 11.07 -40.94
C LEU P 272 -3.94 11.19 -39.74
N GLY P 273 -3.99 12.37 -39.12
CA GLY P 273 -4.89 12.68 -38.03
C GLY P 273 -6.21 13.28 -38.45
N HIS P 274 -6.46 13.42 -39.75
CA HIS P 274 -7.73 13.93 -40.23
C HIS P 274 -8.86 12.96 -39.86
N ALA P 275 -10.09 13.46 -39.95
CA ALA P 275 -11.24 12.67 -39.50
C ALA P 275 -11.48 11.45 -40.38
N SER P 276 -11.50 11.65 -41.70
CA SER P 276 -11.80 10.55 -42.61
C SER P 276 -10.70 9.51 -42.64
N VAL P 277 -9.44 9.94 -42.56
CA VAL P 277 -8.34 9.00 -42.48
C VAL P 277 -8.48 8.11 -41.25
N GLN P 278 -8.82 8.72 -40.11
CA GLN P 278 -9.00 7.93 -38.90
C GLN P 278 -10.24 7.04 -39.00
N ALA P 279 -11.23 7.45 -39.79
CA ALA P 279 -12.36 6.57 -40.05
C ALA P 279 -11.91 5.31 -40.78
N GLU P 280 -11.03 5.45 -41.76
CA GLU P 280 -10.58 4.32 -42.55
C GLU P 280 -9.45 3.52 -41.92
N MET P 281 -8.86 4.02 -40.84
CA MET P 281 -7.67 3.36 -40.28
C MET P 281 -7.93 1.92 -39.87
N GLU P 282 -9.16 1.59 -39.48
CA GLU P 282 -9.44 0.21 -39.07
C GLU P 282 -9.18 -0.76 -40.21
N GLN P 283 -9.78 -0.50 -41.37
CA GLN P 283 -9.58 -1.38 -42.51
C GLN P 283 -8.19 -1.23 -43.11
N VAL P 284 -7.55 -0.07 -42.94
CA VAL P 284 -6.16 0.04 -43.40
C VAL P 284 -5.26 -0.90 -42.60
N VAL P 285 -5.41 -0.92 -41.28
CA VAL P 285 -4.64 -1.84 -40.45
C VAL P 285 -5.02 -3.28 -40.77
N GLU P 286 -6.28 -3.52 -41.08
CA GLU P 286 -6.71 -4.82 -41.58
C GLU P 286 -5.87 -5.26 -42.79
N VAL P 287 -5.74 -4.38 -43.78
CA VAL P 287 -4.99 -4.72 -45.00
C VAL P 287 -3.53 -4.97 -44.67
N TYR P 288 -2.93 -4.13 -43.82
CA TYR P 288 -1.51 -4.30 -43.50
C TYR P 288 -1.26 -5.62 -42.76
N GLU P 289 -2.14 -5.96 -41.82
CA GLU P 289 -2.01 -7.24 -41.13
C GLU P 289 -2.18 -8.41 -42.10
N TYR P 290 -3.08 -8.25 -43.08
CA TYR P 290 -3.22 -9.28 -44.11
C TYR P 290 -1.93 -9.45 -44.92
N ALA P 291 -1.31 -8.33 -45.30
CA ALA P 291 -0.07 -8.40 -46.07
C ALA P 291 1.02 -9.10 -45.28
N GLN P 292 1.12 -8.79 -43.99
CA GLN P 292 2.11 -9.44 -43.15
C GLN P 292 1.83 -10.92 -42.96
N LYS P 293 0.57 -11.31 -42.80
CA LYS P 293 0.24 -12.73 -42.67
C LYS P 293 0.58 -13.49 -43.95
N LEU P 294 0.34 -12.86 -45.11
CA LEU P 294 0.77 -13.47 -46.37
C LEU P 294 2.28 -13.64 -46.39
N GLY P 295 3.02 -12.58 -46.08
CA GLY P 295 4.45 -12.67 -45.98
C GLY P 295 5.19 -12.61 -47.31
N GLY P 296 6.16 -13.52 -47.50
CA GLY P 296 7.02 -13.47 -48.66
C GLY P 296 6.34 -13.73 -49.98
N GLU P 297 5.37 -14.65 -50.01
CA GLU P 297 4.73 -15.02 -51.26
C GLU P 297 3.96 -13.85 -51.88
N ALA P 298 3.55 -12.88 -51.07
CA ALA P 298 2.74 -11.78 -51.56
C ALA P 298 3.50 -10.78 -52.41
N GLY P 299 4.84 -10.87 -52.45
CA GLY P 299 5.61 -9.88 -53.19
C GLY P 299 5.54 -10.03 -54.68
N PHE P 300 5.03 -11.15 -55.18
CA PHE P 300 4.90 -11.40 -56.62
C PHE P 300 3.46 -11.62 -57.04
N TYR P 301 2.50 -11.16 -56.24
CA TYR P 301 1.09 -11.37 -56.57
C TYR P 301 0.69 -10.62 -57.83
N HIS P 302 1.13 -9.37 -57.97
CA HIS P 302 0.72 -8.57 -59.12
C HIS P 302 1.47 -8.95 -60.38
N ILE P 303 2.71 -9.39 -60.26
CA ILE P 303 3.44 -9.88 -61.43
C ILE P 303 2.80 -11.15 -61.95
N LEU P 304 2.44 -12.06 -61.06
CA LEU P 304 1.82 -13.32 -61.44
C LEU P 304 0.34 -13.19 -61.76
N ASN P 305 -0.25 -12.01 -61.57
CA ASN P 305 -1.69 -11.82 -61.69
C ASN P 305 -2.46 -12.75 -60.76
N ASN P 306 -1.96 -12.88 -59.54
CA ASN P 306 -2.66 -13.66 -58.53
C ASN P 306 -4.01 -13.02 -58.25
N PRO P 307 -5.08 -13.81 -58.20
CA PRO P 307 -6.42 -13.22 -57.98
C PRO P 307 -6.54 -12.49 -56.65
N LYS P 308 -5.79 -12.90 -55.64
CA LYS P 308 -5.81 -12.24 -54.34
C LYS P 308 -4.98 -10.97 -54.31
N ALA P 309 -4.50 -10.50 -55.46
CA ALA P 309 -3.78 -9.23 -55.50
C ALA P 309 -4.68 -8.06 -55.16
N SER P 310 -5.95 -8.14 -55.54
CA SER P 310 -6.88 -7.04 -55.29
C SER P 310 -7.16 -6.84 -53.80
N LEU P 311 -6.88 -7.84 -52.97
CA LEU P 311 -7.11 -7.70 -51.54
C LEU P 311 -6.06 -6.83 -50.86
N LEU P 312 -4.92 -6.59 -51.49
CA LEU P 312 -3.85 -5.78 -50.94
C LEU P 312 -3.98 -4.31 -51.32
N SER P 313 -4.99 -3.95 -52.10
CA SER P 313 -5.12 -2.58 -52.58
C SER P 313 -5.48 -1.63 -51.45
N LEU P 314 -4.96 -0.41 -51.56
CA LEU P 314 -5.29 0.66 -50.63
C LEU P 314 -6.11 1.77 -51.28
N THR P 315 -6.35 1.71 -52.58
CA THR P 315 -7.16 2.73 -53.24
C THR P 315 -8.63 2.62 -52.86
N GLN P 316 -9.02 1.54 -52.20
CA GLN P 316 -10.36 1.37 -51.65
C GLN P 316 -10.58 2.22 -50.40
N PHE P 317 -9.56 2.98 -50.01
CA PHE P 317 -9.64 3.96 -48.93
C PHE P 317 -9.17 5.28 -49.51
N PRO P 318 -10.07 6.04 -50.13
CA PRO P 318 -9.64 7.23 -50.89
C PRO P 318 -8.90 8.27 -50.06
N HIS P 319 -9.29 8.47 -48.80
CA HIS P 319 -8.67 9.51 -47.99
C HIS P 319 -7.25 9.12 -47.58
N PHE P 320 -7.08 7.90 -47.08
CA PHE P 320 -5.75 7.44 -46.72
C PHE P 320 -4.83 7.36 -47.93
N SER P 321 -5.35 6.88 -49.06
CA SER P 321 -4.55 6.83 -50.28
C SER P 321 -4.16 8.22 -50.74
N SER P 322 -5.06 9.18 -50.65
CA SER P 322 -4.74 10.55 -51.05
C SER P 322 -3.67 11.14 -50.15
N VAL P 323 -3.77 10.89 -48.84
CA VAL P 323 -2.74 11.39 -47.92
C VAL P 323 -1.39 10.76 -48.24
N VAL P 324 -1.39 9.45 -48.54
CA VAL P 324 -0.14 8.75 -48.84
C VAL P 324 0.49 9.28 -50.12
N LEU P 325 -0.31 9.48 -51.16
CA LEU P 325 0.22 10.05 -52.40
C LEU P 325 0.73 11.47 -52.18
N GLY P 326 0.01 12.27 -51.39
CA GLY P 326 0.49 13.60 -51.10
C GLY P 326 1.82 13.60 -50.38
N ASN P 327 1.97 12.73 -49.39
CA ASN P 327 3.23 12.64 -48.68
C ASN P 327 4.35 12.20 -49.62
N ALA P 328 4.07 11.24 -50.51
CA ALA P 328 5.08 10.80 -51.46
C ALA P 328 5.50 11.93 -52.39
N ALA P 329 4.53 12.71 -52.88
CA ALA P 329 4.85 13.80 -53.79
C ALA P 329 5.60 14.92 -53.08
N GLY P 330 5.27 15.15 -51.81
CA GLY P 330 5.96 16.20 -51.06
C GLY P 330 7.41 15.85 -50.79
N LEU P 331 7.69 14.58 -50.50
CA LEU P 331 9.05 14.14 -50.25
C LEU P 331 9.88 14.05 -51.53
N GLY P 332 9.27 14.23 -52.69
CA GLY P 332 10.00 14.25 -53.94
C GLY P 332 10.40 12.88 -54.46
N ILE P 333 9.64 11.85 -54.12
CA ILE P 333 9.94 10.49 -54.59
C ILE P 333 8.85 9.92 -55.47
N MET P 334 7.80 10.67 -55.80
CA MET P 334 6.68 10.08 -56.53
C MET P 334 7.02 9.91 -58.01
N GLY P 335 7.94 10.72 -58.54
CA GLY P 335 8.38 10.55 -59.91
C GLY P 335 7.25 10.76 -60.90
N GLU P 336 7.12 9.82 -61.85
CA GLU P 336 6.03 9.82 -62.82
C GLU P 336 4.95 8.81 -62.47
N TYR P 337 4.70 8.60 -61.18
CA TYR P 337 3.69 7.64 -60.76
C TYR P 337 2.33 8.11 -61.25
N ARG P 338 1.69 7.30 -62.09
CA ARG P 338 0.53 7.74 -62.84
C ARG P 338 -0.78 7.44 -62.11
N GLY P 339 -0.70 6.94 -60.89
CA GLY P 339 -1.86 6.91 -60.03
C GLY P 339 -2.21 8.29 -59.52
N THR P 340 -3.50 8.58 -59.46
CA THR P 340 -3.96 9.92 -59.15
C THR P 340 -4.78 9.93 -57.87
N PRO P 341 -4.68 10.98 -57.05
CA PRO P 341 -5.47 11.02 -55.82
C PRO P 341 -6.95 11.16 -56.14
N ARG P 342 -7.80 10.63 -55.26
CA ARG P 342 -9.24 10.81 -55.40
C ARG P 342 -9.82 11.68 -54.29
N ASN P 343 -8.96 12.29 -53.48
CA ASN P 343 -9.32 13.39 -52.59
C ASN P 343 -8.24 14.46 -52.79
N GLN P 344 -8.49 15.41 -53.68
CA GLN P 344 -7.47 16.39 -54.03
C GLN P 344 -7.07 17.24 -52.84
N ASP P 345 -8.02 17.55 -51.97
CA ASP P 345 -7.73 18.43 -50.83
C ASP P 345 -6.74 17.79 -49.87
N LEU P 346 -6.98 16.54 -49.47
CA LEU P 346 -6.06 15.85 -48.59
C LEU P 346 -4.71 15.64 -49.25
N TYR P 347 -4.72 15.35 -50.56
CA TYR P 347 -3.48 15.24 -51.31
C TYR P 347 -2.64 16.50 -51.22
N ASP P 348 -3.27 17.66 -51.48
CA ASP P 348 -2.54 18.92 -51.43
C ASP P 348 -2.06 19.23 -50.02
N ALA P 349 -2.90 18.99 -49.01
CA ALA P 349 -2.49 19.27 -47.63
C ALA P 349 -1.30 18.42 -47.22
N ALA P 350 -1.34 17.12 -47.53
CA ALA P 350 -0.24 16.24 -47.19
C ALA P 350 1.02 16.61 -47.97
N LYS P 351 0.87 16.97 -49.24
CA LYS P 351 2.03 17.39 -50.03
C LYS P 351 2.68 18.63 -49.44
N ALA P 352 1.87 19.61 -49.05
CA ALA P 352 2.41 20.83 -48.45
C ALA P 352 3.13 20.52 -47.14
N TYR P 353 2.52 19.70 -46.29
CA TYR P 353 3.18 19.40 -45.02
C TYR P 353 4.48 18.64 -45.24
N ALA P 354 4.50 17.72 -46.21
CA ALA P 354 5.71 16.98 -46.48
C ALA P 354 6.80 17.88 -47.04
N GLU P 355 6.42 18.89 -47.80
CA GLU P 355 7.41 19.86 -48.27
C GLU P 355 7.99 20.68 -47.12
N GLN P 356 7.14 21.16 -46.22
CA GLN P 356 7.66 21.87 -45.05
C GLN P 356 8.36 20.93 -44.07
N LEU P 357 8.25 19.62 -44.27
CA LEU P 357 9.02 18.71 -43.43
C LEU P 357 10.52 18.76 -43.74
N LYS P 358 10.93 19.55 -44.72
CA LYS P 358 12.35 19.59 -45.08
C LYS P 358 12.99 20.93 -44.72
N GLU P 359 12.29 22.04 -44.97
CA GLU P 359 12.78 23.33 -44.48
C GLU P 359 12.51 23.48 -42.99
N ASN P 360 11.33 23.08 -42.54
CA ASN P 360 10.94 23.13 -41.14
C ASN P 360 11.04 21.70 -40.60
N GLY P 361 12.20 21.37 -40.04
CA GLY P 361 12.57 19.98 -39.84
C GLY P 361 11.44 19.10 -39.34
N VAL P 362 11.01 19.30 -38.09
CA VAL P 362 9.92 18.52 -37.51
C VAL P 362 9.06 19.47 -36.70
N ILE P 363 7.87 19.01 -36.34
CA ILE P 363 6.96 19.76 -35.49
C ILE P 363 6.75 18.99 -34.20
N ASN P 364 7.05 19.63 -33.08
CA ASN P 364 6.76 19.05 -31.78
C ASN P 364 5.26 19.17 -31.50
N TYR P 365 4.80 18.43 -30.50
CA TYR P 365 3.41 18.50 -30.08
C TYR P 365 3.35 18.94 -28.62
N SER P 366 4.10 20.01 -28.32
CA SER P 366 4.08 20.68 -27.03
C SER P 366 2.72 21.33 -26.80
N VAL P 367 2.00 21.64 -27.88
CA VAL P 367 0.59 21.99 -27.78
C VAL P 367 -0.09 20.88 -26.99
N LEU P 368 -1.17 21.21 -26.27
CA LEU P 368 -1.82 20.23 -25.40
C LEU P 368 -0.90 19.73 -24.28
N ASP P 369 -0.65 20.57 -23.27
CA ASP P 369 0.00 20.27 -21.98
C ASP P 369 1.52 20.34 -21.97
N LEU P 370 2.18 20.90 -22.98
CA LEU P 370 3.62 21.14 -22.85
C LEU P 370 4.04 22.46 -23.49
N ALA Q 2 31.72 15.88 3.58
CA ALA Q 2 31.11 15.76 2.25
C ALA Q 2 31.78 16.71 1.26
N LEU Q 3 32.11 16.19 0.09
CA LEU Q 3 32.80 17.00 -0.90
C LEU Q 3 31.88 18.05 -1.50
N SER Q 4 30.57 17.91 -1.34
CA SER Q 4 29.62 18.86 -1.91
C SER Q 4 29.65 20.22 -1.22
N LYS Q 5 30.19 20.31 -0.01
CA LYS Q 5 30.25 21.58 0.70
C LYS Q 5 31.60 22.27 0.57
N VAL Q 6 32.47 21.79 -0.32
CA VAL Q 6 33.71 22.49 -0.62
C VAL Q 6 33.35 23.49 -1.74
N LYS Q 7 32.78 24.62 -1.34
CA LYS Q 7 32.31 25.60 -2.29
C LYS Q 7 32.43 26.99 -1.71
N LEU Q 8 32.58 27.98 -2.59
CA LEU Q 8 32.71 29.38 -2.21
C LEU Q 8 31.88 30.22 -3.16
N ASN Q 9 31.02 31.07 -2.59
CA ASN Q 9 30.17 31.96 -3.39
C ASN Q 9 30.83 33.33 -3.48
N ASP Q 10 31.80 33.44 -4.39
CA ASP Q 10 32.62 34.65 -4.45
C ASP Q 10 31.86 35.84 -4.98
N THR Q 11 31.03 35.64 -6.01
CA THR Q 11 30.28 36.75 -6.60
C THR Q 11 29.35 37.39 -5.57
N LEU Q 12 28.59 36.56 -4.86
CA LEU Q 12 27.65 37.07 -3.87
C LEU Q 12 28.36 37.71 -2.69
N ASN Q 13 29.49 37.14 -2.29
CA ASN Q 13 30.26 37.73 -1.18
C ASN Q 13 30.84 39.08 -1.56
N LYS Q 14 31.35 39.20 -2.79
CA LYS Q 14 31.84 40.49 -3.27
C LYS Q 14 30.71 41.52 -3.33
N ASP Q 15 29.54 41.10 -3.81
CA ASP Q 15 28.41 42.02 -3.83
C ASP Q 15 28.02 42.47 -2.44
N GLN Q 16 28.00 41.55 -1.47
CA GLN Q 16 27.64 41.93 -0.11
C GLN Q 16 28.69 42.86 0.49
N LEU Q 17 29.96 42.63 0.17
CA LEU Q 17 31.01 43.54 0.65
C LEU Q 17 30.83 44.93 0.09
N LEU Q 18 30.50 45.03 -1.21
CA LEU Q 18 30.37 46.34 -1.83
C LEU Q 18 29.08 47.05 -1.42
N SER Q 19 28.01 46.30 -1.14
CA SER Q 19 26.73 46.90 -0.80
C SER Q 19 26.59 47.21 0.69
N SER Q 20 27.47 46.68 1.54
CA SER Q 20 27.37 46.92 2.98
C SER Q 20 28.49 47.81 3.50
N SER Q 21 29.03 48.67 2.65
CA SER Q 21 30.07 49.61 3.09
C SER Q 21 29.46 50.62 4.05
N LYS Q 22 30.19 50.91 5.13
CA LYS Q 22 29.75 51.86 6.14
C LYS Q 22 30.48 53.19 6.07
N TYR Q 23 31.26 53.41 5.03
CA TYR Q 23 31.89 54.70 4.76
C TYR Q 23 31.64 55.06 3.30
N THR Q 24 31.58 56.35 3.02
CA THR Q 24 31.28 56.85 1.68
C THR Q 24 32.30 57.89 1.26
N ILE Q 25 32.58 57.92 -0.04
CA ILE Q 25 33.43 58.94 -0.62
C ILE Q 25 32.54 60.03 -1.20
N GLN Q 26 33.14 61.18 -1.46
CA GLN Q 26 32.42 62.31 -2.05
C GLN Q 26 33.38 63.04 -2.98
N ARG Q 27 33.17 62.89 -4.28
CA ARG Q 27 34.05 63.45 -5.30
C ARG Q 27 33.76 64.93 -5.49
N SER Q 28 34.70 65.63 -6.10
CA SER Q 28 34.57 67.05 -6.41
C SER Q 28 34.59 67.23 -7.92
N THR Q 29 33.50 67.77 -8.47
CA THR Q 29 33.40 67.89 -9.91
C THR Q 29 34.43 68.85 -10.50
N GLY Q 30 34.91 69.81 -9.72
CA GLY Q 30 35.82 70.82 -10.21
C GLY Q 30 35.11 72.10 -10.62
N ASP Q 31 34.87 72.23 -11.93
CA ASP Q 31 34.05 73.31 -12.48
C ASP Q 31 32.63 73.26 -11.93
N SER Q 32 32.07 74.45 -11.72
CA SER Q 32 30.73 74.57 -11.17
C SER Q 32 29.70 74.01 -12.14
N ILE Q 33 28.66 73.37 -11.60
CA ILE Q 33 27.58 72.83 -12.40
C ILE Q 33 26.46 73.86 -12.46
N ASP Q 34 26.02 74.18 -13.68
CA ASP Q 34 24.84 75.00 -13.88
C ASP Q 34 23.63 74.11 -13.64
N THR Q 35 22.64 74.61 -12.91
CA THR Q 35 21.45 73.82 -12.65
C THR Q 35 20.21 74.59 -13.10
N PRO Q 36 19.82 74.53 -14.36
CA PRO Q 36 18.59 75.21 -14.79
C PRO Q 36 17.36 74.56 -14.18
N ASN Q 37 16.32 75.37 -14.02
CA ASN Q 37 15.06 74.94 -13.46
C ASN Q 37 14.02 74.87 -14.57
N TYR Q 38 12.77 74.61 -14.19
CA TYR Q 38 11.69 74.55 -15.17
C TYR Q 38 11.47 75.89 -15.87
N ASP Q 39 11.95 76.97 -15.28
CA ASP Q 39 11.69 78.31 -15.80
C ASP Q 39 12.27 78.49 -17.20
N VAL Q 40 13.49 78.01 -17.42
CA VAL Q 40 14.24 78.28 -18.65
C VAL Q 40 14.16 77.12 -19.63
N GLN Q 41 13.24 76.18 -19.40
CA GLN Q 41 13.08 75.06 -20.33
C GLN Q 41 12.67 75.55 -21.71
N LYS Q 42 11.77 76.53 -21.76
CA LYS Q 42 11.35 77.07 -23.04
C LYS Q 42 12.51 77.71 -23.78
N HIS Q 43 13.37 78.46 -23.07
CA HIS Q 43 14.49 79.11 -23.72
C HIS Q 43 15.53 78.11 -24.20
N ILE Q 44 15.79 77.06 -23.41
CA ILE Q 44 16.75 76.06 -23.86
C ILE Q 44 16.22 75.28 -25.06
N ASN Q 45 14.90 75.02 -25.08
CA ASN Q 45 14.31 74.40 -26.25
C ASN Q 45 14.39 75.32 -27.47
N LYS Q 46 14.23 76.62 -27.24
CA LYS Q 46 14.41 77.59 -28.32
C LYS Q 46 15.83 77.53 -28.88
N LEU Q 47 16.82 77.43 -27.98
CA LEU Q 47 18.22 77.35 -28.42
C LEU Q 47 18.47 76.08 -29.23
N CYS Q 48 17.91 74.95 -28.77
CA CYS Q 48 18.05 73.71 -29.53
C CYS Q 48 17.39 73.82 -30.90
N GLY Q 49 16.21 74.44 -30.96
CA GLY Q 49 15.56 74.63 -32.24
C GLY Q 49 16.34 75.52 -33.18
N MET Q 50 16.93 76.59 -32.65
CA MET Q 50 17.76 77.45 -33.47
C MET Q 50 18.97 76.71 -34.00
N LEU Q 51 19.57 75.84 -33.18
CA LEU Q 51 20.66 75.00 -33.68
C LEU Q 51 20.17 74.07 -34.77
N LEU Q 52 18.96 73.52 -34.63
CA LEU Q 52 18.46 72.55 -35.59
C LEU Q 52 18.10 73.17 -36.92
N ILE Q 53 17.50 74.37 -36.93
CA ILE Q 53 17.10 74.98 -38.20
C ILE Q 53 18.26 75.64 -38.93
N THR Q 54 19.44 75.68 -38.33
CA THR Q 54 20.60 76.34 -38.92
C THR Q 54 21.34 75.35 -39.81
N GLU Q 55 21.24 75.52 -41.13
CA GLU Q 55 22.04 74.66 -42.00
C GLU Q 55 23.52 74.97 -41.90
N ASP Q 56 24.34 74.00 -42.32
CA ASP Q 56 25.80 74.11 -42.22
C ASP Q 56 26.21 74.61 -40.83
N ALA Q 57 25.63 73.99 -39.81
CA ALA Q 57 25.69 74.53 -38.46
C ALA Q 57 27.00 74.14 -37.76
N ASN Q 58 27.26 74.83 -36.66
CA ASN Q 58 28.39 74.54 -35.79
C ASN Q 58 27.84 73.86 -34.54
N HIS Q 59 28.09 72.56 -34.40
CA HIS Q 59 27.59 71.79 -33.27
C HIS Q 59 28.63 71.57 -32.18
N LYS Q 60 29.55 72.52 -31.99
CA LYS Q 60 30.57 72.35 -30.97
C LYS Q 60 29.96 72.35 -29.57
N PHE Q 61 28.82 73.02 -29.38
CA PHE Q 61 28.25 73.19 -28.05
C PHE Q 61 26.92 72.46 -27.90
N THR Q 62 26.54 71.60 -28.85
CA THR Q 62 25.24 70.96 -28.81
C THR Q 62 25.13 69.97 -27.67
N GLY Q 63 26.22 69.29 -27.32
CA GLY Q 63 26.18 68.36 -26.21
C GLY Q 63 25.87 69.05 -24.89
N LEU Q 64 26.51 70.18 -24.63
CA LEU Q 64 26.25 70.92 -23.41
C LEU Q 64 24.83 71.47 -23.37
N ILE Q 65 24.32 71.93 -24.53
CA ILE Q 65 22.97 72.47 -24.57
C ILE Q 65 21.94 71.37 -24.35
N GLY Q 66 22.19 70.19 -24.92
CA GLY Q 66 21.31 69.06 -24.66
C GLY Q 66 21.33 68.64 -23.21
N MET Q 67 22.51 68.66 -22.59
CA MET Q 67 22.60 68.35 -21.17
C MET Q 67 21.82 69.37 -20.34
N LEU Q 68 21.93 70.64 -20.70
CA LEU Q 68 21.18 71.68 -20.01
C LEU Q 68 19.68 71.47 -20.18
N TYR Q 69 19.24 71.08 -21.37
CA TYR Q 69 17.82 70.82 -21.57
C TYR Q 69 17.34 69.65 -20.73
N ALA Q 70 18.12 68.57 -20.68
CA ALA Q 70 17.75 67.43 -19.85
C ALA Q 70 17.66 67.83 -18.39
N MET Q 71 18.65 68.59 -17.91
CA MET Q 71 18.65 69.04 -16.53
C MET Q 71 17.51 70.01 -16.21
N SER Q 72 17.09 70.81 -17.18
CA SER Q 72 15.94 71.69 -16.97
C SER Q 72 14.64 70.90 -16.95
N ARG Q 73 14.55 69.83 -17.74
CA ARG Q 73 13.39 68.95 -17.64
C ARG Q 73 13.33 68.27 -16.28
N LEU Q 74 14.47 67.82 -15.76
CA LEU Q 74 14.48 67.20 -14.44
C LEU Q 74 14.10 68.20 -13.36
N GLY Q 75 14.54 69.44 -13.50
CA GLY Q 75 14.39 70.45 -12.49
C GLY Q 75 15.64 70.57 -11.63
N ARG Q 76 15.79 71.74 -11.01
CA ARG Q 76 16.98 72.00 -10.21
C ARG Q 76 17.05 71.10 -8.97
N GLU Q 77 15.91 70.90 -8.31
CA GLU Q 77 15.90 70.06 -7.11
C GLU Q 77 16.36 68.65 -7.44
N ASP Q 78 15.76 68.04 -8.48
CA ASP Q 78 16.11 66.67 -8.82
C ASP Q 78 17.52 66.56 -9.39
N THR Q 79 17.97 67.56 -10.15
CA THR Q 79 19.35 67.54 -10.63
C THR Q 79 20.33 67.57 -9.47
N ILE Q 80 20.10 68.44 -8.50
CA ILE Q 80 20.97 68.51 -7.33
C ILE Q 80 20.94 67.20 -6.57
N LYS Q 81 19.75 66.64 -6.38
CA LYS Q 81 19.62 65.39 -5.63
C LYS Q 81 20.32 64.24 -6.35
N ILE Q 82 20.23 64.20 -7.68
CA ILE Q 82 20.96 63.19 -8.45
C ILE Q 82 22.45 63.34 -8.25
N LEU Q 83 22.95 64.58 -8.31
CA LEU Q 83 24.39 64.78 -8.17
C LEU Q 83 24.88 64.38 -6.78
N ARG Q 84 24.12 64.71 -5.73
CA ARG Q 84 24.49 64.23 -4.40
C ARG Q 84 24.46 62.71 -4.31
N ASP Q 85 23.38 62.08 -4.78
CA ASP Q 85 23.27 60.63 -4.68
C ASP Q 85 24.36 59.92 -5.45
N ALA Q 86 24.84 60.52 -6.54
CA ALA Q 86 25.98 59.95 -7.26
C ALA Q 86 27.28 60.12 -6.51
N GLY Q 87 27.30 60.91 -5.43
CA GLY Q 87 28.49 61.12 -4.65
C GLY Q 87 29.39 62.19 -5.21
N TYR Q 88 28.84 63.39 -5.41
CA TYR Q 88 29.59 64.51 -5.96
C TYR Q 88 29.43 65.73 -5.08
N HIS Q 89 30.49 66.52 -4.98
CA HIS Q 89 30.40 67.87 -4.44
C HIS Q 89 30.17 68.83 -5.58
N VAL Q 90 29.03 69.52 -5.57
CA VAL Q 90 28.59 70.33 -6.69
C VAL Q 90 28.39 71.77 -6.24
N LYS Q 91 28.89 72.69 -7.05
CA LYS Q 91 28.61 74.12 -6.89
C LYS Q 91 27.38 74.42 -7.73
N ALA Q 92 26.22 74.43 -7.09
CA ALA Q 92 24.98 74.66 -7.82
C ALA Q 92 24.91 76.09 -8.31
N ASN Q 93 24.83 76.26 -9.62
CA ASN Q 93 24.84 77.57 -10.26
C ASN Q 93 23.44 77.88 -10.75
N GLY Q 94 22.87 78.98 -10.28
CA GLY Q 94 21.55 79.38 -10.70
C GLY Q 94 21.56 79.87 -12.13
N VAL Q 95 20.58 79.43 -12.91
CA VAL Q 95 20.43 79.84 -14.31
C VAL Q 95 19.16 80.66 -14.42
N ASP Q 96 19.29 81.88 -14.94
CA ASP Q 96 18.14 82.73 -15.17
C ASP Q 96 18.35 83.49 -16.46
N VAL Q 97 17.26 83.95 -17.03
CA VAL Q 97 17.26 84.59 -18.33
C VAL Q 97 17.42 86.10 -18.16
N THR Q 98 18.22 86.70 -19.04
CA THR Q 98 18.41 88.14 -19.05
C THR Q 98 18.56 88.60 -20.49
N THR Q 99 18.42 89.90 -20.69
CA THR Q 99 18.59 90.53 -22.00
C THR Q 99 19.97 91.12 -22.16
N HIS Q 100 20.51 91.05 -23.38
CA HIS Q 100 21.77 91.65 -23.75
C HIS Q 100 21.56 92.46 -25.01
N ARG Q 101 22.10 93.67 -25.05
CA ARG Q 101 21.93 94.58 -26.17
C ARG Q 101 23.27 94.75 -26.87
N GLN Q 102 23.32 94.49 -28.16
CA GLN Q 102 24.53 94.77 -28.92
C GLN Q 102 24.18 95.22 -30.33
N ASP Q 103 25.15 95.90 -30.95
CA ASP Q 103 24.97 96.50 -32.27
C ASP Q 103 25.73 95.66 -33.30
N ILE Q 104 24.99 94.93 -34.11
CA ILE Q 104 25.55 94.21 -35.25
C ILE Q 104 24.94 94.81 -36.51
N ASN Q 105 25.76 94.88 -37.57
CA ASN Q 105 25.37 95.56 -38.81
C ASN Q 105 25.07 97.03 -38.57
N GLY Q 106 25.65 97.60 -37.52
CA GLY Q 106 25.39 98.97 -37.16
C GLY Q 106 24.00 99.24 -36.65
N LYS Q 107 23.29 98.21 -36.16
CA LYS Q 107 21.91 98.35 -35.72
C LYS Q 107 21.78 97.78 -34.31
N GLU Q 108 21.04 98.48 -33.46
CA GLU Q 108 20.77 98.03 -32.10
C GLU Q 108 19.93 96.77 -32.15
N MET Q 109 20.28 95.76 -31.36
CA MET Q 109 19.57 94.49 -31.41
C MET Q 109 19.32 93.93 -30.01
N LYS Q 110 18.12 93.38 -29.87
CA LYS Q 110 17.63 92.79 -28.63
C LYS Q 110 17.82 91.28 -28.68
N PHE Q 111 18.63 90.76 -27.75
CA PHE Q 111 18.79 89.33 -27.55
C PHE Q 111 18.44 88.96 -26.11
N GLU Q 112 17.84 87.80 -25.95
CA GLU Q 112 17.48 87.25 -24.65
C GLU Q 112 18.30 85.99 -24.44
N VAL Q 113 19.21 86.03 -23.46
CA VAL Q 113 20.19 84.96 -23.24
C VAL Q 113 20.08 84.46 -21.81
N LEU Q 114 20.88 83.46 -21.49
CA LEU Q 114 20.89 82.80 -20.19
C LEU Q 114 22.22 83.05 -19.50
N THR Q 115 22.19 83.07 -18.16
CA THR Q 115 23.40 83.17 -17.34
C THR Q 115 23.93 81.75 -17.13
N LEU Q 116 24.74 81.28 -18.08
CA LEU Q 116 25.38 79.99 -17.98
C LEU Q 116 26.88 80.19 -17.86
N ALA Q 117 27.47 79.64 -16.81
CA ALA Q 117 28.92 79.73 -16.66
C ALA Q 117 29.65 78.92 -17.71
N SER Q 118 29.07 77.81 -18.15
CA SER Q 118 29.72 76.95 -19.12
C SER Q 118 29.55 77.46 -20.55
N LEU Q 119 28.53 78.30 -20.79
CA LEU Q 119 28.20 78.77 -22.13
C LEU Q 119 28.16 80.28 -22.13
N THR Q 120 29.08 80.91 -22.84
CA THR Q 120 29.20 82.36 -22.82
C THR Q 120 28.09 83.01 -23.66
N THR Q 121 27.91 84.31 -23.43
CA THR Q 121 26.87 85.06 -24.13
C THR Q 121 27.14 85.14 -25.63
N GLU Q 122 28.42 85.31 -26.01
CA GLU Q 122 28.76 85.40 -27.42
C GLU Q 122 28.28 84.17 -28.20
N ILE Q 123 28.40 82.99 -27.59
CA ILE Q 123 28.04 81.76 -28.27
C ILE Q 123 26.55 81.73 -28.56
N GLN Q 124 25.73 82.07 -27.57
CA GLN Q 124 24.28 82.11 -27.77
C GLN Q 124 23.88 83.17 -28.79
N ILE Q 125 24.53 84.34 -28.73
CA ILE Q 125 24.25 85.40 -29.70
C ILE Q 125 24.55 84.91 -31.11
N ASN Q 126 25.70 84.26 -31.29
CA ASN Q 126 26.09 83.80 -32.62
C ASN Q 126 25.19 82.69 -33.10
N ILE Q 127 24.74 81.82 -32.19
CA ILE Q 127 23.76 80.80 -32.55
C ILE Q 127 22.51 81.46 -33.09
N GLU Q 128 22.01 82.50 -32.40
CA GLU Q 128 20.83 83.20 -32.87
C GLU Q 128 21.08 83.86 -34.23
N ILE Q 129 22.26 84.45 -34.43
CA ILE Q 129 22.55 85.13 -35.69
C ILE Q 129 22.54 84.13 -36.84
N GLU Q 130 23.22 83.00 -36.66
CA GLU Q 130 23.27 81.99 -37.71
C GLU Q 130 21.88 81.45 -38.00
N SER Q 131 21.10 81.17 -36.95
CA SER Q 131 19.75 80.67 -37.14
C SER Q 131 18.88 81.68 -37.87
N ARG Q 132 18.98 82.96 -37.50
CA ARG Q 132 18.16 83.98 -38.15
C ARG Q 132 18.47 84.12 -39.62
N LYS Q 133 19.76 84.13 -39.98
CA LYS Q 133 20.07 84.34 -41.39
C LYS Q 133 19.79 83.08 -42.22
N SER Q 134 19.98 81.90 -41.63
CA SER Q 134 19.58 80.68 -42.34
C SER Q 134 18.06 80.64 -42.53
N TYR Q 135 17.31 81.06 -41.51
CA TYR Q 135 15.86 81.17 -41.62
C TYR Q 135 15.47 82.16 -42.71
N LYS Q 136 16.14 83.31 -42.76
CA LYS Q 136 15.86 84.29 -43.82
C LYS Q 136 16.10 83.70 -45.19
N LYS Q 137 17.25 83.02 -45.37
CA LYS Q 137 17.59 82.46 -46.68
C LYS Q 137 16.58 81.39 -47.09
N MET Q 138 16.19 80.52 -46.16
CA MET Q 138 15.29 79.43 -46.51
C MET Q 138 13.87 79.94 -46.73
N LEU Q 139 13.46 80.97 -45.98
CA LEU Q 139 12.18 81.62 -46.23
C LEU Q 139 12.17 82.28 -47.60
N LYS Q 140 13.28 82.89 -47.98
CA LYS Q 140 13.40 83.45 -49.33
C LYS Q 140 13.30 82.35 -50.38
N GLU Q 141 13.93 81.21 -50.14
CA GLU Q 141 13.99 80.16 -51.14
C GLU Q 141 12.71 79.33 -51.23
N MET Q 142 11.81 79.40 -50.24
CA MET Q 142 10.54 78.67 -50.37
C MET Q 142 9.30 79.50 -50.04
N GLY Q 143 9.46 80.78 -49.69
CA GLY Q 143 8.31 81.65 -49.60
C GLY Q 143 7.65 81.79 -48.24
N GLU Q 144 7.10 80.70 -47.71
CA GLU Q 144 6.41 80.74 -46.43
C GLU Q 144 6.80 79.52 -45.61
N VAL Q 145 7.02 79.74 -44.31
CA VAL Q 145 7.42 78.68 -43.39
C VAL Q 145 6.19 78.03 -42.76
N ALA Q 146 6.39 76.87 -42.17
CA ALA Q 146 5.39 76.15 -41.40
C ALA Q 146 5.95 75.90 -40.01
N PRO Q 147 5.09 75.56 -39.03
CA PRO Q 147 5.62 75.17 -37.72
C PRO Q 147 6.59 74.01 -37.78
N GLU Q 148 6.61 73.27 -38.88
CA GLU Q 148 7.62 72.22 -39.05
C GLU Q 148 9.02 72.80 -39.14
N TYR Q 149 9.19 73.90 -39.86
CA TYR Q 149 10.49 74.55 -40.05
C TYR Q 149 10.58 75.74 -39.10
N ARG Q 150 10.86 75.48 -37.83
CA ARG Q 150 11.06 76.56 -36.88
C ARG Q 150 11.68 76.01 -35.60
N HIS Q 151 12.21 76.95 -34.80
CA HIS Q 151 12.79 76.64 -33.50
C HIS Q 151 11.74 76.54 -32.39
N ASP Q 152 10.51 76.97 -32.64
CA ASP Q 152 9.49 76.98 -31.61
C ASP Q 152 8.82 75.62 -31.40
N SER Q 153 9.19 74.62 -32.19
CA SER Q 153 8.64 73.28 -32.00
C SER Q 153 9.02 72.75 -30.62
N PRO Q 154 8.12 72.07 -29.91
CA PRO Q 154 8.43 71.64 -28.54
C PRO Q 154 9.27 70.38 -28.46
N ASP Q 155 9.72 69.83 -29.59
CA ASP Q 155 10.50 68.59 -29.60
C ASP Q 155 11.89 68.76 -30.19
N CYS Q 156 12.30 70.01 -30.45
CA CYS Q 156 13.62 70.24 -31.03
C CYS Q 156 14.72 69.80 -30.07
N GLY Q 157 14.56 70.07 -28.78
CA GLY Q 157 15.51 69.55 -27.81
C GLY Q 157 15.49 68.05 -27.69
N MET Q 158 14.31 67.45 -27.82
CA MET Q 158 14.19 66.01 -27.67
C MET Q 158 14.78 65.25 -28.85
N ILE Q 159 14.86 65.86 -30.04
CA ILE Q 159 15.59 65.23 -31.13
C ILE Q 159 17.08 65.13 -30.80
N ILE Q 160 17.64 66.23 -30.30
CA ILE Q 160 19.03 66.22 -29.87
C ILE Q 160 19.24 65.18 -28.77
N LEU Q 161 18.29 65.06 -27.87
CA LEU Q 161 18.41 64.04 -26.83
C LEU Q 161 18.23 62.63 -27.39
N CYS Q 162 17.54 62.47 -28.52
CA CYS Q 162 17.52 61.17 -29.19
C CYS Q 162 18.90 60.81 -29.72
N ILE Q 163 19.59 61.78 -30.31
CA ILE Q 163 20.97 61.53 -30.73
C ILE Q 163 21.84 61.17 -29.53
N ALA Q 164 21.62 61.86 -28.40
CA ALA Q 164 22.34 61.54 -27.18
C ALA Q 164 22.04 60.13 -26.71
N ALA Q 165 20.79 59.69 -26.86
CA ALA Q 165 20.42 58.34 -26.46
C ALA Q 165 21.13 57.30 -27.30
N LEU Q 166 21.26 57.53 -28.61
CA LEU Q 166 22.04 56.62 -29.44
C LEU Q 166 23.50 56.58 -28.99
N VAL Q 167 24.08 57.75 -28.72
CA VAL Q 167 25.46 57.79 -28.23
C VAL Q 167 25.58 57.00 -26.93
N ILE Q 168 24.58 57.10 -26.06
CA ILE Q 168 24.59 56.35 -24.80
C ILE Q 168 24.55 54.86 -25.08
N THR Q 169 23.73 54.44 -26.04
CA THR Q 169 23.70 53.01 -26.39
C THR Q 169 25.08 52.52 -26.79
N LYS Q 170 25.83 53.34 -27.52
CA LYS Q 170 27.16 52.91 -27.97
C LYS Q 170 28.30 53.30 -27.02
N LEU Q 171 28.01 53.95 -25.89
CA LEU Q 171 29.06 54.35 -24.96
C LEU Q 171 29.82 53.17 -24.36
N ALA Q 172 29.20 52.01 -24.21
CA ALA Q 172 29.85 50.91 -23.50
C ALA Q 172 31.05 50.35 -24.25
N ALA Q 173 31.24 50.72 -25.51
CA ALA Q 173 32.39 50.24 -26.28
C ALA Q 173 33.71 50.82 -25.79
N GLY Q 174 33.67 51.86 -24.95
CA GLY Q 174 34.88 52.43 -24.38
C GLY Q 174 35.53 53.53 -25.18
N ASP Q 175 35.05 53.80 -26.39
CA ASP Q 175 35.63 54.85 -27.23
C ASP Q 175 34.59 55.22 -28.28
N ARG Q 176 35.00 56.02 -29.27
CA ARG Q 176 34.09 56.46 -30.32
C ARG Q 176 34.12 55.51 -31.52
N SER Q 177 33.97 54.21 -31.24
CA SER Q 177 33.92 53.23 -32.30
C SER Q 177 32.51 52.93 -32.75
N GLY Q 178 31.50 53.33 -31.99
CA GLY Q 178 30.12 53.14 -32.37
C GLY Q 178 29.55 54.35 -33.07
N LEU Q 179 30.41 55.26 -33.49
CA LEU Q 179 29.94 56.47 -34.18
C LEU Q 179 29.23 56.13 -35.49
N THR Q 180 29.77 55.16 -36.24
CA THR Q 180 29.13 54.76 -37.48
C THR Q 180 27.75 54.17 -37.22
N ALA Q 181 27.63 53.34 -36.19
CA ALA Q 181 26.33 52.78 -35.84
C ALA Q 181 25.36 53.87 -35.42
N VAL Q 182 25.85 54.86 -34.68
CA VAL Q 182 25.01 55.98 -34.26
C VAL Q 182 24.49 56.73 -35.49
N ILE Q 183 25.36 57.01 -36.45
CA ILE Q 183 24.95 57.72 -37.66
C ILE Q 183 23.95 56.89 -38.47
N ARG Q 184 24.20 55.59 -38.60
CA ARG Q 184 23.30 54.73 -39.36
C ARG Q 184 21.93 54.67 -38.72
N ARG Q 185 21.86 54.50 -37.40
CA ARG Q 185 20.57 54.42 -36.73
C ARG Q 185 19.87 55.77 -36.71
N ALA Q 186 20.63 56.86 -36.64
CA ALA Q 186 20.02 58.19 -36.69
C ALA Q 186 19.58 58.56 -38.10
N ASN Q 187 20.04 57.84 -39.11
CA ASN Q 187 19.50 58.02 -40.45
C ASN Q 187 18.27 57.14 -40.67
N ASN Q 188 18.28 55.91 -40.15
CA ASN Q 188 17.10 55.07 -40.22
C ASN Q 188 15.95 55.69 -39.44
N VAL Q 189 16.12 55.83 -38.13
CA VAL Q 189 15.19 56.63 -37.34
C VAL Q 189 15.40 58.10 -37.69
N LEU Q 190 14.38 58.92 -37.44
CA LEU Q 190 14.51 60.38 -37.55
C LEU Q 190 14.78 60.85 -38.98
N LYS Q 191 14.40 60.08 -39.99
CA LYS Q 191 14.64 60.50 -41.37
C LYS Q 191 13.72 61.66 -41.76
N ASN Q 192 12.47 61.64 -41.28
CA ASN Q 192 11.57 62.77 -41.48
C ASN Q 192 12.16 64.04 -40.87
N GLU Q 193 12.74 63.94 -39.68
CA GLU Q 193 13.38 65.10 -39.08
C GLU Q 193 14.59 65.54 -39.89
N MET Q 194 15.38 64.59 -40.38
CA MET Q 194 16.55 64.97 -41.17
C MET Q 194 16.15 65.62 -42.49
N LYS Q 195 14.93 65.37 -42.96
CA LYS Q 195 14.33 66.27 -43.93
C LYS Q 195 14.06 67.63 -43.31
N ARG Q 196 13.27 67.65 -42.26
CA ARG Q 196 12.64 68.86 -41.74
C ARG Q 196 13.66 69.85 -41.17
N TYR Q 197 14.74 69.38 -40.56
CA TYR Q 197 15.70 70.27 -39.93
C TYR Q 197 17.00 70.32 -40.71
N LYS Q 198 17.43 71.55 -41.03
CA LYS Q 198 18.61 71.78 -41.84
C LYS Q 198 19.89 71.40 -41.11
N GLY Q 199 19.95 71.66 -39.82
CA GLY Q 199 21.13 71.45 -39.01
C GLY Q 199 21.16 70.16 -38.24
N LEU Q 200 20.24 69.25 -38.50
CA LEU Q 200 20.23 67.95 -37.84
C LEU Q 200 21.29 67.10 -38.51
N LEU Q 201 22.54 67.31 -38.10
CA LEU Q 201 23.65 66.52 -38.61
C LEU Q 201 24.01 65.48 -37.55
N PRO Q 202 23.69 64.21 -37.76
CA PRO Q 202 23.90 63.22 -36.69
C PRO Q 202 25.35 63.10 -36.23
N LYS Q 203 26.31 63.22 -37.15
CA LYS Q 203 27.70 62.97 -36.79
C LYS Q 203 28.23 64.07 -35.87
N ASP Q 204 27.92 65.33 -36.18
CA ASP Q 204 28.43 66.43 -35.37
C ASP Q 204 27.83 66.41 -33.97
N ILE Q 205 26.52 66.18 -33.87
CA ILE Q 205 25.87 66.11 -32.57
C ILE Q 205 26.40 64.91 -31.78
N ALA Q 206 26.59 63.78 -32.45
CA ALA Q 206 27.12 62.59 -31.78
C ALA Q 206 28.53 62.84 -31.26
N ASN Q 207 29.37 63.53 -32.05
CA ASN Q 207 30.72 63.84 -31.59
C ASN Q 207 30.68 64.80 -30.40
N SER Q 208 29.76 65.78 -30.44
CA SER Q 208 29.62 66.70 -29.32
C SER Q 208 29.22 65.97 -28.05
N PHE Q 209 28.29 65.02 -28.15
CA PHE Q 209 27.85 64.28 -26.98
C PHE Q 209 28.94 63.34 -26.48
N TYR Q 210 29.68 62.72 -27.40
CA TYR Q 210 30.84 61.92 -27.00
C TYR Q 210 31.82 62.76 -26.20
N GLU Q 211 32.13 63.97 -26.71
CA GLU Q 211 33.06 64.85 -26.01
C GLU Q 211 32.55 65.22 -24.63
N VAL Q 212 31.28 65.61 -24.52
CA VAL Q 212 30.78 66.07 -23.22
C VAL Q 212 30.71 64.91 -22.25
N PHE Q 213 30.42 63.70 -22.72
CA PHE Q 213 30.40 62.55 -21.81
C PHE Q 213 31.81 62.16 -21.38
N GLU Q 214 32.80 62.36 -22.25
CA GLU Q 214 34.17 62.07 -21.86
C GLU Q 214 34.69 63.07 -20.85
N LYS Q 215 34.39 64.36 -21.04
CA LYS Q 215 34.95 65.39 -20.16
C LYS Q 215 34.25 65.37 -18.79
N HIS Q 216 32.93 65.20 -18.78
CA HIS Q 216 32.14 65.27 -17.56
C HIS Q 216 31.46 63.93 -17.32
N PRO Q 217 32.08 63.02 -16.57
CA PRO Q 217 31.44 61.73 -16.29
C PRO Q 217 30.17 61.83 -15.46
N HIS Q 218 29.96 62.94 -14.74
CA HIS Q 218 28.72 63.09 -13.99
C HIS Q 218 27.53 63.37 -14.92
N PHE Q 219 27.80 63.89 -16.12
CA PHE Q 219 26.72 64.11 -17.07
C PHE Q 219 26.16 62.79 -17.58
N ILE Q 220 26.96 61.73 -17.60
CA ILE Q 220 26.43 60.42 -17.94
C ILE Q 220 25.41 59.98 -16.92
N ASP Q 221 25.73 60.14 -15.63
CA ASP Q 221 24.79 59.80 -14.57
C ASP Q 221 23.52 60.63 -14.67
N VAL Q 222 23.68 61.94 -14.87
CA VAL Q 222 22.53 62.83 -14.97
C VAL Q 222 21.66 62.44 -16.15
N PHE Q 223 22.27 62.15 -17.31
CA PHE Q 223 21.49 61.80 -18.48
C PHE Q 223 20.80 60.46 -18.33
N VAL Q 224 21.47 59.49 -17.72
CA VAL Q 224 20.84 58.18 -17.53
C VAL Q 224 19.62 58.30 -16.62
N HIS Q 225 19.75 59.07 -15.54
CA HIS Q 225 18.60 59.20 -14.65
C HIS Q 225 17.52 60.09 -15.25
N PHE Q 226 17.88 61.05 -16.09
CA PHE Q 226 16.88 61.78 -16.85
C PHE Q 226 16.13 60.86 -17.81
N GLY Q 227 16.85 59.97 -18.48
CA GLY Q 227 16.19 59.05 -19.38
C GLY Q 227 15.27 58.09 -18.67
N ILE Q 228 15.66 57.66 -17.47
CA ILE Q 228 14.78 56.80 -16.68
C ILE Q 228 13.55 57.56 -16.24
N ALA Q 229 13.71 58.82 -15.81
CA ALA Q 229 12.56 59.61 -15.38
C ALA Q 229 11.64 59.93 -16.55
N GLN Q 230 12.21 60.22 -17.72
CA GLN Q 230 11.40 60.47 -18.91
C GLN Q 230 10.64 59.23 -19.34
N SER Q 231 11.27 58.06 -19.27
CA SER Q 231 10.62 56.82 -19.63
C SER Q 231 9.59 56.37 -18.60
N SER Q 232 9.52 57.02 -17.45
CA SER Q 232 8.53 56.71 -16.43
C SER Q 232 7.30 57.59 -16.54
N THR Q 233 7.17 58.40 -17.58
CA THR Q 233 6.01 59.26 -17.74
C THR Q 233 4.81 58.46 -18.22
N ARG Q 234 3.64 59.05 -18.07
CA ARG Q 234 2.40 58.42 -18.51
C ARG Q 234 2.21 58.49 -20.03
N GLY Q 235 2.91 59.39 -20.69
CA GLY Q 235 2.77 59.53 -22.13
C GLY Q 235 3.49 60.78 -22.60
N GLY Q 236 3.36 61.03 -23.90
CA GLY Q 236 3.99 62.19 -24.48
C GLY Q 236 3.82 62.21 -25.99
N SER Q 237 4.64 63.03 -26.64
CA SER Q 237 4.62 63.14 -28.09
C SER Q 237 5.30 61.93 -28.72
N ARG Q 238 5.35 61.92 -30.05
CA ARG Q 238 5.96 60.79 -30.75
C ARG Q 238 7.47 60.86 -30.68
N VAL Q 239 8.04 62.06 -30.61
CA VAL Q 239 9.49 62.20 -30.47
C VAL Q 239 9.94 61.71 -29.09
N GLU Q 240 9.14 61.95 -28.06
CA GLU Q 240 9.46 61.40 -26.75
C GLU Q 240 9.36 59.88 -26.75
N GLY Q 241 8.41 59.33 -27.50
CA GLY Q 241 8.36 57.89 -27.66
C GLY Q 241 9.59 57.34 -28.37
N ILE Q 242 10.06 58.05 -29.39
CA ILE Q 242 11.29 57.65 -30.07
C ILE Q 242 12.46 57.68 -29.10
N PHE Q 243 12.54 58.74 -28.28
CA PHE Q 243 13.63 58.84 -27.31
C PHE Q 243 13.56 57.69 -26.31
N ALA Q 244 12.37 57.36 -25.84
CA ALA Q 244 12.25 56.25 -24.88
C ALA Q 244 12.66 54.93 -25.52
N GLY Q 245 12.24 54.70 -26.77
CA GLY Q 245 12.64 53.47 -27.44
C GLY Q 245 14.13 53.37 -27.67
N LEU Q 246 14.77 54.49 -28.05
CA LEU Q 246 16.21 54.49 -28.27
C LEU Q 246 16.97 54.41 -26.96
N PHE Q 247 16.42 54.95 -25.87
CA PHE Q 247 17.08 54.90 -24.59
C PHE Q 247 17.02 53.51 -23.99
N MET Q 248 15.89 52.82 -24.11
CA MET Q 248 15.85 51.45 -23.58
C MET Q 248 16.58 50.48 -24.48
N ASN Q 249 17.01 50.91 -25.67
CA ASN Q 249 17.95 50.13 -26.46
C ASN Q 249 19.31 50.05 -25.79
N ALA Q 250 19.60 50.94 -24.86
CA ALA Q 250 20.86 50.93 -24.13
C ALA Q 250 20.84 50.03 -22.92
N TYR Q 251 19.66 49.53 -22.53
CA TYR Q 251 19.57 48.63 -21.39
C TYR Q 251 20.31 47.33 -21.69
N GLY Q 252 21.21 46.94 -20.80
CA GLY Q 252 22.00 45.75 -21.01
C GLY Q 252 23.21 45.93 -21.88
N ALA Q 253 23.56 47.17 -22.23
CA ALA Q 253 24.77 47.41 -23.00
C ALA Q 253 26.00 47.07 -22.17
N GLY Q 254 26.94 46.38 -22.80
CA GLY Q 254 28.10 45.87 -22.10
C GLY Q 254 27.90 44.51 -21.47
N GLN Q 255 26.71 43.92 -21.58
CA GLN Q 255 26.41 42.61 -21.00
C GLN Q 255 25.78 41.70 -22.04
N VAL Q 256 26.30 41.72 -23.27
CA VAL Q 256 25.72 40.91 -24.32
C VAL Q 256 25.92 39.43 -24.06
N MET Q 257 26.98 39.05 -23.35
CA MET Q 257 27.29 37.64 -23.18
C MET Q 257 26.25 36.94 -22.32
N LEU Q 258 25.63 37.64 -21.38
CA LEU Q 258 24.56 37.03 -20.60
C LEU Q 258 23.37 36.66 -21.50
N ARG Q 259 22.98 37.58 -22.38
CA ARG Q 259 21.90 37.31 -23.31
C ARG Q 259 22.26 36.19 -24.27
N TRP Q 260 23.50 36.19 -24.77
CA TRP Q 260 23.90 35.13 -25.69
C TRP Q 260 24.03 33.80 -25.00
N GLY Q 261 24.36 33.78 -23.70
CA GLY Q 261 24.35 32.53 -22.96
C GLY Q 261 22.94 31.99 -22.77
N VAL Q 262 21.98 32.87 -22.47
CA VAL Q 262 20.59 32.44 -22.42
C VAL Q 262 20.16 31.91 -23.77
N LEU Q 263 20.61 32.54 -24.85
CA LEU Q 263 20.28 32.06 -26.19
C LEU Q 263 20.88 30.69 -26.45
N ALA Q 264 22.14 30.47 -26.07
CA ALA Q 264 22.78 29.18 -26.27
C ALA Q 264 22.09 28.10 -25.46
N LYS Q 265 21.55 28.46 -24.29
CA LYS Q 265 20.73 27.51 -23.54
C LYS Q 265 19.44 27.21 -24.29
N SER Q 266 18.85 28.23 -24.91
CA SER Q 266 17.56 28.05 -25.57
C SER Q 266 17.67 27.15 -26.80
N VAL Q 267 18.70 27.37 -27.63
CA VAL Q 267 18.89 26.52 -28.80
C VAL Q 267 19.54 25.20 -28.44
N LYS Q 268 19.87 24.98 -27.17
CA LYS Q 268 20.27 23.67 -26.65
C LYS Q 268 21.54 23.16 -27.33
N ASN Q 269 22.55 24.03 -27.39
CA ASN Q 269 23.82 23.66 -27.98
C ASN Q 269 24.44 22.51 -27.20
N ILE Q 270 24.99 21.53 -27.93
CA ILE Q 270 25.50 20.33 -27.27
C ILE Q 270 26.79 20.61 -26.51
N MET Q 271 27.63 21.52 -27.00
CA MET Q 271 28.89 21.79 -26.33
C MET Q 271 28.73 22.42 -24.95
N LEU Q 272 27.49 22.63 -24.51
CA LEU Q 272 27.27 22.95 -23.10
C LEU Q 272 27.41 21.72 -22.22
N GLY Q 273 27.45 20.53 -22.82
CA GLY Q 273 27.67 19.28 -22.14
C GLY Q 273 29.12 18.84 -22.05
N HIS Q 274 30.04 19.65 -22.53
CA HIS Q 274 31.46 19.35 -22.44
C HIS Q 274 31.88 19.33 -20.96
N ALA Q 275 33.06 18.75 -20.71
CA ALA Q 275 33.51 18.56 -19.33
C ALA Q 275 33.83 19.89 -18.65
N SER Q 276 34.60 20.75 -19.32
CA SER Q 276 35.03 21.99 -18.70
C SER Q 276 33.87 22.98 -18.53
N VAL Q 277 32.94 23.00 -19.50
CA VAL Q 277 31.76 23.83 -19.35
C VAL Q 277 30.97 23.42 -18.12
N GLN Q 278 30.79 22.11 -17.93
CA GLN Q 278 30.07 21.63 -16.76
C GLN Q 278 30.86 21.89 -15.47
N ALA Q 279 32.19 21.95 -15.57
CA ALA Q 279 32.98 22.35 -14.42
C ALA Q 279 32.66 23.79 -14.01
N GLU Q 280 32.52 24.68 -14.99
CA GLU Q 280 32.27 26.10 -14.70
C GLU Q 280 30.81 26.43 -14.45
N MET Q 281 29.89 25.49 -14.71
CA MET Q 281 28.46 25.81 -14.63
C MET Q 281 28.04 26.30 -13.25
N GLU Q 282 28.73 25.87 -12.18
CA GLU Q 282 28.35 26.31 -10.84
C GLU Q 282 28.48 27.83 -10.72
N GLN Q 283 29.65 28.36 -11.07
CA GLN Q 283 29.86 29.80 -10.98
C GLN Q 283 29.10 30.54 -12.07
N VAL Q 284 28.83 29.90 -13.21
CA VAL Q 284 28.00 30.56 -14.21
C VAL Q 284 26.59 30.79 -13.67
N VAL Q 285 26.00 29.79 -13.04
CA VAL Q 285 24.68 29.94 -12.44
C VAL Q 285 24.75 30.96 -11.30
N GLU Q 286 25.86 30.97 -10.58
CA GLU Q 286 26.10 32.02 -9.57
C GLU Q 286 25.96 33.41 -10.17
N VAL Q 287 26.63 33.65 -11.30
CA VAL Q 287 26.58 34.96 -11.94
C VAL Q 287 25.17 35.30 -12.40
N TYR Q 288 24.47 34.33 -13.00
CA TYR Q 288 23.13 34.60 -13.49
C TYR Q 288 22.16 34.92 -12.35
N GLU Q 289 22.26 34.18 -11.25
CA GLU Q 289 21.43 34.48 -10.09
C GLU Q 289 21.76 35.85 -9.52
N TYR Q 290 23.03 36.24 -9.56
CA TYR Q 290 23.41 37.58 -9.14
C TYR Q 290 22.77 38.64 -10.02
N ALA Q 291 22.80 38.44 -11.33
CA ALA Q 291 22.21 39.40 -12.25
C ALA Q 291 20.71 39.55 -12.01
N GLN Q 292 20.04 38.43 -11.76
CA GLN Q 292 18.61 38.48 -11.47
C GLN Q 292 18.31 39.16 -10.14
N LYS Q 293 19.14 38.92 -9.11
CA LYS Q 293 18.92 39.59 -7.84
C LYS Q 293 19.12 41.09 -7.97
N LEU Q 294 20.11 41.50 -8.77
CA LEU Q 294 20.27 42.93 -9.06
C LEU Q 294 19.03 43.49 -9.74
N GLY Q 295 18.57 42.82 -10.80
CA GLY Q 295 17.34 43.22 -11.45
C GLY Q 295 17.49 44.37 -12.42
N GLY Q 296 16.57 45.34 -12.34
CA GLY Q 296 16.51 46.41 -13.31
C GLY Q 296 17.69 47.35 -13.28
N GLU Q 297 18.22 47.66 -12.09
CA GLU Q 297 19.30 48.64 -11.99
C GLU Q 297 20.56 48.17 -12.70
N ALA Q 298 20.73 46.86 -12.87
CA ALA Q 298 21.95 46.32 -13.45
C ALA Q 298 22.07 46.57 -14.95
N GLY Q 299 21.01 47.03 -15.61
CA GLY Q 299 21.06 47.20 -17.05
C GLY Q 299 21.88 48.38 -17.51
N PHE Q 300 22.24 49.29 -16.59
CA PHE Q 300 23.03 50.46 -16.93
C PHE Q 300 24.35 50.50 -16.17
N TYR Q 301 24.82 49.35 -15.67
CA TYR Q 301 26.06 49.32 -14.90
C TYR Q 301 27.26 49.68 -15.75
N HIS Q 302 27.34 49.16 -16.98
CA HIS Q 302 28.50 49.41 -17.82
C HIS Q 302 28.48 50.79 -18.43
N ILE Q 303 27.29 51.32 -18.73
CA ILE Q 303 27.20 52.70 -19.22
C ILE Q 303 27.64 53.67 -18.15
N LEU Q 304 27.19 53.46 -16.91
CA LEU Q 304 27.53 54.33 -15.80
C LEU Q 304 28.92 54.07 -15.24
N ASN Q 305 29.61 53.05 -15.73
CA ASN Q 305 30.89 52.61 -15.15
C ASN Q 305 30.74 52.26 -13.67
N ASN Q 306 29.65 51.57 -13.35
CA ASN Q 306 29.45 51.10 -11.99
C ASN Q 306 30.56 50.12 -11.62
N PRO Q 307 31.17 50.26 -10.45
CA PRO Q 307 32.28 49.36 -10.09
C PRO Q 307 31.87 47.90 -10.04
N LYS Q 308 30.61 47.60 -9.73
CA LYS Q 308 30.12 46.24 -9.68
C LYS Q 308 29.80 45.68 -11.05
N ALA Q 309 30.17 46.38 -12.12
CA ALA Q 309 29.96 45.85 -13.46
C ALA Q 309 30.83 44.63 -13.72
N SER Q 310 32.03 44.60 -13.14
CA SER Q 310 32.94 43.48 -13.36
C SER Q 310 32.43 42.18 -12.77
N LEU Q 311 31.48 42.23 -11.83
CA LEU Q 311 30.93 41.03 -11.24
C LEU Q 311 29.98 40.30 -12.17
N LEU Q 312 29.48 40.96 -13.20
CA LEU Q 312 28.56 40.35 -14.15
C LEU Q 312 29.28 39.70 -15.33
N SER Q 313 30.60 39.78 -15.38
CA SER Q 313 31.35 39.27 -16.52
C SER Q 313 31.29 37.76 -16.59
N LEU Q 314 31.29 37.24 -17.81
CA LEU Q 314 31.35 35.80 -18.06
C LEU Q 314 32.66 35.38 -18.70
N THR Q 315 33.53 36.32 -19.06
CA THR Q 315 34.81 35.96 -19.65
C THR Q 315 35.75 35.32 -18.63
N GLN Q 316 35.41 35.37 -17.36
CA GLN Q 316 36.13 34.68 -16.30
C GLN Q 316 35.87 33.18 -16.30
N PHE Q 317 35.07 32.72 -17.25
CA PHE Q 317 34.83 31.31 -17.51
C PHE Q 317 35.14 31.06 -18.97
N PRO Q 318 36.41 30.82 -19.30
CA PRO Q 318 36.80 30.78 -20.73
C PRO Q 318 36.05 29.74 -21.56
N HIS Q 319 35.76 28.57 -20.99
CA HIS Q 319 35.11 27.52 -21.77
C HIS Q 319 33.66 27.85 -22.08
N PHE Q 320 32.91 28.27 -21.06
CA PHE Q 320 31.52 28.66 -21.27
C PHE Q 320 31.42 29.86 -22.19
N SER Q 321 32.31 30.85 -22.01
CA SER Q 321 32.31 32.01 -22.89
C SER Q 321 32.62 31.63 -24.32
N SER Q 322 33.57 30.72 -24.52
CA SER Q 322 33.90 30.28 -25.87
C SER Q 322 32.74 29.55 -26.52
N VAL Q 323 32.05 28.70 -25.77
CA VAL Q 323 30.88 28.02 -26.30
C VAL Q 323 29.79 29.02 -26.67
N VAL Q 324 29.59 30.03 -25.83
CA VAL Q 324 28.56 31.03 -26.09
C VAL Q 324 28.88 31.85 -27.34
N LEU Q 325 30.14 32.27 -27.49
CA LEU Q 325 30.54 32.99 -28.69
C LEU Q 325 30.42 32.12 -29.93
N GLY Q 326 30.79 30.85 -29.82
CA GLY Q 326 30.63 29.95 -30.96
C GLY Q 326 29.18 29.80 -31.37
N ASN Q 327 28.29 29.63 -30.40
CA ASN Q 327 26.88 29.52 -30.72
C ASN Q 327 26.36 30.81 -31.37
N ALA Q 328 26.79 31.96 -30.86
CA ALA Q 328 26.37 33.23 -31.46
C ALA Q 328 26.86 33.35 -32.89
N ALA Q 329 28.11 32.96 -33.16
CA ALA Q 329 28.65 33.08 -34.50
C ALA Q 329 27.98 32.08 -35.45
N GLY Q 330 27.64 30.90 -34.94
CA GLY Q 330 26.99 29.91 -35.78
C GLY Q 330 25.58 30.32 -36.18
N LEU Q 331 24.84 30.96 -35.27
CA LEU Q 331 23.50 31.43 -35.58
C LEU Q 331 23.50 32.66 -36.47
N GLY Q 332 24.66 33.24 -36.75
CA GLY Q 332 24.75 34.38 -37.64
C GLY Q 332 24.32 35.70 -37.05
N ILE Q 333 24.45 35.86 -35.73
CA ILE Q 333 24.09 37.11 -35.09
C ILE Q 333 25.27 37.81 -34.43
N MET Q 334 26.49 37.30 -34.56
CA MET Q 334 27.62 37.88 -33.83
C MET Q 334 28.09 39.17 -34.47
N GLY Q 335 27.85 39.35 -35.77
CA GLY Q 335 28.19 40.59 -36.44
C GLY Q 335 29.69 40.88 -36.39
N GLU Q 336 30.03 42.10 -36.01
CA GLU Q 336 31.41 42.52 -35.82
C GLU Q 336 31.81 42.57 -34.35
N TYR Q 337 31.25 41.66 -33.54
CA TYR Q 337 31.57 41.66 -32.12
C TYR Q 337 33.04 41.35 -31.94
N ARG Q 338 33.78 42.27 -31.33
CA ARG Q 338 35.23 42.23 -31.35
C ARG Q 338 35.80 41.50 -30.14
N GLY Q 339 34.93 40.92 -29.31
CA GLY Q 339 35.40 39.98 -28.32
C GLY Q 339 35.79 38.66 -28.96
N THR Q 340 36.86 38.07 -28.45
CA THR Q 340 37.45 36.89 -29.09
C THR Q 340 37.42 35.71 -28.14
N PRO Q 341 37.19 34.49 -28.64
CA PRO Q 341 37.18 33.33 -27.75
C PRO Q 341 38.56 33.06 -27.21
N ARG Q 342 38.62 32.49 -26.00
CA ARG Q 342 39.89 32.07 -25.42
C ARG Q 342 40.01 30.56 -25.31
N ASN Q 343 39.07 29.83 -25.90
CA ASN Q 343 39.18 28.40 -26.18
C ASN Q 343 38.71 28.21 -27.62
N GLN Q 344 39.67 28.21 -28.56
CA GLN Q 344 39.32 28.18 -29.97
C GLN Q 344 38.60 26.89 -30.33
N ASP Q 345 38.98 25.78 -29.71
CA ASP Q 345 38.39 24.49 -30.06
C ASP Q 345 36.90 24.44 -29.71
N LEU Q 346 36.53 24.84 -28.49
CA LEU Q 346 35.13 24.87 -28.11
C LEU Q 346 34.35 25.87 -28.96
N TYR Q 347 34.99 27.00 -29.27
CA TYR Q 347 34.35 27.99 -30.14
C TYR Q 347 34.00 27.38 -31.49
N ASP Q 348 34.96 26.71 -32.12
CA ASP Q 348 34.72 26.11 -33.43
C ASP Q 348 33.66 25.01 -33.35
N ALA Q 349 33.72 24.17 -32.32
CA ALA Q 349 32.74 23.10 -32.18
C ALA Q 349 31.33 23.64 -32.02
N ALA Q 350 31.16 24.64 -31.15
CA ALA Q 350 29.86 25.24 -30.96
C ALA Q 350 29.37 25.95 -32.21
N LYS Q 351 30.27 26.64 -32.92
CA LYS Q 351 29.90 27.30 -34.15
C LYS Q 351 29.41 26.30 -35.19
N ALA Q 352 30.12 25.17 -35.34
CA ALA Q 352 29.71 24.15 -36.28
C ALA Q 352 28.35 23.57 -35.91
N TYR Q 353 28.14 23.25 -34.63
CA TYR Q 353 26.86 22.69 -34.25
C TYR Q 353 25.73 23.69 -34.45
N ALA Q 354 25.98 24.97 -34.18
CA ALA Q 354 24.93 25.97 -34.38
C ALA Q 354 24.61 26.14 -35.85
N GLU Q 355 25.62 25.98 -36.72
CA GLU Q 355 25.36 26.02 -38.15
C GLU Q 355 24.51 24.84 -38.61
N GLN Q 356 24.85 23.63 -38.16
CA GLN Q 356 23.99 22.49 -38.49
C GLN Q 356 22.66 22.53 -37.76
N LEU Q 357 22.48 23.44 -36.81
CA LEU Q 357 21.16 23.58 -36.21
C LEU Q 357 20.15 24.21 -37.16
N LYS Q 358 20.57 24.59 -38.37
CA LYS Q 358 19.63 25.22 -39.29
C LYS Q 358 19.31 24.33 -40.49
N GLU Q 359 20.31 23.64 -41.05
CA GLU Q 359 20.03 22.63 -42.07
C GLU Q 359 19.48 21.36 -41.44
N ASN Q 360 20.07 20.94 -40.33
CA ASN Q 360 19.64 19.75 -39.60
C ASN Q 360 18.89 20.24 -38.37
N GLY Q 361 17.55 20.35 -38.51
CA GLY Q 361 16.77 21.17 -37.59
C GLY Q 361 17.16 21.00 -36.13
N VAL Q 362 16.89 19.83 -35.56
CA VAL Q 362 17.22 19.56 -34.16
C VAL Q 362 17.74 18.13 -34.08
N ILE Q 363 18.37 17.81 -32.96
CA ILE Q 363 18.86 16.46 -32.68
C ILE Q 363 18.11 15.92 -31.48
N ASN Q 364 17.45 14.78 -31.67
CA ASN Q 364 16.84 14.09 -30.55
C ASN Q 364 17.91 13.37 -29.73
N TYR Q 365 17.52 12.95 -28.53
CA TYR Q 365 18.44 12.20 -27.68
C TYR Q 365 17.83 10.84 -27.39
N SER Q 366 17.37 10.18 -28.45
CA SER Q 366 16.89 8.81 -28.43
C SER Q 366 18.03 7.86 -28.09
N VAL Q 367 19.27 8.27 -28.36
CA VAL Q 367 20.43 7.58 -27.85
C VAL Q 367 20.24 7.47 -26.33
N LEU Q 368 20.80 6.43 -25.72
CA LEU Q 368 20.59 6.19 -24.29
C LEU Q 368 19.11 5.93 -23.96
N ASP Q 369 18.62 4.74 -24.31
CA ASP Q 369 17.32 4.15 -23.90
C ASP Q 369 16.11 4.53 -24.77
N LEU Q 370 16.29 5.12 -25.94
CA LEU Q 370 15.15 5.30 -26.84
C LEU Q 370 15.52 5.08 -28.29
N ALA R 2 -4.91 1.73 -35.33
CA ALA R 2 -3.68 2.26 -34.74
C ALA R 2 -2.61 2.44 -35.81
N LEU R 3 -1.96 3.61 -35.79
CA LEU R 3 -0.95 3.90 -36.81
C LEU R 3 0.31 3.07 -36.60
N SER R 4 0.48 2.47 -35.42
CA SER R 4 1.68 1.69 -35.14
C SER R 4 1.72 0.37 -35.91
N LYS R 5 0.59 -0.10 -36.42
CA LYS R 5 0.57 -1.35 -37.18
C LYS R 5 0.60 -1.14 -38.68
N VAL R 6 0.88 0.08 -39.14
CA VAL R 6 1.10 0.33 -40.56
C VAL R 6 2.59 0.07 -40.79
N LYS R 7 2.93 -1.20 -40.93
CA LYS R 7 4.34 -1.57 -41.05
C LYS R 7 4.45 -2.82 -41.93
N LEU R 8 5.61 -2.96 -42.58
CA LEU R 8 5.90 -4.08 -43.46
C LEU R 8 7.32 -4.53 -43.21
N ASN R 9 7.50 -5.83 -42.96
CA ASN R 9 8.82 -6.40 -42.72
C ASN R 9 9.34 -7.02 -44.02
N ASP R 10 9.87 -6.15 -44.88
CA ASP R 10 10.24 -6.58 -46.23
C ASP R 10 11.47 -7.47 -46.23
N THR R 11 12.48 -7.15 -45.42
CA THR R 11 13.69 -7.95 -45.39
C THR R 11 13.40 -9.39 -44.97
N LEU R 12 12.63 -9.55 -43.88
CA LEU R 12 12.33 -10.88 -43.39
C LEU R 12 11.43 -11.64 -44.35
N ASN R 13 10.49 -10.95 -44.99
CA ASN R 13 9.62 -11.61 -45.95
C ASN R 13 10.39 -12.07 -47.19
N LYS R 14 11.33 -11.25 -47.67
CA LYS R 14 12.19 -11.67 -48.77
C LYS R 14 13.04 -12.87 -48.38
N ASP R 15 13.59 -12.86 -47.17
CA ASP R 15 14.36 -14.02 -46.73
C ASP R 15 13.51 -15.26 -46.65
N GLN R 16 12.29 -15.16 -46.15
CA GLN R 16 11.42 -16.33 -46.07
C GLN R 16 11.06 -16.83 -47.46
N LEU R 17 10.84 -15.91 -48.41
CA LEU R 17 10.56 -16.33 -49.77
C LEU R 17 11.73 -17.07 -50.38
N LEU R 18 12.95 -16.58 -50.15
CA LEU R 18 14.12 -17.23 -50.75
C LEU R 18 14.49 -18.53 -50.05
N SER R 19 14.20 -18.65 -48.76
CA SER R 19 14.56 -19.85 -48.01
C SER R 19 13.51 -20.94 -48.07
N SER R 20 12.30 -20.64 -48.53
CA SER R 20 11.23 -21.63 -48.59
C SER R 20 10.89 -22.02 -50.02
N SER R 21 11.84 -21.92 -50.94
CA SER R 21 11.60 -22.34 -52.31
C SER R 21 11.44 -23.85 -52.37
N LYS R 22 10.46 -24.31 -53.15
CA LYS R 22 10.19 -25.73 -53.31
C LYS R 22 10.64 -26.27 -54.65
N TYR R 23 11.39 -25.50 -55.42
CA TYR R 23 12.04 -25.96 -56.64
C TYR R 23 13.49 -25.53 -56.62
N THR R 24 14.35 -26.32 -57.27
CA THR R 24 15.78 -26.06 -57.26
C THR R 24 16.32 -26.09 -58.69
N ILE R 25 17.33 -25.26 -58.93
CA ILE R 25 18.05 -25.27 -60.18
C ILE R 25 19.31 -26.12 -60.03
N GLN R 26 19.89 -26.52 -61.16
CA GLN R 26 21.11 -27.31 -61.16
C GLN R 26 21.94 -26.87 -62.35
N ARG R 27 23.03 -26.15 -62.07
CA ARG R 27 23.87 -25.58 -63.11
C ARG R 27 24.82 -26.65 -63.68
N SER R 28 25.38 -26.36 -64.84
CA SER R 28 26.33 -27.25 -65.49
C SER R 28 27.67 -26.54 -65.59
N THR R 29 28.69 -27.12 -64.97
CA THR R 29 29.99 -26.47 -64.94
C THR R 29 30.63 -26.34 -66.31
N GLY R 30 30.27 -27.21 -67.25
CA GLY R 30 30.90 -27.24 -68.55
C GLY R 30 32.04 -28.23 -68.66
N ASP R 31 33.26 -27.73 -68.52
CA ASP R 31 34.46 -28.54 -68.41
C ASP R 31 34.39 -29.47 -67.20
N SER R 32 34.92 -30.68 -67.38
CA SER R 32 34.91 -31.68 -66.32
C SER R 32 35.78 -31.23 -65.15
N ILE R 33 35.32 -31.56 -63.94
CA ILE R 33 36.05 -31.24 -62.72
C ILE R 33 36.90 -32.44 -62.36
N ASP R 34 38.19 -32.21 -62.14
CA ASP R 34 39.10 -33.21 -61.59
C ASP R 34 38.83 -33.28 -60.10
N THR R 35 38.73 -34.49 -59.55
CA THR R 35 38.50 -34.62 -58.11
C THR R 35 39.59 -35.49 -57.50
N PRO R 36 40.73 -34.94 -57.13
CA PRO R 36 41.76 -35.74 -56.46
C PRO R 36 41.31 -36.19 -55.08
N ASN R 37 41.85 -37.33 -54.66
CA ASN R 37 41.55 -37.91 -53.36
C ASN R 37 42.75 -37.74 -52.44
N TYR R 38 42.68 -38.34 -51.26
CA TYR R 38 43.78 -38.27 -50.31
C TYR R 38 45.05 -38.91 -50.84
N ASP R 39 44.92 -39.77 -51.86
CA ASP R 39 46.06 -40.53 -52.35
C ASP R 39 47.14 -39.63 -52.92
N VAL R 40 46.74 -38.62 -53.69
CA VAL R 40 47.68 -37.79 -54.44
C VAL R 40 47.99 -36.48 -53.73
N GLN R 41 47.62 -36.36 -52.45
CA GLN R 41 47.93 -35.15 -51.69
C GLN R 41 49.43 -34.94 -51.60
N LYS R 42 50.20 -36.00 -51.38
CA LYS R 42 51.65 -35.89 -51.32
C LYS R 42 52.22 -35.39 -52.63
N HIS R 43 51.72 -35.89 -53.75
CA HIS R 43 52.24 -35.48 -55.06
C HIS R 43 51.87 -34.03 -55.37
N ILE R 44 50.66 -33.62 -55.03
CA ILE R 44 50.28 -32.23 -55.28
C ILE R 44 51.08 -31.28 -54.40
N ASN R 45 51.36 -31.68 -53.15
CA ASN R 45 52.23 -30.88 -52.31
C ASN R 45 53.65 -30.83 -52.86
N LYS R 46 54.11 -31.94 -53.45
CA LYS R 46 55.41 -31.94 -54.11
C LYS R 46 55.43 -30.95 -55.26
N LEU R 47 54.35 -30.90 -56.04
CA LEU R 47 54.27 -29.96 -57.16
C LEU R 47 54.30 -28.52 -56.67
N CYS R 48 53.55 -28.23 -55.60
CA CYS R 48 53.58 -26.89 -55.03
C CYS R 48 54.95 -26.53 -54.52
N GLY R 49 55.65 -27.46 -53.87
CA GLY R 49 56.99 -27.20 -53.41
C GLY R 49 57.96 -26.95 -54.54
N MET R 50 57.84 -27.72 -55.63
CA MET R 50 58.68 -27.48 -56.79
C MET R 50 58.44 -26.12 -57.40
N LEU R 51 57.18 -25.68 -57.43
CA LEU R 51 56.88 -24.33 -57.88
C LEU R 51 57.51 -23.29 -56.94
N LEU R 52 57.48 -23.56 -55.63
CA LEU R 52 57.98 -22.57 -54.68
C LEU R 52 59.50 -22.44 -54.70
N ILE R 53 60.23 -23.56 -54.85
CA ILE R 53 61.69 -23.48 -54.83
C ILE R 53 62.27 -23.01 -56.15
N THR R 54 61.45 -22.80 -57.18
CA THR R 54 61.91 -22.41 -58.50
C THR R 54 61.99 -20.89 -58.57
N GLU R 55 63.19 -20.33 -58.57
CA GLU R 55 63.30 -18.90 -58.76
C GLU R 55 62.92 -18.48 -60.17
N ASP R 56 62.58 -17.20 -60.33
CA ASP R 56 62.13 -16.66 -61.61
C ASP R 56 61.08 -17.58 -62.24
N ALA R 57 60.11 -17.98 -61.43
CA ALA R 57 59.20 -19.06 -61.79
C ALA R 57 58.07 -18.57 -62.68
N ASN R 58 57.38 -19.53 -63.29
CA ASN R 58 56.18 -19.28 -64.08
C ASN R 58 55.00 -19.75 -63.26
N HIS R 59 54.20 -18.79 -62.78
CA HIS R 59 53.04 -19.10 -61.94
C HIS R 59 51.73 -19.07 -62.71
N LYS R 60 51.74 -19.40 -64.00
CA LYS R 60 50.51 -19.38 -64.77
C LYS R 60 49.51 -20.42 -64.27
N PHE R 61 49.99 -21.52 -63.69
CA PHE R 61 49.14 -22.63 -63.30
C PHE R 61 49.06 -22.82 -61.80
N THR R 62 49.55 -21.86 -61.01
CA THR R 62 49.61 -22.04 -59.57
C THR R 62 48.22 -22.03 -58.95
N GLY R 63 47.30 -21.24 -59.50
CA GLY R 63 45.94 -21.22 -58.96
C GLY R 63 45.26 -22.55 -59.09
N LEU R 64 45.38 -23.20 -60.25
CA LEU R 64 44.77 -24.50 -60.44
C LEU R 64 45.42 -25.56 -59.55
N ILE R 65 46.73 -25.48 -59.37
CA ILE R 65 47.41 -26.47 -58.54
C ILE R 65 47.02 -26.29 -57.07
N GLY R 66 46.87 -25.04 -56.63
CA GLY R 66 46.39 -24.81 -55.28
C GLY R 66 44.97 -25.28 -55.08
N MET R 67 44.13 -25.09 -56.09
CA MET R 67 42.76 -25.62 -56.01
C MET R 67 42.77 -27.14 -55.93
N LEU R 68 43.63 -27.78 -56.71
CA LEU R 68 43.75 -29.23 -56.64
C LEU R 68 44.23 -29.68 -55.27
N TYR R 69 45.17 -28.97 -54.68
CA TYR R 69 45.64 -29.32 -53.34
C TYR R 69 44.53 -29.19 -52.31
N ALA R 70 43.76 -28.11 -52.39
CA ALA R 70 42.64 -27.94 -51.46
C ALA R 70 41.63 -29.05 -51.63
N MET R 71 41.30 -29.39 -52.87
CA MET R 71 40.34 -30.46 -53.13
C MET R 71 40.86 -31.82 -52.71
N SER R 72 42.17 -32.05 -52.78
CA SER R 72 42.73 -33.32 -52.30
C SER R 72 42.72 -33.38 -50.78
N ARG R 73 42.92 -32.24 -50.11
CA ARG R 73 42.76 -32.21 -48.66
C ARG R 73 41.33 -32.50 -48.25
N LEU R 74 40.35 -31.95 -48.97
CA LEU R 74 38.96 -32.22 -48.65
C LEU R 74 38.63 -33.69 -48.89
N GLY R 75 39.19 -34.28 -49.93
CA GLY R 75 38.85 -35.61 -50.37
C GLY R 75 37.83 -35.59 -51.49
N ARG R 76 37.80 -36.68 -52.26
CA ARG R 76 36.90 -36.75 -53.41
C ARG R 76 35.44 -36.75 -52.98
N GLU R 77 35.12 -37.51 -51.93
CA GLU R 77 33.73 -37.59 -51.47
C GLU R 77 33.23 -36.20 -51.09
N ASP R 78 33.98 -35.49 -50.25
CA ASP R 78 33.53 -34.17 -49.79
C ASP R 78 33.55 -33.15 -50.91
N THR R 79 34.52 -33.23 -51.83
CA THR R 79 34.51 -32.30 -52.96
C THR R 79 33.26 -32.50 -53.81
N ILE R 80 32.92 -33.76 -54.11
CA ILE R 80 31.73 -34.03 -54.89
C ILE R 80 30.49 -33.55 -54.15
N LYS R 81 30.42 -33.82 -52.85
CA LYS R 81 29.25 -33.42 -52.07
C LYS R 81 29.11 -31.89 -52.03
N ILE R 82 30.24 -31.18 -51.91
CA ILE R 82 30.20 -29.72 -51.96
C ILE R 82 29.67 -29.25 -53.30
N LEU R 83 30.14 -29.84 -54.40
CA LEU R 83 29.70 -29.39 -55.71
C LEU R 83 28.22 -29.66 -55.92
N ARG R 84 27.70 -30.80 -55.47
CA ARG R 84 26.26 -31.02 -55.53
C ARG R 84 25.50 -30.03 -54.67
N ASP R 85 25.92 -29.84 -53.43
CA ASP R 85 25.19 -28.93 -52.54
C ASP R 85 25.19 -27.50 -53.07
N ALA R 86 26.24 -27.10 -53.79
CA ALA R 86 26.24 -25.78 -54.41
C ALA R 86 25.31 -25.72 -55.61
N GLY R 87 24.77 -26.85 -56.07
CA GLY R 87 23.87 -26.87 -57.18
C GLY R 87 24.58 -26.90 -58.52
N TYR R 88 25.46 -27.88 -58.71
CA TYR R 88 26.22 -28.02 -59.95
C TYR R 88 26.10 -29.43 -60.48
N HIS R 89 26.07 -29.55 -61.81
CA HIS R 89 26.26 -30.83 -62.47
C HIS R 89 27.75 -30.98 -62.79
N VAL R 90 28.38 -31.99 -62.22
CA VAL R 90 29.82 -32.14 -62.27
C VAL R 90 30.17 -33.48 -62.89
N LYS R 91 31.12 -33.47 -63.81
CA LYS R 91 31.74 -34.67 -64.35
C LYS R 91 32.94 -34.99 -63.48
N ALA R 92 32.74 -35.88 -62.51
CA ALA R 92 33.81 -36.22 -61.59
C ALA R 92 34.90 -36.99 -62.31
N ASN R 93 36.11 -36.43 -62.31
CA ASN R 93 37.25 -36.99 -63.02
C ASN R 93 38.22 -37.58 -62.02
N GLY R 94 38.49 -38.87 -62.16
CA GLY R 94 39.42 -39.53 -61.25
C GLY R 94 40.84 -39.09 -61.52
N VAL R 95 41.57 -38.81 -60.45
CA VAL R 95 42.96 -38.40 -60.53
C VAL R 95 43.82 -39.49 -59.91
N ASP R 96 44.78 -40.01 -60.67
CA ASP R 96 45.70 -41.00 -60.18
C ASP R 96 47.07 -40.73 -60.76
N VAL R 97 48.07 -41.25 -60.08
CA VAL R 97 49.47 -40.97 -60.42
C VAL R 97 49.98 -42.05 -61.38
N THR R 98 50.75 -41.61 -62.37
CA THR R 98 51.37 -42.53 -63.30
C THR R 98 52.75 -42.00 -63.67
N THR R 99 53.57 -42.87 -64.26
CA THR R 99 54.91 -42.51 -64.73
C THR R 99 54.91 -42.21 -66.22
N HIS R 100 55.74 -41.25 -66.60
CA HIS R 100 55.95 -40.87 -68.00
C HIS R 100 57.46 -40.85 -68.23
N ARG R 101 57.89 -41.41 -69.35
CA ARG R 101 59.30 -41.53 -69.69
C ARG R 101 59.56 -40.64 -70.90
N GLN R 102 60.52 -39.73 -70.80
CA GLN R 102 60.93 -38.95 -71.95
C GLN R 102 62.42 -38.66 -71.89
N ASP R 103 62.98 -38.35 -73.05
CA ASP R 103 64.41 -38.12 -73.23
C ASP R 103 64.67 -36.63 -73.40
N ILE R 104 65.22 -36.01 -72.36
CA ILE R 104 65.68 -34.63 -72.42
C ILE R 104 67.19 -34.63 -72.23
N ASN R 105 67.87 -33.74 -72.95
CA ASN R 105 69.34 -33.71 -72.97
C ASN R 105 69.91 -35.01 -73.53
N GLY R 106 69.11 -35.71 -74.33
CA GLY R 106 69.52 -36.99 -74.87
C GLY R 106 69.63 -38.09 -73.85
N LYS R 107 68.95 -37.97 -72.70
CA LYS R 107 69.03 -38.94 -71.63
C LYS R 107 67.64 -39.37 -71.22
N GLU R 108 67.47 -40.67 -71.00
CA GLU R 108 66.20 -41.23 -70.54
C GLU R 108 65.90 -40.71 -69.14
N MET R 109 64.67 -40.28 -68.89
CA MET R 109 64.32 -39.69 -67.61
C MET R 109 62.97 -40.17 -67.10
N LYS R 110 62.94 -40.42 -65.80
CA LYS R 110 61.77 -40.90 -65.08
C LYS R 110 61.05 -39.73 -64.43
N PHE R 111 59.81 -39.51 -64.83
CA PHE R 111 58.93 -38.54 -64.18
C PHE R 111 57.66 -39.24 -63.71
N GLU R 112 57.16 -38.79 -62.57
CA GLU R 112 55.92 -39.29 -61.98
C GLU R 112 54.91 -38.14 -61.99
N VAL R 113 53.85 -38.28 -62.78
CA VAL R 113 52.91 -37.21 -63.03
C VAL R 113 51.50 -37.69 -62.67
N LEU R 114 50.53 -36.79 -62.80
CA LEU R 114 49.14 -37.04 -62.47
C LEU R 114 48.28 -36.97 -63.73
N THR R 115 47.18 -37.74 -63.73
CA THR R 115 46.20 -37.69 -64.80
C THR R 115 45.20 -36.57 -64.48
N LEU R 116 45.55 -35.36 -64.88
CA LEU R 116 44.67 -34.20 -64.72
C LEU R 116 44.24 -33.72 -66.09
N ALA R 117 42.92 -33.64 -66.30
CA ALA R 117 42.42 -33.13 -67.56
C ALA R 117 42.72 -31.64 -67.73
N SER R 118 42.74 -30.89 -66.62
CA SER R 118 42.97 -29.45 -66.69
C SER R 118 44.45 -29.12 -66.81
N LEU R 119 45.33 -30.03 -66.41
CA LEU R 119 46.77 -29.78 -66.37
C LEU R 119 47.48 -30.87 -67.16
N THR R 120 48.10 -30.48 -68.28
CA THR R 120 48.72 -31.46 -69.16
C THR R 120 50.03 -31.97 -68.59
N THR R 121 50.51 -33.08 -69.14
CA THR R 121 51.75 -33.70 -68.67
C THR R 121 52.95 -32.81 -68.92
N GLU R 122 52.98 -32.14 -70.08
CA GLU R 122 54.11 -31.26 -70.40
C GLU R 122 54.33 -30.21 -69.33
N ILE R 123 53.24 -29.66 -68.79
CA ILE R 123 53.35 -28.60 -67.81
C ILE R 123 54.01 -29.11 -66.54
N GLN R 124 53.58 -30.27 -66.04
CA GLN R 124 54.18 -30.85 -64.85
C GLN R 124 55.64 -31.22 -65.09
N ILE R 125 55.94 -31.77 -66.26
CA ILE R 125 57.32 -32.11 -66.59
C ILE R 125 58.19 -30.86 -66.58
N ASN R 126 57.70 -29.77 -67.17
CA ASN R 126 58.49 -28.55 -67.25
C ASN R 126 58.65 -27.92 -65.87
N ILE R 127 57.62 -28.02 -65.04
CA ILE R 127 57.72 -27.56 -63.65
C ILE R 127 58.84 -28.31 -62.95
N GLU R 128 58.88 -29.63 -63.11
CA GLU R 128 59.96 -30.41 -62.50
C GLU R 128 61.32 -30.02 -63.05
N ILE R 129 61.42 -29.78 -64.36
CA ILE R 129 62.71 -29.42 -64.96
C ILE R 129 63.22 -28.10 -64.39
N GLU R 130 62.34 -27.10 -64.35
CA GLU R 130 62.74 -25.79 -63.83
C GLU R 130 63.13 -25.91 -62.37
N SER R 131 62.35 -26.64 -61.58
CA SER R 131 62.68 -26.81 -60.17
C SER R 131 64.01 -27.51 -59.98
N ARG R 132 64.26 -28.56 -60.76
CA ARG R 132 65.50 -29.31 -60.62
C ARG R 132 66.71 -28.45 -60.95
N LYS R 133 66.65 -27.67 -62.04
CA LYS R 133 67.84 -26.90 -62.39
C LYS R 133 68.03 -25.70 -61.47
N SER R 134 66.93 -25.10 -60.98
CA SER R 134 67.08 -24.06 -59.98
C SER R 134 67.67 -24.63 -58.68
N TYR R 135 67.22 -25.82 -58.28
CA TYR R 135 67.79 -26.50 -57.12
C TYR R 135 69.27 -26.77 -57.32
N LYS R 136 69.65 -27.24 -58.51
CA LYS R 136 71.06 -27.48 -58.80
C LYS R 136 71.88 -26.20 -58.68
N LYS R 137 71.39 -25.10 -59.26
CA LYS R 137 72.12 -23.85 -59.22
C LYS R 137 72.26 -23.32 -57.80
N MET R 138 71.19 -23.42 -57.01
CA MET R 138 71.24 -22.88 -55.65
C MET R 138 72.07 -23.77 -54.74
N LEU R 139 72.04 -25.09 -54.97
CA LEU R 139 72.92 -25.99 -54.24
C LEU R 139 74.38 -25.72 -54.58
N LYS R 140 74.66 -25.42 -55.84
CA LYS R 140 76.01 -25.02 -56.22
C LYS R 140 76.41 -23.72 -55.54
N GLU R 141 75.50 -22.76 -55.45
CA GLU R 141 75.83 -21.45 -54.91
C GLU R 141 75.89 -21.42 -53.39
N MET R 142 75.35 -22.41 -52.68
CA MET R 142 75.50 -22.42 -51.22
C MET R 142 75.96 -23.76 -50.64
N GLY R 143 76.22 -24.77 -51.46
CA GLY R 143 76.89 -25.96 -50.96
C GLY R 143 76.00 -27.10 -50.51
N GLU R 144 75.21 -26.89 -49.46
CA GLU R 144 74.35 -27.93 -48.92
C GLU R 144 72.99 -27.35 -48.60
N VAL R 145 71.94 -28.11 -48.91
CA VAL R 145 70.57 -27.68 -48.67
C VAL R 145 70.09 -28.15 -47.31
N ALA R 146 69.00 -27.57 -46.84
CA ALA R 146 68.31 -27.95 -45.62
C ALA R 146 66.87 -28.27 -45.96
N PRO R 147 66.15 -28.97 -45.07
CA PRO R 147 64.72 -29.17 -45.31
C PRO R 147 63.94 -27.87 -45.50
N GLU R 148 64.51 -26.75 -45.10
CA GLU R 148 63.89 -25.46 -45.36
C GLU R 148 63.81 -25.16 -46.86
N TYR R 149 64.88 -25.46 -47.60
CA TYR R 149 64.97 -25.21 -49.03
C TYR R 149 64.69 -26.52 -49.76
N ARG R 150 63.42 -26.89 -49.88
CA ARG R 150 63.07 -28.08 -50.65
C ARG R 150 61.57 -28.12 -50.89
N HIS R 151 61.18 -28.97 -51.84
CA HIS R 151 59.78 -29.20 -52.17
C HIS R 151 59.10 -30.21 -51.25
N ASP R 152 59.88 -30.95 -50.45
CA ASP R 152 59.31 -31.99 -49.60
C ASP R 152 58.70 -31.46 -48.31
N SER R 153 58.79 -30.15 -48.06
CA SER R 153 58.18 -29.58 -46.87
C SER R 153 56.66 -29.78 -46.93
N PRO R 154 56.02 -30.12 -45.80
CA PRO R 154 54.58 -30.42 -45.84
C PRO R 154 53.68 -29.20 -45.87
N ASP R 155 54.24 -27.99 -45.94
CA ASP R 155 53.45 -26.76 -45.90
C ASP R 155 53.62 -25.92 -47.16
N CYS R 156 54.30 -26.45 -48.19
CA CYS R 156 54.50 -25.70 -49.42
C CYS R 156 53.18 -25.39 -50.10
N GLY R 157 52.26 -26.36 -50.13
CA GLY R 157 50.94 -26.10 -50.67
C GLY R 157 50.15 -25.12 -49.81
N MET R 158 50.33 -25.18 -48.50
CA MET R 158 49.57 -24.30 -47.62
C MET R 158 50.03 -22.86 -47.68
N ILE R 159 51.28 -22.60 -48.07
CA ILE R 159 51.69 -21.22 -48.33
C ILE R 159 50.94 -20.65 -49.53
N ILE R 160 50.86 -21.43 -50.61
CA ILE R 160 50.10 -21.01 -51.77
C ILE R 160 48.63 -20.79 -51.39
N LEU R 161 48.09 -21.65 -50.53
CA LEU R 161 46.72 -21.45 -50.09
C LEU R 161 46.58 -20.23 -49.17
N CYS R 162 47.66 -19.83 -48.49
CA CYS R 162 47.63 -18.56 -47.76
C CYS R 162 47.50 -17.38 -48.71
N ILE R 163 48.25 -17.41 -49.81
CA ILE R 163 48.09 -16.38 -50.83
C ILE R 163 46.66 -16.38 -51.37
N ALA R 164 46.10 -17.57 -51.58
CA ALA R 164 44.72 -17.69 -52.03
C ALA R 164 43.76 -17.09 -51.01
N ALA R 165 44.04 -17.29 -49.71
CA ALA R 165 43.19 -16.73 -48.67
C ALA R 165 43.20 -15.21 -48.69
N LEU R 166 44.37 -14.62 -48.91
CA LEU R 166 44.42 -13.15 -49.07
C LEU R 166 43.60 -12.69 -50.27
N VAL R 167 43.75 -13.39 -51.40
CA VAL R 167 42.96 -13.06 -52.59
C VAL R 167 41.47 -13.16 -52.26
N ILE R 168 41.07 -14.16 -51.50
CA ILE R 168 39.67 -14.32 -51.11
C ILE R 168 39.22 -13.14 -50.26
N THR R 169 40.07 -12.70 -49.32
CA THR R 169 39.72 -11.54 -48.52
C THR R 169 39.42 -10.34 -49.41
N LYS R 170 40.18 -10.16 -50.48
CA LYS R 170 39.98 -9.00 -51.35
C LYS R 170 39.04 -9.27 -52.53
N LEU R 171 38.48 -10.47 -52.65
CA LEU R 171 37.58 -10.77 -53.77
C LEU R 171 36.31 -9.93 -53.77
N ALA R 172 35.82 -9.49 -52.61
CA ALA R 172 34.54 -8.80 -52.56
C ALA R 172 34.55 -7.45 -53.26
N ALA R 173 35.72 -6.93 -53.60
CA ALA R 173 35.81 -5.65 -54.30
C ALA R 173 35.30 -5.72 -55.73
N GLY R 174 35.08 -6.91 -56.27
CA GLY R 174 34.51 -7.07 -57.60
C GLY R 174 35.50 -7.11 -58.74
N ASP R 175 36.78 -6.85 -58.48
CA ASP R 175 37.80 -6.86 -59.51
C ASP R 175 39.16 -7.02 -58.83
N ARG R 176 40.23 -6.85 -59.61
CA ARG R 176 41.58 -7.01 -59.07
C ARG R 176 42.13 -5.67 -58.57
N SER R 177 41.35 -4.99 -57.74
CA SER R 177 41.78 -3.73 -57.14
C SER R 177 42.44 -3.93 -55.79
N GLY R 178 42.28 -5.10 -55.18
CA GLY R 178 42.91 -5.39 -53.91
C GLY R 178 44.22 -6.13 -54.08
N LEU R 179 44.75 -6.13 -55.30
CA LEU R 179 46.02 -6.81 -55.55
C LEU R 179 47.15 -6.19 -54.76
N THR R 180 47.19 -4.85 -54.68
CA THR R 180 48.24 -4.18 -53.91
C THR R 180 48.15 -4.54 -52.43
N ALA R 181 46.93 -4.59 -51.89
CA ALA R 181 46.75 -4.99 -50.50
C ALA R 181 47.18 -6.43 -50.28
N VAL R 182 46.88 -7.30 -51.25
CA VAL R 182 47.30 -8.70 -51.15
C VAL R 182 48.82 -8.79 -51.11
N ILE R 183 49.50 -8.06 -51.98
CA ILE R 183 50.96 -8.09 -52.01
C ILE R 183 51.54 -7.54 -50.72
N ARG R 184 50.98 -6.43 -50.22
CA ARG R 184 51.48 -5.83 -48.99
C ARG R 184 51.32 -6.77 -47.80
N ARG R 185 50.15 -7.40 -47.67
CA ARG R 185 49.93 -8.31 -46.56
C ARG R 185 50.74 -9.59 -46.70
N ALA R 186 50.97 -10.04 -47.93
CA ALA R 186 51.81 -11.22 -48.14
C ALA R 186 53.28 -10.92 -47.96
N ASN R 187 53.66 -9.64 -47.96
CA ASN R 187 55.02 -9.28 -47.58
C ASN R 187 55.15 -9.12 -46.07
N ASN R 188 54.15 -8.53 -45.41
CA ASN R 188 54.16 -8.46 -43.96
C ASN R 188 54.12 -9.85 -43.35
N VAL R 189 53.04 -10.59 -43.57
CA VAL R 189 53.03 -12.01 -43.24
C VAL R 189 53.93 -12.74 -44.21
N LEU R 190 54.41 -13.92 -43.82
CA LEU R 190 55.14 -14.82 -44.71
C LEU R 190 56.47 -14.24 -45.18
N LYS R 191 57.07 -13.32 -44.42
CA LYS R 191 58.35 -12.76 -44.84
C LYS R 191 59.49 -13.78 -44.71
N ASN R 192 59.44 -14.60 -43.65
CA ASN R 192 60.40 -15.70 -43.52
C ASN R 192 60.30 -16.65 -44.70
N GLU R 193 59.08 -16.97 -45.14
CA GLU R 193 58.93 -17.81 -46.32
C GLU R 193 59.46 -17.11 -47.57
N MET R 194 59.21 -15.82 -47.71
CA MET R 194 59.70 -15.10 -48.89
C MET R 194 61.22 -15.03 -48.89
N LYS R 195 61.84 -15.16 -47.73
CA LYS R 195 63.26 -15.53 -47.70
C LYS R 195 63.46 -16.94 -48.23
N ARG R 196 62.80 -17.91 -47.59
CA ARG R 196 63.11 -19.32 -47.72
C ARG R 196 62.81 -19.86 -49.12
N TYR R 197 61.77 -19.36 -49.77
CA TYR R 197 61.36 -19.88 -51.07
C TYR R 197 61.66 -18.89 -52.18
N LYS R 198 62.38 -19.38 -53.20
CA LYS R 198 62.83 -18.54 -54.31
C LYS R 198 61.66 -18.10 -55.19
N GLY R 199 60.68 -18.96 -55.39
CA GLY R 199 59.57 -18.71 -56.27
C GLY R 199 58.32 -18.21 -55.62
N LEU R 200 58.39 -17.86 -54.34
CA LEU R 200 57.23 -17.31 -53.63
C LEU R 200 57.08 -15.86 -54.05
N LEU R 201 56.47 -15.66 -55.21
CA LEU R 201 56.21 -14.31 -55.71
C LEU R 201 54.75 -14.00 -55.46
N PRO R 202 54.42 -13.15 -54.49
CA PRO R 202 53.00 -12.96 -54.14
C PRO R 202 52.15 -12.45 -55.29
N LYS R 203 52.69 -11.58 -56.16
CA LYS R 203 51.87 -10.97 -57.19
C LYS R 203 51.46 -11.99 -58.24
N ASP R 204 52.39 -12.84 -58.67
CA ASP R 204 52.08 -13.82 -59.70
C ASP R 204 51.06 -14.85 -59.20
N ILE R 205 51.26 -15.35 -57.98
CA ILE R 205 50.32 -16.31 -57.41
C ILE R 205 48.95 -15.66 -57.20
N ALA R 206 48.93 -14.40 -56.75
CA ALA R 206 47.68 -13.71 -56.56
C ALA R 206 46.94 -13.52 -57.88
N ASN R 207 47.67 -13.18 -58.94
CA ASN R 207 47.04 -13.03 -60.25
C ASN R 207 46.51 -14.36 -60.75
N SER R 208 47.25 -15.45 -60.51
CA SER R 208 46.78 -16.77 -60.91
C SER R 208 45.50 -17.14 -60.18
N PHE R 209 45.43 -16.84 -58.89
CA PHE R 209 44.21 -17.17 -58.14
C PHE R 209 43.05 -16.28 -58.53
N TYR R 210 43.31 -15.01 -58.81
CA TYR R 210 42.28 -14.14 -59.35
C TYR R 210 41.72 -14.71 -60.65
N GLU R 211 42.61 -15.13 -61.56
CA GLU R 211 42.16 -15.70 -62.83
C GLU R 211 41.32 -16.95 -62.62
N VAL R 212 41.79 -17.87 -61.76
CA VAL R 212 41.05 -19.13 -61.61
C VAL R 212 39.72 -18.89 -60.93
N PHE R 213 39.64 -17.92 -60.02
CA PHE R 213 38.36 -17.62 -59.39
C PHE R 213 37.40 -16.93 -60.35
N GLU R 214 37.94 -16.13 -61.29
CA GLU R 214 37.08 -15.51 -62.28
C GLU R 214 36.53 -16.53 -63.28
N LYS R 215 37.39 -17.45 -63.73
CA LYS R 215 36.95 -18.40 -64.76
C LYS R 215 36.02 -19.45 -64.19
N HIS R 216 36.30 -19.96 -62.99
CA HIS R 216 35.54 -21.04 -62.37
C HIS R 216 34.92 -20.55 -61.06
N PRO R 217 33.69 -20.03 -61.11
CA PRO R 217 33.04 -19.57 -59.87
C PRO R 217 32.77 -20.69 -58.87
N HIS R 218 32.73 -21.95 -59.30
CA HIS R 218 32.55 -23.04 -58.35
C HIS R 218 33.79 -23.28 -57.51
N PHE R 219 34.96 -22.86 -57.99
CA PHE R 219 36.17 -22.99 -57.20
C PHE R 219 36.16 -22.06 -56.00
N ILE R 220 35.44 -20.93 -56.10
CA ILE R 220 35.28 -20.07 -54.94
C ILE R 220 34.51 -20.79 -53.84
N ASP R 221 33.42 -21.47 -54.23
CA ASP R 221 32.64 -22.24 -53.26
C ASP R 221 33.48 -23.35 -52.65
N VAL R 222 34.21 -24.09 -53.50
CA VAL R 222 35.04 -25.18 -53.01
C VAL R 222 36.09 -24.66 -52.05
N PHE R 223 36.75 -23.55 -52.40
CA PHE R 223 37.81 -23.01 -51.54
C PHE R 223 37.25 -22.47 -50.24
N VAL R 224 36.09 -21.83 -50.27
CA VAL R 224 35.51 -21.31 -49.03
C VAL R 224 35.17 -22.46 -48.09
N HIS R 225 34.58 -23.53 -48.63
CA HIS R 225 34.23 -24.63 -47.75
C HIS R 225 35.46 -25.42 -47.31
N PHE R 226 36.50 -25.46 -48.14
CA PHE R 226 37.77 -26.03 -47.69
C PHE R 226 38.36 -25.21 -46.55
N GLY R 227 38.30 -23.88 -46.65
CA GLY R 227 38.82 -23.04 -45.60
C GLY R 227 38.04 -23.18 -44.31
N ILE R 228 36.73 -23.37 -44.41
CA ILE R 228 35.93 -23.60 -43.21
C ILE R 228 36.27 -24.95 -42.59
N ALA R 229 36.44 -25.98 -43.43
CA ALA R 229 36.79 -27.30 -42.90
C ALA R 229 38.18 -27.31 -42.28
N GLN R 230 39.13 -26.61 -42.91
CA GLN R 230 40.47 -26.50 -42.35
C GLN R 230 40.48 -25.76 -41.03
N SER R 231 39.70 -24.69 -40.93
CA SER R 231 39.62 -23.92 -39.70
C SER R 231 38.84 -24.64 -38.61
N SER R 232 38.20 -25.76 -38.92
CA SER R 232 37.50 -26.57 -37.92
C SER R 232 38.34 -27.69 -37.36
N THR R 233 39.63 -27.75 -37.70
CA THR R 233 40.49 -28.79 -37.19
C THR R 233 40.88 -28.51 -35.74
N ARG R 234 41.37 -29.56 -35.08
CA ARG R 234 41.80 -29.45 -33.70
C ARG R 234 43.15 -28.76 -33.56
N GLY R 235 43.94 -28.69 -34.62
CA GLY R 235 45.24 -28.07 -34.57
C GLY R 235 46.00 -28.35 -35.85
N GLY R 236 47.24 -27.88 -35.86
CA GLY R 236 48.09 -28.09 -37.02
C GLY R 236 49.40 -27.35 -36.88
N SER R 237 50.09 -27.18 -38.00
CA SER R 237 51.37 -26.49 -38.03
C SER R 237 51.14 -24.98 -37.93
N ARG R 238 52.23 -24.22 -37.95
CA ARG R 238 52.10 -22.77 -37.84
C ARG R 238 51.64 -22.15 -39.15
N VAL R 239 51.98 -22.78 -40.28
CA VAL R 239 51.50 -22.29 -41.57
C VAL R 239 50.00 -22.47 -41.69
N GLU R 240 49.48 -23.58 -41.16
CA GLU R 240 48.04 -23.77 -41.16
C GLU R 240 47.36 -22.75 -40.24
N GLY R 241 48.01 -22.39 -39.15
CA GLY R 241 47.48 -21.32 -38.31
C GLY R 241 47.47 -19.98 -39.02
N ILE R 242 48.53 -19.70 -39.80
CA ILE R 242 48.55 -18.49 -40.61
C ILE R 242 47.41 -18.50 -41.61
N PHE R 243 47.19 -19.65 -42.27
CA PHE R 243 46.11 -19.74 -43.24
C PHE R 243 44.75 -19.52 -42.58
N ALA R 244 44.55 -20.09 -41.39
CA ALA R 244 43.28 -19.90 -40.70
C ALA R 244 43.07 -18.45 -40.31
N GLY R 245 44.13 -17.79 -39.83
CA GLY R 245 44.01 -16.38 -39.48
C GLY R 245 43.73 -15.50 -40.68
N LEU R 246 44.38 -15.78 -41.81
CA LEU R 246 44.14 -15.00 -43.02
C LEU R 246 42.78 -15.31 -43.63
N PHE R 247 42.30 -16.53 -43.48
CA PHE R 247 41.00 -16.89 -44.02
C PHE R 247 39.86 -16.28 -43.22
N MET R 248 39.98 -16.24 -41.90
CA MET R 248 38.92 -15.60 -41.12
C MET R 248 39.00 -14.09 -41.19
N ASN R 249 40.08 -13.55 -41.77
CA ASN R 249 40.11 -12.14 -42.12
C ASN R 249 39.11 -11.81 -43.23
N ALA R 250 38.66 -12.81 -43.98
CA ALA R 250 37.68 -12.63 -45.03
C ALA R 250 36.26 -12.67 -44.53
N TYR R 251 36.04 -13.06 -43.28
CA TYR R 251 34.70 -13.11 -42.73
C TYR R 251 34.13 -11.70 -42.63
N GLY R 252 32.94 -11.49 -43.19
CA GLY R 252 32.33 -10.19 -43.20
C GLY R 252 32.79 -9.28 -44.30
N ALA R 253 33.56 -9.79 -45.27
CA ALA R 253 33.97 -8.98 -46.40
C ALA R 253 32.76 -8.62 -47.25
N GLY R 254 32.69 -7.37 -47.67
CA GLY R 254 31.54 -6.86 -48.36
C GLY R 254 30.43 -6.34 -47.46
N GLN R 255 30.60 -6.41 -46.15
CA GLN R 255 29.60 -5.96 -45.19
C GLN R 255 30.22 -5.05 -44.15
N VAL R 256 31.12 -4.15 -44.58
CA VAL R 256 31.79 -3.28 -43.64
C VAL R 256 30.82 -2.29 -43.00
N MET R 257 29.75 -1.93 -43.70
CA MET R 257 28.85 -0.89 -43.20
C MET R 257 28.11 -1.34 -41.94
N LEU R 258 27.83 -2.65 -41.82
CA LEU R 258 27.21 -3.14 -40.60
C LEU R 258 28.13 -2.93 -39.39
N ARG R 259 29.40 -3.27 -39.56
CA ARG R 259 30.38 -3.07 -38.48
C ARG R 259 30.57 -1.61 -38.17
N TRP R 260 30.62 -0.76 -39.20
CA TRP R 260 30.79 0.67 -38.96
C TRP R 260 29.54 1.29 -38.34
N GLY R 261 28.36 0.75 -38.62
CA GLY R 261 27.17 1.20 -37.94
C GLY R 261 27.16 0.83 -36.47
N VAL R 262 27.60 -0.39 -36.15
CA VAL R 262 27.75 -0.76 -34.75
C VAL R 262 28.77 0.15 -34.07
N LEU R 263 29.84 0.50 -34.79
CA LEU R 263 30.83 1.42 -34.25
C LEU R 263 30.23 2.80 -33.99
N ALA R 264 29.46 3.32 -34.94
CA ALA R 264 28.84 4.64 -34.76
C ALA R 264 27.85 4.63 -33.60
N LYS R 265 27.20 3.48 -33.36
CA LYS R 265 26.37 3.37 -32.17
C LYS R 265 27.24 3.39 -30.91
N SER R 266 28.40 2.74 -30.96
CA SER R 266 29.24 2.63 -29.78
C SER R 266 29.82 3.98 -29.37
N VAL R 267 30.32 4.76 -30.34
CA VAL R 267 30.85 6.08 -30.04
C VAL R 267 29.76 7.12 -29.85
N LYS R 268 28.50 6.73 -30.03
CA LYS R 268 27.34 7.54 -29.65
C LYS R 268 27.29 8.85 -30.43
N ASN R 269 27.46 8.74 -31.75
CA ASN R 269 27.42 9.91 -32.61
C ASN R 269 26.04 10.57 -32.51
N ILE R 270 26.04 11.90 -32.44
CA ILE R 270 24.79 12.61 -32.21
C ILE R 270 23.91 12.60 -33.45
N MET R 271 24.49 12.61 -34.65
CA MET R 271 23.69 12.65 -35.86
C MET R 271 22.87 11.39 -36.08
N LEU R 272 22.95 10.42 -35.17
CA LEU R 272 22.00 9.32 -35.16
C LEU R 272 20.65 9.76 -34.61
N GLY R 273 20.59 10.94 -34.00
CA GLY R 273 19.37 11.55 -33.52
C GLY R 273 18.67 12.46 -34.49
N HIS R 274 19.19 12.60 -35.71
CA HIS R 274 18.54 13.42 -36.72
C HIS R 274 17.19 12.81 -37.09
N ALA R 275 16.36 13.62 -37.77
CA ALA R 275 14.99 13.20 -38.04
C ALA R 275 14.94 12.05 -39.05
N SER R 276 15.68 12.18 -40.15
CA SER R 276 15.62 11.17 -41.21
C SER R 276 16.26 9.86 -40.76
N VAL R 277 17.34 9.94 -39.99
CA VAL R 277 17.96 8.73 -39.46
C VAL R 277 16.96 7.98 -38.57
N GLN R 278 16.25 8.71 -37.71
CA GLN R 278 15.25 8.07 -36.87
C GLN R 278 14.07 7.55 -37.68
N ALA R 279 13.80 8.17 -38.83
CA ALA R 279 12.79 7.63 -39.73
C ALA R 279 13.21 6.26 -40.24
N GLU R 280 14.48 6.10 -40.60
CA GLU R 280 14.97 4.85 -41.16
C GLU R 280 15.32 3.80 -40.12
N MET R 281 15.38 4.17 -38.84
CA MET R 281 15.87 3.26 -37.82
C MET R 281 15.06 1.96 -37.75
N GLU R 282 13.78 1.99 -38.09
CA GLU R 282 12.98 0.77 -38.03
C GLU R 282 13.53 -0.29 -38.97
N GLN R 283 13.74 0.06 -40.24
CA GLN R 283 14.27 -0.89 -41.20
C GLN R 283 15.74 -1.17 -40.96
N VAL R 284 16.47 -0.22 -40.37
CA VAL R 284 17.86 -0.52 -40.02
C VAL R 284 17.93 -1.63 -38.97
N VAL R 285 17.11 -1.54 -37.93
CA VAL R 285 17.06 -2.59 -36.92
C VAL R 285 16.55 -3.88 -37.54
N GLU R 286 15.63 -3.78 -38.49
CA GLU R 286 15.20 -4.94 -39.26
C GLU R 286 16.40 -5.66 -39.91
N VAL R 287 17.26 -4.90 -40.58
CA VAL R 287 18.41 -5.49 -41.26
C VAL R 287 19.37 -6.12 -40.26
N TYR R 288 19.62 -5.43 -39.14
CA TYR R 288 20.55 -5.98 -38.14
C TYR R 288 20.02 -7.26 -37.53
N GLU R 289 18.73 -7.31 -37.21
CA GLU R 289 18.14 -8.54 -36.69
C GLU R 289 18.21 -9.66 -37.73
N TYR R 290 18.04 -9.31 -39.00
CA TYR R 290 18.20 -10.32 -40.06
C TYR R 290 19.62 -10.87 -40.09
N ALA R 291 20.62 -9.99 -39.98
CA ALA R 291 22.00 -10.43 -40.00
C ALA R 291 22.29 -11.36 -38.83
N GLN R 292 21.77 -11.03 -37.66
CA GLN R 292 21.97 -11.88 -36.49
C GLN R 292 21.26 -13.22 -36.62
N LYS R 293 20.05 -13.24 -37.20
CA LYS R 293 19.35 -14.49 -37.40
C LYS R 293 20.09 -15.38 -38.38
N LEU R 294 20.67 -14.78 -39.42
CA LEU R 294 21.53 -15.55 -40.34
C LEU R 294 22.72 -16.13 -39.59
N GLY R 295 23.42 -15.30 -38.84
CA GLY R 295 24.51 -15.78 -38.01
C GLY R 295 25.81 -15.99 -38.76
N GLY R 296 26.46 -17.13 -38.50
CA GLY R 296 27.79 -17.38 -39.04
C GLY R 296 27.86 -17.52 -40.54
N GLU R 297 26.85 -18.14 -41.16
CA GLU R 297 26.90 -18.38 -42.60
C GLU R 297 26.91 -17.08 -43.39
N ALA R 298 26.40 -15.99 -42.83
CA ALA R 298 26.29 -14.74 -43.55
C ALA R 298 27.62 -14.03 -43.77
N GLY R 299 28.70 -14.49 -43.12
CA GLY R 299 29.96 -13.79 -43.24
C GLY R 299 30.66 -13.99 -44.58
N PHE R 300 30.21 -14.95 -45.37
CA PHE R 300 30.80 -15.22 -46.68
C PHE R 300 29.80 -15.06 -47.81
N TYR R 301 28.71 -14.32 -47.58
CA TYR R 301 27.70 -14.15 -48.61
C TYR R 301 28.23 -13.39 -49.82
N HIS R 302 28.99 -12.32 -49.57
CA HIS R 302 29.46 -11.49 -50.68
C HIS R 302 30.63 -12.13 -51.41
N ILE R 303 31.47 -12.89 -50.69
CA ILE R 303 32.55 -13.62 -51.36
C ILE R 303 31.97 -14.69 -52.27
N LEU R 304 30.97 -15.41 -51.79
CA LEU R 304 30.34 -16.48 -52.56
C LEU R 304 29.35 -15.96 -53.59
N ASN R 305 29.08 -14.66 -53.62
CA ASN R 305 28.03 -14.08 -54.46
C ASN R 305 26.68 -14.71 -54.15
N ASN R 306 26.40 -14.91 -52.87
CA ASN R 306 25.10 -15.42 -52.47
C ASN R 306 24.01 -14.42 -52.86
N PRO R 307 22.92 -14.89 -53.45
CA PRO R 307 21.88 -13.94 -53.89
C PRO R 307 21.28 -13.13 -52.76
N LYS R 308 21.24 -13.68 -51.55
CA LYS R 308 20.71 -12.98 -50.39
C LYS R 308 21.71 -11.98 -49.80
N ALA R 309 22.82 -11.72 -50.49
CA ALA R 309 23.75 -10.70 -50.01
C ALA R 309 23.15 -9.32 -50.08
N SER R 310 22.30 -9.06 -51.06
CA SER R 310 21.70 -7.74 -51.22
C SER R 310 20.75 -7.39 -50.08
N LEU R 311 20.28 -8.38 -49.33
CA LEU R 311 19.37 -8.11 -48.21
C LEU R 311 20.08 -7.53 -47.00
N LEU R 312 21.41 -7.65 -46.94
CA LEU R 312 22.19 -7.13 -45.83
C LEU R 312 22.67 -5.71 -46.06
N SER R 313 22.36 -5.12 -47.21
CA SER R 313 22.86 -3.80 -47.55
C SER R 313 22.24 -2.73 -46.67
N LEU R 314 23.02 -1.70 -46.38
CA LEU R 314 22.55 -0.53 -45.65
C LEU R 314 22.50 0.72 -46.51
N THR R 315 22.99 0.66 -47.75
CA THR R 315 22.94 1.82 -48.62
C THR R 315 21.53 2.14 -49.07
N GLN R 316 20.59 1.26 -48.83
CA GLN R 316 19.16 1.49 -49.06
C GLN R 316 18.54 2.42 -48.03
N PHE R 317 19.37 2.90 -47.10
CA PHE R 317 18.99 3.91 -46.11
C PHE R 317 20.01 5.03 -46.23
N PRO R 318 19.81 5.97 -47.16
CA PRO R 318 20.87 6.95 -47.45
C PRO R 318 21.29 7.78 -46.24
N HIS R 319 20.37 8.16 -45.37
CA HIS R 319 20.73 9.03 -44.25
C HIS R 319 21.55 8.28 -43.20
N PHE R 320 21.11 7.09 -42.82
CA PHE R 320 21.87 6.29 -41.86
C PHE R 320 23.23 5.91 -42.43
N SER R 321 23.28 5.54 -43.70
CA SER R 321 24.55 5.20 -44.33
C SER R 321 25.49 6.40 -44.37
N SER R 322 24.95 7.58 -44.67
CA SER R 322 25.78 8.78 -44.69
C SER R 322 26.33 9.10 -43.31
N VAL R 323 25.50 8.97 -42.27
CA VAL R 323 25.97 9.20 -40.91
C VAL R 323 27.06 8.20 -40.55
N VAL R 324 26.89 6.94 -40.95
CA VAL R 324 27.86 5.90 -40.62
C VAL R 324 29.19 6.17 -41.32
N LEU R 325 29.15 6.53 -42.61
CA LEU R 325 30.37 6.86 -43.33
C LEU R 325 31.04 8.10 -42.73
N GLY R 326 30.26 9.10 -42.35
CA GLY R 326 30.84 10.27 -41.72
C GLY R 326 31.53 9.94 -40.42
N ASN R 327 30.91 9.11 -39.59
CA ASN R 327 31.54 8.72 -38.33
C ASN R 327 32.82 7.93 -38.59
N ALA R 328 32.81 7.05 -39.60
CA ALA R 328 34.01 6.30 -39.92
C ALA R 328 35.13 7.22 -40.39
N ALA R 329 34.81 8.22 -41.22
CA ALA R 329 35.84 9.12 -41.72
C ALA R 329 36.36 10.03 -40.61
N GLY R 330 35.48 10.41 -39.69
CA GLY R 330 35.92 11.26 -38.58
C GLY R 330 36.85 10.54 -37.63
N LEU R 331 36.60 9.26 -37.37
CA LEU R 331 37.46 8.48 -36.50
C LEU R 331 38.78 8.10 -37.16
N GLY R 332 38.94 8.38 -38.45
CA GLY R 332 40.20 8.12 -39.12
C GLY R 332 40.44 6.68 -39.50
N ILE R 333 39.37 5.90 -39.70
CA ILE R 333 39.51 4.51 -40.09
C ILE R 333 38.94 4.20 -41.47
N MET R 334 38.47 5.20 -42.21
CA MET R 334 37.79 4.91 -43.47
C MET R 334 38.80 4.58 -44.58
N GLY R 335 40.03 5.07 -44.46
CA GLY R 335 41.06 4.71 -45.41
C GLY R 335 40.73 5.18 -46.82
N GLU R 336 40.88 4.26 -47.79
CA GLU R 336 40.51 4.50 -49.17
C GLU R 336 39.18 3.86 -49.54
N TYR R 337 38.25 3.79 -48.60
CA TYR R 337 36.97 3.16 -48.87
C TYR R 337 36.25 3.96 -49.94
N ARG R 338 35.94 3.32 -51.06
CA ARG R 338 35.51 4.02 -52.26
C ARG R 338 34.00 4.13 -52.36
N GLY R 339 33.29 3.70 -51.33
CA GLY R 339 31.89 4.03 -51.21
C GLY R 339 31.70 5.48 -50.81
N THR R 340 30.69 6.11 -51.39
CA THR R 340 30.51 7.55 -51.23
C THR R 340 29.17 7.84 -50.57
N PRO R 341 29.10 8.86 -49.71
CA PRO R 341 27.82 9.19 -49.09
C PRO R 341 26.83 9.72 -50.10
N ARG R 342 25.54 9.48 -49.85
CA ARG R 342 24.49 10.04 -50.69
C ARG R 342 23.67 11.09 -49.97
N ASN R 343 24.10 11.49 -48.78
CA ASN R 343 23.64 12.69 -48.09
C ASN R 343 24.89 13.40 -47.58
N GLN R 344 25.40 14.35 -48.37
CA GLN R 344 26.66 14.98 -48.04
C GLN R 344 26.58 15.75 -46.73
N ASP R 345 25.43 16.36 -46.46
CA ASP R 345 25.30 17.18 -45.25
C ASP R 345 25.43 16.34 -43.98
N LEU R 346 24.69 15.23 -43.91
CA LEU R 346 24.80 14.36 -42.75
C LEU R 346 26.19 13.75 -42.64
N TYR R 347 26.80 13.42 -43.78
CA TYR R 347 28.16 12.92 -43.78
C TYR R 347 29.11 13.92 -43.14
N ASP R 348 29.05 15.18 -43.57
CA ASP R 348 29.95 16.19 -43.02
C ASP R 348 29.67 16.43 -41.54
N ALA R 349 28.39 16.48 -41.14
CA ALA R 349 28.08 16.71 -39.74
C ALA R 349 28.60 15.59 -38.86
N ALA R 350 28.39 14.34 -39.27
CA ALA R 350 28.88 13.20 -38.50
C ALA R 350 30.40 13.17 -38.47
N LYS R 351 31.04 13.50 -39.60
CA LYS R 351 32.51 13.54 -39.62
C LYS R 351 33.04 14.58 -38.65
N ALA R 352 32.44 15.77 -38.64
CA ALA R 352 32.88 16.81 -37.72
C ALA R 352 32.69 16.39 -36.27
N TYR R 353 31.53 15.81 -35.94
CA TYR R 353 31.32 15.41 -34.56
C TYR R 353 32.29 14.32 -34.16
N ALA R 354 32.59 13.38 -35.06
CA ALA R 354 33.51 12.31 -34.73
C ALA R 354 34.92 12.84 -34.55
N GLU R 355 35.28 13.89 -35.30
CA GLU R 355 36.58 14.52 -35.09
C GLU R 355 36.65 15.20 -33.72
N GLN R 356 35.61 15.95 -33.35
CA GLN R 356 35.62 16.55 -32.01
C GLN R 356 35.41 15.51 -30.92
N LEU R 357 35.09 14.27 -31.27
CA LEU R 357 35.04 13.22 -30.25
C LEU R 357 36.42 12.85 -29.73
N LYS R 358 37.47 13.44 -30.28
CA LYS R 358 38.82 13.07 -29.83
C LYS R 358 39.50 14.20 -29.06
N GLU R 359 39.36 15.44 -29.52
CA GLU R 359 39.82 16.58 -28.72
C GLU R 359 38.87 16.88 -27.58
N ASN R 360 37.57 16.83 -27.85
CA ASN R 360 36.53 17.05 -26.85
C ASN R 360 35.95 15.69 -26.50
N GLY R 361 36.51 15.09 -25.45
CA GLY R 361 36.34 13.65 -25.23
C GLY R 361 34.94 13.15 -25.48
N VAL R 362 33.99 13.52 -24.63
CA VAL R 362 32.60 13.10 -24.77
C VAL R 362 31.72 14.29 -24.44
N ILE R 363 30.45 14.20 -24.80
CA ILE R 363 29.46 15.21 -24.48
C ILE R 363 28.42 14.59 -23.56
N ASN R 364 28.23 15.19 -22.39
CA ASN R 364 27.16 14.78 -21.51
C ASN R 364 25.83 15.32 -22.04
N TYR R 365 24.74 14.79 -21.49
CA TYR R 365 23.42 15.26 -21.85
C TYR R 365 22.71 15.78 -20.61
N SER R 366 23.44 16.60 -19.84
CA SER R 366 22.92 17.33 -18.70
C SER R 366 21.86 18.34 -19.15
N VAL R 367 21.93 18.77 -20.40
CA VAL R 367 20.82 19.50 -21.01
C VAL R 367 19.57 18.67 -20.81
N LEU R 368 18.41 19.32 -20.71
CA LEU R 368 17.17 18.61 -20.42
C LEU R 368 17.19 17.93 -19.05
N ASP R 369 17.08 18.72 -17.97
CA ASP R 369 16.84 18.32 -16.57
C ASP R 369 18.09 17.96 -15.76
N LEU R 370 19.31 18.27 -16.21
CA LEU R 370 20.46 18.11 -15.34
C LEU R 370 21.48 19.23 -15.52
N ALA S 2 28.03 6.67 21.15
CA ALA S 2 28.20 6.66 19.69
C ALA S 2 29.50 7.33 19.30
N LEU S 3 30.26 6.68 18.43
CA LEU S 3 31.56 7.22 18.02
C LEU S 3 31.40 8.46 17.15
N SER S 4 30.21 8.67 16.59
CA SER S 4 30.00 9.82 15.71
C SER S 4 30.00 11.15 16.44
N LYS S 5 29.81 11.16 17.76
CA LYS S 5 29.82 12.40 18.53
C LYS S 5 31.17 12.69 19.19
N VAL S 6 32.21 11.95 18.84
CA VAL S 6 33.57 12.27 19.29
C VAL S 6 34.10 13.26 18.27
N LYS S 7 33.73 14.53 18.43
CA LYS S 7 34.10 15.55 17.46
C LYS S 7 34.24 16.89 18.17
N LEU S 8 35.09 17.74 17.60
CA LEU S 8 35.36 19.08 18.14
C LEU S 8 35.39 20.05 16.98
N ASN S 9 34.63 21.14 17.10
CA ASN S 9 34.59 22.18 16.08
C ASN S 9 35.52 23.33 16.49
N ASP S 10 36.81 23.12 16.23
CA ASP S 10 37.82 24.05 16.73
C ASP S 10 37.79 25.38 16.00
N THR S 11 37.61 25.36 14.68
CA THR S 11 37.60 26.60 13.90
C THR S 11 36.47 27.52 14.35
N LEU S 12 35.26 26.96 14.49
CA LEU S 12 34.11 27.75 14.88
C LEU S 12 34.24 28.25 16.31
N ASN S 13 34.79 27.41 17.19
CA ASN S 13 34.97 27.82 18.59
C ASN S 13 36.00 28.93 18.70
N LYS S 14 37.10 28.85 17.94
CA LYS S 14 38.07 29.94 17.92
C LYS S 14 37.45 31.21 17.39
N ASP S 15 36.65 31.12 16.33
CA ASP S 15 35.99 32.31 15.82
C ASP S 15 35.05 32.92 16.85
N GLN S 16 34.29 32.08 17.55
CA GLN S 16 33.38 32.62 18.56
C GLN S 16 34.15 33.26 19.71
N LEU S 17 35.29 32.67 20.09
CA LEU S 17 36.11 33.28 21.13
C LEU S 17 36.63 34.66 20.69
N LEU S 18 37.08 34.77 19.44
CA LEU S 18 37.63 36.03 18.97
C LEU S 18 36.56 37.08 18.72
N SER S 19 35.36 36.66 18.33
CA SER S 19 34.29 37.61 18.02
C SER S 19 33.47 38.02 19.23
N SER S 20 33.59 37.32 20.36
CA SER S 20 32.82 37.64 21.55
C SER S 20 33.68 38.23 22.66
N SER S 21 34.79 38.86 22.32
CA SER S 21 35.63 39.50 23.32
C SER S 21 34.89 40.69 23.93
N LYS S 22 34.99 40.82 25.25
CA LYS S 22 34.34 41.91 25.97
C LYS S 22 35.31 42.99 26.43
N TYR S 23 36.56 42.93 25.98
CA TYR S 23 37.54 43.99 26.21
C TYR S 23 38.20 44.33 24.88
N THR S 24 38.63 45.57 24.73
CA THR S 24 39.23 46.05 23.50
C THR S 24 40.54 46.75 23.78
N ILE S 25 41.46 46.63 22.82
CA ILE S 25 42.71 47.37 22.87
C ILE S 25 42.59 48.62 22.03
N GLN S 26 43.50 49.56 22.24
CA GLN S 26 43.53 50.81 21.48
C GLN S 26 44.98 51.19 21.26
N ARG S 27 45.45 51.05 20.03
CA ARG S 27 46.84 51.29 19.69
C ARG S 27 47.10 52.78 19.53
N SER S 28 48.36 53.16 19.58
CA SER S 28 48.78 54.54 19.39
C SER S 28 49.64 54.63 18.13
N THR S 29 49.19 55.43 17.17
CA THR S 29 49.88 55.50 15.89
C THR S 29 51.28 56.11 16.02
N GLY S 30 51.51 56.93 17.04
CA GLY S 30 52.76 57.64 17.20
C GLY S 30 52.74 59.04 16.61
N ASP S 31 53.26 59.17 15.40
CA ASP S 31 53.17 60.40 14.61
C ASP S 31 51.72 60.76 14.33
N SER S 32 51.46 62.07 14.35
CA SER S 32 50.11 62.58 14.12
C SER S 32 49.65 62.27 12.70
N ILE S 33 48.36 61.97 12.56
CA ILE S 33 47.76 61.70 11.26
C ILE S 33 47.16 62.99 10.74
N ASP S 34 47.52 63.35 9.51
CA ASP S 34 46.88 64.45 8.80
C ASP S 34 45.55 63.94 8.29
N THR S 35 44.49 64.73 8.45
CA THR S 35 43.19 64.31 7.97
C THR S 35 42.63 65.37 7.03
N PRO S 36 42.96 65.36 5.74
CA PRO S 36 42.36 66.31 4.81
C PRO S 36 40.87 66.05 4.63
N ASN S 37 40.15 67.13 4.31
CA ASN S 37 38.72 67.08 4.08
C ASN S 37 38.45 67.25 2.59
N TYR S 38 37.17 67.36 2.23
CA TYR S 38 36.79 67.55 0.84
C TYR S 38 37.33 68.84 0.27
N ASP S 39 37.70 69.79 1.13
CA ASP S 39 38.10 71.11 0.68
C ASP S 39 39.36 71.06 -0.19
N VAL S 40 40.34 70.25 0.22
CA VAL S 40 41.65 70.26 -0.41
C VAL S 40 41.81 69.11 -1.40
N GLN S 41 40.70 68.46 -1.78
CA GLN S 41 40.77 67.38 -2.77
C GLN S 41 41.30 67.89 -4.10
N LYS S 42 40.85 69.08 -4.51
CA LYS S 42 41.33 69.66 -5.77
C LYS S 42 42.82 69.91 -5.72
N HIS S 43 43.32 70.42 -4.59
CA HIS S 43 44.75 70.73 -4.50
C HIS S 43 45.59 69.45 -4.47
N ILE S 44 45.11 68.42 -3.78
CA ILE S 44 45.86 67.16 -3.76
C ILE S 44 45.87 66.51 -5.13
N ASN S 45 44.75 66.61 -5.86
CA ASN S 45 44.72 66.11 -7.22
C ASN S 45 45.66 66.92 -8.11
N LYS S 46 45.75 68.23 -7.87
CA LYS S 46 46.72 69.05 -8.59
C LYS S 46 48.14 68.57 -8.33
N LEU S 47 48.45 68.26 -7.08
CA LEU S 47 49.78 67.77 -6.73
C LEU S 47 50.09 66.45 -7.42
N CYS S 48 49.12 65.54 -7.43
CA CYS S 48 49.30 64.27 -8.13
C CYS S 48 49.52 64.49 -9.62
N GLY S 49 48.76 65.40 -10.22
CA GLY S 49 48.94 65.69 -11.63
C GLY S 49 50.31 66.28 -11.93
N MET S 50 50.77 67.19 -11.06
CA MET S 50 52.11 67.74 -11.24
C MET S 50 53.18 66.66 -11.13
N LEU S 51 53.01 65.71 -10.22
CA LEU S 51 53.93 64.58 -10.16
C LEU S 51 53.88 63.76 -11.44
N LEU S 52 52.67 63.58 -12.00
CA LEU S 52 52.53 62.73 -13.17
C LEU S 52 53.10 63.36 -14.43
N ILE S 53 52.93 64.66 -14.62
CA ILE S 53 53.43 65.30 -15.85
C ILE S 53 54.92 65.58 -15.80
N THR S 54 55.58 65.32 -14.67
CA THR S 54 57.00 65.62 -14.50
C THR S 54 57.81 64.42 -14.98
N GLU S 55 58.47 64.54 -16.12
CA GLU S 55 59.34 63.46 -16.54
C GLU S 55 60.59 63.36 -15.65
N ASP S 56 61.21 62.18 -15.67
CA ASP S 56 62.37 61.90 -14.82
C ASP S 56 62.09 62.33 -13.39
N ALA S 57 60.92 61.96 -12.89
CA ALA S 57 60.41 62.51 -11.65
C ALA S 57 61.00 61.83 -10.42
N ASN S 58 60.81 62.47 -9.28
CA ASN S 58 61.18 61.93 -7.98
C ASN S 58 59.91 61.49 -7.28
N HIS S 59 59.71 60.17 -7.15
CA HIS S 59 58.51 59.63 -6.54
C HIS S 59 58.72 59.20 -5.10
N LYS S 60 59.61 59.87 -4.37
CA LYS S 60 59.85 59.48 -2.98
C LYS S 60 58.62 59.72 -2.11
N PHE S 61 57.77 60.67 -2.47
CA PHE S 61 56.64 61.07 -1.64
C PHE S 61 55.30 60.74 -2.27
N THR S 62 55.28 59.96 -3.36
CA THR S 62 54.04 59.70 -4.07
C THR S 62 53.09 58.84 -3.25
N GLY S 63 53.62 57.91 -2.46
CA GLY S 63 52.75 57.09 -1.64
C GLY S 63 51.98 57.88 -0.61
N LEU S 64 52.66 58.82 0.06
CA LEU S 64 51.99 59.66 1.04
C LEU S 64 50.97 60.58 0.38
N ILE S 65 51.29 61.10 -0.80
CA ILE S 65 50.35 61.99 -1.49
C ILE S 65 49.12 61.22 -1.96
N GLY S 66 49.32 59.99 -2.43
CA GLY S 66 48.17 59.17 -2.78
C GLY S 66 47.32 58.82 -1.58
N MET S 67 47.95 58.54 -0.44
CA MET S 67 47.20 58.31 0.78
C MET S 67 46.40 59.54 1.19
N LEU S 68 47.00 60.72 1.07
CA LEU S 68 46.29 61.95 1.36
C LEU S 68 45.11 62.15 0.42
N TYR S 69 45.29 61.83 -0.85
CA TYR S 69 44.18 61.96 -1.80
C TYR S 69 43.04 61.01 -1.46
N ALA S 70 43.37 59.77 -1.12
CA ALA S 70 42.33 58.81 -0.72
C ALA S 70 41.60 59.29 0.52
N MET S 71 42.34 59.79 1.52
CA MET S 71 41.74 60.28 2.74
C MET S 71 40.90 61.53 2.51
N SER S 72 41.28 62.37 1.55
CA SER S 72 40.46 63.54 1.22
C SER S 72 39.18 63.14 0.49
N ARG S 73 39.26 62.10 -0.34
CA ARG S 73 38.04 61.57 -0.95
C ARG S 73 37.09 61.00 0.10
N LEU S 74 37.64 60.28 1.09
CA LEU S 74 36.78 59.74 2.15
C LEU S 74 36.16 60.87 2.97
N GLY S 75 36.91 61.93 3.20
CA GLY S 75 36.52 63.00 4.09
C GLY S 75 37.11 62.82 5.48
N ARG S 76 37.20 63.94 6.21
CA ARG S 76 37.81 63.89 7.54
C ARG S 76 36.98 63.08 8.51
N GLU S 77 35.66 63.23 8.47
CA GLU S 77 34.80 62.49 9.39
C GLU S 77 34.99 60.99 9.21
N ASP S 78 34.90 60.52 7.96
CA ASP S 78 35.00 59.09 7.72
C ASP S 78 36.42 58.58 7.95
N THR S 79 37.44 59.38 7.65
CA THR S 79 38.80 58.94 7.95
C THR S 79 39.00 58.76 9.44
N ILE S 80 38.52 59.72 10.24
CA ILE S 80 38.63 59.61 11.69
C ILE S 80 37.86 58.40 12.19
N LYS S 81 36.65 58.19 11.66
CA LYS S 81 35.84 57.07 12.11
C LYS S 81 36.49 55.73 11.75
N ILE S 82 37.10 55.65 10.57
CA ILE S 82 37.84 54.45 10.19
C ILE S 82 38.98 54.19 11.16
N LEU S 83 39.73 55.24 11.49
CA LEU S 83 40.88 55.05 12.37
C LEU S 83 40.44 54.61 13.77
N ARG S 84 39.36 55.18 14.29
CA ARG S 84 38.84 54.69 15.57
C ARG S 84 38.37 53.24 15.47
N ASP S 85 37.58 52.91 14.44
CA ASP S 85 37.05 51.55 14.32
C ASP S 85 38.17 50.53 14.17
N ALA S 86 39.29 50.91 13.56
CA ALA S 86 40.44 50.02 13.48
C ALA S 86 41.15 49.87 14.82
N GLY S 87 40.79 50.68 15.81
CA GLY S 87 41.40 50.60 17.12
C GLY S 87 42.71 51.36 17.21
N TYR S 88 42.68 52.65 16.89
CA TYR S 88 43.86 53.49 16.92
C TYR S 88 43.57 54.76 17.71
N HIS S 89 44.59 55.23 18.43
CA HIS S 89 44.57 56.57 18.98
C HIS S 89 45.24 57.50 17.97
N VAL S 90 44.49 58.47 17.48
CA VAL S 90 44.93 59.31 16.38
C VAL S 90 44.90 60.77 16.80
N LYS S 91 45.97 61.49 16.47
CA LYS S 91 46.03 62.94 16.61
C LYS S 91 45.55 63.52 15.28
N ALA S 92 44.27 63.88 15.22
CA ALA S 92 43.71 64.40 13.99
C ALA S 92 44.29 65.77 13.69
N ASN S 93 44.95 65.88 12.54
CA ASN S 93 45.64 67.10 12.14
C ASN S 93 44.85 67.76 11.02
N GLY S 94 44.42 69.00 11.25
CA GLY S 94 43.66 69.72 10.24
C GLY S 94 44.56 70.12 9.09
N VAL S 95 44.07 69.93 7.86
CA VAL S 95 44.78 70.29 6.65
C VAL S 95 44.03 71.41 5.97
N ASP S 96 44.72 72.52 5.73
CA ASP S 96 44.13 73.64 5.02
C ASP S 96 45.18 74.25 4.11
N VAL S 97 44.71 74.96 3.12
CA VAL S 97 45.56 75.51 2.07
C VAL S 97 45.99 76.92 2.45
N THR S 98 47.26 77.23 2.19
CA THR S 98 47.79 78.57 2.42
C THR S 98 48.79 78.90 1.32
N THR S 99 49.12 80.18 1.21
CA THR S 99 50.10 80.66 0.26
C THR S 99 51.46 80.85 0.90
N HIS S 100 52.51 80.57 0.14
CA HIS S 100 53.89 80.79 0.55
C HIS S 100 54.59 81.56 -0.56
N ARG S 101 55.36 82.56 -0.18
CA ARG S 101 56.04 83.44 -1.13
C ARG S 101 57.55 83.20 -1.00
N GLN S 102 58.20 82.87 -2.11
CA GLN S 102 59.66 82.77 -2.09
C GLN S 102 60.23 83.23 -3.42
N ASP S 103 61.52 83.59 -3.38
CA ASP S 103 62.22 84.15 -4.53
C ASP S 103 63.17 83.08 -5.09
N ILE S 104 62.80 82.53 -6.24
CA ILE S 104 63.66 81.63 -6.99
C ILE S 104 64.00 82.30 -8.31
N ASN S 105 65.23 82.10 -8.79
CA ASN S 105 65.75 82.79 -9.97
C ASN S 105 65.77 84.30 -9.76
N GLY S 106 65.82 84.73 -8.51
CA GLY S 106 65.77 86.14 -8.20
C GLY S 106 64.45 86.81 -8.47
N LYS S 107 63.36 86.04 -8.52
CA LYS S 107 62.04 86.57 -8.85
C LYS S 107 61.04 86.13 -7.78
N GLU S 108 60.18 87.05 -7.37
CA GLU S 108 59.13 86.77 -6.41
C GLU S 108 58.14 85.78 -7.02
N MET S 109 57.75 84.76 -6.27
CA MET S 109 56.87 83.73 -6.80
C MET S 109 55.79 83.32 -5.81
N LYS S 110 54.60 83.12 -6.37
CA LYS S 110 53.40 82.76 -5.64
C LYS S 110 53.20 81.25 -5.72
N PHE S 111 53.22 80.58 -4.58
CA PHE S 111 52.88 79.17 -4.46
C PHE S 111 51.75 78.99 -3.47
N GLU S 112 50.87 78.04 -3.77
CA GLU S 112 49.76 77.68 -2.90
C GLU S 112 49.99 76.26 -2.42
N VAL S 113 50.22 76.10 -1.12
CA VAL S 113 50.63 74.82 -0.54
C VAL S 113 49.64 74.44 0.56
N LEU S 114 49.87 73.27 1.16
CA LEU S 114 49.03 72.71 2.20
C LEU S 114 49.80 72.62 3.51
N THR S 115 49.07 72.72 4.62
CA THR S 115 49.65 72.51 5.95
C THR S 115 49.60 71.02 6.27
N LEU S 116 50.63 70.31 5.83
CA LEU S 116 50.77 68.88 6.12
C LEU S 116 51.97 68.68 7.02
N ALA S 117 51.76 68.04 8.17
CA ALA S 117 52.88 67.75 9.06
C ALA S 117 53.81 66.72 8.46
N SER S 118 53.28 65.79 7.66
CA SER S 118 54.10 64.74 7.09
C SER S 118 54.84 65.20 5.84
N LEU S 119 54.37 66.26 5.20
CA LEU S 119 54.92 66.73 3.94
C LEU S 119 55.28 68.21 4.08
N THR S 120 56.56 68.52 4.01
CA THR S 120 57.02 69.89 4.23
C THR S 120 56.73 70.77 3.03
N THR S 121 56.80 72.08 3.25
CA THR S 121 56.52 73.04 2.19
C THR S 121 57.55 72.97 1.08
N GLU S 122 58.83 72.77 1.43
CA GLU S 122 59.88 72.68 0.42
C GLU S 122 59.58 71.60 -0.60
N ILE S 123 59.05 70.47 -0.16
CA ILE S 123 58.80 69.34 -1.06
C ILE S 123 57.74 69.71 -2.07
N GLN S 124 56.64 70.32 -1.62
CA GLN S 124 55.59 70.73 -2.54
C GLN S 124 56.08 71.80 -3.50
N ILE S 125 56.86 72.76 -3.00
CA ILE S 125 57.42 73.81 -3.86
C ILE S 125 58.29 73.18 -4.94
N ASN S 126 59.14 72.23 -4.57
CA ASN S 126 60.05 71.62 -5.53
C ASN S 126 59.28 70.77 -6.53
N ILE S 127 58.21 70.10 -6.08
CA ILE S 127 57.34 69.37 -7.00
C ILE S 127 56.78 70.32 -8.05
N GLU S 128 56.29 71.48 -7.60
CA GLU S 128 55.76 72.45 -8.55
C GLU S 128 56.85 72.96 -9.51
N ILE S 129 58.06 73.20 -8.99
CA ILE S 129 59.14 73.70 -9.85
C ILE S 129 59.47 72.69 -10.94
N GLU S 130 59.64 71.42 -10.54
CA GLU S 130 59.98 70.39 -11.52
C GLU S 130 58.86 70.23 -12.54
N SER S 131 57.60 70.23 -12.07
CA SER S 131 56.49 70.10 -12.99
C SER S 131 56.43 71.27 -13.97
N ARG S 132 56.63 72.49 -13.46
CA ARG S 132 56.57 73.66 -14.33
C ARG S 132 57.65 73.62 -15.40
N LYS S 133 58.87 73.28 -15.04
CA LYS S 133 59.93 73.33 -16.05
C LYS S 133 59.82 72.16 -17.03
N SER S 134 59.35 70.99 -16.56
CA SER S 134 59.09 69.90 -17.48
C SER S 134 57.95 70.26 -18.45
N TYR S 135 56.91 70.92 -17.92
CA TYR S 135 55.82 71.41 -18.76
C TYR S 135 56.33 72.42 -19.79
N LYS S 136 57.20 73.33 -19.37
CA LYS S 136 57.78 74.29 -20.31
C LYS S 136 58.56 73.59 -21.41
N LYS S 137 59.40 72.63 -21.04
CA LYS S 137 60.22 71.93 -22.03
C LYS S 137 59.35 71.14 -23.01
N MET S 138 58.32 70.47 -22.50
CA MET S 138 57.49 69.65 -23.38
C MET S 138 56.58 70.52 -24.25
N LEU S 139 56.13 71.65 -23.73
CA LEU S 139 55.39 72.62 -24.53
C LEU S 139 56.27 73.18 -25.64
N LYS S 140 57.54 73.45 -25.33
CA LYS S 140 58.48 73.87 -26.34
C LYS S 140 58.67 72.80 -27.41
N GLU S 141 58.76 71.54 -26.98
CA GLU S 141 59.06 70.47 -27.91
C GLU S 141 57.86 70.01 -28.73
N MET S 142 56.63 70.37 -28.35
CA MET S 142 55.49 70.02 -29.20
C MET S 142 54.53 71.16 -29.48
N GLY S 143 54.79 72.37 -28.98
CA GLY S 143 54.03 73.53 -29.41
C GLY S 143 52.83 73.91 -28.57
N GLU S 144 51.81 73.04 -28.53
CA GLU S 144 50.59 73.33 -27.79
C GLU S 144 50.16 72.09 -27.02
N VAL S 145 49.71 72.31 -25.78
CA VAL S 145 49.28 71.23 -24.91
C VAL S 145 47.79 70.97 -25.08
N ALA S 146 47.34 69.84 -24.58
CA ALA S 146 45.93 69.45 -24.53
C ALA S 146 45.59 69.14 -23.08
N PRO S 147 44.30 69.09 -22.74
CA PRO S 147 43.92 68.64 -21.38
C PRO S 147 44.44 67.26 -21.04
N GLU S 148 44.86 66.48 -22.04
CA GLU S 148 45.48 65.19 -21.78
C GLU S 148 46.82 65.36 -21.07
N TYR S 149 47.62 66.33 -21.48
CA TYR S 149 48.94 66.59 -20.90
C TYR S 149 48.81 67.76 -19.92
N ARG S 150 48.31 67.49 -18.72
CA ARG S 150 48.25 68.53 -17.70
C ARG S 150 47.94 67.92 -16.35
N HIS S 151 48.18 68.69 -15.30
CA HIS S 151 47.89 68.31 -13.93
C HIS S 151 46.43 68.55 -13.55
N ASP S 152 45.67 69.29 -14.36
CA ASP S 152 44.30 69.63 -14.01
C ASP S 152 43.30 68.51 -14.32
N SER S 153 43.75 67.42 -14.90
CA SER S 153 42.87 66.29 -15.16
C SER S 153 42.32 65.75 -13.84
N PRO S 154 41.03 65.38 -13.78
CA PRO S 154 40.45 64.95 -12.50
C PRO S 154 40.77 63.51 -12.13
N ASP S 155 41.59 62.80 -12.90
CA ASP S 155 41.90 61.40 -12.65
C ASP S 155 43.38 61.16 -12.40
N CYS S 156 44.18 62.23 -12.28
CA CYS S 156 45.61 62.07 -12.05
C CYS S 156 45.89 61.38 -10.72
N GLY S 157 45.14 61.76 -9.67
CA GLY S 157 45.27 61.06 -8.41
C GLY S 157 44.80 59.62 -8.47
N MET S 158 43.76 59.36 -9.27
CA MET S 158 43.22 58.02 -9.34
C MET S 158 44.11 57.06 -10.11
N ILE S 159 44.95 57.57 -11.02
CA ILE S 159 45.96 56.70 -11.63
C ILE S 159 46.97 56.23 -10.59
N ILE S 160 47.45 57.15 -9.75
CA ILE S 160 48.35 56.78 -8.66
C ILE S 160 47.68 55.78 -7.74
N LEU S 161 46.38 55.97 -7.48
CA LEU S 161 45.68 55.02 -6.64
C LEU S 161 45.47 53.68 -7.34
N CYS S 162 45.46 53.66 -8.68
CA CYS S 162 45.47 52.38 -9.39
C CYS S 162 46.77 51.63 -9.16
N ILE S 163 47.89 52.34 -9.21
CA ILE S 163 49.17 51.71 -8.87
C ILE S 163 49.13 51.19 -7.43
N ALA S 164 48.55 51.97 -6.53
CA ALA S 164 48.41 51.53 -5.14
C ALA S 164 47.55 50.27 -5.06
N ALA S 165 46.50 50.18 -5.88
CA ALA S 165 45.64 49.01 -5.86
C ALA S 165 46.39 47.77 -6.31
N LEU S 166 47.25 47.90 -7.34
CA LEU S 166 48.08 46.77 -7.73
C LEU S 166 49.02 46.34 -6.60
N VAL S 167 49.65 47.33 -5.94
CA VAL S 167 50.51 47.03 -4.80
C VAL S 167 49.73 46.29 -3.73
N ILE S 168 48.48 46.71 -3.49
CA ILE S 168 47.64 46.04 -2.49
C ILE S 168 47.36 44.60 -2.90
N THR S 169 47.09 44.37 -4.18
CA THR S 169 46.89 43.00 -4.65
C THR S 169 48.09 42.14 -4.32
N LYS S 170 49.30 42.67 -4.46
CA LYS S 170 50.50 41.88 -4.19
C LYS S 170 51.03 42.00 -2.76
N LEU S 171 50.36 42.75 -1.89
CA LEU S 171 50.83 42.89 -0.51
C LEU S 171 50.83 41.59 0.28
N ALA S 172 49.94 40.65 -0.03
CA ALA S 172 49.80 39.46 0.79
C ALA S 172 51.03 38.55 0.72
N ALA S 173 51.95 38.79 -0.22
CA ALA S 173 53.16 37.97 -0.31
C ALA S 173 54.12 38.21 0.83
N GLY S 174 53.92 39.25 1.65
CA GLY S 174 54.73 39.51 2.81
C GLY S 174 55.96 40.35 2.58
N ASP S 175 56.30 40.66 1.34
CA ASP S 175 57.46 41.47 1.03
C ASP S 175 57.28 42.06 -0.37
N ARG S 176 58.33 42.66 -0.90
CA ARG S 176 58.27 43.28 -2.22
C ARG S 176 58.67 42.30 -3.32
N SER S 177 58.08 41.11 -3.30
CA SER S 177 58.33 40.11 -4.33
C SER S 177 57.36 40.19 -5.48
N GLY S 178 56.24 40.90 -5.30
CA GLY S 178 55.27 41.07 -6.36
C GLY S 178 55.48 42.35 -7.13
N LEU S 179 56.65 42.98 -6.96
CA LEU S 179 56.93 44.22 -7.66
C LEU S 179 56.97 44.02 -9.17
N THR S 180 57.55 42.91 -9.63
CA THR S 180 57.59 42.63 -11.05
C THR S 180 56.19 42.45 -11.62
N ALA S 181 55.32 41.74 -10.89
CA ALA S 181 53.94 41.58 -11.32
C ALA S 181 53.21 42.91 -11.35
N VAL S 182 53.47 43.77 -10.36
CA VAL S 182 52.86 45.10 -10.35
C VAL S 182 53.28 45.89 -11.58
N ILE S 183 54.58 45.87 -11.91
CA ILE S 183 55.06 46.60 -13.07
C ILE S 183 54.45 46.04 -14.36
N ARG S 184 54.40 44.72 -14.48
CA ARG S 184 53.86 44.10 -15.68
C ARG S 184 52.38 44.45 -15.86
N ARG S 185 51.59 44.36 -14.78
CA ARG S 185 50.17 44.67 -14.90
C ARG S 185 49.93 46.17 -15.10
N ALA S 186 50.80 47.02 -14.55
CA ALA S 186 50.68 48.45 -14.77
C ALA S 186 51.14 48.86 -16.15
N ASN S 187 51.89 47.99 -16.84
CA ASN S 187 52.19 48.24 -18.25
C ASN S 187 51.09 47.72 -19.16
N ASN S 188 50.51 46.56 -18.83
CA ASN S 188 49.36 46.07 -19.59
C ASN S 188 48.18 47.02 -19.47
N VAL S 189 47.66 47.18 -18.25
CA VAL S 189 46.70 48.23 -17.99
C VAL S 189 47.44 49.57 -18.02
N LEU S 190 46.69 50.65 -18.25
CA LEU S 190 47.23 52.01 -18.14
C LEU S 190 48.33 52.32 -19.16
N LYS S 191 48.35 51.62 -20.29
CA LYS S 191 49.38 51.90 -21.29
C LYS S 191 49.14 53.25 -21.98
N ASN S 192 47.87 53.59 -22.23
CA ASN S 192 47.54 54.91 -22.75
C ASN S 192 48.02 56.00 -21.81
N GLU S 193 47.83 55.81 -20.50
CA GLU S 193 48.34 56.78 -19.54
C GLU S 193 49.86 56.83 -19.55
N MET S 194 50.52 55.67 -19.65
CA MET S 194 51.97 55.68 -19.68
C MET S 194 52.51 56.35 -20.92
N LYS S 195 51.70 56.41 -21.99
CA LYS S 195 51.96 57.40 -23.04
C LYS S 195 51.78 58.81 -22.52
N ARG S 196 50.58 59.10 -22.03
CA ARG S 196 50.11 60.45 -21.79
C ARG S 196 50.88 61.17 -20.68
N TYR S 197 51.32 60.45 -19.65
CA TYR S 197 51.99 61.07 -18.52
C TYR S 197 53.47 60.73 -18.51
N LYS S 198 54.30 61.77 -18.43
CA LYS S 198 55.74 61.63 -18.48
C LYS S 198 56.30 60.95 -17.24
N GLY S 199 55.73 61.26 -16.07
CA GLY S 199 56.21 60.78 -14.81
C GLY S 199 55.49 59.56 -14.26
N LEU S 200 54.65 58.93 -15.07
CA LEU S 200 53.97 57.71 -14.64
C LEU S 200 54.96 56.57 -14.74
N LEU S 201 55.80 56.45 -13.72
CA LEU S 201 56.77 55.36 -13.65
C LEU S 201 56.25 54.33 -12.68
N PRO S 202 55.75 53.18 -13.15
CA PRO S 202 55.10 52.23 -12.23
C PRO S 202 56.01 51.75 -11.12
N LYS S 203 57.31 51.55 -11.38
CA LYS S 203 58.18 50.95 -10.37
C LYS S 203 58.41 51.90 -9.20
N ASP S 204 58.64 53.18 -9.51
CA ASP S 204 58.91 54.15 -8.44
C ASP S 204 57.69 54.36 -7.56
N ILE S 205 56.51 54.51 -8.18
CA ILE S 205 55.28 54.67 -7.42
C ILE S 205 54.98 53.42 -6.60
N ALA S 206 55.20 52.25 -7.19
CA ALA S 206 54.97 51.00 -6.45
C ALA S 206 55.90 50.89 -5.26
N ASN S 207 57.17 51.27 -5.42
CA ASN S 207 58.10 51.24 -4.31
C ASN S 207 57.69 52.23 -3.23
N SER S 208 57.22 53.41 -3.63
CA SER S 208 56.75 54.39 -2.65
C SER S 208 55.57 53.86 -1.86
N PHE S 209 54.62 53.20 -2.54
CA PHE S 209 53.46 52.66 -1.83
C PHE S 209 53.83 51.49 -0.95
N TYR S 210 54.77 50.65 -1.40
CA TYR S 210 55.29 49.59 -0.55
C TYR S 210 55.88 50.18 0.73
N GLU S 211 56.72 51.21 0.59
CA GLU S 211 57.32 51.85 1.75
C GLU S 211 56.28 52.41 2.70
N VAL S 212 55.29 53.14 2.17
CA VAL S 212 54.32 53.78 3.05
C VAL S 212 53.44 52.73 3.74
N PHE S 213 53.15 51.63 3.05
CA PHE S 213 52.36 50.58 3.69
C PHE S 213 53.17 49.84 4.75
N GLU S 214 54.48 49.72 4.54
CA GLU S 214 55.32 49.08 5.56
C GLU S 214 55.46 49.96 6.79
N LYS S 215 55.66 51.27 6.61
CA LYS S 215 55.90 52.15 7.75
C LYS S 215 54.62 52.40 8.55
N HIS S 216 53.49 52.58 7.85
CA HIS S 216 52.22 52.93 8.49
C HIS S 216 51.20 51.84 8.20
N PRO S 217 51.08 50.83 9.07
CA PRO S 217 50.08 49.79 8.84
C PRO S 217 48.65 50.28 8.89
N HIS S 218 48.38 51.42 9.50
CA HIS S 218 47.02 51.95 9.51
C HIS S 218 46.62 52.49 8.14
N PHE S 219 47.60 52.86 7.30
CA PHE S 219 47.28 53.32 5.96
C PHE S 219 46.75 52.18 5.10
N ILE S 220 47.15 50.95 5.40
CA ILE S 220 46.56 49.81 4.69
C ILE S 220 45.07 49.71 4.99
N ASP S 221 44.70 49.86 6.26
CA ASP S 221 43.29 49.83 6.64
C ASP S 221 42.53 50.97 5.98
N VAL S 222 43.11 52.18 6.04
CA VAL S 222 42.45 53.34 5.43
C VAL S 222 42.27 53.13 3.94
N PHE S 223 43.29 52.63 3.26
CA PHE S 223 43.20 52.45 1.81
C PHE S 223 42.22 51.35 1.45
N VAL S 224 42.18 50.27 2.22
CA VAL S 224 41.23 49.20 1.91
C VAL S 224 39.80 49.70 2.07
N HIS S 225 39.53 50.46 3.12
CA HIS S 225 38.17 50.93 3.30
C HIS S 225 37.83 52.05 2.31
N PHE S 226 38.83 52.83 1.89
CA PHE S 226 38.60 53.78 0.80
C PHE S 226 38.26 53.05 -0.48
N GLY S 227 38.97 51.95 -0.78
CA GLY S 227 38.68 51.20 -1.99
C GLY S 227 37.31 50.56 -1.96
N ILE S 228 36.87 50.11 -0.77
CA ILE S 228 35.53 49.56 -0.66
C ILE S 228 34.48 50.66 -0.84
N ALA S 229 34.72 51.84 -0.27
CA ALA S 229 33.77 52.94 -0.42
C ALA S 229 33.72 53.43 -1.86
N GLN S 230 34.87 53.50 -2.52
CA GLN S 230 34.92 53.90 -3.92
C GLN S 230 34.19 52.90 -4.81
N SER S 231 34.37 51.61 -4.54
CA SER S 231 33.72 50.57 -5.32
C SER S 231 32.23 50.47 -5.03
N SER S 232 31.73 51.17 -4.01
CA SER S 232 30.31 51.20 -3.70
C SER S 232 29.58 52.38 -4.34
N THR S 233 30.25 53.14 -5.20
CA THR S 233 29.62 54.26 -5.85
C THR S 233 28.69 53.79 -6.97
N ARG S 234 27.81 54.69 -7.40
CA ARG S 234 26.89 54.41 -8.48
C ARG S 234 27.55 54.44 -9.85
N GLY S 235 28.70 55.08 -9.97
CA GLY S 235 29.37 55.18 -11.24
C GLY S 235 30.52 56.16 -11.14
N GLY S 236 31.17 56.37 -12.28
CA GLY S 236 32.29 57.29 -12.33
C GLY S 236 32.95 57.27 -13.69
N SER S 237 34.17 57.79 -13.73
CA SER S 237 34.94 57.84 -14.96
C SER S 237 35.52 56.47 -15.27
N ARG S 238 36.26 56.37 -16.38
CA ARG S 238 36.82 55.08 -16.76
C ARG S 238 38.03 54.73 -15.90
N VAL S 239 38.76 55.75 -15.43
CA VAL S 239 39.89 55.50 -14.55
C VAL S 239 39.41 54.97 -13.21
N GLU S 240 38.28 55.47 -12.71
CA GLU S 240 37.71 54.92 -11.49
C GLU S 240 37.24 53.49 -11.70
N GLY S 241 36.73 53.18 -12.89
CA GLY S 241 36.40 51.80 -13.19
C GLY S 241 37.63 50.90 -13.22
N ILE S 242 38.73 51.41 -13.77
CA ILE S 242 39.98 50.66 -13.74
C ILE S 242 40.42 50.41 -12.30
N PHE S 243 40.33 51.44 -11.47
CA PHE S 243 40.72 51.29 -10.07
C PHE S 243 39.85 50.26 -9.38
N ALA S 244 38.54 50.29 -9.62
CA ALA S 244 37.66 49.31 -8.99
C ALA S 244 37.98 47.90 -9.45
N GLY S 245 38.25 47.72 -10.74
CA GLY S 245 38.61 46.41 -11.24
C GLY S 245 39.91 45.89 -10.67
N LEU S 246 40.91 46.77 -10.54
CA LEU S 246 42.19 46.36 -9.98
C LEU S 246 42.10 46.15 -8.47
N PHE S 247 41.22 46.88 -7.80
CA PHE S 247 41.06 46.71 -6.35
C PHE S 247 40.34 45.42 -6.02
N MET S 248 39.32 45.06 -6.78
CA MET S 248 38.66 43.79 -6.50
C MET S 248 39.47 42.60 -6.98
N ASN S 249 40.55 42.84 -7.72
CA ASN S 249 41.53 41.80 -7.98
C ASN S 249 42.26 41.38 -6.72
N ALA S 250 42.24 42.21 -5.69
CA ALA S 250 42.87 41.90 -4.41
C ALA S 250 41.96 41.09 -3.49
N TYR S 251 40.69 40.94 -3.82
CA TYR S 251 39.79 40.17 -3.00
C TYR S 251 40.20 38.71 -3.00
N GLY S 252 40.36 38.13 -1.82
CA GLY S 252 40.81 36.77 -1.70
C GLY S 252 42.30 36.56 -1.79
N ALA S 253 43.08 37.64 -1.78
CA ALA S 253 44.53 37.50 -1.79
C ALA S 253 44.99 36.88 -0.49
N GLY S 254 45.92 35.93 -0.60
CA GLY S 254 46.35 35.16 0.55
C GLY S 254 45.50 33.94 0.85
N GLN S 255 44.46 33.69 0.07
CA GLN S 255 43.57 32.55 0.27
C GLN S 255 43.37 31.79 -1.03
N VAL S 256 44.45 31.61 -1.80
CA VAL S 256 44.32 30.93 -3.08
C VAL S 256 43.96 29.46 -2.90
N MET S 257 44.35 28.86 -1.78
CA MET S 257 44.15 27.42 -1.61
C MET S 257 42.67 27.07 -1.51
N LEU S 258 41.85 27.97 -0.96
CA LEU S 258 40.42 27.71 -0.92
C LEU S 258 39.84 27.63 -2.33
N ARG S 259 40.23 28.57 -3.18
CA ARG S 259 39.76 28.57 -4.57
C ARG S 259 40.27 27.35 -5.32
N TRP S 260 41.54 26.97 -5.09
CA TRP S 260 42.08 25.81 -5.77
C TRP S 260 41.47 24.51 -5.25
N GLY S 261 41.05 24.47 -3.99
CA GLY S 261 40.33 23.32 -3.50
C GLY S 261 38.95 23.20 -4.11
N VAL S 262 38.25 24.32 -4.28
CA VAL S 262 36.98 24.28 -4.99
C VAL S 262 37.21 23.81 -6.42
N LEU S 263 38.30 24.25 -7.03
CA LEU S 263 38.63 23.82 -8.38
C LEU S 263 38.89 22.31 -8.44
N ALA S 264 39.65 21.79 -7.49
CA ALA S 264 39.94 20.36 -7.46
C ALA S 264 38.68 19.54 -7.23
N LYS S 265 37.73 20.10 -6.49
CA LYS S 265 36.42 19.45 -6.37
C LYS S 265 35.69 19.48 -7.71
N SER S 266 35.80 20.59 -8.44
CA SER S 266 35.05 20.73 -9.69
C SER S 266 35.57 19.77 -10.77
N VAL S 267 36.89 19.67 -10.91
CA VAL S 267 37.44 18.73 -11.89
C VAL S 267 37.44 17.30 -11.40
N LYS S 268 36.98 17.07 -10.16
CA LYS S 268 36.69 15.73 -9.65
C LYS S 268 37.95 14.86 -9.62
N ASN S 269 39.02 15.41 -9.06
CA ASN S 269 40.26 14.69 -8.93
C ASN S 269 40.06 13.45 -8.07
N ILE S 270 40.63 12.32 -8.50
CA ILE S 270 40.39 11.06 -7.79
C ILE S 270 41.10 11.03 -6.45
N MET S 271 42.28 11.65 -6.34
CA MET S 271 43.02 11.59 -5.09
C MET S 271 42.32 12.31 -3.95
N LEU S 272 41.15 12.88 -4.18
CA LEU S 272 40.30 13.32 -3.08
C LEU S 272 39.63 12.14 -2.39
N GLY S 273 39.68 10.96 -2.99
CA GLY S 273 39.18 9.72 -2.42
C GLY S 273 40.18 8.92 -1.64
N HIS S 274 41.41 9.42 -1.48
CA HIS S 274 42.42 8.73 -0.69
C HIS S 274 41.98 8.69 0.77
N ALA S 275 42.66 7.83 1.54
CA ALA S 275 42.24 7.59 2.92
C ALA S 275 42.49 8.81 3.80
N SER S 276 43.68 9.40 3.72
CA SER S 276 44.03 10.50 4.59
C SER S 276 43.24 11.76 4.23
N VAL S 277 43.01 12.00 2.94
CA VAL S 277 42.19 13.13 2.54
C VAL S 277 40.80 13.01 3.13
N GLN S 278 40.22 11.81 3.06
CA GLN S 278 38.89 11.60 3.63
C GLN S 278 38.92 11.70 5.15
N ALA S 279 40.06 11.40 5.77
CA ALA S 279 40.20 11.63 7.20
C ALA S 279 40.10 13.12 7.53
N GLU S 280 40.73 13.96 6.71
CA GLU S 280 40.74 15.40 6.98
C GLU S 280 39.50 16.13 6.46
N MET S 281 38.66 15.46 5.66
CA MET S 281 37.54 16.16 5.03
C MET S 281 36.60 16.83 6.03
N GLU S 282 36.48 16.28 7.25
CA GLU S 282 35.58 16.88 8.23
C GLU S 282 36.02 18.30 8.56
N GLN S 283 37.29 18.47 8.92
CA GLN S 283 37.77 19.80 9.26
C GLN S 283 37.93 20.68 8.02
N VAL S 284 38.14 20.07 6.85
CA VAL S 284 38.17 20.88 5.62
C VAL S 284 36.80 21.52 5.37
N VAL S 285 35.73 20.73 5.50
CA VAL S 285 34.39 21.29 5.35
C VAL S 285 34.10 22.30 6.45
N GLU S 286 34.63 22.04 7.65
CA GLU S 286 34.56 23.03 8.72
C GLU S 286 35.12 24.38 8.28
N VAL S 287 36.33 24.37 7.69
CA VAL S 287 36.96 25.61 7.27
C VAL S 287 36.16 26.29 6.17
N TYR S 288 35.65 25.52 5.21
CA TYR S 288 34.89 26.13 4.12
C TYR S 288 33.59 26.75 4.61
N GLU S 289 32.90 26.06 5.52
CA GLU S 289 31.69 26.65 6.11
C GLU S 289 32.01 27.90 6.90
N TYR S 290 33.16 27.93 7.58
CA TYR S 290 33.59 29.13 8.27
C TYR S 290 33.82 30.28 7.29
N ALA S 291 34.47 30.01 6.18
CA ALA S 291 34.72 31.05 5.18
C ALA S 291 33.42 31.61 4.64
N GLN S 292 32.45 30.74 4.37
CA GLN S 292 31.16 31.19 3.88
C GLN S 292 30.39 31.99 4.92
N LYS S 293 30.45 31.59 6.20
CA LYS S 293 29.78 32.35 7.25
C LYS S 293 30.41 33.74 7.39
N LEU S 294 31.72 33.82 7.26
CA LEU S 294 32.38 35.13 7.25
C LEU S 294 31.89 35.97 6.08
N GLY S 295 31.90 35.40 4.88
CA GLY S 295 31.34 36.09 3.73
C GLY S 295 32.27 37.11 3.10
N GLY S 296 31.73 38.29 2.78
CA GLY S 296 32.47 39.29 2.04
C GLY S 296 33.65 39.88 2.78
N GLU S 297 33.54 40.08 4.09
CA GLU S 297 34.61 40.73 4.83
C GLU S 297 35.88 39.90 4.85
N ALA S 298 35.78 38.58 4.65
CA ALA S 298 36.93 37.71 4.73
C ALA S 298 37.88 37.83 3.56
N GLY S 299 37.49 38.54 2.49
CA GLY S 299 38.33 38.61 1.31
C GLY S 299 39.55 39.50 1.47
N PHE S 300 39.59 40.32 2.52
CA PHE S 300 40.71 41.22 2.77
C PHE S 300 41.39 40.93 4.11
N TYR S 301 41.21 39.73 4.66
CA TYR S 301 41.80 39.40 5.95
C TYR S 301 43.32 39.39 5.89
N HIS S 302 43.88 38.79 4.84
CA HIS S 302 45.33 38.67 4.75
C HIS S 302 46.00 39.97 4.36
N ILE S 303 45.33 40.79 3.55
CA ILE S 303 45.86 42.11 3.22
C ILE S 303 45.91 42.99 4.47
N LEU S 304 44.84 42.97 5.26
CA LEU S 304 44.75 43.76 6.47
C LEU S 304 45.51 43.17 7.63
N ASN S 305 46.08 41.97 7.48
CA ASN S 305 46.69 41.23 8.58
C ASN S 305 45.70 41.01 9.72
N ASN S 306 44.47 40.67 9.35
CA ASN S 306 43.47 40.34 10.36
C ASN S 306 43.92 39.10 11.15
N PRO S 307 43.83 39.14 12.48
CA PRO S 307 44.30 37.99 13.27
C PRO S 307 43.57 36.70 12.95
N LYS S 308 42.32 36.77 12.54
CA LYS S 308 41.54 35.59 12.17
C LYS S 308 41.85 35.07 10.78
N ALA S 309 42.91 35.60 10.14
CA ALA S 309 43.31 35.08 8.84
C ALA S 309 43.83 33.66 8.95
N SER S 310 44.48 33.32 10.06
CA SER S 310 45.05 31.99 10.23
C SER S 310 43.98 30.91 10.34
N LEU S 311 42.74 31.28 10.64
CA LEU S 311 41.67 30.29 10.74
C LEU S 311 41.20 29.80 9.38
N LEU S 312 41.52 30.52 8.31
CA LEU S 312 41.12 30.13 6.96
C LEU S 312 42.15 29.26 6.27
N SER S 313 43.27 28.97 6.93
CA SER S 313 44.34 28.23 6.30
C SER S 313 43.94 26.78 6.05
N LEU S 314 44.45 26.22 4.96
CA LEU S 314 44.27 24.81 4.64
C LEU S 314 45.56 24.02 4.73
N THR S 315 46.69 24.66 4.98
CA THR S 315 47.95 23.93 5.11
C THR S 315 48.01 23.12 6.39
N GLN S 316 47.07 23.32 7.30
CA GLN S 316 46.92 22.53 8.51
C GLN S 316 46.32 21.15 8.22
N PHE S 317 46.06 20.87 6.94
CA PHE S 317 45.63 19.57 6.46
C PHE S 317 46.60 19.17 5.35
N PRO S 318 47.73 18.57 5.70
CA PRO S 318 48.79 18.35 4.69
C PRO S 318 48.36 17.52 3.49
N HIS S 319 47.51 16.52 3.70
CA HIS S 319 47.14 15.63 2.60
C HIS S 319 46.20 16.33 1.62
N PHE S 320 45.17 16.99 2.14
CA PHE S 320 44.25 17.74 1.27
C PHE S 320 44.98 18.87 0.56
N SER S 321 45.84 19.58 1.27
CA SER S 321 46.61 20.66 0.65
C SER S 321 47.52 20.13 -0.45
N SER S 322 48.16 18.98 -0.21
CA SER S 322 49.03 18.41 -1.23
C SER S 322 48.24 17.99 -2.46
N VAL S 323 47.06 17.40 -2.25
CA VAL S 323 46.22 17.03 -3.39
C VAL S 323 45.80 18.27 -4.17
N VAL S 324 45.45 19.34 -3.46
CA VAL S 324 45.00 20.57 -4.12
C VAL S 324 46.14 21.20 -4.92
N LEU S 325 47.34 21.26 -4.34
CA LEU S 325 48.48 21.79 -5.08
C LEU S 325 48.81 20.91 -6.29
N GLY S 326 48.73 19.59 -6.14
CA GLY S 326 48.97 18.73 -7.27
C GLY S 326 47.98 18.95 -8.39
N ASN S 327 46.70 19.08 -8.05
CA ASN S 327 45.70 19.34 -9.07
C ASN S 327 45.95 20.68 -9.75
N ALA S 328 46.33 21.70 -8.99
CA ALA S 328 46.63 23.00 -9.58
C ALA S 328 47.81 22.92 -10.53
N ALA S 329 48.87 22.19 -10.14
CA ALA S 329 50.04 22.08 -11.00
C ALA S 329 49.75 21.26 -12.24
N GLY S 330 48.89 20.25 -12.11
CA GLY S 330 48.54 19.43 -13.27
C GLY S 330 47.73 20.19 -14.29
N LEU S 331 46.82 21.05 -13.83
CA LEU S 331 46.01 21.85 -14.74
C LEU S 331 46.79 23.00 -15.37
N GLY S 332 48.03 23.22 -14.95
CA GLY S 332 48.86 24.24 -15.55
C GLY S 332 48.56 25.66 -15.14
N ILE S 333 48.00 25.84 -13.94
CA ILE S 333 47.69 27.18 -13.44
C ILE S 333 48.49 27.56 -12.21
N MET S 334 49.41 26.72 -11.73
CA MET S 334 50.09 27.01 -10.47
C MET S 334 51.14 28.10 -10.63
N GLY S 335 51.68 28.25 -11.84
CA GLY S 335 52.62 29.33 -12.10
C GLY S 335 53.88 29.20 -11.26
N GLU S 336 54.27 30.31 -10.63
CA GLU S 336 55.40 30.34 -9.71
C GLU S 336 54.96 30.35 -8.25
N TYR S 337 53.85 29.68 -7.94
CA TYR S 337 53.36 29.65 -6.58
C TYR S 337 54.38 28.97 -5.69
N ARG S 338 54.89 29.69 -4.70
CA ARG S 338 56.07 29.25 -3.96
C ARG S 338 55.70 28.46 -2.71
N GLY S 339 54.42 28.18 -2.52
CA GLY S 339 54.02 27.19 -1.53
C GLY S 339 54.34 25.78 -2.01
N THR S 340 54.79 24.95 -1.09
CA THR S 340 55.29 23.63 -1.43
C THR S 340 54.46 22.55 -0.77
N PRO S 341 54.24 21.42 -1.43
CA PRO S 341 53.46 20.34 -0.81
C PRO S 341 54.22 19.73 0.35
N ARG S 342 53.48 19.24 1.34
CA ARG S 342 54.10 18.53 2.45
C ARG S 342 53.74 17.04 2.45
N ASN S 343 53.11 16.56 1.39
CA ASN S 343 52.98 15.15 1.06
C ASN S 343 53.32 15.02 -0.41
N GLN S 344 54.58 14.71 -0.71
CA GLN S 344 55.03 14.71 -2.10
C GLN S 344 54.31 13.64 -2.92
N ASP S 345 53.99 12.50 -2.30
CA ASP S 345 53.37 11.41 -3.04
C ASP S 345 51.98 11.78 -3.53
N LEU S 346 51.14 12.33 -2.64
CA LEU S 346 49.81 12.75 -3.05
C LEU S 346 49.88 13.89 -4.06
N TYR S 347 50.84 14.79 -3.88
CA TYR S 347 51.05 15.87 -4.84
C TYR S 347 51.32 15.31 -6.23
N ASP S 348 52.26 14.37 -6.33
CA ASP S 348 52.59 13.79 -7.64
C ASP S 348 51.41 13.03 -8.24
N ALA S 349 50.70 12.26 -7.40
CA ALA S 349 49.56 11.50 -7.91
C ALA S 349 48.47 12.41 -8.45
N ALA S 350 48.14 13.47 -7.70
CA ALA S 350 47.13 14.42 -8.15
C ALA S 350 47.59 15.16 -9.40
N LYS S 351 48.86 15.53 -9.46
CA LYS S 351 49.39 16.21 -10.64
C LYS S 351 49.27 15.33 -11.87
N ALA S 352 49.63 14.05 -11.74
CA ALA S 352 49.53 13.13 -12.86
C ALA S 352 48.09 12.96 -13.31
N TYR S 353 47.17 12.78 -12.36
CA TYR S 353 45.78 12.60 -12.77
C TYR S 353 45.23 13.86 -13.42
N ALA S 354 45.61 15.03 -12.94
CA ALA S 354 45.13 16.26 -13.54
C ALA S 354 45.70 16.45 -14.94
N GLU S 355 46.94 15.98 -15.17
CA GLU S 355 47.48 16.02 -16.52
C GLU S 355 46.73 15.09 -17.46
N GLN S 356 46.45 13.85 -17.03
CA GLN S 356 45.64 12.98 -17.88
C GLN S 356 44.19 13.42 -17.95
N LEU S 357 43.77 14.39 -17.14
CA LEU S 357 42.42 14.92 -17.30
C LEU S 357 42.28 15.73 -18.57
N LYS S 358 43.35 15.93 -19.33
CA LYS S 358 43.24 16.74 -20.54
C LYS S 358 43.39 15.91 -21.82
N GLU S 359 44.31 14.95 -21.84
CA GLU S 359 44.35 14.01 -22.95
C GLU S 359 43.26 12.96 -22.84
N ASN S 360 43.03 12.46 -21.63
CA ASN S 360 41.99 11.48 -21.35
C ASN S 360 40.86 12.22 -20.65
N GLY S 361 39.90 12.67 -21.45
CA GLY S 361 38.98 13.71 -21.00
C GLY S 361 38.48 13.53 -19.58
N VAL S 362 37.66 12.51 -19.34
CA VAL S 362 37.12 12.23 -18.02
C VAL S 362 37.13 10.72 -17.82
N ILE S 363 36.96 10.29 -16.58
CA ILE S 363 36.88 8.88 -16.23
C ILE S 363 35.49 8.62 -15.66
N ASN S 364 34.76 7.70 -16.27
CA ASN S 364 33.50 7.25 -15.72
C ASN S 364 33.76 6.32 -14.54
N TYR S 365 32.71 6.08 -13.76
CA TYR S 365 32.80 5.16 -12.65
C TYR S 365 31.80 4.02 -12.85
N SER S 366 31.82 3.47 -14.07
CA SER S 366 31.06 2.28 -14.43
C SER S 366 31.56 1.07 -13.65
N VAL S 367 32.82 1.12 -13.19
CA VAL S 367 33.30 0.16 -12.21
C VAL S 367 32.33 0.19 -11.04
N LEU S 368 32.19 -0.94 -10.33
CA LEU S 368 31.19 -1.04 -9.27
C LEU S 368 29.77 -0.87 -9.77
N ASP S 369 29.24 -1.88 -10.45
CA ASP S 369 27.83 -2.09 -10.85
C ASP S 369 27.41 -1.44 -12.16
N LEU S 370 28.32 -0.97 -13.01
CA LEU S 370 27.90 -0.53 -14.34
C LEU S 370 28.93 -0.92 -15.41
N ALA T 2 15.07 1.18 -32.34
CA ALA T 2 15.89 1.37 -31.16
C ALA T 2 17.37 1.20 -31.49
N LEU T 3 18.19 2.15 -31.02
CA LEU T 3 19.62 2.10 -31.32
C LEU T 3 20.31 0.96 -30.59
N SER T 4 19.67 0.41 -29.56
CA SER T 4 20.29 -0.66 -28.79
C SER T 4 20.39 -1.98 -29.55
N LYS T 5 19.62 -2.16 -30.61
CA LYS T 5 19.68 -3.38 -31.40
C LYS T 5 20.56 -3.27 -32.63
N VAL T 6 21.33 -2.20 -32.76
CA VAL T 6 22.33 -2.09 -33.82
C VAL T 6 23.58 -2.75 -33.26
N LYS T 7 23.62 -4.09 -33.34
CA LYS T 7 24.71 -4.84 -32.76
C LYS T 7 24.94 -6.11 -33.56
N LEU T 8 26.18 -6.58 -33.53
CA LEU T 8 26.59 -7.80 -34.24
C LEU T 8 27.49 -8.61 -33.33
N ASN T 9 27.17 -9.89 -33.17
CA ASN T 9 27.96 -10.80 -32.34
C ASN T 9 28.90 -11.59 -33.24
N ASP T 10 30.01 -10.95 -33.60
CA ASP T 10 30.91 -11.53 -34.60
C ASP T 10 31.67 -12.73 -34.05
N THR T 11 32.14 -12.66 -32.81
CA THR T 11 32.90 -13.76 -32.23
C THR T 11 32.07 -15.03 -32.17
N LEU T 12 30.84 -14.92 -31.67
CA LEU T 12 29.97 -16.08 -31.54
C LEU T 12 29.56 -16.63 -32.90
N ASN T 13 29.32 -15.74 -33.86
CA ASN T 13 28.95 -16.17 -35.21
C ASN T 13 30.10 -16.90 -35.89
N LYS T 14 31.33 -16.39 -35.73
CA LYS T 14 32.49 -17.09 -36.27
C LYS T 14 32.67 -18.46 -35.62
N ASP T 15 32.48 -18.53 -34.31
CA ASP T 15 32.57 -19.84 -33.64
C ASP T 15 31.52 -20.79 -34.16
N GLN T 16 30.29 -20.33 -34.35
CA GLN T 16 29.25 -21.21 -34.84
C GLN T 16 29.55 -21.66 -36.27
N LEU T 17 30.10 -20.76 -37.09
CA LEU T 17 30.49 -21.16 -38.45
C LEU T 17 31.56 -22.24 -38.42
N LEU T 18 32.56 -22.09 -37.55
CA LEU T 18 33.65 -23.05 -37.51
C LEU T 18 33.24 -24.37 -36.87
N SER T 19 32.31 -24.34 -35.93
CA SER T 19 31.89 -25.56 -35.23
C SER T 19 30.78 -26.31 -35.94
N SER T 20 30.13 -25.71 -36.93
CA SER T 20 29.03 -26.37 -37.64
C SER T 20 29.41 -26.73 -39.07
N SER T 21 30.69 -26.94 -39.35
CA SER T 21 31.11 -27.35 -40.67
C SER T 21 30.62 -28.76 -40.97
N LYS T 22 30.12 -28.97 -42.18
CA LYS T 22 29.60 -30.27 -42.60
C LYS T 22 30.53 -30.99 -43.57
N TYR T 23 31.75 -30.49 -43.75
CA TYR T 23 32.78 -31.18 -44.50
C TYR T 23 34.07 -31.16 -43.67
N THR T 24 34.90 -32.18 -43.86
CA THR T 24 36.13 -32.33 -43.09
C THR T 24 37.31 -32.58 -44.02
N ILE T 25 38.47 -32.09 -43.61
CA ILE T 25 39.71 -32.35 -44.31
C ILE T 25 40.42 -33.51 -43.61
N GLN T 26 41.38 -34.10 -44.31
CA GLN T 26 42.16 -35.20 -43.76
C GLN T 26 43.59 -35.07 -44.29
N ARG T 27 44.50 -34.66 -43.43
CA ARG T 27 45.88 -34.41 -43.80
C ARG T 27 46.66 -35.71 -43.90
N SER T 28 47.80 -35.66 -44.58
CA SER T 28 48.69 -36.81 -44.73
C SER T 28 50.00 -36.50 -44.04
N THR T 29 50.36 -37.31 -43.05
CA THR T 29 51.56 -37.04 -42.27
C THR T 29 52.83 -37.15 -43.09
N GLY T 30 52.81 -37.94 -44.16
CA GLY T 30 54.00 -38.21 -44.96
C GLY T 30 54.72 -39.48 -44.55
N ASP T 31 55.76 -39.32 -43.74
CA ASP T 31 56.48 -40.44 -43.12
C ASP T 31 55.53 -41.25 -42.22
N SER T 32 55.74 -42.55 -42.22
CA SER T 32 54.92 -43.46 -41.44
C SER T 32 55.11 -43.21 -39.94
N ILE T 33 54.03 -43.33 -39.17
CA ILE T 33 54.05 -43.17 -37.73
C ILE T 33 54.24 -44.53 -37.11
N ASP T 34 55.23 -44.66 -36.23
CA ASP T 34 55.41 -45.84 -35.40
C ASP T 34 54.39 -45.75 -34.28
N THR T 35 53.71 -46.85 -33.99
CA THR T 35 52.74 -46.84 -32.91
C THR T 35 53.07 -47.95 -31.92
N PRO T 36 53.95 -47.72 -30.95
CA PRO T 36 54.21 -48.74 -29.92
C PRO T 36 53.00 -48.96 -29.03
N ASN T 37 52.92 -50.19 -28.51
CA ASN T 37 51.84 -50.60 -27.63
C ASN T 37 52.38 -50.72 -26.21
N TYR T 38 51.54 -51.21 -25.30
CA TYR T 38 51.95 -51.39 -23.91
C TYR T 38 53.09 -52.39 -23.78
N ASP T 39 53.29 -53.23 -24.80
CA ASP T 39 54.28 -54.30 -24.70
C ASP T 39 55.69 -53.76 -24.53
N VAL T 40 56.03 -52.72 -25.28
CA VAL T 40 57.40 -52.23 -25.35
C VAL T 40 57.62 -51.01 -24.46
N GLN T 41 56.68 -50.74 -23.55
CA GLN T 41 56.85 -49.62 -22.62
C GLN T 41 58.07 -49.82 -21.74
N LYS T 42 58.29 -51.04 -21.26
CA LYS T 42 59.46 -51.32 -20.45
C LYS T 42 60.75 -51.07 -21.21
N HIS T 43 60.80 -51.48 -22.48
CA HIS T 43 62.02 -51.30 -23.27
C HIS T 43 62.26 -49.82 -23.58
N ILE T 44 61.21 -49.07 -23.87
CA ILE T 44 61.40 -47.65 -24.15
C ILE T 44 61.83 -46.92 -22.88
N ASN T 45 61.30 -47.31 -21.72
CA ASN T 45 61.76 -46.74 -20.47
C ASN T 45 63.21 -47.11 -20.20
N LYS T 46 63.61 -48.33 -20.57
CA LYS T 46 65.01 -48.72 -20.46
C LYS T 46 65.90 -47.82 -21.32
N LEU T 47 65.44 -47.53 -22.55
CA LEU T 47 66.21 -46.67 -23.43
C LEU T 47 66.35 -45.27 -22.86
N CYS T 48 65.26 -44.73 -22.30
CA CYS T 48 65.33 -43.42 -21.67
C CYS T 48 66.27 -43.42 -20.48
N GLY T 49 66.24 -44.48 -19.67
CA GLY T 49 67.16 -44.57 -18.55
C GLY T 49 68.60 -44.65 -18.99
N MET T 50 68.88 -45.41 -20.06
CA MET T 50 70.24 -45.49 -20.57
C MET T 50 70.71 -44.12 -21.08
N LEU T 51 69.81 -43.37 -21.72
CA LEU T 51 70.17 -42.00 -22.11
C LEU T 51 70.46 -41.14 -20.89
N LEU T 52 69.68 -41.31 -19.81
CA LEU T 52 69.82 -40.47 -18.64
C LEU T 52 71.10 -40.76 -17.85
N ILE T 53 71.49 -42.04 -17.72
CA ILE T 53 72.68 -42.36 -16.93
C ILE T 53 73.97 -42.14 -17.72
N THR T 54 73.89 -41.77 -18.98
CA THR T 54 75.06 -41.59 -19.83
C THR T 54 75.55 -40.16 -19.69
N GLU T 55 76.68 -39.95 -19.01
CA GLU T 55 77.23 -38.61 -18.97
C GLU T 55 77.79 -38.18 -20.32
N ASP T 56 77.92 -36.87 -20.50
CA ASP T 56 78.37 -36.29 -21.77
C ASP T 56 77.62 -36.91 -22.93
N ALA T 57 76.30 -36.99 -22.79
CA ALA T 57 75.48 -37.79 -23.68
C ALA T 57 75.16 -37.05 -24.97
N ASN T 58 74.67 -37.82 -25.95
CA ASN T 58 74.19 -37.30 -27.22
C ASN T 58 72.67 -37.36 -27.19
N HIS T 59 72.02 -36.21 -27.09
CA HIS T 59 70.56 -36.15 -27.02
C HIS T 59 69.91 -35.78 -28.34
N LYS T 60 70.51 -36.19 -29.47
CA LYS T 60 69.92 -35.87 -30.76
C LYS T 60 68.59 -36.56 -30.96
N PHE T 61 68.38 -37.72 -30.32
CA PHE T 61 67.20 -38.53 -30.56
C PHE T 61 66.29 -38.61 -29.34
N THR T 62 66.53 -37.79 -28.31
CA THR T 62 65.76 -37.90 -27.08
C THR T 62 64.32 -37.48 -27.28
N GLY T 63 64.07 -36.50 -28.14
CA GLY T 63 62.70 -36.07 -28.38
C GLY T 63 61.86 -37.17 -28.99
N LEU T 64 62.40 -37.88 -29.97
CA LEU T 64 61.66 -38.98 -30.60
C LEU T 64 61.45 -40.12 -29.61
N ILE T 65 62.44 -40.40 -28.77
CA ILE T 65 62.29 -41.49 -27.80
C ILE T 65 61.25 -41.14 -26.75
N GLY T 66 61.23 -39.87 -26.32
CA GLY T 66 60.19 -39.44 -25.40
C GLY T 66 58.80 -39.51 -26.01
N MET T 67 58.69 -39.14 -27.29
CA MET T 67 57.42 -39.28 -27.98
C MET T 67 56.99 -40.72 -28.07
N LEU T 68 57.93 -41.62 -28.35
CA LEU T 68 57.61 -43.04 -28.38
C LEU T 68 57.16 -43.53 -27.02
N TYR T 69 57.80 -43.08 -25.95
CA TYR T 69 57.39 -43.48 -24.61
C TYR T 69 55.98 -42.99 -24.29
N ALA T 70 55.67 -41.73 -24.64
CA ALA T 70 54.33 -41.22 -24.42
C ALA T 70 53.29 -42.02 -25.20
N MET T 71 53.60 -42.32 -26.46
CA MET T 71 52.68 -43.09 -27.30
C MET T 71 52.52 -44.53 -26.80
N SER T 72 53.56 -45.12 -26.21
CA SER T 72 53.44 -46.45 -25.65
C SER T 72 52.61 -46.44 -24.36
N ARG T 73 52.71 -45.36 -23.58
CA ARG T 73 51.83 -45.22 -22.43
C ARG T 73 50.38 -45.08 -22.86
N LEU T 74 50.12 -44.31 -23.91
CA LEU T 74 48.75 -44.18 -24.39
C LEU T 74 48.22 -45.51 -24.92
N GLY T 75 49.07 -46.28 -25.57
CA GLY T 75 48.68 -47.49 -26.25
C GLY T 75 48.46 -47.25 -27.73
N ARG T 76 48.55 -48.33 -28.51
CA ARG T 76 48.41 -48.20 -29.96
C ARG T 76 47.00 -47.79 -30.35
N GLU T 77 45.99 -48.37 -29.70
CA GLU T 77 44.61 -48.03 -30.06
C GLU T 77 44.36 -46.55 -29.84
N ASP T 78 44.71 -46.03 -28.67
CA ASP T 78 44.44 -44.62 -28.37
C ASP T 78 45.31 -43.70 -29.21
N THR T 79 46.56 -44.09 -29.49
CA THR T 79 47.39 -43.26 -30.36
C THR T 79 46.78 -43.14 -31.76
N ILE T 80 46.34 -44.28 -32.31
CA ILE T 80 45.70 -44.25 -33.62
C ILE T 80 44.44 -43.41 -33.59
N LYS T 81 43.62 -43.58 -32.54
CA LYS T 81 42.38 -42.82 -32.45
C LYS T 81 42.64 -41.33 -32.33
N ILE T 82 43.67 -40.95 -31.57
CA ILE T 82 44.05 -39.54 -31.48
C ILE T 82 44.45 -39.01 -32.85
N LEU T 83 45.25 -39.77 -33.59
CA LEU T 83 45.70 -39.28 -34.89
C LEU T 83 44.56 -39.13 -35.87
N ARG T 84 43.60 -40.08 -35.87
CA ARG T 84 42.41 -39.89 -36.70
C ARG T 84 41.60 -38.68 -36.26
N ASP T 85 41.33 -38.54 -34.95
CA ASP T 85 40.51 -37.43 -34.50
C ASP T 85 41.15 -36.09 -34.80
N ALA T 86 42.49 -36.03 -34.83
CA ALA T 86 43.16 -34.80 -35.22
C ALA T 86 43.06 -34.54 -36.71
N GLY T 87 42.57 -35.51 -37.48
CA GLY T 87 42.42 -35.33 -38.92
C GLY T 87 43.69 -35.62 -39.68
N TYR T 88 44.25 -36.82 -39.49
CA TYR T 88 45.48 -37.22 -40.15
C TYR T 88 45.30 -38.58 -40.81
N HIS T 89 45.94 -38.75 -41.96
CA HIS T 89 46.11 -40.07 -42.56
C HIS T 89 47.43 -40.63 -42.08
N VAL T 90 47.38 -41.75 -41.37
CA VAL T 90 48.54 -42.30 -40.68
C VAL T 90 48.79 -43.72 -41.16
N LYS T 91 50.06 -44.00 -41.44
CA LYS T 91 50.52 -45.36 -41.72
C LYS T 91 50.95 -45.95 -40.37
N ALA T 92 50.05 -46.70 -39.75
CA ALA T 92 50.35 -47.28 -38.45
C ALA T 92 51.42 -48.35 -38.58
N ASN T 93 52.53 -48.14 -37.90
CA ASN T 93 53.69 -49.03 -37.96
C ASN T 93 53.79 -49.81 -36.67
N GLY T 94 53.75 -51.13 -36.77
CA GLY T 94 53.84 -51.97 -35.59
C GLY T 94 55.25 -51.96 -35.04
N VAL T 95 55.36 -51.83 -33.72
CA VAL T 95 56.63 -51.83 -33.03
C VAL T 95 56.71 -53.08 -32.17
N ASP T 96 57.76 -53.88 -32.38
CA ASP T 96 57.98 -55.07 -31.57
C ASP T 96 59.47 -55.21 -31.33
N VAL T 97 59.79 -55.95 -30.29
CA VAL T 97 61.16 -56.09 -29.82
C VAL T 97 61.80 -57.31 -30.48
N THR T 98 63.07 -57.15 -30.88
CA THR T 98 63.82 -58.26 -31.44
C THR T 98 65.26 -58.14 -30.98
N THR T 99 66.01 -59.23 -31.16
CA THR T 99 67.43 -59.28 -30.82
C THR T 99 68.30 -59.05 -32.05
N HIS T 100 69.43 -58.38 -31.84
CA HIS T 100 70.43 -58.16 -32.88
C HIS T 100 71.77 -58.56 -32.30
N ARG T 101 72.57 -59.28 -33.08
CA ARG T 101 73.86 -59.79 -32.64
C ARG T 101 74.95 -59.09 -33.45
N GLN T 102 75.90 -58.46 -32.76
CA GLN T 102 77.05 -57.90 -33.45
C GLN T 102 78.29 -58.03 -32.60
N ASP T 103 79.44 -57.94 -33.27
CA ASP T 103 80.75 -58.13 -32.65
C ASP T 103 81.43 -56.77 -32.51
N ILE T 104 81.49 -56.27 -31.28
CA ILE T 104 82.26 -55.08 -30.94
C ILE T 104 83.38 -55.49 -30.01
N ASN T 105 84.54 -54.85 -30.16
CA ASN T 105 85.75 -55.22 -29.42
C ASN T 105 86.17 -56.66 -29.73
N GLY T 106 85.76 -57.16 -30.90
CA GLY T 106 86.05 -58.53 -31.28
C GLY T 106 85.31 -59.57 -30.46
N LYS T 107 84.19 -59.20 -29.84
CA LYS T 107 83.44 -60.10 -28.98
C LYS T 107 81.98 -60.11 -29.39
N GLU T 108 81.39 -61.30 -29.44
CA GLU T 108 79.97 -61.46 -29.76
C GLU T 108 79.13 -60.80 -28.67
N MET T 109 78.12 -60.04 -29.06
CA MET T 109 77.31 -59.32 -28.09
C MET T 109 75.83 -59.37 -28.41
N LYS T 110 75.05 -59.53 -27.34
CA LYS T 110 73.61 -59.65 -27.38
C LYS T 110 72.98 -58.29 -27.08
N PHE T 111 72.24 -57.75 -28.05
CA PHE T 111 71.44 -56.55 -27.86
C PHE T 111 69.99 -56.83 -28.19
N GLU T 112 69.10 -56.21 -27.42
CA GLU T 112 67.66 -56.31 -27.63
C GLU T 112 67.14 -54.94 -28.04
N VAL T 113 66.67 -54.83 -29.28
CA VAL T 113 66.30 -53.55 -29.86
C VAL T 113 64.85 -53.61 -30.34
N LEU T 114 64.38 -52.48 -30.87
CA LEU T 114 63.01 -52.32 -31.33
C LEU T 114 62.99 -52.09 -32.84
N THR T 115 61.91 -52.52 -33.48
CA THR T 115 61.67 -52.26 -34.90
C THR T 115 61.00 -50.90 -35.02
N LEU T 116 61.80 -49.85 -35.07
CA LEU T 116 61.32 -48.49 -35.26
C LEU T 116 61.81 -47.98 -36.60
N ALA T 117 60.88 -47.54 -37.45
CA ALA T 117 61.27 -46.98 -38.74
C ALA T 117 61.98 -45.64 -38.57
N SER T 118 61.62 -44.88 -37.55
CA SER T 118 62.21 -43.56 -37.33
C SER T 118 63.56 -43.66 -36.62
N LEU T 119 63.82 -44.75 -35.93
CA LEU T 119 65.02 -44.90 -35.12
C LEU T 119 65.74 -46.18 -35.54
N THR T 120 66.93 -46.04 -36.13
CA THR T 120 67.64 -47.20 -36.66
C THR T 120 68.27 -48.02 -35.52
N THR T 121 68.65 -49.25 -35.87
CA THR T 121 69.24 -50.16 -34.89
C THR T 121 70.60 -49.65 -34.40
N GLU T 122 71.40 -49.07 -35.30
CA GLU T 122 72.71 -48.55 -34.89
C GLU T 122 72.59 -47.55 -33.76
N ILE T 123 71.58 -46.70 -33.81
CA ILE T 123 71.43 -45.64 -32.81
C ILE T 123 71.16 -46.25 -31.43
N GLN T 124 70.25 -47.23 -31.37
CA GLN T 124 69.96 -47.89 -30.10
C GLN T 124 71.16 -48.65 -29.58
N ILE T 125 71.88 -49.33 -30.48
CA ILE T 125 73.09 -50.06 -30.08
C ILE T 125 74.11 -49.09 -29.47
N ASN T 126 74.31 -47.95 -30.12
CA ASN T 126 75.30 -46.99 -29.66
C ASN T 126 74.87 -46.36 -28.35
N ILE T 127 73.57 -46.12 -28.18
CA ILE T 127 73.05 -45.65 -26.90
C ILE T 127 73.40 -46.63 -25.80
N GLU T 128 73.16 -47.93 -26.06
CA GLU T 128 73.50 -48.93 -25.06
C GLU T 128 75.01 -48.97 -24.78
N ILE T 129 75.84 -48.83 -25.82
CA ILE T 129 77.28 -48.87 -25.62
C ILE T 129 77.74 -47.72 -24.74
N GLU T 130 77.27 -46.51 -25.06
CA GLU T 130 77.67 -45.34 -24.27
C GLU T 130 77.18 -45.47 -22.84
N SER T 131 75.94 -45.93 -22.65
CA SER T 131 75.42 -46.11 -21.30
C SER T 131 76.21 -47.14 -20.53
N ARG T 132 76.55 -48.26 -21.17
CA ARG T 132 77.29 -49.31 -20.47
C ARG T 132 78.66 -48.83 -20.04
N LYS T 133 79.38 -48.12 -20.91
CA LYS T 133 80.74 -47.73 -20.52
C LYS T 133 80.72 -46.58 -19.52
N SER T 134 79.73 -45.69 -19.60
CA SER T 134 79.60 -44.67 -18.57
C SER T 134 79.24 -45.31 -17.23
N TYR T 135 78.37 -46.31 -17.24
CA TYR T 135 78.03 -47.06 -16.04
C TYR T 135 79.27 -47.74 -15.46
N LYS T 136 80.08 -48.35 -16.33
CA LYS T 136 81.31 -48.99 -15.86
C LYS T 136 82.24 -47.98 -15.20
N LYS T 137 82.43 -46.82 -15.84
CA LYS T 137 83.33 -45.81 -15.29
C LYS T 137 82.83 -45.28 -13.96
N MET T 138 81.52 -45.03 -13.86
CA MET T 138 80.99 -44.46 -12.62
C MET T 138 80.95 -45.49 -11.50
N LEU T 139 80.71 -46.77 -11.85
CA LEU T 139 80.80 -47.84 -10.87
C LEU T 139 82.22 -47.98 -10.36
N LYS T 140 83.20 -47.85 -11.27
CA LYS T 140 84.60 -47.85 -10.86
C LYS T 140 84.90 -46.69 -9.92
N GLU T 141 84.37 -45.51 -10.23
CA GLU T 141 84.69 -44.31 -9.46
C GLU T 141 83.94 -44.22 -8.13
N MET T 142 82.87 -44.99 -7.92
CA MET T 142 82.23 -44.96 -6.61
C MET T 142 81.95 -46.34 -6.01
N GLY T 143 82.33 -47.42 -6.67
CA GLY T 143 82.30 -48.73 -6.04
C GLY T 143 81.04 -49.55 -6.23
N GLU T 144 79.91 -49.08 -5.71
CA GLU T 144 78.65 -49.82 -5.81
C GLU T 144 77.53 -48.87 -6.18
N VAL T 145 76.65 -49.32 -7.07
CA VAL T 145 75.53 -48.52 -7.55
C VAL T 145 74.30 -48.77 -6.67
N ALA T 146 73.33 -47.88 -6.79
CA ALA T 146 72.02 -47.99 -6.14
C ALA T 146 70.95 -47.93 -7.22
N PRO T 147 69.72 -48.35 -6.91
CA PRO T 147 68.63 -48.17 -7.88
C PRO T 147 68.44 -46.72 -8.31
N GLU T 148 69.00 -45.77 -7.56
CA GLU T 148 68.95 -44.37 -7.97
C GLU T 148 69.76 -44.15 -9.25
N TYR T 149 70.94 -44.77 -9.35
CA TYR T 149 71.82 -44.62 -10.50
C TYR T 149 71.65 -45.84 -11.40
N ARG T 150 70.58 -45.86 -12.19
CA ARG T 150 70.39 -46.94 -13.14
C ARG T 150 69.30 -46.58 -14.13
N HIS T 151 69.26 -47.33 -15.23
CA HIS T 151 68.24 -47.19 -16.26
C HIS T 151 66.95 -47.93 -15.93
N ASP T 152 66.95 -48.80 -14.94
CA ASP T 152 65.78 -49.61 -14.61
C ASP T 152 64.75 -48.86 -13.78
N SER T 153 65.02 -47.62 -13.39
CA SER T 153 64.06 -46.84 -12.64
C SER T 153 62.80 -46.62 -13.49
N PRO T 154 61.61 -46.71 -12.91
CA PRO T 154 60.38 -46.60 -13.71
C PRO T 154 59.99 -45.18 -14.08
N ASP T 155 60.79 -44.18 -13.72
CA ASP T 155 60.46 -42.78 -13.98
C ASP T 155 61.48 -42.09 -14.87
N CYS T 156 62.42 -42.83 -15.44
CA CYS T 156 63.42 -42.23 -16.30
C CYS T 156 62.79 -41.61 -17.54
N GLY T 157 61.82 -42.29 -18.14
CA GLY T 157 61.09 -41.70 -19.25
C GLY T 157 60.27 -40.50 -18.84
N MET T 158 59.71 -40.53 -17.63
CA MET T 158 58.85 -39.45 -17.20
C MET T 158 59.64 -38.18 -16.86
N ILE T 159 60.92 -38.30 -16.51
CA ILE T 159 61.75 -37.10 -16.38
C ILE T 159 61.93 -36.41 -17.73
N ILE T 160 62.22 -37.19 -18.77
CA ILE T 160 62.32 -36.65 -20.11
C ILE T 160 61.01 -36.01 -20.52
N LEU T 161 59.89 -36.64 -20.16
CA LEU T 161 58.60 -36.05 -20.47
C LEU T 161 58.32 -34.80 -19.64
N CYS T 162 58.94 -34.66 -18.46
CA CYS T 162 58.86 -33.40 -17.73
C CYS T 162 59.56 -32.28 -18.49
N ILE T 163 60.74 -32.58 -19.03
CA ILE T 163 61.41 -31.59 -19.87
C ILE T 163 60.53 -31.23 -21.08
N ALA T 164 59.89 -32.24 -21.66
CA ALA T 164 58.97 -31.99 -22.77
C ALA T 164 57.81 -31.10 -22.34
N ALA T 165 57.31 -31.29 -21.11
CA ALA T 165 56.22 -30.48 -20.62
C ALA T 165 56.64 -29.02 -20.48
N LEU T 166 57.86 -28.77 -19.99
CA LEU T 166 58.35 -27.40 -19.94
C LEU T 166 58.45 -26.79 -21.34
N VAL T 167 58.98 -27.56 -22.29
CA VAL T 167 59.04 -27.08 -23.68
C VAL T 167 57.64 -26.75 -24.19
N ILE T 168 56.66 -27.58 -23.84
CA ILE T 168 55.28 -27.31 -24.27
C ILE T 168 54.77 -26.02 -23.65
N THR T 169 55.08 -25.78 -22.38
CA THR T 169 54.68 -24.52 -21.76
C THR T 169 55.22 -23.33 -22.55
N LYS T 170 56.46 -23.43 -23.04
CA LYS T 170 57.04 -22.31 -23.76
C LYS T 170 56.83 -22.37 -25.28
N LEU T 171 56.12 -23.37 -25.79
CA LEU T 171 55.91 -23.47 -27.24
C LEU T 171 55.10 -22.31 -27.81
N ALA T 172 54.22 -21.69 -27.04
CA ALA T 172 53.33 -20.69 -27.60
C ALA T 172 54.06 -19.42 -28.04
N ALA T 173 55.32 -19.27 -27.67
CA ALA T 173 56.09 -18.09 -28.09
C ALA T 173 56.41 -18.10 -29.57
N GLY T 174 56.21 -19.21 -30.27
CA GLY T 174 56.41 -19.27 -31.70
C GLY T 174 57.80 -19.65 -32.16
N ASP T 175 58.77 -19.73 -31.24
CA ASP T 175 60.14 -20.08 -31.60
C ASP T 175 60.84 -20.57 -30.34
N ARG T 176 62.15 -20.75 -30.41
CA ARG T 176 62.92 -21.23 -29.28
C ARG T 176 63.45 -20.08 -28.43
N SER T 177 62.56 -19.16 -28.07
CA SER T 177 62.93 -18.05 -27.19
C SER T 177 62.69 -18.35 -25.73
N GLY T 178 61.93 -19.39 -25.42
CA GLY T 178 61.70 -19.78 -24.04
C GLY T 178 62.66 -20.86 -23.58
N LEU T 179 63.74 -21.06 -24.34
CA LEU T 179 64.72 -22.08 -23.97
C LEU T 179 65.38 -21.76 -22.64
N THR T 180 65.71 -20.49 -22.42
CA THR T 180 66.33 -20.09 -21.16
C THR T 180 65.38 -20.33 -19.99
N ALA T 181 64.10 -20.01 -20.16
CA ALA T 181 63.11 -20.28 -19.12
C ALA T 181 62.99 -21.77 -18.86
N VAL T 182 63.01 -22.57 -19.92
CA VAL T 182 62.94 -24.02 -19.76
C VAL T 182 64.13 -24.52 -18.95
N ILE T 183 65.33 -24.05 -19.26
CA ILE T 183 66.52 -24.48 -18.54
C ILE T 183 66.45 -24.05 -17.07
N ARG T 184 66.03 -22.81 -16.83
CA ARG T 184 65.94 -22.31 -15.46
C ARG T 184 64.94 -23.10 -14.64
N ARG T 185 63.76 -23.38 -15.20
CA ARG T 185 62.75 -24.12 -14.46
C ARG T 185 63.15 -25.58 -14.30
N ALA T 186 63.88 -26.15 -15.27
CA ALA T 186 64.35 -27.53 -15.13
C ALA T 186 65.53 -27.63 -14.18
N ASN T 187 66.16 -26.51 -13.85
CA ASN T 187 67.16 -26.52 -12.78
C ASN T 187 66.51 -26.32 -11.42
N ASN T 188 65.51 -25.45 -11.33
CA ASN T 188 64.77 -25.30 -10.08
C ASN T 188 64.06 -26.60 -9.72
N VAL T 189 63.11 -27.02 -10.55
CA VAL T 189 62.55 -28.35 -10.42
C VAL T 189 63.61 -29.37 -10.85
N LEU T 190 63.47 -30.61 -10.39
CA LEU T 190 64.30 -31.72 -10.86
C LEU T 190 65.78 -31.56 -10.51
N LYS T 191 66.11 -30.80 -9.45
CA LYS T 191 67.51 -30.64 -9.09
C LYS T 191 68.09 -31.92 -8.49
N ASN T 192 67.28 -32.64 -7.71
CA ASN T 192 67.70 -33.94 -7.21
C ASN T 192 67.99 -34.89 -8.36
N GLU T 193 67.16 -34.89 -9.40
CA GLU T 193 67.45 -35.72 -10.58
C GLU T 193 68.71 -35.26 -11.28
N MET T 194 68.91 -33.95 -11.40
CA MET T 194 70.12 -33.46 -12.07
C MET T 194 71.37 -33.82 -11.28
N LYS T 195 71.23 -34.04 -9.97
CA LYS T 195 72.26 -34.79 -9.26
C LYS T 195 72.34 -36.23 -9.75
N ARG T 196 71.22 -36.94 -9.64
CA ARG T 196 71.18 -38.39 -9.74
C ARG T 196 71.51 -38.90 -11.14
N TYR T 197 71.14 -38.17 -12.18
CA TYR T 197 71.36 -38.62 -13.55
C TYR T 197 72.46 -37.81 -14.24
N LYS T 198 73.44 -38.53 -14.78
CA LYS T 198 74.61 -37.91 -15.40
C LYS T 198 74.25 -37.20 -16.70
N GLY T 199 73.34 -37.77 -17.48
CA GLY T 199 72.96 -37.28 -18.77
C GLY T 199 71.73 -36.42 -18.81
N LEU T 200 71.21 -36.03 -17.66
CA LEU T 200 70.04 -35.15 -17.60
C LEU T 200 70.52 -33.75 -17.88
N LEU T 201 70.69 -33.44 -19.17
CA LEU T 201 71.08 -32.10 -19.59
C LEU T 201 69.86 -31.38 -20.10
N PRO T 202 69.30 -30.43 -19.36
CA PRO T 202 68.03 -29.82 -19.78
C PRO T 202 68.07 -29.17 -21.15
N LYS T 203 69.18 -28.52 -21.50
CA LYS T 203 69.24 -27.77 -22.75
C LYS T 203 69.18 -28.68 -23.96
N ASP T 204 69.94 -29.79 -23.92
CA ASP T 204 69.98 -30.70 -25.07
C ASP T 204 68.63 -31.37 -25.28
N ILE T 205 68.01 -31.84 -24.18
CA ILE T 205 66.70 -32.48 -24.29
C ILE T 205 65.66 -31.47 -24.76
N ALA T 206 65.72 -30.24 -24.25
CA ALA T 206 64.78 -29.22 -24.67
C ALA T 206 64.93 -28.90 -26.15
N ASN T 207 66.17 -28.82 -26.65
CA ASN T 207 66.39 -28.58 -28.07
C ASN T 207 65.88 -29.74 -28.90
N SER T 208 66.07 -30.98 -28.43
CA SER T 208 65.56 -32.13 -29.15
C SER T 208 64.04 -32.09 -29.23
N PHE T 209 63.37 -31.73 -28.14
CA PHE T 209 61.91 -31.67 -28.16
C PHE T 209 61.41 -30.52 -29.02
N TYR T 210 62.11 -29.38 -28.98
CA TYR T 210 61.78 -28.29 -29.89
C TYR T 210 61.86 -28.74 -31.34
N GLU T 211 62.95 -29.44 -31.69
CA GLU T 211 63.10 -29.94 -33.06
C GLU T 211 61.99 -30.89 -33.44
N VAL T 212 61.67 -31.85 -32.57
CA VAL T 212 60.67 -32.85 -32.96
C VAL T 212 59.30 -32.22 -33.05
N PHE T 213 59.01 -31.21 -32.21
CA PHE T 213 57.71 -30.54 -32.30
C PHE T 213 57.63 -29.68 -33.56
N GLU T 214 58.76 -29.11 -33.99
CA GLU T 214 58.75 -28.33 -35.21
C GLU T 214 58.58 -29.21 -36.44
N LYS T 215 59.26 -30.35 -36.48
CA LYS T 215 59.21 -31.19 -37.68
C LYS T 215 57.87 -31.92 -37.79
N HIS T 216 57.34 -32.41 -36.67
CA HIS T 216 56.12 -33.21 -36.66
C HIS T 216 55.06 -32.51 -35.82
N PRO T 217 54.22 -31.67 -36.44
CA PRO T 217 53.16 -30.99 -35.68
C PRO T 217 52.12 -31.93 -35.08
N HIS T 218 51.99 -33.16 -35.61
CA HIS T 218 51.06 -34.10 -35.00
C HIS T 218 51.56 -34.63 -33.67
N PHE T 219 52.87 -34.58 -33.43
CA PHE T 219 53.39 -35.00 -32.14
C PHE T 219 52.99 -34.03 -31.04
N ILE T 220 52.77 -32.76 -31.37
CA ILE T 220 52.25 -31.82 -30.38
C ILE T 220 50.86 -32.25 -29.94
N ASP T 221 50.00 -32.61 -30.88
CA ASP T 221 48.66 -33.09 -30.55
C ASP T 221 48.73 -34.37 -29.71
N VAL T 222 49.57 -35.30 -30.13
CA VAL T 222 49.71 -36.56 -29.40
C VAL T 222 50.19 -36.31 -27.98
N PHE T 223 51.19 -35.43 -27.81
CA PHE T 223 51.74 -35.17 -26.50
C PHE T 223 50.74 -34.43 -25.62
N VAL T 224 49.98 -33.49 -26.18
CA VAL T 224 49.00 -32.77 -25.38
C VAL T 224 47.93 -33.73 -24.87
N HIS T 225 47.45 -34.62 -25.75
CA HIS T 225 46.42 -35.54 -25.29
C HIS T 225 46.98 -36.61 -24.36
N PHE T 226 48.26 -36.99 -24.53
CA PHE T 226 48.88 -37.85 -23.55
C PHE T 226 48.98 -37.16 -22.20
N GLY T 227 49.34 -35.88 -22.18
CA GLY T 227 49.42 -35.17 -20.91
C GLY T 227 48.07 -35.02 -20.25
N ILE T 228 47.02 -34.85 -21.04
CA ILE T 228 45.68 -34.78 -20.46
C ILE T 228 45.27 -36.15 -19.90
N ALA T 229 45.58 -37.23 -20.61
CA ALA T 229 45.25 -38.56 -20.13
C ALA T 229 46.04 -38.92 -18.88
N GLN T 230 47.32 -38.54 -18.85
CA GLN T 230 48.15 -38.78 -17.68
C GLN T 230 47.65 -38.00 -16.47
N SER T 231 47.24 -36.75 -16.68
CA SER T 231 46.73 -35.93 -15.60
C SER T 231 45.34 -36.35 -15.15
N SER T 232 44.70 -37.27 -15.86
CA SER T 232 43.40 -37.79 -15.47
C SER T 232 43.49 -39.07 -14.66
N THR T 233 44.70 -39.50 -14.29
CA THR T 233 44.85 -40.71 -13.52
C THR T 233 44.47 -40.47 -12.06
N ARG T 234 44.25 -41.58 -11.35
CA ARG T 234 43.90 -41.52 -9.94
C ARG T 234 45.10 -41.22 -9.04
N GLY T 235 46.31 -41.42 -9.55
CA GLY T 235 47.51 -41.19 -8.75
C GLY T 235 48.72 -41.74 -9.46
N GLY T 236 49.86 -41.63 -8.79
CA GLY T 236 51.10 -42.12 -9.37
C GLY T 236 52.27 -41.77 -8.47
N SER T 237 53.46 -41.85 -9.05
CA SER T 237 54.69 -41.53 -8.35
C SER T 237 54.85 -40.02 -8.23
N ARG T 238 55.94 -39.59 -7.59
CA ARG T 238 56.17 -38.16 -7.42
C ARG T 238 56.64 -37.51 -8.71
N VAL T 239 57.34 -38.26 -9.56
CA VAL T 239 57.77 -37.73 -10.85
C VAL T 239 56.56 -37.50 -11.75
N GLU T 240 55.57 -38.39 -11.69
CA GLU T 240 54.35 -38.17 -12.45
C GLU T 240 53.58 -36.96 -11.92
N GLY T 241 53.63 -36.73 -10.61
CA GLY T 241 53.05 -35.52 -10.07
C GLY T 241 53.77 -34.27 -10.54
N ILE T 242 55.09 -34.33 -10.63
CA ILE T 242 55.86 -33.22 -11.18
C ILE T 242 55.46 -32.97 -12.62
N PHE T 243 55.33 -34.05 -13.41
CA PHE T 243 54.94 -33.89 -14.80
C PHE T 243 53.55 -33.26 -14.91
N ALA T 244 52.61 -33.70 -14.08
CA ALA T 244 51.27 -33.13 -14.13
C ALA T 244 51.29 -31.65 -13.76
N GLY T 245 52.05 -31.29 -12.74
CA GLY T 245 52.15 -29.89 -12.35
C GLY T 245 52.78 -29.03 -13.43
N LEU T 246 53.82 -29.53 -14.08
CA LEU T 246 54.47 -28.78 -15.15
C LEU T 246 53.61 -28.73 -16.41
N PHE T 247 52.81 -29.77 -16.65
CA PHE T 247 51.95 -29.79 -17.83
C PHE T 247 50.77 -28.83 -17.67
N MET T 248 50.18 -28.76 -16.48
CA MET T 248 49.08 -27.82 -16.31
C MET T 248 49.58 -26.39 -16.18
N ASN T 249 50.90 -26.20 -16.06
CA ASN T 249 51.48 -24.87 -16.20
C ASN T 249 51.34 -24.35 -17.61
N ALA T 250 51.10 -25.22 -18.58
CA ALA T 250 50.91 -24.83 -19.97
C ALA T 250 49.49 -24.45 -20.28
N TYR T 251 48.55 -24.71 -19.37
CA TYR T 251 47.16 -24.35 -19.61
C TYR T 251 47.02 -22.84 -19.68
N GLY T 252 46.40 -22.34 -20.74
CA GLY T 252 46.25 -20.91 -20.93
C GLY T 252 47.45 -20.23 -21.54
N ALA T 253 48.44 -20.98 -22.00
CA ALA T 253 49.58 -20.38 -22.67
C ALA T 253 49.14 -19.74 -23.99
N GLY T 254 49.63 -18.54 -24.24
CA GLY T 254 49.20 -17.77 -25.38
C GLY T 254 47.96 -16.93 -25.15
N GLN T 255 47.39 -16.97 -23.95
CA GLN T 255 46.19 -16.22 -23.61
C GLN T 255 46.39 -15.45 -22.31
N VAL T 256 47.57 -14.87 -22.12
CA VAL T 256 47.85 -14.16 -20.88
C VAL T 256 47.00 -12.90 -20.74
N MET T 257 46.57 -12.30 -21.85
CA MET T 257 45.85 -11.04 -21.78
C MET T 257 44.49 -11.20 -21.15
N LEU T 258 43.86 -12.37 -21.31
CA LEU T 258 42.58 -12.61 -20.66
C LEU T 258 42.74 -12.60 -19.14
N ARG T 259 43.77 -13.28 -18.65
CA ARG T 259 44.04 -13.31 -17.22
C ARG T 259 44.42 -11.93 -16.70
N TRP T 260 45.22 -11.19 -17.47
CA TRP T 260 45.59 -9.86 -17.02
C TRP T 260 44.42 -8.88 -17.08
N GLY T 261 43.48 -9.09 -17.99
CA GLY T 261 42.27 -8.29 -17.98
C GLY T 261 41.39 -8.57 -16.77
N VAL T 262 41.27 -9.85 -16.40
CA VAL T 262 40.56 -10.17 -15.17
C VAL T 262 41.26 -9.54 -13.97
N LEU T 263 42.60 -9.53 -14.00
CA LEU T 263 43.35 -8.90 -12.92
C LEU T 263 43.10 -7.39 -12.87
N ALA T 264 43.09 -6.73 -14.03
CA ALA T 264 42.84 -5.29 -14.06
C ALA T 264 41.44 -4.97 -13.59
N LYS T 265 40.48 -5.86 -13.85
CA LYS T 265 39.16 -5.69 -13.27
C LYS T 265 39.20 -5.85 -11.76
N SER T 266 40.00 -6.79 -11.26
CA SER T 266 40.03 -7.07 -9.83
C SER T 266 40.64 -5.91 -9.05
N VAL T 267 41.75 -5.35 -9.52
CA VAL T 267 42.36 -4.21 -8.86
C VAL T 267 41.64 -2.91 -9.16
N LYS T 268 40.62 -2.94 -10.01
CA LYS T 268 39.70 -1.83 -10.21
C LYS T 268 40.41 -0.60 -10.75
N ASN T 269 41.21 -0.82 -11.79
CA ASN T 269 41.93 0.28 -12.43
C ASN T 269 40.95 1.29 -12.99
N ILE T 270 41.24 2.57 -12.79
CA ILE T 270 40.31 3.62 -13.18
C ILE T 270 40.23 3.78 -14.69
N MET T 271 41.35 3.57 -15.40
CA MET T 271 41.35 3.77 -16.84
C MET T 271 40.47 2.77 -17.58
N LEU T 272 39.81 1.86 -16.86
CA LEU T 272 38.74 1.07 -17.47
C LEU T 272 37.48 1.90 -17.66
N GLY T 273 37.41 3.07 -17.05
CA GLY T 273 36.33 4.01 -17.21
C GLY T 273 36.52 5.04 -18.30
N HIS T 274 37.60 4.96 -19.05
CA HIS T 274 37.83 5.87 -20.16
C HIS T 274 36.77 5.65 -21.23
N ALA T 275 36.67 6.61 -22.16
CA ALA T 275 35.60 6.57 -23.15
C ALA T 275 35.79 5.44 -24.14
N SER T 276 37.00 5.30 -24.69
CA SER T 276 37.24 4.28 -25.72
C SER T 276 37.19 2.87 -25.14
N VAL T 277 37.68 2.69 -23.91
CA VAL T 277 37.57 1.39 -23.27
C VAL T 277 36.11 0.99 -23.11
N GLN T 278 35.27 1.93 -22.69
CA GLN T 278 33.86 1.64 -22.55
C GLN T 278 33.20 1.42 -23.90
N ALA T 279 33.74 2.03 -24.95
CA ALA T 279 33.25 1.74 -26.30
C ALA T 279 33.50 0.28 -26.66
N GLU T 280 34.68 -0.23 -26.31
CA GLU T 280 35.05 -1.60 -26.67
C GLU T 280 34.51 -2.66 -25.70
N MET T 281 33.98 -2.25 -24.55
CA MET T 281 33.60 -3.21 -23.52
C MET T 281 32.58 -4.23 -24.01
N GLU T 282 31.73 -3.86 -24.97
CA GLU T 282 30.72 -4.80 -25.47
C GLU T 282 31.39 -6.03 -26.09
N GLN T 283 32.31 -5.81 -27.01
CA GLN T 283 33.00 -6.92 -27.66
C GLN T 283 34.00 -7.58 -26.71
N VAL T 284 34.53 -6.84 -25.74
CA VAL T 284 35.39 -7.49 -24.75
C VAL T 284 34.61 -8.51 -23.94
N VAL T 285 33.41 -8.15 -23.48
CA VAL T 285 32.57 -9.10 -22.75
C VAL T 285 32.14 -10.23 -23.67
N GLU T 286 31.92 -9.92 -24.95
CA GLU T 286 31.69 -10.97 -25.94
C GLU T 286 32.80 -12.01 -25.94
N VAL T 287 34.05 -11.56 -25.99
CA VAL T 287 35.19 -12.47 -26.03
C VAL T 287 35.27 -13.29 -24.74
N TYR T 288 35.06 -12.65 -23.60
CA TYR T 288 35.15 -13.37 -22.33
C TYR T 288 34.06 -14.43 -22.20
N GLU T 289 32.84 -14.10 -22.62
CA GLU T 289 31.77 -15.09 -22.61
C GLU T 289 32.08 -16.24 -23.56
N TYR T 290 32.71 -15.93 -24.70
CA TYR T 290 33.13 -17.00 -25.61
C TYR T 290 34.15 -17.92 -24.96
N ALA T 291 35.13 -17.34 -24.26
CA ALA T 291 36.15 -18.15 -23.61
C ALA T 291 35.53 -19.06 -22.56
N GLN T 292 34.57 -18.53 -21.79
CA GLN T 292 33.89 -19.35 -20.80
C GLN T 292 33.04 -20.44 -21.41
N LYS T 293 32.36 -20.15 -22.53
CA LYS T 293 31.57 -21.18 -23.19
C LYS T 293 32.46 -22.29 -23.73
N LEU T 294 33.63 -21.93 -24.26
CA LEU T 294 34.60 -22.94 -24.66
C LEU T 294 35.02 -23.79 -23.47
N GLY T 295 35.41 -23.15 -22.38
CA GLY T 295 35.74 -23.87 -21.17
C GLY T 295 37.13 -24.47 -21.14
N GLY T 296 37.22 -25.73 -20.72
CA GLY T 296 38.51 -26.36 -20.49
C GLY T 296 39.32 -26.59 -21.75
N GLU T 297 38.67 -26.93 -22.86
CA GLU T 297 39.41 -27.26 -24.08
C GLU T 297 40.17 -26.05 -24.62
N ALA T 298 39.75 -24.84 -24.29
CA ALA T 298 40.36 -23.63 -24.83
C ALA T 298 41.73 -23.34 -24.26
N GLY T 299 42.15 -24.04 -23.20
CA GLY T 299 43.42 -23.73 -22.57
C GLY T 299 44.63 -24.18 -23.36
N PHE T 300 44.44 -25.02 -24.37
CA PHE T 300 45.53 -25.51 -25.19
C PHE T 300 45.36 -25.14 -26.66
N TYR T 301 44.56 -24.12 -26.95
CA TYR T 301 44.32 -23.73 -28.34
C TYR T 301 45.58 -23.20 -29.00
N HIS T 302 46.34 -22.37 -28.29
CA HIS T 302 47.53 -21.76 -28.90
C HIS T 302 48.69 -22.74 -28.98
N ILE T 303 48.80 -23.66 -28.02
CA ILE T 303 49.83 -24.69 -28.10
C ILE T 303 49.57 -25.61 -29.29
N LEU T 304 48.31 -26.00 -29.48
CA LEU T 304 47.93 -26.89 -30.56
C LEU T 304 47.80 -26.18 -31.90
N ASN T 305 47.94 -24.86 -31.93
CA ASN T 305 47.68 -24.05 -33.11
C ASN T 305 46.26 -24.27 -33.62
N ASN T 306 45.31 -24.32 -32.70
CA ASN T 306 43.92 -24.43 -33.09
C ASN T 306 43.51 -23.20 -33.88
N PRO T 307 42.81 -23.36 -35.01
CA PRO T 307 42.45 -22.19 -35.82
C PRO T 307 41.57 -21.20 -35.09
N LYS T 308 40.77 -21.65 -34.13
CA LYS T 308 39.91 -20.76 -33.35
C LYS T 308 40.66 -20.06 -32.24
N ALA T 309 41.99 -20.14 -32.21
CA ALA T 309 42.76 -19.41 -31.22
C ALA T 309 42.66 -17.91 -31.44
N SER T 310 42.56 -17.47 -32.70
CA SER T 310 42.51 -16.05 -32.99
C SER T 310 41.23 -15.39 -32.48
N LEU T 311 40.19 -16.18 -32.21
CA LEU T 311 38.95 -15.62 -31.70
C LEU T 311 39.04 -15.20 -30.25
N LEU T 312 40.04 -15.67 -29.51
CA LEU T 312 40.23 -15.32 -28.11
C LEU T 312 41.11 -14.11 -27.91
N SER T 313 41.61 -13.52 -29.00
CA SER T 313 42.55 -12.41 -28.88
C SER T 313 41.85 -11.16 -28.35
N LEU T 314 42.60 -10.37 -27.58
CA LEU T 314 42.14 -9.08 -27.09
C LEU T 314 42.89 -7.91 -27.72
N THR T 315 43.91 -8.17 -28.53
CA THR T 315 44.63 -7.09 -29.17
C THR T 315 43.81 -6.41 -30.26
N GLN T 316 42.68 -6.99 -30.63
CA GLN T 316 41.72 -6.39 -31.55
C GLN T 316 40.91 -5.27 -30.90
N PHE T 317 41.22 -4.99 -29.63
CA PHE T 317 40.66 -3.86 -28.88
C PHE T 317 41.84 -3.07 -28.34
N PRO T 318 42.41 -2.17 -29.13
CA PRO T 318 43.67 -1.53 -28.72
C PRO T 318 43.61 -0.79 -27.39
N HIS T 319 42.49 -0.14 -27.09
CA HIS T 319 42.42 0.67 -25.88
C HIS T 319 42.35 -0.22 -24.63
N PHE T 320 41.47 -1.23 -24.66
CA PHE T 320 41.38 -2.15 -23.53
C PHE T 320 42.69 -2.91 -23.34
N SER T 321 43.29 -3.36 -24.44
CA SER T 321 44.56 -4.07 -24.35
C SER T 321 45.65 -3.18 -23.77
N SER T 322 45.68 -1.91 -24.18
CA SER T 322 46.68 -0.99 -23.65
C SER T 322 46.48 -0.76 -22.16
N VAL T 323 45.22 -0.60 -21.72
CA VAL T 323 44.96 -0.43 -20.30
C VAL T 323 45.39 -1.68 -19.53
N VAL T 324 45.12 -2.86 -20.09
CA VAL T 324 45.48 -4.11 -19.41
C VAL T 324 46.99 -4.25 -19.29
N LEU T 325 47.72 -3.97 -20.37
CA LEU T 325 49.18 -4.01 -20.30
C LEU T 325 49.73 -2.99 -19.33
N GLY T 326 49.15 -1.79 -19.31
CA GLY T 326 49.60 -0.79 -18.35
C GLY T 326 49.39 -1.23 -16.92
N ASN T 327 48.22 -1.82 -16.62
CA ASN T 327 47.98 -2.30 -15.27
C ASN T 327 48.94 -3.42 -14.91
N ALA T 328 49.24 -4.31 -15.86
CA ALA T 328 50.18 -5.39 -15.59
C ALA T 328 51.57 -4.83 -15.31
N ALA T 329 52.01 -3.83 -16.07
CA ALA T 329 53.33 -3.27 -15.88
C ALA T 329 53.41 -2.49 -14.58
N GLY T 330 52.33 -1.83 -14.19
CA GLY T 330 52.31 -1.08 -12.94
C GLY T 330 52.38 -1.97 -11.73
N LEU T 331 51.71 -3.12 -11.78
CA LEU T 331 51.74 -4.05 -10.67
C LEU T 331 53.05 -4.82 -10.58
N GLY T 332 53.93 -4.66 -11.55
CA GLY T 332 55.25 -5.29 -11.51
C GLY T 332 55.26 -6.77 -11.86
N ILE T 333 54.30 -7.23 -12.66
CA ILE T 333 54.26 -8.62 -13.06
C ILE T 333 54.45 -8.83 -14.55
N MET T 334 54.71 -7.78 -15.33
CA MET T 334 54.75 -7.94 -16.79
C MET T 334 56.05 -8.59 -17.23
N GLY T 335 57.11 -8.46 -16.44
CA GLY T 335 58.37 -9.13 -16.75
C GLY T 335 58.95 -8.67 -18.07
N GLU T 336 59.34 -9.63 -18.90
CA GLU T 336 59.84 -9.37 -20.25
C GLU T 336 58.79 -9.65 -21.32
N TYR T 337 57.53 -9.41 -21.00
CA TYR T 337 56.47 -9.67 -21.97
C TYR T 337 56.66 -8.77 -23.17
N ARG T 338 56.83 -9.36 -24.35
CA ARG T 338 57.31 -8.62 -25.51
C ARG T 338 56.16 -8.10 -26.36
N GLY T 339 54.92 -8.28 -25.91
CA GLY T 339 53.81 -7.56 -26.50
C GLY T 339 53.84 -6.10 -26.10
N THR T 340 53.48 -5.25 -27.06
CA THR T 340 53.62 -3.81 -26.87
C THR T 340 52.28 -3.13 -26.98
N PRO T 341 52.04 -2.08 -26.19
CA PRO T 341 50.75 -1.39 -26.28
C PRO T 341 50.62 -0.66 -27.60
N ARG T 342 49.39 -0.52 -28.08
CA ARG T 342 49.12 0.27 -29.28
C ARG T 342 48.35 1.54 -28.99
N ASN T 343 48.18 1.87 -27.71
CA ASN T 343 47.75 3.19 -27.24
C ASN T 343 48.68 3.55 -26.10
N GLN T 344 49.75 4.27 -26.40
CA GLN T 344 50.77 4.55 -25.39
C GLN T 344 50.22 5.37 -24.25
N ASP T 345 49.30 6.29 -24.55
CA ASP T 345 48.78 7.18 -23.52
C ASP T 345 47.99 6.41 -22.46
N LEU T 346 47.06 5.55 -22.89
CA LEU T 346 46.32 4.74 -21.94
C LEU T 346 47.22 3.78 -21.18
N TYR T 347 48.23 3.24 -21.87
CA TYR T 347 49.20 2.38 -21.22
C TYR T 347 49.89 3.11 -20.07
N ASP T 348 50.40 4.31 -20.34
CA ASP T 348 51.10 5.07 -19.31
C ASP T 348 50.16 5.46 -18.17
N ALA T 349 48.93 5.87 -18.49
CA ALA T 349 48.00 6.25 -17.44
C ALA T 349 47.66 5.08 -16.54
N ALA T 350 47.39 3.92 -17.13
CA ALA T 350 47.08 2.73 -16.33
C ALA T 350 48.29 2.29 -15.51
N LYS T 351 49.49 2.36 -16.11
CA LYS T 351 50.69 2.00 -15.37
C LYS T 351 50.89 2.89 -14.16
N ALA T 352 50.71 4.20 -14.34
CA ALA T 352 50.85 5.13 -13.23
C ALA T 352 49.82 4.85 -12.14
N TYR T 353 48.56 4.64 -12.52
CA TYR T 353 47.56 4.39 -11.49
C TYR T 353 47.84 3.08 -10.76
N ALA T 354 48.31 2.05 -11.47
CA ALA T 354 48.61 0.79 -10.83
C ALA T 354 49.80 0.93 -9.88
N GLU T 355 50.75 1.80 -10.21
CA GLU T 355 51.86 2.05 -9.30
C GLU T 355 51.37 2.76 -8.04
N GLN T 356 50.54 3.79 -8.18
CA GLN T 356 49.98 4.42 -6.99
C GLN T 356 48.98 3.53 -6.27
N LEU T 357 48.57 2.41 -6.86
CA LEU T 357 47.72 1.48 -6.13
C LEU T 357 48.47 0.77 -5.01
N LYS T 358 49.77 1.01 -4.87
CA LYS T 358 50.53 0.31 -3.83
C LYS T 358 50.96 1.25 -2.71
N GLU T 359 51.42 2.46 -3.04
CA GLU T 359 51.68 3.46 -2.01
C GLU T 359 50.37 4.07 -1.50
N ASN T 360 49.45 4.37 -2.41
CA ASN T 360 48.15 4.93 -2.08
C ASN T 360 47.14 3.80 -2.22
N GLY T 361 46.87 3.11 -1.10
CA GLY T 361 46.25 1.79 -1.16
C GLY T 361 45.12 1.69 -2.15
N VAL T 362 44.00 2.34 -1.87
CA VAL T 362 42.84 2.31 -2.76
C VAL T 362 42.26 3.72 -2.81
N ILE T 363 41.40 3.97 -3.79
CA ILE T 363 40.69 5.24 -3.93
C ILE T 363 39.20 4.97 -3.75
N ASN T 364 38.60 5.65 -2.80
CA ASN T 364 37.15 5.60 -2.64
C ASN T 364 36.49 6.46 -3.72
N TYR T 365 35.19 6.27 -3.88
CA TYR T 365 34.43 7.08 -4.83
C TYR T 365 33.34 7.82 -4.08
N SER T 366 33.75 8.46 -2.98
CA SER T 366 32.91 9.36 -2.21
C SER T 366 32.55 10.60 -3.02
N VAL T 367 33.37 10.93 -4.01
CA VAL T 367 32.99 11.91 -5.02
C VAL T 367 31.65 11.45 -5.59
N LEU T 368 30.83 12.41 -6.04
CA LEU T 368 29.49 12.07 -6.50
C LEU T 368 28.61 11.49 -5.40
N ASP T 369 28.16 12.34 -4.47
CA ASP T 369 27.13 12.09 -3.44
C ASP T 369 27.62 11.45 -2.14
N LEU T 370 28.92 11.39 -1.87
CA LEU T 370 29.35 10.96 -0.54
C LEU T 370 30.56 11.75 -0.05
N ALA U 2 13.23 -0.15 33.10
CA ALA U 2 14.13 -0.29 31.96
C ALA U 2 15.57 -0.02 32.37
N LEU U 3 16.47 -0.90 31.96
CA LEU U 3 17.88 -0.76 32.34
C LEU U 3 18.53 0.43 31.64
N SER U 4 17.92 0.93 30.57
CA SER U 4 18.50 2.05 29.84
C SER U 4 18.47 3.36 30.61
N LYS U 5 17.63 3.48 31.63
CA LYS U 5 17.56 4.70 32.42
C LYS U 5 18.38 4.65 33.70
N VAL U 6 19.21 3.63 33.87
CA VAL U 6 20.15 3.58 34.98
C VAL U 6 21.39 4.33 34.51
N LYS U 7 21.33 5.66 34.58
CA LYS U 7 22.41 6.49 34.05
C LYS U 7 22.50 7.76 34.87
N LEU U 8 23.71 8.32 34.92
CA LEU U 8 24.00 9.55 35.65
C LEU U 8 24.90 10.42 34.79
N ASN U 9 24.49 11.68 34.61
CA ASN U 9 25.28 12.64 33.83
C ASN U 9 26.11 13.50 34.79
N ASP U 10 27.24 12.93 35.20
CA ASP U 10 28.03 13.57 36.25
C ASP U 10 28.75 14.81 35.76
N THR U 11 29.30 14.77 34.54
CA THR U 11 30.01 15.93 34.01
C THR U 11 29.10 17.15 33.90
N LEU U 12 27.92 16.96 33.33
CA LEU U 12 26.98 18.06 33.15
C LEU U 12 26.46 18.56 34.49
N ASN U 13 26.22 17.66 35.43
CA ASN U 13 25.74 18.07 36.75
C ASN U 13 26.81 18.86 37.50
N LYS U 14 28.07 18.44 37.41
CA LYS U 14 29.15 19.20 38.02
C LYS U 14 29.27 20.58 37.38
N ASP U 15 29.16 20.66 36.06
CA ASP U 15 29.20 21.96 35.39
C ASP U 15 28.06 22.85 35.85
N GLN U 16 26.85 22.30 35.97
CA GLN U 16 25.72 23.12 36.41
C GLN U 16 25.92 23.57 37.85
N LEU U 17 26.49 22.72 38.70
CA LEU U 17 26.76 23.13 40.07
C LEU U 17 27.77 24.27 40.11
N LEU U 18 28.81 24.19 39.29
CA LEU U 18 29.84 25.23 39.33
C LEU U 18 29.39 26.52 38.66
N SER U 19 28.50 26.44 37.67
CA SER U 19 28.06 27.62 36.95
C SER U 19 26.87 28.31 37.60
N SER U 20 26.19 27.66 38.54
CA SER U 20 25.02 28.25 39.18
C SER U 20 25.29 28.62 40.64
N SER U 21 26.53 28.90 40.98
CA SER U 21 26.85 29.34 42.34
C SER U 21 26.24 30.71 42.61
N LYS U 22 25.66 30.88 43.78
CA LYS U 22 25.04 32.14 44.17
C LYS U 22 25.87 32.92 45.19
N TYR U 23 27.11 32.50 45.44
CA TYR U 23 28.05 33.25 46.26
C TYR U 23 29.37 33.33 45.51
N THR U 24 30.13 34.39 45.73
CA THR U 24 31.38 34.63 45.04
C THR U 24 32.49 34.95 46.04
N ILE U 25 33.70 34.53 45.70
CA ILE U 25 34.88 34.89 46.45
C ILE U 25 35.55 36.09 45.80
N GLN U 26 36.43 36.74 46.56
CA GLN U 26 37.17 37.89 46.05
C GLN U 26 38.56 37.85 46.66
N ARG U 27 39.55 37.51 45.85
CA ARG U 27 40.92 37.34 46.30
C ARG U 27 41.60 38.69 46.45
N SER U 28 42.71 38.70 47.19
CA SER U 28 43.50 39.91 47.39
C SER U 28 44.88 39.69 46.79
N THR U 29 45.23 40.52 45.81
CA THR U 29 46.49 40.34 45.10
C THR U 29 47.70 40.54 45.99
N GLY U 30 47.57 41.32 47.06
CA GLY U 30 48.69 41.66 47.92
C GLY U 30 49.35 42.98 47.56
N ASP U 31 50.44 42.90 46.81
CA ASP U 31 51.11 44.05 46.23
C ASP U 31 50.17 44.79 45.28
N SER U 32 50.30 46.12 45.29
CA SER U 32 49.46 46.98 44.46
C SER U 32 49.75 46.75 42.98
N ILE U 33 48.71 46.81 42.16
CA ILE U 33 48.83 46.64 40.72
C ILE U 33 48.96 48.02 40.10
N ASP U 34 49.99 48.21 39.29
CA ASP U 34 50.14 49.41 38.47
C ASP U 34 49.20 49.26 37.29
N THR U 35 48.46 50.31 36.96
CA THR U 35 47.55 50.24 35.82
C THR U 35 47.87 51.37 34.85
N PRO U 36 48.82 51.21 33.93
CA PRO U 36 49.07 52.24 32.93
C PRO U 36 47.89 52.39 31.97
N ASN U 37 47.77 53.61 31.45
CA ASN U 37 46.71 53.95 30.50
C ASN U 37 47.32 54.12 29.12
N TYR U 38 46.50 54.55 28.17
CA TYR U 38 46.98 54.77 26.81
C TYR U 38 48.06 55.84 26.73
N ASP U 39 48.15 56.69 27.76
CA ASP U 39 49.06 57.82 27.72
C ASP U 39 50.51 57.37 27.63
N VAL U 40 50.88 56.36 28.40
CA VAL U 40 52.28 55.96 28.55
C VAL U 40 52.63 54.76 27.66
N GLN U 41 51.76 54.42 26.71
CA GLN U 41 52.05 53.33 25.79
C GLN U 41 53.31 53.60 24.98
N LYS U 42 53.47 54.84 24.52
CA LYS U 42 54.68 55.20 23.77
C LYS U 42 55.93 55.04 24.61
N HIS U 43 55.87 55.44 25.87
CA HIS U 43 57.06 55.33 26.73
C HIS U 43 57.38 53.88 27.05
N ILE U 44 56.36 53.05 27.29
CA ILE U 44 56.63 51.64 27.57
C ILE U 44 57.18 50.95 26.33
N ASN U 45 56.68 51.31 25.14
CA ASN U 45 57.26 50.78 23.92
C ASN U 45 58.70 51.25 23.73
N LYS U 46 58.99 52.49 24.12
CA LYS U 46 60.36 52.97 24.10
C LYS U 46 61.25 52.13 25.01
N LEU U 47 60.76 51.81 26.21
CA LEU U 47 61.53 50.99 27.13
C LEU U 47 61.79 49.60 26.57
N CYS U 48 60.77 48.99 25.95
CA CYS U 48 60.96 47.69 25.33
C CYS U 48 61.97 47.76 24.19
N GLY U 49 61.91 48.82 23.39
CA GLY U 49 62.88 48.98 22.32
C GLY U 49 64.30 49.14 22.83
N MET U 50 64.45 49.93 23.91
CA MET U 50 65.78 50.08 24.51
C MET U 50 66.30 48.77 25.04
N LEU U 51 65.43 47.94 25.63
CA LEU U 51 65.86 46.60 26.03
C LEU U 51 66.26 45.77 24.83
N LEU U 52 65.54 45.89 23.72
CA LEU U 52 65.81 45.05 22.55
C LEU U 52 67.11 45.44 21.84
N ILE U 53 67.41 46.74 21.73
CA ILE U 53 68.62 47.15 21.02
C ILE U 53 69.88 47.01 21.87
N THR U 54 69.75 46.62 23.13
CA THR U 54 70.89 46.52 24.05
C THR U 54 71.48 45.12 23.93
N GLU U 55 72.65 45.00 23.32
CA GLU U 55 73.29 43.69 23.30
C GLU U 55 73.80 43.29 24.69
N ASP U 56 74.01 42.00 24.87
CA ASP U 56 74.42 41.43 26.16
C ASP U 56 73.55 42.00 27.29
N ALA U 57 72.25 42.00 27.07
CA ALA U 57 71.33 42.74 27.91
C ALA U 57 70.99 41.98 29.18
N ASN U 58 70.40 42.71 30.13
CA ASN U 58 69.87 42.16 31.36
C ASN U 58 68.36 42.12 31.24
N HIS U 59 67.79 40.92 31.11
CA HIS U 59 66.35 40.76 30.95
C HIS U 59 65.65 40.36 32.25
N LYS U 60 66.16 40.79 33.40
CA LYS U 60 65.52 40.43 34.66
C LYS U 60 64.13 41.03 34.78
N PHE U 61 63.88 42.17 34.14
CA PHE U 61 62.64 42.90 34.31
C PHE U 61 61.80 42.93 33.03
N THR U 62 62.15 42.14 32.02
CA THR U 62 61.45 42.21 30.74
C THR U 62 60.02 41.69 30.86
N GLY U 63 59.80 40.68 31.71
CA GLY U 63 58.44 40.17 31.87
C GLY U 63 57.49 41.21 32.43
N LEU U 64 57.93 41.94 33.45
CA LEU U 64 57.09 42.99 34.02
C LEU U 64 56.86 44.12 33.02
N ILE U 65 57.88 44.47 32.24
CA ILE U 65 57.71 45.56 31.27
C ILE U 65 56.76 45.14 30.16
N GLY U 66 56.84 43.88 29.73
CA GLY U 66 55.89 43.38 28.74
C GLY U 66 54.47 43.34 29.29
N MET U 67 54.32 42.97 30.55
CA MET U 67 53.01 43.02 31.17
C MET U 67 52.46 44.43 31.23
N LEU U 68 53.33 45.39 31.57
CA LEU U 68 52.91 46.79 31.59
C LEU U 68 52.51 47.26 30.20
N TYR U 69 53.24 46.84 29.16
CA TYR U 69 52.88 47.22 27.80
C TYR U 69 51.53 46.64 27.41
N ALA U 70 51.29 45.38 27.74
CA ALA U 70 49.99 44.77 27.44
C ALA U 70 48.87 45.51 28.16
N MET U 71 49.08 45.81 29.44
CA MET U 71 48.07 46.52 30.21
C MET U 71 47.84 47.94 29.72
N SER U 72 48.87 48.60 29.18
CA SER U 72 48.69 49.93 28.61
C SER U 72 47.94 49.87 27.29
N ARG U 73 48.16 48.80 26.51
CA ARG U 73 47.36 48.60 25.31
C ARG U 73 45.89 48.37 25.65
N LEU U 74 45.62 47.59 26.69
CA LEU U 74 44.23 47.36 27.10
C LEU U 74 43.59 48.65 27.59
N GLY U 75 44.36 49.48 28.28
CA GLY U 75 43.85 50.65 28.94
C GLY U 75 43.55 50.39 30.41
N ARG U 76 43.53 51.46 31.20
CA ARG U 76 43.32 51.32 32.64
C ARG U 76 41.92 50.82 32.95
N GLU U 77 40.91 51.34 32.25
CA GLU U 77 39.54 50.91 32.51
C GLU U 77 39.40 49.41 32.28
N ASP U 78 39.85 48.92 31.14
CA ASP U 78 39.70 47.50 30.82
C ASP U 78 40.58 46.63 31.71
N THR U 79 41.78 47.10 32.06
CA THR U 79 42.61 46.32 32.97
C THR U 79 41.93 46.16 34.34
N ILE U 80 41.38 47.26 34.86
CA ILE U 80 40.67 47.20 36.13
C ILE U 80 39.47 46.27 36.03
N LYS U 81 38.71 46.38 34.94
CA LYS U 81 37.53 45.55 34.78
C LYS U 81 37.89 44.08 34.67
N ILE U 82 38.99 43.77 33.97
CA ILE U 82 39.47 42.39 33.90
C ILE U 82 39.82 41.87 35.29
N LEU U 83 40.53 42.68 36.08
CA LEU U 83 40.93 42.23 37.40
C LEU U 83 39.73 42.00 38.31
N ARG U 84 38.73 42.88 38.25
CA ARG U 84 37.51 42.62 39.02
C ARG U 84 36.79 41.36 38.54
N ASP U 85 36.61 41.20 37.22
CA ASP U 85 35.91 40.04 36.71
C ASP U 85 36.61 38.74 37.04
N ALA U 86 37.94 38.77 37.15
CA ALA U 86 38.67 37.59 37.58
C ALA U 86 38.51 37.32 39.07
N GLY U 87 37.90 38.24 39.81
CA GLY U 87 37.69 38.06 41.23
C GLY U 87 38.90 38.43 42.06
N TYR U 88 39.38 39.65 41.91
CA TYR U 88 40.55 40.13 42.63
C TYR U 88 40.23 41.47 43.29
N HIS U 89 40.80 41.69 44.47
CA HIS U 89 40.84 43.00 45.08
C HIS U 89 42.16 43.65 44.68
N VAL U 90 42.06 44.77 43.96
CA VAL U 90 43.22 45.40 43.34
C VAL U 90 43.36 46.83 43.84
N LYS U 91 44.58 47.20 44.19
CA LYS U 91 44.94 48.58 44.49
C LYS U 91 45.41 49.20 43.18
N ALA U 92 44.50 49.90 42.51
CA ALA U 92 44.82 50.49 41.22
C ALA U 92 45.81 51.64 41.41
N ASN U 93 46.99 51.50 40.79
CA ASN U 93 48.07 52.46 40.93
C ASN U 93 48.19 53.25 39.64
N GLY U 94 48.05 54.57 39.74
CA GLY U 94 48.16 55.42 38.57
C GLY U 94 49.60 55.50 38.09
N VAL U 95 49.80 55.39 36.79
CA VAL U 95 51.10 55.48 36.17
C VAL U 95 51.14 56.73 35.31
N ASP U 96 52.11 57.59 35.58
CA ASP U 96 52.31 58.79 34.80
C ASP U 96 53.80 59.03 34.63
N VAL U 97 54.13 59.79 33.61
CA VAL U 97 55.52 60.03 33.23
C VAL U 97 56.04 61.28 33.92
N THR U 98 57.28 61.21 34.39
CA THR U 98 57.93 62.37 34.99
C THR U 98 59.40 62.34 34.63
N THR U 99 60.06 63.48 34.84
CA THR U 99 61.50 63.61 34.58
C THR U 99 62.29 63.46 35.86
N HIS U 100 63.48 62.86 35.71
CA HIS U 100 64.43 62.70 36.80
C HIS U 100 65.78 63.19 36.30
N ARG U 101 66.48 63.96 37.14
CA ARG U 101 67.75 64.56 36.78
C ARG U 101 68.84 63.92 37.64
N GLN U 102 69.87 63.37 37.00
CA GLN U 102 71.01 62.87 37.76
C GLN U 102 72.29 63.08 36.98
N ASP U 103 73.39 63.06 37.71
CA ASP U 103 74.73 63.34 37.16
C ASP U 103 75.51 62.04 37.06
N ILE U 104 75.67 61.56 35.84
CA ILE U 104 76.53 60.41 35.55
C ILE U 104 77.68 60.89 34.68
N ASN U 105 78.87 60.34 34.90
CA ASN U 105 80.09 60.79 34.23
C ASN U 105 80.39 62.24 34.57
N GLY U 106 79.88 62.71 35.70
CA GLY U 106 80.06 64.10 36.10
C GLY U 106 79.30 65.09 35.24
N LYS U 107 78.25 64.65 34.56
CA LYS U 107 77.48 65.51 33.66
C LYS U 107 76.00 65.41 33.99
N GLU U 108 75.34 66.57 34.00
CA GLU U 108 73.89 66.62 34.24
C GLU U 108 73.17 65.92 33.10
N MET U 109 72.18 65.09 33.44
CA MET U 109 71.49 64.32 32.42
C MET U 109 69.99 64.28 32.66
N LYS U 110 69.26 64.39 31.55
CA LYS U 110 67.81 64.41 31.50
C LYS U 110 67.29 63.02 31.17
N PHE U 111 66.54 62.43 32.09
CA PHE U 111 65.83 61.17 31.86
C PHE U 111 64.35 61.37 32.10
N GLU U 112 63.54 60.69 31.29
CA GLU U 112 62.10 60.69 31.41
C GLU U 112 61.64 59.29 31.79
N VAL U 113 61.10 59.14 33.00
CA VAL U 113 60.79 57.84 33.56
C VAL U 113 59.32 57.80 33.96
N LEU U 114 58.89 56.64 34.45
CA LEU U 114 57.51 56.39 34.84
C LEU U 114 57.42 56.15 36.33
N THR U 115 56.28 56.50 36.92
CA THR U 115 55.99 56.22 38.32
C THR U 115 55.39 54.82 38.42
N LEU U 116 56.26 53.83 38.50
CA LEU U 116 55.85 52.44 38.67
C LEU U 116 56.30 51.95 40.03
N ALA U 117 55.36 51.46 40.83
CA ALA U 117 55.71 50.92 42.13
C ALA U 117 56.52 49.63 42.01
N SER U 118 56.27 48.85 40.95
CA SER U 118 56.95 47.57 40.79
C SER U 118 58.33 47.76 40.16
N LEU U 119 58.56 48.87 39.48
CA LEU U 119 59.80 49.11 38.74
C LEU U 119 60.41 50.43 39.20
N THR U 120 61.56 50.37 39.85
CA THR U 120 62.17 51.56 40.41
C THR U 120 62.80 52.43 39.33
N THR U 121 63.08 53.68 39.69
CA THR U 121 63.67 54.63 38.74
C THR U 121 65.07 54.21 38.33
N GLU U 122 65.87 53.68 39.27
CA GLU U 122 67.22 53.26 38.94
C GLU U 122 67.24 52.26 37.80
N ILE U 123 66.27 51.33 37.80
CA ILE U 123 66.25 50.28 36.79
C ILE U 123 66.02 50.87 35.41
N GLN U 124 65.06 51.78 35.29
CA GLN U 124 64.79 52.43 34.00
C GLN U 124 65.97 53.27 33.55
N ILE U 125 66.59 54.00 34.49
CA ILE U 125 67.78 54.79 34.16
C ILE U 125 68.88 53.91 33.62
N ASN U 126 69.13 52.77 34.28
CA ASN U 126 70.21 51.89 33.87
C ASN U 126 69.89 51.23 32.53
N ILE U 127 68.62 50.92 32.29
CA ILE U 127 68.21 50.41 30.99
C ILE U 127 68.55 51.43 29.91
N GLU U 128 68.22 52.70 30.15
CA GLU U 128 68.56 53.73 29.17
C GLU U 128 70.06 53.85 28.98
N ILE U 129 70.83 53.78 30.06
CA ILE U 129 72.29 53.91 29.95
C ILE U 129 72.86 52.79 29.09
N GLU U 130 72.47 51.55 29.38
CA GLU U 130 72.97 50.42 28.62
C GLU U 130 72.58 50.52 27.16
N SER U 131 71.32 50.90 26.90
CA SER U 131 70.85 51.04 25.53
C SER U 131 71.63 52.13 24.80
N ARG U 132 71.86 53.26 25.46
CA ARG U 132 72.56 54.37 24.81
C ARG U 132 73.98 53.98 24.46
N LYS U 133 74.70 53.32 25.37
CA LYS U 133 76.09 53.01 25.05
C LYS U 133 76.21 51.88 24.05
N SER U 134 75.28 50.91 24.09
CA SER U 134 75.26 49.90 23.04
C SER U 134 74.95 50.51 21.69
N TYR U 135 74.01 51.46 21.65
CA TYR U 135 73.70 52.19 20.43
C TYR U 135 74.91 52.95 19.92
N LYS U 136 75.64 53.62 20.83
CA LYS U 136 76.85 54.33 20.43
C LYS U 136 77.88 53.38 19.83
N LYS U 137 78.11 52.24 20.48
CA LYS U 137 79.10 51.29 19.99
C LYS U 137 78.71 50.73 18.63
N MET U 138 77.44 50.40 18.45
CA MET U 138 77.01 49.80 17.19
C MET U 138 76.97 50.83 16.07
N LEU U 139 76.63 52.09 16.40
CA LEU U 139 76.69 53.17 15.43
C LEU U 139 78.14 53.41 15.01
N LYS U 140 79.07 53.33 15.96
CA LYS U 140 80.48 53.42 15.63
C LYS U 140 80.92 52.29 14.72
N GLU U 141 80.44 51.07 14.99
CA GLU U 141 80.88 49.91 14.24
C GLU U 141 80.23 49.77 12.87
N MET U 142 79.12 50.47 12.59
CA MET U 142 78.55 50.41 11.25
C MET U 142 78.22 51.77 10.63
N GLY U 143 78.49 52.87 11.32
CA GLY U 143 78.40 54.17 10.68
C GLY U 143 77.09 54.92 10.81
N GLU U 144 76.02 54.37 10.23
CA GLU U 144 74.72 55.02 10.26
C GLU U 144 73.63 54.00 10.56
N VAL U 145 72.68 54.39 11.40
CA VAL U 145 71.59 53.51 11.80
C VAL U 145 70.40 53.69 10.87
N ALA U 146 69.48 52.74 10.93
CA ALA U 146 68.22 52.77 10.21
C ALA U 146 67.09 52.63 11.22
N PRO U 147 65.86 52.96 10.84
CA PRO U 147 64.72 52.71 11.75
C PRO U 147 64.60 51.25 12.15
N GLU U 148 65.26 50.34 11.44
CA GLU U 148 65.29 48.94 11.86
C GLU U 148 66.04 48.77 13.18
N TYR U 149 67.16 49.46 13.33
CA TYR U 149 67.99 49.37 14.54
C TYR U 149 67.68 50.58 15.42
N ARG U 150 66.57 50.52 16.16
CA ARG U 150 66.26 51.58 17.10
C ARG U 150 65.14 51.15 18.02
N HIS U 151 64.99 51.89 19.12
CA HIS U 151 63.92 51.68 20.09
C HIS U 151 62.61 52.33 19.69
N ASP U 152 62.61 53.20 18.69
CA ASP U 152 61.41 53.93 18.31
C ASP U 152 60.47 53.12 17.42
N SER U 153 60.86 51.90 17.04
CA SER U 153 59.98 51.07 16.24
C SER U 153 58.71 50.76 17.02
N PRO U 154 57.53 50.77 16.36
CA PRO U 154 56.27 50.58 17.10
C PRO U 154 55.96 49.13 17.44
N ASP U 155 56.85 48.18 17.13
CA ASP U 155 56.59 46.77 17.37
C ASP U 155 57.59 46.14 18.32
N CYS U 156 58.46 46.95 18.93
CA CYS U 156 59.45 46.41 19.85
C CYS U 156 58.79 45.74 21.05
N GLY U 157 57.75 46.36 21.60
CA GLY U 157 57.00 45.71 22.67
C GLY U 157 56.28 44.46 22.21
N MET U 158 55.78 44.46 20.98
CA MET U 158 55.03 43.33 20.49
C MET U 158 55.91 42.12 20.20
N ILE U 159 57.20 42.33 19.92
CA ILE U 159 58.12 41.18 19.83
C ILE U 159 58.25 40.49 21.19
N ILE U 160 58.44 41.29 22.24
CA ILE U 160 58.50 40.75 23.59
C ILE U 160 57.21 40.02 23.93
N LEU U 161 56.08 40.57 23.50
CA LEU U 161 54.81 39.90 23.74
C LEU U 161 54.66 38.64 22.89
N CYS U 162 55.35 38.55 21.76
CA CYS U 162 55.39 37.29 21.02
C CYS U 162 56.13 36.22 21.80
N ILE U 163 57.25 36.58 22.42
CA ILE U 163 57.94 35.65 23.31
C ILE U 163 57.02 35.23 24.45
N ALA U 164 56.28 36.18 25.00
CA ALA U 164 55.32 35.87 26.05
C ALA U 164 54.24 34.91 25.56
N ALA U 165 53.80 35.07 24.32
CA ALA U 165 52.80 34.18 23.74
C ALA U 165 53.31 32.76 23.63
N LEU U 166 54.57 32.60 23.22
CA LEU U 166 55.16 31.26 23.20
C LEU U 166 55.22 30.66 24.60
N VAL U 167 55.64 31.46 25.58
CA VAL U 167 55.66 30.98 26.97
C VAL U 167 54.27 30.55 27.40
N ILE U 168 53.24 31.31 27.00
CA ILE U 168 51.87 30.96 27.34
C ILE U 168 51.48 29.64 26.70
N THR U 169 51.88 29.42 25.44
CA THR U 169 51.59 28.14 24.79
C THR U 169 52.16 26.99 25.61
N LYS U 170 53.36 27.16 26.17
CA LYS U 170 53.98 26.08 26.94
C LYS U 170 53.68 26.12 28.43
N LEU U 171 52.88 27.07 28.91
CA LEU U 171 52.57 27.15 30.34
C LEU U 171 51.82 25.94 30.87
N ALA U 172 51.01 25.27 30.04
CA ALA U 172 50.16 24.20 30.55
C ALA U 172 50.95 22.99 31.03
N ALA U 173 52.25 22.91 30.74
CA ALA U 173 53.06 21.80 31.19
C ALA U 173 53.30 21.80 32.69
N GLY U 174 52.99 22.91 33.38
CA GLY U 174 53.10 22.98 34.82
C GLY U 174 54.43 23.44 35.36
N ASP U 175 55.44 23.59 34.50
CA ASP U 175 56.76 24.02 34.93
C ASP U 175 57.50 24.57 33.71
N ARG U 176 58.79 24.82 33.86
CA ARG U 176 59.59 25.36 32.77
C ARG U 176 60.24 24.26 31.96
N SER U 177 59.43 23.29 31.55
CA SER U 177 59.92 22.20 30.70
C SER U 177 59.76 22.49 29.22
N GLY U 178 58.95 23.49 28.87
CA GLY U 178 58.77 23.86 27.48
C GLY U 178 59.68 25.01 27.07
N LEU U 179 60.69 25.28 27.88
CA LEU U 179 61.62 26.36 27.57
C LEU U 179 62.39 26.08 26.29
N THR U 180 62.81 24.83 26.09
CA THR U 180 63.52 24.49 24.85
C THR U 180 62.63 24.67 23.63
N ALA U 181 61.37 24.26 23.74
CA ALA U 181 60.42 24.47 22.64
C ALA U 181 60.21 25.95 22.38
N VAL U 182 60.13 26.75 23.44
CA VAL U 182 59.98 28.19 23.27
C VAL U 182 61.16 28.78 22.53
N ILE U 183 62.38 28.38 22.91
CA ILE U 183 63.58 28.89 22.25
C ILE U 183 63.61 28.46 20.79
N ARG U 184 63.29 27.20 20.53
CA ARG U 184 63.31 26.70 19.16
C ARG U 184 62.31 27.43 18.28
N ARG U 185 61.09 27.62 18.77
CA ARG U 185 60.08 28.31 17.97
C ARG U 185 60.38 29.80 17.83
N ALA U 186 61.01 30.40 18.84
CA ALA U 186 61.40 31.80 18.73
C ALA U 186 62.63 31.99 17.85
N ASN U 187 63.36 30.91 17.56
CA ASN U 187 64.40 31.00 16.56
C ASN U 187 63.85 30.77 15.15
N ASN U 188 62.91 29.82 15.00
CA ASN U 188 62.26 29.63 13.71
C ASN U 188 61.48 30.88 13.31
N VAL U 189 60.46 31.24 14.09
CA VAL U 189 59.83 32.53 13.93
C VAL U 189 60.79 33.61 14.42
N LEU U 190 60.60 34.84 13.95
CA LEU U 190 61.33 36.00 14.47
C LEU U 190 62.83 35.94 14.20
N LYS U 191 63.27 35.21 13.17
CA LYS U 191 64.70 35.14 12.89
C LYS U 191 65.22 36.46 12.32
N ASN U 192 64.42 37.12 11.49
CA ASN U 192 64.77 38.46 11.02
C ASN U 192 64.94 39.43 12.19
N GLU U 193 64.05 39.36 13.17
CA GLU U 193 64.21 40.20 14.36
C GLU U 193 65.46 39.82 15.15
N MET U 194 65.74 38.53 15.27
CA MET U 194 66.93 38.11 16.01
C MET U 194 68.20 38.56 15.29
N LYS U 195 68.12 38.79 13.98
CA LYS U 195 69.15 39.60 13.32
C LYS U 195 69.09 41.03 13.82
N ARG U 196 67.93 41.67 13.65
CA ARG U 196 67.79 43.11 13.74
C ARG U 196 68.02 43.63 15.16
N TYR U 197 67.64 42.87 16.19
CA TYR U 197 67.76 43.34 17.56
C TYR U 197 68.86 42.61 18.31
N LYS U 198 69.76 43.38 18.91
CA LYS U 198 70.92 42.83 19.60
C LYS U 198 70.54 42.10 20.87
N GLY U 199 69.55 42.61 21.60
CA GLY U 199 69.13 42.09 22.87
C GLY U 199 67.96 41.14 22.84
N LEU U 200 67.53 40.73 21.65
CA LEU U 200 66.43 39.77 21.53
C LEU U 200 66.98 38.40 21.84
N LEU U 201 67.11 38.10 23.13
CA LEU U 201 67.56 36.79 23.57
C LEU U 201 66.35 36.00 24.02
N PRO U 202 65.90 35.00 23.23
CA PRO U 202 64.65 34.32 23.59
C PRO U 202 64.66 33.67 24.96
N LYS U 203 65.79 33.09 25.37
CA LYS U 203 65.82 32.33 26.62
C LYS U 203 65.64 33.24 27.83
N ASP U 204 66.32 34.39 27.83
CA ASP U 204 66.23 35.29 28.98
C ASP U 204 64.83 35.88 29.10
N ILE U 205 64.25 36.31 27.99
CA ILE U 205 62.90 36.86 28.02
C ILE U 205 61.89 35.79 28.43
N ALA U 206 62.08 34.56 27.92
CA ALA U 206 61.18 33.48 28.29
C ALA U 206 61.27 33.17 29.77
N ASN U 207 62.48 33.17 30.33
CA ASN U 207 62.64 32.94 31.76
C ASN U 207 62.00 34.06 32.57
N SER U 208 62.14 35.30 32.11
CA SER U 208 61.50 36.42 32.80
C SER U 208 59.99 36.28 32.80
N PHE U 209 59.42 35.87 31.67
CA PHE U 209 57.96 35.72 31.61
C PHE U 209 57.49 34.54 32.43
N TYR U 210 58.26 33.45 32.43
CA TYR U 210 57.96 32.33 33.33
C TYR U 210 57.92 32.79 34.78
N GLU U 211 58.94 33.55 35.19
CA GLU U 211 58.98 34.05 36.57
C GLU U 211 57.78 34.94 36.88
N VAL U 212 57.46 35.88 36.00
CA VAL U 212 56.38 36.80 36.32
C VAL U 212 55.04 36.08 36.33
N PHE U 213 54.86 35.06 35.48
CA PHE U 213 53.62 34.31 35.51
C PHE U 213 53.53 33.44 36.75
N GLU U 214 54.66 32.94 37.24
CA GLU U 214 54.63 32.15 38.46
C GLU U 214 54.32 33.02 39.68
N LYS U 215 54.94 34.20 39.76
CA LYS U 215 54.76 35.03 40.94
C LYS U 215 53.37 35.67 40.99
N HIS U 216 52.88 36.13 39.84
CA HIS U 216 51.61 36.84 39.75
C HIS U 216 50.64 36.07 38.86
N PRO U 217 49.82 35.19 39.43
CA PRO U 217 48.86 34.44 38.61
C PRO U 217 47.80 35.31 37.96
N HIS U 218 47.55 36.53 38.47
CA HIS U 218 46.60 37.41 37.82
C HIS U 218 47.14 37.97 36.51
N PHE U 219 48.46 38.01 36.35
CA PHE U 219 49.03 38.46 35.09
C PHE U 219 48.76 37.48 33.97
N ILE U 220 48.60 36.20 34.29
CA ILE U 220 48.20 35.23 33.27
C ILE U 220 46.81 35.57 32.74
N ASP U 221 45.87 35.88 33.65
CA ASP U 221 44.53 36.26 33.24
C ASP U 221 44.56 37.54 32.40
N VAL U 222 45.32 38.53 32.87
CA VAL U 222 45.41 39.80 32.14
C VAL U 222 45.99 39.58 30.76
N PHE U 223 47.05 38.78 30.65
CA PHE U 223 47.69 38.56 29.36
C PHE U 223 46.79 37.75 28.43
N VAL U 224 46.07 36.77 28.95
CA VAL U 224 45.18 35.98 28.09
C VAL U 224 44.09 36.87 27.53
N HIS U 225 43.51 37.73 28.37
CA HIS U 225 42.44 38.58 27.86
C HIS U 225 42.98 39.69 26.97
N PHE U 226 44.20 40.15 27.20
CA PHE U 226 44.85 41.05 26.26
C PHE U 226 45.05 40.38 24.91
N GLY U 227 45.49 39.12 24.91
CA GLY U 227 45.70 38.42 23.67
C GLY U 227 44.40 38.19 22.92
N ILE U 228 43.31 37.94 23.64
CA ILE U 228 42.03 37.79 22.99
C ILE U 228 41.57 39.13 22.40
N ALA U 229 41.76 40.22 23.14
CA ALA U 229 41.36 41.54 22.64
C ALA U 229 42.20 41.94 21.44
N GLN U 230 43.51 41.65 21.47
CA GLN U 230 44.38 41.96 20.35
C GLN U 230 44.00 41.15 19.12
N SER U 231 43.67 39.87 19.31
CA SER U 231 43.27 39.02 18.20
C SER U 231 41.89 39.35 17.67
N SER U 232 41.14 40.22 18.34
CA SER U 232 39.83 40.67 17.87
C SER U 232 39.89 41.96 17.08
N THR U 233 41.08 42.46 16.78
CA THR U 233 41.21 43.69 16.02
C THR U 233 40.92 43.43 14.53
N ARG U 234 40.68 44.51 13.81
CA ARG U 234 40.42 44.44 12.38
C ARG U 234 41.68 44.23 11.56
N GLY U 235 42.84 44.51 12.13
CA GLY U 235 44.09 44.35 11.41
C GLY U 235 45.22 44.98 12.18
N GLY U 236 46.40 44.94 11.58
CA GLY U 236 47.58 45.51 12.22
C GLY U 236 48.82 45.24 11.40
N SER U 237 49.97 45.40 12.05
CA SER U 237 51.25 45.17 11.42
C SER U 237 51.51 43.67 11.30
N ARG U 238 52.66 43.32 10.73
CA ARG U 238 52.99 41.91 10.57
C ARG U 238 53.43 41.28 11.88
N VAL U 239 54.03 42.08 12.78
CA VAL U 239 54.41 41.56 14.08
C VAL U 239 53.18 41.26 14.92
N GLU U 240 52.14 42.08 14.80
CA GLU U 240 50.90 41.78 15.49
C GLU U 240 50.24 40.53 14.92
N GLY U 241 50.37 40.30 13.61
CA GLY U 241 49.90 39.06 13.04
C GLY U 241 50.68 37.86 13.55
N ILE U 242 51.99 38.00 13.71
CA ILE U 242 52.79 36.94 14.30
C ILE U 242 52.34 36.66 15.73
N PHE U 243 52.09 37.71 16.50
CA PHE U 243 51.63 37.53 17.87
C PHE U 243 50.29 36.82 17.90
N ALA U 244 49.36 37.19 17.02
CA ALA U 244 48.06 36.54 16.99
C ALA U 244 48.19 35.07 16.62
N GLY U 245 49.04 34.76 15.64
CA GLY U 245 49.25 33.37 15.27
C GLY U 245 49.87 32.55 16.38
N LEU U 246 50.85 33.12 17.09
CA LEU U 246 51.47 32.40 18.19
C LEU U 246 50.56 32.30 19.40
N PHE U 247 49.68 33.27 19.60
CA PHE U 247 48.75 33.23 20.72
C PHE U 247 47.65 32.21 20.50
N MET U 248 47.12 32.10 19.27
CA MET U 248 46.11 31.09 19.05
C MET U 248 46.71 29.69 18.93
N ASN U 249 48.04 29.59 18.89
CA ASN U 249 48.69 28.31 19.06
C ASN U 249 48.51 27.76 20.46
N ALA U 250 48.16 28.62 21.42
CA ALA U 250 47.93 28.21 22.80
C ALA U 250 46.50 27.73 23.03
N TYR U 251 45.61 27.93 22.07
CA TYR U 251 44.23 27.48 22.23
C TYR U 251 44.19 25.96 22.29
N GLY U 252 43.54 25.43 23.31
CA GLY U 252 43.49 24.00 23.49
C GLY U 252 44.69 23.38 24.17
N ALA U 253 45.60 24.19 24.69
CA ALA U 253 46.73 23.66 25.41
C ALA U 253 46.26 23.00 26.70
N GLY U 254 46.82 21.82 26.99
CA GLY U 254 46.35 21.03 28.10
C GLY U 254 45.21 20.11 27.79
N GLN U 255 44.70 20.12 26.57
CA GLN U 255 43.58 19.29 26.16
C GLN U 255 43.89 18.55 24.87
N VAL U 256 45.13 18.03 24.75
CA VAL U 256 45.52 17.35 23.53
C VAL U 256 44.75 16.05 23.34
N MET U 257 44.31 15.42 24.43
CA MET U 257 43.69 14.11 24.32
C MET U 257 42.35 14.19 23.60
N LEU U 258 41.63 15.30 23.73
CA LEU U 258 40.37 15.46 23.00
C LEU U 258 40.64 15.46 21.50
N ARG U 259 41.64 16.23 21.07
CA ARG U 259 42.00 16.27 19.66
C ARG U 259 42.48 14.92 19.16
N TRP U 260 43.29 14.23 19.96
CA TRP U 260 43.78 12.93 19.55
C TRP U 260 42.68 11.88 19.54
N GLY U 261 41.67 12.02 20.38
CA GLY U 261 40.51 11.14 20.31
C GLY U 261 39.69 11.37 19.05
N VAL U 262 39.51 12.63 18.68
CA VAL U 262 38.85 12.93 17.41
C VAL U 262 39.65 12.34 16.26
N LEU U 263 40.98 12.42 16.36
CA LEU U 263 41.84 11.84 15.33
C LEU U 263 41.69 10.32 15.26
N ALA U 264 41.65 9.66 16.41
CA ALA U 264 41.51 8.20 16.43
C ALA U 264 40.15 7.79 15.88
N LYS U 265 39.14 8.63 16.08
CA LYS U 265 37.85 8.37 15.44
C LYS U 265 37.97 8.53 13.92
N SER U 266 38.73 9.53 13.47
CA SER U 266 38.82 9.81 12.04
C SER U 266 39.56 8.69 11.30
N VAL U 267 40.67 8.21 11.84
CA VAL U 267 41.40 7.11 11.21
C VAL U 267 40.75 5.77 11.47
N LYS U 268 39.68 5.73 12.26
CA LYS U 268 38.82 4.56 12.40
C LYS U 268 39.58 3.37 12.99
N ASN U 269 40.31 3.64 14.08
CA ASN U 269 41.06 2.60 14.75
C ASN U 269 40.11 1.52 15.26
N ILE U 270 40.50 0.25 15.06
CA ILE U 270 39.61 -0.85 15.40
C ILE U 270 39.47 -1.01 16.91
N MET U 271 40.52 -0.75 17.68
CA MET U 271 40.45 -0.94 19.12
C MET U 271 39.47 0.00 19.81
N LEU U 272 38.79 0.87 19.05
CA LEU U 272 37.65 1.57 19.60
C LEU U 272 36.43 0.66 19.71
N GLY U 273 36.48 -0.52 19.10
CA GLY U 273 35.45 -1.52 19.19
C GLY U 273 35.64 -2.54 20.30
N HIS U 274 36.68 -2.39 21.11
CA HIS U 274 36.89 -3.28 22.24
C HIS U 274 35.77 -3.14 23.25
N ALA U 275 35.68 -4.10 24.15
CA ALA U 275 34.55 -4.15 25.09
C ALA U 275 34.62 -3.00 26.09
N SER U 276 35.78 -2.79 26.71
CA SER U 276 35.89 -1.77 27.74
C SER U 276 35.77 -0.36 27.17
N VAL U 277 36.32 -0.14 25.97
CA VAL U 277 36.18 1.15 25.32
C VAL U 277 34.70 1.46 25.09
N GLN U 278 33.95 0.46 24.61
CA GLN U 278 32.53 0.67 24.38
C GLN U 278 31.78 0.83 25.70
N ALA U 279 32.29 0.25 26.79
CA ALA U 279 31.72 0.51 28.10
C ALA U 279 31.85 1.98 28.48
N GLU U 280 33.01 2.57 28.20
CA GLU U 280 33.26 3.96 28.58
C GLU U 280 32.72 4.98 27.58
N MET U 281 32.28 4.54 26.39
CA MET U 281 31.89 5.48 25.35
C MET U 281 30.78 6.43 25.78
N GLU U 282 29.90 6.00 26.70
CA GLU U 282 28.81 6.88 27.12
C GLU U 282 29.37 8.14 27.78
N GLN U 283 30.25 7.97 28.76
CA GLN U 283 30.82 9.13 29.44
C GLN U 283 31.83 9.86 28.56
N VAL U 284 32.46 9.16 27.62
CA VAL U 284 33.32 9.86 26.68
C VAL U 284 32.53 10.85 25.83
N VAL U 285 31.38 10.40 25.29
CA VAL U 285 30.53 11.29 24.52
C VAL U 285 29.97 12.40 25.42
N GLU U 286 29.70 12.07 26.68
CA GLU U 286 29.34 13.09 27.67
C GLU U 286 30.38 14.20 27.72
N VAL U 287 31.66 13.83 27.84
CA VAL U 287 32.73 14.83 27.94
C VAL U 287 32.83 15.65 26.67
N TYR U 288 32.72 14.99 25.51
CA TYR U 288 32.85 15.73 24.25
C TYR U 288 31.69 16.72 24.06
N GLU U 289 30.48 16.30 24.40
CA GLU U 289 29.34 17.22 24.34
C GLU U 289 29.52 18.38 25.30
N TYR U 290 30.10 18.11 26.47
CA TYR U 290 30.40 19.19 27.41
C TYR U 290 31.39 20.18 26.82
N ALA U 291 32.45 19.68 26.18
CA ALA U 291 33.44 20.56 25.58
C ALA U 291 32.82 21.42 24.51
N GLN U 292 31.95 20.85 23.69
CA GLN U 292 31.28 21.62 22.65
C GLN U 292 30.32 22.65 23.22
N LYS U 293 29.60 22.31 24.29
CA LYS U 293 28.71 23.28 24.91
C LYS U 293 29.49 24.44 25.50
N LEU U 294 30.65 24.15 26.09
CA LEU U 294 31.53 25.23 26.55
C LEU U 294 31.96 26.11 25.39
N GLY U 295 32.46 25.50 24.32
CA GLY U 295 32.80 26.25 23.13
C GLY U 295 34.15 26.94 23.18
N GLY U 296 34.18 28.20 22.76
CA GLY U 296 35.44 28.92 22.61
C GLY U 296 36.16 29.19 23.92
N GLU U 297 35.42 29.49 24.99
CA GLU U 297 36.07 29.86 26.25
C GLU U 297 36.88 28.70 26.83
N ALA U 298 36.55 27.46 26.47
CA ALA U 298 37.21 26.31 27.06
C ALA U 298 38.64 26.10 26.55
N GLY U 299 39.06 26.84 25.52
CA GLY U 299 40.38 26.61 24.97
C GLY U 299 41.51 27.14 25.82
N PHE U 300 41.21 27.96 26.82
CA PHE U 300 42.22 28.52 27.71
C PHE U 300 41.99 28.13 29.16
N TYR U 301 41.24 27.05 29.41
CA TYR U 301 40.95 26.65 30.78
C TYR U 301 42.21 26.20 31.51
N HIS U 302 43.06 25.42 30.86
CA HIS U 302 44.25 24.89 31.52
C HIS U 302 45.34 25.94 31.67
N ILE U 303 45.44 26.88 30.72
CA ILE U 303 46.39 27.97 30.85
C ILE U 303 46.00 28.86 32.02
N LEU U 304 44.72 29.17 32.14
CA LEU U 304 44.21 30.03 33.20
C LEU U 304 44.06 29.31 34.53
N ASN U 305 44.28 27.99 34.56
CA ASN U 305 44.01 27.17 35.74
C ASN U 305 42.55 27.30 36.16
N ASN U 306 41.65 27.28 35.18
CA ASN U 306 40.23 27.30 35.49
C ASN U 306 39.86 26.04 36.26
N PRO U 307 39.10 26.15 37.34
CA PRO U 307 38.76 24.97 38.13
C PRO U 307 38.00 23.91 37.36
N LYS U 308 37.21 24.30 36.36
CA LYS U 308 36.47 23.38 35.52
C LYS U 308 37.33 22.72 34.45
N ALA U 309 38.64 22.89 34.51
CA ALA U 309 39.51 22.22 33.56
C ALA U 309 39.51 20.71 33.77
N SER U 310 39.37 20.27 35.02
CA SER U 310 39.38 18.84 35.32
C SER U 310 38.19 18.11 34.75
N LEU U 311 37.11 18.83 34.39
CA LEU U 311 35.94 18.18 33.83
C LEU U 311 36.14 17.77 32.38
N LEU U 312 37.15 18.32 31.71
CA LEU U 312 37.43 17.99 30.31
C LEU U 312 38.40 16.83 30.16
N SER U 313 38.88 16.27 31.27
CA SER U 313 39.89 15.23 31.21
C SER U 313 39.32 13.94 30.65
N LEU U 314 40.16 13.20 29.93
CA LEU U 314 39.81 11.90 29.41
C LEU U 314 40.59 10.77 30.07
N THR U 315 41.56 11.09 30.93
CA THR U 315 42.31 10.05 31.62
C THR U 315 41.47 9.32 32.66
N GLN U 316 40.29 9.83 32.97
CA GLN U 316 39.32 9.16 33.83
C GLN U 316 38.63 7.99 33.13
N PHE U 317 39.02 7.73 31.88
CA PHE U 317 38.59 6.57 31.10
C PHE U 317 39.84 5.88 30.62
N PRO U 318 40.42 5.00 31.44
CA PRO U 318 41.75 4.45 31.12
C PRO U 318 41.80 3.71 29.79
N HIS U 319 40.75 2.98 29.42
CA HIS U 319 40.80 2.18 28.20
C HIS U 319 40.74 3.07 26.95
N PHE U 320 39.80 4.02 26.93
CA PHE U 320 39.72 4.93 25.80
C PHE U 320 40.97 5.79 25.68
N SER U 321 41.49 6.26 26.82
CA SER U 321 42.72 7.06 26.80
C SER U 321 43.89 6.24 26.29
N SER U 322 43.98 4.98 26.70
CA SER U 322 45.07 4.12 26.23
C SER U 322 44.97 3.89 24.73
N VAL U 323 43.75 3.66 24.23
CA VAL U 323 43.58 3.47 22.79
C VAL U 323 43.97 4.74 22.04
N VAL U 324 43.59 5.91 22.58
CA VAL U 324 43.90 7.17 21.92
C VAL U 324 45.41 7.42 21.88
N LEU U 325 46.09 7.17 23.00
CA LEU U 325 47.55 7.32 23.03
C LEU U 325 48.21 6.33 22.08
N GLY U 326 47.72 5.10 22.02
CA GLY U 326 48.29 4.14 21.09
C GLY U 326 48.13 4.57 19.65
N ASN U 327 46.95 5.08 19.30
CA ASN U 327 46.75 5.55 17.94
C ASN U 327 47.65 6.73 17.63
N ALA U 328 47.83 7.64 18.59
CA ALA U 328 48.72 8.77 18.38
C ALA U 328 50.16 8.32 18.17
N ALA U 329 50.62 7.35 18.97
CA ALA U 329 52.00 6.87 18.84
C ALA U 329 52.20 6.10 17.54
N GLY U 330 51.17 5.37 17.11
CA GLY U 330 51.28 4.63 15.86
C GLY U 330 51.37 5.54 14.65
N LEU U 331 50.61 6.63 14.66
CA LEU U 331 50.65 7.57 13.55
C LEU U 331 51.91 8.43 13.54
N GLY U 332 52.74 8.33 14.56
CA GLY U 332 54.00 9.04 14.59
C GLY U 332 53.90 10.51 14.94
N ILE U 333 52.87 10.90 15.69
CA ILE U 333 52.71 12.29 16.08
C ILE U 333 52.80 12.49 17.59
N MET U 334 53.09 11.46 18.37
CA MET U 334 53.04 11.62 19.83
C MET U 334 54.27 12.36 20.35
N GLY U 335 55.39 12.30 19.62
CA GLY U 335 56.57 13.04 20.01
C GLY U 335 57.11 12.61 21.36
N GLU U 336 57.38 13.60 22.21
CA GLU U 336 57.82 13.37 23.58
C GLU U 336 56.69 13.57 24.58
N TYR U 337 55.46 13.26 24.21
CA TYR U 337 54.34 13.44 25.10
C TYR U 337 54.52 12.55 26.31
N ARG U 338 54.59 13.13 27.50
CA ARG U 338 55.05 12.44 28.69
C ARG U 338 53.88 11.84 29.47
N GLY U 339 52.67 11.93 28.94
CA GLY U 339 51.58 11.15 29.47
C GLY U 339 51.71 9.69 29.08
N THR U 340 51.37 8.81 30.02
CA THR U 340 51.61 7.38 29.84
C THR U 340 50.31 6.61 29.86
N PRO U 341 50.18 5.55 29.06
CA PRO U 341 48.94 4.78 29.07
C PRO U 341 48.79 4.04 30.39
N ARG U 342 47.54 3.81 30.80
CA ARG U 342 47.27 3.01 31.99
C ARG U 342 46.59 1.69 31.65
N ASN U 343 46.51 1.36 30.36
CA ASN U 343 46.20 0.01 29.87
C ASN U 343 47.22 -0.27 28.77
N GLN U 344 48.32 -0.94 29.15
CA GLN U 344 49.41 -1.14 28.20
C GLN U 344 48.97 -2.00 27.02
N ASP U 345 48.10 -2.98 27.27
CA ASP U 345 47.70 -3.89 26.19
C ASP U 345 46.93 -3.17 25.11
N LEU U 346 45.93 -2.37 25.48
CA LEU U 346 45.17 -1.61 24.49
C LEU U 346 46.06 -0.59 23.79
N TYR U 347 46.98 0.02 24.54
CA TYR U 347 47.94 0.94 23.94
C TYR U 347 48.74 0.27 22.84
N ASP U 348 49.31 -0.91 23.13
CA ASP U 348 50.11 -1.61 22.14
C ASP U 348 49.27 -2.06 20.95
N ALA U 349 48.06 -2.55 21.20
CA ALA U 349 47.21 -2.99 20.09
C ALA U 349 46.85 -1.84 19.17
N ALA U 350 46.46 -0.69 19.75
CA ALA U 350 46.13 0.47 18.94
C ALA U 350 47.34 1.00 18.19
N LYS U 351 48.51 0.99 18.85
CA LYS U 351 49.73 1.44 18.19
C LYS U 351 50.05 0.56 16.99
N ALA U 352 49.95 -0.75 17.15
CA ALA U 352 50.21 -1.67 16.05
C ALA U 352 49.24 -1.46 14.91
N TYR U 353 47.95 -1.32 15.22
CA TYR U 353 46.98 -1.12 14.13
C TYR U 353 47.23 0.20 13.42
N ALA U 354 47.59 1.24 14.16
CA ALA U 354 47.83 2.53 13.52
C ALA U 354 49.08 2.47 12.65
N GLU U 355 50.06 1.67 13.05
CA GLU U 355 51.23 1.49 12.20
C GLU U 355 50.88 0.76 10.90
N GLN U 356 50.11 -0.32 11.00
CA GLN U 356 49.66 -0.99 9.77
C GLN U 356 48.65 -0.17 9.00
N LEU U 357 48.13 0.92 9.57
CA LEU U 357 47.27 1.79 8.80
C LEU U 357 48.03 2.56 7.73
N LYS U 358 49.35 2.40 7.65
CA LYS U 358 50.11 3.15 6.65
C LYS U 358 50.67 2.26 5.56
N GLU U 359 51.19 1.08 5.91
CA GLU U 359 51.56 0.10 4.90
C GLU U 359 50.33 -0.59 4.31
N ASN U 360 49.40 -0.95 5.18
CA ASN U 360 48.14 -1.59 4.78
C ASN U 360 47.05 -0.53 4.86
N GLY U 361 46.82 0.14 3.73
CA GLY U 361 46.10 1.41 3.74
C GLY U 361 44.91 1.44 4.67
N VAL U 362 43.85 0.71 4.33
CA VAL U 362 42.65 0.66 5.15
C VAL U 362 42.16 -0.78 5.17
N ILE U 363 41.26 -1.08 6.09
CA ILE U 363 40.64 -2.40 6.19
C ILE U 363 39.14 -2.23 5.93
N ASN U 364 38.64 -2.95 4.93
CA ASN U 364 37.20 -2.99 4.71
C ASN U 364 36.54 -3.90 5.74
N TYR U 365 35.22 -3.80 5.83
CA TYR U 365 34.46 -4.65 6.73
C TYR U 365 33.47 -5.47 5.92
N SER U 366 33.98 -6.07 4.84
CA SER U 366 33.25 -7.02 4.02
C SER U 366 32.92 -8.28 4.81
N VAL U 367 33.72 -8.56 5.85
CA VAL U 367 33.34 -9.56 6.83
C VAL U 367 31.94 -9.21 7.32
N LEU U 368 31.17 -10.21 7.73
CA LEU U 368 29.78 -9.97 8.12
C LEU U 368 28.93 -9.44 6.96
N ASP U 369 28.59 -10.31 6.01
CA ASP U 369 27.61 -10.12 4.92
C ASP U 369 28.12 -9.45 3.65
N LEU U 370 29.42 -9.30 3.46
CA LEU U 370 29.91 -8.83 2.16
C LEU U 370 31.20 -9.54 1.74
N ALA V 2 29.53 -4.70 -19.51
CA ALA V 2 29.63 -4.67 -18.06
C ALA V 2 30.94 -5.26 -17.58
N LEU V 3 31.61 -4.56 -16.66
CA LEU V 3 32.91 -5.01 -16.19
C LEU V 3 32.79 -6.26 -15.32
N SER V 4 31.59 -6.56 -14.83
CA SER V 4 31.40 -7.72 -13.97
C SER V 4 31.54 -9.04 -14.69
N LYS V 5 31.43 -9.06 -16.02
CA LYS V 5 31.57 -10.29 -16.78
C LYS V 5 32.96 -10.49 -17.36
N VAL V 6 33.93 -9.68 -16.96
CA VAL V 6 35.33 -9.90 -17.33
C VAL V 6 35.88 -10.86 -16.28
N LYS V 7 35.60 -12.15 -16.46
CA LYS V 7 35.98 -13.14 -15.48
C LYS V 7 36.26 -14.47 -16.17
N LEU V 8 37.12 -15.26 -15.55
CA LEU V 8 37.52 -16.58 -16.07
C LEU V 8 37.55 -17.56 -14.92
N ASN V 9 36.87 -18.69 -15.08
CA ASN V 9 36.83 -19.74 -14.05
C ASN V 9 37.87 -20.81 -14.41
N ASP V 10 39.13 -20.52 -14.06
CA ASP V 10 40.22 -21.37 -14.51
C ASP V 10 40.25 -22.70 -13.78
N THR V 11 39.98 -22.70 -12.47
CA THR V 11 40.02 -23.94 -11.70
C THR V 11 38.98 -24.93 -12.21
N LEU V 12 37.75 -24.46 -12.41
CA LEU V 12 36.67 -25.32 -12.86
C LEU V 12 36.91 -25.80 -14.30
N ASN V 13 37.46 -24.93 -15.14
CA ASN V 13 37.75 -25.32 -16.52
C ASN V 13 38.86 -26.36 -16.58
N LYS V 14 39.90 -26.22 -15.75
CA LYS V 14 40.94 -27.23 -15.68
C LYS V 14 40.38 -28.56 -15.18
N ASP V 15 39.52 -28.51 -14.16
CA ASP V 15 38.90 -29.74 -13.69
C ASP V 15 38.07 -30.41 -14.77
N GLN V 16 37.30 -29.63 -15.52
CA GLN V 16 36.49 -30.22 -16.58
C GLN V 16 37.37 -30.81 -17.68
N LEU V 17 38.47 -30.14 -17.99
CA LEU V 17 39.40 -30.70 -18.99
C LEU V 17 39.99 -32.03 -18.52
N LEU V 18 40.37 -32.11 -17.24
CA LEU V 18 40.98 -33.33 -16.75
C LEU V 18 39.96 -34.45 -16.55
N SER V 19 38.71 -34.13 -16.23
CA SER V 19 37.70 -35.14 -15.98
C SER V 19 36.98 -35.60 -17.23
N SER V 20 37.12 -34.89 -18.36
CA SER V 20 36.44 -35.26 -19.59
C SER V 20 37.40 -35.78 -20.65
N SER V 21 38.53 -36.36 -20.24
CA SER V 21 39.46 -36.93 -21.19
C SER V 21 38.85 -38.16 -21.84
N LYS V 22 39.04 -38.28 -23.14
CA LYS V 22 38.50 -39.41 -23.90
C LYS V 22 39.57 -40.41 -24.31
N TYR V 23 40.78 -40.28 -23.79
CA TYR V 23 41.84 -41.26 -23.95
C TYR V 23 42.45 -41.56 -22.60
N THR V 24 42.96 -42.77 -22.42
CA THR V 24 43.50 -43.22 -21.15
C THR V 24 44.88 -43.82 -21.35
N ILE V 25 45.73 -43.65 -20.35
CA ILE V 25 47.03 -44.29 -20.32
C ILE V 25 46.94 -45.56 -19.49
N GLN V 26 47.94 -46.43 -19.65
CA GLN V 26 48.00 -47.67 -18.88
C GLN V 26 49.45 -47.96 -18.58
N ARG V 27 49.85 -47.78 -17.33
CA ARG V 27 51.23 -47.93 -16.91
C ARG V 27 51.57 -49.40 -16.72
N SER V 28 52.87 -49.70 -16.70
CA SER V 28 53.36 -51.06 -16.48
C SER V 28 54.15 -51.08 -15.19
N THR V 29 53.70 -51.91 -14.24
CA THR V 29 54.33 -51.93 -12.93
C THR V 29 55.77 -52.44 -12.98
N GLY V 30 56.10 -53.25 -13.98
CA GLY V 30 57.42 -53.87 -14.07
C GLY V 30 57.46 -55.28 -13.47
N ASP V 31 57.91 -55.37 -12.23
CA ASP V 31 57.87 -56.60 -11.46
C ASP V 31 56.43 -57.06 -11.26
N SER V 32 56.26 -58.38 -11.29
CA SER V 32 54.93 -58.98 -11.14
C SER V 32 54.37 -58.72 -9.75
N ILE V 33 53.06 -58.50 -9.68
CA ILE V 33 52.37 -58.28 -8.42
C ILE V 33 51.83 -59.61 -7.93
N ASP V 34 52.14 -59.95 -6.68
CA ASP V 34 51.55 -61.09 -6.01
C ASP V 34 50.16 -60.67 -5.58
N THR V 35 49.16 -61.52 -5.79
CA THR V 35 47.80 -61.19 -5.38
C THR V 35 47.26 -62.29 -4.49
N PRO V 36 47.51 -62.26 -3.18
CA PRO V 36 46.93 -63.26 -2.29
C PRO V 36 45.42 -63.09 -2.18
N ASN V 37 44.77 -64.22 -1.91
CA ASN V 37 43.33 -64.28 -1.76
C ASN V 37 42.98 -64.47 -0.28
N TYR V 38 41.69 -64.66 -0.01
CA TYR V 38 41.25 -64.87 1.37
C TYR V 38 41.84 -66.13 1.97
N ASP V 39 42.32 -67.06 1.14
CA ASP V 39 42.79 -68.35 1.62
C ASP V 39 43.98 -68.20 2.54
N VAL V 40 44.93 -67.34 2.19
CA VAL V 40 46.20 -67.25 2.89
C VAL V 40 46.22 -66.10 3.90
N GLN V 41 45.06 -65.53 4.21
CA GLN V 41 45.00 -64.45 5.19
C GLN V 41 45.47 -64.93 6.56
N LYS V 42 45.08 -66.15 6.95
CA LYS V 42 45.52 -66.70 8.22
C LYS V 42 47.03 -66.84 8.27
N HIS V 43 47.64 -67.32 7.17
CA HIS V 43 49.09 -67.52 7.16
C HIS V 43 49.83 -66.18 7.17
N ILE V 44 49.32 -65.19 6.45
CA ILE V 44 49.99 -63.89 6.47
C ILE V 44 49.87 -63.24 7.84
N ASN V 45 48.72 -63.41 8.50
CA ASN V 45 48.59 -62.92 9.86
C ASN V 45 49.52 -63.67 10.81
N LYS V 46 49.72 -64.96 10.59
CA LYS V 46 50.70 -65.72 11.36
C LYS V 46 52.10 -65.15 11.17
N LEU V 47 52.46 -64.81 9.94
CA LEU V 47 53.77 -64.23 9.67
C LEU V 47 53.94 -62.90 10.36
N CYS V 48 52.91 -62.05 10.33
CA CYS V 48 52.97 -60.78 11.03
C CYS V 48 53.12 -60.98 12.53
N GLY V 49 52.38 -61.94 13.09
CA GLY V 49 52.51 -62.23 14.51
C GLY V 49 53.90 -62.72 14.89
N MET V 50 54.47 -63.59 14.05
CA MET V 50 55.83 -64.06 14.31
C MET V 50 56.83 -62.91 14.26
N LEU V 51 56.64 -61.97 13.34
CA LEU V 51 57.49 -60.78 13.33
C LEU V 51 57.31 -59.97 14.60
N LEU V 52 56.06 -59.86 15.09
CA LEU V 52 55.79 -59.03 16.25
C LEU V 52 56.34 -59.62 17.55
N ILE V 53 56.24 -60.95 17.73
CA ILE V 53 56.71 -61.54 18.98
C ILE V 53 58.21 -61.73 19.01
N THR V 54 58.92 -61.41 17.93
CA THR V 54 60.36 -61.61 17.84
C THR V 54 61.05 -60.36 18.36
N GLU V 55 61.67 -60.45 19.55
CA GLU V 55 62.44 -59.29 20.01
C GLU V 55 63.71 -59.12 19.19
N ASP V 56 64.26 -57.89 19.24
CA ASP V 56 65.44 -57.53 18.46
C ASP V 56 65.28 -57.98 17.01
N ALA V 57 64.12 -57.69 16.44
CA ALA V 57 63.72 -58.28 15.18
C ALA V 57 64.33 -57.55 13.99
N ASN V 58 64.25 -58.21 12.84
CA ASN V 58 64.65 -57.63 11.56
C ASN V 58 63.39 -57.28 10.79
N HIS V 59 63.12 -55.98 10.65
CA HIS V 59 61.92 -55.52 9.96
C HIS V 59 62.19 -55.06 8.54
N LYS V 60 63.15 -55.68 7.86
CA LYS V 60 63.45 -55.27 6.48
C LYS V 60 62.29 -55.58 5.54
N PHE V 61 61.48 -56.59 5.87
CA PHE V 61 60.44 -57.07 4.97
C PHE V 61 59.04 -56.83 5.52
N THR V 62 58.91 -56.06 6.60
CA THR V 62 57.61 -55.89 7.25
C THR V 62 56.66 -55.09 6.37
N GLY V 63 57.16 -54.13 5.61
CA GLY V 63 56.29 -53.35 4.74
C GLY V 63 55.64 -54.21 3.67
N LEU V 64 56.42 -55.09 3.04
CA LEU V 64 55.86 -55.98 2.02
C LEU V 64 54.86 -56.96 2.62
N ILE V 65 55.15 -57.46 3.83
CA ILE V 65 54.25 -58.42 4.46
C ILE V 65 52.94 -57.74 4.85
N GLY V 66 53.03 -56.49 5.33
CA GLY V 66 51.81 -55.74 5.62
C GLY V 66 51.00 -55.46 4.37
N MET V 67 51.68 -55.14 3.27
CA MET V 67 50.98 -54.96 2.01
C MET V 67 50.29 -56.23 1.56
N LEU V 68 50.97 -57.37 1.71
CA LEU V 68 50.36 -58.64 1.37
C LEU V 68 49.15 -58.92 2.24
N TYR V 69 49.22 -58.60 3.54
CA TYR V 69 48.07 -58.81 4.42
C TYR V 69 46.90 -57.93 4.01
N ALA V 70 47.16 -56.67 3.69
CA ALA V 70 46.08 -55.79 3.23
C ALA V 70 45.46 -56.32 1.95
N MET V 71 46.29 -56.75 0.99
CA MET V 71 45.78 -57.29 -0.26
C MET V 71 45.02 -58.59 -0.07
N SER V 72 45.40 -59.41 0.90
CA SER V 72 44.65 -60.63 1.19
C SER V 72 43.32 -60.32 1.85
N ARG V 73 43.26 -59.27 2.67
CA ARG V 73 41.98 -58.84 3.21
C ARG V 73 41.06 -58.33 2.11
N LEU V 74 41.61 -57.57 1.15
CA LEU V 74 40.78 -57.09 0.05
C LEU V 74 40.28 -58.25 -0.81
N GLY V 75 41.12 -59.26 -1.00
CA GLY V 75 40.85 -60.35 -1.90
C GLY V 75 41.51 -60.13 -3.26
N ARG V 76 41.72 -61.23 -3.98
CA ARG V 76 42.40 -61.15 -5.27
C ARG V 76 41.57 -60.38 -6.30
N GLU V 77 40.26 -60.63 -6.33
CA GLU V 77 39.41 -59.95 -7.30
C GLU V 77 39.48 -58.44 -7.10
N ASP V 78 39.29 -57.97 -5.87
CA ASP V 78 39.29 -56.54 -5.61
C ASP V 78 40.68 -55.94 -5.77
N THR V 79 41.73 -56.67 -5.41
CA THR V 79 43.07 -56.14 -5.63
C THR V 79 43.34 -55.94 -7.11
N ILE V 80 42.98 -56.93 -7.93
CA ILE V 80 43.16 -56.81 -9.37
C ILE V 80 42.34 -55.65 -9.91
N LYS V 81 41.09 -55.53 -9.46
CA LYS V 81 40.23 -54.45 -9.96
C LYS V 81 40.77 -53.09 -9.56
N ILE V 82 41.31 -52.97 -8.35
CA ILE V 82 41.93 -51.71 -7.92
C ILE V 82 43.10 -51.39 -8.82
N LEU V 83 43.95 -52.38 -9.12
CA LEU V 83 45.13 -52.10 -9.93
C LEU V 83 44.74 -51.69 -11.35
N ARG V 84 43.73 -52.34 -11.94
CA ARG V 84 43.25 -51.87 -13.24
C ARG V 84 42.67 -50.46 -13.17
N ASP V 85 41.81 -50.19 -12.19
CA ASP V 85 41.20 -48.87 -12.11
C ASP V 85 42.23 -47.78 -11.89
N ALA V 86 43.34 -48.09 -11.22
CA ALA V 86 44.40 -47.11 -11.07
C ALA V 86 45.18 -46.92 -12.37
N GLY V 87 44.93 -47.75 -13.38
CA GLY V 87 45.61 -47.61 -14.65
C GLY V 87 46.97 -48.28 -14.67
N TYR V 88 47.01 -49.57 -14.34
CA TYR V 88 48.25 -50.33 -14.30
C TYR V 88 48.09 -51.62 -15.10
N HIS V 89 49.17 -52.02 -15.77
CA HIS V 89 49.28 -53.36 -16.32
C HIS V 89 49.96 -54.24 -15.28
N VAL V 90 49.24 -55.27 -14.82
CA VAL V 90 49.69 -56.07 -13.69
C VAL V 90 49.77 -57.53 -14.11
N LYS V 91 50.87 -58.17 -13.73
CA LYS V 91 51.03 -59.61 -13.85
C LYS V 91 50.53 -60.23 -12.55
N ALA V 92 49.27 -60.67 -12.57
CA ALA V 92 48.67 -61.23 -11.37
C ALA V 92 49.32 -62.57 -11.03
N ASN V 93 49.94 -62.64 -9.85
CA ASN V 93 50.67 -63.81 -9.41
C ASN V 93 49.87 -64.53 -8.33
N GLY V 94 49.53 -65.78 -8.58
CA GLY V 94 48.78 -66.55 -7.62
C GLY V 94 49.63 -66.90 -6.41
N VAL V 95 49.05 -66.74 -5.23
CA VAL V 95 49.73 -67.06 -3.97
C VAL V 95 49.01 -68.23 -3.33
N ASP V 96 49.76 -69.29 -3.05
CA ASP V 96 49.20 -70.46 -2.38
C ASP V 96 50.24 -70.99 -1.41
N VAL V 97 49.77 -71.73 -0.43
CA VAL V 97 50.59 -72.22 0.65
C VAL V 97 51.14 -73.60 0.31
N THR V 98 52.41 -73.82 0.64
CA THR V 98 53.03 -75.12 0.44
C THR V 98 53.99 -75.38 1.59
N THR V 99 54.40 -76.64 1.72
CA THR V 99 55.36 -77.06 2.73
C THR V 99 56.77 -77.15 2.16
N HIS V 100 57.75 -76.81 3.00
CA HIS V 100 59.16 -76.93 2.66
C HIS V 100 59.85 -77.64 3.81
N ARG V 101 60.70 -78.60 3.48
CA ARG V 101 61.39 -79.42 4.47
C ARG V 101 62.88 -79.09 4.42
N GLN V 102 63.44 -78.71 5.56
CA GLN V 102 64.89 -78.52 5.63
C GLN V 102 65.41 -78.94 6.98
N ASP V 103 66.72 -79.20 7.02
CA ASP V 103 67.40 -79.72 8.21
C ASP V 103 68.23 -78.59 8.82
N ILE V 104 67.77 -78.08 9.95
CA ILE V 104 68.52 -77.12 10.75
C ILE V 104 68.83 -77.77 12.09
N ASN V 105 70.02 -77.48 12.63
CA ASN V 105 70.51 -78.13 13.84
C ASN V 105 70.64 -79.65 13.65
N GLY V 106 70.79 -80.07 12.39
CA GLY V 106 70.86 -81.48 12.08
C GLY V 106 69.57 -82.24 12.28
N LYS V 107 68.43 -81.55 12.27
CA LYS V 107 67.13 -82.16 12.52
C LYS V 107 66.16 -81.79 11.41
N GLU V 108 65.40 -82.77 10.94
CA GLU V 108 64.38 -82.55 9.91
C GLU V 108 63.30 -81.63 10.47
N MET V 109 62.88 -80.64 9.69
CA MET V 109 61.91 -79.68 10.17
C MET V 109 60.86 -79.34 9.12
N LYS V 110 59.63 -79.22 9.61
CA LYS V 110 58.45 -78.94 8.81
C LYS V 110 58.14 -77.44 8.88
N PHE V 111 58.19 -76.77 7.73
CA PHE V 111 57.76 -75.39 7.60
C PHE V 111 56.68 -75.28 6.55
N GLU V 112 55.72 -74.40 6.80
CA GLU V 112 54.63 -74.11 5.87
C GLU V 112 54.80 -72.68 5.39
N VAL V 113 55.09 -72.50 4.10
CA VAL V 113 55.44 -71.20 3.55
C VAL V 113 54.50 -70.89 2.39
N LEU V 114 54.69 -69.70 1.81
CA LEU V 114 53.87 -69.19 0.72
C LEU V 114 54.70 -69.04 -0.55
N THR V 115 54.05 -69.20 -1.69
CA THR V 115 54.68 -68.95 -3.00
C THR V 115 54.56 -67.46 -3.32
N LEU V 116 55.50 -66.68 -2.82
CA LEU V 116 55.56 -65.25 -3.11
C LEU V 116 56.80 -64.97 -3.93
N ALA V 117 56.61 -64.33 -5.09
CA ALA V 117 57.75 -63.97 -5.92
C ALA V 117 58.58 -62.87 -5.26
N SER V 118 57.94 -61.99 -4.50
CA SER V 118 58.66 -60.88 -3.88
C SER V 118 59.36 -61.30 -2.60
N LEU V 119 58.92 -62.39 -1.98
CA LEU V 119 59.42 -62.83 -0.69
C LEU V 119 59.89 -64.28 -0.80
N THR V 120 61.20 -64.49 -0.67
CA THR V 120 61.75 -65.83 -0.86
C THR V 120 61.46 -66.73 0.33
N THR V 121 61.62 -68.03 0.11
CA THR V 121 61.35 -69.02 1.16
C THR V 121 62.31 -68.88 2.33
N GLU V 122 63.58 -68.58 2.05
CA GLU V 122 64.57 -68.43 3.12
C GLU V 122 64.14 -67.38 4.13
N ILE V 123 63.57 -66.28 3.63
CA ILE V 123 63.19 -65.18 4.52
C ILE V 123 62.10 -65.61 5.49
N GLN V 124 61.06 -66.30 4.97
CA GLN V 124 59.99 -66.78 5.82
C GLN V 124 60.49 -67.82 6.82
N ILE V 125 61.38 -68.71 6.36
CA ILE V 125 61.95 -69.73 7.24
C ILE V 125 62.70 -69.05 8.38
N ASN V 126 63.52 -68.04 8.05
CA ASN V 126 64.32 -67.37 9.06
C ASN V 126 63.44 -66.58 10.02
N ILE V 127 62.36 -65.98 9.50
CA ILE V 127 61.40 -65.32 10.38
C ILE V 127 60.83 -66.30 11.39
N GLU V 128 60.45 -67.50 10.92
CA GLU V 128 59.94 -68.50 11.84
C GLU V 128 61.00 -68.93 12.85
N ILE V 129 62.25 -69.09 12.41
CA ILE V 129 63.31 -69.52 13.33
C ILE V 129 63.51 -68.49 14.43
N GLU V 130 63.62 -67.22 14.05
CA GLU V 130 63.82 -66.16 15.04
C GLU V 130 62.65 -66.08 16.00
N SER V 131 61.42 -66.17 15.46
CA SER V 131 60.24 -66.11 16.31
C SER V 131 60.21 -67.28 17.28
N ARG V 132 60.53 -68.49 16.79
CA ARG V 132 60.50 -69.67 17.66
C ARG V 132 61.50 -69.57 18.79
N LYS V 133 62.73 -69.12 18.50
CA LYS V 133 63.72 -69.11 19.56
C LYS V 133 63.47 -67.95 20.53
N SER V 134 62.96 -66.82 20.03
CA SER V 134 62.56 -65.75 20.94
C SER V 134 61.41 -66.19 21.84
N TYR V 135 60.44 -66.92 21.26
CA TYR V 135 59.34 -67.48 22.03
C TYR V 135 59.86 -68.45 23.09
N LYS V 136 60.82 -69.30 22.72
CA LYS V 136 61.39 -70.23 23.69
C LYS V 136 62.07 -69.48 24.83
N LYS V 137 62.86 -68.46 24.51
CA LYS V 137 63.57 -67.70 25.55
C LYS V 137 62.60 -66.99 26.47
N MET V 138 61.54 -66.38 25.91
CA MET V 138 60.62 -65.62 26.73
C MET V 138 59.72 -66.55 27.56
N LEU V 139 59.38 -67.71 27.01
CA LEU V 139 58.67 -68.72 27.77
C LEU V 139 59.50 -69.23 28.93
N LYS V 140 60.81 -69.41 28.69
CA LYS V 140 61.72 -69.78 29.76
C LYS V 140 61.79 -68.70 30.83
N GLU V 141 61.82 -67.43 30.40
CA GLU V 141 61.98 -66.34 31.35
C GLU V 141 60.71 -65.97 32.10
N MET V 142 59.52 -66.41 31.65
CA MET V 142 58.32 -66.13 32.43
C MET V 142 57.42 -67.35 32.65
N GLY V 143 57.79 -68.53 32.18
CA GLY V 143 57.09 -69.74 32.56
C GLY V 143 55.96 -70.20 31.66
N GLU V 144 54.90 -69.40 31.56
CA GLU V 144 53.75 -69.77 30.75
C GLU V 144 53.27 -68.57 29.95
N VAL V 145 52.92 -68.81 28.69
CA VAL V 145 52.47 -67.75 27.79
C VAL V 145 50.95 -67.61 27.87
N ALA V 146 50.45 -66.50 27.35
CA ALA V 146 49.03 -66.21 27.22
C ALA V 146 48.75 -65.91 25.76
N PRO V 147 47.48 -65.96 25.33
CA PRO V 147 47.15 -65.53 23.97
C PRO V 147 47.60 -64.11 23.65
N GLU V 148 47.91 -63.32 24.67
CA GLU V 148 48.45 -61.98 24.45
C GLU V 148 49.83 -62.06 23.81
N TYR V 149 50.68 -62.98 24.27
CA TYR V 149 52.04 -63.15 23.77
C TYR V 149 52.06 -64.32 22.79
N ARG V 150 51.60 -64.08 21.56
CA ARG V 150 51.66 -65.12 20.54
C ARG V 150 51.39 -64.52 19.17
N HIS V 151 51.75 -65.29 18.14
CA HIS V 151 51.51 -64.93 16.75
C HIS V 151 50.09 -65.26 16.28
N ASP V 152 49.34 -66.05 17.05
CA ASP V 152 48.01 -66.49 16.62
C ASP V 152 46.93 -65.44 16.88
N SER V 153 47.27 -64.31 17.49
CA SER V 153 46.30 -63.24 17.69
C SER V 153 45.80 -62.74 16.34
N PRO V 154 44.49 -62.46 16.20
CA PRO V 154 43.95 -62.06 14.90
C PRO V 154 44.20 -60.60 14.53
N ASP V 155 44.92 -59.85 15.35
CA ASP V 155 45.14 -58.42 15.10
C ASP V 155 46.62 -58.08 14.95
N CYS V 156 47.49 -59.09 14.88
CA CYS V 156 48.92 -58.84 14.74
C CYS V 156 49.22 -58.14 13.42
N GLY V 157 48.58 -58.55 12.33
CA GLY V 157 48.73 -57.85 11.07
C GLY V 157 48.14 -56.44 11.11
N MET V 158 47.06 -56.25 11.85
CA MET V 158 46.41 -54.96 11.88
C MET V 158 47.20 -53.95 12.71
N ILE V 159 48.02 -54.39 13.66
CA ILE V 159 48.94 -53.46 14.32
C ILE V 159 49.96 -52.92 13.34
N ILE V 160 50.55 -53.80 12.53
CA ILE V 160 51.48 -53.37 11.50
C ILE V 160 50.80 -52.41 10.54
N LEU V 161 49.54 -52.69 10.20
CA LEU V 161 48.81 -51.79 9.32
C LEU V 161 48.48 -50.46 10.01
N CYS V 162 48.39 -50.45 11.34
CA CYS V 162 48.27 -49.18 12.06
C CYS V 162 49.53 -48.33 11.90
N ILE V 163 50.70 -48.97 12.01
CA ILE V 163 51.95 -48.26 11.75
C ILE V 163 51.96 -47.74 10.31
N ALA V 164 51.48 -48.55 9.37
CA ALA V 164 51.38 -48.12 7.99
C ALA V 164 50.44 -46.92 7.83
N ALA V 165 49.35 -46.91 8.59
CA ALA V 165 48.41 -45.79 8.54
C ALA V 165 49.06 -44.51 9.02
N LEU V 166 49.85 -44.58 10.09
CA LEU V 166 50.59 -43.40 10.53
C LEU V 166 51.56 -42.91 9.46
N VAL V 167 52.29 -43.84 8.84
CA VAL V 167 53.20 -43.48 7.75
C VAL V 167 52.43 -42.80 6.63
N ILE V 168 51.23 -43.30 6.33
CA ILE V 168 50.41 -42.69 5.28
C ILE V 168 50.00 -41.28 5.67
N THR V 169 49.64 -41.07 6.93
CA THR V 169 49.33 -39.72 7.38
C THR V 169 50.48 -38.76 7.12
N LYS V 170 51.71 -39.22 7.33
CA LYS V 170 52.87 -38.35 7.13
C LYS V 170 53.48 -38.42 5.73
N LEU V 171 52.91 -39.22 4.83
CA LEU V 171 53.47 -39.32 3.48
C LEU V 171 53.43 -38.02 2.69
N ALA V 172 52.47 -37.15 2.95
CA ALA V 172 52.30 -35.96 2.12
C ALA V 172 53.45 -34.98 2.25
N ALA V 173 54.33 -35.16 3.24
CA ALA V 173 55.47 -34.26 3.40
C ALA V 173 56.51 -34.43 2.32
N GLY V 174 56.43 -35.48 1.50
CA GLY V 174 57.32 -35.67 0.38
C GLY V 174 58.60 -36.44 0.68
N ASP V 175 58.87 -36.73 1.94
CA ASP V 175 60.08 -37.47 2.32
C ASP V 175 59.85 -38.05 3.71
N ARG V 176 60.91 -38.60 4.29
CA ARG V 176 60.81 -39.21 5.62
C ARG V 176 61.09 -38.21 6.72
N SER V 177 60.41 -37.06 6.67
CA SER V 177 60.55 -36.06 7.71
C SER V 177 59.50 -36.20 8.80
N GLY V 178 58.45 -36.98 8.57
CA GLY V 178 57.44 -37.22 9.57
C GLY V 178 57.70 -38.49 10.35
N LEU V 179 58.91 -39.02 10.25
CA LEU V 179 59.24 -40.25 10.96
C LEU V 179 59.17 -40.05 12.48
N THR V 180 59.64 -38.91 12.96
CA THR V 180 59.59 -38.64 14.39
C THR V 180 58.15 -38.55 14.87
N ALA V 181 57.28 -37.90 14.09
CA ALA V 181 55.86 -37.83 14.44
C ALA V 181 55.24 -39.21 14.44
N VAL V 182 55.61 -40.04 13.47
CA VAL V 182 55.09 -41.41 13.42
C VAL V 182 55.49 -42.17 14.67
N ILE V 183 56.76 -42.06 15.07
CA ILE V 183 57.21 -42.77 16.27
C ILE V 183 56.50 -42.26 17.51
N ARG V 184 56.36 -40.94 17.62
CA ARG V 184 55.70 -40.37 18.80
C ARG V 184 54.24 -40.81 18.90
N ARG V 185 53.52 -40.78 17.78
CA ARG V 185 52.12 -41.18 17.81
C ARG V 185 51.98 -42.68 18.00
N ALA V 186 52.92 -43.48 17.50
CA ALA V 186 52.88 -44.92 17.72
C ALA V 186 53.31 -45.29 19.12
N ASN V 187 53.94 -44.38 19.85
CA ASN V 187 54.18 -44.61 21.26
C ASN V 187 52.99 -44.16 22.11
N ASN V 188 52.36 -43.04 21.75
CA ASN V 188 51.14 -42.64 22.45
C ASN V 188 50.04 -43.66 22.25
N VAL V 189 49.60 -43.86 21.02
CA VAL V 189 48.72 -44.97 20.70
C VAL V 189 49.55 -46.26 20.78
N LEU V 190 48.87 -47.39 20.97
CA LEU V 190 49.50 -48.71 20.88
C LEU V 190 50.55 -48.94 21.96
N LYS V 191 50.46 -48.25 23.10
CA LYS V 191 51.45 -48.46 24.16
C LYS V 191 51.27 -49.82 24.84
N ASN V 192 50.01 -50.25 25.01
CA ASN V 192 49.75 -51.59 25.52
C ASN V 192 50.35 -52.64 24.59
N GLU V 193 50.22 -52.47 23.28
CA GLU V 193 50.85 -53.40 22.35
C GLU V 193 52.37 -53.34 22.44
N MET V 194 52.94 -52.14 22.60
CA MET V 194 54.39 -52.04 22.69
C MET V 194 54.90 -52.69 23.98
N LYS V 195 54.04 -52.80 25.00
CA LYS V 195 54.30 -53.77 26.06
C LYS V 195 54.24 -55.19 25.54
N ARG V 196 53.09 -55.56 24.97
CA ARG V 196 52.73 -56.94 24.71
C ARG V 196 53.61 -57.60 23.65
N TYR V 197 54.06 -56.85 22.64
CA TYR V 197 54.84 -57.42 21.55
C TYR V 197 56.29 -56.98 21.63
N LYS V 198 57.19 -57.96 21.60
CA LYS V 198 58.62 -57.72 21.74
C LYS V 198 59.20 -57.01 20.53
N GLY V 199 58.72 -57.35 19.33
CA GLY V 199 59.22 -56.84 18.09
C GLY V 199 58.48 -55.68 17.51
N LEU V 200 57.54 -55.10 18.25
CA LEU V 200 56.79 -53.93 17.78
C LEU V 200 57.70 -52.73 17.94
N LEU V 201 58.59 -52.55 16.97
CA LEU V 201 59.48 -51.40 16.96
C LEU V 201 58.95 -50.39 15.96
N PRO V 202 58.36 -49.28 16.39
CA PRO V 202 57.70 -48.38 15.44
C PRO V 202 58.63 -47.83 14.37
N LYS V 203 59.89 -47.54 14.71
CA LYS V 203 60.78 -46.89 13.75
C LYS V 203 61.13 -47.82 12.61
N ASP V 204 61.44 -49.08 12.92
CA ASP V 204 61.84 -50.02 11.87
C ASP V 204 60.68 -50.32 10.93
N ILE V 205 59.49 -50.54 11.48
CA ILE V 205 58.32 -50.80 10.65
C ILE V 205 57.98 -49.56 9.81
N ALA V 206 58.08 -48.38 10.40
CA ALA V 206 57.81 -47.16 9.67
C ALA V 206 58.80 -46.97 8.52
N ASN V 207 60.07 -47.27 8.76
CA ASN V 207 61.06 -47.17 7.69
C ASN V 207 60.79 -48.18 6.59
N SER V 208 60.38 -49.39 6.97
CA SER V 208 60.03 -50.40 5.98
C SER V 208 58.86 -49.95 5.11
N PHE V 209 57.84 -49.35 5.73
CA PHE V 209 56.69 -48.90 4.96
C PHE V 209 57.03 -47.70 4.10
N TYR V 210 57.87 -46.80 4.60
CA TYR V 210 58.37 -45.71 3.77
C TYR V 210 59.08 -46.24 2.54
N GLU V 211 59.97 -47.23 2.73
CA GLU V 211 60.69 -47.82 1.60
C GLU V 211 59.73 -48.45 0.60
N VAL V 212 58.76 -49.25 1.08
CA VAL V 212 57.90 -49.95 0.14
C VAL V 212 57.00 -48.97 -0.59
N PHE V 213 56.58 -47.87 0.06
CA PHE V 213 55.76 -46.88 -0.62
C PHE V 213 56.58 -46.09 -1.63
N GLU V 214 57.87 -45.88 -1.35
CA GLU V 214 58.71 -45.19 -2.31
C GLU V 214 58.99 -46.05 -3.53
N LYS V 215 59.26 -47.34 -3.33
CA LYS V 215 59.62 -48.19 -4.46
C LYS V 215 58.42 -48.53 -5.33
N HIS V 216 57.27 -48.79 -4.71
CA HIS V 216 56.06 -49.23 -5.41
C HIS V 216 54.95 -48.21 -5.18
N PRO V 217 54.82 -47.21 -6.06
CA PRO V 217 53.73 -46.23 -5.89
C PRO V 217 52.34 -46.82 -6.02
N HIS V 218 52.19 -47.99 -6.65
CA HIS V 218 50.87 -48.60 -6.72
C HIS V 218 50.43 -49.18 -5.39
N PHE V 219 51.38 -49.48 -4.50
CA PHE V 219 51.02 -49.96 -3.18
C PHE V 219 50.37 -48.86 -2.35
N ILE V 220 50.69 -47.59 -2.62
CA ILE V 220 49.99 -46.50 -1.95
C ILE V 220 48.52 -46.51 -2.33
N ASP V 221 48.23 -46.67 -3.62
CA ASP V 221 46.85 -46.74 -4.08
C ASP V 221 46.13 -47.94 -3.48
N VAL V 222 46.79 -49.10 -3.49
CA VAL V 222 46.18 -50.30 -2.92
C VAL V 222 45.90 -50.12 -1.44
N PHE V 223 46.84 -49.54 -0.70
CA PHE V 223 46.66 -49.38 0.74
C PHE V 223 45.58 -48.35 1.05
N VAL V 224 45.52 -47.27 0.27
CA VAL V 224 44.48 -46.26 0.51
C VAL V 224 43.10 -46.85 0.28
N HIS V 225 42.94 -47.63 -0.78
CA HIS V 225 41.62 -48.21 -1.03
C HIS V 225 41.31 -49.34 -0.07
N PHE V 226 42.33 -50.06 0.41
CA PHE V 226 42.10 -51.01 1.49
C PHE V 226 41.65 -50.31 2.76
N GLY V 227 42.26 -49.18 3.09
CA GLY V 227 41.85 -48.44 4.27
C GLY V 227 40.44 -47.90 4.16
N ILE V 228 40.06 -47.48 2.96
CA ILE V 228 38.68 -47.03 2.77
C ILE V 228 37.70 -48.19 2.89
N ALA V 229 38.06 -49.35 2.33
CA ALA V 229 37.17 -50.51 2.42
C ALA V 229 37.07 -51.01 3.86
N GLN V 230 38.18 -50.99 4.60
CA GLN V 230 38.17 -51.39 5.99
C GLN V 230 37.34 -50.45 6.83
N SER V 231 37.44 -49.15 6.57
CA SER V 231 36.68 -48.16 7.30
C SER V 231 35.21 -48.16 6.93
N SER V 232 34.81 -48.90 5.90
CA SER V 232 33.42 -49.02 5.50
C SER V 232 32.74 -50.24 6.10
N THR V 233 33.41 -50.95 7.00
CA THR V 233 32.81 -52.13 7.62
C THR V 233 31.80 -51.72 8.67
N ARG V 234 30.96 -52.67 9.06
CA ARG V 234 29.95 -52.46 10.08
C ARG V 234 30.53 -52.45 11.48
N GLY V 235 31.72 -53.01 11.67
CA GLY V 235 32.33 -53.06 12.98
C GLY V 235 33.55 -53.97 12.95
N GLY V 236 34.14 -54.14 14.13
CA GLY V 236 35.32 -54.98 14.24
C GLY V 236 35.89 -54.92 15.64
N SER V 237 37.14 -55.35 15.75
CA SER V 237 37.85 -55.35 17.02
C SER V 237 38.30 -53.94 17.36
N ARG V 238 38.97 -53.80 18.51
CA ARG V 238 39.42 -52.48 18.92
C ARG V 238 40.66 -52.05 18.14
N VAL V 239 41.47 -53.01 17.71
CA VAL V 239 42.63 -52.68 16.89
C VAL V 239 42.20 -52.18 15.52
N GLU V 240 41.13 -52.75 14.96
CA GLU V 240 40.60 -52.25 13.71
C GLU V 240 40.02 -50.85 13.88
N GLY V 241 39.42 -50.57 15.04
CA GLY V 241 38.98 -49.22 15.32
C GLY V 241 40.14 -48.24 15.42
N ILE V 242 41.24 -48.67 16.03
CA ILE V 242 42.44 -47.84 16.08
C ILE V 242 42.94 -47.57 14.67
N PHE V 243 42.97 -48.60 13.83
CA PHE V 243 43.43 -48.42 12.46
C PHE V 243 42.53 -47.44 11.71
N ALA V 244 41.22 -47.56 11.88
CA ALA V 244 40.31 -46.65 11.20
C ALA V 244 40.51 -45.21 11.67
N GLY V 245 40.69 -45.02 12.98
CA GLY V 245 40.92 -43.69 13.49
C GLY V 245 42.22 -43.08 12.99
N LEU V 246 43.28 -43.89 12.93
CA LEU V 246 44.57 -43.40 12.44
C LEU V 246 44.55 -43.19 10.94
N PHE V 247 43.76 -43.97 10.21
CA PHE V 247 43.67 -43.80 8.76
C PHE V 247 42.89 -42.57 8.38
N MET V 248 41.80 -42.27 9.09
CA MET V 248 41.07 -41.06 8.76
C MET V 248 41.77 -39.83 9.29
N ASN V 249 42.82 -39.99 10.09
CA ASN V 249 43.71 -38.89 10.40
C ASN V 249 44.48 -38.42 9.19
N ALA V 250 44.57 -39.24 8.15
CA ALA V 250 45.25 -38.88 6.92
C ALA V 250 44.36 -38.14 5.94
N TYR V 251 43.05 -38.08 6.20
CA TYR V 251 42.15 -37.37 5.32
C TYR V 251 42.47 -35.88 5.35
N GLY V 252 42.65 -35.29 4.17
CA GLY V 252 43.00 -33.89 4.08
C GLY V 252 44.48 -33.60 4.26
N ALA V 253 45.33 -34.61 4.29
CA ALA V 253 46.76 -34.38 4.39
C ALA V 253 47.26 -33.72 3.11
N GLY V 254 48.10 -32.71 3.27
CA GLY V 254 48.55 -31.91 2.15
C GLY V 254 47.64 -30.76 1.81
N GLN V 255 46.54 -30.57 2.51
CA GLN V 255 45.59 -29.50 2.26
C GLN V 255 45.26 -28.76 3.55
N VAL V 256 46.28 -28.51 4.38
CA VAL V 256 46.03 -27.83 5.65
C VAL V 256 45.59 -26.39 5.45
N MET V 257 45.99 -25.76 4.35
CA MET V 257 45.71 -24.35 4.17
C MET V 257 44.22 -24.09 3.98
N LEU V 258 43.49 -25.05 3.39
CA LEU V 258 42.05 -24.89 3.26
C LEU V 258 41.38 -24.85 4.64
N ARG V 259 41.78 -25.77 5.52
CA ARG V 259 41.24 -25.79 6.87
C ARG V 259 41.63 -24.54 7.65
N TRP V 260 42.87 -24.09 7.49
CA TRP V 260 43.30 -22.89 8.21
C TRP V 260 42.64 -21.63 7.64
N GLY V 261 42.28 -21.63 6.36
CA GLY V 261 41.51 -20.52 5.81
C GLY V 261 40.11 -20.49 6.36
N VAL V 262 39.47 -21.66 6.48
CA VAL V 262 38.16 -21.71 7.11
C VAL V 262 38.27 -21.24 8.57
N LEU V 263 39.36 -21.60 9.24
CA LEU V 263 39.57 -21.14 10.61
C LEU V 263 39.72 -19.63 10.68
N ALA V 264 40.51 -19.05 9.75
CA ALA V 264 40.70 -17.60 9.76
C ALA V 264 39.40 -16.88 9.45
N LYS V 265 38.53 -17.49 8.65
CA LYS V 265 37.20 -16.93 8.47
C LYS V 265 36.39 -17.01 9.76
N SER V 266 36.53 -18.11 10.49
CA SER V 266 35.73 -18.31 11.70
C SER V 266 36.11 -17.33 12.80
N VAL V 267 37.41 -17.12 13.02
CA VAL V 267 37.85 -16.16 14.04
C VAL V 267 37.77 -14.73 13.53
N LYS V 268 37.38 -14.52 12.28
CA LYS V 268 37.03 -13.21 11.75
C LYS V 268 38.21 -12.25 11.77
N ASN V 269 39.35 -12.74 11.29
CA ASN V 269 40.56 -11.92 11.24
C ASN V 269 40.32 -10.70 10.35
N ILE V 270 40.79 -9.54 10.81
CA ILE V 270 40.50 -8.30 10.10
C ILE V 270 41.28 -8.21 8.80
N MET V 271 42.50 -8.75 8.76
CA MET V 271 43.31 -8.63 7.54
C MET V 271 42.73 -9.40 6.36
N LEU V 272 41.58 -10.04 6.53
CA LEU V 272 40.83 -10.54 5.38
C LEU V 272 40.12 -9.41 4.65
N GLY V 273 40.05 -8.23 5.25
CA GLY V 273 39.51 -7.04 4.66
C GLY V 273 40.50 -6.16 3.94
N HIS V 274 41.76 -6.57 3.86
CA HIS V 274 42.76 -5.82 3.13
C HIS V 274 42.41 -5.80 1.64
N ALA V 275 43.06 -4.89 0.90
CA ALA V 275 42.72 -4.69 -0.50
C ALA V 275 43.09 -5.88 -1.36
N SER V 276 44.32 -6.38 -1.21
CA SER V 276 44.79 -7.47 -2.07
C SER V 276 44.08 -8.78 -1.75
N VAL V 277 43.79 -9.03 -0.47
CA VAL V 277 43.02 -10.22 -0.10
C VAL V 277 41.66 -10.18 -0.78
N GLN V 278 41.00 -9.03 -0.75
CA GLN V 278 39.69 -8.92 -1.40
C GLN V 278 39.82 -9.02 -2.91
N ALA V 279 40.97 -8.62 -3.46
CA ALA V 279 41.20 -8.84 -4.89
C ALA V 279 41.22 -10.33 -5.21
N GLU V 280 41.86 -11.13 -4.36
CA GLU V 280 41.98 -12.56 -4.63
C GLU V 280 40.77 -13.38 -4.18
N MET V 281 39.84 -12.78 -3.44
CA MET V 281 38.74 -13.55 -2.86
C MET V 281 37.91 -14.27 -3.91
N GLU V 282 37.82 -13.73 -5.14
CA GLU V 282 37.02 -14.39 -6.17
C GLU V 282 37.57 -15.78 -6.47
N GLN V 283 38.86 -15.87 -6.76
CA GLN V 283 39.46 -17.16 -7.07
C GLN V 283 39.60 -18.02 -5.81
N VAL V 284 39.71 -17.40 -4.64
CA VAL V 284 39.72 -18.21 -3.42
C VAL V 284 38.39 -18.94 -3.24
N VAL V 285 37.28 -18.23 -3.43
CA VAL V 285 35.96 -18.87 -3.35
C VAL V 285 35.81 -19.90 -4.46
N GLU V 286 36.39 -19.61 -5.63
CA GLU V 286 36.44 -20.60 -6.71
C GLU V 286 37.08 -21.90 -6.23
N VAL V 287 38.24 -21.82 -5.58
CA VAL V 287 38.93 -23.01 -5.11
C VAL V 287 38.11 -23.75 -4.07
N TYR V 288 37.51 -23.02 -3.13
CA TYR V 288 36.72 -23.67 -2.08
C TYR V 288 35.50 -24.39 -2.65
N GLU V 289 34.81 -23.75 -3.60
CA GLU V 289 33.69 -24.41 -4.25
C GLU V 289 34.13 -25.64 -5.02
N TYR V 290 35.32 -25.57 -5.64
CA TYR V 290 35.87 -26.76 -6.30
C TYR V 290 36.12 -27.89 -5.32
N ALA V 291 36.69 -27.57 -4.15
CA ALA V 291 36.95 -28.59 -3.14
C ALA V 291 35.66 -29.25 -2.67
N GLN V 292 34.63 -28.43 -2.47
CA GLN V 292 33.35 -28.98 -2.06
C GLN V 292 32.69 -29.82 -3.15
N LYS V 293 32.80 -29.42 -4.40
CA LYS V 293 32.24 -30.22 -5.49
C LYS V 293 32.96 -31.56 -5.59
N LEU V 294 34.28 -31.56 -5.40
CA LEU V 294 35.01 -32.83 -5.34
C LEU V 294 34.50 -33.69 -4.20
N GLY V 295 34.41 -33.13 -3.00
CA GLY V 295 33.85 -33.85 -1.88
C GLY V 295 34.81 -34.80 -1.20
N GLY V 296 34.33 -36.01 -0.92
CA GLY V 296 35.10 -36.97 -0.12
C GLY V 296 36.35 -37.48 -0.79
N GLU V 297 36.32 -37.68 -2.11
CA GLU V 297 37.47 -38.26 -2.79
C GLU V 297 38.69 -37.35 -2.73
N ALA V 298 38.49 -36.05 -2.55
CA ALA V 298 39.58 -35.08 -2.57
C ALA V 298 40.47 -35.15 -1.33
N GLY V 299 40.07 -35.89 -0.29
CA GLY V 299 40.84 -35.90 0.93
C GLY V 299 42.12 -36.71 0.84
N PHE V 300 42.28 -37.52 -0.20
CA PHE V 300 43.47 -38.33 -0.38
C PHE V 300 44.20 -38.00 -1.67
N TYR V 301 43.97 -36.81 -2.24
CA TYR V 301 44.61 -36.45 -3.50
C TYR V 301 46.12 -36.32 -3.35
N HIS V 302 46.58 -35.69 -2.27
CA HIS V 302 48.01 -35.47 -2.10
C HIS V 302 48.74 -36.74 -1.67
N ILE V 303 48.09 -37.59 -0.89
CA ILE V 303 48.69 -38.87 -0.54
C ILE V 303 48.86 -39.75 -1.78
N LEU V 304 47.84 -39.79 -2.62
CA LEU V 304 47.87 -40.60 -3.84
C LEU V 304 48.66 -39.95 -4.96
N ASN V 305 49.13 -38.71 -4.77
CA ASN V 305 49.76 -37.92 -5.84
C ASN V 305 48.81 -37.78 -7.03
N ASN V 306 47.55 -37.51 -6.75
CA ASN V 306 46.59 -37.25 -7.80
C ASN V 306 47.01 -36.00 -8.56
N PRO V 307 47.00 -36.03 -9.89
CA PRO V 307 47.43 -34.85 -10.66
C PRO V 307 46.60 -33.61 -10.38
N LYS V 308 45.32 -33.77 -10.05
CA LYS V 308 44.45 -32.65 -9.73
C LYS V 308 44.65 -32.12 -8.33
N ALA V 309 45.70 -32.56 -7.62
CA ALA V 309 45.98 -32.02 -6.31
C ALA V 309 46.42 -30.57 -6.38
N SER V 310 47.11 -30.18 -7.46
CA SER V 310 47.59 -28.82 -7.60
C SER V 310 46.46 -27.81 -7.76
N LEU V 311 45.26 -28.27 -8.15
CA LEU V 311 44.14 -27.35 -8.31
C LEU V 311 43.56 -26.90 -6.97
N LEU V 312 43.87 -27.59 -5.89
CA LEU V 312 43.36 -27.24 -4.57
C LEU V 312 44.29 -26.31 -3.81
N SER V 313 45.42 -25.93 -4.41
CA SER V 313 46.41 -25.12 -3.71
C SER V 313 45.89 -23.70 -3.50
N LEU V 314 46.30 -23.11 -2.38
CA LEU V 314 46.00 -21.72 -2.07
C LEU V 314 47.23 -20.84 -2.09
N THR V 315 48.43 -21.41 -2.27
CA THR V 315 49.64 -20.60 -2.33
C THR V 315 49.71 -19.77 -3.61
N GLN V 316 48.85 -20.05 -4.57
CA GLN V 316 48.71 -19.26 -5.78
C GLN V 316 48.01 -17.92 -5.53
N PHE V 317 47.65 -17.67 -4.27
CA PHE V 317 47.11 -16.40 -3.81
C PHE V 317 47.98 -15.94 -2.65
N PRO V 318 49.09 -15.26 -2.94
CA PRO V 318 50.07 -14.98 -1.87
C PRO V 318 49.51 -14.18 -0.71
N HIS V 319 48.62 -13.23 -0.96
CA HIS V 319 48.12 -12.38 0.12
C HIS V 319 47.18 -13.14 1.04
N PHE V 320 46.23 -13.87 0.47
CA PHE V 320 45.32 -14.67 1.28
C PHE V 320 46.07 -15.76 2.04
N SER V 321 47.03 -16.40 1.37
CA SER V 321 47.82 -17.42 2.03
C SER V 321 48.63 -16.85 3.18
N SER V 322 49.21 -15.65 2.99
CA SER V 322 49.98 -15.02 4.04
C SER V 322 49.09 -14.67 5.23
N VAL V 323 47.88 -14.15 4.96
CA VAL V 323 46.96 -13.84 6.05
C VAL V 323 46.58 -15.11 6.80
N VAL V 324 46.35 -16.20 6.08
CA VAL V 324 45.95 -17.46 6.70
C VAL V 324 47.08 -18.01 7.57
N LEU V 325 48.32 -18.00 7.06
CA LEU V 325 49.45 -18.44 7.87
C LEU V 325 49.64 -17.55 9.09
N GLY V 326 49.47 -16.24 8.94
CA GLY V 326 49.59 -15.36 10.09
C GLY V 326 48.56 -15.65 11.14
N ASN V 327 47.30 -15.87 10.72
CA ASN V 327 46.27 -16.20 11.69
C ASN V 327 46.57 -17.52 12.38
N ALA V 328 47.07 -18.51 11.64
CA ALA V 328 47.42 -19.79 12.25
C ALA V 328 48.54 -19.63 13.28
N ALA V 329 49.56 -18.83 12.94
CA ALA V 329 50.68 -18.65 13.86
C ALA V 329 50.26 -17.84 15.09
N GLY V 330 49.34 -16.89 14.91
CA GLY V 330 48.88 -16.11 16.05
C GLY V 330 48.06 -16.92 17.02
N LEU V 331 47.24 -17.83 16.51
CA LEU V 331 46.43 -18.69 17.38
C LEU V 331 47.25 -19.78 18.05
N GLY V 332 48.52 -19.92 17.70
CA GLY V 332 49.39 -20.88 18.35
C GLY V 332 49.20 -22.32 17.91
N ILE V 333 48.74 -22.54 16.69
CA ILE V 333 48.54 -23.89 16.18
C ILE V 333 49.42 -24.21 14.99
N MET V 334 50.32 -23.32 14.57
CA MET V 334 51.08 -23.56 13.35
C MET V 334 52.20 -24.57 13.58
N GLY V 335 52.68 -24.69 14.81
CA GLY V 335 53.68 -25.69 15.12
C GLY V 335 54.98 -25.49 14.36
N GLU V 336 55.48 -26.55 13.75
CA GLU V 336 56.65 -26.52 12.89
C GLU V 336 56.29 -26.55 11.43
N TYR V 337 55.17 -25.95 11.05
CA TYR V 337 54.74 -25.97 9.66
C TYR V 337 55.77 -25.21 8.83
N ARG V 338 56.38 -25.89 7.86
CA ARG V 338 57.57 -25.37 7.20
C ARG V 338 57.22 -24.60 5.93
N GLY V 339 55.93 -24.41 5.66
CA GLY V 339 55.53 -23.45 4.66
C GLY V 339 55.72 -22.02 5.15
N THR V 340 56.16 -21.16 4.24
CA THR V 340 56.55 -19.81 4.63
C THR V 340 55.70 -18.79 3.91
N PRO V 341 55.36 -17.68 4.56
CA PRO V 341 54.54 -16.66 3.89
C PRO V 341 55.33 -15.99 2.78
N ARG V 342 54.61 -15.55 1.74
CA ARG V 342 55.24 -14.79 0.66
C ARG V 342 54.80 -13.32 0.65
N ASN V 343 54.06 -12.90 1.67
CA ASN V 343 53.81 -11.49 1.99
C ASN V 343 54.06 -11.35 3.48
N GLN V 344 55.28 -10.96 3.85
CA GLN V 344 55.65 -10.92 5.26
C GLN V 344 54.81 -9.91 6.03
N ASP V 345 54.46 -8.79 5.40
CA ASP V 345 53.72 -7.75 6.10
C ASP V 345 52.33 -8.22 6.50
N LEU V 346 51.58 -8.82 5.57
CA LEU V 346 50.27 -9.33 5.90
C LEU V 346 50.35 -10.46 6.91
N TYR V 347 51.38 -11.30 6.79
CA TYR V 347 51.61 -12.36 7.76
C TYR V 347 51.76 -11.79 9.17
N ASP V 348 52.62 -10.78 9.33
CA ASP V 348 52.83 -10.19 10.65
C ASP V 348 51.58 -9.50 11.17
N ALA V 349 50.87 -8.79 10.30
CA ALA V 349 49.66 -8.11 10.74
C ALA V 349 48.60 -9.10 11.22
N ALA V 350 48.39 -10.17 10.46
CA ALA V 350 47.42 -11.18 10.85
C ALA V 350 47.85 -11.90 12.12
N LYS V 351 49.14 -12.19 12.24
CA LYS V 351 49.64 -12.83 13.46
C LYS V 351 49.39 -11.96 14.68
N ALA V 352 49.68 -10.66 14.57
CA ALA V 352 49.45 -9.75 15.68
C ALA V 352 47.97 -9.68 16.05
N TYR V 353 47.10 -9.56 15.05
CA TYR V 353 45.69 -9.47 15.37
C TYR V 353 45.18 -10.77 16.01
N ALA V 354 45.68 -11.92 15.54
CA ALA V 354 45.25 -13.18 16.12
C ALA V 354 45.75 -13.33 17.55
N GLU V 355 46.92 -12.77 17.84
CA GLU V 355 47.40 -12.78 19.22
C GLU V 355 46.53 -11.91 20.11
N GLN V 356 46.20 -10.69 19.67
CA GLN V 356 45.28 -9.87 20.46
C GLN V 356 43.86 -10.41 20.45
N LEU V 357 43.56 -11.41 19.63
CA LEU V 357 42.24 -12.02 19.71
C LEU V 357 42.07 -12.85 20.97
N LYS V 358 43.11 -12.98 21.79
CA LYS V 358 42.99 -13.80 22.99
C LYS V 358 43.00 -12.96 24.27
N GLU V 359 43.87 -11.95 24.35
CA GLU V 359 43.78 -11.00 25.46
C GLU V 359 42.62 -10.03 25.28
N ASN V 360 42.43 -9.54 24.06
CA ASN V 360 41.35 -8.62 23.72
C ASN V 360 40.31 -9.44 22.97
N GLY V 361 39.33 -9.97 23.71
CA GLY V 361 38.51 -11.07 23.20
C GLY V 361 38.09 -10.91 21.76
N VAL V 362 37.21 -9.95 21.48
CA VAL V 362 36.73 -9.70 20.12
C VAL V 362 36.65 -8.20 19.93
N ILE V 363 36.54 -7.78 18.67
CA ILE V 363 36.36 -6.37 18.32
C ILE V 363 35.01 -6.21 17.66
N ASN V 364 34.18 -5.34 18.23
CA ASN V 364 32.92 -4.99 17.61
C ASN V 364 33.18 -4.04 16.44
N TYR V 365 32.16 -3.86 15.61
CA TYR V 365 32.25 -2.93 14.49
C TYR V 365 31.17 -1.87 14.64
N SER V 366 31.08 -1.32 15.85
CA SER V 366 30.23 -0.19 16.17
C SER V 366 30.69 1.06 15.42
N VAL V 367 31.97 1.10 15.04
CA VAL V 367 32.44 2.09 14.09
C VAL V 367 31.54 1.99 12.86
N LEU V 368 31.36 3.11 12.15
CA LEU V 368 30.43 3.14 11.02
C LEU V 368 28.99 2.88 11.44
N ASP V 369 28.36 3.86 12.09
CA ASP V 369 26.92 3.96 12.40
C ASP V 369 26.46 3.27 13.69
N LEU V 370 27.35 2.88 14.59
CA LEU V 370 26.90 2.41 15.90
C LEU V 370 27.83 2.86 17.02
#